data_2K6V
#
_entry.id   2K6V
#
_entity_poly.entity_id   1
_entity_poly.type   'polypeptide(L)'
_entity_poly.pdbx_seq_one_letter_code
;GAMHTFYGTRLLNPKPVDFALEGPQGPVRLSQFQDKVVLLFFGFTRCPDVCPTTLLALKRAYEKLPPKAQERVQVIFVSV
DPERDPPEVADRYAKAFHPSFLGLSGSPEAVREAAQTFGVFYQKSQYRGPGEYLVDHTATTFVVKEGRLVLLYSPDKAEA
TDRVVADLQALL
;
_entity_poly.pdbx_strand_id   A
#
# COMPACT_ATOMS: atom_id res chain seq x y z
N GLY A 1 -18.43 14.48 -6.98
CA GLY A 1 -17.23 15.04 -7.65
C GLY A 1 -17.64 16.05 -8.69
N ALA A 2 -16.69 16.52 -9.49
CA ALA A 2 -16.86 17.44 -10.64
C ALA A 2 -15.85 17.05 -11.75
N MET A 3 -15.29 18.01 -12.48
CA MET A 3 -14.27 17.81 -13.53
C MET A 3 -12.90 17.41 -12.95
N HIS A 4 -12.83 16.24 -12.33
CA HIS A 4 -11.59 15.70 -11.79
C HIS A 4 -10.63 15.32 -12.93
N THR A 5 -9.34 15.61 -12.75
CA THR A 5 -8.27 15.14 -13.65
C THR A 5 -7.39 14.14 -12.90
N PHE A 6 -7.29 12.95 -13.48
CA PHE A 6 -6.54 11.81 -12.96
C PHE A 6 -5.04 12.02 -13.12
N TYR A 7 -4.24 11.39 -12.26
CA TYR A 7 -2.78 11.24 -12.44
C TYR A 7 -2.30 9.81 -12.21
N GLY A 8 -3.16 8.88 -11.77
CA GLY A 8 -2.85 7.45 -11.71
C GLY A 8 -3.18 6.73 -13.03
N THR A 9 -2.71 5.50 -13.17
CA THR A 9 -3.03 4.66 -14.35
C THR A 9 -4.39 4.03 -14.11
N ARG A 10 -5.40 4.78 -14.52
CA ARG A 10 -6.81 4.42 -14.33
C ARG A 10 -7.21 3.23 -15.19
N LEU A 11 -7.85 2.26 -14.56
CA LEU A 11 -8.32 1.04 -15.23
C LEU A 11 -9.74 1.24 -15.78
N LEU A 12 -10.04 0.58 -16.90
CA LEU A 12 -11.38 0.56 -17.51
C LEU A 12 -12.17 -0.66 -17.06
N ASN A 13 -11.61 -1.87 -17.22
CA ASN A 13 -12.12 -3.08 -16.56
C ASN A 13 -11.36 -3.31 -15.22
N PRO A 14 -12.02 -3.17 -14.05
CA PRO A 14 -11.39 -3.34 -12.76
C PRO A 14 -11.28 -4.80 -12.34
N LYS A 15 -10.05 -5.26 -12.10
CA LYS A 15 -9.77 -6.66 -11.80
C LYS A 15 -10.01 -7.00 -10.31
N PRO A 16 -10.79 -8.05 -9.97
CA PRO A 16 -11.02 -8.47 -8.59
C PRO A 16 -9.73 -9.03 -7.98
N VAL A 17 -9.56 -8.86 -6.67
CA VAL A 17 -8.33 -9.16 -5.90
C VAL A 17 -8.66 -9.47 -4.42
N ASP A 18 -7.95 -10.45 -3.85
CA ASP A 18 -7.87 -10.72 -2.40
C ASP A 18 -6.59 -11.51 -2.09
N PHE A 19 -6.07 -11.35 -0.87
CA PHE A 19 -4.84 -11.98 -0.40
C PHE A 19 -4.95 -12.36 1.09
N ALA A 20 -3.93 -13.02 1.63
CA ALA A 20 -3.77 -13.31 3.05
C ALA A 20 -2.39 -12.83 3.54
N LEU A 21 -2.32 -12.19 4.71
CA LEU A 21 -1.12 -11.69 5.39
C LEU A 21 -1.23 -11.93 6.90
N GLU A 22 -0.13 -11.64 7.61
CA GLU A 22 -0.11 -11.47 9.06
C GLU A 22 0.07 -9.98 9.42
N GLY A 23 -0.36 -9.64 10.63
CA GLY A 23 -0.14 -8.36 11.30
C GLY A 23 0.21 -8.56 12.79
N PRO A 24 0.52 -7.50 13.55
CA PRO A 24 1.03 -7.56 14.93
C PRO A 24 -0.06 -7.89 15.98
N GLN A 25 -1.03 -8.72 15.60
CA GLN A 25 -2.22 -9.02 16.40
C GLN A 25 -2.98 -10.27 15.90
N GLY A 26 -2.92 -10.58 14.60
CA GLY A 26 -3.61 -11.72 13.98
C GLY A 26 -3.43 -11.79 12.46
N PRO A 27 -4.05 -12.78 11.80
CA PRO A 27 -4.06 -12.92 10.35
C PRO A 27 -5.06 -11.93 9.71
N VAL A 28 -4.75 -11.47 8.50
CA VAL A 28 -5.47 -10.40 7.79
C VAL A 28 -5.68 -10.80 6.34
N ARG A 29 -6.80 -10.36 5.73
CA ARG A 29 -7.08 -10.50 4.30
C ARG A 29 -7.54 -9.15 3.72
N LEU A 30 -7.46 -8.94 2.41
CA LEU A 30 -8.06 -7.76 1.76
C LEU A 30 -9.59 -7.79 1.81
N SER A 31 -10.18 -8.97 1.89
CA SER A 31 -11.61 -9.19 2.21
C SER A 31 -12.03 -8.71 3.62
N GLN A 32 -11.13 -8.27 4.50
CA GLN A 32 -11.51 -7.48 5.68
C GLN A 32 -11.89 -6.02 5.32
N PHE A 33 -11.60 -5.55 4.11
CA PHE A 33 -11.68 -4.13 3.71
C PHE A 33 -12.34 -3.91 2.34
N GLN A 34 -13.09 -4.88 1.81
CA GLN A 34 -13.59 -4.83 0.41
C GLN A 34 -14.64 -3.72 0.13
N ASP A 35 -15.28 -3.17 1.17
CA ASP A 35 -16.13 -1.96 1.12
C ASP A 35 -15.36 -0.68 0.78
N LYS A 36 -14.07 -0.64 1.13
CA LYS A 36 -13.28 0.59 1.20
C LYS A 36 -12.53 0.89 -0.11
N VAL A 37 -12.06 2.13 -0.20
CA VAL A 37 -11.18 2.67 -1.23
C VAL A 37 -9.79 2.51 -0.62
N VAL A 38 -9.24 1.29 -0.76
CA VAL A 38 -8.05 0.85 -0.01
C VAL A 38 -6.81 1.15 -0.83
N LEU A 39 -5.82 1.75 -0.16
CA LEU A 39 -4.48 2.00 -0.68
C LEU A 39 -3.55 0.89 -0.18
N LEU A 40 -3.16 -0.01 -1.08
CA LEU A 40 -2.21 -1.10 -0.79
C LEU A 40 -0.82 -0.70 -1.28
N PHE A 41 0.16 -0.66 -0.39
CA PHE A 41 1.52 -0.16 -0.71
C PHE A 41 2.57 -1.22 -0.36
N PHE A 42 3.43 -1.53 -1.34
CA PHE A 42 4.52 -2.49 -1.18
C PHE A 42 5.87 -1.78 -1.03
N GLY A 43 6.42 -1.82 0.19
CA GLY A 43 7.75 -1.29 0.54
C GLY A 43 8.49 -2.10 1.60
N PHE A 44 9.73 -1.71 1.90
CA PHE A 44 10.46 -2.07 3.12
C PHE A 44 10.48 -0.84 4.04
N THR A 45 10.26 -0.97 5.36
CA THR A 45 10.34 0.19 6.30
C THR A 45 11.67 0.90 6.19
N ARG A 46 12.77 0.16 6.35
CA ARG A 46 14.15 0.64 6.16
C ARG A 46 14.53 0.75 4.68
N CYS A 47 13.71 1.43 3.87
CA CYS A 47 13.95 1.77 2.46
C CYS A 47 15.11 2.80 2.28
N PRO A 48 15.35 3.32 1.06
CA PRO A 48 16.23 4.47 0.88
C PRO A 48 15.56 5.78 1.31
N ASP A 49 14.33 6.07 0.86
CA ASP A 49 13.64 7.35 1.13
C ASP A 49 12.11 7.20 0.90
N VAL A 50 11.75 6.78 -0.32
CA VAL A 50 10.40 6.49 -0.82
C VAL A 50 9.31 6.05 0.19
N CYS A 51 9.58 5.15 1.14
CA CYS A 51 8.54 4.67 2.06
C CYS A 51 8.01 5.76 3.03
N PRO A 52 8.83 6.42 3.87
CA PRO A 52 8.39 7.56 4.67
C PRO A 52 7.84 8.72 3.83
N THR A 53 8.47 9.03 2.67
CA THR A 53 8.05 10.13 1.77
C THR A 53 6.64 9.91 1.22
N THR A 54 6.40 8.78 0.55
CA THR A 54 5.06 8.39 0.07
C THR A 54 4.06 8.31 1.22
N LEU A 55 4.39 7.73 2.37
CA LEU A 55 3.42 7.63 3.50
C LEU A 55 3.01 9.03 4.02
N LEU A 56 3.89 10.02 3.93
CA LEU A 56 3.56 11.41 4.21
C LEU A 56 2.62 11.99 3.16
N ALA A 57 2.83 11.74 1.86
CA ALA A 57 1.91 12.17 0.79
C ALA A 57 0.52 11.51 0.93
N LEU A 58 0.48 10.18 1.11
CA LEU A 58 -0.75 9.42 1.38
C LEU A 58 -1.52 9.99 2.58
N LYS A 59 -0.87 10.27 3.72
CA LYS A 59 -1.58 10.89 4.84
C LYS A 59 -1.96 12.35 4.60
N ARG A 60 -1.16 13.12 3.87
CA ARG A 60 -1.50 14.50 3.48
C ARG A 60 -2.75 14.56 2.59
N ALA A 61 -3.02 13.52 1.79
CA ALA A 61 -4.28 13.37 1.06
C ALA A 61 -5.47 13.03 1.99
N TYR A 62 -5.31 12.08 2.92
CA TYR A 62 -6.34 11.74 3.92
C TYR A 62 -6.74 12.95 4.79
N GLU A 63 -5.76 13.78 5.18
CA GLU A 63 -5.93 15.04 5.91
C GLU A 63 -6.71 16.10 5.12
N LYS A 64 -6.87 15.93 3.81
CA LYS A 64 -7.66 16.82 2.95
C LYS A 64 -9.15 16.42 2.86
N LEU A 65 -9.51 15.20 3.27
CA LEU A 65 -10.84 14.62 3.05
C LEU A 65 -11.84 15.02 4.15
N PRO A 66 -13.14 15.20 3.82
CA PRO A 66 -14.17 15.38 4.83
C PRO A 66 -14.33 14.10 5.65
N PRO A 67 -14.92 14.19 6.86
CA PRO A 67 -15.15 13.04 7.72
C PRO A 67 -15.93 11.94 7.02
N LYS A 68 -16.83 12.27 6.07
CA LYS A 68 -17.69 11.25 5.44
C LYS A 68 -17.05 10.53 4.25
N ALA A 69 -16.01 11.09 3.64
CA ALA A 69 -15.15 10.35 2.71
C ALA A 69 -14.20 9.39 3.43
N GLN A 70 -13.55 9.81 4.51
CA GLN A 70 -12.51 8.99 5.15
C GLN A 70 -13.03 7.67 5.74
N GLU A 71 -14.31 7.60 6.14
CA GLU A 71 -14.99 6.34 6.50
C GLU A 71 -14.89 5.26 5.42
N ARG A 72 -14.58 5.68 4.18
CA ARG A 72 -14.35 4.82 3.02
C ARG A 72 -12.86 4.63 2.69
N VAL A 73 -11.91 5.35 3.29
CA VAL A 73 -10.48 5.39 2.89
C VAL A 73 -9.60 4.87 4.04
N GLN A 74 -8.79 3.85 3.76
CA GLN A 74 -7.79 3.30 4.68
C GLN A 74 -6.53 2.88 3.91
N VAL A 75 -5.38 2.80 4.59
CA VAL A 75 -4.08 2.47 3.96
C VAL A 75 -3.47 1.25 4.64
N ILE A 76 -2.94 0.34 3.82
CA ILE A 76 -2.23 -0.87 4.26
C ILE A 76 -0.82 -0.86 3.67
N PHE A 77 0.19 -0.98 4.53
CA PHE A 77 1.57 -1.20 4.10
C PHE A 77 1.87 -2.70 4.18
N VAL A 78 2.22 -3.32 3.06
CA VAL A 78 2.72 -4.72 3.03
C VAL A 78 4.23 -4.65 2.88
N SER A 79 4.96 -5.37 3.74
CA SER A 79 6.42 -5.44 3.63
C SER A 79 6.90 -6.17 2.36
N VAL A 80 8.16 -5.99 1.99
CA VAL A 80 8.82 -6.75 0.90
C VAL A 80 10.08 -7.49 1.38
N ASP A 81 10.36 -7.46 2.68
CA ASP A 81 11.58 -8.03 3.26
C ASP A 81 11.32 -8.56 4.68
N PRO A 82 10.54 -9.65 4.85
CA PRO A 82 10.19 -10.20 6.16
C PRO A 82 11.38 -10.79 6.94
N GLU A 83 12.57 -10.90 6.34
CA GLU A 83 13.82 -11.24 7.05
C GLU A 83 14.42 -10.04 7.82
N ARG A 84 13.79 -8.86 7.72
CA ARG A 84 14.20 -7.62 8.40
C ARG A 84 13.01 -6.78 8.88
N ASP A 85 11.84 -6.84 8.21
CA ASP A 85 10.67 -6.02 8.49
C ASP A 85 9.57 -6.85 9.20
N PRO A 86 9.59 -7.02 10.53
CA PRO A 86 8.55 -7.76 11.25
C PRO A 86 7.26 -6.91 11.32
N PRO A 87 6.07 -7.54 11.44
CA PRO A 87 4.78 -6.84 11.39
C PRO A 87 4.67 -5.72 12.42
N GLU A 88 5.30 -5.86 13.59
CA GLU A 88 5.35 -4.81 14.60
C GLU A 88 6.09 -3.54 14.13
N VAL A 89 7.19 -3.67 13.40
CA VAL A 89 7.95 -2.49 12.94
C VAL A 89 7.20 -1.83 11.79
N ALA A 90 6.75 -2.61 10.80
CA ALA A 90 5.88 -2.16 9.71
C ALA A 90 4.67 -1.35 10.20
N ASP A 91 3.98 -1.81 11.25
CA ASP A 91 2.78 -1.13 11.78
C ASP A 91 3.09 0.19 12.48
N ARG A 92 4.10 0.22 13.36
CA ARG A 92 4.48 1.41 14.13
C ARG A 92 5.02 2.50 13.23
N TYR A 93 5.80 2.08 12.24
CA TYR A 93 6.34 2.97 11.19
C TYR A 93 5.23 3.64 10.38
N ALA A 94 4.20 2.90 9.94
CA ALA A 94 3.03 3.49 9.27
C ALA A 94 2.25 4.44 10.21
N LYS A 95 2.02 4.03 11.46
CA LYS A 95 1.38 4.82 12.52
C LYS A 95 2.11 6.15 12.80
N ALA A 96 3.45 6.18 12.68
CA ALA A 96 4.27 7.37 12.91
C ALA A 96 4.03 8.48 11.88
N PHE A 97 3.55 8.13 10.69
CA PHE A 97 3.02 9.08 9.72
C PHE A 97 1.57 9.44 10.02
N HIS A 98 0.73 8.45 10.32
CA HIS A 98 -0.70 8.66 10.54
C HIS A 98 -1.38 7.42 11.18
N PRO A 99 -2.18 7.58 12.26
CA PRO A 99 -2.68 6.44 13.05
C PRO A 99 -3.78 5.61 12.39
N SER A 100 -4.47 6.09 11.35
CA SER A 100 -5.44 5.27 10.57
C SER A 100 -4.74 4.33 9.56
N PHE A 101 -3.44 4.06 9.72
CA PHE A 101 -2.67 3.13 8.88
C PHE A 101 -2.38 1.82 9.64
N LEU A 102 -2.20 0.73 8.90
CA LEU A 102 -1.84 -0.60 9.41
C LEU A 102 -0.66 -1.18 8.62
N GLY A 103 0.27 -1.86 9.30
CA GLY A 103 1.42 -2.56 8.71
C GLY A 103 1.31 -4.08 8.81
N LEU A 104 1.45 -4.75 7.67
CA LEU A 104 1.37 -6.20 7.52
C LEU A 104 2.72 -6.76 7.04
N SER A 105 3.25 -7.70 7.81
CA SER A 105 4.38 -8.54 7.43
C SER A 105 4.24 -9.90 8.11
N GLY A 106 4.95 -10.93 7.65
CA GLY A 106 4.76 -12.28 8.16
C GLY A 106 5.52 -13.34 7.39
N SER A 107 4.91 -14.51 7.29
CA SER A 107 5.40 -15.61 6.46
C SER A 107 5.68 -15.15 5.00
N PRO A 108 6.82 -15.56 4.42
CA PRO A 108 7.21 -15.10 3.09
C PRO A 108 6.25 -15.62 2.01
N GLU A 109 5.58 -16.77 2.24
CA GLU A 109 4.46 -17.27 1.45
C GLU A 109 3.24 -16.35 1.51
N ALA A 110 2.82 -15.87 2.70
CA ALA A 110 1.71 -14.92 2.77
C ALA A 110 2.07 -13.59 2.09
N VAL A 111 3.28 -13.07 2.37
CA VAL A 111 3.83 -11.89 1.68
C VAL A 111 3.88 -12.11 0.15
N ARG A 112 4.18 -13.33 -0.29
CA ARG A 112 4.16 -13.73 -1.70
C ARG A 112 2.76 -13.59 -2.31
N GLU A 113 1.72 -14.16 -1.70
CA GLU A 113 0.42 -14.21 -2.36
C GLU A 113 -0.22 -12.83 -2.53
N ALA A 114 0.02 -11.90 -1.60
CA ALA A 114 -0.31 -10.49 -1.79
C ALA A 114 0.39 -9.88 -3.02
N ALA A 115 1.70 -10.10 -3.16
CA ALA A 115 2.49 -9.62 -4.29
C ALA A 115 2.03 -10.24 -5.62
N GLN A 116 1.82 -11.57 -5.64
CA GLN A 116 1.28 -12.33 -6.77
C GLN A 116 -0.08 -11.76 -7.24
N THR A 117 -0.94 -11.39 -6.29
CA THR A 117 -2.31 -10.89 -6.51
C THR A 117 -2.30 -9.59 -7.30
N PHE A 118 -1.52 -8.61 -6.85
CA PHE A 118 -1.34 -7.32 -7.52
C PHE A 118 -0.43 -7.34 -8.77
N GLY A 119 0.42 -8.37 -8.93
CA GLY A 119 1.44 -8.42 -10.00
C GLY A 119 2.77 -7.80 -9.61
N VAL A 120 3.07 -7.72 -8.30
CA VAL A 120 4.35 -7.25 -7.76
C VAL A 120 5.38 -8.39 -7.88
N PHE A 121 6.51 -8.06 -8.49
CA PHE A 121 7.69 -8.91 -8.57
C PHE A 121 8.75 -8.41 -7.59
N TYR A 122 9.30 -9.33 -6.79
CA TYR A 122 10.29 -9.05 -5.74
C TYR A 122 11.37 -10.15 -5.67
N GLN A 123 12.61 -9.75 -5.38
CA GLN A 123 13.79 -10.61 -5.35
C GLN A 123 14.72 -10.16 -4.20
N LYS A 124 15.88 -10.79 -4.07
CA LYS A 124 17.05 -10.13 -3.46
C LYS A 124 18.35 -10.46 -4.21
N SER A 125 19.22 -9.46 -4.34
CA SER A 125 20.36 -9.42 -5.26
C SER A 125 21.69 -9.22 -4.52
N GLN A 126 22.79 -9.73 -5.12
CA GLN A 126 24.17 -9.70 -4.58
C GLN A 126 24.29 -10.38 -3.21
N TYR A 127 23.50 -11.43 -2.94
CA TYR A 127 23.47 -12.06 -1.63
C TYR A 127 24.78 -12.78 -1.27
N ARG A 128 25.42 -12.33 -0.19
CA ARG A 128 26.82 -12.65 0.12
C ARG A 128 27.07 -13.14 1.56
N GLY A 129 26.15 -12.86 2.49
CA GLY A 129 26.34 -13.12 3.92
C GLY A 129 25.15 -12.67 4.78
N PRO A 130 25.22 -12.84 6.12
CA PRO A 130 24.04 -12.79 6.99
C PRO A 130 23.38 -11.41 7.07
N GLY A 131 24.16 -10.34 6.88
CA GLY A 131 23.67 -8.95 6.80
C GLY A 131 23.90 -8.33 5.41
N GLU A 132 24.10 -9.14 4.37
CA GLU A 132 24.73 -8.72 3.12
C GLU A 132 23.92 -9.17 1.90
N TYR A 133 23.07 -8.26 1.41
CA TYR A 133 22.25 -8.30 0.20
C TYR A 133 21.49 -6.97 0.04
N LEU A 134 20.95 -6.72 -1.17
CA LEU A 134 19.85 -5.77 -1.36
C LEU A 134 18.57 -6.52 -1.73
N VAL A 135 17.40 -5.96 -1.42
CA VAL A 135 16.08 -6.48 -1.79
C VAL A 135 15.56 -5.68 -2.99
N ASP A 136 15.04 -6.38 -3.99
CA ASP A 136 14.42 -5.81 -5.18
C ASP A 136 12.89 -5.90 -5.03
N HIS A 137 12.14 -4.83 -5.27
CA HIS A 137 10.67 -4.89 -5.27
C HIS A 137 10.03 -3.96 -6.31
N THR A 138 8.78 -4.24 -6.66
CA THR A 138 7.95 -3.32 -7.42
C THR A 138 7.46 -2.25 -6.45
N ALA A 139 8.01 -1.04 -6.54
CA ALA A 139 7.58 0.10 -5.73
C ALA A 139 6.29 0.70 -6.32
N THR A 140 5.13 0.18 -5.92
CA THR A 140 3.82 0.57 -6.45
C THR A 140 2.76 0.58 -5.35
N THR A 141 1.75 1.43 -5.52
CA THR A 141 0.53 1.52 -4.72
C THR A 141 -0.65 1.08 -5.58
N PHE A 142 -1.61 0.39 -4.97
CA PHE A 142 -2.74 -0.24 -5.64
C PHE A 142 -4.05 0.27 -5.03
N VAL A 143 -4.95 0.83 -5.85
CA VAL A 143 -6.22 1.39 -5.37
C VAL A 143 -7.35 0.42 -5.68
N VAL A 144 -7.99 -0.06 -4.61
CA VAL A 144 -9.01 -1.12 -4.64
C VAL A 144 -10.33 -0.62 -4.03
N LYS A 145 -11.48 -0.93 -4.66
CA LYS A 145 -12.85 -0.81 -4.11
C LYS A 145 -13.76 -1.95 -4.59
N GLU A 146 -14.77 -2.38 -3.83
CA GLU A 146 -15.68 -3.50 -4.16
C GLU A 146 -14.93 -4.85 -4.27
N GLY A 147 -13.77 -4.98 -3.62
CA GLY A 147 -12.89 -6.16 -3.74
C GLY A 147 -12.11 -6.22 -5.06
N ARG A 148 -12.04 -5.12 -5.83
CA ARG A 148 -11.34 -5.06 -7.12
C ARG A 148 -10.49 -3.80 -7.31
N LEU A 149 -9.35 -3.99 -7.96
CA LEU A 149 -8.41 -2.95 -8.35
C LEU A 149 -9.05 -2.03 -9.38
N VAL A 150 -9.09 -0.72 -9.10
CA VAL A 150 -9.65 0.32 -9.99
C VAL A 150 -8.58 1.29 -10.52
N LEU A 151 -7.39 1.34 -9.88
CA LEU A 151 -6.34 2.31 -10.16
C LEU A 151 -4.96 1.79 -9.69
N LEU A 152 -3.92 2.11 -10.46
CA LEU A 152 -2.51 1.91 -10.13
C LEU A 152 -1.79 3.24 -9.93
N TYR A 153 -0.80 3.26 -9.04
CA TYR A 153 0.08 4.40 -8.77
C TYR A 153 1.55 3.97 -8.57
N SER A 154 2.46 4.55 -9.35
CA SER A 154 3.87 4.70 -8.94
C SER A 154 4.01 5.69 -7.76
N PRO A 155 5.14 5.72 -7.01
CA PRO A 155 5.40 6.79 -6.04
C PRO A 155 5.49 8.15 -6.76
N ASP A 156 6.18 8.23 -7.90
CA ASP A 156 6.26 9.45 -8.72
C ASP A 156 4.90 9.94 -9.26
N LYS A 157 3.86 9.11 -9.16
CA LYS A 157 2.46 9.53 -9.24
C LYS A 157 1.91 9.94 -7.85
N ALA A 158 1.90 9.02 -6.87
CA ALA A 158 1.25 9.18 -5.56
C ALA A 158 1.79 10.35 -4.70
N GLU A 159 3.04 10.76 -4.88
CA GLU A 159 3.62 11.85 -4.08
C GLU A 159 3.02 13.23 -4.46
N ALA A 160 2.30 13.32 -5.59
CA ALA A 160 1.33 14.38 -5.84
C ALA A 160 0.09 14.21 -4.93
N THR A 161 0.21 14.65 -3.68
CA THR A 161 -0.83 14.67 -2.62
C THR A 161 -2.22 14.96 -3.19
N ASP A 162 -2.41 16.13 -3.79
CA ASP A 162 -3.73 16.58 -4.28
C ASP A 162 -4.23 15.81 -5.51
N ARG A 163 -3.34 15.14 -6.24
CA ARG A 163 -3.74 14.11 -7.21
C ARG A 163 -4.27 12.85 -6.53
N VAL A 164 -3.64 12.38 -5.44
CA VAL A 164 -4.20 11.29 -4.62
C VAL A 164 -5.55 11.70 -4.04
N VAL A 165 -5.70 12.95 -3.56
CA VAL A 165 -7.03 13.48 -3.21
C VAL A 165 -8.04 13.35 -4.37
N ALA A 166 -7.76 13.92 -5.54
CA ALA A 166 -8.72 14.01 -6.66
C ALA A 166 -9.11 12.66 -7.27
N ASP A 167 -8.15 11.74 -7.45
CA ASP A 167 -8.39 10.39 -7.94
C ASP A 167 -9.21 9.57 -6.93
N LEU A 168 -8.86 9.62 -5.63
CA LEU A 168 -9.70 9.02 -4.58
C LEU A 168 -11.10 9.64 -4.58
N GLN A 169 -11.20 10.95 -4.80
CA GLN A 169 -12.47 11.66 -4.86
C GLN A 169 -13.30 11.35 -6.12
N ALA A 170 -12.71 10.82 -7.19
CA ALA A 170 -13.46 10.21 -8.30
C ALA A 170 -14.07 8.85 -7.93
N LEU A 171 -13.53 8.19 -6.91
CA LEU A 171 -13.89 6.85 -6.45
C LEU A 171 -14.78 6.84 -5.18
N LEU A 172 -15.15 8.00 -4.61
CA LEU A 172 -15.77 8.15 -3.27
C LEU A 172 -16.68 6.99 -2.83
N GLY A 1 -17.25 24.91 -7.96
CA GLY A 1 -17.11 23.65 -8.71
C GLY A 1 -15.91 22.87 -8.20
N ALA A 2 -15.53 21.79 -8.86
CA ALA A 2 -14.37 20.94 -8.57
C ALA A 2 -14.08 20.04 -9.79
N MET A 3 -12.89 19.44 -9.86
CA MET A 3 -12.42 18.69 -11.03
C MET A 3 -11.87 17.32 -10.61
N HIS A 4 -12.58 16.24 -10.91
CA HIS A 4 -12.13 14.85 -10.68
C HIS A 4 -11.20 14.39 -11.82
N THR A 5 -10.06 15.05 -11.97
CA THR A 5 -9.05 14.75 -12.99
C THR A 5 -8.05 13.74 -12.43
N PHE A 6 -8.14 12.50 -12.91
CA PHE A 6 -7.29 11.35 -12.56
C PHE A 6 -5.78 11.62 -12.72
N TYR A 7 -4.95 10.76 -12.11
CA TYR A 7 -3.49 10.76 -12.27
C TYR A 7 -2.83 9.38 -12.06
N GLY A 8 -3.57 8.33 -11.68
CA GLY A 8 -3.08 6.95 -11.79
C GLY A 8 -3.52 6.29 -13.10
N THR A 9 -3.21 5.00 -13.26
CA THR A 9 -3.67 4.19 -14.38
C THR A 9 -5.08 3.71 -14.08
N ARG A 10 -6.04 4.55 -14.45
CA ARG A 10 -7.48 4.29 -14.32
C ARG A 10 -7.89 3.10 -15.18
N LEU A 11 -8.37 2.06 -14.51
CA LEU A 11 -8.67 0.75 -15.13
C LEU A 11 -10.08 0.69 -15.73
N LEU A 12 -10.24 -0.04 -16.82
CA LEU A 12 -11.52 -0.22 -17.52
C LEU A 12 -12.30 -1.40 -16.94
N ASN A 13 -11.68 -2.59 -16.89
CA ASN A 13 -12.22 -3.78 -16.22
C ASN A 13 -11.52 -4.00 -14.86
N PRO A 14 -12.19 -3.73 -13.72
CA PRO A 14 -11.58 -3.87 -12.40
C PRO A 14 -11.63 -5.33 -11.92
N LYS A 15 -10.47 -5.96 -11.96
CA LYS A 15 -10.28 -7.39 -11.69
C LYS A 15 -10.40 -7.70 -10.18
N PRO A 16 -11.19 -8.72 -9.77
CA PRO A 16 -11.35 -9.10 -8.37
C PRO A 16 -10.02 -9.63 -7.81
N VAL A 17 -9.81 -9.44 -6.50
CA VAL A 17 -8.60 -9.84 -5.75
C VAL A 17 -8.94 -9.94 -4.26
N ASP A 18 -8.25 -10.80 -3.52
CA ASP A 18 -8.29 -10.82 -2.05
C ASP A 18 -6.98 -11.34 -1.48
N PHE A 19 -6.27 -10.52 -0.68
CA PHE A 19 -4.97 -10.92 -0.14
C PHE A 19 -5.16 -11.74 1.14
N ALA A 20 -4.17 -12.56 1.46
CA ALA A 20 -3.95 -13.12 2.80
C ALA A 20 -2.51 -12.79 3.25
N LEU A 21 -2.40 -12.07 4.37
CA LEU A 21 -1.18 -11.55 5.00
C LEU A 21 -1.32 -11.66 6.54
N GLU A 22 -0.34 -11.16 7.29
CA GLU A 22 -0.35 -11.07 8.74
C GLU A 22 0.05 -9.66 9.21
N GLY A 23 -0.58 -9.20 10.30
CA GLY A 23 -0.37 -7.91 10.95
C GLY A 23 0.04 -8.07 12.44
N PRO A 24 0.21 -6.98 13.19
CA PRO A 24 0.72 -6.97 14.58
C PRO A 24 -0.30 -7.48 15.62
N GLN A 25 -1.13 -8.46 15.27
CA GLN A 25 -2.20 -9.01 16.11
C GLN A 25 -2.77 -10.33 15.55
N GLY A 26 -2.11 -10.99 14.59
CA GLY A 26 -2.65 -12.16 13.89
C GLY A 26 -2.89 -11.92 12.39
N PRO A 27 -3.44 -12.91 11.67
CA PRO A 27 -3.63 -12.89 10.23
C PRO A 27 -4.66 -11.85 9.78
N VAL A 28 -4.48 -11.31 8.57
CA VAL A 28 -5.28 -10.23 7.98
C VAL A 28 -5.55 -10.52 6.51
N ARG A 29 -6.80 -10.35 6.08
CA ARG A 29 -7.23 -10.53 4.68
C ARG A 29 -7.84 -9.25 4.11
N LEU A 30 -7.87 -9.09 2.79
CA LEU A 30 -8.60 -7.98 2.17
C LEU A 30 -10.11 -8.02 2.49
N SER A 31 -10.69 -9.18 2.74
CA SER A 31 -12.08 -9.32 3.23
C SER A 31 -12.35 -8.71 4.62
N GLN A 32 -11.35 -8.15 5.31
CA GLN A 32 -11.58 -7.27 6.47
C GLN A 32 -11.88 -5.82 6.02
N PHE A 33 -11.71 -5.50 4.72
CA PHE A 33 -11.73 -4.15 4.16
C PHE A 33 -12.34 -4.10 2.73
N GLN A 34 -13.28 -4.98 2.38
CA GLN A 34 -13.93 -4.94 1.05
C GLN A 34 -14.86 -3.72 0.90
N ASP A 35 -15.76 -3.52 1.86
CA ASP A 35 -16.65 -2.36 2.01
C ASP A 35 -15.93 -1.00 2.19
N LYS A 36 -14.60 -1.00 2.08
CA LYS A 36 -13.69 0.12 2.30
C LYS A 36 -13.02 0.59 0.98
N VAL A 37 -12.05 1.50 1.09
CA VAL A 37 -11.25 2.06 0.00
C VAL A 37 -9.81 2.03 0.49
N VAL A 38 -9.01 1.19 -0.17
CA VAL A 38 -7.79 0.64 0.42
C VAL A 38 -6.64 0.73 -0.58
N LEU A 39 -5.54 1.31 -0.10
CA LEU A 39 -4.31 1.56 -0.87
C LEU A 39 -3.18 0.65 -0.34
N LEU A 40 -2.73 -0.29 -1.16
CA LEU A 40 -1.64 -1.21 -0.83
C LEU A 40 -0.33 -0.69 -1.42
N PHE A 41 0.77 -0.82 -0.67
CA PHE A 41 2.11 -0.39 -1.08
C PHE A 41 3.15 -1.41 -0.62
N PHE A 42 3.93 -1.95 -1.57
CA PHE A 42 4.88 -3.03 -1.33
C PHE A 42 6.32 -2.50 -1.31
N GLY A 43 6.91 -2.46 -0.10
CA GLY A 43 8.29 -2.06 0.15
C GLY A 43 8.96 -2.85 1.28
N PHE A 44 10.27 -2.59 1.42
CA PHE A 44 11.14 -3.10 2.48
C PHE A 44 11.27 -2.05 3.60
N THR A 45 11.12 -2.46 4.87
CA THR A 45 11.08 -1.54 6.02
C THR A 45 12.46 -0.96 6.39
N ARG A 46 13.48 -1.28 5.59
CA ARG A 46 14.73 -0.50 5.42
C ARG A 46 14.48 0.96 4.93
N CYS A 47 13.23 1.30 4.58
CA CYS A 47 12.65 2.65 4.43
C CYS A 47 13.62 3.77 3.96
N PRO A 48 14.21 3.67 2.76
CA PRO A 48 15.28 4.58 2.32
C PRO A 48 14.77 6.00 2.07
N ASP A 49 14.05 6.26 0.98
CA ASP A 49 13.86 7.62 0.46
C ASP A 49 12.44 7.75 -0.09
N VAL A 50 12.13 6.91 -1.06
CA VAL A 50 10.78 6.62 -1.58
C VAL A 50 9.79 6.29 -0.45
N CYS A 51 10.23 5.67 0.65
CA CYS A 51 9.35 5.36 1.78
C CYS A 51 8.93 6.63 2.55
N PRO A 52 9.84 7.47 3.08
CA PRO A 52 9.43 8.70 3.76
C PRO A 52 8.76 9.72 2.84
N THR A 53 9.07 9.81 1.53
CA THR A 53 8.35 10.71 0.62
C THR A 53 6.93 10.21 0.31
N THR A 54 6.80 8.98 -0.21
CA THR A 54 5.49 8.39 -0.58
C THR A 54 4.58 8.28 0.63
N LEU A 55 5.05 7.81 1.80
CA LEU A 55 4.17 7.70 2.97
C LEU A 55 3.76 9.07 3.54
N LEU A 56 4.56 10.12 3.33
CA LEU A 56 4.12 11.48 3.65
C LEU A 56 3.04 11.92 2.67
N ALA A 57 3.25 11.74 1.37
CA ALA A 57 2.26 12.14 0.35
C ALA A 57 0.93 11.39 0.51
N LEU A 58 0.98 10.07 0.75
CA LEU A 58 -0.19 9.24 1.09
C LEU A 58 -0.94 9.83 2.28
N LYS A 59 -0.28 10.00 3.42
CA LYS A 59 -0.97 10.54 4.61
C LYS A 59 -1.51 11.97 4.38
N ARG A 60 -0.79 12.83 3.63
CA ARG A 60 -1.24 14.18 3.29
C ARG A 60 -2.48 14.22 2.39
N ALA A 61 -2.79 13.15 1.63
CA ALA A 61 -4.07 13.00 0.94
C ALA A 61 -5.21 12.75 1.94
N TYR A 62 -5.06 11.76 2.84
CA TYR A 62 -6.01 11.44 3.90
C TYR A 62 -6.36 12.65 4.79
N GLU A 63 -5.35 13.47 5.13
CA GLU A 63 -5.48 14.68 5.95
C GLU A 63 -6.33 15.77 5.28
N LYS A 64 -6.57 15.66 3.98
CA LYS A 64 -7.38 16.59 3.19
C LYS A 64 -8.77 16.03 2.84
N LEU A 65 -9.12 14.83 3.31
CA LEU A 65 -10.45 14.24 3.09
C LEU A 65 -11.48 14.72 4.15
N PRO A 66 -12.79 14.75 3.83
CA PRO A 66 -13.85 15.07 4.78
C PRO A 66 -14.11 13.88 5.73
N PRO A 67 -14.86 14.08 6.84
CA PRO A 67 -15.24 12.98 7.73
C PRO A 67 -16.07 11.90 7.01
N LYS A 68 -16.85 12.25 5.97
CA LYS A 68 -17.65 11.25 5.23
C LYS A 68 -16.78 10.32 4.37
N ALA A 69 -15.54 10.71 4.08
CA ALA A 69 -14.53 9.86 3.46
C ALA A 69 -13.93 8.85 4.44
N GLN A 70 -13.37 9.29 5.57
CA GLN A 70 -12.54 8.41 6.43
C GLN A 70 -13.24 7.11 6.85
N GLU A 71 -14.57 7.12 6.96
CA GLU A 71 -15.48 5.97 7.12
C GLU A 71 -15.09 4.73 6.30
N ARG A 72 -14.53 4.95 5.10
CA ARG A 72 -14.04 3.91 4.21
C ARG A 72 -12.52 3.86 4.04
N VAL A 73 -11.68 4.73 4.62
CA VAL A 73 -10.27 4.83 4.18
C VAL A 73 -9.31 4.09 5.13
N GLN A 74 -8.58 3.11 4.57
CA GLN A 74 -7.46 2.41 5.19
C GLN A 74 -6.25 2.51 4.26
N VAL A 75 -5.06 2.84 4.78
CA VAL A 75 -3.80 2.73 4.00
C VAL A 75 -3.01 1.52 4.51
N ILE A 76 -2.42 0.74 3.60
CA ILE A 76 -1.81 -0.57 3.87
C ILE A 76 -0.39 -0.63 3.33
N PHE A 77 0.59 -0.78 4.22
CA PHE A 77 1.98 -1.04 3.86
C PHE A 77 2.22 -2.56 3.97
N VAL A 78 2.85 -3.15 2.95
CA VAL A 78 3.13 -4.58 2.92
C VAL A 78 4.63 -4.79 2.73
N SER A 79 5.17 -5.72 3.51
CA SER A 79 6.53 -6.23 3.44
C SER A 79 6.92 -6.75 2.05
N VAL A 80 8.23 -6.83 1.82
CA VAL A 80 8.81 -7.51 0.64
C VAL A 80 10.01 -8.40 1.01
N ASP A 81 10.72 -8.11 2.11
CA ASP A 81 11.78 -8.94 2.65
C ASP A 81 11.31 -9.58 3.98
N PRO A 82 10.47 -10.64 3.97
CA PRO A 82 9.90 -11.20 5.20
C PRO A 82 10.94 -11.83 6.14
N GLU A 83 12.16 -12.10 5.66
CA GLU A 83 13.32 -12.47 6.49
C GLU A 83 13.77 -11.34 7.45
N ARG A 84 13.31 -10.09 7.25
CA ARG A 84 13.72 -8.92 8.03
C ARG A 84 12.64 -7.83 8.20
N ASP A 85 11.51 -7.90 7.51
CA ASP A 85 10.26 -7.20 7.80
C ASP A 85 9.44 -8.10 8.77
N PRO A 86 9.35 -7.82 10.09
CA PRO A 86 8.34 -8.41 10.96
C PRO A 86 7.11 -7.48 11.04
N PRO A 87 5.88 -8.01 11.21
CA PRO A 87 4.64 -7.26 11.06
C PRO A 87 4.53 -6.04 11.98
N GLU A 88 5.08 -6.08 13.20
CA GLU A 88 5.14 -4.90 14.06
C GLU A 88 6.01 -3.78 13.50
N VAL A 89 7.17 -4.08 12.90
CA VAL A 89 8.08 -3.03 12.40
C VAL A 89 7.47 -2.36 11.17
N ALA A 90 6.77 -3.14 10.33
CA ALA A 90 5.93 -2.59 9.27
C ALA A 90 4.84 -1.68 9.84
N ASP A 91 4.17 -2.08 10.92
CA ASP A 91 3.07 -1.28 11.49
C ASP A 91 3.55 0.01 12.17
N ARG A 92 4.54 -0.03 13.08
CA ARG A 92 5.00 1.17 13.78
C ARG A 92 5.51 2.24 12.80
N TYR A 93 6.24 1.84 11.78
CA TYR A 93 6.74 2.75 10.72
C TYR A 93 5.61 3.37 9.87
N ALA A 94 4.57 2.60 9.57
CA ALA A 94 3.37 3.08 8.85
C ALA A 94 2.50 4.02 9.73
N LYS A 95 2.25 3.62 10.98
CA LYS A 95 1.54 4.41 12.00
C LYS A 95 2.24 5.74 12.34
N ALA A 96 3.57 5.80 12.25
CA ALA A 96 4.39 6.99 12.52
C ALA A 96 4.12 8.15 11.54
N PHE A 97 3.72 7.84 10.30
CA PHE A 97 3.14 8.82 9.40
C PHE A 97 1.72 9.24 9.81
N HIS A 98 0.85 8.27 10.08
CA HIS A 98 -0.51 8.50 10.55
C HIS A 98 -1.19 7.21 11.05
N PRO A 99 -2.16 7.29 11.99
CA PRO A 99 -2.81 6.12 12.55
C PRO A 99 -3.71 5.36 11.55
N SER A 100 -4.12 5.98 10.44
CA SER A 100 -4.93 5.32 9.39
C SER A 100 -4.13 4.35 8.50
N PHE A 101 -2.85 4.11 8.87
CA PHE A 101 -2.03 3.05 8.28
C PHE A 101 -2.10 1.76 9.11
N LEU A 102 -1.98 0.64 8.41
CA LEU A 102 -1.66 -0.69 8.94
C LEU A 102 -0.48 -1.28 8.16
N GLY A 103 0.51 -1.83 8.88
CA GLY A 103 1.66 -2.52 8.29
C GLY A 103 1.55 -4.05 8.43
N LEU A 104 1.81 -4.77 7.35
CA LEU A 104 1.66 -6.22 7.23
C LEU A 104 2.99 -6.90 6.84
N SER A 105 3.32 -8.00 7.53
CA SER A 105 4.32 -8.97 7.09
C SER A 105 3.92 -10.37 7.58
N GLY A 106 4.10 -11.41 6.77
CA GLY A 106 3.74 -12.80 7.13
C GLY A 106 4.59 -13.84 6.41
N SER A 107 4.08 -15.07 6.29
CA SER A 107 4.83 -16.19 5.72
C SER A 107 5.23 -15.98 4.23
N PRO A 108 6.29 -16.64 3.72
CA PRO A 108 6.74 -16.47 2.35
C PRO A 108 5.70 -16.94 1.31
N GLU A 109 4.83 -17.88 1.66
CA GLU A 109 3.66 -18.26 0.84
C GLU A 109 2.61 -17.13 0.85
N ALA A 110 2.30 -16.56 2.02
CA ALA A 110 1.38 -15.41 2.12
C ALA A 110 1.89 -14.19 1.32
N VAL A 111 3.18 -13.88 1.46
CA VAL A 111 3.85 -12.84 0.68
C VAL A 111 3.84 -13.20 -0.82
N ARG A 112 4.08 -14.47 -1.20
CA ARG A 112 4.00 -14.93 -2.59
C ARG A 112 2.59 -14.71 -3.16
N GLU A 113 1.55 -15.17 -2.45
CA GLU A 113 0.15 -15.09 -2.86
C GLU A 113 -0.28 -13.64 -3.11
N ALA A 114 -0.13 -12.78 -2.09
CA ALA A 114 -0.46 -11.37 -2.19
C ALA A 114 0.37 -10.64 -3.26
N ALA A 115 1.63 -11.03 -3.46
CA ALA A 115 2.45 -10.45 -4.52
C ALA A 115 1.95 -10.82 -5.91
N GLN A 116 1.85 -12.12 -6.21
CA GLN A 116 1.52 -12.62 -7.54
C GLN A 116 0.10 -12.26 -7.99
N THR A 117 -0.82 -12.26 -7.05
CA THR A 117 -2.22 -11.83 -7.22
C THR A 117 -2.32 -10.35 -7.65
N PHE A 118 -1.65 -9.45 -6.94
CA PHE A 118 -1.64 -8.01 -7.21
C PHE A 118 -0.76 -7.58 -8.40
N GLY A 119 0.31 -8.34 -8.72
CA GLY A 119 1.29 -8.05 -9.78
C GLY A 119 2.65 -7.55 -9.30
N VAL A 120 3.04 -7.90 -8.08
CA VAL A 120 4.27 -7.44 -7.40
C VAL A 120 5.48 -8.28 -7.83
N PHE A 121 6.61 -7.60 -8.00
CA PHE A 121 7.93 -8.15 -8.33
C PHE A 121 9.01 -7.57 -7.40
N TYR A 122 9.95 -8.41 -6.99
CA TYR A 122 11.09 -8.06 -6.14
C TYR A 122 12.33 -8.92 -6.45
N GLN A 123 13.54 -8.43 -6.16
CA GLN A 123 14.79 -9.17 -6.34
C GLN A 123 15.73 -8.89 -5.17
N LYS A 124 16.24 -9.91 -4.48
CA LYS A 124 17.20 -9.72 -3.37
C LYS A 124 18.64 -9.91 -3.89
N SER A 125 19.45 -8.87 -3.83
CA SER A 125 20.69 -8.82 -4.62
C SER A 125 21.90 -9.25 -3.77
N GLN A 126 22.43 -10.45 -4.05
CA GLN A 126 23.63 -11.03 -3.41
C GLN A 126 23.45 -11.34 -1.90
N TYR A 127 22.21 -11.24 -1.41
CA TYR A 127 21.83 -11.13 0.01
C TYR A 127 22.55 -12.04 1.02
N ARG A 128 22.79 -11.50 2.22
CA ARG A 128 23.59 -12.17 3.25
C ARG A 128 23.57 -11.60 4.68
N GLY A 129 23.14 -10.36 4.94
CA GLY A 129 23.18 -9.76 6.28
C GLY A 129 21.79 -9.37 6.80
N PRO A 130 21.67 -9.06 8.10
CA PRO A 130 20.39 -8.83 8.77
C PRO A 130 19.85 -7.40 8.55
N GLY A 131 19.60 -7.04 7.29
CA GLY A 131 18.81 -5.86 6.90
C GLY A 131 19.60 -4.68 6.33
N GLU A 132 20.92 -4.80 6.18
CA GLU A 132 21.77 -3.77 5.55
C GLU A 132 21.88 -3.93 4.03
N TYR A 133 21.60 -5.13 3.54
CA TYR A 133 21.78 -5.53 2.15
C TYR A 133 20.90 -4.77 1.14
N LEU A 134 21.23 -4.94 -0.14
CA LEU A 134 20.58 -4.31 -1.29
C LEU A 134 19.51 -5.25 -1.87
N VAL A 135 18.33 -4.70 -2.08
CA VAL A 135 17.10 -5.39 -2.49
C VAL A 135 16.34 -4.45 -3.43
N ASP A 136 15.80 -4.97 -4.52
CA ASP A 136 14.87 -4.30 -5.43
C ASP A 136 13.43 -4.71 -5.11
N HIS A 137 12.51 -3.75 -5.10
CA HIS A 137 11.08 -3.97 -5.01
C HIS A 137 10.25 -3.00 -5.87
N THR A 138 9.15 -3.51 -6.44
CA THR A 138 8.21 -2.87 -7.38
C THR A 138 7.84 -1.40 -7.15
N ALA A 139 7.87 -0.90 -5.91
CA ALA A 139 7.54 0.50 -5.55
C ALA A 139 6.13 0.96 -5.95
N THR A 140 5.24 0.02 -6.30
CA THR A 140 3.93 0.29 -6.90
C THR A 140 2.88 0.34 -5.81
N THR A 141 1.90 1.26 -5.96
CA THR A 141 0.73 1.38 -5.10
C THR A 141 -0.50 0.87 -5.85
N PHE A 142 -1.22 -0.06 -5.23
CA PHE A 142 -2.37 -0.74 -5.81
C PHE A 142 -3.66 -0.29 -5.09
N VAL A 143 -4.65 0.19 -5.83
CA VAL A 143 -5.93 0.61 -5.26
C VAL A 143 -6.96 -0.51 -5.41
N VAL A 144 -7.58 -0.86 -4.29
CA VAL A 144 -8.79 -1.68 -4.25
C VAL A 144 -9.93 -0.97 -3.51
N LYS A 145 -11.11 -1.24 -4.04
CA LYS A 145 -12.43 -1.05 -3.43
C LYS A 145 -13.19 -2.35 -3.68
N GLU A 146 -14.04 -2.80 -2.76
CA GLU A 146 -15.05 -3.86 -2.99
C GLU A 146 -14.44 -5.28 -2.91
N GLY A 147 -13.14 -5.42 -3.11
CA GLY A 147 -12.45 -6.71 -3.36
C GLY A 147 -12.02 -6.87 -4.82
N ARG A 148 -11.77 -5.76 -5.52
CA ARG A 148 -11.21 -5.72 -6.88
C ARG A 148 -10.22 -4.57 -7.03
N LEU A 149 -9.22 -4.78 -7.88
CA LEU A 149 -8.17 -3.82 -8.19
C LEU A 149 -8.72 -2.86 -9.26
N VAL A 150 -8.87 -1.59 -8.87
CA VAL A 150 -9.59 -0.55 -9.63
C VAL A 150 -8.65 0.51 -10.25
N LEU A 151 -7.42 0.66 -9.72
CA LEU A 151 -6.48 1.71 -10.09
C LEU A 151 -5.05 1.41 -9.61
N LEU A 152 -4.06 1.91 -10.33
CA LEU A 152 -2.63 1.80 -10.00
C LEU A 152 -1.98 3.18 -9.94
N TYR A 153 -1.11 3.42 -8.96
CA TYR A 153 -0.18 4.54 -8.93
C TYR A 153 1.28 4.03 -8.92
N SER A 154 2.12 4.63 -9.77
CA SER A 154 3.58 4.66 -9.56
C SER A 154 3.94 5.77 -8.55
N PRO A 155 5.13 5.79 -7.93
CA PRO A 155 5.45 6.79 -6.90
C PRO A 155 5.44 8.21 -7.50
N ASP A 156 5.93 8.39 -8.73
CA ASP A 156 5.87 9.67 -9.44
C ASP A 156 4.45 10.13 -9.80
N LYS A 157 3.45 9.25 -9.65
CA LYS A 157 2.03 9.58 -9.62
C LYS A 157 1.58 9.91 -8.19
N ALA A 158 1.85 9.01 -7.24
CA ALA A 158 1.40 9.06 -5.84
C ALA A 158 1.92 10.29 -5.07
N GLU A 159 3.16 10.72 -5.30
CA GLU A 159 3.77 11.81 -4.52
C GLU A 159 3.18 13.20 -4.83
N ALA A 160 2.50 13.36 -5.97
CA ALA A 160 1.66 14.52 -6.23
C ALA A 160 0.34 14.38 -5.46
N THR A 161 0.37 14.62 -4.14
CA THR A 161 -0.79 14.57 -3.24
C THR A 161 -2.02 15.23 -3.84
N ASP A 162 -1.91 16.48 -4.27
CA ASP A 162 -3.02 17.28 -4.79
C ASP A 162 -3.55 16.73 -6.13
N ARG A 163 -2.71 16.04 -6.92
CA ARG A 163 -3.19 15.21 -8.04
C ARG A 163 -3.89 13.94 -7.56
N VAL A 164 -3.38 13.25 -6.53
CA VAL A 164 -4.02 12.05 -5.95
C VAL A 164 -5.42 12.40 -5.44
N VAL A 165 -5.61 13.49 -4.70
CA VAL A 165 -6.95 13.85 -4.16
C VAL A 165 -8.01 13.83 -5.27
N ALA A 166 -7.73 14.37 -6.46
CA ALA A 166 -8.67 14.41 -7.59
C ALA A 166 -8.97 13.07 -8.27
N ASP A 167 -8.08 12.08 -8.18
CA ASP A 167 -8.27 10.70 -8.66
C ASP A 167 -9.01 9.88 -7.58
N LEU A 168 -8.56 10.02 -6.33
CA LEU A 168 -9.09 9.42 -5.11
C LEU A 168 -10.55 9.85 -4.83
N GLN A 169 -10.90 11.05 -5.27
CA GLN A 169 -12.27 11.59 -5.29
C GLN A 169 -13.25 10.77 -6.15
N ALA A 170 -12.79 10.10 -7.23
CA ALA A 170 -13.58 9.07 -7.93
C ALA A 170 -13.62 7.70 -7.22
N LEU A 171 -12.60 7.39 -6.43
CA LEU A 171 -12.38 6.08 -5.79
C LEU A 171 -13.09 5.93 -4.44
N LEU A 172 -13.46 7.03 -3.79
CA LEU A 172 -14.18 7.06 -2.49
C LEU A 172 -15.60 6.47 -2.49
N GLY A 1 -17.39 16.42 -6.56
CA GLY A 1 -16.82 16.02 -7.86
C GLY A 1 -17.45 16.78 -9.00
N ALA A 2 -16.93 16.59 -10.21
CA ALA A 2 -17.33 17.23 -11.47
C ALA A 2 -16.60 16.49 -12.63
N MET A 3 -16.13 17.21 -13.66
CA MET A 3 -15.06 16.69 -14.51
C MET A 3 -13.78 16.54 -13.68
N HIS A 4 -13.18 15.35 -13.67
CA HIS A 4 -11.90 15.09 -13.00
C HIS A 4 -10.85 14.69 -14.06
N THR A 5 -9.59 15.09 -13.87
CA THR A 5 -8.42 14.52 -14.55
C THR A 5 -7.67 13.65 -13.56
N PHE A 6 -7.23 12.49 -14.03
CA PHE A 6 -6.49 11.50 -13.26
C PHE A 6 -4.98 11.73 -13.34
N TYR A 7 -4.25 11.18 -12.37
CA TYR A 7 -2.79 11.03 -12.44
C TYR A 7 -2.34 9.56 -12.22
N GLY A 8 -3.27 8.64 -11.93
CA GLY A 8 -3.01 7.19 -11.85
C GLY A 8 -3.44 6.40 -13.09
N THR A 9 -3.07 5.11 -13.14
CA THR A 9 -3.41 4.17 -14.23
C THR A 9 -4.84 3.66 -14.09
N ARG A 10 -5.80 4.51 -14.42
CA ARG A 10 -7.22 4.23 -14.23
C ARG A 10 -7.72 3.19 -15.23
N LEU A 11 -8.30 2.12 -14.69
CA LEU A 11 -8.91 1.04 -15.47
C LEU A 11 -10.30 1.44 -15.96
N LEU A 12 -10.87 0.66 -16.89
CA LEU A 12 -12.28 0.78 -17.29
C LEU A 12 -13.15 0.00 -16.30
N ASN A 13 -13.13 -1.33 -16.39
CA ASN A 13 -13.72 -2.24 -15.42
C ASN A 13 -12.79 -2.48 -14.20
N PRO A 14 -13.34 -2.84 -13.03
CA PRO A 14 -12.58 -3.43 -11.93
C PRO A 14 -12.12 -4.83 -12.28
N LYS A 15 -10.93 -5.15 -11.79
CA LYS A 15 -10.48 -6.51 -11.58
C LYS A 15 -10.87 -6.97 -10.16
N PRO A 16 -11.47 -8.16 -9.99
CA PRO A 16 -11.54 -8.80 -8.67
C PRO A 16 -10.11 -9.19 -8.27
N VAL A 17 -9.80 -9.06 -6.98
CA VAL A 17 -8.53 -9.41 -6.34
C VAL A 17 -8.83 -9.71 -4.86
N ASP A 18 -7.89 -10.35 -4.19
CA ASP A 18 -7.81 -10.54 -2.74
C ASP A 18 -6.37 -10.96 -2.39
N PHE A 19 -6.02 -10.92 -1.10
CA PHE A 19 -4.80 -11.52 -0.54
C PHE A 19 -4.96 -11.80 0.95
N ALA A 20 -4.20 -12.76 1.49
CA ALA A 20 -3.97 -12.97 2.91
C ALA A 20 -2.61 -12.44 3.35
N LEU A 21 -2.57 -11.88 4.56
CA LEU A 21 -1.38 -11.47 5.30
C LEU A 21 -1.54 -11.76 6.80
N GLU A 22 -0.41 -11.72 7.50
CA GLU A 22 -0.35 -11.69 8.97
C GLU A 22 -0.22 -10.24 9.46
N GLY A 23 -0.74 -10.00 10.67
CA GLY A 23 -0.84 -8.68 11.30
C GLY A 23 -0.54 -8.69 12.80
N PRO A 24 -0.36 -7.51 13.43
CA PRO A 24 0.09 -7.38 14.82
C PRO A 24 -0.94 -7.86 15.86
N GLN A 25 -2.24 -7.78 15.57
CA GLN A 25 -3.30 -8.25 16.47
C GLN A 25 -4.09 -9.45 15.87
N GLY A 26 -3.55 -10.11 14.85
CA GLY A 26 -4.18 -11.22 14.12
C GLY A 26 -4.00 -11.12 12.59
N PRO A 27 -4.18 -12.25 11.86
CA PRO A 27 -4.08 -12.30 10.41
C PRO A 27 -5.35 -11.77 9.74
N VAL A 28 -5.23 -11.33 8.48
CA VAL A 28 -6.30 -10.64 7.75
C VAL A 28 -6.31 -11.06 6.27
N ARG A 29 -7.40 -10.71 5.56
CA ARG A 29 -7.46 -10.68 4.10
C ARG A 29 -7.89 -9.31 3.57
N LEU A 30 -7.60 -8.99 2.30
CA LEU A 30 -8.17 -7.81 1.65
C LEU A 30 -9.70 -7.91 1.55
N SER A 31 -10.23 -9.12 1.44
CA SER A 31 -11.67 -9.44 1.51
C SER A 31 -12.32 -9.15 2.87
N GLN A 32 -11.58 -8.75 3.92
CA GLN A 32 -12.15 -8.17 5.14
C GLN A 32 -12.53 -6.68 4.98
N PHE A 33 -11.94 -5.98 4.01
CA PHE A 33 -12.04 -4.52 3.87
C PHE A 33 -12.85 -4.10 2.63
N GLN A 34 -13.63 -5.02 2.04
CA GLN A 34 -14.34 -4.81 0.78
C GLN A 34 -15.58 -3.92 0.85
N ASP A 35 -15.91 -3.34 2.02
CA ASP A 35 -16.77 -2.15 2.13
C ASP A 35 -16.10 -0.86 1.57
N LYS A 36 -14.77 -0.80 1.62
CA LYS A 36 -14.00 0.46 1.68
C LYS A 36 -13.37 0.87 0.33
N VAL A 37 -12.70 2.03 0.34
CA VAL A 37 -11.54 2.31 -0.51
C VAL A 37 -10.28 2.10 0.33
N VAL A 38 -9.33 1.37 -0.23
CA VAL A 38 -8.06 1.03 0.43
C VAL A 38 -6.90 1.30 -0.53
N LEU A 39 -5.82 1.85 0.03
CA LEU A 39 -4.57 2.17 -0.65
C LEU A 39 -3.49 1.19 -0.19
N LEU A 40 -2.83 0.54 -1.15
CA LEU A 40 -1.88 -0.55 -0.95
C LEU A 40 -0.47 -0.09 -1.34
N PHE A 41 0.52 -0.40 -0.50
CA PHE A 41 1.93 -0.10 -0.74
C PHE A 41 2.86 -1.22 -0.25
N PHE A 42 3.96 -1.42 -0.98
CA PHE A 42 4.98 -2.43 -0.72
C PHE A 42 6.34 -1.77 -0.42
N GLY A 43 6.79 -1.93 0.84
CA GLY A 43 8.02 -1.37 1.41
C GLY A 43 8.71 -2.32 2.39
N PHE A 44 9.78 -1.87 3.02
CA PHE A 44 10.52 -2.60 4.06
C PHE A 44 11.03 -1.61 5.11
N THR A 45 10.82 -1.82 6.42
CA THR A 45 11.18 -0.83 7.45
C THR A 45 12.68 -0.49 7.43
N ARG A 46 12.98 0.75 7.82
CA ARG A 46 14.25 1.47 7.61
C ARG A 46 14.34 2.11 6.21
N CYS A 47 13.35 1.90 5.33
CA CYS A 47 13.17 2.65 4.07
C CYS A 47 13.25 4.18 4.29
N PRO A 48 14.32 4.86 3.81
CA PRO A 48 14.79 6.09 4.44
C PRO A 48 14.12 7.38 3.98
N ASP A 49 13.50 7.45 2.79
CA ASP A 49 13.28 8.72 2.11
C ASP A 49 11.96 8.62 1.35
N VAL A 50 12.01 8.08 0.13
CA VAL A 50 10.91 7.56 -0.69
C VAL A 50 9.67 7.07 0.07
N CYS A 51 9.79 6.14 1.02
CA CYS A 51 8.63 5.61 1.74
C CYS A 51 8.03 6.63 2.72
N PRO A 52 8.81 7.29 3.60
CA PRO A 52 8.36 8.47 4.35
C PRO A 52 7.67 9.53 3.49
N THR A 53 8.21 9.91 2.32
CA THR A 53 7.62 10.91 1.42
C THR A 53 6.29 10.44 0.86
N THR A 54 6.23 9.24 0.26
CA THR A 54 4.99 8.58 -0.20
C THR A 54 3.95 8.53 0.91
N LEU A 55 4.29 8.09 2.13
CA LEU A 55 3.33 8.02 3.23
C LEU A 55 2.86 9.39 3.70
N LEU A 56 3.73 10.41 3.66
CA LEU A 56 3.34 11.80 3.93
C LEU A 56 2.36 12.30 2.86
N ALA A 57 2.62 12.03 1.58
CA ALA A 57 1.77 12.41 0.47
C ALA A 57 0.40 11.70 0.48
N LEU A 58 0.39 10.40 0.80
CA LEU A 58 -0.80 9.58 1.02
C LEU A 58 -1.63 10.10 2.20
N LYS A 59 -1.06 10.19 3.40
CA LYS A 59 -1.80 10.71 4.57
C LYS A 59 -2.31 12.15 4.34
N ARG A 60 -1.58 12.97 3.58
CA ARG A 60 -2.01 14.32 3.17
C ARG A 60 -3.27 14.34 2.29
N ALA A 61 -3.49 13.35 1.43
CA ALA A 61 -4.71 13.23 0.65
C ALA A 61 -5.91 12.84 1.54
N TYR A 62 -5.69 12.03 2.58
CA TYR A 62 -6.68 11.69 3.61
C TYR A 62 -7.06 12.90 4.49
N GLU A 63 -6.06 13.72 4.87
CA GLU A 63 -6.22 14.97 5.64
C GLU A 63 -7.11 15.98 4.91
N LYS A 64 -7.18 15.92 3.57
CA LYS A 64 -8.03 16.75 2.74
C LYS A 64 -9.54 16.44 2.89
N LEU A 65 -9.92 15.27 3.43
CA LEU A 65 -11.28 14.72 3.31
C LEU A 65 -12.12 14.96 4.57
N PRO A 66 -13.42 15.29 4.45
CA PRO A 66 -14.29 15.48 5.61
C PRO A 66 -14.36 14.17 6.41
N PRO A 67 -14.66 14.27 7.72
CA PRO A 67 -14.70 13.12 8.62
C PRO A 67 -15.59 11.99 8.08
N LYS A 68 -16.60 12.30 7.26
CA LYS A 68 -17.52 11.28 6.77
C LYS A 68 -17.12 10.63 5.43
N ALA A 69 -16.26 11.24 4.63
CA ALA A 69 -15.57 10.52 3.55
C ALA A 69 -14.45 9.63 4.10
N GLN A 70 -13.61 10.13 5.02
CA GLN A 70 -12.40 9.40 5.43
C GLN A 70 -12.67 8.07 6.14
N GLU A 71 -13.81 7.88 6.82
CA GLU A 71 -14.24 6.56 7.34
C GLU A 71 -14.24 5.46 6.26
N ARG A 72 -14.41 5.84 4.99
CA ARG A 72 -14.33 4.94 3.84
C ARG A 72 -12.90 4.67 3.35
N VAL A 73 -11.86 5.41 3.79
CA VAL A 73 -10.49 5.44 3.22
C VAL A 73 -9.50 4.94 4.27
N GLN A 74 -8.78 3.86 3.99
CA GLN A 74 -7.75 3.32 4.88
C GLN A 74 -6.48 2.97 4.09
N VAL A 75 -5.32 2.99 4.74
CA VAL A 75 -4.03 2.75 4.07
C VAL A 75 -3.32 1.55 4.69
N ILE A 76 -2.81 0.65 3.84
CA ILE A 76 -2.13 -0.59 4.28
C ILE A 76 -0.72 -0.64 3.69
N PHE A 77 0.25 -0.72 4.60
CA PHE A 77 1.66 -0.89 4.30
C PHE A 77 1.98 -2.38 4.44
N VAL A 78 2.28 -3.03 3.32
CA VAL A 78 2.72 -4.43 3.30
C VAL A 78 4.26 -4.41 3.22
N SER A 79 4.89 -5.32 3.97
CA SER A 79 6.32 -5.54 3.87
C SER A 79 6.78 -6.10 2.51
N VAL A 80 8.09 -6.38 2.41
CA VAL A 80 8.76 -7.00 1.26
C VAL A 80 9.66 -8.15 1.73
N ASP A 81 10.50 -7.95 2.76
CA ASP A 81 11.33 -9.01 3.34
C ASP A 81 10.91 -9.34 4.80
N PRO A 82 10.20 -10.47 5.01
CA PRO A 82 9.76 -10.89 6.33
C PRO A 82 10.86 -11.55 7.16
N GLU A 83 12.07 -11.82 6.64
CA GLU A 83 13.20 -12.32 7.46
C GLU A 83 13.71 -11.27 8.48
N ARG A 84 13.15 -10.05 8.46
CA ARG A 84 13.52 -9.01 9.43
C ARG A 84 12.53 -7.87 9.63
N ASP A 85 11.46 -7.75 8.84
CA ASP A 85 10.39 -6.79 9.10
C ASP A 85 9.16 -7.51 9.69
N PRO A 86 8.99 -7.60 11.03
CA PRO A 86 7.81 -8.21 11.63
C PRO A 86 6.62 -7.25 11.59
N PRO A 87 5.37 -7.75 11.53
CA PRO A 87 4.18 -6.94 11.23
C PRO A 87 4.03 -5.72 12.14
N GLU A 88 4.35 -5.88 13.43
CA GLU A 88 4.24 -4.84 14.45
C GLU A 88 5.27 -3.72 14.28
N VAL A 89 6.50 -4.01 13.80
CA VAL A 89 7.50 -2.97 13.51
C VAL A 89 7.11 -2.19 12.25
N ALA A 90 6.57 -2.88 11.23
CA ALA A 90 5.97 -2.23 10.07
C ALA A 90 4.75 -1.37 10.45
N ASP A 91 3.96 -1.77 11.47
CA ASP A 91 2.76 -1.06 11.93
C ASP A 91 3.08 0.27 12.63
N ARG A 92 4.12 0.30 13.48
CA ARG A 92 4.69 1.54 14.04
C ARG A 92 4.98 2.53 12.90
N TYR A 93 5.66 2.04 11.87
CA TYR A 93 6.11 2.84 10.72
C TYR A 93 4.96 3.39 9.88
N ALA A 94 3.92 2.59 9.62
CA ALA A 94 2.73 3.03 8.91
C ALA A 94 1.95 4.10 9.68
N LYS A 95 1.67 3.84 10.97
CA LYS A 95 0.99 4.79 11.85
C LYS A 95 1.81 6.02 12.28
N ALA A 96 3.15 6.01 12.11
CA ALA A 96 3.98 7.20 12.34
C ALA A 96 3.52 8.38 11.48
N PHE A 97 2.91 8.08 10.32
CA PHE A 97 2.32 9.08 9.46
C PHE A 97 0.91 9.51 9.85
N HIS A 98 0.05 8.58 10.27
CA HIS A 98 -1.33 8.86 10.66
C HIS A 98 -2.00 7.59 11.25
N PRO A 99 -2.82 7.65 12.32
CA PRO A 99 -3.43 6.47 12.96
C PRO A 99 -4.45 5.65 12.13
N SER A 100 -4.84 6.09 10.92
CA SER A 100 -5.77 5.33 10.03
C SER A 100 -5.02 4.37 9.07
N PHE A 101 -3.81 3.97 9.48
CA PHE A 101 -2.91 3.06 8.79
C PHE A 101 -2.80 1.72 9.52
N LEU A 102 -2.60 0.64 8.76
CA LEU A 102 -2.24 -0.70 9.25
C LEU A 102 -0.94 -1.19 8.61
N GLY A 103 -0.05 -1.80 9.39
CA GLY A 103 1.15 -2.51 8.93
C GLY A 103 0.93 -4.02 8.89
N LEU A 104 1.38 -4.65 7.81
CA LEU A 104 1.27 -6.10 7.60
C LEU A 104 2.61 -6.67 7.12
N SER A 105 3.06 -7.74 7.78
CA SER A 105 4.15 -8.59 7.32
C SER A 105 3.87 -10.02 7.79
N GLY A 106 4.29 -11.03 7.03
CA GLY A 106 3.92 -12.40 7.31
C GLY A 106 4.77 -13.44 6.60
N SER A 107 4.23 -14.65 6.53
CA SER A 107 4.86 -15.80 5.89
C SER A 107 5.26 -15.48 4.43
N PRO A 108 6.40 -16.02 3.92
CA PRO A 108 6.98 -15.58 2.65
C PRO A 108 6.04 -15.83 1.46
N GLU A 109 5.26 -16.91 1.50
CA GLU A 109 4.19 -17.23 0.55
C GLU A 109 3.02 -16.26 0.67
N ALA A 110 2.64 -15.86 1.89
CA ALA A 110 1.53 -14.95 2.15
C ALA A 110 1.87 -13.53 1.65
N VAL A 111 3.05 -13.00 1.96
CA VAL A 111 3.49 -11.73 1.31
C VAL A 111 3.56 -11.88 -0.21
N ARG A 112 3.80 -13.10 -0.73
CA ARG A 112 3.77 -13.39 -2.17
C ARG A 112 2.36 -13.36 -2.78
N GLU A 113 1.31 -13.82 -2.10
CA GLU A 113 -0.11 -13.61 -2.53
C GLU A 113 -0.33 -12.14 -2.89
N ALA A 114 -0.12 -11.26 -1.92
CA ALA A 114 -0.39 -9.83 -2.06
C ALA A 114 0.44 -9.24 -3.20
N ALA A 115 1.76 -9.46 -3.17
CA ALA A 115 2.68 -8.86 -4.11
C ALA A 115 2.37 -9.24 -5.57
N GLN A 116 2.20 -10.55 -5.83
CA GLN A 116 1.99 -11.05 -7.18
C GLN A 116 0.63 -10.68 -7.77
N THR A 117 -0.40 -10.51 -6.93
CA THR A 117 -1.77 -10.21 -7.38
C THR A 117 -1.86 -8.80 -7.96
N PHE A 118 -1.20 -7.83 -7.33
CA PHE A 118 -1.03 -6.49 -7.88
C PHE A 118 0.01 -6.41 -9.02
N GLY A 119 1.12 -7.16 -8.89
CA GLY A 119 2.16 -7.34 -9.93
C GLY A 119 3.55 -6.89 -9.51
N VAL A 120 3.73 -6.61 -8.22
CA VAL A 120 5.03 -6.28 -7.60
C VAL A 120 5.76 -7.58 -7.28
N PHE A 121 7.09 -7.54 -7.44
CA PHE A 121 8.00 -8.66 -7.30
C PHE A 121 9.15 -8.27 -6.37
N TYR A 122 9.72 -9.27 -5.72
CA TYR A 122 10.92 -9.14 -4.89
C TYR A 122 11.88 -10.33 -5.11
N GLN A 123 13.18 -10.03 -5.13
CA GLN A 123 14.27 -10.97 -4.87
C GLN A 123 15.22 -10.32 -3.86
N LYS A 124 16.25 -11.05 -3.43
CA LYS A 124 17.41 -10.45 -2.75
C LYS A 124 18.73 -11.08 -3.25
N SER A 125 19.66 -10.23 -3.65
CA SER A 125 20.83 -10.54 -4.46
C SER A 125 22.13 -10.35 -3.66
N GLN A 126 23.27 -10.83 -4.18
CA GLN A 126 24.55 -10.95 -3.46
C GLN A 126 24.48 -11.89 -2.24
N TYR A 127 23.38 -12.65 -2.06
CA TYR A 127 23.06 -13.52 -0.90
C TYR A 127 24.00 -14.74 -0.68
N ARG A 128 25.21 -14.70 -1.25
CA ARG A 128 26.35 -15.60 -0.99
C ARG A 128 27.67 -14.81 -0.79
N GLY A 129 27.60 -13.51 -0.46
CA GLY A 129 28.73 -12.70 -0.02
C GLY A 129 29.13 -12.99 1.44
N PRO A 130 30.12 -12.26 2.00
CA PRO A 130 30.68 -12.54 3.32
C PRO A 130 29.77 -12.12 4.49
N GLY A 131 28.88 -11.14 4.27
CA GLY A 131 27.96 -10.62 5.29
C GLY A 131 27.14 -9.41 4.84
N GLU A 132 26.87 -9.33 3.53
CA GLU A 132 26.40 -8.15 2.83
C GLU A 132 25.56 -8.62 1.63
N TYR A 133 24.43 -7.94 1.36
CA TYR A 133 23.47 -8.30 0.32
C TYR A 133 22.47 -7.18 -0.02
N LEU A 134 21.89 -7.24 -1.22
CA LEU A 134 20.92 -6.29 -1.76
C LEU A 134 19.51 -6.90 -1.71
N VAL A 135 18.46 -6.08 -1.58
CA VAL A 135 17.05 -6.52 -1.69
C VAL A 135 16.35 -5.69 -2.77
N ASP A 136 15.77 -6.39 -3.75
CA ASP A 136 15.53 -5.88 -5.11
C ASP A 136 14.03 -6.02 -5.43
N HIS A 137 13.27 -4.94 -5.32
CA HIS A 137 11.80 -4.96 -5.28
C HIS A 137 11.13 -3.77 -6.00
N THR A 138 9.89 -3.94 -6.48
CA THR A 138 9.19 -2.98 -7.37
C THR A 138 8.65 -1.72 -6.67
N ALA A 139 8.55 -1.71 -5.33
CA ALA A 139 8.22 -0.53 -4.52
C ALA A 139 6.91 0.20 -4.93
N THR A 140 5.93 -0.52 -5.52
CA THR A 140 4.79 0.12 -6.21
C THR A 140 3.57 0.23 -5.31
N THR A 141 2.75 1.22 -5.64
CA THR A 141 1.45 1.53 -5.04
C THR A 141 0.31 1.10 -5.96
N PHE A 142 -0.78 0.65 -5.35
CA PHE A 142 -1.99 0.15 -6.00
C PHE A 142 -3.24 0.63 -5.25
N VAL A 143 -4.39 0.72 -5.92
CA VAL A 143 -5.59 1.32 -5.31
C VAL A 143 -6.85 0.53 -5.65
N VAL A 144 -7.63 0.26 -4.60
CA VAL A 144 -8.80 -0.61 -4.64
C VAL A 144 -10.07 0.07 -4.09
N LYS A 145 -11.19 -0.22 -4.75
CA LYS A 145 -12.57 0.14 -4.42
C LYS A 145 -13.37 -1.16 -4.30
N GLU A 146 -14.09 -1.33 -3.18
CA GLU A 146 -14.70 -2.60 -2.76
C GLU A 146 -13.62 -3.65 -2.40
N GLY A 147 -12.41 -3.25 -2.03
CA GLY A 147 -11.28 -4.20 -1.96
C GLY A 147 -10.79 -4.68 -3.34
N ARG A 148 -11.42 -4.26 -4.45
CA ARG A 148 -11.16 -4.70 -5.83
C ARG A 148 -10.35 -3.69 -6.66
N LEU A 149 -9.52 -4.18 -7.59
CA LEU A 149 -8.46 -3.40 -8.22
C LEU A 149 -9.01 -2.56 -9.38
N VAL A 150 -9.07 -1.24 -9.17
CA VAL A 150 -9.60 -0.24 -10.12
C VAL A 150 -8.55 0.79 -10.59
N LEU A 151 -7.41 0.90 -9.89
CA LEU A 151 -6.37 1.90 -10.18
C LEU A 151 -4.97 1.40 -9.75
N LEU A 152 -3.95 1.76 -10.54
CA LEU A 152 -2.53 1.61 -10.17
C LEU A 152 -1.85 2.98 -10.02
N TYR A 153 -0.74 2.99 -9.30
CA TYR A 153 0.15 4.14 -9.15
C TYR A 153 1.61 3.76 -9.48
N SER A 154 2.50 3.76 -8.49
CA SER A 154 3.96 4.06 -8.49
C SER A 154 4.18 5.29 -7.59
N PRO A 155 5.37 5.49 -6.97
CA PRO A 155 5.66 6.70 -6.21
C PRO A 155 5.47 7.94 -7.12
N ASP A 156 5.91 7.86 -8.38
CA ASP A 156 5.75 8.90 -9.41
C ASP A 156 4.32 9.38 -9.64
N LYS A 157 3.32 8.61 -9.17
CA LYS A 157 1.92 9.02 -9.10
C LYS A 157 1.51 9.37 -7.66
N ALA A 158 1.77 8.48 -6.70
CA ALA A 158 1.31 8.57 -5.31
C ALA A 158 1.86 9.75 -4.51
N GLU A 159 3.07 10.24 -4.84
CA GLU A 159 3.68 11.39 -4.15
C GLU A 159 2.99 12.73 -4.49
N ALA A 160 2.18 12.80 -5.55
CA ALA A 160 1.45 14.01 -5.91
C ALA A 160 0.11 14.11 -5.15
N THR A 161 0.13 14.49 -3.85
CA THR A 161 -1.06 14.63 -2.97
C THR A 161 -2.30 15.16 -3.67
N ASP A 162 -2.24 16.37 -4.23
CA ASP A 162 -3.43 17.03 -4.79
C ASP A 162 -3.94 16.34 -6.07
N ARG A 163 -3.13 15.49 -6.70
CA ARG A 163 -3.62 14.48 -7.64
C ARG A 163 -4.36 13.34 -6.94
N VAL A 164 -3.78 12.76 -5.89
CA VAL A 164 -4.44 11.69 -5.10
C VAL A 164 -5.82 12.12 -4.57
N VAL A 165 -5.98 13.39 -4.21
CA VAL A 165 -7.29 14.00 -3.86
C VAL A 165 -8.34 13.85 -4.99
N ALA A 166 -7.99 14.14 -6.24
CA ALA A 166 -8.87 14.01 -7.41
C ALA A 166 -9.09 12.56 -7.84
N ASP A 167 -8.03 11.74 -7.85
CA ASP A 167 -8.10 10.31 -8.16
C ASP A 167 -9.07 9.60 -7.17
N LEU A 168 -8.99 9.92 -5.87
CA LEU A 168 -9.92 9.45 -4.84
C LEU A 168 -11.35 9.93 -5.06
N GLN A 169 -11.56 11.19 -5.50
CA GLN A 169 -12.89 11.70 -5.82
C GLN A 169 -13.59 10.93 -6.94
N ALA A 170 -12.84 10.37 -7.89
CA ALA A 170 -13.30 9.42 -8.90
C ALA A 170 -13.55 7.97 -8.43
N LEU A 171 -13.06 7.61 -7.24
CA LEU A 171 -13.14 6.26 -6.67
C LEU A 171 -14.30 6.06 -5.70
N LEU A 172 -15.01 7.13 -5.31
CA LEU A 172 -16.14 7.09 -4.38
C LEU A 172 -17.30 6.19 -4.84
N GLY A 1 -18.93 20.90 -13.88
CA GLY A 1 -18.62 22.34 -13.70
C GLY A 1 -17.30 22.38 -12.98
N ALA A 2 -16.25 22.88 -13.64
CA ALA A 2 -14.93 22.23 -13.63
C ALA A 2 -15.06 20.76 -14.10
N MET A 3 -14.00 19.97 -13.96
CA MET A 3 -13.93 18.57 -14.41
C MET A 3 -12.93 17.78 -13.57
N HIS A 4 -13.23 16.52 -13.28
CA HIS A 4 -12.39 15.65 -12.44
C HIS A 4 -11.31 14.97 -13.30
N THR A 5 -10.26 15.70 -13.65
CA THR A 5 -9.15 15.19 -14.48
C THR A 5 -8.16 14.39 -13.63
N PHE A 6 -7.77 13.23 -14.15
CA PHE A 6 -7.07 12.16 -13.41
C PHE A 6 -5.54 12.36 -13.33
N TYR A 7 -4.89 11.66 -12.39
CA TYR A 7 -3.43 11.60 -12.26
C TYR A 7 -2.85 10.18 -12.13
N GLY A 8 -3.65 9.19 -11.72
CA GLY A 8 -3.23 7.78 -11.68
C GLY A 8 -3.47 7.05 -13.01
N THR A 9 -2.88 5.84 -13.15
CA THR A 9 -3.00 5.02 -14.35
C THR A 9 -4.28 4.20 -14.26
N ARG A 10 -5.29 4.57 -15.05
CA ARG A 10 -6.65 4.09 -14.90
C ARG A 10 -6.90 2.84 -15.75
N LEU A 11 -7.52 1.83 -15.13
CA LEU A 11 -7.54 0.46 -15.66
C LEU A 11 -8.47 0.25 -16.87
N LEU A 12 -9.53 1.06 -16.97
CA LEU A 12 -10.74 0.81 -17.77
C LEU A 12 -11.47 -0.43 -17.21
N ASN A 13 -10.95 -1.63 -17.45
CA ASN A 13 -11.49 -2.87 -16.90
C ASN A 13 -10.87 -3.24 -15.53
N PRO A 14 -11.65 -3.28 -14.44
CA PRO A 14 -11.17 -3.64 -13.10
C PRO A 14 -11.09 -5.16 -12.91
N LYS A 15 -10.59 -5.61 -11.74
CA LYS A 15 -10.50 -7.03 -11.43
C LYS A 15 -10.69 -7.31 -9.93
N PRO A 16 -11.43 -8.36 -9.50
CA PRO A 16 -11.50 -8.75 -8.10
C PRO A 16 -10.13 -9.28 -7.64
N VAL A 17 -9.85 -9.19 -6.34
CA VAL A 17 -8.58 -9.57 -5.69
C VAL A 17 -8.82 -9.94 -4.22
N ASP A 18 -7.93 -10.75 -3.64
CA ASP A 18 -7.81 -11.00 -2.19
C ASP A 18 -6.32 -11.16 -1.84
N PHE A 19 -6.03 -11.46 -0.57
CA PHE A 19 -4.78 -12.04 -0.04
C PHE A 19 -4.95 -12.39 1.44
N ALA A 20 -4.01 -13.14 2.00
CA ALA A 20 -3.80 -13.28 3.44
C ALA A 20 -2.37 -12.87 3.82
N LEU A 21 -2.23 -12.04 4.86
CA LEU A 21 -0.97 -11.53 5.41
C LEU A 21 -0.96 -11.67 6.94
N GLU A 22 0.20 -11.39 7.54
CA GLU A 22 0.38 -11.26 8.99
C GLU A 22 0.45 -9.78 9.38
N GLY A 23 -0.10 -9.50 10.56
CA GLY A 23 0.06 -8.26 11.32
C GLY A 23 0.32 -8.59 12.81
N PRO A 24 0.76 -7.63 13.65
CA PRO A 24 1.22 -7.85 15.03
C PRO A 24 0.07 -8.05 16.04
N GLN A 25 -0.99 -8.77 15.64
CA GLN A 25 -2.14 -9.12 16.48
C GLN A 25 -2.86 -10.38 15.99
N GLY A 26 -2.81 -10.66 14.67
CA GLY A 26 -3.41 -11.84 14.04
C GLY A 26 -3.24 -11.82 12.51
N PRO A 27 -3.70 -12.86 11.80
CA PRO A 27 -3.72 -12.88 10.34
C PRO A 27 -4.80 -11.92 9.82
N VAL A 28 -4.49 -11.24 8.71
CA VAL A 28 -5.37 -10.23 8.08
C VAL A 28 -5.54 -10.55 6.60
N ARG A 29 -6.79 -10.56 6.10
CA ARG A 29 -7.08 -10.68 4.68
C ARG A 29 -7.56 -9.38 4.04
N LEU A 30 -7.44 -9.26 2.72
CA LEU A 30 -8.14 -8.21 1.97
C LEU A 30 -9.67 -8.42 2.00
N SER A 31 -10.13 -9.67 2.18
CA SER A 31 -11.53 -9.98 2.52
C SER A 31 -12.07 -9.33 3.81
N GLN A 32 -11.25 -8.62 4.60
CA GLN A 32 -11.68 -7.87 5.79
C GLN A 32 -12.18 -6.46 5.42
N PHE A 33 -11.95 -6.00 4.19
CA PHE A 33 -12.11 -4.60 3.77
C PHE A 33 -13.00 -4.46 2.51
N GLN A 34 -13.83 -5.46 2.25
CA GLN A 34 -14.72 -5.58 1.10
C GLN A 34 -15.98 -4.75 1.31
N ASP A 35 -15.75 -3.47 1.06
CA ASP A 35 -16.64 -2.31 1.19
C ASP A 35 -15.82 -1.05 0.88
N LYS A 36 -14.63 -1.02 1.49
CA LYS A 36 -13.79 0.17 1.64
C LYS A 36 -13.01 0.56 0.39
N VAL A 37 -12.42 1.74 0.48
CA VAL A 37 -11.37 2.30 -0.37
C VAL A 37 -10.09 1.94 0.37
N VAL A 38 -9.39 0.98 -0.19
CA VAL A 38 -8.15 0.41 0.34
C VAL A 38 -7.00 0.87 -0.55
N LEU A 39 -5.95 1.37 0.09
CA LEU A 39 -4.68 1.74 -0.54
C LEU A 39 -3.63 0.70 -0.14
N LEU A 40 -3.04 0.05 -1.14
CA LEU A 40 -1.98 -0.93 -0.97
C LEU A 40 -0.65 -0.29 -1.40
N PHE A 41 0.40 -0.50 -0.61
CA PHE A 41 1.76 -0.03 -0.93
C PHE A 41 2.79 -1.09 -0.51
N PHE A 42 3.79 -1.32 -1.38
CA PHE A 42 4.83 -2.33 -1.22
C PHE A 42 6.20 -1.65 -1.03
N GLY A 43 6.73 -1.73 0.20
CA GLY A 43 7.97 -1.09 0.65
C GLY A 43 8.77 -1.88 1.68
N PHE A 44 9.88 -1.29 2.14
CA PHE A 44 10.65 -1.73 3.33
C PHE A 44 9.96 -1.19 4.60
N THR A 45 10.66 -0.39 5.42
CA THR A 45 10.13 0.84 6.06
C THR A 45 10.86 2.11 5.61
N ARG A 46 11.99 1.98 4.90
CA ARG A 46 12.86 3.11 4.54
C ARG A 46 12.75 3.50 3.06
N CYS A 47 13.03 2.58 2.12
CA CYS A 47 13.12 2.91 0.68
C CYS A 47 14.28 3.93 0.45
N PRO A 48 14.43 4.57 -0.72
CA PRO A 48 15.30 5.74 -0.87
C PRO A 48 14.77 6.97 -0.10
N ASP A 49 13.44 7.10 -0.01
CA ASP A 49 12.65 8.07 0.78
C ASP A 49 11.15 7.75 0.64
N VAL A 50 10.79 7.17 -0.50
CA VAL A 50 9.48 6.59 -0.86
C VAL A 50 8.68 5.90 0.27
N CYS A 51 9.26 5.38 1.36
CA CYS A 51 8.43 5.07 2.54
C CYS A 51 8.01 6.34 3.33
N PRO A 52 8.91 7.11 3.98
CA PRO A 52 8.54 8.36 4.65
C PRO A 52 7.77 9.33 3.76
N THR A 53 8.27 9.65 2.56
CA THR A 53 7.59 10.57 1.61
C THR A 53 6.21 10.07 1.20
N THR A 54 6.09 8.87 0.63
CA THR A 54 4.80 8.38 0.14
C THR A 54 3.83 8.06 1.27
N LEU A 55 4.27 7.58 2.45
CA LEU A 55 3.41 7.46 3.63
C LEU A 55 2.96 8.84 4.12
N LEU A 56 3.79 9.89 4.00
CA LEU A 56 3.38 11.25 4.36
C LEU A 56 2.34 11.80 3.36
N ALA A 57 2.51 11.54 2.06
CA ALA A 57 1.50 11.90 1.06
C ALA A 57 0.18 11.13 1.24
N LEU A 58 0.24 9.80 1.40
CA LEU A 58 -0.90 8.93 1.71
C LEU A 58 -1.67 9.45 2.93
N LYS A 59 -0.99 9.74 4.04
CA LYS A 59 -1.67 10.30 5.22
C LYS A 59 -2.15 11.74 5.06
N ARG A 60 -1.42 12.61 4.33
CA ARG A 60 -1.96 13.95 4.05
C ARG A 60 -3.23 13.88 3.22
N ALA A 61 -3.40 12.87 2.36
CA ALA A 61 -4.65 12.68 1.63
C ALA A 61 -5.80 12.45 2.60
N TYR A 62 -5.64 11.55 3.58
CA TYR A 62 -6.64 11.30 4.62
C TYR A 62 -6.97 12.57 5.46
N GLU A 63 -5.96 13.36 5.82
CA GLU A 63 -6.10 14.65 6.51
C GLU A 63 -6.77 15.73 5.64
N LYS A 64 -6.79 15.55 4.31
CA LYS A 64 -7.45 16.42 3.34
C LYS A 64 -8.81 15.87 2.85
N LEU A 65 -9.13 14.59 3.14
CA LEU A 65 -10.35 13.88 2.76
C LEU A 65 -11.48 14.17 3.76
N PRO A 66 -12.66 14.65 3.32
CA PRO A 66 -13.73 15.08 4.22
C PRO A 66 -14.22 13.91 5.08
N PRO A 67 -14.90 14.18 6.21
CA PRO A 67 -15.42 13.16 7.11
C PRO A 67 -16.29 12.12 6.38
N LYS A 68 -16.93 12.47 5.25
CA LYS A 68 -17.77 11.52 4.51
C LYS A 68 -16.97 10.61 3.57
N ALA A 69 -15.79 11.03 3.10
CA ALA A 69 -14.85 10.15 2.40
C ALA A 69 -14.06 9.23 3.35
N GLN A 70 -13.57 9.72 4.50
CA GLN A 70 -12.72 8.88 5.35
C GLN A 70 -13.43 7.65 5.94
N GLU A 71 -14.76 7.68 6.07
CA GLU A 71 -15.64 6.49 6.30
C GLU A 71 -15.26 5.26 5.47
N ARG A 72 -14.72 5.55 4.28
CA ARG A 72 -14.32 4.55 3.30
C ARG A 72 -12.83 4.25 3.32
N VAL A 73 -11.95 5.05 3.92
CA VAL A 73 -10.51 5.04 3.63
C VAL A 73 -9.71 4.39 4.78
N GLN A 74 -8.96 3.34 4.44
CA GLN A 74 -8.02 2.64 5.32
C GLN A 74 -6.78 2.26 4.50
N VAL A 75 -5.57 2.44 5.03
CA VAL A 75 -4.33 2.25 4.26
C VAL A 75 -3.54 1.06 4.80
N ILE A 76 -3.15 0.14 3.92
CA ILE A 76 -2.56 -1.16 4.24
C ILE A 76 -1.16 -1.23 3.63
N PHE A 77 -0.13 -1.22 4.49
CA PHE A 77 1.25 -1.24 4.05
C PHE A 77 1.80 -2.67 4.14
N VAL A 78 2.17 -3.28 3.00
CA VAL A 78 2.76 -4.63 2.95
C VAL A 78 4.28 -4.49 2.80
N SER A 79 5.05 -5.08 3.72
CA SER A 79 6.50 -5.05 3.59
C SER A 79 7.07 -6.17 2.71
N VAL A 80 8.25 -5.93 2.14
CA VAL A 80 8.81 -6.77 1.04
C VAL A 80 9.91 -7.75 1.49
N ASP A 81 10.56 -7.50 2.64
CA ASP A 81 11.58 -8.38 3.21
C ASP A 81 11.44 -8.41 4.75
N PRO A 82 10.94 -9.52 5.33
CA PRO A 82 10.70 -9.61 6.78
C PRO A 82 12.00 -9.73 7.60
N GLU A 83 13.14 -10.07 6.98
CA GLU A 83 14.45 -10.06 7.65
C GLU A 83 14.94 -8.62 7.89
N ARG A 84 14.37 -7.64 7.17
CA ARG A 84 14.63 -6.20 7.35
C ARG A 84 13.48 -5.53 8.08
N ASP A 85 12.24 -5.87 7.73
CA ASP A 85 11.02 -5.15 8.09
C ASP A 85 9.88 -6.14 8.43
N PRO A 86 9.93 -6.77 9.62
CA PRO A 86 8.89 -7.64 10.16
C PRO A 86 7.65 -6.83 10.60
N PRO A 87 6.48 -7.47 10.83
CA PRO A 87 5.18 -6.78 10.97
C PRO A 87 5.20 -5.73 12.07
N GLU A 88 5.84 -6.02 13.20
CA GLU A 88 6.06 -5.07 14.30
C GLU A 88 6.72 -3.76 13.86
N VAL A 89 7.79 -3.82 13.05
CA VAL A 89 8.53 -2.60 12.67
C VAL A 89 7.72 -1.76 11.68
N ALA A 90 7.01 -2.41 10.75
CA ALA A 90 6.10 -1.74 9.82
C ALA A 90 4.92 -1.05 10.55
N ASP A 91 4.26 -1.78 11.44
CA ASP A 91 3.02 -1.32 12.07
C ASP A 91 3.24 -0.18 13.07
N ARG A 92 4.36 -0.21 13.79
CA ARG A 92 4.83 0.92 14.61
C ARG A 92 5.11 2.14 13.74
N TYR A 93 5.91 1.94 12.69
CA TYR A 93 6.40 3.03 11.84
C TYR A 93 5.30 3.78 11.10
N ALA A 94 4.43 3.05 10.40
CA ALA A 94 3.28 3.62 9.71
C ALA A 94 2.38 4.41 10.68
N LYS A 95 2.02 3.82 11.83
CA LYS A 95 1.22 4.51 12.84
C LYS A 95 1.93 5.68 13.57
N ALA A 96 3.25 5.81 13.52
CA ALA A 96 3.94 7.04 13.93
C ALA A 96 3.65 8.23 12.98
N PHE A 97 3.39 7.97 11.70
CA PHE A 97 2.93 8.98 10.73
C PHE A 97 1.43 9.24 10.82
N HIS A 98 0.59 8.21 11.05
CA HIS A 98 -0.88 8.34 10.96
C HIS A 98 -1.65 7.08 11.39
N PRO A 99 -2.80 7.22 12.07
CA PRO A 99 -3.53 6.10 12.69
C PRO A 99 -4.33 5.22 11.72
N SER A 100 -4.78 5.70 10.55
CA SER A 100 -5.51 4.86 9.57
C SER A 100 -4.56 4.04 8.67
N PHE A 101 -3.30 3.89 9.09
CA PHE A 101 -2.37 2.88 8.59
C PHE A 101 -2.42 1.62 9.44
N LEU A 102 -2.35 0.47 8.75
CA LEU A 102 -2.05 -0.85 9.29
C LEU A 102 -0.76 -1.37 8.64
N GLY A 103 0.18 -1.90 9.44
CA GLY A 103 1.41 -2.52 8.95
C GLY A 103 1.33 -4.05 8.90
N LEU A 104 1.54 -4.61 7.71
CA LEU A 104 1.55 -6.05 7.43
C LEU A 104 2.94 -6.47 6.89
N SER A 105 3.54 -7.46 7.53
CA SER A 105 4.68 -8.22 7.00
C SER A 105 4.63 -9.63 7.60
N GLY A 106 5.36 -10.62 7.08
CA GLY A 106 5.29 -11.97 7.63
C GLY A 106 5.94 -13.02 6.77
N SER A 107 5.29 -14.18 6.73
CA SER A 107 5.75 -15.37 6.03
C SER A 107 5.97 -15.08 4.53
N PRO A 108 7.11 -15.51 3.94
CA PRO A 108 7.52 -15.12 2.59
C PRO A 108 6.45 -15.44 1.56
N GLU A 109 5.97 -16.69 1.51
CA GLU A 109 4.88 -17.08 0.60
C GLU A 109 3.56 -16.30 0.84
N ALA A 110 3.27 -15.86 2.07
CA ALA A 110 2.08 -15.05 2.37
C ALA A 110 2.24 -13.63 1.80
N VAL A 111 3.39 -13.00 2.03
CA VAL A 111 3.74 -11.73 1.33
C VAL A 111 3.66 -11.93 -0.20
N ARG A 112 4.03 -13.13 -0.67
CA ARG A 112 4.04 -13.48 -2.09
C ARG A 112 2.62 -13.59 -2.68
N GLU A 113 1.63 -14.14 -1.97
CA GLU A 113 0.21 -14.15 -2.39
C GLU A 113 -0.29 -12.75 -2.76
N ALA A 114 -0.15 -11.80 -1.82
CA ALA A 114 -0.55 -10.40 -2.02
C ALA A 114 0.16 -9.76 -3.21
N ALA A 115 1.47 -9.95 -3.29
CA ALA A 115 2.30 -9.41 -4.37
C ALA A 115 1.89 -9.95 -5.75
N GLN A 116 1.80 -11.28 -5.91
CA GLN A 116 1.37 -11.90 -7.17
C GLN A 116 0.03 -11.37 -7.65
N THR A 117 -0.93 -11.21 -6.72
CA THR A 117 -2.32 -10.90 -7.04
C THR A 117 -2.49 -9.46 -7.55
N PHE A 118 -1.78 -8.52 -6.94
CA PHE A 118 -1.67 -7.13 -7.38
C PHE A 118 -0.77 -6.93 -8.61
N GLY A 119 0.12 -7.88 -8.93
CA GLY A 119 1.12 -7.79 -10.02
C GLY A 119 2.49 -7.26 -9.58
N VAL A 120 2.79 -7.34 -8.30
CA VAL A 120 4.09 -6.97 -7.70
C VAL A 120 5.05 -8.17 -7.75
N PHE A 121 6.30 -7.84 -8.02
CA PHE A 121 7.45 -8.72 -8.03
C PHE A 121 8.52 -8.16 -7.08
N TYR A 122 9.09 -9.03 -6.25
CA TYR A 122 10.23 -8.75 -5.39
C TYR A 122 11.16 -9.96 -5.37
N GLN A 123 12.47 -9.74 -5.32
CA GLN A 123 13.49 -10.78 -5.44
C GLN A 123 14.68 -10.43 -4.54
N LYS A 124 15.45 -11.42 -4.08
CA LYS A 124 16.77 -11.15 -3.49
C LYS A 124 17.83 -12.19 -3.88
N SER A 125 19.07 -11.75 -4.02
CA SER A 125 20.19 -12.54 -4.53
C SER A 125 21.52 -12.22 -3.80
N GLN A 126 22.55 -13.04 -4.04
CA GLN A 126 23.89 -12.95 -3.42
C GLN A 126 23.87 -13.25 -1.90
N TYR A 127 22.85 -13.96 -1.42
CA TYR A 127 22.62 -14.28 0.01
C TYR A 127 23.87 -14.78 0.76
N ARG A 128 24.50 -13.86 1.51
CA ARG A 128 25.78 -14.07 2.19
C ARG A 128 25.71 -13.84 3.71
N GLY A 129 24.65 -13.22 4.24
CA GLY A 129 24.33 -13.18 5.68
C GLY A 129 25.23 -12.20 6.42
N PRO A 130 26.21 -12.63 7.24
CA PRO A 130 27.30 -11.77 7.68
C PRO A 130 28.18 -11.44 6.46
N GLY A 131 27.80 -10.37 5.74
CA GLY A 131 28.26 -10.06 4.38
C GLY A 131 27.14 -9.71 3.40
N GLU A 132 25.87 -9.67 3.86
CA GLU A 132 24.72 -9.00 3.25
C GLU A 132 24.14 -9.76 2.04
N TYR A 133 23.50 -9.04 1.11
CA TYR A 133 22.69 -9.49 -0.04
C TYR A 133 22.09 -8.31 -0.81
N LEU A 134 21.64 -8.52 -2.06
CA LEU A 134 20.96 -7.51 -2.89
C LEU A 134 19.47 -7.85 -3.06
N VAL A 135 18.61 -6.82 -3.18
CA VAL A 135 17.14 -6.93 -3.20
C VAL A 135 16.55 -6.07 -4.33
N ASP A 136 15.44 -6.53 -4.91
CA ASP A 136 14.53 -5.85 -5.84
C ASP A 136 13.09 -5.86 -5.28
N HIS A 137 12.33 -4.77 -5.43
CA HIS A 137 10.86 -4.81 -5.39
C HIS A 137 10.21 -3.77 -6.32
N THR A 138 8.97 -4.05 -6.78
CA THR A 138 8.12 -3.04 -7.43
C THR A 138 7.61 -2.08 -6.34
N ALA A 139 8.12 -0.86 -6.30
CA ALA A 139 7.79 0.13 -5.26
C ALA A 139 6.40 0.80 -5.43
N THR A 140 5.38 0.02 -5.81
CA THR A 140 4.15 0.52 -6.44
C THR A 140 3.01 0.69 -5.41
N THR A 141 2.14 1.65 -5.71
CA THR A 141 0.91 1.98 -4.96
C THR A 141 -0.30 1.57 -5.79
N PHE A 142 -1.32 1.03 -5.12
CA PHE A 142 -2.48 0.41 -5.76
C PHE A 142 -3.78 0.87 -5.09
N VAL A 143 -4.75 1.29 -5.90
CA VAL A 143 -6.08 1.66 -5.43
C VAL A 143 -7.05 0.51 -5.64
N VAL A 144 -7.67 0.11 -4.54
CA VAL A 144 -8.72 -0.92 -4.45
C VAL A 144 -10.02 -0.32 -3.89
N LYS A 145 -11.15 -0.66 -4.50
CA LYS A 145 -12.48 -0.53 -3.90
C LYS A 145 -13.08 -1.92 -3.70
N GLU A 146 -13.77 -2.23 -2.59
CA GLU A 146 -14.74 -3.35 -2.52
C GLU A 146 -14.10 -4.77 -2.50
N GLY A 147 -12.78 -4.90 -2.69
CA GLY A 147 -12.11 -6.17 -3.03
C GLY A 147 -11.77 -6.31 -4.52
N ARG A 148 -11.69 -5.20 -5.26
CA ARG A 148 -11.26 -5.15 -6.66
C ARG A 148 -10.32 -3.97 -6.93
N LEU A 149 -9.38 -4.20 -7.85
CA LEU A 149 -8.40 -3.24 -8.34
C LEU A 149 -9.15 -2.20 -9.19
N VAL A 150 -8.86 -0.91 -9.02
CA VAL A 150 -9.53 0.19 -9.76
C VAL A 150 -8.54 1.23 -10.36
N LEU A 151 -7.32 1.36 -9.82
CA LEU A 151 -6.33 2.37 -10.23
C LEU A 151 -4.92 2.06 -9.73
N LEU A 152 -3.89 2.47 -10.50
CA LEU A 152 -2.47 2.28 -10.17
C LEU A 152 -1.74 3.63 -10.01
N TYR A 153 -0.70 3.65 -9.17
CA TYR A 153 0.19 4.79 -8.96
C TYR A 153 1.67 4.37 -8.79
N SER A 154 2.58 5.02 -9.52
CA SER A 154 3.99 5.12 -9.12
C SER A 154 4.09 5.84 -7.75
N PRO A 155 5.08 5.55 -6.88
CA PRO A 155 5.19 6.19 -5.57
C PRO A 155 5.48 7.69 -5.72
N ASP A 156 6.28 8.04 -6.73
CA ASP A 156 6.61 9.39 -7.20
C ASP A 156 5.45 10.16 -7.83
N LYS A 157 4.31 9.49 -8.04
CA LYS A 157 3.04 10.11 -8.40
C LYS A 157 2.04 10.07 -7.24
N ALA A 158 2.11 9.08 -6.35
CA ALA A 158 1.41 9.12 -5.05
C ALA A 158 1.87 10.29 -4.16
N GLU A 159 3.11 10.80 -4.38
CA GLU A 159 3.61 12.10 -3.92
C GLU A 159 2.57 13.23 -4.04
N ALA A 160 1.82 13.28 -5.16
CA ALA A 160 0.88 14.35 -5.45
C ALA A 160 -0.41 14.21 -4.62
N THR A 161 -0.31 14.37 -3.29
CA THR A 161 -1.40 14.28 -2.30
C THR A 161 -2.69 14.86 -2.84
N ASP A 162 -2.66 16.14 -3.19
CA ASP A 162 -3.86 16.88 -3.57
C ASP A 162 -4.43 16.44 -4.93
N ARG A 163 -3.63 15.79 -5.80
CA ARG A 163 -4.15 14.99 -6.92
C ARG A 163 -4.80 13.69 -6.43
N VAL A 164 -4.11 12.92 -5.57
CA VAL A 164 -4.59 11.63 -5.03
C VAL A 164 -5.94 11.78 -4.33
N VAL A 165 -6.10 12.83 -3.51
CA VAL A 165 -7.36 13.20 -2.87
C VAL A 165 -8.52 13.25 -3.87
N ALA A 166 -8.36 13.97 -4.98
CA ALA A 166 -9.40 14.13 -5.99
C ALA A 166 -9.67 12.85 -6.80
N ASP A 167 -8.61 12.10 -7.15
CA ASP A 167 -8.71 10.84 -7.89
C ASP A 167 -9.51 9.81 -7.07
N LEU A 168 -9.24 9.69 -5.76
CA LEU A 168 -9.96 8.82 -4.81
C LEU A 168 -11.41 9.26 -4.55
N GLN A 169 -11.69 10.56 -4.69
CA GLN A 169 -13.03 11.11 -4.52
C GLN A 169 -14.01 10.67 -5.62
N ALA A 170 -13.54 10.17 -6.77
CA ALA A 170 -14.35 9.40 -7.72
C ALA A 170 -14.67 7.96 -7.28
N LEU A 171 -13.94 7.40 -6.30
CA LEU A 171 -13.85 5.95 -6.04
C LEU A 171 -14.45 5.54 -4.68
N LEU A 172 -15.16 6.47 -4.04
CA LEU A 172 -15.81 6.41 -2.71
C LEU A 172 -16.86 5.30 -2.47
N GLY A 1 -16.13 18.88 -9.08
CA GLY A 1 -15.67 20.28 -9.00
C GLY A 1 -16.38 21.02 -10.11
N ALA A 2 -15.63 21.47 -11.12
CA ALA A 2 -16.06 21.25 -12.50
C ALA A 2 -15.82 19.76 -12.84
N MET A 3 -15.25 19.46 -14.01
CA MET A 3 -14.57 18.17 -14.25
C MET A 3 -13.41 17.95 -13.27
N HIS A 4 -12.97 16.71 -13.12
CA HIS A 4 -11.75 16.34 -12.37
C HIS A 4 -10.75 15.71 -13.34
N THR A 5 -9.45 15.75 -13.01
CA THR A 5 -8.37 15.08 -13.75
C THR A 5 -7.89 13.87 -12.96
N PHE A 6 -7.93 12.70 -13.60
CA PHE A 6 -7.18 11.53 -13.15
C PHE A 6 -5.67 11.76 -13.38
N TYR A 7 -4.83 11.00 -12.68
CA TYR A 7 -3.37 11.03 -12.81
C TYR A 7 -2.70 9.68 -12.52
N GLY A 8 -3.37 8.74 -11.85
CA GLY A 8 -2.96 7.33 -11.83
C GLY A 8 -3.42 6.60 -13.10
N THR A 9 -3.08 5.31 -13.21
CA THR A 9 -3.47 4.48 -14.37
C THR A 9 -4.83 3.86 -14.09
N ARG A 10 -5.89 4.50 -14.58
CA ARG A 10 -7.26 4.05 -14.37
C ARG A 10 -7.53 2.71 -15.05
N LEU A 11 -8.12 1.77 -14.32
CA LEU A 11 -8.45 0.44 -14.82
C LEU A 11 -9.93 0.41 -15.22
N LEU A 12 -10.19 0.09 -16.50
CA LEU A 12 -11.54 0.04 -17.07
C LEU A 12 -12.23 -1.30 -16.81
N ASN A 13 -11.46 -2.39 -16.74
CA ASN A 13 -11.91 -3.74 -16.43
C ASN A 13 -11.30 -4.19 -15.07
N PRO A 14 -11.83 -3.69 -13.93
CA PRO A 14 -11.21 -3.85 -12.62
C PRO A 14 -11.33 -5.27 -12.08
N LYS A 15 -10.22 -5.81 -11.59
CA LYS A 15 -10.15 -7.17 -11.08
C LYS A 15 -10.45 -7.22 -9.55
N PRO A 16 -11.30 -8.15 -9.08
CA PRO A 16 -11.51 -8.39 -7.66
C PRO A 16 -10.26 -9.03 -7.06
N VAL A 17 -10.01 -8.83 -5.76
CA VAL A 17 -8.77 -9.21 -5.09
C VAL A 17 -9.02 -9.47 -3.59
N ASP A 18 -8.45 -10.57 -3.10
CA ASP A 18 -8.23 -10.88 -1.69
C ASP A 18 -6.81 -11.45 -1.51
N PHE A 19 -6.32 -11.43 -0.27
CA PHE A 19 -5.15 -12.17 0.17
C PHE A 19 -5.26 -12.43 1.68
N ALA A 20 -4.56 -13.46 2.17
CA ALA A 20 -4.32 -13.69 3.59
C ALA A 20 -2.90 -13.25 3.98
N LEU A 21 -2.79 -12.40 5.01
CA LEU A 21 -1.52 -11.96 5.59
C LEU A 21 -1.61 -11.85 7.12
N GLU A 22 -0.48 -11.58 7.76
CA GLU A 22 -0.29 -11.47 9.19
C GLU A 22 -0.05 -10.00 9.58
N GLY A 23 -0.43 -9.64 10.80
CA GLY A 23 -0.13 -8.37 11.47
C GLY A 23 0.20 -8.61 12.94
N PRO A 24 0.56 -7.56 13.71
CA PRO A 24 0.97 -7.66 15.14
C PRO A 24 -0.16 -8.05 16.11
N GLN A 25 -1.25 -8.66 15.63
CA GLN A 25 -2.42 -9.09 16.41
C GLN A 25 -2.99 -10.44 15.92
N GLY A 26 -2.41 -11.08 14.89
CA GLY A 26 -2.99 -12.24 14.22
C GLY A 26 -3.18 -12.05 12.71
N PRO A 27 -3.78 -13.04 12.01
CA PRO A 27 -4.03 -12.99 10.57
C PRO A 27 -5.16 -12.01 10.22
N VAL A 28 -5.04 -11.37 9.06
CA VAL A 28 -6.00 -10.42 8.47
C VAL A 28 -6.14 -10.76 6.99
N ARG A 29 -7.34 -10.62 6.41
CA ARG A 29 -7.54 -10.76 4.96
C ARG A 29 -7.93 -9.43 4.34
N LEU A 30 -7.56 -9.19 3.08
CA LEU A 30 -8.03 -8.02 2.33
C LEU A 30 -9.57 -7.99 2.20
N SER A 31 -10.22 -9.14 2.21
CA SER A 31 -11.67 -9.32 2.34
C SER A 31 -12.30 -8.60 3.56
N GLN A 32 -11.53 -8.27 4.61
CA GLN A 32 -11.98 -7.40 5.72
C GLN A 32 -12.33 -5.98 5.26
N PHE A 33 -11.88 -5.57 4.07
CA PHE A 33 -12.01 -4.23 3.50
C PHE A 33 -12.72 -4.24 2.13
N GLN A 34 -13.49 -5.30 1.85
CA GLN A 34 -14.19 -5.47 0.56
C GLN A 34 -15.44 -4.58 0.39
N ASP A 35 -15.95 -3.95 1.45
CA ASP A 35 -16.94 -2.87 1.39
C ASP A 35 -16.28 -1.49 1.13
N LYS A 36 -14.98 -1.39 1.42
CA LYS A 36 -14.29 -0.13 1.65
C LYS A 36 -13.44 0.33 0.45
N VAL A 37 -12.73 1.44 0.67
CA VAL A 37 -11.66 1.96 -0.18
C VAL A 37 -10.36 1.77 0.60
N VAL A 38 -9.37 1.16 -0.06
CA VAL A 38 -8.05 0.87 0.53
C VAL A 38 -6.94 1.31 -0.41
N LEU A 39 -5.97 2.01 0.19
CA LEU A 39 -4.67 2.36 -0.41
C LEU A 39 -3.65 1.31 0.05
N LEU A 40 -3.25 0.44 -0.87
CA LEU A 40 -2.27 -0.62 -0.63
C LEU A 40 -0.91 -0.16 -1.14
N PHE A 41 0.05 -0.02 -0.23
CA PHE A 41 1.42 0.37 -0.56
C PHE A 41 2.40 -0.75 -0.18
N PHE A 42 3.15 -1.20 -1.20
CA PHE A 42 4.17 -2.22 -1.08
C PHE A 42 5.53 -1.54 -0.93
N GLY A 43 6.00 -1.51 0.33
CA GLY A 43 7.24 -0.89 0.75
C GLY A 43 7.97 -1.67 1.84
N PHE A 44 9.08 -1.12 2.31
CA PHE A 44 9.77 -1.57 3.51
C PHE A 44 10.22 -0.35 4.33
N THR A 45 10.39 -0.50 5.65
CA THR A 45 10.78 0.54 6.62
C THR A 45 12.20 1.11 6.44
N ARG A 46 12.77 1.06 5.23
CA ARG A 46 14.10 1.59 4.94
C ARG A 46 14.32 2.05 3.49
N CYS A 47 13.30 2.65 2.88
CA CYS A 47 13.51 3.56 1.75
C CYS A 47 14.40 4.76 2.19
N PRO A 48 15.16 5.41 1.28
CA PRO A 48 16.07 6.50 1.65
C PRO A 48 15.34 7.80 2.00
N ASP A 49 14.29 8.15 1.26
CA ASP A 49 13.54 9.41 1.40
C ASP A 49 12.02 9.18 1.24
N VAL A 50 11.64 8.43 0.20
CA VAL A 50 10.35 7.74 -0.01
C VAL A 50 9.77 7.06 1.25
N CYS A 51 10.56 6.80 2.30
CA CYS A 51 10.08 6.19 3.54
C CYS A 51 9.19 7.14 4.35
N PRO A 52 9.60 8.38 4.68
CA PRO A 52 8.66 9.40 5.12
C PRO A 52 7.84 9.98 3.97
N THR A 53 8.41 10.24 2.78
CA THR A 53 7.75 11.04 1.72
C THR A 53 6.45 10.40 1.22
N THR A 54 6.47 9.17 0.68
CA THR A 54 5.25 8.46 0.25
C THR A 54 4.26 8.29 1.39
N LEU A 55 4.69 7.91 2.61
CA LEU A 55 3.75 7.77 3.73
C LEU A 55 3.13 9.11 4.14
N LEU A 56 3.88 10.21 4.05
CA LEU A 56 3.37 11.54 4.31
C LEU A 56 2.38 11.96 3.23
N ALA A 57 2.62 11.66 1.95
CA ALA A 57 1.69 11.98 0.86
C ALA A 57 0.38 11.18 0.98
N LEU A 58 0.48 9.86 1.18
CA LEU A 58 -0.67 8.97 1.44
C LEU A 58 -1.54 9.54 2.58
N LYS A 59 -0.94 9.78 3.75
CA LYS A 59 -1.67 10.29 4.91
C LYS A 59 -2.18 11.74 4.71
N ARG A 60 -1.44 12.59 3.98
CA ARG A 60 -1.89 13.94 3.63
C ARG A 60 -3.09 13.88 2.66
N ALA A 61 -3.22 12.83 1.85
CA ALA A 61 -4.40 12.60 1.02
C ALA A 61 -5.64 12.22 1.86
N TYR A 62 -5.48 11.35 2.87
CA TYR A 62 -6.52 11.09 3.87
C TYR A 62 -6.94 12.38 4.62
N GLU A 63 -5.98 13.23 5.01
CA GLU A 63 -6.25 14.50 5.70
C GLU A 63 -6.90 15.54 4.77
N LYS A 64 -6.81 15.37 3.45
CA LYS A 64 -7.52 16.19 2.47
C LYS A 64 -9.02 15.82 2.30
N LEU A 65 -9.50 14.74 2.91
CA LEU A 65 -10.84 14.20 2.66
C LEU A 65 -11.91 14.93 3.51
N PRO A 66 -13.12 15.21 2.97
CA PRO A 66 -14.26 15.58 3.79
C PRO A 66 -14.64 14.43 4.74
N PRO A 67 -15.29 14.73 5.87
CA PRO A 67 -15.63 13.74 6.89
C PRO A 67 -16.61 12.66 6.42
N LYS A 68 -17.15 12.75 5.19
CA LYS A 68 -17.94 11.67 4.57
C LYS A 68 -17.18 10.87 3.48
N ALA A 69 -16.07 11.40 2.96
CA ALA A 69 -15.09 10.60 2.24
C ALA A 69 -14.27 9.71 3.17
N GLN A 70 -13.79 10.21 4.32
CA GLN A 70 -12.92 9.43 5.20
C GLN A 70 -13.52 8.08 5.64
N GLU A 71 -14.85 8.03 5.84
CA GLU A 71 -15.57 6.88 6.44
C GLU A 71 -15.42 5.58 5.65
N ARG A 72 -15.15 5.70 4.35
CA ARG A 72 -14.82 4.55 3.51
C ARG A 72 -13.32 4.30 3.31
N VAL A 73 -12.41 5.21 3.68
CA VAL A 73 -10.98 5.15 3.32
C VAL A 73 -10.15 4.65 4.51
N GLN A 74 -9.25 3.71 4.22
CA GLN A 74 -8.20 3.21 5.12
C GLN A 74 -6.90 3.02 4.32
N VAL A 75 -5.75 3.00 4.99
CA VAL A 75 -4.44 2.86 4.33
C VAL A 75 -3.75 1.59 4.86
N ILE A 76 -3.08 0.84 3.99
CA ILE A 76 -2.49 -0.47 4.32
C ILE A 76 -1.07 -0.57 3.76
N PHE A 77 -0.11 -0.73 4.67
CA PHE A 77 1.30 -0.88 4.35
C PHE A 77 1.65 -2.37 4.41
N VAL A 78 1.98 -2.95 3.25
CA VAL A 78 2.38 -4.35 3.11
C VAL A 78 3.89 -4.39 2.95
N SER A 79 4.56 -5.07 3.89
CA SER A 79 6.01 -5.16 3.84
C SER A 79 6.45 -6.17 2.80
N VAL A 80 7.51 -5.82 2.06
CA VAL A 80 8.01 -6.58 0.90
C VAL A 80 9.18 -7.50 1.25
N ASP A 81 9.52 -7.63 2.54
CA ASP A 81 10.70 -8.37 2.99
C ASP A 81 10.51 -8.94 4.42
N PRO A 82 10.43 -10.27 4.58
CA PRO A 82 10.27 -10.92 5.87
C PRO A 82 11.61 -11.15 6.60
N GLU A 83 12.76 -10.99 5.92
CA GLU A 83 14.11 -11.17 6.48
C GLU A 83 14.62 -9.90 7.20
N ARG A 84 13.87 -8.79 7.14
CA ARG A 84 14.24 -7.51 7.76
C ARG A 84 13.06 -6.60 8.17
N ASP A 85 11.85 -6.77 7.62
CA ASP A 85 10.75 -5.79 7.75
C ASP A 85 9.48 -6.43 8.39
N PRO A 86 9.55 -6.89 9.66
CA PRO A 86 8.50 -7.67 10.31
C PRO A 86 7.24 -6.84 10.61
N PRO A 87 6.05 -7.49 10.68
CA PRO A 87 4.73 -6.83 10.68
C PRO A 87 4.61 -5.72 11.71
N GLU A 88 5.09 -5.96 12.93
CA GLU A 88 4.99 -5.02 14.06
C GLU A 88 5.79 -3.73 13.84
N VAL A 89 6.99 -3.83 13.24
CA VAL A 89 7.85 -2.68 12.93
C VAL A 89 7.27 -1.86 11.76
N ALA A 90 6.78 -2.56 10.72
CA ALA A 90 6.09 -1.96 9.59
C ALA A 90 4.79 -1.23 10.02
N ASP A 91 4.00 -1.85 10.90
CA ASP A 91 2.73 -1.33 11.42
C ASP A 91 2.90 -0.13 12.37
N ARG A 92 3.83 -0.21 13.32
CA ARG A 92 4.06 0.90 14.25
C ARG A 92 4.62 2.14 13.54
N TYR A 93 5.40 1.95 12.47
CA TYR A 93 5.86 3.04 11.60
C TYR A 93 4.72 3.63 10.78
N ALA A 94 3.92 2.79 10.13
CA ALA A 94 2.72 3.20 9.40
C ALA A 94 1.75 4.03 10.27
N LYS A 95 1.39 3.55 11.47
CA LYS A 95 0.51 4.30 12.37
C LYS A 95 1.12 5.57 12.99
N ALA A 96 2.45 5.73 12.99
CA ALA A 96 3.10 6.96 13.49
C ALA A 96 2.76 8.20 12.66
N PHE A 97 2.40 8.02 11.38
CA PHE A 97 1.83 9.07 10.55
C PHE A 97 0.39 9.43 10.95
N HIS A 98 -0.46 8.42 11.15
CA HIS A 98 -1.88 8.55 11.41
C HIS A 98 -2.51 7.18 11.77
N PRO A 99 -3.61 7.14 12.55
CA PRO A 99 -4.27 5.89 12.93
C PRO A 99 -5.06 5.24 11.79
N SER A 100 -5.25 5.88 10.63
CA SER A 100 -5.92 5.29 9.45
C SER A 100 -5.09 4.20 8.76
N PHE A 101 -3.86 3.93 9.25
CA PHE A 101 -2.96 2.89 8.75
C PHE A 101 -3.06 1.55 9.51
N LEU A 102 -2.84 0.46 8.77
CA LEU A 102 -2.46 -0.87 9.28
C LEU A 102 -1.25 -1.40 8.51
N GLY A 103 -0.28 -2.00 9.20
CA GLY A 103 0.86 -2.71 8.63
C GLY A 103 0.66 -4.22 8.67
N LEU A 104 0.98 -4.89 7.56
CA LEU A 104 0.85 -6.34 7.36
C LEU A 104 2.15 -6.93 6.75
N SER A 105 2.75 -7.90 7.42
CA SER A 105 3.81 -8.77 6.90
C SER A 105 3.76 -10.12 7.62
N GLY A 106 4.65 -11.06 7.31
CA GLY A 106 4.65 -12.39 7.91
C GLY A 106 5.60 -13.35 7.21
N SER A 107 5.13 -14.56 6.92
CA SER A 107 5.90 -15.56 6.19
C SER A 107 6.04 -15.22 4.68
N PRO A 108 7.13 -15.65 4.01
CA PRO A 108 7.37 -15.33 2.60
C PRO A 108 6.28 -15.86 1.66
N GLU A 109 5.63 -16.99 1.96
CA GLU A 109 4.44 -17.47 1.24
C GLU A 109 3.30 -16.47 1.37
N ALA A 110 2.94 -16.05 2.59
CA ALA A 110 1.84 -15.10 2.82
C ALA A 110 2.12 -13.73 2.21
N VAL A 111 3.34 -13.21 2.41
CA VAL A 111 3.79 -11.97 1.73
C VAL A 111 3.68 -12.11 0.20
N ARG A 112 4.01 -13.29 -0.36
CA ARG A 112 3.88 -13.57 -1.79
C ARG A 112 2.44 -13.78 -2.30
N GLU A 113 1.53 -14.34 -1.50
CA GLU A 113 0.09 -14.41 -1.81
C GLU A 113 -0.44 -12.98 -2.10
N ALA A 114 -0.14 -12.04 -1.19
CA ALA A 114 -0.51 -10.63 -1.37
C ALA A 114 0.19 -9.99 -2.58
N ALA A 115 1.52 -10.09 -2.68
CA ALA A 115 2.30 -9.43 -3.72
C ALA A 115 1.89 -9.85 -5.13
N GLN A 116 1.82 -11.15 -5.40
CA GLN A 116 1.57 -11.67 -6.75
C GLN A 116 0.14 -11.37 -7.21
N THR A 117 -0.82 -11.31 -6.29
CA THR A 117 -2.22 -10.96 -6.58
C THR A 117 -2.35 -9.55 -7.14
N PHE A 118 -1.61 -8.60 -6.58
CA PHE A 118 -1.47 -7.23 -7.08
C PHE A 118 -0.54 -7.06 -8.29
N GLY A 119 0.34 -8.03 -8.56
CA GLY A 119 1.37 -7.98 -9.62
C GLY A 119 2.76 -7.58 -9.15
N VAL A 120 2.98 -7.49 -7.83
CA VAL A 120 4.25 -7.15 -7.18
C VAL A 120 5.17 -8.36 -7.12
N PHE A 121 6.49 -8.11 -7.16
CA PHE A 121 7.57 -9.09 -7.08
C PHE A 121 8.80 -8.49 -6.39
N TYR A 122 9.72 -9.36 -5.96
CA TYR A 122 11.01 -9.00 -5.35
C TYR A 122 12.12 -9.94 -5.83
N GLN A 123 13.37 -9.48 -5.81
CA GLN A 123 14.56 -10.24 -6.20
C GLN A 123 15.75 -9.87 -5.31
N LYS A 124 16.78 -10.73 -5.21
CA LYS A 124 18.04 -10.36 -4.53
C LYS A 124 19.30 -10.87 -5.22
N SER A 125 20.39 -10.11 -5.05
CA SER A 125 21.66 -10.28 -5.77
C SER A 125 22.86 -10.00 -4.85
N GLN A 126 24.08 -10.13 -5.38
CA GLN A 126 25.35 -9.76 -4.72
C GLN A 126 25.66 -10.58 -3.45
N TYR A 127 25.05 -11.75 -3.30
CA TYR A 127 25.31 -12.67 -2.19
C TYR A 127 26.80 -13.06 -2.08
N ARG A 128 27.40 -12.85 -0.90
CA ARG A 128 28.86 -12.97 -0.70
C ARG A 128 29.29 -13.77 0.55
N GLY A 129 28.47 -13.81 1.61
CA GLY A 129 28.88 -14.39 2.91
C GLY A 129 27.71 -14.71 3.83
N PRO A 130 27.88 -14.66 5.17
CA PRO A 130 26.81 -15.00 6.11
C PRO A 130 25.64 -14.02 6.10
N GLY A 131 25.85 -12.75 5.72
CA GLY A 131 24.78 -11.72 5.72
C GLY A 131 24.79 -10.74 4.54
N GLU A 132 25.83 -10.74 3.71
CA GLU A 132 26.01 -9.76 2.66
C GLU A 132 25.24 -10.14 1.38
N TYR A 133 24.34 -9.24 0.97
CA TYR A 133 23.52 -9.27 -0.25
C TYR A 133 22.71 -7.96 -0.39
N LEU A 134 22.14 -7.70 -1.58
CA LEU A 134 21.26 -6.56 -1.84
C LEU A 134 19.94 -7.05 -2.46
N VAL A 135 18.84 -6.37 -2.16
CA VAL A 135 17.46 -6.80 -2.50
C VAL A 135 16.72 -5.66 -3.19
N ASP A 136 15.86 -6.00 -4.15
CA ASP A 136 15.08 -5.10 -5.00
C ASP A 136 13.59 -5.51 -5.02
N HIS A 137 12.69 -4.52 -5.01
CA HIS A 137 11.24 -4.73 -4.85
C HIS A 137 10.43 -3.72 -5.68
N THR A 138 9.33 -4.15 -6.28
CA THR A 138 8.39 -3.29 -7.03
C THR A 138 7.65 -2.35 -6.07
N ALA A 139 8.26 -1.19 -5.81
CA ALA A 139 7.70 -0.11 -4.99
C ALA A 139 6.51 0.57 -5.71
N THR A 140 5.30 0.06 -5.47
CA THR A 140 4.06 0.52 -6.13
C THR A 140 2.90 0.57 -5.16
N THR A 141 1.94 1.45 -5.46
CA THR A 141 0.67 1.66 -4.75
C THR A 141 -0.48 1.20 -5.63
N PHE A 142 -1.47 0.58 -5.02
CA PHE A 142 -2.63 0.01 -5.68
C PHE A 142 -3.92 0.53 -5.02
N VAL A 143 -4.84 1.06 -5.82
CA VAL A 143 -6.12 1.57 -5.31
C VAL A 143 -7.20 0.55 -5.56
N VAL A 144 -7.74 0.01 -4.46
CA VAL A 144 -8.94 -0.84 -4.50
C VAL A 144 -10.14 -0.14 -3.88
N LYS A 145 -11.31 -0.47 -4.43
CA LYS A 145 -12.62 -0.18 -3.86
C LYS A 145 -13.56 -1.38 -4.12
N GLU A 146 -14.49 -1.71 -3.22
CA GLU A 146 -15.43 -2.84 -3.39
C GLU A 146 -14.69 -4.19 -3.47
N GLY A 147 -13.50 -4.33 -2.86
CA GLY A 147 -12.68 -5.53 -2.97
C GLY A 147 -12.09 -5.76 -4.38
N ARG A 148 -11.98 -4.70 -5.21
CA ARG A 148 -11.44 -4.77 -6.57
C ARG A 148 -10.54 -3.58 -6.92
N LEU A 149 -9.47 -3.89 -7.65
CA LEU A 149 -8.41 -2.97 -8.06
C LEU A 149 -8.90 -2.11 -9.23
N VAL A 150 -8.96 -0.79 -9.03
CA VAL A 150 -9.53 0.20 -9.96
C VAL A 150 -8.52 1.25 -10.47
N LEU A 151 -7.31 1.31 -9.88
CA LEU A 151 -6.30 2.32 -10.17
C LEU A 151 -4.89 1.91 -9.70
N LEU A 152 -3.86 2.25 -10.49
CA LEU A 152 -2.44 2.01 -10.18
C LEU A 152 -1.69 3.33 -9.97
N TYR A 153 -0.67 3.30 -9.11
CA TYR A 153 0.10 4.48 -8.69
C TYR A 153 1.57 4.19 -8.34
N SER A 154 2.51 4.75 -9.10
CA SER A 154 3.94 4.84 -8.73
C SER A 154 4.16 5.84 -7.56
N PRO A 155 5.28 5.77 -6.80
CA PRO A 155 5.64 6.81 -5.85
C PRO A 155 5.86 8.15 -6.57
N ASP A 156 6.58 8.16 -7.68
CA ASP A 156 6.78 9.32 -8.55
C ASP A 156 5.48 9.89 -9.18
N LYS A 157 4.33 9.25 -8.96
CA LYS A 157 3.00 9.82 -9.19
C LYS A 157 2.30 10.19 -7.87
N ALA A 158 2.39 9.35 -6.83
CA ALA A 158 1.63 9.44 -5.58
C ALA A 158 2.10 10.55 -4.62
N GLU A 159 3.41 10.83 -4.58
CA GLU A 159 3.99 11.81 -3.64
C GLU A 159 3.43 13.22 -3.89
N ALA A 160 2.92 13.50 -5.11
CA ALA A 160 2.04 14.63 -5.39
C ALA A 160 0.63 14.38 -4.80
N THR A 161 0.50 14.53 -3.47
CA THR A 161 -0.70 14.27 -2.65
C THR A 161 -2.03 14.45 -3.39
N ASP A 162 -2.28 15.63 -3.95
CA ASP A 162 -3.60 16.00 -4.50
C ASP A 162 -4.02 15.17 -5.69
N ARG A 163 -3.04 14.58 -6.39
CA ARG A 163 -3.29 13.60 -7.45
C ARG A 163 -4.01 12.37 -6.86
N VAL A 164 -3.47 11.80 -5.78
CA VAL A 164 -4.09 10.69 -5.06
C VAL A 164 -5.49 11.10 -4.56
N VAL A 165 -5.62 12.30 -3.99
CA VAL A 165 -6.93 12.83 -3.54
C VAL A 165 -7.95 12.90 -4.68
N ALA A 166 -7.62 13.52 -5.82
CA ALA A 166 -8.54 13.74 -6.93
C ALA A 166 -8.92 12.44 -7.64
N ASP A 167 -7.97 11.51 -7.81
CA ASP A 167 -8.26 10.15 -8.30
C ASP A 167 -9.19 9.40 -7.33
N LEU A 168 -8.94 9.47 -6.01
CA LEU A 168 -9.84 8.90 -4.99
C LEU A 168 -11.22 9.54 -5.02
N GLN A 169 -11.32 10.85 -5.26
CA GLN A 169 -12.59 11.57 -5.30
C GLN A 169 -13.50 11.15 -6.45
N ALA A 170 -12.96 10.56 -7.53
CA ALA A 170 -13.73 9.94 -8.60
C ALA A 170 -14.38 8.58 -8.27
N LEU A 171 -13.91 7.91 -7.21
CA LEU A 171 -14.25 6.51 -6.93
C LEU A 171 -15.32 6.37 -5.85
N LEU A 172 -15.31 7.32 -4.91
CA LEU A 172 -15.30 6.95 -3.48
C LEU A 172 -16.57 6.40 -2.82
N GLY A 1 -20.54 9.11 -15.45
CA GLY A 1 -19.96 10.09 -14.50
C GLY A 1 -18.76 10.76 -15.13
N ALA A 2 -18.16 11.74 -14.46
CA ALA A 2 -16.93 12.41 -14.91
C ALA A 2 -15.70 11.79 -14.22
N MET A 3 -14.50 12.07 -14.74
CA MET A 3 -13.20 11.61 -14.22
C MET A 3 -12.55 12.57 -13.20
N HIS A 4 -13.27 13.61 -12.78
CA HIS A 4 -12.78 14.72 -11.94
C HIS A 4 -11.57 15.45 -12.57
N THR A 5 -10.33 15.06 -12.22
CA THR A 5 -9.07 15.62 -12.75
C THR A 5 -7.95 14.61 -12.47
N PHE A 6 -7.98 13.55 -13.28
CA PHE A 6 -7.21 12.30 -13.13
C PHE A 6 -5.73 12.42 -13.58
N TYR A 7 -4.92 11.40 -13.31
CA TYR A 7 -3.55 11.23 -13.85
C TYR A 7 -2.91 9.84 -13.64
N GLY A 8 -3.49 8.92 -12.86
CA GLY A 8 -2.87 7.60 -12.62
C GLY A 8 -3.15 6.59 -13.74
N THR A 9 -2.66 5.35 -13.58
CA THR A 9 -2.95 4.25 -14.53
C THR A 9 -4.32 3.69 -14.23
N ARG A 10 -5.32 4.25 -14.90
CA ARG A 10 -6.73 3.97 -14.63
C ARG A 10 -7.21 2.70 -15.34
N LEU A 11 -7.90 1.85 -14.59
CA LEU A 11 -8.09 0.43 -14.94
C LEU A 11 -9.37 0.15 -15.75
N LEU A 12 -10.06 1.20 -16.22
CA LEU A 12 -11.38 1.16 -16.83
C LEU A 12 -12.39 0.62 -15.80
N ASN A 13 -12.82 -0.62 -15.93
CA ASN A 13 -13.64 -1.32 -14.93
C ASN A 13 -12.81 -1.74 -13.70
N PRO A 14 -13.43 -1.89 -12.52
CA PRO A 14 -12.79 -2.52 -11.37
C PRO A 14 -12.66 -4.03 -11.56
N LYS A 15 -11.51 -4.55 -11.15
CA LYS A 15 -11.25 -5.98 -10.97
C LYS A 15 -11.37 -6.32 -9.48
N PRO A 16 -12.10 -7.37 -9.06
CA PRO A 16 -12.05 -7.84 -7.68
C PRO A 16 -10.63 -8.34 -7.41
N VAL A 17 -10.03 -7.92 -6.30
CA VAL A 17 -8.63 -8.25 -5.96
C VAL A 17 -8.50 -8.51 -4.45
N ASP A 18 -7.72 -9.51 -4.06
CA ASP A 18 -7.61 -10.00 -2.67
C ASP A 18 -6.26 -10.70 -2.41
N PHE A 19 -5.94 -10.89 -1.13
CA PHE A 19 -4.67 -11.46 -0.64
C PHE A 19 -4.77 -11.89 0.82
N ALA A 20 -3.73 -12.57 1.30
CA ALA A 20 -3.54 -12.94 2.70
C ALA A 20 -2.17 -12.47 3.19
N LEU A 21 -2.15 -11.75 4.32
CA LEU A 21 -0.98 -11.27 5.04
C LEU A 21 -1.20 -11.37 6.54
N GLU A 22 -0.12 -11.19 7.30
CA GLU A 22 -0.16 -11.02 8.75
C GLU A 22 0.20 -9.59 9.15
N GLY A 23 -0.28 -9.21 10.34
CA GLY A 23 0.13 -8.03 11.08
C GLY A 23 0.47 -8.39 12.53
N PRO A 24 0.85 -7.44 13.39
CA PRO A 24 1.32 -7.70 14.75
C PRO A 24 0.23 -8.18 15.74
N GLN A 25 -0.91 -8.69 15.26
CA GLN A 25 -1.98 -9.23 16.11
C GLN A 25 -2.84 -10.30 15.41
N GLY A 26 -2.38 -10.92 14.32
CA GLY A 26 -3.10 -11.99 13.61
C GLY A 26 -3.08 -11.90 12.08
N PRO A 27 -3.77 -12.85 11.40
CA PRO A 27 -3.91 -12.89 9.94
C PRO A 27 -4.96 -11.90 9.45
N VAL A 28 -4.75 -11.34 8.26
CA VAL A 28 -5.56 -10.27 7.64
C VAL A 28 -5.76 -10.60 6.16
N ARG A 29 -6.99 -10.43 5.66
CA ARG A 29 -7.32 -10.61 4.24
C ARG A 29 -8.10 -9.40 3.75
N LEU A 30 -7.81 -8.92 2.53
CA LEU A 30 -8.44 -7.70 1.96
C LEU A 30 -9.95 -7.89 1.77
N SER A 31 -10.41 -9.11 1.54
CA SER A 31 -11.83 -9.49 1.57
C SER A 31 -12.59 -9.15 2.87
N GLN A 32 -11.93 -8.80 3.98
CA GLN A 32 -12.60 -8.23 5.17
C GLN A 32 -12.98 -6.75 5.02
N PHE A 33 -12.44 -6.01 4.04
CA PHE A 33 -12.61 -4.56 3.88
C PHE A 33 -13.29 -4.21 2.54
N GLN A 34 -14.05 -5.14 1.97
CA GLN A 34 -14.77 -4.93 0.70
C GLN A 34 -15.91 -3.91 0.79
N ASP A 35 -16.34 -3.51 1.99
CA ASP A 35 -17.22 -2.35 2.25
C ASP A 35 -16.60 -1.00 1.82
N LYS A 36 -15.27 -0.92 1.69
CA LYS A 36 -14.54 0.35 1.81
C LYS A 36 -13.71 0.76 0.57
N VAL A 37 -13.10 1.93 0.70
CA VAL A 37 -11.99 2.45 -0.08
C VAL A 37 -10.75 2.09 0.74
N VAL A 38 -9.69 1.63 0.10
CA VAL A 38 -8.45 1.24 0.76
C VAL A 38 -7.28 1.72 -0.08
N LEU A 39 -6.22 2.19 0.59
CA LEU A 39 -4.93 2.48 -0.02
C LEU A 39 -3.96 1.36 0.34
N LEU A 40 -3.47 0.66 -0.69
CA LEU A 40 -2.41 -0.34 -0.56
C LEU A 40 -1.08 0.28 -0.98
N PHE A 41 -0.08 0.16 -0.12
CA PHE A 41 1.31 0.55 -0.41
C PHE A 41 2.22 -0.66 -0.21
N PHE A 42 2.91 -1.06 -1.29
CA PHE A 42 3.97 -2.07 -1.25
C PHE A 42 5.31 -1.37 -1.22
N GLY A 43 5.95 -1.39 -0.04
CA GLY A 43 7.28 -0.83 0.21
C GLY A 43 8.08 -1.65 1.21
N PHE A 44 9.28 -1.18 1.52
CA PHE A 44 10.13 -1.63 2.63
C PHE A 44 10.29 -0.46 3.62
N THR A 45 10.25 -0.71 4.94
CA THR A 45 10.57 0.31 5.94
C THR A 45 12.02 0.77 5.81
N ARG A 46 12.36 1.92 6.40
CA ARG A 46 13.75 2.39 6.52
C ARG A 46 14.41 2.77 5.16
N CYS A 47 13.69 2.72 4.03
CA CYS A 47 14.07 3.41 2.78
C CYS A 47 14.39 4.89 3.09
N PRO A 48 15.49 5.47 2.56
CA PRO A 48 16.13 6.65 3.14
C PRO A 48 15.35 7.97 2.94
N ASP A 49 14.38 8.01 2.02
CA ASP A 49 13.63 9.24 1.70
C ASP A 49 12.18 8.84 1.43
N VAL A 50 12.01 8.02 0.41
CA VAL A 50 10.79 7.26 0.04
C VAL A 50 9.98 6.68 1.21
N CYS A 51 10.59 6.31 2.36
CA CYS A 51 9.81 5.81 3.50
C CYS A 51 8.99 6.93 4.15
N PRO A 52 9.60 8.02 4.70
CA PRO A 52 8.81 9.15 5.19
C PRO A 52 8.05 9.87 4.07
N THR A 53 8.62 10.04 2.87
CA THR A 53 8.02 10.80 1.77
C THR A 53 6.74 10.14 1.25
N THR A 54 6.77 8.89 0.78
CA THR A 54 5.55 8.21 0.26
C THR A 54 4.53 7.99 1.37
N LEU A 55 4.93 7.60 2.59
CA LEU A 55 3.99 7.43 3.70
C LEU A 55 3.34 8.75 4.13
N LEU A 56 4.06 9.88 4.03
CA LEU A 56 3.45 11.20 4.24
C LEU A 56 2.50 11.55 3.11
N ALA A 57 2.90 11.36 1.84
CA ALA A 57 2.05 11.64 0.69
C ALA A 57 0.74 10.82 0.69
N LEU A 58 0.77 9.61 1.26
CA LEU A 58 -0.40 8.78 1.56
C LEU A 58 -1.26 9.39 2.68
N LYS A 59 -0.71 9.58 3.88
CA LYS A 59 -1.46 10.10 5.04
C LYS A 59 -2.03 11.52 4.82
N ARG A 60 -1.36 12.33 3.98
CA ARG A 60 -1.82 13.67 3.58
C ARG A 60 -3.14 13.62 2.81
N ALA A 61 -3.43 12.55 2.04
CA ALA A 61 -4.73 12.38 1.39
C ALA A 61 -5.86 12.13 2.41
N TYR A 62 -5.56 11.32 3.44
CA TYR A 62 -6.48 11.07 4.57
C TYR A 62 -6.70 12.33 5.44
N GLU A 63 -5.69 13.18 5.59
CA GLU A 63 -5.79 14.53 6.18
C GLU A 63 -6.53 15.55 5.28
N LYS A 64 -6.69 15.27 3.98
CA LYS A 64 -7.41 16.16 3.04
C LYS A 64 -8.93 16.02 3.11
N LEU A 65 -9.43 14.83 3.49
CA LEU A 65 -10.85 14.47 3.39
C LEU A 65 -11.66 14.82 4.67
N PRO A 66 -13.00 15.01 4.58
CA PRO A 66 -13.80 15.32 5.75
C PRO A 66 -13.87 14.10 6.67
N PRO A 67 -14.20 14.31 7.96
CA PRO A 67 -14.26 13.21 8.92
C PRO A 67 -15.27 12.12 8.53
N LYS A 68 -16.27 12.43 7.67
CA LYS A 68 -17.26 11.44 7.25
C LYS A 68 -16.76 10.54 6.10
N ALA A 69 -15.77 11.00 5.35
CA ALA A 69 -15.05 10.18 4.37
C ALA A 69 -14.09 9.17 5.03
N GLN A 70 -13.51 9.47 6.20
CA GLN A 70 -12.64 8.54 6.95
C GLN A 70 -13.31 7.17 7.15
N GLU A 71 -14.60 7.16 7.48
CA GLU A 71 -15.45 5.98 7.67
C GLU A 71 -15.33 4.94 6.53
N ARG A 72 -15.07 5.46 5.33
CA ARG A 72 -14.89 4.69 4.11
C ARG A 72 -13.42 4.41 3.76
N VAL A 73 -12.41 4.96 4.44
CA VAL A 73 -10.99 4.92 4.02
C VAL A 73 -10.09 4.30 5.11
N GLN A 74 -9.30 3.30 4.73
CA GLN A 74 -8.27 2.65 5.56
C GLN A 74 -6.95 2.54 4.79
N VAL A 75 -5.80 2.77 5.45
CA VAL A 75 -4.48 2.77 4.77
C VAL A 75 -3.67 1.54 5.21
N ILE A 76 -3.15 0.77 4.26
CA ILE A 76 -2.49 -0.52 4.49
C ILE A 76 -1.09 -0.56 3.86
N PHE A 77 -0.08 -0.82 4.69
CA PHE A 77 1.27 -1.07 4.23
C PHE A 77 1.53 -2.58 4.20
N VAL A 78 1.89 -3.12 3.03
CA VAL A 78 2.42 -4.49 2.90
C VAL A 78 3.93 -4.39 2.69
N SER A 79 4.69 -4.95 3.62
CA SER A 79 6.15 -5.01 3.53
C SER A 79 6.60 -5.93 2.38
N VAL A 80 7.65 -5.56 1.65
CA VAL A 80 8.20 -6.33 0.50
C VAL A 80 9.47 -7.11 0.84
N ASP A 81 9.83 -7.19 2.14
CA ASP A 81 11.03 -7.88 2.61
C ASP A 81 10.74 -8.76 3.85
N PRO A 82 10.13 -9.95 3.66
CA PRO A 82 9.93 -10.92 4.73
C PRO A 82 11.28 -11.42 5.26
N GLU A 83 11.34 -11.68 6.57
CA GLU A 83 12.51 -11.71 7.47
C GLU A 83 12.75 -10.33 8.07
N ARG A 84 12.88 -9.33 7.19
CA ARG A 84 13.70 -8.14 7.42
C ARG A 84 12.87 -6.92 7.81
N ASP A 85 11.67 -6.82 7.27
CA ASP A 85 10.62 -5.86 7.65
C ASP A 85 9.56 -6.61 8.49
N PRO A 86 9.76 -6.84 9.80
CA PRO A 86 8.86 -7.63 10.63
C PRO A 86 7.57 -6.83 10.95
N PRO A 87 6.43 -7.50 11.20
CA PRO A 87 5.11 -6.86 11.21
C PRO A 87 4.99 -5.75 12.24
N GLU A 88 5.68 -5.86 13.39
CA GLU A 88 5.75 -4.75 14.36
C GLU A 88 6.41 -3.49 13.77
N VAL A 89 7.55 -3.60 13.09
CA VAL A 89 8.32 -2.43 12.61
C VAL A 89 7.58 -1.76 11.44
N ALA A 90 7.03 -2.59 10.55
CA ALA A 90 6.10 -2.20 9.49
C ALA A 90 4.90 -1.40 10.05
N ASP A 91 4.31 -1.83 11.16
CA ASP A 91 3.22 -1.10 11.83
C ASP A 91 3.70 0.18 12.52
N ARG A 92 4.75 0.12 13.37
CA ARG A 92 5.27 1.26 14.13
C ARG A 92 5.54 2.46 13.23
N TYR A 93 6.22 2.23 12.11
CA TYR A 93 6.58 3.27 11.14
C TYR A 93 5.33 3.89 10.48
N ALA A 94 4.36 3.06 10.08
CA ALA A 94 3.11 3.47 9.46
C ALA A 94 2.17 4.24 10.43
N LYS A 95 1.97 3.73 11.65
CA LYS A 95 1.19 4.41 12.70
C LYS A 95 1.77 5.77 13.10
N ALA A 96 3.11 5.94 13.02
CA ALA A 96 3.79 7.16 13.43
C ALA A 96 3.40 8.37 12.55
N PHE A 97 2.96 8.12 11.31
CA PHE A 97 2.32 9.12 10.48
C PHE A 97 0.90 9.48 10.93
N HIS A 98 0.09 8.45 11.18
CA HIS A 98 -1.29 8.53 11.60
C HIS A 98 -1.83 7.14 12.02
N PRO A 99 -2.77 7.05 12.97
CA PRO A 99 -3.31 5.77 13.45
C PRO A 99 -4.17 5.04 12.41
N SER A 100 -4.55 5.71 11.32
CA SER A 100 -5.34 5.19 10.19
C SER A 100 -4.58 4.19 9.30
N PHE A 101 -3.29 3.96 9.64
CA PHE A 101 -2.44 2.95 9.02
C PHE A 101 -2.46 1.64 9.82
N LEU A 102 -2.14 0.55 9.12
CA LEU A 102 -1.81 -0.77 9.66
C LEU A 102 -0.66 -1.34 8.82
N GLY A 103 0.36 -1.88 9.50
CA GLY A 103 1.53 -2.51 8.87
C GLY A 103 1.43 -4.03 8.86
N LEU A 104 1.66 -4.62 7.70
CA LEU A 104 1.56 -6.05 7.44
C LEU A 104 2.90 -6.62 6.95
N SER A 105 3.34 -7.70 7.60
CA SER A 105 4.41 -8.61 7.16
C SER A 105 4.07 -10.03 7.63
N GLY A 106 4.37 -11.05 6.82
CA GLY A 106 4.08 -12.44 7.16
C GLY A 106 5.10 -13.39 6.56
N SER A 107 4.69 -14.65 6.40
CA SER A 107 5.50 -15.67 5.75
C SER A 107 5.70 -15.35 4.25
N PRO A 108 6.85 -15.70 3.64
CA PRO A 108 7.23 -15.20 2.32
C PRO A 108 6.31 -15.69 1.20
N GLU A 109 5.54 -16.76 1.43
CA GLU A 109 4.45 -17.26 0.58
C GLU A 109 3.24 -16.32 0.66
N ALA A 110 2.78 -15.99 1.86
CA ALA A 110 1.69 -15.04 2.08
C ALA A 110 2.02 -13.67 1.46
N VAL A 111 3.22 -13.16 1.74
CA VAL A 111 3.72 -11.93 1.10
C VAL A 111 3.85 -12.08 -0.43
N ARG A 112 4.21 -13.27 -0.95
CA ARG A 112 4.24 -13.56 -2.39
C ARG A 112 2.83 -13.43 -3.00
N GLU A 113 1.80 -14.00 -2.38
CA GLU A 113 0.47 -13.97 -2.99
C GLU A 113 -0.10 -12.55 -3.04
N ALA A 114 0.14 -11.74 -2.00
CA ALA A 114 -0.20 -10.32 -2.03
C ALA A 114 0.53 -9.55 -3.13
N ALA A 115 1.81 -9.86 -3.36
CA ALA A 115 2.58 -9.27 -4.44
C ALA A 115 2.06 -9.67 -5.82
N GLN A 116 1.76 -10.96 -6.04
CA GLN A 116 1.19 -11.45 -7.30
C GLN A 116 -0.05 -10.65 -7.70
N THR A 117 -0.96 -10.41 -6.75
CA THR A 117 -2.28 -9.82 -6.99
C THR A 117 -2.17 -8.41 -7.55
N PHE A 118 -1.34 -7.59 -6.90
CA PHE A 118 -1.04 -6.21 -7.33
C PHE A 118 -0.05 -6.09 -8.51
N GLY A 119 0.70 -7.15 -8.85
CA GLY A 119 1.76 -7.15 -9.88
C GLY A 119 3.14 -6.74 -9.35
N VAL A 120 3.34 -6.82 -8.03
CA VAL A 120 4.59 -6.48 -7.33
C VAL A 120 5.52 -7.70 -7.32
N PHE A 121 6.83 -7.47 -7.16
CA PHE A 121 7.83 -8.52 -7.12
C PHE A 121 9.07 -8.09 -6.32
N TYR A 122 9.71 -9.09 -5.68
CA TYR A 122 10.96 -8.96 -4.95
C TYR A 122 11.86 -10.20 -5.14
N GLN A 123 13.17 -10.00 -5.14
CA GLN A 123 14.22 -10.99 -5.32
C GLN A 123 15.38 -10.64 -4.38
N LYS A 124 15.98 -11.61 -3.71
CA LYS A 124 17.18 -11.35 -2.88
C LYS A 124 18.44 -11.68 -3.69
N SER A 125 19.36 -10.74 -3.76
CA SER A 125 20.48 -10.70 -4.71
C SER A 125 21.80 -10.39 -4.00
N GLN A 126 22.93 -10.34 -4.74
CA GLN A 126 24.28 -10.00 -4.25
C GLN A 126 24.79 -10.87 -3.06
N TYR A 127 24.10 -11.96 -2.72
CA TYR A 127 24.30 -12.68 -1.46
C TYR A 127 25.69 -13.32 -1.34
N ARG A 128 26.45 -12.88 -0.32
CA ARG A 128 27.71 -13.52 0.09
C ARG A 128 27.55 -14.41 1.33
N GLY A 129 26.45 -14.28 2.08
CA GLY A 129 26.16 -15.12 3.25
C GLY A 129 25.09 -14.53 4.20
N PRO A 130 24.89 -15.13 5.38
CA PRO A 130 24.02 -14.56 6.39
C PRO A 130 24.60 -13.22 6.85
N GLY A 131 23.76 -12.18 6.83
CA GLY A 131 24.15 -10.81 7.15
C GLY A 131 24.59 -9.97 5.95
N GLU A 132 24.93 -10.59 4.81
CA GLU A 132 25.35 -9.88 3.60
C GLU A 132 24.62 -10.40 2.34
N TYR A 133 23.55 -9.67 2.00
CA TYR A 133 22.78 -9.73 0.76
C TYR A 133 22.17 -8.35 0.43
N LEU A 134 21.71 -8.13 -0.81
CA LEU A 134 21.06 -6.89 -1.26
C LEU A 134 19.72 -7.25 -1.92
N VAL A 135 18.67 -6.48 -1.67
CA VAL A 135 17.31 -6.80 -2.16
C VAL A 135 17.00 -5.98 -3.43
N ASP A 136 16.45 -6.67 -4.42
CA ASP A 136 15.76 -6.12 -5.59
C ASP A 136 14.26 -6.19 -5.32
N HIS A 137 13.58 -5.05 -5.35
CA HIS A 137 12.13 -4.99 -5.22
C HIS A 137 11.46 -3.86 -6.01
N THR A 138 10.20 -4.07 -6.39
CA THR A 138 9.28 -3.02 -6.84
C THR A 138 8.75 -2.25 -5.63
N ALA A 139 8.36 -0.99 -5.83
CA ALA A 139 7.58 -0.21 -4.87
C ALA A 139 6.45 0.52 -5.62
N THR A 140 5.19 0.28 -5.24
CA THR A 140 4.01 0.76 -5.97
C THR A 140 2.87 1.07 -5.00
N THR A 141 1.95 1.94 -5.43
CA THR A 141 0.75 2.35 -4.70
C THR A 141 -0.48 1.96 -5.52
N PHE A 142 -1.52 1.52 -4.82
CA PHE A 142 -2.69 0.88 -5.41
C PHE A 142 -3.97 1.41 -4.76
N VAL A 143 -4.93 1.84 -5.59
CA VAL A 143 -6.20 2.42 -5.12
C VAL A 143 -7.30 1.40 -5.29
N VAL A 144 -7.81 0.97 -4.14
CA VAL A 144 -8.87 -0.04 -4.00
C VAL A 144 -10.19 0.60 -3.54
N LYS A 145 -11.31 0.14 -4.10
CA LYS A 145 -12.66 0.28 -3.52
C LYS A 145 -13.54 -0.97 -3.76
N GLU A 146 -14.44 -1.30 -2.83
CA GLU A 146 -15.54 -2.26 -3.05
C GLU A 146 -15.04 -3.73 -3.06
N GLY A 147 -13.81 -3.96 -2.55
CA GLY A 147 -13.04 -5.21 -2.68
C GLY A 147 -12.20 -5.30 -3.95
N ARG A 148 -11.98 -4.17 -4.65
CA ARG A 148 -11.57 -4.16 -6.06
C ARG A 148 -10.55 -3.08 -6.39
N LEU A 149 -9.73 -3.32 -7.40
CA LEU A 149 -8.67 -2.40 -7.85
C LEU A 149 -9.23 -1.45 -8.90
N VAL A 150 -9.12 -0.14 -8.67
CA VAL A 150 -9.60 0.90 -9.60
C VAL A 150 -8.47 1.74 -10.22
N LEU A 151 -7.25 1.74 -9.64
CA LEU A 151 -6.15 2.60 -10.07
C LEU A 151 -4.76 2.18 -9.55
N LEU A 152 -3.74 2.27 -10.41
CA LEU A 152 -2.33 2.07 -10.07
C LEU A 152 -1.56 3.40 -10.07
N TYR A 153 -0.46 3.41 -9.30
CA TYR A 153 0.45 4.54 -9.14
C TYR A 153 1.90 4.12 -8.86
N SER A 154 2.83 4.69 -9.61
CA SER A 154 4.22 4.88 -9.13
C SER A 154 4.26 5.92 -8.00
N PRO A 155 5.23 5.85 -7.05
CA PRO A 155 5.48 6.95 -6.13
C PRO A 155 5.81 8.24 -6.87
N ASP A 156 6.57 8.19 -7.99
CA ASP A 156 6.90 9.40 -8.76
C ASP A 156 5.67 10.04 -9.45
N LYS A 157 4.51 9.38 -9.39
CA LYS A 157 3.20 10.00 -9.58
C LYS A 157 2.59 10.37 -8.21
N ALA A 158 2.42 9.42 -7.29
CA ALA A 158 1.63 9.54 -6.07
C ALA A 158 2.13 10.57 -5.03
N GLU A 159 3.43 10.87 -5.02
CA GLU A 159 4.00 11.88 -4.13
C GLU A 159 3.50 13.31 -4.49
N ALA A 160 2.85 13.49 -5.65
CA ALA A 160 1.91 14.59 -5.88
C ALA A 160 0.51 14.28 -5.28
N THR A 161 0.38 14.36 -3.94
CA THR A 161 -0.86 14.04 -3.20
C THR A 161 -2.11 14.70 -3.78
N ASP A 162 -2.08 16.01 -4.04
CA ASP A 162 -3.22 16.73 -4.63
C ASP A 162 -3.69 16.14 -5.96
N ARG A 163 -2.75 15.61 -6.76
CA ARG A 163 -3.10 14.84 -7.96
C ARG A 163 -3.70 13.48 -7.62
N VAL A 164 -3.18 12.75 -6.61
CA VAL A 164 -3.80 11.51 -6.09
C VAL A 164 -5.25 11.79 -5.69
N VAL A 165 -5.47 12.82 -4.86
CA VAL A 165 -6.81 13.21 -4.39
C VAL A 165 -7.74 13.52 -5.56
N ALA A 166 -7.29 14.28 -6.56
CA ALA A 166 -8.11 14.66 -7.72
C ALA A 166 -8.48 13.48 -8.65
N ASP A 167 -7.77 12.35 -8.59
CA ASP A 167 -8.22 11.09 -9.18
C ASP A 167 -9.13 10.31 -8.22
N LEU A 168 -8.84 10.31 -6.90
CA LEU A 168 -9.69 9.69 -5.85
C LEU A 168 -11.09 10.30 -5.78
N GLN A 169 -11.21 11.57 -6.13
CA GLN A 169 -12.43 12.35 -6.21
C GLN A 169 -13.40 11.77 -7.27
N ALA A 170 -12.89 11.10 -8.31
CA ALA A 170 -13.67 10.28 -9.25
C ALA A 170 -14.07 8.88 -8.74
N LEU A 171 -13.45 8.41 -7.67
CA LEU A 171 -13.50 7.02 -7.18
C LEU A 171 -14.32 6.85 -5.90
N LEU A 172 -14.82 7.93 -5.31
CA LEU A 172 -15.67 7.88 -4.10
C LEU A 172 -16.96 7.07 -4.32
N GLY A 1 -23.08 18.04 -18.81
CA GLY A 1 -22.45 16.80 -18.29
C GLY A 1 -21.06 17.12 -17.79
N ALA A 2 -20.33 16.12 -17.29
CA ALA A 2 -18.96 16.25 -16.78
C ALA A 2 -18.29 14.85 -16.75
N MET A 3 -16.96 14.82 -16.59
CA MET A 3 -16.14 13.61 -16.65
C MET A 3 -15.31 13.49 -15.37
N HIS A 4 -15.14 12.27 -14.85
CA HIS A 4 -14.34 12.00 -13.66
C HIS A 4 -12.85 11.87 -14.02
N THR A 5 -12.18 12.99 -14.38
CA THR A 5 -10.74 13.00 -14.69
C THR A 5 -9.94 13.41 -13.46
N PHE A 6 -8.88 12.66 -13.19
CA PHE A 6 -8.00 12.73 -12.02
C PHE A 6 -6.57 12.26 -12.41
N TYR A 7 -5.61 12.35 -11.50
CA TYR A 7 -4.18 12.10 -11.80
C TYR A 7 -3.75 10.62 -11.70
N GLY A 8 -4.59 9.75 -11.15
CA GLY A 8 -4.32 8.32 -11.07
C GLY A 8 -4.51 7.60 -12.40
N THR A 9 -3.91 6.40 -12.52
CA THR A 9 -4.04 5.54 -13.70
C THR A 9 -5.44 4.91 -13.72
N ARG A 10 -6.39 5.60 -14.33
CA ARG A 10 -7.76 5.06 -14.47
C ARG A 10 -7.74 3.83 -15.36
N LEU A 11 -8.52 2.84 -14.93
CA LEU A 11 -8.46 1.48 -15.49
C LEU A 11 -9.65 1.16 -16.39
N LEU A 12 -9.35 0.75 -17.63
CA LEU A 12 -10.29 0.13 -18.56
C LEU A 12 -10.30 -1.40 -18.46
N ASN A 13 -9.24 -2.01 -17.92
CA ASN A 13 -9.16 -3.45 -17.64
C ASN A 13 -8.97 -3.68 -16.12
N PRO A 14 -10.06 -3.58 -15.31
CA PRO A 14 -10.01 -3.83 -13.87
C PRO A 14 -10.11 -5.31 -13.53
N LYS A 15 -9.76 -5.68 -12.29
CA LYS A 15 -9.68 -7.09 -11.89
C LYS A 15 -10.09 -7.32 -10.42
N PRO A 16 -10.95 -8.30 -10.10
CA PRO A 16 -11.26 -8.66 -8.73
C PRO A 16 -10.01 -9.28 -8.08
N VAL A 17 -9.87 -9.15 -6.76
CA VAL A 17 -8.69 -9.60 -5.99
C VAL A 17 -9.06 -9.94 -4.54
N ASP A 18 -8.28 -10.81 -3.91
CA ASP A 18 -8.22 -11.01 -2.47
C ASP A 18 -6.84 -11.55 -2.08
N PHE A 19 -6.43 -11.28 -0.83
CA PHE A 19 -5.24 -11.86 -0.24
C PHE A 19 -5.44 -12.06 1.26
N ALA A 20 -4.67 -12.99 1.84
CA ALA A 20 -4.45 -13.14 3.27
C ALA A 20 -3.05 -12.60 3.61
N LEU A 21 -2.92 -11.84 4.69
CA LEU A 21 -1.65 -11.43 5.27
C LEU A 21 -1.66 -11.54 6.79
N GLU A 22 -0.46 -11.55 7.33
CA GLU A 22 -0.19 -11.51 8.75
C GLU A 22 0.12 -10.08 9.21
N GLY A 23 -0.23 -9.85 10.47
CA GLY A 23 -0.22 -8.55 11.14
C GLY A 23 0.19 -8.67 12.61
N PRO A 24 0.50 -7.53 13.28
CA PRO A 24 0.96 -7.51 14.67
C PRO A 24 -0.15 -7.80 15.69
N GLN A 25 -1.42 -7.53 15.34
CA GLN A 25 -2.57 -7.89 16.17
C GLN A 25 -3.11 -9.30 15.84
N GLY A 26 -2.56 -9.97 14.81
CA GLY A 26 -3.14 -11.13 14.15
C GLY A 26 -3.33 -10.90 12.65
N PRO A 27 -3.70 -11.95 11.89
CA PRO A 27 -3.84 -11.91 10.43
C PRO A 27 -5.14 -11.25 9.98
N VAL A 28 -5.15 -10.83 8.70
CA VAL A 28 -6.28 -10.16 8.04
C VAL A 28 -6.41 -10.61 6.59
N ARG A 29 -7.62 -10.52 6.00
CA ARG A 29 -7.83 -10.64 4.55
C ARG A 29 -8.19 -9.29 3.92
N LEU A 30 -7.84 -9.10 2.64
CA LEU A 30 -8.24 -7.95 1.81
C LEU A 30 -9.77 -7.77 1.84
N SER A 31 -10.53 -8.85 1.74
CA SER A 31 -12.00 -8.89 1.90
C SER A 31 -12.54 -8.18 3.16
N GLN A 32 -11.76 -7.99 4.25
CA GLN A 32 -12.21 -7.20 5.41
C GLN A 32 -12.41 -5.71 5.12
N PHE A 33 -11.94 -5.21 3.97
CA PHE A 33 -11.92 -3.79 3.64
C PHE A 33 -12.53 -3.48 2.28
N GLN A 34 -13.24 -4.43 1.66
CA GLN A 34 -13.64 -4.33 0.25
C GLN A 34 -14.73 -3.28 -0.02
N ASP A 35 -15.57 -2.95 0.97
CA ASP A 35 -16.44 -1.74 0.95
C ASP A 35 -15.63 -0.42 0.91
N LYS A 36 -14.41 -0.43 1.42
CA LYS A 36 -13.67 0.76 1.81
C LYS A 36 -12.52 1.09 0.84
N VAL A 37 -11.91 2.27 0.98
CA VAL A 37 -11.00 2.85 -0.03
C VAL A 37 -9.58 2.45 0.38
N VAL A 38 -9.11 1.32 -0.17
CA VAL A 38 -7.83 0.71 0.20
C VAL A 38 -6.75 1.09 -0.82
N LEU A 39 -5.65 1.63 -0.28
CA LEU A 39 -4.36 1.79 -0.96
C LEU A 39 -3.41 0.68 -0.51
N LEU A 40 -2.66 0.10 -1.45
CA LEU A 40 -1.48 -0.71 -1.13
C LEU A 40 -0.21 -0.03 -1.65
N PHE A 41 0.81 -0.01 -0.80
CA PHE A 41 2.19 0.28 -1.16
C PHE A 41 3.11 -0.87 -0.71
N PHE A 42 4.09 -1.19 -1.56
CA PHE A 42 5.08 -2.25 -1.32
C PHE A 42 6.47 -1.63 -1.11
N GLY A 43 6.98 -1.74 0.12
CA GLY A 43 8.19 -1.07 0.59
C GLY A 43 9.05 -1.87 1.56
N PHE A 44 10.13 -1.24 2.02
CA PHE A 44 11.00 -1.69 3.09
C PHE A 44 11.10 -0.53 4.10
N THR A 45 11.07 -0.79 5.42
CA THR A 45 11.31 0.24 6.46
C THR A 45 12.66 0.94 6.33
N ARG A 46 13.58 0.38 5.54
CA ARG A 46 14.68 1.15 4.95
C ARG A 46 14.22 1.87 3.68
N CYS A 47 14.27 1.22 2.50
CA CYS A 47 14.05 1.87 1.19
C CYS A 47 15.12 2.98 0.93
N PRO A 48 15.03 3.74 -0.19
CA PRO A 48 15.86 4.92 -0.38
C PRO A 48 15.35 6.14 0.41
N ASP A 49 14.06 6.50 0.26
CA ASP A 49 13.41 7.69 0.86
C ASP A 49 11.90 7.72 0.53
N VAL A 50 11.55 7.13 -0.61
CA VAL A 50 10.19 6.74 -1.04
C VAL A 50 9.32 6.03 0.02
N CYS A 51 9.88 5.51 1.12
CA CYS A 51 9.07 5.23 2.32
C CYS A 51 8.70 6.50 3.12
N PRO A 52 9.65 7.26 3.71
CA PRO A 52 9.31 8.43 4.51
C PRO A 52 8.63 9.56 3.72
N THR A 53 9.15 10.01 2.57
CA THR A 53 8.61 11.20 1.88
C THR A 53 7.24 10.92 1.27
N THR A 54 7.09 9.78 0.58
CA THR A 54 5.81 9.34 0.01
C THR A 54 4.77 9.10 1.09
N LEU A 55 5.13 8.50 2.24
CA LEU A 55 4.20 8.38 3.37
C LEU A 55 3.84 9.75 3.97
N LEU A 56 4.70 10.77 3.87
CA LEU A 56 4.41 12.15 4.30
C LEU A 56 3.39 12.82 3.37
N ALA A 57 3.50 12.62 2.05
CA ALA A 57 2.51 13.08 1.07
C ALA A 57 1.16 12.34 1.26
N LEU A 58 1.21 11.01 1.25
CA LEU A 58 0.05 10.13 1.47
C LEU A 58 -0.70 10.49 2.76
N LYS A 59 0.00 10.59 3.91
CA LYS A 59 -0.66 11.04 5.14
C LYS A 59 -1.23 12.46 5.00
N ARG A 60 -0.50 13.42 4.42
CA ARG A 60 -0.98 14.81 4.30
C ARG A 60 -2.31 14.91 3.54
N ALA A 61 -2.52 14.06 2.54
CA ALA A 61 -3.81 13.93 1.88
C ALA A 61 -4.90 13.34 2.82
N TYR A 62 -4.58 12.24 3.49
CA TYR A 62 -5.49 11.49 4.35
C TYR A 62 -6.01 12.25 5.58
N GLU A 63 -5.13 12.96 6.29
CA GLU A 63 -5.51 13.76 7.47
C GLU A 63 -6.35 15.01 7.08
N LYS A 64 -6.40 15.36 5.79
CA LYS A 64 -7.20 16.48 5.28
C LYS A 64 -8.59 16.03 4.76
N LEU A 65 -8.87 14.72 4.73
CA LEU A 65 -10.20 14.19 4.41
C LEU A 65 -11.20 14.48 5.56
N PRO A 66 -12.45 14.89 5.26
CA PRO A 66 -13.49 15.13 6.26
C PRO A 66 -13.99 13.81 6.87
N PRO A 67 -14.72 13.85 8.01
CA PRO A 67 -15.30 12.64 8.62
C PRO A 67 -16.21 11.86 7.66
N LYS A 68 -16.87 12.51 6.69
CA LYS A 68 -17.74 11.81 5.74
C LYS A 68 -16.94 11.01 4.68
N ALA A 69 -15.71 11.44 4.40
CA ALA A 69 -14.73 10.59 3.74
C ALA A 69 -14.19 9.51 4.70
N GLN A 70 -13.86 9.83 5.95
CA GLN A 70 -13.18 8.88 6.86
C GLN A 70 -13.95 7.56 7.06
N GLU A 71 -15.29 7.56 6.98
CA GLU A 71 -16.17 6.37 6.96
C GLU A 71 -15.67 5.21 6.08
N ARG A 72 -14.85 5.53 5.08
CA ARG A 72 -14.24 4.57 4.15
C ARG A 72 -12.70 4.52 4.11
N VAL A 73 -11.94 5.13 5.03
CA VAL A 73 -10.45 5.30 4.86
C VAL A 73 -9.62 4.24 5.63
N GLN A 74 -8.91 3.34 4.92
CA GLN A 74 -7.78 2.54 5.45
C GLN A 74 -6.65 2.41 4.41
N VAL A 75 -5.40 2.22 4.84
CA VAL A 75 -4.26 1.94 3.93
C VAL A 75 -3.45 0.75 4.46
N ILE A 76 -2.91 -0.05 3.56
CA ILE A 76 -1.93 -1.10 3.89
C ILE A 76 -0.52 -0.71 3.40
N PHE A 77 0.46 -0.82 4.28
CA PHE A 77 1.87 -0.88 3.93
C PHE A 77 2.28 -2.37 3.98
N VAL A 78 2.72 -2.94 2.86
CA VAL A 78 3.28 -4.31 2.84
C VAL A 78 4.80 -4.18 2.83
N SER A 79 5.47 -4.84 3.79
CA SER A 79 6.94 -4.91 3.78
C SER A 79 7.48 -6.09 2.95
N VAL A 80 8.62 -5.87 2.26
CA VAL A 80 9.10 -6.71 1.14
C VAL A 80 10.43 -7.43 1.42
N ASP A 81 11.00 -7.22 2.62
CA ASP A 81 12.13 -7.97 3.18
C ASP A 81 11.67 -8.67 4.48
N PRO A 82 10.76 -9.67 4.42
CA PRO A 82 10.12 -10.25 5.60
C PRO A 82 11.09 -11.04 6.50
N GLU A 83 12.31 -11.36 6.02
CA GLU A 83 13.38 -11.94 6.83
C GLU A 83 14.20 -10.86 7.59
N ARG A 84 13.59 -9.68 7.81
CA ARG A 84 14.20 -8.50 8.42
C ARG A 84 13.19 -7.39 8.79
N ASP A 85 12.04 -7.31 8.14
CA ASP A 85 11.02 -6.28 8.33
C ASP A 85 9.71 -6.86 8.94
N PRO A 86 9.71 -7.27 10.22
CA PRO A 86 8.59 -7.98 10.85
C PRO A 86 7.39 -7.06 11.07
N PRO A 87 6.16 -7.61 11.18
CA PRO A 87 4.92 -6.84 11.07
C PRO A 87 4.78 -5.79 12.15
N GLU A 88 5.22 -6.07 13.40
CA GLU A 88 5.21 -5.09 14.48
C GLU A 88 6.07 -3.86 14.17
N VAL A 89 7.27 -4.03 13.61
CA VAL A 89 8.22 -2.95 13.31
C VAL A 89 7.76 -2.12 12.12
N ALA A 90 7.33 -2.79 11.03
CA ALA A 90 6.70 -2.15 9.88
C ALA A 90 5.46 -1.33 10.29
N ASP A 91 4.69 -1.83 11.25
CA ASP A 91 3.57 -1.11 11.86
C ASP A 91 4.04 0.10 12.68
N ARG A 92 5.08 0.04 13.51
CA ARG A 92 5.59 1.23 14.22
C ARG A 92 5.91 2.35 13.24
N TYR A 93 6.63 2.00 12.18
CA TYR A 93 7.06 2.91 11.12
C TYR A 93 5.89 3.56 10.38
N ALA A 94 5.00 2.76 9.80
CA ALA A 94 3.82 3.22 9.06
C ALA A 94 2.88 4.01 9.97
N LYS A 95 2.56 3.48 11.15
CA LYS A 95 1.67 4.11 12.12
C LYS A 95 2.21 5.44 12.67
N ALA A 96 3.53 5.71 12.59
CA ALA A 96 4.13 7.00 12.97
C ALA A 96 3.83 8.13 11.98
N PHE A 97 3.62 7.82 10.70
CA PHE A 97 3.14 8.78 9.70
C PHE A 97 1.65 9.02 9.82
N HIS A 98 0.86 7.97 10.04
CA HIS A 98 -0.60 8.07 10.12
C HIS A 98 -1.23 6.84 10.78
N PRO A 99 -2.29 7.00 11.62
CA PRO A 99 -2.96 5.88 12.29
C PRO A 99 -3.66 4.91 11.32
N SER A 100 -3.79 5.27 10.05
CA SER A 100 -4.50 4.51 9.01
C SER A 100 -3.60 3.59 8.16
N PHE A 101 -2.27 3.61 8.36
CA PHE A 101 -1.35 2.71 7.67
C PHE A 101 -1.06 1.51 8.57
N LEU A 102 -1.57 0.34 8.17
CA LEU A 102 -1.37 -0.93 8.86
C LEU A 102 -0.21 -1.66 8.20
N GLY A 103 0.71 -2.19 9.02
CA GLY A 103 1.94 -2.84 8.57
C GLY A 103 1.74 -4.35 8.53
N LEU A 104 1.75 -4.91 7.32
CA LEU A 104 1.57 -6.34 7.08
C LEU A 104 2.88 -6.96 6.57
N SER A 105 3.35 -7.97 7.29
CA SER A 105 4.50 -8.80 6.97
C SER A 105 4.24 -10.21 7.52
N GLY A 106 4.79 -11.25 6.92
CA GLY A 106 4.43 -12.60 7.33
C GLY A 106 5.09 -13.73 6.59
N SER A 107 4.31 -14.76 6.36
CA SER A 107 4.72 -15.94 5.62
C SER A 107 5.04 -15.60 4.14
N PRO A 108 6.02 -16.29 3.52
CA PRO A 108 6.38 -16.03 2.12
C PRO A 108 5.22 -16.33 1.18
N GLU A 109 4.30 -17.25 1.54
CA GLU A 109 3.06 -17.47 0.80
C GLU A 109 2.09 -16.28 0.92
N ALA A 110 1.82 -15.77 2.12
CA ALA A 110 1.03 -14.55 2.28
C ALA A 110 1.63 -13.37 1.49
N VAL A 111 2.92 -13.10 1.70
CA VAL A 111 3.62 -11.96 1.08
C VAL A 111 3.72 -12.14 -0.45
N ARG A 112 3.90 -13.37 -0.97
CA ARG A 112 3.88 -13.61 -2.43
C ARG A 112 2.49 -13.45 -3.04
N GLU A 113 1.44 -13.92 -2.37
CA GLU A 113 0.06 -13.74 -2.85
C GLU A 113 -0.29 -12.27 -3.07
N ALA A 114 -0.22 -11.46 -2.00
CA ALA A 114 -0.62 -10.04 -2.06
C ALA A 114 0.20 -9.25 -3.09
N ALA A 115 1.47 -9.61 -3.27
CA ALA A 115 2.30 -9.08 -4.33
C ALA A 115 1.84 -9.54 -5.71
N GLN A 116 1.86 -10.85 -6.00
CA GLN A 116 1.68 -11.40 -7.35
C GLN A 116 0.30 -11.10 -7.93
N THR A 117 -0.72 -11.23 -7.08
CA THR A 117 -2.13 -11.13 -7.46
C THR A 117 -2.49 -9.68 -7.80
N PHE A 118 -1.85 -8.72 -7.14
CA PHE A 118 -1.83 -7.31 -7.55
C PHE A 118 -0.95 -7.08 -8.79
N GLY A 119 0.27 -7.65 -8.82
CA GLY A 119 1.27 -7.58 -9.91
C GLY A 119 2.68 -7.17 -9.48
N VAL A 120 2.99 -7.23 -8.19
CA VAL A 120 4.31 -6.97 -7.60
C VAL A 120 5.13 -8.27 -7.51
N PHE A 121 6.44 -8.09 -7.48
CA PHE A 121 7.47 -9.11 -7.42
C PHE A 121 8.64 -8.60 -6.55
N TYR A 122 9.30 -9.54 -5.86
CA TYR A 122 10.45 -9.28 -4.97
C TYR A 122 11.51 -10.39 -5.12
N GLN A 123 12.78 -9.99 -5.23
CA GLN A 123 13.93 -10.87 -5.46
C GLN A 123 15.03 -10.52 -4.45
N LYS A 124 15.73 -11.49 -3.88
CA LYS A 124 16.94 -11.22 -3.08
C LYS A 124 18.21 -11.42 -3.91
N SER A 125 19.08 -10.42 -3.94
CA SER A 125 20.12 -10.27 -4.98
C SER A 125 21.57 -10.45 -4.45
N GLN A 126 21.72 -10.82 -3.17
CA GLN A 126 22.96 -11.16 -2.51
C GLN A 126 22.62 -12.23 -1.48
N TYR A 127 23.53 -13.19 -1.32
CA TYR A 127 23.46 -14.11 -0.19
C TYR A 127 23.95 -13.45 1.11
N ARG A 128 23.27 -13.78 2.21
CA ARG A 128 23.37 -13.26 3.59
C ARG A 128 24.71 -13.54 4.31
N GLY A 129 25.80 -13.73 3.56
CA GLY A 129 27.13 -14.15 4.02
C GLY A 129 27.78 -13.19 5.02
N PRO A 130 27.86 -11.87 4.75
CA PRO A 130 28.36 -10.88 5.71
C PRO A 130 27.26 -10.47 6.71
N GLY A 131 26.32 -11.36 7.05
CA GLY A 131 25.15 -11.08 7.88
C GLY A 131 24.06 -10.25 7.19
N GLU A 132 24.36 -9.71 6.00
CA GLU A 132 23.51 -8.79 5.25
C GLU A 132 23.53 -9.11 3.74
N TYR A 133 22.62 -8.47 3.01
CA TYR A 133 22.18 -8.67 1.63
C TYR A 133 21.32 -7.46 1.21
N LEU A 134 20.94 -7.38 -0.08
CA LEU A 134 19.79 -6.56 -0.51
C LEU A 134 18.70 -7.43 -1.16
N VAL A 135 17.53 -6.83 -1.27
CA VAL A 135 16.39 -7.34 -2.05
C VAL A 135 15.91 -6.19 -2.95
N ASP A 136 15.41 -6.53 -4.11
CA ASP A 136 14.90 -5.61 -5.13
C ASP A 136 13.43 -5.94 -5.39
N HIS A 137 12.56 -4.93 -5.40
CA HIS A 137 11.11 -5.09 -5.49
C HIS A 137 10.45 -4.04 -6.40
N THR A 138 9.19 -4.28 -6.79
CA THR A 138 8.39 -3.32 -7.56
C THR A 138 8.09 -2.07 -6.72
N ALA A 139 8.32 -0.89 -7.28
CA ALA A 139 8.07 0.40 -6.63
C ALA A 139 6.75 1.04 -7.13
N THR A 140 5.63 0.36 -6.87
CA THR A 140 4.29 0.68 -7.40
C THR A 140 3.24 0.74 -6.28
N THR A 141 2.13 1.43 -6.57
CA THR A 141 1.01 1.72 -5.66
C THR A 141 -0.30 1.32 -6.34
N PHE A 142 -1.23 0.78 -5.56
CA PHE A 142 -2.43 0.10 -6.08
C PHE A 142 -3.68 0.58 -5.36
N VAL A 143 -4.81 0.69 -6.08
CA VAL A 143 -6.09 1.19 -5.51
C VAL A 143 -7.19 0.14 -5.67
N VAL A 144 -7.76 -0.25 -4.53
CA VAL A 144 -8.81 -1.27 -4.42
C VAL A 144 -9.99 -0.76 -3.59
N LYS A 145 -11.17 -0.87 -4.20
CA LYS A 145 -12.49 -0.84 -3.57
C LYS A 145 -13.43 -1.80 -4.33
N GLU A 146 -14.58 -2.17 -3.76
CA GLU A 146 -15.57 -3.13 -4.30
C GLU A 146 -15.06 -4.59 -4.27
N GLY A 147 -13.76 -4.83 -4.00
CA GLY A 147 -13.08 -6.11 -4.14
C GLY A 147 -12.22 -6.23 -5.40
N ARG A 148 -11.98 -5.11 -6.12
CA ARG A 148 -11.23 -5.09 -7.38
C ARG A 148 -10.25 -3.92 -7.50
N LEU A 149 -9.19 -4.11 -8.30
CA LEU A 149 -8.36 -3.02 -8.81
C LEU A 149 -9.22 -2.07 -9.65
N VAL A 150 -9.39 -0.83 -9.18
CA VAL A 150 -10.09 0.26 -9.89
C VAL A 150 -9.14 1.36 -10.39
N LEU A 151 -7.88 1.36 -9.92
CA LEU A 151 -6.89 2.41 -10.15
C LEU A 151 -5.49 1.93 -9.76
N LEU A 152 -4.47 2.54 -10.39
CA LEU A 152 -3.06 2.32 -10.09
C LEU A 152 -2.32 3.66 -9.98
N TYR A 153 -1.22 3.66 -9.24
CA TYR A 153 -0.30 4.77 -9.03
C TYR A 153 1.16 4.28 -9.04
N SER A 154 2.09 5.18 -9.24
CA SER A 154 3.49 5.02 -8.80
C SER A 154 3.77 6.05 -7.70
N PRO A 155 4.77 5.85 -6.82
CA PRO A 155 4.93 6.67 -5.63
C PRO A 155 5.22 8.13 -5.96
N ASP A 156 6.04 8.42 -6.99
CA ASP A 156 6.30 9.78 -7.49
C ASP A 156 5.03 10.58 -7.81
N LYS A 157 4.09 9.88 -8.43
CA LYS A 157 2.78 10.41 -8.79
C LYS A 157 1.89 10.58 -7.55
N ALA A 158 2.08 9.75 -6.52
CA ALA A 158 1.38 9.87 -5.24
C ALA A 158 1.96 10.98 -4.33
N GLU A 159 3.19 11.47 -4.59
CA GLU A 159 3.74 12.61 -3.83
C GLU A 159 3.01 13.93 -4.15
N ALA A 160 2.29 13.99 -5.28
CA ALA A 160 1.32 15.02 -5.64
C ALA A 160 0.08 14.95 -4.73
N THR A 161 0.30 15.38 -3.49
CA THR A 161 -0.58 15.27 -2.32
C THR A 161 -2.02 15.69 -2.63
N ASP A 162 -2.20 16.89 -3.18
CA ASP A 162 -3.53 17.42 -3.53
C ASP A 162 -4.21 16.59 -4.64
N ARG A 163 -3.48 16.13 -5.65
CA ARG A 163 -3.98 15.17 -6.63
C ARG A 163 -4.42 13.86 -5.98
N VAL A 164 -3.70 13.35 -4.98
CA VAL A 164 -4.16 12.16 -4.23
C VAL A 164 -5.45 12.45 -3.45
N VAL A 165 -5.60 13.63 -2.81
CA VAL A 165 -6.90 14.02 -2.21
C VAL A 165 -8.06 13.94 -3.21
N ALA A 166 -7.87 14.41 -4.45
CA ALA A 166 -8.90 14.44 -5.49
C ALA A 166 -9.28 13.02 -6.00
N ASP A 167 -8.29 12.17 -6.28
CA ASP A 167 -8.51 10.74 -6.61
C ASP A 167 -9.32 10.03 -5.52
N LEU A 168 -8.94 10.21 -4.25
CA LEU A 168 -9.66 9.61 -3.10
C LEU A 168 -11.08 10.13 -2.92
N GLN A 169 -11.34 11.36 -3.36
CA GLN A 169 -12.68 11.94 -3.43
C GLN A 169 -13.55 11.31 -4.52
N ALA A 170 -12.99 10.86 -5.65
CA ALA A 170 -13.72 10.09 -6.66
C ALA A 170 -14.04 8.64 -6.23
N LEU A 171 -13.23 8.10 -5.33
CA LEU A 171 -13.25 6.69 -4.89
C LEU A 171 -14.22 6.40 -3.72
N LEU A 172 -14.78 7.42 -3.08
CA LEU A 172 -15.74 7.32 -1.96
C LEU A 172 -16.85 6.25 -2.09
N GLY A 1 -17.42 18.89 -10.42
CA GLY A 1 -18.71 19.23 -11.06
C GLY A 1 -19.19 18.02 -11.81
N ALA A 2 -19.73 18.18 -13.03
CA ALA A 2 -19.91 17.06 -13.95
C ALA A 2 -18.56 16.45 -14.34
N MET A 3 -17.55 17.29 -14.60
CA MET A 3 -16.14 16.89 -14.67
C MET A 3 -15.48 16.93 -13.28
N HIS A 4 -14.59 15.97 -13.04
CA HIS A 4 -13.50 16.01 -12.06
C HIS A 4 -12.20 15.60 -12.77
N THR A 5 -11.04 16.01 -12.26
CA THR A 5 -9.72 15.80 -12.85
C THR A 5 -9.06 14.55 -12.28
N PHE A 6 -8.56 13.67 -13.15
CA PHE A 6 -7.75 12.52 -12.78
C PHE A 6 -6.26 12.84 -12.99
N TYR A 7 -5.38 12.10 -12.32
CA TYR A 7 -3.93 12.18 -12.45
C TYR A 7 -3.22 10.81 -12.33
N GLY A 8 -3.86 9.82 -11.70
CA GLY A 8 -3.37 8.45 -11.56
C GLY A 8 -3.60 7.61 -12.81
N THR A 9 -3.10 6.36 -12.79
CA THR A 9 -3.24 5.41 -13.89
C THR A 9 -4.59 4.74 -13.76
N ARG A 10 -5.58 5.29 -14.45
CA ARG A 10 -6.93 4.72 -14.54
C ARG A 10 -6.92 3.39 -15.29
N LEU A 11 -7.64 2.40 -14.77
CA LEU A 11 -7.83 1.11 -15.44
C LEU A 11 -9.12 1.07 -16.29
N LEU A 12 -9.18 0.12 -17.22
CA LEU A 12 -10.33 -0.10 -18.11
C LEU A 12 -11.14 -1.32 -17.67
N ASN A 13 -10.49 -2.48 -17.55
CA ASN A 13 -11.12 -3.72 -17.10
C ASN A 13 -10.67 -4.04 -15.65
N PRO A 14 -11.49 -3.78 -14.61
CA PRO A 14 -11.08 -3.96 -13.21
C PRO A 14 -11.12 -5.43 -12.79
N LYS A 15 -10.18 -5.85 -11.95
CA LYS A 15 -10.02 -7.24 -11.52
C LYS A 15 -10.24 -7.40 -10.01
N PRO A 16 -11.06 -8.37 -9.55
CA PRO A 16 -11.24 -8.66 -8.13
C PRO A 16 -9.95 -9.27 -7.56
N VAL A 17 -9.70 -9.07 -6.27
CA VAL A 17 -8.45 -9.41 -5.56
C VAL A 17 -8.72 -9.62 -4.06
N ASP A 18 -7.82 -10.37 -3.41
CA ASP A 18 -7.70 -10.48 -1.95
C ASP A 18 -6.21 -10.65 -1.57
N PHE A 19 -5.92 -10.72 -0.27
CA PHE A 19 -4.73 -11.36 0.28
C PHE A 19 -5.05 -12.02 1.62
N ALA A 20 -4.13 -12.83 2.13
CA ALA A 20 -3.96 -13.06 3.56
C ALA A 20 -2.54 -12.62 3.93
N LEU A 21 -2.42 -11.80 4.98
CA LEU A 21 -1.16 -11.27 5.52
C LEU A 21 -1.22 -11.21 7.04
N GLU A 22 -0.04 -11.27 7.65
CA GLU A 22 0.17 -11.26 9.09
C GLU A 22 0.55 -9.88 9.62
N GLY A 23 0.16 -9.65 10.88
CA GLY A 23 0.22 -8.36 11.58
C GLY A 23 0.61 -8.48 13.06
N PRO A 24 0.69 -7.35 13.80
CA PRO A 24 1.26 -7.29 15.15
C PRO A 24 0.36 -7.88 16.25
N GLN A 25 -0.95 -8.01 16.03
CA GLN A 25 -1.91 -8.48 17.03
C GLN A 25 -2.88 -9.53 16.43
N GLY A 26 -2.45 -10.20 15.34
CA GLY A 26 -3.26 -11.10 14.51
C GLY A 26 -3.11 -10.80 13.01
N PRO A 27 -3.52 -11.74 12.13
CA PRO A 27 -3.49 -11.58 10.67
C PRO A 27 -4.75 -10.88 10.14
N VAL A 28 -4.71 -10.46 8.87
CA VAL A 28 -5.84 -9.81 8.18
C VAL A 28 -5.92 -10.26 6.72
N ARG A 29 -7.05 -9.94 6.08
CA ARG A 29 -7.24 -10.08 4.62
C ARG A 29 -7.72 -8.75 4.02
N LEU A 30 -7.52 -8.55 2.72
CA LEU A 30 -8.15 -7.43 2.00
C LEU A 30 -9.67 -7.57 1.94
N SER A 31 -10.18 -8.81 1.90
CA SER A 31 -11.61 -9.13 1.92
C SER A 31 -12.31 -8.72 3.23
N GLN A 32 -11.57 -8.35 4.29
CA GLN A 32 -12.15 -7.70 5.48
C GLN A 32 -12.52 -6.23 5.24
N PHE A 33 -12.08 -5.62 4.12
CA PHE A 33 -12.22 -4.20 3.81
C PHE A 33 -12.74 -3.96 2.38
N GLN A 34 -13.48 -4.91 1.81
CA GLN A 34 -13.85 -4.92 0.37
C GLN A 34 -14.64 -3.69 -0.10
N ASP A 35 -15.57 -3.17 0.69
CA ASP A 35 -16.39 -1.96 0.47
C ASP A 35 -15.58 -0.69 0.17
N LYS A 36 -14.34 -0.67 0.65
CA LYS A 36 -13.61 0.57 0.93
C LYS A 36 -12.64 0.98 -0.18
N VAL A 37 -12.17 2.20 -0.06
CA VAL A 37 -11.27 2.93 -0.95
C VAL A 37 -9.88 2.66 -0.38
N VAL A 38 -9.46 1.41 -0.57
CA VAL A 38 -8.29 0.82 0.10
C VAL A 38 -7.10 0.87 -0.84
N LEU A 39 -5.98 1.33 -0.30
CA LEU A 39 -4.69 1.42 -0.99
C LEU A 39 -3.71 0.42 -0.38
N LEU A 40 -3.06 -0.37 -1.22
CA LEU A 40 -1.88 -1.15 -0.86
C LEU A 40 -0.63 -0.39 -1.28
N PHE A 41 0.44 -0.53 -0.50
CA PHE A 41 1.78 0.00 -0.81
C PHE A 41 2.85 -1.01 -0.42
N PHE A 42 3.66 -1.43 -1.39
CA PHE A 42 4.72 -2.43 -1.21
C PHE A 42 6.05 -1.72 -1.01
N GLY A 43 6.59 -1.85 0.21
CA GLY A 43 7.78 -1.17 0.74
C GLY A 43 8.58 -2.00 1.75
N PHE A 44 9.59 -1.38 2.36
CA PHE A 44 10.19 -1.89 3.61
C PHE A 44 10.61 -0.76 4.57
N THR A 45 10.65 -1.07 5.88
CA THR A 45 11.12 -0.15 6.96
C THR A 45 12.59 0.20 6.81
N ARG A 46 13.37 -0.70 6.18
CA ARG A 46 14.69 -0.51 5.61
C ARG A 46 14.71 0.49 4.42
N CYS A 47 13.98 1.61 4.55
CA CYS A 47 13.58 2.48 3.46
C CYS A 47 14.75 3.16 2.73
N PRO A 48 14.58 3.47 1.43
CA PRO A 48 15.25 4.60 0.81
C PRO A 48 14.42 5.84 1.20
N ASP A 49 14.05 6.68 0.24
CA ASP A 49 13.31 7.92 0.49
C ASP A 49 11.80 7.72 0.23
N VAL A 50 11.52 6.90 -0.78
CA VAL A 50 10.18 6.60 -1.28
C VAL A 50 9.19 6.09 -0.23
N CYS A 51 9.63 5.30 0.76
CA CYS A 51 8.74 4.78 1.81
C CYS A 51 8.30 5.88 2.79
N PRO A 52 9.19 6.66 3.44
CA PRO A 52 8.73 7.75 4.30
C PRO A 52 8.03 8.84 3.47
N THR A 53 8.58 9.26 2.33
CA THR A 53 8.01 10.35 1.52
C THR A 53 6.62 10.02 0.97
N THR A 54 6.41 8.82 0.41
CA THR A 54 5.08 8.43 -0.11
C THR A 54 4.07 8.21 1.01
N LEU A 55 4.45 7.71 2.19
CA LEU A 55 3.54 7.66 3.34
C LEU A 55 3.17 9.08 3.84
N LEU A 56 4.10 10.04 3.75
CA LEU A 56 3.81 11.44 4.08
C LEU A 56 2.81 12.04 3.09
N ALA A 57 2.98 11.81 1.78
CA ALA A 57 2.04 12.27 0.75
C ALA A 57 0.66 11.59 0.88
N LEU A 58 0.63 10.26 0.98
CA LEU A 58 -0.58 9.47 1.25
C LEU A 58 -1.35 10.02 2.45
N LYS A 59 -0.68 10.26 3.58
CA LYS A 59 -1.35 10.79 4.76
C LYS A 59 -1.79 12.25 4.60
N ARG A 60 -1.04 13.09 3.89
CA ARG A 60 -1.46 14.45 3.56
C ARG A 60 -2.76 14.48 2.73
N ALA A 61 -2.95 13.51 1.83
CA ALA A 61 -4.20 13.35 1.09
C ALA A 61 -5.38 12.92 1.99
N TYR A 62 -5.15 12.00 2.93
CA TYR A 62 -6.14 11.62 3.94
C TYR A 62 -6.55 12.81 4.83
N GLU A 63 -5.60 13.61 5.30
CA GLU A 63 -5.86 14.81 6.11
C GLU A 63 -6.67 15.88 5.34
N LYS A 64 -6.71 15.81 4.01
CA LYS A 64 -7.52 16.68 3.16
C LYS A 64 -8.98 16.20 2.95
N LEU A 65 -9.41 15.06 3.52
CA LEU A 65 -10.76 14.51 3.38
C LEU A 65 -11.79 15.24 4.26
N PRO A 66 -13.10 15.17 3.94
CA PRO A 66 -14.14 15.38 4.95
C PRO A 66 -14.13 14.20 5.93
N PRO A 67 -14.55 14.41 7.19
CA PRO A 67 -14.53 13.38 8.22
C PRO A 67 -15.45 12.20 7.90
N LYS A 68 -16.37 12.31 6.93
CA LYS A 68 -17.24 11.20 6.51
C LYS A 68 -16.60 10.31 5.43
N ALA A 69 -15.62 10.80 4.67
CA ALA A 69 -14.90 10.01 3.67
C ALA A 69 -13.85 9.04 4.26
N GLN A 70 -13.18 9.40 5.36
CA GLN A 70 -12.18 8.52 6.01
C GLN A 70 -12.78 7.17 6.45
N GLU A 71 -14.09 7.13 6.76
CA GLU A 71 -14.91 5.92 7.01
C GLU A 71 -14.84 4.89 5.88
N ARG A 72 -14.42 5.38 4.71
CA ARG A 72 -14.21 4.67 3.46
C ARG A 72 -12.73 4.51 3.08
N VAL A 73 -11.75 5.20 3.70
CA VAL A 73 -10.36 5.28 3.23
C VAL A 73 -9.41 4.78 4.32
N GLN A 74 -8.71 3.68 4.06
CA GLN A 74 -7.67 3.09 4.91
C GLN A 74 -6.52 2.63 4.00
N VAL A 75 -5.30 2.51 4.54
CA VAL A 75 -4.13 2.08 3.74
C VAL A 75 -3.45 0.89 4.41
N ILE A 76 -2.98 -0.06 3.60
CA ILE A 76 -2.18 -1.21 4.02
C ILE A 76 -0.74 -1.08 3.50
N PHE A 77 0.24 -1.10 4.39
CA PHE A 77 1.66 -1.17 4.04
C PHE A 77 2.09 -2.64 4.11
N VAL A 78 2.63 -3.15 3.01
CA VAL A 78 3.12 -4.53 2.88
C VAL A 78 4.66 -4.48 2.89
N SER A 79 5.27 -5.19 3.84
CA SER A 79 6.72 -5.36 3.92
C SER A 79 7.28 -6.26 2.81
N VAL A 80 8.47 -5.93 2.29
CA VAL A 80 9.15 -6.69 1.20
C VAL A 80 10.62 -6.99 1.55
N ASP A 81 10.96 -6.96 2.84
CA ASP A 81 12.21 -7.54 3.38
C ASP A 81 11.84 -8.48 4.53
N PRO A 82 11.21 -9.65 4.24
CA PRO A 82 10.62 -10.50 5.26
C PRO A 82 11.70 -11.05 6.20
N GLU A 83 11.31 -11.22 7.48
CA GLU A 83 12.16 -11.52 8.64
C GLU A 83 12.95 -10.27 9.10
N ARG A 84 13.54 -9.49 8.20
CA ARG A 84 14.23 -8.22 8.53
C ARG A 84 13.21 -7.14 8.92
N ASP A 85 12.02 -7.18 8.31
CA ASP A 85 10.94 -6.22 8.50
C ASP A 85 9.76 -6.88 9.24
N PRO A 86 9.89 -7.27 10.54
CA PRO A 86 8.84 -8.02 11.23
C PRO A 86 7.60 -7.16 11.50
N PRO A 87 6.39 -7.75 11.61
CA PRO A 87 5.12 -7.04 11.49
C PRO A 87 4.91 -5.94 12.53
N GLU A 88 5.46 -6.11 13.73
CA GLU A 88 5.37 -5.10 14.78
C GLU A 88 6.21 -3.86 14.46
N VAL A 89 7.45 -4.02 13.99
CA VAL A 89 8.32 -2.90 13.55
C VAL A 89 7.71 -2.20 12.32
N ALA A 90 7.18 -2.97 11.36
CA ALA A 90 6.48 -2.45 10.19
C ALA A 90 5.20 -1.67 10.57
N ASP A 91 4.43 -2.14 11.55
CA ASP A 91 3.20 -1.46 12.01
C ASP A 91 3.47 -0.17 12.78
N ARG A 92 4.48 -0.14 13.68
CA ARG A 92 4.92 1.11 14.31
C ARG A 92 5.27 2.16 13.26
N TYR A 93 6.04 1.76 12.26
CA TYR A 93 6.49 2.62 11.16
C TYR A 93 5.34 3.23 10.34
N ALA A 94 4.42 2.40 9.84
CA ALA A 94 3.13 2.81 9.27
C ALA A 94 2.42 3.85 10.16
N LYS A 95 2.16 3.49 11.42
CA LYS A 95 1.43 4.35 12.36
C LYS A 95 2.19 5.65 12.72
N ALA A 96 3.52 5.68 12.63
CA ALA A 96 4.34 6.88 12.90
C ALA A 96 4.22 7.97 11.84
N PHE A 97 3.85 7.63 10.60
CA PHE A 97 3.37 8.60 9.62
C PHE A 97 1.91 8.97 9.85
N HIS A 98 1.05 7.97 10.07
CA HIS A 98 -0.39 8.23 10.29
C HIS A 98 -1.15 7.00 10.82
N PRO A 99 -2.18 7.19 11.68
CA PRO A 99 -2.98 6.08 12.20
C PRO A 99 -3.79 5.29 11.15
N SER A 100 -3.97 5.80 9.93
CA SER A 100 -4.72 5.09 8.87
C SER A 100 -3.86 4.09 8.04
N PHE A 101 -2.58 3.91 8.40
CA PHE A 101 -1.72 2.87 7.80
C PHE A 101 -1.67 1.66 8.74
N LEU A 102 -1.77 0.44 8.20
CA LEU A 102 -1.46 -0.80 8.93
C LEU A 102 -0.15 -1.38 8.42
N GLY A 103 0.70 -1.96 9.28
CA GLY A 103 1.92 -2.67 8.86
C GLY A 103 1.73 -4.18 8.86
N LEU A 104 1.93 -4.79 7.70
CA LEU A 104 1.80 -6.23 7.47
C LEU A 104 3.15 -6.85 7.05
N SER A 105 3.59 -7.86 7.78
CA SER A 105 4.74 -8.71 7.45
C SER A 105 4.51 -10.12 7.96
N GLY A 106 4.94 -11.13 7.21
CA GLY A 106 4.59 -12.50 7.52
C GLY A 106 5.47 -13.55 6.88
N SER A 107 4.88 -14.73 6.78
CA SER A 107 5.43 -15.89 6.07
C SER A 107 5.75 -15.56 4.60
N PRO A 108 6.86 -16.10 4.05
CA PRO A 108 7.28 -15.80 2.68
C PRO A 108 6.20 -16.17 1.66
N GLU A 109 5.42 -17.23 1.95
CA GLU A 109 4.26 -17.65 1.17
C GLU A 109 3.15 -16.58 1.21
N ALA A 110 2.76 -16.10 2.39
CA ALA A 110 1.67 -15.12 2.52
C ALA A 110 2.04 -13.76 1.92
N VAL A 111 3.26 -13.25 2.16
CA VAL A 111 3.71 -12.02 1.48
C VAL A 111 3.78 -12.23 -0.05
N ARG A 112 4.13 -13.44 -0.50
CA ARG A 112 4.10 -13.78 -1.93
C ARG A 112 2.67 -13.91 -2.47
N GLU A 113 1.69 -14.45 -1.74
CA GLU A 113 0.29 -14.51 -2.20
C GLU A 113 -0.24 -13.10 -2.51
N ALA A 114 0.00 -12.16 -1.61
CA ALA A 114 -0.34 -10.75 -1.81
C ALA A 114 0.39 -10.15 -3.05
N ALA A 115 1.70 -10.33 -3.13
CA ALA A 115 2.50 -9.85 -4.25
C ALA A 115 2.05 -10.43 -5.60
N GLN A 116 1.90 -11.76 -5.70
CA GLN A 116 1.48 -12.46 -6.90
C GLN A 116 0.10 -12.00 -7.37
N THR A 117 -0.82 -11.80 -6.42
CA THR A 117 -2.22 -11.44 -6.73
C THR A 117 -2.30 -10.04 -7.34
N PHE A 118 -1.55 -9.10 -6.78
CA PHE A 118 -1.41 -7.73 -7.32
C PHE A 118 -0.50 -7.60 -8.56
N GLY A 119 0.36 -8.60 -8.84
CA GLY A 119 1.35 -8.55 -9.93
C GLY A 119 2.71 -7.96 -9.54
N VAL A 120 3.01 -7.86 -8.25
CA VAL A 120 4.29 -7.36 -7.72
C VAL A 120 5.34 -8.45 -7.81
N PHE A 121 6.49 -8.08 -8.39
CA PHE A 121 7.67 -8.91 -8.59
C PHE A 121 8.86 -8.38 -7.78
N TYR A 122 9.66 -9.32 -7.27
CA TYR A 122 10.87 -9.06 -6.49
C TYR A 122 11.99 -10.07 -6.81
N GLN A 123 13.23 -9.74 -6.49
CA GLN A 123 14.40 -10.60 -6.63
C GLN A 123 15.28 -10.42 -5.38
N LYS A 124 16.43 -11.09 -5.28
CA LYS A 124 17.42 -10.73 -4.25
C LYS A 124 18.87 -10.85 -4.75
N SER A 125 19.72 -9.92 -4.34
CA SER A 125 21.05 -9.69 -4.90
C SER A 125 22.10 -9.45 -3.80
N GLN A 126 23.39 -9.33 -4.13
CA GLN A 126 24.48 -8.94 -3.21
C GLN A 126 24.63 -9.83 -1.95
N TYR A 127 24.10 -11.06 -1.97
CA TYR A 127 23.90 -11.92 -0.77
C TYR A 127 25.18 -12.57 -0.20
N ARG A 128 26.03 -11.72 0.39
CA ARG A 128 27.16 -12.07 1.25
C ARG A 128 26.75 -12.80 2.54
N GLY A 129 25.53 -12.57 3.05
CA GLY A 129 25.01 -13.20 4.27
C GLY A 129 23.48 -13.25 4.34
N PRO A 130 22.91 -13.64 5.51
CA PRO A 130 21.46 -13.75 5.72
C PRO A 130 20.78 -12.39 5.91
N GLY A 131 21.49 -11.40 6.47
CA GLY A 131 21.06 -10.00 6.52
C GLY A 131 21.89 -9.05 5.64
N GLU A 132 23.09 -9.46 5.24
CA GLU A 132 23.94 -8.71 4.32
C GLU A 132 23.62 -9.15 2.88
N TYR A 133 22.71 -8.40 2.25
CA TYR A 133 22.14 -8.64 0.92
C TYR A 133 21.25 -7.47 0.49
N LEU A 134 20.85 -7.39 -0.78
CA LEU A 134 19.66 -6.63 -1.21
C LEU A 134 18.52 -7.61 -1.48
N VAL A 135 17.31 -7.24 -1.11
CA VAL A 135 16.08 -7.70 -1.75
C VAL A 135 15.60 -6.55 -2.61
N ASP A 136 15.34 -6.85 -3.87
CA ASP A 136 15.10 -5.87 -4.93
C ASP A 136 13.61 -5.97 -5.32
N HIS A 137 12.83 -4.90 -5.18
CA HIS A 137 11.40 -4.92 -5.51
C HIS A 137 10.90 -3.63 -6.18
N THR A 138 9.70 -3.69 -6.77
CA THR A 138 8.97 -2.54 -7.32
C THR A 138 8.20 -1.84 -6.21
N ALA A 139 8.45 -0.55 -5.99
CA ALA A 139 7.63 0.29 -5.12
C ALA A 139 6.44 0.86 -5.92
N THR A 140 5.23 0.35 -5.68
CA THR A 140 3.99 0.78 -6.38
C THR A 140 2.81 0.78 -5.43
N THR A 141 1.81 1.62 -5.72
CA THR A 141 0.56 1.78 -4.97
C THR A 141 -0.61 1.23 -5.78
N PHE A 142 -1.45 0.40 -5.16
CA PHE A 142 -2.51 -0.34 -5.83
C PHE A 142 -3.87 -0.02 -5.20
N VAL A 143 -4.82 0.49 -5.99
CA VAL A 143 -6.06 1.08 -5.46
C VAL A 143 -7.24 0.19 -5.79
N VAL A 144 -7.97 -0.20 -4.75
CA VAL A 144 -9.18 -1.03 -4.86
C VAL A 144 -10.43 -0.34 -4.28
N LYS A 145 -11.59 -0.68 -4.83
CA LYS A 145 -12.92 -0.55 -4.22
C LYS A 145 -13.83 -1.72 -4.65
N GLU A 146 -14.67 -2.24 -3.75
CA GLU A 146 -15.51 -3.44 -3.95
C GLU A 146 -14.65 -4.70 -4.15
N GLY A 147 -13.53 -4.78 -3.42
CA GLY A 147 -12.59 -5.91 -3.48
C GLY A 147 -11.87 -6.05 -4.82
N ARG A 148 -11.89 -5.04 -5.69
CA ARG A 148 -11.29 -5.08 -7.03
C ARG A 148 -10.46 -3.84 -7.35
N LEU A 149 -9.38 -4.09 -8.09
CA LEU A 149 -8.38 -3.11 -8.52
C LEU A 149 -8.96 -2.21 -9.62
N VAL A 150 -9.02 -0.91 -9.36
CA VAL A 150 -9.55 0.12 -10.29
C VAL A 150 -8.53 1.18 -10.71
N LEU A 151 -7.38 1.27 -10.02
CA LEU A 151 -6.39 2.33 -10.24
C LEU A 151 -4.98 1.91 -9.78
N LEU A 152 -3.95 2.40 -10.49
CA LEU A 152 -2.54 2.25 -10.13
C LEU A 152 -1.85 3.61 -9.96
N TYR A 153 -0.96 3.69 -8.98
CA TYR A 153 -0.14 4.86 -8.70
C TYR A 153 1.35 4.48 -8.62
N SER A 154 2.15 5.13 -9.47
CA SER A 154 3.61 5.22 -9.29
C SER A 154 3.92 6.21 -8.15
N PRO A 155 5.04 6.02 -7.39
CA PRO A 155 5.45 6.97 -6.38
C PRO A 155 5.67 8.38 -6.94
N ASP A 156 6.27 8.52 -8.13
CA ASP A 156 6.51 9.82 -8.78
C ASP A 156 5.23 10.58 -9.19
N LYS A 157 4.07 9.94 -9.06
CA LYS A 157 2.73 10.55 -9.11
C LYS A 157 2.11 10.66 -7.71
N ALA A 158 2.35 9.68 -6.82
CA ALA A 158 1.74 9.61 -5.48
C ALA A 158 2.23 10.71 -4.53
N GLU A 159 3.42 11.27 -4.75
CA GLU A 159 3.90 12.48 -4.06
C GLU A 159 2.86 13.62 -4.12
N ALA A 160 2.14 13.74 -5.25
CA ALA A 160 1.19 14.82 -5.52
C ALA A 160 -0.11 14.67 -4.72
N THR A 161 -0.02 14.96 -3.41
CA THR A 161 -1.08 15.00 -2.39
C THR A 161 -2.46 15.35 -2.94
N ASP A 162 -2.61 16.54 -3.51
CA ASP A 162 -3.89 17.08 -3.98
C ASP A 162 -4.43 16.36 -5.23
N ARG A 163 -3.54 15.74 -5.99
CA ARG A 163 -3.88 14.82 -7.08
C ARG A 163 -4.39 13.48 -6.53
N VAL A 164 -3.69 12.92 -5.53
CA VAL A 164 -4.12 11.68 -4.84
C VAL A 164 -5.49 11.90 -4.17
N VAL A 165 -5.71 13.07 -3.55
CA VAL A 165 -7.06 13.47 -3.10
C VAL A 165 -8.09 13.33 -4.23
N ALA A 166 -7.88 13.93 -5.39
CA ALA A 166 -8.88 14.00 -6.47
C ALA A 166 -9.20 12.64 -7.12
N ASP A 167 -8.19 11.80 -7.35
CA ASP A 167 -8.40 10.43 -7.85
C ASP A 167 -9.25 9.64 -6.86
N LEU A 168 -8.90 9.66 -5.56
CA LEU A 168 -9.65 8.94 -4.52
C LEU A 168 -11.04 9.54 -4.26
N GLN A 169 -11.25 10.79 -4.64
CA GLN A 169 -12.56 11.41 -4.76
C GLN A 169 -13.39 10.99 -5.97
N ALA A 170 -12.79 10.56 -7.09
CA ALA A 170 -13.53 9.90 -8.17
C ALA A 170 -14.01 8.48 -7.75
N LEU A 171 -13.34 7.88 -6.76
CA LEU A 171 -13.71 6.62 -6.12
C LEU A 171 -14.72 6.74 -4.96
N LEU A 172 -14.98 7.92 -4.42
CA LEU A 172 -15.64 8.17 -3.11
C LEU A 172 -16.69 7.14 -2.64
N GLY A 1 -16.14 13.75 -13.97
CA GLY A 1 -17.45 13.22 -14.38
C GLY A 1 -17.61 11.84 -13.78
N ALA A 2 -18.27 10.90 -14.47
CA ALA A 2 -18.20 9.47 -14.11
C ALA A 2 -16.77 8.93 -14.31
N MET A 3 -16.20 9.20 -15.48
CA MET A 3 -14.75 9.14 -15.71
C MET A 3 -14.06 10.38 -15.10
N HIS A 4 -12.78 10.23 -14.73
CA HIS A 4 -11.85 11.24 -14.21
C HIS A 4 -10.54 10.53 -13.84
N THR A 5 -9.44 11.28 -14.00
CA THR A 5 -8.04 10.96 -13.70
C THR A 5 -7.36 12.30 -13.48
N PHE A 6 -6.74 12.52 -12.33
CA PHE A 6 -6.01 13.76 -12.00
C PHE A 6 -4.48 13.59 -12.08
N TYR A 7 -3.97 12.37 -11.85
CA TYR A 7 -2.59 11.93 -12.08
C TYR A 7 -2.38 10.40 -12.04
N GLY A 8 -3.28 9.63 -11.39
CA GLY A 8 -3.24 8.16 -11.33
C GLY A 8 -3.83 7.49 -12.56
N THR A 9 -3.37 6.27 -12.85
CA THR A 9 -3.78 5.48 -14.02
C THR A 9 -5.02 4.67 -13.68
N ARG A 10 -6.17 5.32 -13.83
CA ARG A 10 -7.46 4.73 -13.53
C ARG A 10 -7.83 3.66 -14.54
N LEU A 11 -8.32 2.54 -14.01
CA LEU A 11 -8.55 1.31 -14.77
C LEU A 11 -10.01 1.23 -15.25
N LEU A 12 -10.19 1.02 -16.56
CA LEU A 12 -11.51 0.88 -17.21
C LEU A 12 -12.06 -0.54 -17.11
N ASN A 13 -11.18 -1.55 -17.10
CA ASN A 13 -11.53 -2.95 -16.81
C ASN A 13 -10.95 -3.35 -15.42
N PRO A 14 -11.57 -2.93 -14.29
CA PRO A 14 -11.02 -3.15 -12.96
C PRO A 14 -11.16 -4.63 -12.54
N LYS A 15 -10.03 -5.25 -12.20
CA LYS A 15 -9.95 -6.68 -11.90
C LYS A 15 -10.14 -6.96 -10.40
N PRO A 16 -10.99 -7.92 -10.00
CA PRO A 16 -11.21 -8.27 -8.59
C PRO A 16 -9.94 -8.93 -8.01
N VAL A 17 -9.73 -8.79 -6.70
CA VAL A 17 -8.51 -9.17 -5.96
C VAL A 17 -8.81 -9.38 -4.46
N ASP A 18 -8.10 -10.31 -3.81
CA ASP A 18 -8.03 -10.46 -2.35
C ASP A 18 -6.66 -11.03 -1.97
N PHE A 19 -6.28 -10.91 -0.70
CA PHE A 19 -5.06 -11.48 -0.16
C PHE A 19 -5.26 -11.97 1.28
N ALA A 20 -4.26 -12.67 1.80
CA ALA A 20 -4.14 -13.09 3.18
C ALA A 20 -2.72 -12.78 3.66
N LEU A 21 -2.60 -12.08 4.79
CA LEU A 21 -1.37 -11.58 5.41
C LEU A 21 -1.47 -11.73 6.93
N GLU A 22 -0.37 -11.45 7.62
CA GLU A 22 -0.37 -11.22 9.07
C GLU A 22 -0.10 -9.75 9.41
N GLY A 23 -0.68 -9.35 10.54
CA GLY A 23 -0.43 -8.09 11.24
C GLY A 23 -0.24 -8.37 12.74
N PRO A 24 0.17 -7.39 13.55
CA PRO A 24 0.62 -7.64 14.92
C PRO A 24 -0.51 -7.94 15.92
N GLN A 25 -1.79 -7.86 15.48
CA GLN A 25 -2.94 -8.24 16.30
C GLN A 25 -3.68 -9.49 15.76
N GLY A 26 -3.33 -10.00 14.57
CA GLY A 26 -3.96 -11.18 13.95
C GLY A 26 -3.84 -11.25 12.42
N PRO A 27 -4.32 -12.35 11.80
CA PRO A 27 -4.30 -12.57 10.35
C PRO A 27 -5.38 -11.75 9.64
N VAL A 28 -5.02 -11.15 8.50
CA VAL A 28 -5.70 -10.00 7.88
C VAL A 28 -5.80 -10.17 6.36
N ARG A 29 -6.92 -9.75 5.77
CA ARG A 29 -7.28 -9.90 4.34
C ARG A 29 -7.69 -8.56 3.73
N LEU A 30 -8.06 -8.53 2.44
CA LEU A 30 -8.68 -7.36 1.78
C LEU A 30 -10.21 -7.48 1.70
N SER A 31 -10.73 -8.67 1.46
CA SER A 31 -12.17 -9.01 1.47
C SER A 31 -12.91 -8.49 2.69
N GLN A 32 -12.27 -8.58 3.87
CA GLN A 32 -12.82 -8.20 5.17
C GLN A 32 -13.26 -6.73 5.31
N PHE A 33 -12.91 -5.87 4.35
CA PHE A 33 -13.31 -4.47 4.29
C PHE A 33 -13.45 -3.96 2.85
N GLN A 34 -13.88 -4.83 1.93
CA GLN A 34 -13.86 -4.58 0.48
C GLN A 34 -14.73 -3.44 -0.05
N ASP A 35 -15.76 -2.95 0.68
CA ASP A 35 -16.45 -1.67 0.43
C ASP A 35 -15.48 -0.48 0.27
N LYS A 36 -14.36 -0.55 1.00
CA LYS A 36 -13.53 0.61 1.29
C LYS A 36 -12.56 0.96 0.15
N VAL A 37 -12.12 2.21 0.20
CA VAL A 37 -11.27 2.91 -0.76
C VAL A 37 -9.85 2.67 -0.24
N VAL A 38 -9.40 1.43 -0.43
CA VAL A 38 -8.25 0.87 0.28
C VAL A 38 -7.01 1.10 -0.57
N LEU A 39 -6.03 1.79 0.03
CA LEU A 39 -4.74 2.09 -0.56
C LEU A 39 -3.72 1.05 -0.08
N LEU A 40 -3.13 0.33 -1.04
CA LEU A 40 -2.00 -0.56 -0.80
C LEU A 40 -0.71 0.13 -1.19
N PHE A 41 0.29 -0.01 -0.32
CA PHE A 41 1.68 0.32 -0.60
C PHE A 41 2.56 -0.87 -0.21
N PHE A 42 3.35 -1.36 -1.16
CA PHE A 42 4.33 -2.43 -0.96
C PHE A 42 5.72 -1.80 -0.81
N GLY A 43 6.25 -1.84 0.42
CA GLY A 43 7.60 -1.38 0.76
C GLY A 43 8.26 -2.21 1.86
N PHE A 44 9.57 -1.97 2.07
CA PHE A 44 10.25 -2.28 3.32
C PHE A 44 10.43 -0.95 4.05
N THR A 45 10.06 -0.84 5.33
CA THR A 45 9.84 0.42 6.05
C THR A 45 11.11 1.28 6.23
N ARG A 46 12.26 0.78 5.76
CA ARG A 46 13.54 1.46 5.70
C ARG A 46 13.90 2.03 4.30
N CYS A 47 13.00 2.11 3.31
CA CYS A 47 13.29 2.82 2.05
C CYS A 47 13.73 4.27 2.38
N PRO A 48 15.00 4.66 2.16
CA PRO A 48 15.70 5.65 2.99
C PRO A 48 15.29 7.12 2.75
N ASP A 49 14.27 7.36 1.93
CA ASP A 49 13.63 8.66 1.74
C ASP A 49 12.14 8.35 1.52
N VAL A 50 11.87 7.63 0.43
CA VAL A 50 10.57 7.09 0.00
C VAL A 50 9.62 6.61 1.11
N CYS A 51 10.07 5.92 2.16
CA CYS A 51 9.16 5.54 3.25
C CYS A 51 8.66 6.76 4.03
N PRO A 52 9.53 7.58 4.67
CA PRO A 52 9.07 8.77 5.39
C PRO A 52 8.52 9.89 4.47
N THR A 53 8.95 10.04 3.21
CA THR A 53 8.36 11.02 2.27
C THR A 53 6.97 10.59 1.80
N THR A 54 6.84 9.42 1.15
CA THR A 54 5.55 8.94 0.62
C THR A 54 4.50 8.87 1.72
N LEU A 55 4.79 8.33 2.91
CA LEU A 55 3.78 8.32 3.98
C LEU A 55 3.42 9.74 4.48
N LEU A 56 4.30 10.75 4.35
CA LEU A 56 3.93 12.14 4.60
C LEU A 56 3.03 12.70 3.50
N ALA A 57 3.35 12.46 2.22
CA ALA A 57 2.52 12.90 1.11
C ALA A 57 1.13 12.25 1.11
N LEU A 58 1.08 10.93 1.36
CA LEU A 58 -0.13 10.17 1.62
C LEU A 58 -0.90 10.76 2.79
N LYS A 59 -0.32 10.91 3.99
CA LYS A 59 -1.13 11.36 5.14
C LYS A 59 -1.54 12.85 5.05
N ARG A 60 -0.80 13.69 4.33
CA ARG A 60 -1.23 15.05 3.98
C ARG A 60 -2.44 15.06 3.02
N ALA A 61 -2.58 14.06 2.16
CA ALA A 61 -3.78 13.86 1.34
C ALA A 61 -4.95 13.29 2.15
N TYR A 62 -4.73 12.14 2.79
CA TYR A 62 -5.78 11.28 3.32
C TYR A 62 -6.64 11.97 4.36
N GLU A 63 -5.99 12.52 5.39
CA GLU A 63 -6.72 13.09 6.53
C GLU A 63 -7.43 14.41 6.16
N LYS A 64 -7.09 15.02 5.01
CA LYS A 64 -7.72 16.23 4.48
C LYS A 64 -9.17 15.97 3.96
N LEU A 65 -9.54 14.69 3.80
CA LEU A 65 -10.90 14.28 3.41
C LEU A 65 -11.90 14.56 4.55
N PRO A 66 -13.19 14.81 4.26
CA PRO A 66 -14.20 15.07 5.29
C PRO A 66 -14.46 13.82 6.14
N PRO A 67 -15.00 13.95 7.37
CA PRO A 67 -15.26 12.82 8.25
C PRO A 67 -16.25 11.80 7.68
N LYS A 68 -17.02 12.12 6.62
CA LYS A 68 -17.89 11.13 5.95
C LYS A 68 -17.26 10.45 4.74
N ALA A 69 -16.17 11.01 4.21
CA ALA A 69 -15.22 10.24 3.40
C ALA A 69 -14.31 9.33 4.23
N GLN A 70 -13.88 9.75 5.44
CA GLN A 70 -12.99 8.95 6.31
C GLN A 70 -13.48 7.51 6.51
N GLU A 71 -14.78 7.34 6.80
CA GLU A 71 -15.50 6.05 6.93
C GLU A 71 -15.30 5.08 5.75
N ARG A 72 -14.84 5.60 4.62
CA ARG A 72 -14.60 4.92 3.37
C ARG A 72 -13.13 4.60 3.11
N VAL A 73 -12.15 5.24 3.78
CA VAL A 73 -10.71 5.23 3.40
C VAL A 73 -9.83 4.54 4.46
N GLN A 74 -8.88 3.70 3.99
CA GLN A 74 -7.85 3.02 4.78
C GLN A 74 -6.52 2.89 4.00
N VAL A 75 -5.38 3.26 4.59
CA VAL A 75 -4.05 2.93 4.01
C VAL A 75 -3.50 1.70 4.72
N ILE A 76 -3.24 0.64 3.94
CA ILE A 76 -2.54 -0.56 4.39
C ILE A 76 -1.12 -0.54 3.82
N PHE A 77 -0.12 -0.68 4.68
CA PHE A 77 1.27 -0.91 4.28
C PHE A 77 1.57 -2.41 4.35
N VAL A 78 1.96 -3.02 3.23
CA VAL A 78 2.44 -4.42 3.18
C VAL A 78 3.98 -4.41 3.17
N SER A 79 4.54 -5.03 4.21
CA SER A 79 5.98 -5.16 4.38
C SER A 79 6.55 -6.23 3.45
N VAL A 80 7.47 -5.84 2.58
CA VAL A 80 7.91 -6.67 1.42
C VAL A 80 9.15 -7.54 1.72
N ASP A 81 9.73 -7.38 2.91
CA ASP A 81 10.99 -8.00 3.31
C ASP A 81 10.97 -8.27 4.84
N PRO A 82 10.43 -9.44 5.26
CA PRO A 82 10.15 -9.69 6.67
C PRO A 82 11.41 -9.85 7.53
N GLU A 83 12.56 -10.19 6.94
CA GLU A 83 13.85 -10.22 7.63
C GLU A 83 14.41 -8.82 7.96
N ARG A 84 13.76 -7.74 7.50
CA ARG A 84 13.91 -6.39 8.07
C ARG A 84 12.62 -5.93 8.77
N ASP A 85 11.46 -6.15 8.16
CA ASP A 85 10.22 -5.43 8.49
C ASP A 85 9.09 -6.35 9.01
N PRO A 86 9.15 -6.76 10.29
CA PRO A 86 8.10 -7.51 10.98
C PRO A 86 6.87 -6.63 11.28
N PRO A 87 5.71 -7.24 11.61
CA PRO A 87 4.42 -6.56 11.50
C PRO A 87 4.19 -5.43 12.51
N GLU A 88 4.75 -5.51 13.72
CA GLU A 88 4.61 -4.45 14.73
C GLU A 88 5.52 -3.25 14.48
N VAL A 89 6.74 -3.48 13.99
CA VAL A 89 7.65 -2.46 13.44
C VAL A 89 6.94 -1.68 12.33
N ALA A 90 6.33 -2.41 11.38
CA ALA A 90 5.53 -1.86 10.30
C ALA A 90 4.33 -1.04 10.83
N ASP A 91 3.60 -1.55 11.83
CA ASP A 91 2.43 -0.88 12.38
C ASP A 91 2.78 0.36 13.20
N ARG A 92 3.83 0.32 14.05
CA ARG A 92 4.35 1.52 14.71
C ARG A 92 4.61 2.64 13.71
N TYR A 93 5.34 2.29 12.67
CA TYR A 93 5.70 3.24 11.62
C TYR A 93 4.47 3.81 10.89
N ALA A 94 3.54 2.96 10.44
CA ALA A 94 2.28 3.38 9.80
C ALA A 94 1.46 4.30 10.71
N LYS A 95 1.24 3.85 11.95
CA LYS A 95 0.46 4.56 12.98
C LYS A 95 1.14 5.87 13.45
N ALA A 96 2.49 5.96 13.40
CA ALA A 96 3.23 7.19 13.74
C ALA A 96 3.02 8.27 12.68
N PHE A 97 3.01 7.88 11.40
CA PHE A 97 2.55 8.77 10.34
C PHE A 97 1.08 9.12 10.53
N HIS A 98 0.20 8.14 10.74
CA HIS A 98 -1.17 8.43 11.17
C HIS A 98 -1.90 7.20 11.75
N PRO A 99 -2.67 7.34 12.85
CA PRO A 99 -3.46 6.24 13.40
C PRO A 99 -4.61 5.78 12.50
N SER A 100 -4.97 6.55 11.47
CA SER A 100 -5.85 6.11 10.37
C SER A 100 -5.25 4.99 9.49
N PHE A 101 -3.93 4.70 9.59
CA PHE A 101 -3.21 3.72 8.76
C PHE A 101 -3.00 2.38 9.52
N LEU A 102 -2.54 1.33 8.82
CA LEU A 102 -2.23 0.01 9.38
C LEU A 102 -0.95 -0.60 8.79
N GLY A 103 -0.12 -1.24 9.61
CA GLY A 103 1.05 -2.03 9.16
C GLY A 103 0.81 -3.54 9.20
N LEU A 104 1.29 -4.25 8.17
CA LEU A 104 1.27 -5.72 8.11
C LEU A 104 2.58 -6.29 7.54
N SER A 105 3.00 -7.42 8.11
CA SER A 105 3.98 -8.35 7.57
C SER A 105 3.61 -9.76 8.02
N GLY A 106 3.67 -10.75 7.14
CA GLY A 106 3.49 -12.15 7.50
C GLY A 106 4.56 -13.06 6.94
N SER A 107 4.22 -14.33 6.83
CA SER A 107 4.94 -15.31 6.02
C SER A 107 5.31 -14.74 4.63
N PRO A 108 6.55 -14.96 4.14
CA PRO A 108 6.96 -14.49 2.82
C PRO A 108 6.16 -15.15 1.68
N GLU A 109 5.56 -16.32 1.91
CA GLU A 109 4.58 -16.98 1.03
C GLU A 109 3.24 -16.24 1.03
N ALA A 110 2.73 -15.86 2.21
CA ALA A 110 1.53 -15.02 2.33
C ALA A 110 1.73 -13.65 1.69
N VAL A 111 2.85 -12.99 1.98
CA VAL A 111 3.33 -11.77 1.29
C VAL A 111 3.37 -12.00 -0.23
N ARG A 112 3.85 -13.16 -0.68
CA ARG A 112 3.91 -13.51 -2.11
C ARG A 112 2.52 -13.55 -2.74
N GLU A 113 1.50 -14.11 -2.10
CA GLU A 113 0.15 -14.13 -2.70
C GLU A 113 -0.42 -12.73 -2.90
N ALA A 114 -0.24 -11.82 -1.93
CA ALA A 114 -0.67 -10.42 -2.08
C ALA A 114 0.03 -9.72 -3.26
N ALA A 115 1.34 -9.93 -3.41
CA ALA A 115 2.15 -9.38 -4.49
C ALA A 115 1.72 -9.93 -5.86
N GLN A 116 1.66 -11.26 -5.99
CA GLN A 116 1.28 -11.95 -7.22
C GLN A 116 -0.14 -11.56 -7.68
N THR A 117 -1.08 -11.40 -6.74
CA THR A 117 -2.48 -11.06 -7.05
C THR A 117 -2.65 -9.62 -7.52
N PHE A 118 -1.95 -8.66 -6.92
CA PHE A 118 -1.95 -7.25 -7.34
C PHE A 118 -1.14 -6.97 -8.63
N GLY A 119 -0.02 -7.69 -8.83
CA GLY A 119 0.94 -7.48 -9.93
C GLY A 119 2.31 -6.94 -9.49
N VAL A 120 2.69 -7.16 -8.23
CA VAL A 120 3.91 -6.64 -7.59
C VAL A 120 5.00 -7.72 -7.63
N PHE A 121 6.27 -7.29 -7.74
CA PHE A 121 7.41 -8.20 -7.87
C PHE A 121 8.67 -7.70 -7.15
N TYR A 122 9.45 -8.65 -6.65
CA TYR A 122 10.69 -8.44 -5.90
C TYR A 122 11.70 -9.57 -6.19
N GLN A 123 13.00 -9.28 -6.19
CA GLN A 123 14.02 -10.26 -6.56
C GLN A 123 15.28 -10.11 -5.70
N LYS A 124 15.74 -11.18 -5.05
CA LYS A 124 17.00 -11.19 -4.30
C LYS A 124 18.15 -11.72 -5.19
N SER A 125 19.31 -11.09 -5.14
CA SER A 125 20.40 -11.29 -6.09
C SER A 125 21.79 -11.29 -5.41
N GLN A 126 22.78 -11.97 -6.01
CA GLN A 126 24.21 -11.93 -5.65
C GLN A 126 24.53 -12.58 -4.29
N TYR A 127 23.67 -13.48 -3.80
CA TYR A 127 23.93 -14.20 -2.54
C TYR A 127 25.22 -15.03 -2.59
N ARG A 128 26.18 -14.68 -1.71
CA ARG A 128 27.58 -15.09 -1.88
C ARG A 128 28.31 -15.46 -0.57
N GLY A 129 27.94 -14.87 0.56
CA GLY A 129 28.77 -14.88 1.77
C GLY A 129 28.11 -14.20 2.97
N PRO A 130 28.89 -13.77 3.99
CA PRO A 130 28.36 -13.32 5.27
C PRO A 130 27.64 -11.98 5.11
N GLY A 131 26.30 -12.03 5.01
CA GLY A 131 25.45 -10.86 4.77
C GLY A 131 25.45 -10.36 3.32
N GLU A 132 26.20 -11.01 2.42
CA GLU A 132 26.36 -10.61 1.02
C GLU A 132 25.15 -11.03 0.19
N TYR A 133 24.44 -10.02 -0.33
CA TYR A 133 23.39 -10.05 -1.36
C TYR A 133 22.84 -8.61 -1.55
N LEU A 134 22.00 -8.41 -2.58
CA LEU A 134 21.09 -7.26 -2.65
C LEU A 134 19.66 -7.74 -2.96
N VAL A 135 18.71 -6.81 -2.90
CA VAL A 135 17.28 -7.08 -3.14
C VAL A 135 16.65 -5.92 -3.92
N ASP A 136 15.82 -6.27 -4.90
CA ASP A 136 14.97 -5.36 -5.67
C ASP A 136 13.51 -5.48 -5.25
N HIS A 137 12.78 -4.37 -5.17
CA HIS A 137 11.39 -4.30 -4.73
C HIS A 137 10.55 -3.26 -5.51
N THR A 138 9.42 -3.69 -6.08
CA THR A 138 8.44 -2.81 -6.77
C THR A 138 7.72 -1.91 -5.75
N ALA A 139 8.31 -0.76 -5.43
CA ALA A 139 7.84 0.23 -4.45
C ALA A 139 6.60 1.06 -4.90
N THR A 140 5.57 0.37 -5.40
CA THR A 140 4.41 0.98 -6.06
C THR A 140 3.16 0.98 -5.17
N THR A 141 2.21 1.84 -5.55
CA THR A 141 0.93 2.09 -4.90
C THR A 141 -0.23 1.68 -5.79
N PHE A 142 -1.27 1.11 -5.17
CA PHE A 142 -2.38 0.42 -5.83
C PHE A 142 -3.70 0.73 -5.10
N VAL A 143 -4.81 0.98 -5.81
CA VAL A 143 -6.07 1.38 -5.15
C VAL A 143 -7.23 0.44 -5.51
N VAL A 144 -7.98 0.08 -4.49
CA VAL A 144 -9.13 -0.83 -4.53
C VAL A 144 -10.39 -0.18 -3.98
N LYS A 145 -11.52 -0.38 -4.65
CA LYS A 145 -12.89 -0.37 -4.08
C LYS A 145 -13.64 -1.62 -4.57
N GLU A 146 -14.58 -2.15 -3.78
CA GLU A 146 -15.44 -3.31 -4.08
C GLU A 146 -14.70 -4.65 -3.83
N GLY A 147 -13.37 -4.60 -3.66
CA GLY A 147 -12.48 -5.75 -3.80
C GLY A 147 -11.89 -5.88 -5.21
N ARG A 148 -11.91 -4.83 -6.05
CA ARG A 148 -11.21 -4.82 -7.35
C ARG A 148 -10.26 -3.63 -7.51
N LEU A 149 -9.17 -3.89 -8.23
CA LEU A 149 -8.10 -2.94 -8.54
C LEU A 149 -8.68 -1.89 -9.51
N VAL A 150 -8.89 -0.67 -9.03
CA VAL A 150 -9.50 0.44 -9.80
C VAL A 150 -8.49 1.50 -10.24
N LEU A 151 -7.29 1.54 -9.63
CA LEU A 151 -6.31 2.61 -9.85
C LEU A 151 -4.87 2.17 -9.55
N LEU A 152 -3.93 2.63 -10.38
CA LEU A 152 -2.48 2.44 -10.22
C LEU A 152 -1.75 3.78 -10.08
N TYR A 153 -0.69 3.78 -9.26
CA TYR A 153 0.19 4.91 -9.02
C TYR A 153 1.68 4.50 -9.15
N SER A 154 2.58 5.20 -8.48
CA SER A 154 4.04 5.02 -8.39
C SER A 154 4.49 5.94 -7.23
N PRO A 155 5.71 5.81 -6.66
CA PRO A 155 6.14 6.67 -5.57
C PRO A 155 6.23 8.12 -6.07
N ASP A 156 6.83 8.34 -7.24
CA ASP A 156 6.88 9.60 -7.97
C ASP A 156 5.52 10.07 -8.52
N LYS A 157 4.44 9.30 -8.32
CA LYS A 157 3.05 9.80 -8.44
C LYS A 157 2.43 10.15 -7.08
N ALA A 158 2.78 9.43 -6.01
CA ALA A 158 2.20 9.54 -4.67
C ALA A 158 2.58 10.86 -3.97
N GLU A 159 3.82 11.33 -4.14
CA GLU A 159 4.33 12.57 -3.52
C GLU A 159 3.48 13.81 -3.82
N ALA A 160 2.82 13.81 -4.99
CA ALA A 160 1.82 14.78 -5.37
C ALA A 160 0.50 14.65 -4.56
N THR A 161 0.56 14.98 -3.25
CA THR A 161 -0.55 15.04 -2.28
C THR A 161 -1.86 15.50 -2.89
N ASP A 162 -1.89 16.68 -3.51
CA ASP A 162 -3.12 17.29 -4.02
C ASP A 162 -3.71 16.54 -5.23
N ARG A 163 -2.86 15.93 -6.08
CA ARG A 163 -3.30 14.91 -7.05
C ARG A 163 -3.89 13.70 -6.34
N VAL A 164 -3.22 13.16 -5.31
CA VAL A 164 -3.71 12.00 -4.56
C VAL A 164 -5.06 12.26 -3.88
N VAL A 165 -5.28 13.44 -3.29
CA VAL A 165 -6.62 13.86 -2.82
C VAL A 165 -7.67 13.72 -3.93
N ALA A 166 -7.43 14.32 -5.10
CA ALA A 166 -8.41 14.41 -6.17
C ALA A 166 -8.74 13.05 -6.84
N ASP A 167 -7.76 12.16 -7.03
CA ASP A 167 -8.02 10.83 -7.59
C ASP A 167 -8.58 9.82 -6.58
N LEU A 168 -8.33 10.00 -5.27
CA LEU A 168 -9.13 9.31 -4.23
C LEU A 168 -10.58 9.79 -4.26
N GLN A 169 -10.80 11.10 -4.42
CA GLN A 169 -12.13 11.69 -4.58
C GLN A 169 -12.87 11.19 -5.84
N ALA A 170 -12.15 10.76 -6.89
CA ALA A 170 -12.73 10.13 -8.08
C ALA A 170 -13.33 8.73 -7.83
N LEU A 171 -13.00 8.09 -6.70
CA LEU A 171 -13.47 6.76 -6.29
C LEU A 171 -14.46 6.80 -5.12
N LEU A 172 -14.60 7.94 -4.44
CA LEU A 172 -15.09 8.04 -3.05
C LEU A 172 -16.38 7.29 -2.71
N GLY A 1 -24.08 22.30 -11.17
CA GLY A 1 -23.44 21.07 -11.70
C GLY A 1 -22.18 20.76 -10.92
N ALA A 2 -21.42 19.75 -11.31
CA ALA A 2 -20.17 19.33 -10.68
C ALA A 2 -19.32 18.54 -11.70
N MET A 3 -18.05 18.30 -11.38
CA MET A 3 -17.05 17.61 -12.23
C MET A 3 -15.98 16.94 -11.35
N HIS A 4 -15.17 16.07 -11.93
CA HIS A 4 -13.92 15.58 -11.33
C HIS A 4 -12.87 15.34 -12.43
N THR A 5 -11.64 14.99 -12.03
CA THR A 5 -10.49 14.61 -12.88
C THR A 5 -9.45 14.04 -11.93
N PHE A 6 -8.96 12.85 -12.24
CA PHE A 6 -8.03 12.06 -11.43
C PHE A 6 -6.61 12.09 -12.04
N TYR A 7 -5.70 11.20 -11.62
CA TYR A 7 -4.28 11.24 -12.03
C TYR A 7 -3.55 9.88 -12.08
N GLY A 8 -4.02 8.84 -11.40
CA GLY A 8 -3.43 7.50 -11.41
C GLY A 8 -3.63 6.80 -12.75
N THR A 9 -3.09 5.59 -12.87
CA THR A 9 -3.20 4.79 -14.11
C THR A 9 -4.44 3.93 -13.99
N ARG A 10 -5.46 4.26 -14.78
CA ARG A 10 -6.78 3.64 -14.72
C ARG A 10 -6.78 2.28 -15.38
N LEU A 11 -7.51 1.34 -14.78
CA LEU A 11 -7.79 0.01 -15.35
C LEU A 11 -9.14 0.00 -16.07
N LEU A 12 -9.32 -0.90 -17.05
CA LEU A 12 -10.56 -1.09 -17.80
C LEU A 12 -11.53 -1.96 -16.98
N ASN A 13 -11.55 -3.28 -17.21
CA ASN A 13 -12.30 -4.23 -16.39
C ASN A 13 -11.62 -4.37 -15.01
N PRO A 14 -12.29 -3.99 -13.89
CA PRO A 14 -11.65 -3.94 -12.57
C PRO A 14 -11.52 -5.35 -11.98
N LYS A 15 -10.29 -5.82 -11.85
CA LYS A 15 -10.01 -7.22 -11.58
C LYS A 15 -10.15 -7.54 -10.08
N PRO A 16 -11.01 -8.51 -9.67
CA PRO A 16 -11.33 -8.79 -8.27
C PRO A 16 -10.11 -9.38 -7.56
N VAL A 17 -9.93 -9.07 -6.28
CA VAL A 17 -8.72 -9.40 -5.51
C VAL A 17 -8.99 -9.43 -4.01
N ASP A 18 -8.31 -10.34 -3.32
CA ASP A 18 -7.95 -10.19 -1.92
C ASP A 18 -6.69 -10.96 -1.56
N PHE A 19 -5.75 -10.29 -0.88
CA PHE A 19 -4.54 -10.90 -0.37
C PHE A 19 -4.80 -11.57 0.99
N ALA A 20 -3.89 -12.47 1.37
CA ALA A 20 -3.87 -13.18 2.65
C ALA A 20 -2.49 -13.02 3.31
N LEU A 21 -2.35 -12.05 4.23
CA LEU A 21 -1.08 -11.59 4.79
C LEU A 21 -1.20 -11.30 6.28
N GLU A 22 -0.08 -11.21 6.98
CA GLU A 22 0.00 -11.15 8.43
C GLU A 22 0.31 -9.73 8.93
N GLY A 23 -0.26 -9.40 10.10
CA GLY A 23 -0.12 -8.11 10.78
C GLY A 23 0.01 -8.28 12.30
N PRO A 24 0.14 -7.16 13.05
CA PRO A 24 0.36 -7.16 14.50
C PRO A 24 -0.83 -7.66 15.34
N GLN A 25 -1.85 -8.27 14.72
CA GLN A 25 -3.06 -8.77 15.38
C GLN A 25 -3.47 -10.16 14.84
N GLY A 26 -2.62 -10.81 14.03
CA GLY A 26 -2.94 -12.06 13.32
C GLY A 26 -3.04 -11.87 11.79
N PRO A 27 -3.40 -12.95 11.05
CA PRO A 27 -3.56 -12.92 9.60
C PRO A 27 -4.82 -12.16 9.16
N VAL A 28 -4.61 -11.19 8.27
CA VAL A 28 -5.59 -10.27 7.69
C VAL A 28 -5.86 -10.67 6.23
N ARG A 29 -7.09 -10.43 5.74
CA ARG A 29 -7.43 -10.59 4.33
C ARG A 29 -8.09 -9.33 3.78
N LEU A 30 -7.72 -8.89 2.58
CA LEU A 30 -8.21 -7.64 1.97
C LEU A 30 -9.73 -7.64 1.72
N SER A 31 -10.34 -8.81 1.59
CA SER A 31 -11.79 -9.05 1.59
C SER A 31 -12.49 -8.52 2.86
N GLN A 32 -11.80 -8.40 4.00
CA GLN A 32 -12.30 -7.71 5.20
C GLN A 32 -12.65 -6.24 4.94
N PHE A 33 -12.09 -5.63 3.89
CA PHE A 33 -12.21 -4.22 3.53
C PHE A 33 -12.84 -4.04 2.15
N GLN A 34 -13.65 -5.00 1.65
CA GLN A 34 -14.08 -5.00 0.24
C GLN A 34 -14.88 -3.76 -0.19
N ASP A 35 -15.65 -3.12 0.70
CA ASP A 35 -16.31 -1.82 0.49
C ASP A 35 -15.30 -0.70 0.18
N LYS A 36 -14.13 -0.74 0.82
CA LYS A 36 -13.27 0.42 1.05
C LYS A 36 -12.11 0.57 0.05
N VAL A 37 -11.56 1.78 0.04
CA VAL A 37 -10.69 2.34 -0.98
C VAL A 37 -9.27 2.16 -0.46
N VAL A 38 -8.75 0.94 -0.62
CA VAL A 38 -7.56 0.48 0.10
C VAL A 38 -6.33 0.76 -0.75
N LEU A 39 -5.37 1.47 -0.12
CA LEU A 39 -4.08 1.88 -0.66
C LEU A 39 -3.00 0.90 -0.17
N LEU A 40 -2.59 -0.01 -1.06
CA LEU A 40 -1.63 -1.06 -0.75
C LEU A 40 -0.28 -0.70 -1.40
N PHE A 41 0.77 -0.54 -0.59
CA PHE A 41 2.12 -0.20 -1.04
C PHE A 41 3.13 -1.27 -0.62
N PHE A 42 3.99 -1.70 -1.55
CA PHE A 42 5.00 -2.74 -1.34
C PHE A 42 6.36 -2.09 -1.05
N GLY A 43 6.84 -2.34 0.18
CA GLY A 43 7.93 -1.64 0.86
C GLY A 43 8.86 -2.51 1.72
N PHE A 44 9.78 -1.83 2.41
CA PHE A 44 10.88 -2.45 3.15
C PHE A 44 11.39 -1.40 4.15
N THR A 45 11.46 -1.70 5.46
CA THR A 45 11.84 -0.69 6.48
C THR A 45 13.25 -0.16 6.30
N ARG A 46 14.15 -0.93 5.70
CA ARG A 46 15.49 -0.50 5.22
C ARG A 46 15.35 0.36 3.94
N CYS A 47 14.42 1.33 3.97
CA CYS A 47 13.99 2.18 2.87
C CYS A 47 15.04 3.26 2.50
N PRO A 48 15.00 3.77 1.25
CA PRO A 48 15.64 5.01 0.85
C PRO A 48 14.63 6.14 1.10
N ASP A 49 14.47 7.05 0.13
CA ASP A 49 13.71 8.30 0.27
C ASP A 49 12.25 8.12 -0.19
N VAL A 50 12.11 7.21 -1.15
CA VAL A 50 10.88 6.90 -1.86
C VAL A 50 9.73 6.44 -0.96
N CYS A 51 10.02 5.63 0.07
CA CYS A 51 9.03 5.19 1.05
C CYS A 51 8.57 6.33 1.98
N PRO A 52 9.47 7.09 2.65
CA PRO A 52 9.02 8.17 3.53
C PRO A 52 8.32 9.29 2.76
N THR A 53 8.84 9.70 1.59
CA THR A 53 8.26 10.78 0.78
C THR A 53 6.88 10.38 0.23
N THR A 54 6.71 9.13 -0.24
CA THR A 54 5.40 8.56 -0.61
C THR A 54 4.45 8.51 0.57
N LEU A 55 4.85 7.96 1.73
CA LEU A 55 3.95 7.87 2.90
C LEU A 55 3.55 9.25 3.44
N LEU A 56 4.41 10.26 3.32
CA LEU A 56 4.10 11.65 3.64
C LEU A 56 3.08 12.22 2.65
N ALA A 57 3.30 12.04 1.34
CA ALA A 57 2.38 12.52 0.31
C ALA A 57 0.99 11.86 0.42
N LEU A 58 0.97 10.54 0.64
CA LEU A 58 -0.22 9.75 0.95
C LEU A 58 -0.94 10.29 2.20
N LYS A 59 -0.25 10.44 3.33
CA LYS A 59 -0.92 10.88 4.56
C LYS A 59 -1.44 12.32 4.45
N ARG A 60 -0.73 13.21 3.74
CA ARG A 60 -1.22 14.56 3.43
C ARG A 60 -2.51 14.55 2.61
N ALA A 61 -2.70 13.55 1.73
CA ALA A 61 -3.97 13.37 1.03
C ALA A 61 -5.09 12.89 1.97
N TYR A 62 -4.80 11.92 2.87
CA TYR A 62 -5.75 11.46 3.88
C TYR A 62 -6.22 12.59 4.82
N GLU A 63 -5.31 13.45 5.29
CA GLU A 63 -5.63 14.56 6.21
C GLU A 63 -6.57 15.60 5.58
N LYS A 64 -6.65 15.65 4.24
CA LYS A 64 -7.51 16.58 3.51
C LYS A 64 -8.96 16.10 3.34
N LEU A 65 -9.24 14.80 3.57
CA LEU A 65 -10.58 14.22 3.36
C LEU A 65 -11.52 14.56 4.53
N PRO A 66 -12.82 14.86 4.28
CA PRO A 66 -13.77 15.17 5.34
C PRO A 66 -13.96 13.98 6.29
N PRO A 67 -14.41 14.23 7.54
CA PRO A 67 -14.56 13.21 8.59
C PRO A 67 -15.56 12.09 8.26
N LYS A 68 -16.26 12.15 7.12
CA LYS A 68 -16.98 11.00 6.58
C LYS A 68 -16.17 10.24 5.51
N ALA A 69 -15.66 10.93 4.47
CA ALA A 69 -14.93 10.28 3.38
C ALA A 69 -13.57 9.71 3.80
N GLN A 70 -12.95 10.22 4.86
CA GLN A 70 -11.74 9.60 5.43
C GLN A 70 -11.93 8.13 5.79
N GLU A 71 -13.12 7.73 6.26
CA GLU A 71 -13.39 6.34 6.66
C GLU A 71 -13.19 5.38 5.48
N ARG A 72 -13.40 5.86 4.26
CA ARG A 72 -13.32 5.09 3.02
C ARG A 72 -11.90 4.65 2.71
N VAL A 73 -10.88 5.28 3.29
CA VAL A 73 -9.46 5.00 3.02
C VAL A 73 -8.75 4.51 4.27
N GLN A 74 -8.07 3.36 4.15
CA GLN A 74 -7.04 2.88 5.07
C GLN A 74 -5.76 2.65 4.24
N VAL A 75 -4.60 3.02 4.78
CA VAL A 75 -3.31 2.85 4.06
C VAL A 75 -2.50 1.72 4.69
N ILE A 76 -2.18 0.73 3.85
CA ILE A 76 -1.48 -0.50 4.24
C ILE A 76 -0.07 -0.47 3.67
N PHE A 77 0.92 -0.59 4.56
CA PHE A 77 2.31 -0.81 4.17
C PHE A 77 2.56 -2.32 4.25
N VAL A 78 2.78 -2.94 3.10
CA VAL A 78 3.17 -4.36 3.03
C VAL A 78 4.69 -4.37 2.97
N SER A 79 5.33 -4.94 3.98
CA SER A 79 6.75 -5.26 3.84
C SER A 79 6.99 -6.52 2.99
N VAL A 80 8.21 -6.59 2.45
CA VAL A 80 8.63 -7.52 1.40
C VAL A 80 9.82 -8.38 1.87
N ASP A 81 10.32 -8.10 3.08
CA ASP A 81 11.34 -8.87 3.79
C ASP A 81 10.67 -9.73 4.88
N PRO A 82 10.64 -11.08 4.73
CA PRO A 82 10.07 -12.02 5.68
C PRO A 82 11.13 -12.63 6.63
N GLU A 83 12.41 -12.24 6.54
CA GLU A 83 13.49 -12.71 7.44
C GLU A 83 13.65 -11.75 8.64
N ARG A 84 13.55 -10.44 8.40
CA ARG A 84 13.97 -9.39 9.33
C ARG A 84 13.03 -8.16 9.37
N ASP A 85 11.94 -8.11 8.60
CA ASP A 85 10.89 -7.09 8.78
C ASP A 85 9.61 -7.69 9.39
N PRO A 86 9.54 -7.92 10.72
CA PRO A 86 8.34 -8.46 11.35
C PRO A 86 7.21 -7.42 11.37
N PRO A 87 5.92 -7.85 11.34
CA PRO A 87 4.78 -6.95 11.15
C PRO A 87 4.72 -5.82 12.17
N GLU A 88 5.04 -6.09 13.44
CA GLU A 88 5.10 -5.08 14.50
C GLU A 88 6.12 -3.96 14.23
N VAL A 89 7.27 -4.26 13.62
CA VAL A 89 8.29 -3.25 13.27
C VAL A 89 7.91 -2.43 12.03
N ALA A 90 7.44 -3.09 10.97
CA ALA A 90 6.88 -2.42 9.79
C ALA A 90 5.66 -1.54 10.14
N ASP A 91 4.89 -1.94 11.14
CA ASP A 91 3.80 -1.13 11.69
C ASP A 91 4.29 0.18 12.28
N ARG A 92 5.38 0.17 13.07
CA ARG A 92 5.93 1.42 13.63
C ARG A 92 6.26 2.41 12.52
N TYR A 93 6.82 1.91 11.42
CA TYR A 93 7.11 2.72 10.24
C TYR A 93 5.87 3.29 9.52
N ALA A 94 4.83 2.48 9.36
CA ALA A 94 3.54 2.96 8.84
C ALA A 94 2.94 4.06 9.74
N LYS A 95 2.90 3.78 11.04
CA LYS A 95 2.34 4.66 12.08
C LYS A 95 3.16 5.95 12.29
N ALA A 96 4.48 5.91 12.05
CA ALA A 96 5.36 7.07 12.18
C ALA A 96 5.04 8.18 11.17
N PHE A 97 4.44 7.82 10.03
CA PHE A 97 3.82 8.78 9.11
C PHE A 97 2.39 9.13 9.53
N HIS A 98 1.58 8.14 9.90
CA HIS A 98 0.19 8.43 10.28
C HIS A 98 -0.50 7.34 11.13
N PRO A 99 -1.30 7.69 12.15
CA PRO A 99 -1.98 6.72 13.00
C PRO A 99 -3.14 5.99 12.31
N SER A 100 -3.67 6.48 11.18
CA SER A 100 -4.66 5.76 10.36
C SER A 100 -4.02 4.75 9.38
N PHE A 101 -2.71 4.47 9.51
CA PHE A 101 -1.96 3.53 8.67
C PHE A 101 -1.66 2.24 9.46
N LEU A 102 -1.31 1.17 8.74
CA LEU A 102 -1.05 -0.17 9.31
C LEU A 102 0.15 -0.86 8.63
N GLY A 103 0.99 -1.57 9.39
CA GLY A 103 2.05 -2.42 8.82
C GLY A 103 1.66 -3.89 8.76
N LEU A 104 1.98 -4.54 7.64
CA LEU A 104 1.85 -5.98 7.43
C LEU A 104 3.18 -6.57 6.99
N SER A 105 3.58 -7.70 7.59
CA SER A 105 4.60 -8.60 7.06
C SER A 105 4.26 -10.01 7.54
N GLY A 106 4.56 -11.04 6.76
CA GLY A 106 4.23 -12.42 7.13
C GLY A 106 5.17 -13.44 6.54
N SER A 107 4.72 -14.69 6.56
CA SER A 107 5.43 -15.81 5.93
C SER A 107 5.76 -15.53 4.45
N PRO A 108 6.86 -16.09 3.90
CA PRO A 108 7.29 -15.82 2.53
C PRO A 108 6.25 -16.26 1.50
N GLU A 109 5.42 -17.27 1.82
CA GLU A 109 4.27 -17.71 1.03
C GLU A 109 3.16 -16.65 1.07
N ALA A 110 2.79 -16.16 2.26
CA ALA A 110 1.77 -15.12 2.40
C ALA A 110 2.16 -13.84 1.65
N VAL A 111 3.42 -13.41 1.80
CA VAL A 111 4.01 -12.29 1.03
C VAL A 111 3.99 -12.60 -0.49
N ARG A 112 4.37 -13.81 -0.89
CA ARG A 112 4.37 -14.27 -2.28
C ARG A 112 2.97 -14.18 -2.91
N GLU A 113 1.93 -14.74 -2.30
CA GLU A 113 0.62 -14.80 -2.96
C GLU A 113 -0.01 -13.41 -3.11
N ALA A 114 0.18 -12.53 -2.11
CA ALA A 114 -0.18 -11.13 -2.18
C ALA A 114 0.48 -10.43 -3.39
N ALA A 115 1.81 -10.51 -3.48
CA ALA A 115 2.60 -9.88 -4.53
C ALA A 115 2.19 -10.38 -5.92
N GLN A 116 2.04 -11.69 -6.08
CA GLN A 116 1.58 -12.30 -7.33
C GLN A 116 0.23 -11.77 -7.81
N THR A 117 -0.69 -11.51 -6.88
CA THR A 117 -2.08 -11.11 -7.18
C THR A 117 -2.16 -9.74 -7.83
N PHE A 118 -1.37 -8.79 -7.33
CA PHE A 118 -1.15 -7.47 -7.93
C PHE A 118 -0.19 -7.42 -9.13
N GLY A 119 0.63 -8.46 -9.34
CA GLY A 119 1.70 -8.48 -10.37
C GLY A 119 3.05 -7.97 -9.88
N VAL A 120 3.25 -7.86 -8.57
CA VAL A 120 4.51 -7.43 -7.97
C VAL A 120 5.54 -8.56 -8.06
N PHE A 121 6.62 -8.24 -8.77
CA PHE A 121 7.87 -8.97 -8.78
C PHE A 121 8.81 -8.38 -7.72
N TYR A 122 9.37 -9.25 -6.89
CA TYR A 122 10.34 -8.90 -5.86
C TYR A 122 11.43 -9.97 -5.71
N GLN A 123 12.65 -9.55 -5.37
CA GLN A 123 13.81 -10.40 -5.09
C GLN A 123 14.70 -9.80 -4.00
N LYS A 124 15.77 -10.50 -3.59
CA LYS A 124 16.85 -9.89 -2.80
C LYS A 124 18.00 -9.47 -3.75
N SER A 125 18.69 -8.39 -3.42
CA SER A 125 19.84 -7.89 -4.19
C SER A 125 21.16 -8.36 -3.56
N GLN A 126 22.14 -7.47 -3.31
CA GLN A 126 23.41 -7.80 -2.73
C GLN A 126 23.23 -8.14 -1.24
N TYR A 127 23.30 -9.43 -1.00
CA TYR A 127 23.14 -10.05 0.31
C TYR A 127 24.29 -9.73 1.28
N ARG A 128 23.99 -9.10 2.42
CA ARG A 128 24.98 -8.85 3.47
C ARG A 128 25.26 -10.13 4.28
N GLY A 129 24.22 -10.93 4.53
CA GLY A 129 24.23 -12.29 5.04
C GLY A 129 22.83 -12.91 4.91
N PRO A 130 22.46 -13.89 5.75
CA PRO A 130 21.06 -14.14 6.10
C PRO A 130 20.60 -13.04 7.07
N GLY A 131 19.32 -12.66 7.02
CA GLY A 131 18.72 -11.68 7.93
C GLY A 131 19.16 -10.22 7.73
N GLU A 132 20.03 -9.93 6.77
CA GLU A 132 20.49 -8.57 6.48
C GLU A 132 21.03 -8.48 5.04
N TYR A 133 20.53 -7.49 4.31
CA TYR A 133 20.66 -7.32 2.86
C TYR A 133 19.78 -6.18 2.34
N LEU A 134 19.93 -5.83 1.05
CA LEU A 134 19.00 -4.95 0.34
C LEU A 134 18.03 -5.77 -0.53
N VAL A 135 16.77 -5.35 -0.57
CA VAL A 135 15.67 -5.95 -1.33
C VAL A 135 15.40 -5.13 -2.59
N ASP A 136 15.00 -5.80 -3.66
CA ASP A 136 14.45 -5.20 -4.87
C ASP A 136 12.95 -5.54 -4.97
N HIS A 137 12.11 -4.51 -5.01
CA HIS A 137 10.69 -4.62 -5.29
C HIS A 137 10.19 -3.46 -6.17
N THR A 138 9.21 -3.71 -7.06
CA THR A 138 8.67 -2.75 -8.05
C THR A 138 8.00 -1.46 -7.52
N ALA A 139 8.05 -1.20 -6.22
CA ALA A 139 7.80 0.11 -5.57
C ALA A 139 6.44 0.77 -5.91
N THR A 140 5.43 -0.04 -6.25
CA THR A 140 4.14 0.40 -6.76
C THR A 140 3.09 0.43 -5.66
N THR A 141 2.11 1.34 -5.80
CA THR A 141 0.89 1.45 -4.99
C THR A 141 -0.29 0.93 -5.81
N PHE A 142 -1.12 0.09 -5.20
CA PHE A 142 -2.28 -0.57 -5.82
C PHE A 142 -3.57 -0.13 -5.11
N VAL A 143 -4.55 0.37 -5.87
CA VAL A 143 -5.76 0.98 -5.30
C VAL A 143 -6.98 0.11 -5.59
N VAL A 144 -7.52 -0.42 -4.51
CA VAL A 144 -8.59 -1.44 -4.49
C VAL A 144 -9.87 -0.84 -3.91
N LYS A 145 -11.01 -1.09 -4.56
CA LYS A 145 -12.37 -0.73 -4.14
C LYS A 145 -13.32 -1.88 -4.53
N GLU A 146 -14.39 -2.16 -3.78
CA GLU A 146 -15.50 -3.02 -4.24
C GLU A 146 -15.03 -4.48 -4.42
N GLY A 147 -14.03 -4.90 -3.63
CA GLY A 147 -13.38 -6.22 -3.71
C GLY A 147 -12.44 -6.38 -4.91
N ARG A 148 -12.14 -5.30 -5.64
CA ARG A 148 -11.42 -5.35 -6.92
C ARG A 148 -10.43 -4.19 -7.09
N LEU A 149 -9.40 -4.44 -7.89
CA LEU A 149 -8.36 -3.46 -8.23
C LEU A 149 -8.93 -2.50 -9.28
N VAL A 150 -8.85 -1.20 -9.03
CA VAL A 150 -9.49 -0.17 -9.87
C VAL A 150 -8.50 0.87 -10.43
N LEU A 151 -7.34 1.05 -9.80
CA LEU A 151 -6.38 2.11 -10.12
C LEU A 151 -4.98 1.78 -9.57
N LEU A 152 -3.96 2.24 -10.29
CA LEU A 152 -2.53 2.02 -10.00
C LEU A 152 -1.79 3.35 -9.85
N TYR A 153 -0.77 3.35 -8.98
CA TYR A 153 0.11 4.49 -8.73
C TYR A 153 1.59 4.07 -8.70
N SER A 154 2.37 4.63 -9.61
CA SER A 154 3.83 4.71 -9.51
C SER A 154 4.26 5.83 -8.54
N PRO A 155 5.46 5.80 -7.95
CA PRO A 155 5.87 6.74 -6.90
C PRO A 155 5.96 8.17 -7.43
N ASP A 156 6.44 8.33 -8.66
CA ASP A 156 6.50 9.56 -9.46
C ASP A 156 5.18 10.32 -9.60
N LYS A 157 4.08 9.61 -9.40
CA LYS A 157 2.74 10.17 -9.31
C LYS A 157 2.19 10.18 -7.87
N ALA A 158 2.61 9.26 -7.00
CA ALA A 158 2.12 9.17 -5.62
C ALA A 158 2.53 10.39 -4.76
N GLU A 159 3.70 10.99 -5.04
CA GLU A 159 4.17 12.23 -4.43
C GLU A 159 3.20 13.42 -4.63
N ALA A 160 2.37 13.40 -5.67
CA ALA A 160 1.43 14.47 -6.00
C ALA A 160 0.18 14.42 -5.11
N THR A 161 0.30 14.82 -3.84
CA THR A 161 -0.78 14.84 -2.82
C THR A 161 -2.14 15.26 -3.36
N ASP A 162 -2.32 16.48 -3.88
CA ASP A 162 -3.66 16.95 -4.28
C ASP A 162 -4.24 16.22 -5.49
N ARG A 163 -3.39 15.68 -6.39
CA ARG A 163 -3.82 14.69 -7.36
C ARG A 163 -4.35 13.43 -6.68
N VAL A 164 -3.63 12.88 -5.70
CA VAL A 164 -4.09 11.70 -4.93
C VAL A 164 -5.41 11.98 -4.19
N VAL A 165 -5.59 13.18 -3.60
CA VAL A 165 -6.89 13.61 -3.03
C VAL A 165 -8.04 13.48 -4.05
N ALA A 166 -7.88 14.02 -5.26
CA ALA A 166 -8.90 14.00 -6.31
C ALA A 166 -9.19 12.58 -6.84
N ASP A 167 -8.15 11.76 -6.96
CA ASP A 167 -8.22 10.36 -7.34
C ASP A 167 -9.10 9.56 -6.37
N LEU A 168 -8.82 9.69 -5.08
CA LEU A 168 -9.57 9.03 -4.00
C LEU A 168 -11.01 9.54 -3.92
N GLN A 169 -11.25 10.80 -4.29
CA GLN A 169 -12.59 11.38 -4.40
C GLN A 169 -13.40 10.84 -5.59
N ALA A 170 -12.75 10.47 -6.70
CA ALA A 170 -13.35 9.72 -7.79
C ALA A 170 -13.58 8.21 -7.52
N LEU A 171 -12.89 7.64 -6.52
CA LEU A 171 -12.90 6.21 -6.19
C LEU A 171 -13.81 5.82 -5.02
N LEU A 172 -14.48 6.79 -4.41
CA LEU A 172 -15.42 6.72 -3.28
C LEU A 172 -16.43 5.55 -3.31
N GLY A 1 -17.19 20.53 -10.45
CA GLY A 1 -16.89 21.72 -9.63
C GLY A 1 -15.79 21.33 -8.68
N ALA A 2 -14.59 21.90 -8.87
CA ALA A 2 -13.34 21.10 -8.90
C ALA A 2 -13.43 20.03 -10.02
N MET A 3 -12.47 19.11 -10.11
CA MET A 3 -12.44 18.05 -11.13
C MET A 3 -11.58 16.87 -10.65
N HIS A 4 -11.80 15.69 -11.21
CA HIS A 4 -11.36 14.40 -10.65
C HIS A 4 -11.22 13.31 -11.75
N THR A 5 -10.59 13.68 -12.88
CA THR A 5 -10.44 12.83 -14.08
C THR A 5 -9.22 11.91 -14.04
N PHE A 6 -8.87 11.51 -12.83
CA PHE A 6 -7.76 10.65 -12.46
C PHE A 6 -6.37 11.30 -12.66
N TYR A 7 -5.33 10.57 -12.24
CA TYR A 7 -3.92 10.80 -12.61
C TYR A 7 -3.07 9.53 -12.76
N GLY A 8 -3.51 8.38 -12.22
CA GLY A 8 -2.76 7.12 -12.24
C GLY A 8 -2.96 6.32 -13.53
N THR A 9 -2.49 5.07 -13.55
CA THR A 9 -2.80 4.10 -14.61
C THR A 9 -4.24 3.66 -14.44
N ARG A 10 -5.13 4.21 -15.26
CA ARG A 10 -6.53 3.82 -15.34
C ARG A 10 -6.67 2.42 -15.94
N LEU A 11 -7.53 1.61 -15.34
CA LEU A 11 -7.93 0.31 -15.90
C LEU A 11 -9.26 0.45 -16.63
N LEU A 12 -9.39 -0.24 -17.77
CA LEU A 12 -10.64 -0.39 -18.50
C LEU A 12 -11.41 -1.58 -17.92
N ASN A 13 -10.76 -2.74 -17.86
CA ASN A 13 -11.20 -3.91 -17.09
C ASN A 13 -10.43 -3.95 -15.75
N PRO A 14 -11.03 -3.50 -14.63
CA PRO A 14 -10.39 -3.56 -13.32
C PRO A 14 -10.35 -5.00 -12.81
N LYS A 15 -9.17 -5.46 -12.37
CA LYS A 15 -8.91 -6.87 -12.05
C LYS A 15 -9.30 -7.20 -10.59
N PRO A 16 -10.11 -8.25 -10.34
CA PRO A 16 -10.54 -8.62 -8.99
C PRO A 16 -9.35 -9.13 -8.19
N VAL A 17 -9.36 -8.92 -6.86
CA VAL A 17 -8.26 -9.25 -5.92
C VAL A 17 -8.81 -9.40 -4.49
N ASP A 18 -8.18 -10.29 -3.73
CA ASP A 18 -8.15 -10.30 -2.27
C ASP A 18 -6.65 -10.43 -1.87
N PHE A 19 -6.38 -10.60 -0.57
CA PHE A 19 -5.12 -11.13 -0.07
C PHE A 19 -5.36 -11.77 1.31
N ALA A 20 -4.34 -12.44 1.85
CA ALA A 20 -4.30 -12.90 3.23
C ALA A 20 -2.91 -12.58 3.80
N LEU A 21 -2.83 -11.52 4.62
CA LEU A 21 -1.59 -11.09 5.28
C LEU A 21 -1.68 -11.16 6.80
N GLU A 22 -0.52 -11.09 7.43
CA GLU A 22 -0.27 -11.23 8.85
C GLU A 22 0.03 -9.87 9.47
N GLY A 23 -0.54 -9.57 10.64
CA GLY A 23 -0.39 -8.29 11.33
C GLY A 23 -0.22 -8.44 12.85
N PRO A 24 0.29 -7.40 13.55
CA PRO A 24 0.56 -7.48 14.99
C PRO A 24 -0.73 -7.48 15.80
N GLN A 25 -1.72 -6.67 15.40
CA GLN A 25 -3.07 -6.64 15.96
C GLN A 25 -4.01 -7.67 15.27
N GLY A 26 -3.46 -8.79 14.78
CA GLY A 26 -4.18 -9.85 14.08
C GLY A 26 -3.96 -9.86 12.56
N PRO A 27 -4.23 -11.00 11.88
CA PRO A 27 -4.14 -11.13 10.43
C PRO A 27 -5.35 -10.50 9.71
N VAL A 28 -5.17 -10.18 8.43
CA VAL A 28 -6.07 -9.33 7.66
C VAL A 28 -6.23 -9.83 6.22
N ARG A 29 -7.48 -9.90 5.74
CA ARG A 29 -7.83 -10.05 4.33
C ARG A 29 -8.32 -8.72 3.75
N LEU A 30 -8.28 -8.59 2.41
CA LEU A 30 -8.82 -7.44 1.67
C LEU A 30 -10.35 -7.49 1.62
N SER A 31 -10.92 -8.68 1.68
CA SER A 31 -12.36 -8.92 1.82
C SER A 31 -12.96 -8.49 3.18
N GLN A 32 -12.17 -7.88 4.06
CA GLN A 32 -12.64 -7.10 5.20
C GLN A 32 -12.79 -5.59 4.87
N PHE A 33 -12.42 -5.17 3.66
CA PHE A 33 -12.35 -3.77 3.21
C PHE A 33 -12.94 -3.56 1.79
N GLN A 34 -13.90 -4.38 1.35
CA GLN A 34 -14.48 -4.24 0.00
C GLN A 34 -15.30 -2.96 -0.16
N ASP A 35 -16.18 -2.67 0.81
CA ASP A 35 -16.94 -1.42 0.97
C ASP A 35 -16.07 -0.18 1.31
N LYS A 36 -14.74 -0.33 1.42
CA LYS A 36 -13.78 0.70 1.78
C LYS A 36 -12.94 1.15 0.55
N VAL A 37 -11.98 2.04 0.76
CA VAL A 37 -10.98 2.47 -0.22
C VAL A 37 -9.61 2.12 0.37
N VAL A 38 -8.84 1.28 -0.33
CA VAL A 38 -7.57 0.73 0.15
C VAL A 38 -6.44 0.98 -0.85
N LEU A 39 -5.33 1.54 -0.34
CA LEU A 39 -4.06 1.72 -1.06
C LEU A 39 -3.01 0.76 -0.48
N LEU A 40 -2.50 -0.15 -1.31
CA LEU A 40 -1.48 -1.14 -0.94
C LEU A 40 -0.10 -0.67 -1.40
N PHE A 41 0.89 -0.67 -0.49
CA PHE A 41 2.29 -0.32 -0.76
C PHE A 41 3.23 -1.40 -0.18
N PHE A 42 4.19 -1.88 -0.98
CA PHE A 42 5.15 -2.93 -0.63
C PHE A 42 6.55 -2.33 -0.41
N GLY A 43 7.11 -2.42 0.81
CA GLY A 43 8.46 -1.96 1.13
C GLY A 43 9.24 -2.77 2.18
N PHE A 44 10.53 -2.46 2.30
CA PHE A 44 11.48 -3.01 3.29
C PHE A 44 11.48 -2.25 4.63
N THR A 45 10.33 -1.67 4.97
CA THR A 45 9.93 -1.07 6.26
C THR A 45 10.63 0.26 6.56
N ARG A 46 11.95 0.30 6.41
CA ARG A 46 12.78 1.50 6.34
C ARG A 46 12.24 2.52 5.33
N CYS A 47 12.63 3.77 5.53
CA CYS A 47 12.94 4.68 4.42
C CYS A 47 14.17 4.19 3.61
N PRO A 48 14.03 3.95 2.29
CA PRO A 48 15.09 4.22 1.35
C PRO A 48 15.05 5.73 1.04
N ASP A 49 13.93 6.21 0.47
CA ASP A 49 13.70 7.59 0.06
C ASP A 49 12.17 7.80 0.05
N VAL A 50 11.51 7.42 -1.04
CA VAL A 50 10.07 7.26 -1.30
C VAL A 50 9.10 6.94 -0.12
N CYS A 51 9.50 6.17 0.91
CA CYS A 51 8.56 5.73 1.95
C CYS A 51 7.95 6.91 2.75
N PRO A 52 8.74 7.75 3.45
CA PRO A 52 8.22 8.89 4.19
C PRO A 52 7.58 9.96 3.30
N THR A 53 8.00 10.14 2.04
CA THR A 53 7.38 11.13 1.13
C THR A 53 5.98 10.70 0.71
N THR A 54 5.85 9.50 0.15
CA THR A 54 4.55 8.90 -0.23
C THR A 54 3.63 8.76 0.98
N LEU A 55 4.08 8.17 2.10
CA LEU A 55 3.22 8.03 3.29
C LEU A 55 2.79 9.38 3.88
N LEU A 56 3.59 10.45 3.74
CA LEU A 56 3.17 11.82 4.07
C LEU A 56 2.10 12.32 3.10
N ALA A 57 2.27 12.13 1.79
CA ALA A 57 1.28 12.56 0.80
C ALA A 57 -0.05 11.81 0.93
N LEU A 58 -0.02 10.50 1.18
CA LEU A 58 -1.21 9.68 1.46
C LEU A 58 -1.92 10.18 2.72
N LYS A 59 -1.22 10.36 3.84
CA LYS A 59 -1.88 10.89 5.05
C LYS A 59 -2.35 12.34 4.87
N ARG A 60 -1.66 13.16 4.06
CA ARG A 60 -2.09 14.51 3.71
C ARG A 60 -3.39 14.52 2.88
N ALA A 61 -3.68 13.46 2.11
CA ALA A 61 -4.98 13.29 1.48
C ALA A 61 -6.08 13.01 2.51
N TYR A 62 -5.86 12.14 3.49
CA TYR A 62 -6.79 11.91 4.62
C TYR A 62 -7.11 13.19 5.41
N GLU A 63 -6.12 14.06 5.61
CA GLU A 63 -6.28 15.38 6.24
C GLU A 63 -7.08 16.38 5.38
N LYS A 64 -7.27 16.08 4.09
CA LYS A 64 -8.07 16.87 3.12
C LYS A 64 -9.41 16.22 2.74
N LEU A 65 -9.56 14.90 2.91
CA LEU A 65 -10.81 14.15 2.75
C LEU A 65 -11.88 14.65 3.73
N PRO A 66 -13.17 14.68 3.34
CA PRO A 66 -14.25 15.00 4.26
C PRO A 66 -14.37 13.86 5.29
N PRO A 67 -14.85 14.16 6.51
CA PRO A 67 -14.96 13.18 7.57
C PRO A 67 -15.91 12.02 7.22
N LYS A 68 -16.74 12.15 6.17
CA LYS A 68 -17.66 11.08 5.73
C LYS A 68 -17.01 10.12 4.72
N ALA A 69 -16.06 10.58 3.90
CA ALA A 69 -15.21 9.68 3.11
C ALA A 69 -14.10 9.03 3.94
N GLN A 70 -13.61 9.64 5.03
CA GLN A 70 -12.61 9.02 5.91
C GLN A 70 -13.13 7.65 6.41
N GLU A 71 -14.44 7.53 6.72
CA GLU A 71 -15.16 6.29 7.11
C GLU A 71 -14.96 5.11 6.16
N ARG A 72 -14.54 5.45 4.95
CA ARG A 72 -14.20 4.55 3.86
C ARG A 72 -12.70 4.37 3.65
N VAL A 73 -11.82 5.30 4.03
CA VAL A 73 -10.42 5.33 3.57
C VAL A 73 -9.49 4.65 4.59
N GLN A 74 -8.62 3.78 4.07
CA GLN A 74 -7.63 3.00 4.80
C GLN A 74 -6.34 2.95 3.94
N VAL A 75 -5.16 2.87 4.56
CA VAL A 75 -3.87 2.88 3.84
C VAL A 75 -2.96 1.81 4.46
N ILE A 76 -2.44 0.93 3.61
CA ILE A 76 -1.83 -0.34 4.05
C ILE A 76 -0.41 -0.48 3.51
N PHE A 77 0.53 -0.60 4.46
CA PHE A 77 1.91 -0.95 4.16
C PHE A 77 2.11 -2.44 4.43
N VAL A 78 2.58 -3.18 3.43
CA VAL A 78 3.06 -4.56 3.57
C VAL A 78 4.58 -4.56 3.49
N SER A 79 5.19 -5.42 4.30
CA SER A 79 6.63 -5.71 4.26
C SER A 79 7.08 -6.39 2.95
N VAL A 80 8.37 -6.70 2.84
CA VAL A 80 8.91 -7.51 1.72
C VAL A 80 9.90 -8.57 2.21
N ASP A 81 10.62 -8.33 3.31
CA ASP A 81 11.65 -9.22 3.83
C ASP A 81 11.28 -9.67 5.26
N PRO A 82 10.38 -10.64 5.42
CA PRO A 82 9.90 -11.08 6.73
C PRO A 82 10.98 -11.76 7.59
N GLU A 83 12.17 -12.05 7.03
CA GLU A 83 13.36 -12.43 7.81
C GLU A 83 13.85 -11.27 8.71
N ARG A 84 13.50 -10.02 8.34
CA ARG A 84 13.99 -8.79 8.97
C ARG A 84 12.85 -7.82 9.36
N ASP A 85 11.68 -7.93 8.75
CA ASP A 85 10.50 -7.09 8.97
C ASP A 85 9.50 -7.85 9.88
N PRO A 86 9.47 -7.65 11.21
CA PRO A 86 8.45 -8.24 12.07
C PRO A 86 7.15 -7.39 12.02
N PRO A 87 5.95 -8.03 12.15
CA PRO A 87 4.64 -7.38 11.97
C PRO A 87 4.49 -6.03 12.67
N GLU A 88 4.95 -5.94 13.92
CA GLU A 88 4.99 -4.70 14.71
C GLU A 88 5.65 -3.54 13.97
N VAL A 89 6.84 -3.76 13.40
CA VAL A 89 7.70 -2.70 12.85
C VAL A 89 7.14 -2.15 11.53
N ALA A 90 6.41 -2.97 10.77
CA ALA A 90 5.57 -2.50 9.67
C ALA A 90 4.44 -1.58 10.17
N ASP A 91 3.79 -1.92 11.28
CA ASP A 91 2.70 -1.10 11.86
C ASP A 91 3.22 0.20 12.46
N ARG A 92 4.35 0.19 13.18
CA ARG A 92 4.95 1.41 13.72
C ARG A 92 5.16 2.44 12.62
N TYR A 93 5.80 2.04 11.51
CA TYR A 93 6.06 2.97 10.40
C TYR A 93 4.77 3.46 9.71
N ALA A 94 3.77 2.60 9.54
CA ALA A 94 2.48 2.98 8.93
C ALA A 94 1.69 3.97 9.83
N LYS A 95 1.57 3.65 11.11
CA LYS A 95 0.87 4.46 12.12
C LYS A 95 1.57 5.79 12.43
N ALA A 96 2.88 5.88 12.18
CA ALA A 96 3.68 7.08 12.46
C ALA A 96 3.25 8.27 11.60
N PHE A 97 2.66 7.99 10.43
CA PHE A 97 2.07 9.02 9.58
C PHE A 97 0.68 9.44 10.04
N HIS A 98 -0.16 8.48 10.42
CA HIS A 98 -1.52 8.71 10.92
C HIS A 98 -2.10 7.40 11.50
N PRO A 99 -2.89 7.39 12.59
CA PRO A 99 -3.37 6.16 13.22
C PRO A 99 -4.36 5.36 12.35
N SER A 100 -5.02 6.00 11.38
CA SER A 100 -5.92 5.38 10.39
C SER A 100 -5.24 4.46 9.36
N PHE A 101 -3.95 4.17 9.51
CA PHE A 101 -3.15 3.29 8.65
C PHE A 101 -3.03 1.88 9.29
N LEU A 102 -2.53 0.89 8.55
CA LEU A 102 -2.12 -0.41 9.11
C LEU A 102 -0.84 -0.96 8.48
N GLY A 103 -0.02 -1.65 9.29
CA GLY A 103 1.15 -2.40 8.83
C GLY A 103 1.03 -3.92 8.99
N LEU A 104 1.58 -4.65 8.01
CA LEU A 104 1.46 -6.11 7.89
C LEU A 104 2.83 -6.73 7.57
N SER A 105 3.26 -7.72 8.36
CA SER A 105 4.34 -8.64 8.01
C SER A 105 4.16 -10.00 8.67
N GLY A 106 4.70 -11.09 8.12
CA GLY A 106 4.63 -12.42 8.72
C GLY A 106 5.03 -13.54 7.78
N SER A 107 4.24 -14.61 7.76
CA SER A 107 4.51 -15.84 7.03
C SER A 107 4.96 -15.59 5.57
N PRO A 108 6.11 -16.17 5.15
CA PRO A 108 6.73 -15.84 3.87
C PRO A 108 5.77 -16.13 2.72
N GLU A 109 5.14 -17.30 2.70
CA GLU A 109 4.17 -17.65 1.65
C GLU A 109 2.92 -16.76 1.64
N ALA A 110 2.51 -16.19 2.78
CA ALA A 110 1.43 -15.21 2.85
C ALA A 110 1.84 -13.88 2.19
N VAL A 111 3.04 -13.37 2.50
CA VAL A 111 3.63 -12.21 1.78
C VAL A 111 3.78 -12.54 0.28
N ARG A 112 4.15 -13.78 -0.05
CA ARG A 112 4.38 -14.27 -1.40
C ARG A 112 3.08 -14.33 -2.20
N GLU A 113 1.96 -14.75 -1.59
CA GLU A 113 0.61 -14.68 -2.14
C GLU A 113 0.28 -13.26 -2.63
N ALA A 114 0.25 -12.30 -1.69
CA ALA A 114 -0.18 -10.92 -1.96
C ALA A 114 0.62 -10.24 -3.09
N ALA A 115 1.92 -10.57 -3.18
CA ALA A 115 2.77 -10.13 -4.27
C ALA A 115 2.27 -10.68 -5.62
N GLN A 116 2.08 -12.00 -5.76
CA GLN A 116 1.55 -12.60 -6.99
C GLN A 116 0.18 -12.03 -7.34
N THR A 117 -0.70 -12.00 -6.33
CA THR A 117 -2.14 -11.76 -6.50
C THR A 117 -2.43 -10.31 -6.86
N PHE A 118 -1.62 -9.34 -6.44
CA PHE A 118 -1.60 -7.99 -7.01
C PHE A 118 -0.94 -7.96 -8.41
N GLY A 119 0.27 -8.51 -8.52
CA GLY A 119 1.20 -8.42 -9.67
C GLY A 119 2.53 -7.75 -9.34
N VAL A 120 3.00 -7.90 -8.10
CA VAL A 120 4.28 -7.42 -7.55
C VAL A 120 5.30 -8.55 -7.53
N PHE A 121 6.55 -8.21 -7.82
CA PHE A 121 7.70 -9.10 -7.84
C PHE A 121 8.86 -8.50 -7.02
N TYR A 122 9.53 -9.34 -6.23
CA TYR A 122 10.66 -8.99 -5.36
C TYR A 122 11.73 -10.10 -5.29
N GLN A 123 13.02 -9.74 -5.35
CA GLN A 123 14.14 -10.69 -5.39
C GLN A 123 15.36 -10.13 -4.62
N LYS A 124 15.95 -10.85 -3.65
CA LYS A 124 17.31 -10.53 -3.16
C LYS A 124 18.34 -11.44 -3.83
N SER A 125 19.08 -10.91 -4.82
CA SER A 125 19.55 -11.70 -5.98
C SER A 125 21.02 -12.15 -5.89
N GLN A 126 21.78 -11.60 -4.95
CA GLN A 126 23.06 -12.11 -4.51
C GLN A 126 23.11 -11.91 -3.01
N TYR A 127 23.50 -12.93 -2.25
CA TYR A 127 23.90 -12.77 -0.85
C TYR A 127 25.04 -11.74 -0.69
N ARG A 128 25.90 -11.66 -1.71
CA ARG A 128 26.99 -10.71 -1.99
C ARG A 128 28.21 -10.96 -1.11
N GLY A 129 27.99 -11.15 0.18
CA GLY A 129 29.00 -11.41 1.22
C GLY A 129 28.38 -12.13 2.42
N PRO A 130 28.82 -11.86 3.66
CA PRO A 130 28.35 -12.57 4.85
C PRO A 130 26.92 -12.19 5.28
N GLY A 131 26.32 -11.15 4.67
CA GLY A 131 25.01 -10.61 5.03
C GLY A 131 24.85 -9.19 4.50
N GLU A 132 24.88 -9.06 3.17
CA GLU A 132 25.31 -7.85 2.47
C GLU A 132 24.56 -7.66 1.14
N TYR A 133 23.36 -8.25 1.02
CA TYR A 133 22.68 -8.48 -0.25
C TYR A 133 22.13 -7.23 -0.94
N LEU A 134 22.12 -7.27 -2.27
CA LEU A 134 21.41 -6.33 -3.14
C LEU A 134 20.05 -6.92 -3.55
N VAL A 135 19.04 -6.06 -3.68
CA VAL A 135 17.63 -6.45 -3.69
C VAL A 135 16.77 -5.61 -4.64
N ASP A 136 15.74 -6.25 -5.18
CA ASP A 136 14.70 -5.74 -6.07
C ASP A 136 13.31 -5.85 -5.39
N HIS A 137 12.48 -4.82 -5.52
CA HIS A 137 11.02 -4.97 -5.38
C HIS A 137 10.23 -3.98 -6.27
N THR A 138 8.99 -4.35 -6.63
CA THR A 138 8.03 -3.43 -7.26
C THR A 138 7.49 -2.46 -6.22
N ALA A 139 8.25 -1.41 -5.96
CA ALA A 139 7.87 -0.28 -5.11
C ALA A 139 6.78 0.57 -5.80
N THR A 140 5.53 0.14 -5.73
CA THR A 140 4.38 0.76 -6.40
C THR A 140 3.19 0.80 -5.46
N THR A 141 2.27 1.75 -5.66
CA THR A 141 1.02 1.88 -4.91
C THR A 141 -0.17 1.42 -5.74
N PHE A 142 -1.02 0.60 -5.16
CA PHE A 142 -2.12 -0.09 -5.86
C PHE A 142 -3.47 0.22 -5.22
N VAL A 143 -4.46 0.69 -6.01
CA VAL A 143 -5.77 1.12 -5.50
C VAL A 143 -6.79 0.00 -5.70
N VAL A 144 -7.42 -0.39 -4.59
CA VAL A 144 -8.46 -1.42 -4.52
C VAL A 144 -9.77 -0.88 -3.93
N LYS A 145 -10.88 -1.22 -4.60
CA LYS A 145 -12.26 -0.90 -4.27
C LYS A 145 -13.18 -2.09 -4.58
N GLU A 146 -14.18 -2.40 -3.76
CA GLU A 146 -15.27 -3.37 -4.04
C GLU A 146 -14.81 -4.84 -4.07
N GLY A 147 -13.50 -5.13 -4.08
CA GLY A 147 -12.92 -6.44 -4.33
C GLY A 147 -12.09 -6.52 -5.61
N ARG A 148 -11.78 -5.37 -6.25
CA ARG A 148 -10.92 -5.32 -7.42
C ARG A 148 -9.97 -4.12 -7.40
N LEU A 149 -8.80 -4.34 -8.02
CA LEU A 149 -7.79 -3.35 -8.30
C LEU A 149 -8.32 -2.48 -9.44
N VAL A 150 -8.58 -1.21 -9.13
CA VAL A 150 -9.20 -0.21 -10.03
C VAL A 150 -8.20 0.75 -10.68
N LEU A 151 -7.03 0.97 -10.07
CA LEU A 151 -6.06 1.99 -10.49
C LEU A 151 -4.67 1.74 -9.88
N LEU A 152 -3.62 2.16 -10.60
CA LEU A 152 -2.22 2.08 -10.14
C LEU A 152 -1.59 3.48 -10.04
N TYR A 153 -0.81 3.71 -8.98
CA TYR A 153 -0.05 4.94 -8.77
C TYR A 153 1.46 4.65 -8.79
N SER A 154 2.21 5.46 -9.55
CA SER A 154 3.67 5.53 -9.37
C SER A 154 3.97 6.43 -8.16
N PRO A 155 4.98 6.13 -7.32
CA PRO A 155 5.24 6.89 -6.10
C PRO A 155 5.58 8.36 -6.37
N ASP A 156 6.36 8.63 -7.42
CA ASP A 156 6.73 9.96 -7.92
C ASP A 156 5.54 10.78 -8.45
N LYS A 157 4.36 10.15 -8.54
CA LYS A 157 3.07 10.81 -8.73
C LYS A 157 2.17 10.73 -7.47
N ALA A 158 2.29 9.70 -6.63
CA ALA A 158 1.55 9.55 -5.37
C ALA A 158 1.88 10.64 -4.34
N GLU A 159 3.06 11.26 -4.45
CA GLU A 159 3.47 12.43 -3.68
C GLU A 159 2.56 13.66 -3.90
N ALA A 160 1.90 13.75 -5.06
CA ALA A 160 0.95 14.82 -5.37
C ALA A 160 -0.38 14.62 -4.60
N THR A 161 -0.41 15.11 -3.36
CA THR A 161 -1.56 15.05 -2.42
C THR A 161 -2.88 15.35 -3.08
N ASP A 162 -2.97 16.48 -3.80
CA ASP A 162 -4.20 16.94 -4.43
C ASP A 162 -4.66 16.05 -5.60
N ARG A 163 -3.73 15.41 -6.32
CA ARG A 163 -4.04 14.28 -7.21
C ARG A 163 -4.57 13.06 -6.45
N VAL A 164 -3.91 12.65 -5.35
CA VAL A 164 -4.36 11.52 -4.51
C VAL A 164 -5.79 11.74 -4.01
N VAL A 165 -6.09 12.93 -3.46
CA VAL A 165 -7.44 13.27 -2.99
C VAL A 165 -8.47 13.06 -4.10
N ALA A 166 -8.31 13.70 -5.25
CA ALA A 166 -9.36 13.72 -6.28
C ALA A 166 -9.58 12.37 -6.95
N ASP A 167 -8.53 11.61 -7.27
CA ASP A 167 -8.60 10.32 -7.96
C ASP A 167 -9.26 9.26 -7.06
N LEU A 168 -8.95 9.27 -5.75
CA LEU A 168 -9.68 8.47 -4.77
C LEU A 168 -11.13 8.94 -4.59
N GLN A 169 -11.41 10.25 -4.70
CA GLN A 169 -12.77 10.80 -4.62
C GLN A 169 -13.64 10.49 -5.84
N ALA A 170 -13.07 10.14 -7.00
CA ALA A 170 -13.78 9.49 -8.10
C ALA A 170 -14.12 8.01 -7.84
N LEU A 171 -13.43 7.37 -6.89
CA LEU A 171 -13.47 5.93 -6.61
C LEU A 171 -14.06 5.61 -5.22
N LEU A 172 -14.66 6.60 -4.54
CA LEU A 172 -15.00 6.56 -3.10
C LEU A 172 -16.04 5.53 -2.63
N GLY A 1 -13.48 12.50 -23.48
CA GLY A 1 -12.21 12.03 -24.06
C GLY A 1 -11.47 11.32 -22.94
N ALA A 2 -10.41 11.94 -22.43
CA ALA A 2 -10.19 11.92 -20.98
C ALA A 2 -11.42 12.50 -20.25
N MET A 3 -11.50 12.27 -18.93
CA MET A 3 -12.59 12.71 -18.04
C MET A 3 -12.13 12.57 -16.58
N HIS A 4 -12.25 13.64 -15.79
CA HIS A 4 -11.89 13.71 -14.37
C HIS A 4 -10.43 13.28 -14.03
N THR A 5 -9.49 13.26 -14.99
CA THR A 5 -8.14 12.72 -14.80
C THR A 5 -7.27 13.67 -14.00
N PHE A 6 -7.20 13.39 -12.70
CA PHE A 6 -6.53 14.21 -11.72
C PHE A 6 -5.01 13.99 -11.65
N TYR A 7 -4.50 12.76 -11.80
CA TYR A 7 -3.08 12.38 -11.65
C TYR A 7 -2.79 10.89 -11.89
N GLY A 8 -3.61 10.01 -11.31
CA GLY A 8 -3.42 8.55 -11.33
C GLY A 8 -3.97 7.87 -12.58
N THR A 9 -3.56 6.60 -12.79
CA THR A 9 -3.92 5.79 -13.97
C THR A 9 -5.26 5.09 -13.74
N ARG A 10 -6.32 5.53 -14.43
CA ARG A 10 -7.66 4.96 -14.34
C ARG A 10 -7.81 3.67 -15.14
N LEU A 11 -8.23 2.60 -14.45
CA LEU A 11 -8.41 1.28 -15.05
C LEU A 11 -9.77 1.15 -15.75
N LEU A 12 -9.81 0.49 -16.91
CA LEU A 12 -11.04 0.20 -17.66
C LEU A 12 -11.66 -1.13 -17.20
N ASN A 13 -10.82 -2.15 -16.96
CA ASN A 13 -11.23 -3.49 -16.55
C ASN A 13 -10.81 -3.74 -15.08
N PRO A 14 -11.61 -3.31 -14.08
CA PRO A 14 -11.23 -3.44 -12.68
C PRO A 14 -11.44 -4.88 -12.19
N LYS A 15 -10.32 -5.60 -12.13
CA LYS A 15 -10.22 -7.01 -11.75
C LYS A 15 -10.41 -7.21 -10.24
N PRO A 16 -11.16 -8.23 -9.78
CA PRO A 16 -11.31 -8.54 -8.36
C PRO A 16 -9.96 -9.01 -7.80
N VAL A 17 -9.72 -8.73 -6.51
CA VAL A 17 -8.48 -9.01 -5.77
C VAL A 17 -8.77 -9.23 -4.28
N ASP A 18 -8.03 -10.13 -3.65
CA ASP A 18 -8.05 -10.42 -2.21
C ASP A 18 -6.78 -11.19 -1.82
N PHE A 19 -6.37 -11.05 -0.55
CA PHE A 19 -5.22 -11.75 0.03
C PHE A 19 -5.40 -11.91 1.53
N ALA A 20 -4.76 -12.92 2.11
CA ALA A 20 -4.46 -13.04 3.54
C ALA A 20 -3.03 -12.57 3.79
N LEU A 21 -2.85 -11.72 4.80
CA LEU A 21 -1.56 -11.36 5.37
C LEU A 21 -1.60 -11.56 6.88
N GLU A 22 -0.40 -11.54 7.46
CA GLU A 22 -0.11 -11.62 8.88
C GLU A 22 0.16 -10.21 9.42
N GLY A 23 -0.23 -9.95 10.67
CA GLY A 23 -0.10 -8.66 11.34
C GLY A 23 0.30 -8.77 12.82
N PRO A 24 0.80 -7.68 13.44
CA PRO A 24 1.31 -7.68 14.82
C PRO A 24 0.26 -7.96 15.89
N GLN A 25 -1.02 -7.72 15.60
CA GLN A 25 -2.13 -7.95 16.55
C GLN A 25 -3.05 -9.10 16.09
N GLY A 26 -2.65 -9.86 15.08
CA GLY A 26 -3.43 -10.90 14.40
C GLY A 26 -3.41 -10.76 12.88
N PRO A 27 -3.73 -11.85 12.13
CA PRO A 27 -3.77 -11.85 10.67
C PRO A 27 -5.03 -11.16 10.13
N VAL A 28 -4.96 -10.71 8.87
CA VAL A 28 -5.97 -9.85 8.23
C VAL A 28 -6.15 -10.27 6.76
N ARG A 29 -7.40 -10.27 6.25
CA ARG A 29 -7.73 -10.44 4.83
C ARG A 29 -8.10 -9.10 4.20
N LEU A 30 -7.74 -8.84 2.93
CA LEU A 30 -8.22 -7.65 2.21
C LEU A 30 -9.75 -7.65 2.11
N SER A 31 -10.38 -8.81 2.09
CA SER A 31 -11.83 -8.98 2.18
C SER A 31 -12.46 -8.62 3.54
N GLN A 32 -11.70 -8.09 4.51
CA GLN A 32 -12.25 -7.38 5.68
C GLN A 32 -12.68 -5.94 5.31
N PHE A 33 -12.34 -5.45 4.11
CA PHE A 33 -12.42 -4.03 3.76
C PHE A 33 -12.96 -3.78 2.34
N GLN A 34 -13.74 -4.71 1.77
CA GLN A 34 -14.25 -4.57 0.38
C GLN A 34 -15.15 -3.34 0.20
N ASP A 35 -16.04 -3.07 1.16
CA ASP A 35 -16.93 -1.91 1.26
C ASP A 35 -16.19 -0.61 1.67
N LYS A 36 -14.89 -0.69 1.94
CA LYS A 36 -14.01 0.45 2.15
C LYS A 36 -13.28 0.84 0.84
N VAL A 37 -12.47 1.88 0.93
CA VAL A 37 -11.49 2.31 -0.06
C VAL A 37 -10.15 2.04 0.57
N VAL A 38 -9.50 0.95 0.16
CA VAL A 38 -8.23 0.50 0.72
C VAL A 38 -7.12 1.00 -0.20
N LEU A 39 -6.13 1.64 0.42
CA LEU A 39 -4.90 2.05 -0.24
C LEU A 39 -3.78 1.09 0.17
N LEU A 40 -3.28 0.36 -0.82
CA LEU A 40 -2.22 -0.65 -0.73
C LEU A 40 -0.88 -0.06 -1.18
N PHE A 41 0.17 -0.33 -0.42
CA PHE A 41 1.55 -0.01 -0.78
C PHE A 41 2.47 -1.17 -0.37
N PHE A 42 3.35 -1.58 -1.28
CA PHE A 42 4.34 -2.64 -1.08
C PHE A 42 5.72 -2.02 -0.86
N GLY A 43 6.34 -2.25 0.30
CA GLY A 43 7.69 -1.77 0.64
C GLY A 43 8.51 -2.67 1.58
N PHE A 44 9.71 -2.20 1.91
CA PHE A 44 10.59 -2.71 2.97
C PHE A 44 10.98 -1.53 3.87
N THR A 45 11.03 -1.71 5.20
CA THR A 45 11.42 -0.64 6.16
C THR A 45 12.83 -0.09 5.98
N ARG A 46 13.67 -0.70 5.12
CA ARG A 46 14.86 -0.05 4.57
C ARG A 46 14.48 1.04 3.53
N CYS A 47 13.64 2.00 3.92
CA CYS A 47 13.12 3.08 3.08
C CYS A 47 14.23 3.94 2.45
N PRO A 48 14.05 4.43 1.20
CA PRO A 48 14.71 5.61 0.69
C PRO A 48 13.82 6.80 1.09
N ASP A 49 13.56 7.71 0.14
CA ASP A 49 12.73 8.91 0.35
C ASP A 49 11.27 8.61 0.01
N VAL A 50 11.07 7.88 -1.08
CA VAL A 50 9.78 7.52 -1.64
C VAL A 50 8.81 6.89 -0.63
N CYS A 51 9.33 6.14 0.34
CA CYS A 51 8.54 5.51 1.40
C CYS A 51 8.01 6.52 2.43
N PRO A 52 8.87 7.29 3.15
CA PRO A 52 8.39 8.31 4.09
C PRO A 52 7.58 9.39 3.37
N THR A 53 7.99 9.82 2.16
CA THR A 53 7.25 10.80 1.36
C THR A 53 5.85 10.31 1.02
N THR A 54 5.71 9.08 0.48
CA THR A 54 4.41 8.44 0.22
C THR A 54 3.57 8.37 1.48
N LEU A 55 4.07 7.81 2.59
CA LEU A 55 3.26 7.66 3.81
C LEU A 55 2.85 9.01 4.41
N LEU A 56 3.69 10.05 4.27
CA LEU A 56 3.38 11.42 4.67
C LEU A 56 2.32 12.03 3.74
N ALA A 57 2.42 11.84 2.43
CA ALA A 57 1.47 12.34 1.44
C ALA A 57 0.10 11.66 1.54
N LEU A 58 0.08 10.33 1.71
CA LEU A 58 -1.12 9.54 2.05
C LEU A 58 -1.81 10.09 3.29
N LYS A 59 -1.10 10.23 4.42
CA LYS A 59 -1.72 10.75 5.64
C LYS A 59 -2.15 12.23 5.50
N ARG A 60 -1.40 13.03 4.75
CA ARG A 60 -1.76 14.41 4.42
C ARG A 60 -3.06 14.52 3.63
N ALA A 61 -3.28 13.64 2.65
CA ALA A 61 -4.52 13.57 1.90
C ALA A 61 -5.69 13.15 2.79
N TYR A 62 -5.47 12.22 3.73
CA TYR A 62 -6.46 11.84 4.75
C TYR A 62 -6.81 12.98 5.72
N GLU A 63 -5.84 13.77 6.17
CA GLU A 63 -6.05 14.87 7.12
C GLU A 63 -6.88 16.00 6.48
N LYS A 64 -6.77 16.19 5.17
CA LYS A 64 -7.54 17.19 4.43
C LYS A 64 -9.01 16.79 4.16
N LEU A 65 -9.49 15.65 4.67
CA LEU A 65 -10.84 15.14 4.41
C LEU A 65 -11.91 15.75 5.34
N PRO A 66 -13.19 15.78 4.92
CA PRO A 66 -14.33 15.91 5.82
C PRO A 66 -14.57 14.60 6.59
N PRO A 67 -15.23 14.65 7.76
CA PRO A 67 -15.49 13.47 8.59
C PRO A 67 -16.39 12.42 7.91
N LYS A 68 -17.09 12.74 6.82
CA LYS A 68 -17.80 11.69 6.07
C LYS A 68 -16.91 10.91 5.11
N ALA A 69 -15.82 11.50 4.61
CA ALA A 69 -14.83 10.79 3.82
C ALA A 69 -13.90 9.86 4.61
N GLN A 70 -13.75 9.98 5.93
CA GLN A 70 -13.01 8.95 6.70
C GLN A 70 -13.75 7.60 6.80
N GLU A 71 -15.09 7.60 6.87
CA GLU A 71 -15.94 6.42 7.21
C GLU A 71 -15.73 5.20 6.30
N ARG A 72 -15.17 5.46 5.12
CA ARG A 72 -14.80 4.46 4.13
C ARG A 72 -13.29 4.32 3.87
N VAL A 73 -12.36 4.95 4.60
CA VAL A 73 -10.92 4.71 4.37
C VAL A 73 -10.42 3.43 5.04
N GLN A 74 -9.43 2.78 4.44
CA GLN A 74 -8.46 1.94 5.12
C GLN A 74 -7.11 2.16 4.42
N VAL A 75 -5.98 1.99 5.11
CA VAL A 75 -4.64 2.07 4.49
C VAL A 75 -3.79 0.92 5.04
N ILE A 76 -3.13 0.18 4.14
CA ILE A 76 -2.37 -1.03 4.44
C ILE A 76 -1.00 -0.99 3.75
N PHE A 77 0.06 -1.13 4.54
CA PHE A 77 1.43 -1.30 4.06
C PHE A 77 1.79 -2.79 4.11
N VAL A 78 2.04 -3.42 2.96
CA VAL A 78 2.51 -4.81 2.89
C VAL A 78 4.02 -4.82 2.70
N SER A 79 4.70 -5.72 3.40
CA SER A 79 6.16 -5.86 3.30
C SER A 79 6.62 -6.49 1.97
N VAL A 80 7.94 -6.67 1.80
CA VAL A 80 8.55 -7.34 0.64
C VAL A 80 9.63 -8.34 1.08
N ASP A 81 10.49 -7.95 2.04
CA ASP A 81 11.54 -8.82 2.58
C ASP A 81 11.19 -9.30 4.03
N PRO A 82 10.24 -10.25 4.21
CA PRO A 82 9.83 -10.75 5.52
C PRO A 82 10.92 -11.59 6.22
N GLU A 83 11.94 -12.05 5.48
CA GLU A 83 13.17 -12.62 6.02
C GLU A 83 13.98 -11.64 6.90
N ARG A 84 13.55 -10.37 7.03
CA ARG A 84 14.15 -9.41 7.97
C ARG A 84 13.20 -8.31 8.44
N ASP A 85 12.06 -8.07 7.79
CA ASP A 85 11.04 -7.11 8.25
C ASP A 85 9.89 -7.84 8.96
N PRO A 86 9.83 -7.90 10.31
CA PRO A 86 8.74 -8.57 11.03
C PRO A 86 7.46 -7.69 11.06
N PRO A 87 6.26 -8.30 11.25
CA PRO A 87 4.97 -7.61 11.18
C PRO A 87 4.91 -6.31 11.96
N GLU A 88 5.46 -6.28 13.18
CA GLU A 88 5.42 -5.11 14.03
C GLU A 88 6.31 -3.95 13.54
N VAL A 89 7.45 -4.23 12.90
CA VAL A 89 8.42 -3.20 12.47
C VAL A 89 7.87 -2.42 11.27
N ALA A 90 7.30 -3.12 10.28
CA ALA A 90 6.48 -2.53 9.23
C ALA A 90 5.30 -1.69 9.79
N ASP A 91 4.65 -2.14 10.87
CA ASP A 91 3.55 -1.42 11.51
C ASP A 91 4.00 -0.17 12.28
N ARG A 92 5.04 -0.26 13.12
CA ARG A 92 5.65 0.86 13.83
C ARG A 92 6.02 1.98 12.86
N TYR A 93 6.60 1.59 11.73
CA TYR A 93 6.98 2.50 10.65
C TYR A 93 5.78 3.24 10.03
N ALA A 94 4.71 2.51 9.65
CA ALA A 94 3.47 3.12 9.17
C ALA A 94 2.83 4.05 10.21
N LYS A 95 2.85 3.64 11.48
CA LYS A 95 2.38 4.41 12.64
C LYS A 95 3.15 5.71 12.86
N ALA A 96 4.48 5.71 12.61
CA ALA A 96 5.34 6.89 12.77
C ALA A 96 4.93 8.04 11.84
N PHE A 97 4.24 7.74 10.74
CA PHE A 97 3.58 8.75 9.90
C PHE A 97 2.14 9.01 10.33
N HIS A 98 1.39 7.97 10.67
CA HIS A 98 -0.03 8.10 10.98
C HIS A 98 -0.59 6.92 11.81
N PRO A 99 -1.27 7.15 12.94
CA PRO A 99 -1.69 6.08 13.85
C PRO A 99 -2.80 5.18 13.30
N SER A 100 -3.61 5.66 12.35
CA SER A 100 -4.64 4.84 11.70
C SER A 100 -4.11 3.98 10.54
N PHE A 101 -2.79 3.82 10.37
CA PHE A 101 -2.23 2.92 9.36
C PHE A 101 -1.85 1.57 9.99
N LEU A 102 -1.90 0.51 9.19
CA LEU A 102 -1.50 -0.85 9.61
C LEU A 102 -0.38 -1.39 8.69
N GLY A 103 0.66 -1.96 9.28
CA GLY A 103 1.72 -2.69 8.60
C GLY A 103 1.53 -4.21 8.71
N LEU A 104 1.74 -4.91 7.60
CA LEU A 104 1.58 -6.36 7.46
C LEU A 104 2.86 -7.01 6.92
N SER A 105 3.41 -7.96 7.67
CA SER A 105 4.51 -8.84 7.25
C SER A 105 4.35 -10.21 7.94
N GLY A 106 4.96 -11.28 7.43
CA GLY A 106 4.85 -12.60 8.05
C GLY A 106 5.21 -13.72 7.10
N SER A 107 4.37 -14.76 7.05
CA SER A 107 4.53 -15.87 6.11
C SER A 107 4.86 -15.36 4.68
N PRO A 108 6.02 -15.76 4.10
CA PRO A 108 6.41 -15.37 2.76
C PRO A 108 5.48 -15.98 1.69
N GLU A 109 4.75 -17.05 2.02
CA GLU A 109 3.67 -17.61 1.21
C GLU A 109 2.47 -16.63 1.16
N ALA A 110 2.07 -16.10 2.33
CA ALA A 110 1.01 -15.09 2.46
C ALA A 110 1.41 -13.75 1.83
N VAL A 111 2.63 -13.28 2.07
CA VAL A 111 3.20 -12.12 1.34
C VAL A 111 3.15 -12.39 -0.17
N ARG A 112 3.49 -13.61 -0.61
CA ARG A 112 3.46 -14.00 -2.02
C ARG A 112 2.04 -14.13 -2.59
N GLU A 113 1.03 -14.47 -1.79
CA GLU A 113 -0.39 -14.34 -2.12
C GLU A 113 -0.69 -12.90 -2.57
N ALA A 114 -0.46 -11.92 -1.70
CA ALA A 114 -0.74 -10.50 -1.97
C ALA A 114 0.03 -9.98 -3.18
N ALA A 115 1.30 -10.36 -3.29
CA ALA A 115 2.16 -9.96 -4.40
C ALA A 115 1.66 -10.51 -5.74
N GLN A 116 1.41 -11.82 -5.84
CA GLN A 116 0.98 -12.46 -7.09
C GLN A 116 -0.41 -11.98 -7.51
N THR A 117 -1.31 -11.73 -6.56
CA THR A 117 -2.67 -11.24 -6.82
C THR A 117 -2.63 -9.84 -7.42
N PHE A 118 -1.83 -8.93 -6.85
CA PHE A 118 -1.62 -7.57 -7.35
C PHE A 118 -0.71 -7.47 -8.59
N GLY A 119 0.12 -8.48 -8.89
CA GLY A 119 1.13 -8.45 -9.97
C GLY A 119 2.48 -7.86 -9.56
N VAL A 120 2.76 -7.83 -8.26
CA VAL A 120 3.98 -7.25 -7.65
C VAL A 120 5.11 -8.29 -7.65
N PHE A 121 6.32 -7.85 -7.99
CA PHE A 121 7.52 -8.68 -8.03
C PHE A 121 8.73 -7.99 -7.38
N TYR A 122 9.62 -8.81 -6.83
CA TYR A 122 10.85 -8.42 -6.15
C TYR A 122 11.98 -9.42 -6.43
N GLN A 123 13.23 -8.96 -6.52
CA GLN A 123 14.41 -9.82 -6.64
C GLN A 123 15.58 -9.26 -5.83
N LYS A 124 16.25 -10.11 -5.04
CA LYS A 124 17.40 -9.72 -4.22
C LYS A 124 18.72 -10.34 -4.72
N SER A 125 19.84 -9.64 -4.53
CA SER A 125 21.15 -9.97 -5.08
C SER A 125 22.30 -9.65 -4.10
N GLN A 126 23.54 -10.08 -4.42
CA GLN A 126 24.78 -9.80 -3.66
C GLN A 126 24.82 -10.46 -2.26
N TYR A 127 24.06 -11.55 -2.06
CA TYR A 127 23.84 -12.26 -0.79
C TYR A 127 25.07 -13.02 -0.19
N ARG A 128 26.27 -12.43 -0.24
CA ARG A 128 27.54 -13.03 0.16
C ARG A 128 27.64 -13.30 1.67
N GLY A 129 26.92 -12.53 2.50
CA GLY A 129 27.02 -12.58 3.97
C GLY A 129 25.78 -12.03 4.69
N PRO A 130 25.70 -12.18 6.03
CA PRO A 130 24.54 -11.80 6.83
C PRO A 130 24.47 -10.27 6.98
N GLY A 131 23.81 -9.61 6.02
CA GLY A 131 23.71 -8.15 5.91
C GLY A 131 24.20 -7.60 4.57
N GLU A 132 25.06 -8.35 3.88
CA GLU A 132 25.49 -8.07 2.51
C GLU A 132 24.39 -8.51 1.55
N TYR A 133 23.73 -7.55 0.90
CA TYR A 133 22.68 -7.72 -0.11
C TYR A 133 22.16 -6.38 -0.65
N LEU A 134 21.46 -6.42 -1.79
CA LEU A 134 20.51 -5.40 -2.23
C LEU A 134 19.26 -6.05 -2.81
N VAL A 135 18.18 -5.29 -2.94
CA VAL A 135 16.85 -5.77 -3.37
C VAL A 135 16.26 -4.74 -4.33
N ASP A 136 15.76 -5.22 -5.46
CA ASP A 136 14.83 -4.47 -6.32
C ASP A 136 13.41 -4.95 -6.02
N HIS A 137 12.47 -4.02 -5.84
CA HIS A 137 11.07 -4.38 -5.67
C HIS A 137 10.08 -3.38 -6.27
N THR A 138 8.96 -3.92 -6.77
CA THR A 138 7.83 -3.21 -7.37
C THR A 138 7.06 -2.46 -6.28
N ALA A 139 7.67 -1.41 -5.74
CA ALA A 139 7.02 -0.45 -4.87
C ALA A 139 5.99 0.32 -5.72
N THR A 140 4.72 -0.13 -5.67
CA THR A 140 3.60 0.43 -6.45
C THR A 140 2.42 0.66 -5.51
N THR A 141 1.62 1.68 -5.83
CA THR A 141 0.47 2.12 -5.03
C THR A 141 -0.82 1.76 -5.77
N PHE A 142 -1.69 1.05 -5.05
CA PHE A 142 -2.86 0.40 -5.63
C PHE A 142 -4.12 0.85 -4.89
N VAL A 143 -5.08 1.43 -5.63
CA VAL A 143 -6.37 1.84 -5.05
C VAL A 143 -7.45 0.79 -5.35
N VAL A 144 -8.14 0.36 -4.30
CA VAL A 144 -9.21 -0.64 -4.37
C VAL A 144 -10.39 -0.28 -3.46
N LYS A 145 -11.56 -0.14 -4.10
CA LYS A 145 -12.91 -0.12 -3.52
C LYS A 145 -13.72 -1.25 -4.19
N GLU A 146 -14.55 -1.99 -3.46
CA GLU A 146 -15.38 -3.12 -3.92
C GLU A 146 -14.57 -4.44 -4.06
N GLY A 147 -13.39 -4.55 -3.45
CA GLY A 147 -12.58 -5.78 -3.56
C GLY A 147 -11.98 -6.02 -4.94
N ARG A 148 -11.79 -4.96 -5.73
CA ARG A 148 -11.25 -4.98 -7.09
C ARG A 148 -10.29 -3.81 -7.30
N LEU A 149 -9.27 -4.01 -8.15
CA LEU A 149 -8.29 -2.97 -8.43
C LEU A 149 -8.95 -1.85 -9.25
N VAL A 150 -9.05 -0.64 -8.69
CA VAL A 150 -9.76 0.50 -9.32
C VAL A 150 -8.79 1.45 -10.05
N LEU A 151 -7.61 1.72 -9.48
CA LEU A 151 -6.73 2.80 -9.91
C LEU A 151 -5.26 2.52 -9.53
N LEU A 152 -4.32 2.88 -10.41
CA LEU A 152 -2.89 2.63 -10.25
C LEU A 152 -2.04 3.91 -10.17
N TYR A 153 -1.09 3.87 -9.25
CA TYR A 153 -0.04 4.87 -9.03
C TYR A 153 1.34 4.19 -8.85
N SER A 154 2.41 4.92 -9.12
CA SER A 154 3.71 4.68 -8.49
C SER A 154 3.84 5.58 -7.24
N PRO A 155 4.72 5.27 -6.27
CA PRO A 155 4.85 6.04 -5.04
C PRO A 155 5.41 7.45 -5.28
N ASP A 156 6.21 7.64 -6.34
CA ASP A 156 6.67 8.95 -6.80
C ASP A 156 5.56 9.77 -7.48
N LYS A 157 4.39 9.18 -7.74
CA LYS A 157 3.14 9.82 -8.11
C LYS A 157 2.06 9.71 -7.00
N ALA A 158 2.45 9.30 -5.79
CA ALA A 158 1.63 9.32 -4.57
C ALA A 158 2.06 10.41 -3.56
N GLU A 159 3.10 11.20 -3.88
CA GLU A 159 3.57 12.38 -3.16
C GLU A 159 2.57 13.57 -3.13
N ALA A 160 1.87 13.81 -4.25
CA ALA A 160 1.07 15.00 -4.44
C ALA A 160 -0.24 14.94 -3.63
N THR A 161 -0.19 15.39 -2.36
CA THR A 161 -1.32 15.50 -1.41
C THR A 161 -2.61 15.89 -2.13
N ASP A 162 -2.63 17.06 -2.74
CA ASP A 162 -3.84 17.67 -3.29
C ASP A 162 -4.34 16.97 -4.57
N ARG A 163 -3.48 16.19 -5.24
CA ARG A 163 -3.86 15.21 -6.25
C ARG A 163 -4.51 13.96 -5.65
N VAL A 164 -3.90 13.35 -4.64
CA VAL A 164 -4.45 12.17 -3.93
C VAL A 164 -5.80 12.50 -3.25
N VAL A 165 -5.98 13.74 -2.77
CA VAL A 165 -7.30 14.25 -2.29
C VAL A 165 -8.41 14.12 -3.35
N ALA A 166 -8.09 14.39 -4.62
CA ALA A 166 -9.06 14.27 -5.71
C ALA A 166 -9.44 12.82 -6.04
N ASP A 167 -8.51 11.87 -5.94
CA ASP A 167 -8.77 10.43 -6.08
C ASP A 167 -9.82 9.97 -5.06
N LEU A 168 -9.57 10.33 -3.80
CA LEU A 168 -10.42 9.97 -2.66
C LEU A 168 -11.82 10.59 -2.77
N GLN A 169 -11.94 11.75 -3.41
CA GLN A 169 -13.19 12.42 -3.75
C GLN A 169 -13.92 11.75 -4.93
N ALA A 170 -13.24 11.54 -6.05
CA ALA A 170 -13.82 11.05 -7.30
C ALA A 170 -14.26 9.58 -7.25
N LEU A 171 -13.73 8.80 -6.30
CA LEU A 171 -14.11 7.41 -6.03
C LEU A 171 -15.05 7.23 -4.82
N LEU A 172 -15.20 8.27 -3.97
CA LEU A 172 -15.89 8.32 -2.67
C LEU A 172 -16.43 6.99 -2.08
N GLY A 1 -19.97 14.40 -13.34
CA GLY A 1 -19.69 14.44 -14.79
C GLY A 1 -18.36 13.75 -15.04
N ALA A 2 -17.60 14.16 -16.05
CA ALA A 2 -16.20 13.73 -16.22
C ALA A 2 -15.30 14.45 -15.20
N MET A 3 -15.12 13.85 -14.02
CA MET A 3 -14.32 14.38 -12.91
C MET A 3 -13.56 13.24 -12.21
N HIS A 4 -12.65 12.59 -12.93
CA HIS A 4 -11.78 11.53 -12.43
C HIS A 4 -10.49 11.49 -13.27
N THR A 5 -9.42 10.87 -12.74
CA THR A 5 -8.14 10.65 -13.46
C THR A 5 -7.37 11.96 -13.53
N PHE A 6 -7.16 12.54 -12.35
CA PHE A 6 -6.44 13.78 -12.14
C PHE A 6 -4.92 13.57 -12.13
N TYR A 7 -4.46 12.32 -12.00
CA TYR A 7 -3.05 11.92 -12.11
C TYR A 7 -2.81 10.40 -12.15
N GLY A 8 -3.71 9.58 -11.60
CA GLY A 8 -3.51 8.14 -11.50
C GLY A 8 -3.68 7.41 -12.84
N THR A 9 -3.16 6.17 -12.92
CA THR A 9 -3.29 5.30 -14.10
C THR A 9 -4.60 4.53 -13.98
N ARG A 10 -5.68 5.19 -14.38
CA ARG A 10 -7.06 4.75 -14.18
C ARG A 10 -7.44 3.60 -15.12
N LEU A 11 -7.95 2.52 -14.54
CA LEU A 11 -8.24 1.27 -15.24
C LEU A 11 -9.63 1.29 -15.91
N LEU A 12 -9.82 0.41 -16.89
CA LEU A 12 -11.05 0.27 -17.69
C LEU A 12 -11.82 -1.03 -17.38
N ASN A 13 -11.13 -2.18 -17.31
CA ASN A 13 -11.71 -3.49 -17.05
C ASN A 13 -11.22 -4.03 -15.69
N PRO A 14 -11.91 -3.71 -14.57
CA PRO A 14 -11.37 -3.89 -13.22
C PRO A 14 -11.47 -5.33 -12.73
N LYS A 15 -10.31 -5.90 -12.41
CA LYS A 15 -10.15 -7.28 -11.93
C LYS A 15 -10.45 -7.38 -10.42
N PRO A 16 -11.23 -8.39 -9.96
CA PRO A 16 -11.41 -8.66 -8.54
C PRO A 16 -10.10 -9.14 -7.94
N VAL A 17 -9.86 -8.79 -6.67
CA VAL A 17 -8.62 -9.05 -5.94
C VAL A 17 -8.92 -9.16 -4.44
N ASP A 18 -8.26 -10.10 -3.77
CA ASP A 18 -8.16 -10.16 -2.31
C ASP A 18 -6.86 -10.86 -1.89
N PHE A 19 -6.64 -11.03 -0.58
CA PHE A 19 -5.49 -11.75 -0.02
C PHE A 19 -5.64 -12.01 1.48
N ALA A 20 -4.72 -12.78 2.04
CA ALA A 20 -4.47 -12.91 3.48
C ALA A 20 -2.97 -12.66 3.77
N LEU A 21 -2.67 -11.68 4.61
CA LEU A 21 -1.34 -11.36 5.14
C LEU A 21 -1.29 -11.68 6.64
N GLU A 22 -0.10 -11.59 7.23
CA GLU A 22 0.10 -11.64 8.67
C GLU A 22 0.24 -10.20 9.20
N GLY A 23 -0.22 -9.98 10.43
CA GLY A 23 -0.14 -8.71 11.15
C GLY A 23 0.21 -8.91 12.62
N PRO A 24 0.41 -7.83 13.41
CA PRO A 24 0.91 -7.88 14.79
C PRO A 24 -0.09 -8.45 15.83
N GLN A 25 -1.17 -9.12 15.39
CA GLN A 25 -2.16 -9.76 16.26
C GLN A 25 -2.99 -10.83 15.50
N GLY A 26 -2.42 -11.48 14.48
CA GLY A 26 -3.12 -12.49 13.67
C GLY A 26 -3.18 -12.16 12.18
N PRO A 27 -3.83 -13.00 11.38
CA PRO A 27 -3.97 -12.81 9.94
C PRO A 27 -4.96 -11.69 9.60
N VAL A 28 -4.59 -10.86 8.61
CA VAL A 28 -5.40 -9.70 8.15
C VAL A 28 -5.56 -9.83 6.65
N ARG A 29 -6.80 -9.70 6.17
CA ARG A 29 -7.14 -9.87 4.76
C ARG A 29 -7.42 -8.53 4.07
N LEU A 30 -7.45 -8.51 2.75
CA LEU A 30 -8.01 -7.40 1.97
C LEU A 30 -9.50 -7.19 2.30
N SER A 31 -10.24 -8.28 2.52
CA SER A 31 -11.66 -8.28 2.88
C SER A 31 -12.03 -7.56 4.19
N GLN A 32 -11.06 -7.05 4.95
CA GLN A 32 -11.34 -6.35 6.21
C GLN A 32 -11.70 -4.87 5.98
N PHE A 33 -11.65 -4.37 4.74
CA PHE A 33 -11.77 -2.93 4.41
C PHE A 33 -12.51 -2.62 3.10
N GLN A 34 -13.08 -3.63 2.42
CA GLN A 34 -13.40 -3.59 0.99
C GLN A 34 -14.75 -2.93 0.66
N ASP A 35 -15.64 -2.79 1.65
CA ASP A 35 -16.98 -2.21 1.55
C ASP A 35 -16.97 -0.71 1.23
N LYS A 36 -15.78 -0.11 1.10
CA LYS A 36 -15.60 1.30 0.74
C LYS A 36 -14.43 1.58 -0.23
N VAL A 37 -13.26 1.94 0.27
CA VAL A 37 -12.04 2.26 -0.50
C VAL A 37 -10.82 1.71 0.26
N VAL A 38 -9.81 1.24 -0.47
CA VAL A 38 -8.58 0.70 0.12
C VAL A 38 -7.35 1.12 -0.71
N LEU A 39 -6.27 1.52 0.00
CA LEU A 39 -4.93 1.77 -0.53
C LEU A 39 -3.95 0.69 -0.05
N LEU A 40 -3.32 0.00 -1.00
CA LEU A 40 -2.10 -0.78 -0.73
C LEU A 40 -0.87 -0.03 -1.24
N PHE A 41 0.20 -0.05 -0.45
CA PHE A 41 1.54 0.38 -0.85
C PHE A 41 2.55 -0.72 -0.50
N PHE A 42 3.35 -1.11 -1.49
CA PHE A 42 4.36 -2.17 -1.35
C PHE A 42 5.74 -1.52 -1.11
N GLY A 43 6.25 -1.72 0.10
CA GLY A 43 7.48 -1.12 0.63
C GLY A 43 8.27 -2.07 1.53
N PHE A 44 9.37 -1.53 2.06
CA PHE A 44 10.32 -2.18 2.97
C PHE A 44 10.94 -1.05 3.81
N THR A 45 10.94 -1.14 5.15
CA THR A 45 11.47 -0.10 6.06
C THR A 45 12.81 0.48 5.62
N ARG A 46 13.77 -0.36 5.19
CA ARG A 46 15.12 0.08 4.75
C ARG A 46 15.18 0.93 3.47
N CYS A 47 14.11 1.03 2.66
CA CYS A 47 14.13 1.83 1.43
C CYS A 47 13.99 3.32 1.81
N PRO A 48 15.08 4.10 1.77
CA PRO A 48 15.36 5.05 2.86
C PRO A 48 14.57 6.36 2.82
N ASP A 49 13.92 6.70 1.71
CA ASP A 49 13.32 8.03 1.50
C ASP A 49 11.93 7.78 0.92
N VAL A 50 11.90 7.32 -0.32
CA VAL A 50 10.75 6.78 -1.04
C VAL A 50 9.73 5.92 -0.25
N CYS A 51 10.11 5.13 0.78
CA CYS A 51 9.09 4.54 1.67
C CYS A 51 8.44 5.57 2.61
N PRO A 52 9.19 6.24 3.51
CA PRO A 52 8.61 7.19 4.46
C PRO A 52 8.03 8.44 3.79
N THR A 53 8.64 8.99 2.74
CA THR A 53 8.16 10.22 2.06
C THR A 53 6.82 9.96 1.36
N THR A 54 6.70 8.86 0.60
CA THR A 54 5.43 8.48 -0.05
C THR A 54 4.35 8.16 0.97
N LEU A 55 4.66 7.50 2.10
CA LEU A 55 3.69 7.33 3.19
C LEU A 55 3.28 8.67 3.81
N LEU A 56 4.18 9.67 3.85
CA LEU A 56 3.85 11.04 4.26
C LEU A 56 2.86 11.64 3.25
N ALA A 57 3.12 11.58 1.94
CA ALA A 57 2.21 12.10 0.91
C ALA A 57 0.83 11.40 0.94
N LEU A 58 0.80 10.07 1.03
CA LEU A 58 -0.42 9.28 1.21
C LEU A 58 -1.23 9.73 2.44
N LYS A 59 -0.58 9.91 3.61
CA LYS A 59 -1.27 10.40 4.80
C LYS A 59 -1.70 11.88 4.70
N ARG A 60 -0.96 12.72 3.96
CA ARG A 60 -1.33 14.11 3.71
C ARG A 60 -2.61 14.22 2.88
N ALA A 61 -2.84 13.28 1.95
CA ALA A 61 -4.10 13.18 1.22
C ALA A 61 -5.27 12.74 2.13
N TYR A 62 -5.04 11.76 3.01
CA TYR A 62 -5.99 11.37 4.06
C TYR A 62 -6.37 12.55 4.98
N GLU A 63 -5.37 13.33 5.43
CA GLU A 63 -5.54 14.54 6.26
C GLU A 63 -6.30 15.67 5.53
N LYS A 64 -6.41 15.60 4.20
CA LYS A 64 -7.18 16.54 3.38
C LYS A 64 -8.66 16.15 3.21
N LEU A 65 -9.07 14.94 3.63
CA LEU A 65 -10.44 14.44 3.51
C LEU A 65 -11.37 15.11 4.55
N PRO A 66 -12.70 15.19 4.32
CA PRO A 66 -13.64 15.35 5.41
C PRO A 66 -13.58 14.10 6.29
N PRO A 67 -13.83 14.23 7.61
CA PRO A 67 -13.71 13.12 8.55
C PRO A 67 -14.72 11.99 8.28
N LYS A 68 -15.72 12.19 7.41
CA LYS A 68 -16.65 11.14 6.98
C LYS A 68 -16.12 10.32 5.78
N ALA A 69 -15.33 10.94 4.90
CA ALA A 69 -14.65 10.22 3.82
C ALA A 69 -13.44 9.40 4.33
N GLN A 70 -12.79 9.80 5.43
CA GLN A 70 -11.69 9.00 6.01
C GLN A 70 -12.18 7.58 6.34
N GLU A 71 -13.41 7.45 6.88
CA GLU A 71 -14.07 6.17 7.22
C GLU A 71 -14.09 5.19 6.06
N ARG A 72 -14.14 5.74 4.85
CA ARG A 72 -14.14 5.01 3.60
C ARG A 72 -12.74 4.64 3.12
N VAL A 73 -11.66 5.32 3.52
CA VAL A 73 -10.29 5.15 3.00
C VAL A 73 -9.39 4.55 4.08
N GLN A 74 -8.96 3.30 3.90
CA GLN A 74 -8.02 2.63 4.81
C GLN A 74 -6.71 2.30 4.07
N VAL A 75 -5.56 2.44 4.74
CA VAL A 75 -4.23 2.25 4.15
C VAL A 75 -3.56 1.03 4.77
N ILE A 76 -3.10 0.13 3.89
CA ILE A 76 -2.31 -1.04 4.25
C ILE A 76 -0.90 -0.87 3.67
N PHE A 77 0.10 -0.88 4.55
CA PHE A 77 1.51 -0.88 4.21
C PHE A 77 1.96 -2.34 4.21
N VAL A 78 2.26 -2.85 3.01
CA VAL A 78 2.66 -4.25 2.83
C VAL A 78 4.18 -4.26 2.78
N SER A 79 4.77 -4.82 3.83
CA SER A 79 6.19 -5.16 3.86
C SER A 79 6.48 -6.39 2.99
N VAL A 80 7.68 -6.45 2.42
CA VAL A 80 8.05 -7.43 1.38
C VAL A 80 9.31 -8.25 1.71
N ASP A 81 9.96 -7.95 2.84
CA ASP A 81 11.04 -8.77 3.39
C ASP A 81 10.52 -9.51 4.62
N PRO A 82 10.30 -10.85 4.53
CA PRO A 82 9.74 -11.66 5.61
C PRO A 82 10.80 -12.10 6.64
N GLU A 83 12.09 -11.90 6.38
CA GLU A 83 13.17 -12.14 7.34
C GLU A 83 13.35 -10.93 8.25
N ARG A 84 13.33 -9.74 7.65
CA ARG A 84 13.94 -8.53 8.22
C ARG A 84 12.98 -7.37 8.47
N ASP A 85 11.77 -7.35 7.88
CA ASP A 85 10.79 -6.27 8.12
C ASP A 85 9.47 -6.81 8.74
N PRO A 86 9.52 -7.40 9.96
CA PRO A 86 8.42 -8.15 10.57
C PRO A 86 7.23 -7.26 10.96
N PRO A 87 6.01 -7.82 11.10
CA PRO A 87 4.76 -7.06 11.20
C PRO A 87 4.75 -6.06 12.35
N GLU A 88 5.36 -6.41 13.49
CA GLU A 88 5.48 -5.52 14.64
C GLU A 88 6.28 -4.23 14.34
N VAL A 89 7.36 -4.32 13.58
CA VAL A 89 8.17 -3.17 13.15
C VAL A 89 7.46 -2.41 12.03
N ALA A 90 6.95 -3.14 11.03
CA ALA A 90 6.25 -2.59 9.88
C ALA A 90 4.96 -1.84 10.28
N ASP A 91 4.21 -2.28 11.29
CA ASP A 91 3.02 -1.54 11.76
C ASP A 91 3.44 -0.18 12.32
N ARG A 92 4.46 -0.13 13.18
CA ARG A 92 4.98 1.11 13.76
C ARG A 92 5.33 2.14 12.68
N TYR A 93 5.89 1.68 11.57
CA TYR A 93 6.27 2.56 10.45
C TYR A 93 5.08 3.18 9.72
N ALA A 94 3.98 2.44 9.56
CA ALA A 94 2.72 2.96 9.05
C ALA A 94 2.03 3.88 10.09
N LYS A 95 1.99 3.45 11.36
CA LYS A 95 1.43 4.20 12.48
C LYS A 95 2.12 5.55 12.75
N ALA A 96 3.42 5.67 12.46
CA ALA A 96 4.22 6.88 12.71
C ALA A 96 3.73 8.10 11.91
N PHE A 97 3.06 7.84 10.79
CA PHE A 97 2.33 8.85 10.04
C PHE A 97 1.02 9.22 10.70
N HIS A 98 0.23 8.21 11.04
CA HIS A 98 -1.13 8.36 11.55
C HIS A 98 -1.62 7.02 12.13
N PRO A 99 -2.27 6.97 13.31
CA PRO A 99 -2.53 5.73 14.05
C PRO A 99 -3.59 4.81 13.41
N SER A 100 -4.38 5.33 12.47
CA SER A 100 -5.37 4.58 11.68
C SER A 100 -4.79 3.49 10.79
N PHE A 101 -3.48 3.47 10.55
CA PHE A 101 -2.86 2.70 9.47
C PHE A 101 -2.51 1.28 9.97
N LEU A 102 -2.36 0.34 9.04
CA LEU A 102 -1.94 -1.05 9.28
C LEU A 102 -0.60 -1.32 8.58
N GLY A 103 0.34 -1.96 9.29
CA GLY A 103 1.53 -2.60 8.67
C GLY A 103 1.50 -4.11 8.77
N LEU A 104 1.73 -4.77 7.62
CA LEU A 104 1.64 -6.23 7.46
C LEU A 104 2.97 -6.79 6.93
N SER A 105 3.53 -7.77 7.62
CA SER A 105 4.51 -8.73 7.11
C SER A 105 4.36 -10.05 7.88
N GLY A 106 5.16 -11.06 7.60
CA GLY A 106 5.12 -12.35 8.31
C GLY A 106 5.51 -13.50 7.42
N SER A 107 4.64 -14.49 7.37
CA SER A 107 4.66 -15.63 6.46
C SER A 107 5.07 -15.24 5.01
N PRO A 108 6.16 -15.84 4.48
CA PRO A 108 6.66 -15.56 3.13
C PRO A 108 5.67 -16.01 2.04
N GLU A 109 4.89 -17.07 2.28
CA GLU A 109 3.79 -17.45 1.39
C GLU A 109 2.65 -16.45 1.45
N ALA A 110 2.25 -15.98 2.64
CA ALA A 110 1.25 -14.93 2.80
C ALA A 110 1.65 -13.64 2.06
N VAL A 111 2.88 -13.16 2.25
CA VAL A 111 3.45 -12.03 1.47
C VAL A 111 3.37 -12.31 -0.04
N ARG A 112 3.70 -13.54 -0.46
CA ARG A 112 3.71 -13.97 -1.85
C ARG A 112 2.30 -14.01 -2.49
N GLU A 113 1.24 -14.42 -1.79
CA GLU A 113 -0.13 -14.42 -2.35
C GLU A 113 -0.62 -13.00 -2.70
N ALA A 114 -0.45 -12.04 -1.78
CA ALA A 114 -0.84 -10.66 -1.99
C ALA A 114 -0.05 -10.00 -3.13
N ALA A 115 1.29 -10.13 -3.09
CA ALA A 115 2.18 -9.58 -4.12
C ALA A 115 1.81 -10.10 -5.52
N GLN A 116 1.68 -11.43 -5.67
CA GLN A 116 1.30 -12.06 -6.94
C GLN A 116 -0.05 -11.56 -7.44
N THR A 117 -1.02 -11.32 -6.55
CA THR A 117 -2.39 -10.94 -6.93
C THR A 117 -2.44 -9.55 -7.58
N PHE A 118 -1.73 -8.57 -7.02
CA PHE A 118 -1.56 -7.25 -7.60
C PHE A 118 -0.60 -7.20 -8.80
N GLY A 119 0.29 -8.20 -8.97
CA GLY A 119 1.35 -8.21 -10.00
C GLY A 119 2.69 -7.66 -9.52
N VAL A 120 2.98 -7.70 -8.22
CA VAL A 120 4.22 -7.24 -7.60
C VAL A 120 5.29 -8.34 -7.66
N PHE A 121 6.33 -8.04 -8.44
CA PHE A 121 7.56 -8.81 -8.57
C PHE A 121 8.64 -8.28 -7.60
N TYR A 122 9.42 -9.20 -7.03
CA TYR A 122 10.59 -8.92 -6.20
C TYR A 122 11.71 -9.95 -6.42
N GLN A 123 12.97 -9.52 -6.42
CA GLN A 123 14.11 -10.35 -6.82
C GLN A 123 15.22 -10.25 -5.77
N LYS A 124 15.76 -11.40 -5.35
CA LYS A 124 16.89 -11.46 -4.42
C LYS A 124 18.21 -11.69 -5.16
N SER A 125 19.25 -10.96 -4.81
CA SER A 125 20.53 -10.98 -5.55
C SER A 125 21.74 -10.93 -4.60
N GLN A 126 22.74 -10.08 -4.91
CA GLN A 126 23.95 -9.69 -4.20
C GLN A 126 24.00 -10.18 -2.75
N TYR A 127 24.97 -11.05 -2.51
CA TYR A 127 25.57 -11.20 -1.18
C TYR A 127 26.20 -9.87 -0.71
N ARG A 128 25.88 -9.46 0.53
CA ARG A 128 26.06 -8.14 1.17
C ARG A 128 24.84 -7.25 0.87
N GLY A 129 24.11 -6.90 1.91
CA GLY A 129 23.00 -5.94 1.92
C GLY A 129 22.76 -5.39 3.33
N PRO A 130 21.50 -5.28 3.80
CA PRO A 130 21.18 -5.12 5.22
C PRO A 130 21.46 -6.45 5.96
N GLY A 131 22.74 -6.80 6.05
CA GLY A 131 23.25 -8.13 6.43
C GLY A 131 23.68 -8.92 5.20
N GLU A 132 23.24 -10.18 5.11
CA GLU A 132 23.87 -11.22 4.29
C GLU A 132 23.67 -11.03 2.78
N TYR A 133 22.60 -10.37 2.37
CA TYR A 133 22.21 -10.22 0.96
C TYR A 133 21.18 -9.11 0.68
N LEU A 134 20.93 -8.80 -0.60
CA LEU A 134 19.89 -7.86 -1.08
C LEU A 134 18.69 -8.56 -1.71
N VAL A 135 17.50 -8.00 -1.48
CA VAL A 135 16.21 -8.40 -2.06
C VAL A 135 15.35 -7.16 -2.27
N ASP A 136 14.92 -6.92 -3.50
CA ASP A 136 14.39 -5.63 -3.95
C ASP A 136 13.13 -5.82 -4.81
N HIS A 137 12.26 -4.81 -4.83
CA HIS A 137 10.85 -4.95 -5.19
C HIS A 137 10.33 -3.77 -6.04
N THR A 138 9.19 -3.95 -6.72
CA THR A 138 8.49 -2.81 -7.33
C THR A 138 7.89 -1.92 -6.22
N ALA A 139 8.22 -0.63 -6.25
CA ALA A 139 7.64 0.37 -5.35
C ALA A 139 6.36 0.92 -5.99
N THR A 140 5.19 0.41 -5.61
CA THR A 140 3.94 0.67 -6.33
C THR A 140 2.76 0.78 -5.37
N THR A 141 1.81 1.67 -5.69
CA THR A 141 0.55 1.88 -4.97
C THR A 141 -0.61 1.37 -5.83
N PHE A 142 -1.54 0.67 -5.19
CA PHE A 142 -2.66 -0.02 -5.81
C PHE A 142 -3.99 0.43 -5.19
N VAL A 143 -4.94 0.87 -6.01
CA VAL A 143 -6.22 1.41 -5.53
C VAL A 143 -7.34 0.43 -5.77
N VAL A 144 -7.94 -0.02 -4.67
CA VAL A 144 -9.04 -1.00 -4.66
C VAL A 144 -10.35 -0.34 -4.19
N LYS A 145 -11.43 -0.68 -4.90
CA LYS A 145 -12.82 -0.34 -4.59
C LYS A 145 -13.65 -1.63 -4.63
N GLU A 146 -14.54 -1.89 -3.67
CA GLU A 146 -15.47 -3.06 -3.63
C GLU A 146 -14.78 -4.41 -3.37
N GLY A 147 -13.46 -4.52 -3.60
CA GLY A 147 -12.74 -5.78 -3.81
C GLY A 147 -12.21 -5.99 -5.23
N ARG A 148 -12.18 -4.96 -6.10
CA ARG A 148 -11.50 -4.96 -7.41
C ARG A 148 -10.56 -3.78 -7.61
N LEU A 149 -9.49 -4.00 -8.38
CA LEU A 149 -8.47 -2.99 -8.70
C LEU A 149 -9.07 -1.95 -9.66
N VAL A 150 -8.89 -0.65 -9.41
CA VAL A 150 -9.44 0.43 -10.27
C VAL A 150 -8.42 1.52 -10.67
N LEU A 151 -7.24 1.57 -10.04
CA LEU A 151 -6.28 2.68 -10.20
C LEU A 151 -4.87 2.29 -9.73
N LEU A 152 -3.83 2.81 -10.41
CA LEU A 152 -2.41 2.49 -10.17
C LEU A 152 -1.51 3.74 -10.16
N TYR A 153 -0.41 3.65 -9.39
CA TYR A 153 0.48 4.75 -9.03
C TYR A 153 1.94 4.30 -8.76
N SER A 154 2.91 5.02 -9.33
CA SER A 154 4.30 5.05 -8.86
C SER A 154 4.45 6.03 -7.67
N PRO A 155 5.53 5.98 -6.87
CA PRO A 155 5.84 7.03 -5.89
C PRO A 155 6.02 8.39 -6.57
N ASP A 156 6.63 8.41 -7.77
CA ASP A 156 6.83 9.59 -8.64
C ASP A 156 5.55 10.39 -8.90
N LYS A 157 4.43 9.67 -8.90
CA LYS A 157 3.09 10.20 -9.03
C LYS A 157 2.43 10.49 -7.67
N ALA A 158 2.71 9.68 -6.65
CA ALA A 158 2.08 9.72 -5.33
C ALA A 158 2.56 10.88 -4.44
N GLU A 159 3.83 11.28 -4.54
CA GLU A 159 4.41 12.39 -3.78
C GLU A 159 3.61 13.70 -3.94
N ALA A 160 2.99 13.89 -5.11
CA ALA A 160 2.03 14.96 -5.37
C ALA A 160 0.72 14.77 -4.57
N THR A 161 0.76 15.09 -3.27
CA THR A 161 -0.37 15.01 -2.31
C THR A 161 -1.70 15.43 -2.92
N ASP A 162 -1.82 16.66 -3.40
CA ASP A 162 -3.09 17.19 -3.91
C ASP A 162 -3.49 16.61 -5.29
N ARG A 163 -2.55 16.03 -6.05
CA ARG A 163 -2.89 15.10 -7.13
C ARG A 163 -3.52 13.81 -6.58
N VAL A 164 -2.97 13.23 -5.52
CA VAL A 164 -3.57 12.04 -4.87
C VAL A 164 -4.94 12.38 -4.28
N VAL A 165 -5.12 13.52 -3.61
CA VAL A 165 -6.44 13.98 -3.13
C VAL A 165 -7.48 13.94 -4.24
N ALA A 166 -7.23 14.59 -5.38
CA ALA A 166 -8.21 14.68 -6.47
C ALA A 166 -8.54 13.31 -7.09
N ASP A 167 -7.54 12.45 -7.28
CA ASP A 167 -7.71 11.11 -7.83
C ASP A 167 -8.47 10.16 -6.87
N LEU A 168 -8.26 10.29 -5.55
CA LEU A 168 -9.03 9.58 -4.51
C LEU A 168 -10.47 10.09 -4.37
N GLN A 169 -10.66 11.41 -4.48
CA GLN A 169 -11.94 12.10 -4.35
C GLN A 169 -12.97 11.65 -5.40
N ALA A 170 -12.49 11.22 -6.56
CA ALA A 170 -13.29 10.65 -7.64
C ALA A 170 -13.86 9.24 -7.36
N LEU A 171 -13.28 8.53 -6.39
CA LEU A 171 -13.63 7.14 -6.06
C LEU A 171 -14.88 7.07 -5.18
N LEU A 172 -14.94 7.96 -4.18
CA LEU A 172 -15.73 7.94 -2.94
C LEU A 172 -16.67 6.73 -2.67
N GLY A 1 -20.26 7.85 -18.49
CA GLY A 1 -20.96 8.06 -17.20
C GLY A 1 -20.27 9.19 -16.45
N ALA A 2 -20.33 9.22 -15.12
CA ALA A 2 -19.39 10.03 -14.32
C ALA A 2 -17.97 9.48 -14.54
N MET A 3 -17.05 10.32 -15.03
CA MET A 3 -15.76 9.94 -15.60
C MET A 3 -14.78 11.12 -15.50
N HIS A 4 -13.47 10.83 -15.54
CA HIS A 4 -12.39 11.81 -15.49
C HIS A 4 -11.05 11.16 -15.89
N THR A 5 -9.98 11.94 -15.97
CA THR A 5 -8.61 11.47 -16.24
C THR A 5 -7.61 12.27 -15.41
N PHE A 6 -6.72 11.56 -14.74
CA PHE A 6 -5.65 12.11 -13.92
C PHE A 6 -4.29 11.49 -14.29
N TYR A 7 -3.20 12.07 -13.79
CA TYR A 7 -1.84 11.50 -13.79
C TYR A 7 -1.72 10.13 -13.06
N GLY A 8 -2.72 9.75 -12.24
CA GLY A 8 -2.82 8.45 -11.59
C GLY A 8 -2.84 7.35 -12.66
N THR A 9 -2.09 6.27 -12.42
CA THR A 9 -1.77 5.29 -13.47
C THR A 9 -2.89 4.27 -13.57
N ARG A 10 -3.95 4.68 -14.28
CA ARG A 10 -5.23 3.97 -14.32
C ARG A 10 -5.13 2.62 -15.02
N LEU A 11 -5.99 1.68 -14.62
CA LEU A 11 -6.01 0.30 -15.17
C LEU A 11 -6.90 0.11 -16.40
N LEU A 12 -7.95 0.92 -16.57
CA LEU A 12 -8.96 0.87 -17.65
C LEU A 12 -9.90 -0.34 -17.50
N ASN A 13 -9.35 -1.55 -17.39
CA ASN A 13 -10.07 -2.74 -16.97
C ASN A 13 -10.03 -2.86 -15.42
N PRO A 14 -11.14 -2.64 -14.69
CA PRO A 14 -11.24 -2.95 -13.27
C PRO A 14 -11.61 -4.42 -13.05
N LYS A 15 -11.28 -4.98 -11.88
CA LYS A 15 -11.43 -6.41 -11.62
C LYS A 15 -11.41 -6.76 -10.12
N PRO A 16 -12.16 -7.77 -9.64
CA PRO A 16 -12.18 -8.14 -8.23
C PRO A 16 -10.80 -8.67 -7.80
N VAL A 17 -10.44 -8.43 -6.53
CA VAL A 17 -9.17 -8.87 -5.91
C VAL A 17 -9.39 -8.96 -4.39
N ASP A 18 -8.81 -9.98 -3.76
CA ASP A 18 -9.03 -10.32 -2.35
C ASP A 18 -7.96 -11.31 -1.86
N PHE A 19 -7.20 -10.91 -0.83
CA PHE A 19 -6.01 -11.60 -0.32
C PHE A 19 -6.06 -11.79 1.21
N ALA A 20 -5.14 -12.60 1.75
CA ALA A 20 -4.87 -12.73 3.19
C ALA A 20 -3.43 -12.32 3.56
N LEU A 21 -3.28 -11.46 4.58
CA LEU A 21 -2.00 -11.11 5.20
C LEU A 21 -2.06 -11.31 6.72
N GLU A 22 -0.87 -11.31 7.33
CA GLU A 22 -0.63 -11.37 8.77
C GLU A 22 -0.23 -9.98 9.30
N GLY A 23 -0.61 -9.68 10.54
CA GLY A 23 -0.21 -8.47 11.27
C GLY A 23 0.05 -8.77 12.76
N PRO A 24 0.44 -7.76 13.56
CA PRO A 24 0.84 -7.95 14.96
C PRO A 24 -0.32 -8.27 15.93
N GLN A 25 -1.51 -8.63 15.42
CA GLN A 25 -2.68 -9.04 16.19
C GLN A 25 -3.37 -10.28 15.56
N GLY A 26 -2.73 -10.97 14.61
CA GLY A 26 -3.32 -12.05 13.83
C GLY A 26 -3.55 -11.69 12.35
N PRO A 27 -4.13 -12.60 11.56
CA PRO A 27 -4.37 -12.44 10.13
C PRO A 27 -5.61 -11.60 9.82
N VAL A 28 -5.60 -10.99 8.63
CA VAL A 28 -6.71 -10.21 8.06
C VAL A 28 -6.87 -10.54 6.57
N ARG A 29 -8.07 -10.32 6.02
CA ARG A 29 -8.32 -10.35 4.56
C ARG A 29 -8.85 -9.02 4.05
N LEU A 30 -8.57 -8.69 2.80
CA LEU A 30 -9.05 -7.45 2.15
C LEU A 30 -10.57 -7.31 2.25
N SER A 31 -11.34 -8.39 2.14
CA SER A 31 -12.80 -8.41 2.28
C SER A 31 -13.32 -7.79 3.59
N GLN A 32 -12.50 -7.69 4.63
CA GLN A 32 -12.88 -7.06 5.91
C GLN A 32 -12.84 -5.53 5.85
N PHE A 33 -12.37 -4.96 4.74
CA PHE A 33 -12.32 -3.52 4.46
C PHE A 33 -13.02 -3.16 3.14
N GLN A 34 -13.83 -4.07 2.57
CA GLN A 34 -14.37 -3.88 1.23
C GLN A 34 -15.56 -2.90 1.15
N ASP A 35 -16.08 -2.43 2.28
CA ASP A 35 -16.91 -1.22 2.36
C ASP A 35 -16.13 0.05 1.93
N LYS A 36 -14.80 -0.05 1.81
CA LYS A 36 -13.91 1.11 1.76
C LYS A 36 -13.21 1.30 0.41
N VAL A 37 -12.55 2.44 0.33
CA VAL A 37 -11.45 2.77 -0.57
C VAL A 37 -10.20 2.48 0.25
N VAL A 38 -9.38 1.54 -0.22
CA VAL A 38 -8.19 1.06 0.46
C VAL A 38 -6.99 1.29 -0.44
N LEU A 39 -5.96 1.93 0.14
CA LEU A 39 -4.65 2.13 -0.49
C LEU A 39 -3.69 1.07 0.06
N LEU A 40 -3.23 0.18 -0.82
CA LEU A 40 -2.28 -0.88 -0.49
C LEU A 40 -0.90 -0.44 -0.98
N PHE A 41 0.04 -0.19 -0.08
CA PHE A 41 1.41 0.21 -0.40
C PHE A 41 2.37 -0.92 -0.06
N PHE A 42 3.19 -1.32 -1.03
CA PHE A 42 4.22 -2.34 -0.86
C PHE A 42 5.59 -1.67 -0.72
N GLY A 43 6.25 -1.87 0.43
CA GLY A 43 7.64 -1.45 0.66
C GLY A 43 8.43 -2.39 1.57
N PHE A 44 9.74 -2.15 1.65
CA PHE A 44 10.58 -2.60 2.76
C PHE A 44 10.60 -1.51 3.85
N THR A 45 10.65 -1.86 5.14
CA THR A 45 10.95 -0.88 6.20
C THR A 45 12.40 -0.41 6.07
N ARG A 46 12.79 0.70 6.72
CA ARG A 46 14.17 1.20 6.78
C ARG A 46 14.67 1.80 5.44
N CYS A 47 13.99 1.57 4.31
CA CYS A 47 14.27 2.26 3.04
C CYS A 47 14.22 3.79 3.21
N PRO A 48 15.16 4.53 2.59
CA PRO A 48 15.81 5.69 3.22
C PRO A 48 14.96 6.96 3.35
N ASP A 49 13.92 7.13 2.53
CA ASP A 49 12.93 8.20 2.74
C ASP A 49 11.65 7.91 1.95
N VAL A 50 11.82 7.40 0.73
CA VAL A 50 10.75 6.98 -0.18
C VAL A 50 9.61 6.15 0.47
N CYS A 51 9.89 5.31 1.47
CA CYS A 51 8.86 4.65 2.28
C CYS A 51 8.13 5.62 3.26
N PRO A 52 8.81 6.28 4.22
CA PRO A 52 8.17 7.24 5.11
C PRO A 52 7.45 8.39 4.39
N THR A 53 8.01 9.01 3.35
CA THR A 53 7.33 10.11 2.62
C THR A 53 6.05 9.67 1.94
N THR A 54 6.00 8.43 1.41
CA THR A 54 4.76 7.84 0.85
C THR A 54 3.66 7.87 1.91
N LEU A 55 3.97 7.45 3.15
CA LEU A 55 3.02 7.46 4.25
C LEU A 55 2.68 8.89 4.74
N LEU A 56 3.59 9.86 4.56
CA LEU A 56 3.34 11.28 4.81
C LEU A 56 2.38 11.85 3.77
N ALA A 57 2.60 11.60 2.48
CA ALA A 57 1.74 12.02 1.38
C ALA A 57 0.33 11.42 1.51
N LEU A 58 0.23 10.09 1.66
CA LEU A 58 -1.00 9.39 1.98
C LEU A 58 -1.71 10.00 3.18
N LYS A 59 -1.04 10.22 4.32
CA LYS A 59 -1.73 10.75 5.50
C LYS A 59 -2.16 12.21 5.31
N ARG A 60 -1.32 13.06 4.71
CA ARG A 60 -1.68 14.46 4.45
C ARG A 60 -2.86 14.58 3.49
N ALA A 61 -3.04 13.65 2.54
CA ALA A 61 -4.23 13.65 1.70
C ALA A 61 -5.48 13.29 2.52
N TYR A 62 -5.41 12.20 3.27
CA TYR A 62 -6.48 11.71 4.16
C TYR A 62 -6.90 12.70 5.26
N GLU A 63 -5.96 13.50 5.78
CA GLU A 63 -6.21 14.56 6.76
C GLU A 63 -6.99 15.75 6.18
N LYS A 64 -7.01 15.91 4.86
CA LYS A 64 -7.59 17.06 4.15
C LYS A 64 -8.82 16.69 3.31
N LEU A 65 -9.19 15.40 3.23
CA LEU A 65 -10.50 14.96 2.74
C LEU A 65 -11.62 15.48 3.67
N PRO A 66 -12.82 15.82 3.13
CA PRO A 66 -13.92 16.36 3.93
C PRO A 66 -14.48 15.32 4.89
N PRO A 67 -15.22 15.74 5.94
CA PRO A 67 -15.76 14.84 6.96
C PRO A 67 -16.80 13.84 6.45
N LYS A 68 -17.22 13.93 5.17
CA LYS A 68 -18.04 12.90 4.52
C LYS A 68 -17.21 11.89 3.69
N ALA A 69 -16.02 12.27 3.25
CA ALA A 69 -15.07 11.38 2.59
C ALA A 69 -14.40 10.40 3.56
N GLN A 70 -13.98 10.85 4.76
CA GLN A 70 -13.25 10.02 5.74
C GLN A 70 -13.89 8.64 5.98
N GLU A 71 -15.23 8.56 6.00
CA GLU A 71 -16.08 7.40 6.27
C GLU A 71 -15.62 6.14 5.53
N ARG A 72 -15.24 6.34 4.27
CA ARG A 72 -14.87 5.28 3.33
C ARG A 72 -13.37 5.07 3.17
N VAL A 73 -12.47 5.79 3.86
CA VAL A 73 -11.02 5.73 3.58
C VAL A 73 -10.27 4.86 4.58
N GLN A 74 -9.43 3.95 4.08
CA GLN A 74 -8.55 3.06 4.85
C GLN A 74 -7.15 3.00 4.17
N VAL A 75 -6.12 2.60 4.90
CA VAL A 75 -4.75 2.46 4.38
C VAL A 75 -4.10 1.22 4.98
N ILE A 76 -3.37 0.46 4.15
CA ILE A 76 -2.60 -0.71 4.58
C ILE A 76 -1.17 -0.63 4.00
N PHE A 77 -0.18 -0.82 4.87
CA PHE A 77 1.20 -1.07 4.47
C PHE A 77 1.44 -2.57 4.49
N VAL A 78 1.94 -3.11 3.37
CA VAL A 78 2.38 -4.50 3.24
C VAL A 78 3.90 -4.51 3.14
N SER A 79 4.55 -5.28 4.01
CA SER A 79 5.98 -5.53 3.94
C SER A 79 6.35 -6.40 2.74
N VAL A 80 7.49 -6.13 2.10
CA VAL A 80 7.92 -6.91 0.92
C VAL A 80 8.81 -8.08 1.35
N ASP A 81 9.74 -7.86 2.28
CA ASP A 81 10.73 -8.86 2.72
C ASP A 81 10.58 -9.17 4.21
N PRO A 82 9.81 -10.22 4.59
CA PRO A 82 9.72 -10.68 5.98
C PRO A 82 11.03 -11.27 6.52
N GLU A 83 12.05 -11.43 5.65
CA GLU A 83 13.45 -11.64 6.05
C GLU A 83 14.01 -10.48 6.90
N ARG A 84 13.38 -9.29 6.89
CA ARG A 84 13.69 -8.18 7.79
C ARG A 84 12.52 -7.27 8.20
N ASP A 85 11.32 -7.42 7.66
CA ASP A 85 10.10 -6.74 8.08
C ASP A 85 9.23 -7.67 8.97
N PRO A 86 9.32 -7.59 10.32
CA PRO A 86 8.40 -8.27 11.23
C PRO A 86 7.14 -7.41 11.50
N PRO A 87 6.00 -8.03 11.82
CA PRO A 87 4.69 -7.37 11.87
C PRO A 87 4.62 -6.22 12.86
N GLU A 88 5.36 -6.30 13.97
CA GLU A 88 5.48 -5.19 14.93
C GLU A 88 6.11 -3.95 14.26
N VAL A 89 7.24 -4.11 13.58
CA VAL A 89 8.03 -3.00 13.01
C VAL A 89 7.29 -2.39 11.81
N ALA A 90 6.60 -3.24 11.03
CA ALA A 90 5.68 -2.80 9.99
C ALA A 90 4.61 -1.83 10.52
N ASP A 91 3.94 -2.18 11.62
CA ASP A 91 2.91 -1.30 12.20
C ASP A 91 3.49 -0.05 12.86
N ARG A 92 4.60 -0.16 13.60
CA ARG A 92 5.31 0.98 14.18
C ARG A 92 5.60 2.05 13.11
N TYR A 93 6.07 1.61 11.95
CA TYR A 93 6.27 2.49 10.79
C TYR A 93 5.00 3.19 10.30
N ALA A 94 3.91 2.44 10.08
CA ALA A 94 2.62 2.97 9.62
C ALA A 94 2.04 4.00 10.61
N LYS A 95 2.02 3.66 11.90
CA LYS A 95 1.54 4.52 12.97
C LYS A 95 2.39 5.79 13.15
N ALA A 96 3.71 5.73 12.89
CA ALA A 96 4.62 6.87 13.05
C ALA A 96 4.31 8.03 12.09
N PHE A 97 3.60 7.74 10.99
CA PHE A 97 3.00 8.74 10.12
C PHE A 97 1.55 9.02 10.49
N HIS A 98 0.78 7.98 10.78
CA HIS A 98 -0.63 8.17 11.09
C HIS A 98 -1.26 7.01 11.88
N PRO A 99 -1.90 7.27 13.05
CA PRO A 99 -2.38 6.20 13.94
C PRO A 99 -3.56 5.40 13.36
N SER A 100 -4.29 5.97 12.40
CA SER A 100 -5.35 5.26 11.67
C SER A 100 -4.82 4.19 10.68
N PHE A 101 -3.51 4.04 10.51
CA PHE A 101 -2.93 3.11 9.52
C PHE A 101 -2.55 1.77 10.17
N LEU A 102 -2.28 0.76 9.36
CA LEU A 102 -1.90 -0.59 9.82
C LEU A 102 -0.75 -1.17 8.98
N GLY A 103 0.21 -1.82 9.65
CA GLY A 103 1.32 -2.53 9.02
C GLY A 103 1.19 -4.05 9.10
N LEU A 104 1.30 -4.72 7.96
CA LEU A 104 1.13 -6.16 7.78
C LEU A 104 2.44 -6.82 7.32
N SER A 105 2.87 -7.83 8.08
CA SER A 105 3.98 -8.74 7.77
C SER A 105 3.70 -10.13 8.32
N GLY A 106 4.33 -11.15 7.72
CA GLY A 106 4.23 -12.51 8.21
C GLY A 106 4.93 -13.53 7.32
N SER A 107 4.45 -14.76 7.38
CA SER A 107 5.03 -15.85 6.58
C SER A 107 5.10 -15.51 5.08
N PRO A 108 6.22 -15.84 4.40
CA PRO A 108 6.49 -15.37 3.04
C PRO A 108 5.50 -15.91 2.01
N GLU A 109 4.80 -17.01 2.32
CA GLU A 109 3.68 -17.53 1.53
C GLU A 109 2.51 -16.52 1.50
N ALA A 110 2.13 -16.01 2.67
CA ALA A 110 1.06 -15.00 2.84
C ALA A 110 1.48 -13.65 2.25
N VAL A 111 2.73 -13.22 2.48
CA VAL A 111 3.26 -12.03 1.78
C VAL A 111 3.18 -12.22 0.25
N ARG A 112 3.50 -13.42 -0.25
CA ARG A 112 3.49 -13.73 -1.68
C ARG A 112 2.08 -13.85 -2.27
N GLU A 113 1.08 -14.26 -1.48
CA GLU A 113 -0.35 -14.26 -1.81
C GLU A 113 -0.83 -12.90 -2.36
N ALA A 114 -0.72 -11.84 -1.56
CA ALA A 114 -1.16 -10.50 -1.95
C ALA A 114 -0.30 -9.93 -3.08
N ALA A 115 1.03 -10.13 -3.00
CA ALA A 115 1.98 -9.59 -3.95
C ALA A 115 1.70 -10.11 -5.37
N GLN A 116 1.58 -11.43 -5.54
CA GLN A 116 1.32 -12.02 -6.86
C GLN A 116 0.00 -11.55 -7.45
N THR A 117 -1.04 -11.44 -6.62
CA THR A 117 -2.41 -11.10 -7.03
C THR A 117 -2.49 -9.67 -7.57
N PHE A 118 -1.82 -8.74 -6.88
CA PHE A 118 -1.67 -7.34 -7.26
C PHE A 118 -0.65 -7.10 -8.39
N GLY A 119 0.24 -8.07 -8.68
CA GLY A 119 1.28 -7.98 -9.72
C GLY A 119 2.64 -7.48 -9.21
N VAL A 120 2.84 -7.46 -7.90
CA VAL A 120 4.09 -7.07 -7.22
C VAL A 120 5.11 -8.20 -7.29
N PHE A 121 6.35 -7.84 -7.64
CA PHE A 121 7.49 -8.75 -7.68
C PHE A 121 8.70 -8.19 -6.91
N TYR A 122 9.42 -9.09 -6.25
CA TYR A 122 10.65 -8.79 -5.53
C TYR A 122 11.65 -9.93 -5.67
N GLN A 123 12.94 -9.61 -5.74
CA GLN A 123 14.05 -10.56 -5.79
C GLN A 123 15.22 -10.01 -4.97
N LYS A 124 16.34 -10.72 -4.90
CA LYS A 124 17.57 -10.20 -4.29
C LYS A 124 18.81 -10.62 -5.09
N SER A 125 19.79 -9.73 -5.19
CA SER A 125 20.84 -9.72 -6.21
C SER A 125 22.20 -9.32 -5.62
N GLN A 126 23.28 -9.41 -6.41
CA GLN A 126 24.65 -9.12 -5.98
C GLN A 126 25.10 -9.98 -4.78
N TYR A 127 24.80 -11.29 -4.78
CA TYR A 127 25.23 -12.24 -3.74
C TYR A 127 26.76 -12.42 -3.66
N ARG A 128 27.41 -11.43 -3.06
CA ARG A 128 28.86 -11.29 -2.84
C ARG A 128 29.40 -12.28 -1.80
N GLY A 129 28.66 -12.48 -0.71
CA GLY A 129 29.16 -13.10 0.53
C GLY A 129 28.08 -13.15 1.62
N PRO A 130 28.46 -13.31 2.90
CA PRO A 130 27.51 -13.55 3.99
C PRO A 130 26.69 -12.29 4.31
N GLY A 131 25.48 -12.21 3.73
CA GLY A 131 24.56 -11.08 3.89
C GLY A 131 24.85 -9.87 3.00
N GLU A 132 25.97 -9.89 2.28
CA GLU A 132 26.53 -8.77 1.49
C GLU A 132 25.83 -8.54 0.13
N TYR A 133 24.51 -8.75 0.07
CA TYR A 133 23.68 -8.64 -1.14
C TYR A 133 22.74 -7.42 -1.12
N LEU A 134 22.04 -7.14 -2.23
CA LEU A 134 20.97 -6.12 -2.31
C LEU A 134 19.61 -6.75 -2.62
N VAL A 135 18.52 -6.00 -2.41
CA VAL A 135 17.14 -6.48 -2.63
C VAL A 135 16.41 -5.56 -3.63
N ASP A 136 15.76 -6.17 -4.61
CA ASP A 136 15.10 -5.56 -5.75
C ASP A 136 13.57 -5.54 -5.51
N HIS A 137 13.02 -4.43 -5.00
CA HIS A 137 11.59 -4.33 -4.63
C HIS A 137 10.72 -3.52 -5.62
N THR A 138 9.53 -4.05 -5.97
CA THR A 138 8.46 -3.29 -6.65
C THR A 138 7.76 -2.38 -5.65
N ALA A 139 8.42 -1.28 -5.30
CA ALA A 139 7.87 -0.20 -4.48
C ALA A 139 6.72 0.52 -5.24
N THR A 140 5.48 0.06 -5.07
CA THR A 140 4.28 0.59 -5.78
C THR A 140 3.08 0.63 -4.86
N THR A 141 2.10 1.49 -5.18
CA THR A 141 0.84 1.66 -4.46
C THR A 141 -0.30 1.23 -5.39
N PHE A 142 -1.34 0.66 -4.82
CA PHE A 142 -2.46 0.07 -5.55
C PHE A 142 -3.78 0.57 -4.93
N VAL A 143 -4.68 1.07 -5.78
CA VAL A 143 -6.00 1.56 -5.35
C VAL A 143 -7.04 0.49 -5.64
N VAL A 144 -7.59 -0.05 -4.55
CA VAL A 144 -8.82 -0.85 -4.58
C VAL A 144 -9.95 -0.09 -3.91
N LYS A 145 -11.11 -0.10 -4.56
CA LYS A 145 -12.40 0.22 -3.98
C LYS A 145 -13.17 -1.11 -3.90
N GLU A 146 -13.95 -1.38 -2.85
CA GLU A 146 -15.09 -2.33 -2.94
C GLU A 146 -14.68 -3.82 -2.94
N GLY A 147 -13.36 -4.11 -3.00
CA GLY A 147 -12.82 -5.44 -3.35
C GLY A 147 -12.39 -5.59 -4.81
N ARG A 148 -12.13 -4.49 -5.55
CA ARG A 148 -11.69 -4.53 -6.96
C ARG A 148 -10.62 -3.48 -7.30
N LEU A 149 -9.65 -3.83 -8.16
CA LEU A 149 -8.49 -2.97 -8.47
C LEU A 149 -8.94 -1.96 -9.54
N VAL A 150 -8.63 -0.68 -9.35
CA VAL A 150 -9.02 0.41 -10.27
C VAL A 150 -7.85 1.29 -10.76
N LEU A 151 -6.82 1.51 -9.93
CA LEU A 151 -5.77 2.51 -10.19
C LEU A 151 -4.43 2.14 -9.53
N LEU A 152 -3.32 2.59 -10.10
CA LEU A 152 -1.99 2.42 -9.54
C LEU A 152 -1.38 3.79 -9.18
N TYR A 153 -0.55 3.77 -8.15
CA TYR A 153 0.23 4.89 -7.64
C TYR A 153 1.67 4.49 -7.37
N SER A 154 2.54 5.45 -7.08
CA SER A 154 3.99 5.29 -7.00
C SER A 154 4.53 6.51 -6.21
N PRO A 155 5.75 6.47 -5.64
CA PRO A 155 6.33 7.66 -5.02
C PRO A 155 6.42 8.81 -6.04
N ASP A 156 6.82 8.49 -7.28
CA ASP A 156 6.82 9.30 -8.51
C ASP A 156 5.41 9.67 -9.04
N LYS A 157 4.56 10.14 -8.13
CA LYS A 157 3.20 10.66 -8.28
C LYS A 157 2.54 10.92 -6.92
N ALA A 158 2.64 10.01 -5.95
CA ALA A 158 2.09 10.18 -4.59
C ALA A 158 2.61 11.43 -3.88
N GLU A 159 3.90 11.75 -4.05
CA GLU A 159 4.55 12.97 -3.57
C GLU A 159 3.74 14.25 -3.84
N ALA A 160 3.04 14.33 -4.99
CA ALA A 160 2.05 15.38 -5.30
C ALA A 160 0.74 15.19 -4.50
N THR A 161 0.85 15.33 -3.17
CA THR A 161 -0.23 15.11 -2.17
C THR A 161 -1.55 15.80 -2.52
N ASP A 162 -1.47 17.04 -2.98
CA ASP A 162 -2.62 17.83 -3.41
C ASP A 162 -3.35 17.18 -4.60
N ARG A 163 -2.62 16.68 -5.62
CA ARG A 163 -3.21 15.83 -6.64
C ARG A 163 -3.70 14.47 -6.12
N VAL A 164 -3.05 13.86 -5.11
CA VAL A 164 -3.59 12.64 -4.48
C VAL A 164 -5.00 12.87 -3.90
N VAL A 165 -5.25 14.01 -3.24
CA VAL A 165 -6.60 14.36 -2.74
C VAL A 165 -7.67 14.40 -3.86
N ALA A 166 -7.31 14.89 -5.05
CA ALA A 166 -8.21 14.95 -6.21
C ALA A 166 -8.51 13.56 -6.79
N ASP A 167 -7.54 12.64 -6.78
CA ASP A 167 -7.73 11.24 -7.17
C ASP A 167 -8.70 10.53 -6.20
N LEU A 168 -8.50 10.74 -4.88
CA LEU A 168 -9.40 10.24 -3.83
C LEU A 168 -10.83 10.79 -3.93
N GLN A 169 -11.02 11.97 -4.53
CA GLN A 169 -12.33 12.58 -4.71
C GLN A 169 -13.18 11.86 -5.76
N ALA A 170 -12.57 11.21 -6.76
CA ALA A 170 -13.27 10.29 -7.66
C ALA A 170 -13.61 8.91 -7.05
N LEU A 171 -12.93 8.50 -5.98
CA LEU A 171 -12.94 7.12 -5.47
C LEU A 171 -13.93 6.90 -4.31
N LEU A 172 -14.55 7.97 -3.81
CA LEU A 172 -15.53 8.00 -2.71
C LEU A 172 -16.76 7.09 -2.91
N GLY A 1 -16.66 25.77 -7.78
CA GLY A 1 -16.16 24.78 -8.75
C GLY A 1 -15.48 23.64 -8.03
N ALA A 2 -14.89 22.69 -8.75
CA ALA A 2 -14.19 21.51 -8.23
C ALA A 2 -13.25 20.96 -9.33
N MET A 3 -12.46 19.92 -9.03
CA MET A 3 -11.58 19.24 -9.99
C MET A 3 -11.56 17.74 -9.71
N HIS A 4 -11.43 16.93 -10.76
CA HIS A 4 -11.41 15.45 -10.72
C HIS A 4 -10.55 14.92 -11.88
N THR A 5 -9.29 15.38 -11.89
CA THR A 5 -8.29 15.04 -12.90
C THR A 5 -7.66 13.71 -12.55
N PHE A 6 -7.81 12.74 -13.45
CA PHE A 6 -7.10 11.47 -13.41
C PHE A 6 -5.58 11.69 -13.60
N TYR A 7 -4.78 10.86 -12.95
CA TYR A 7 -3.30 10.89 -13.05
C TYR A 7 -2.64 9.52 -12.79
N GLY A 8 -3.30 8.61 -12.07
CA GLY A 8 -2.93 7.20 -12.05
C GLY A 8 -3.34 6.49 -13.34
N THR A 9 -2.99 5.20 -13.44
CA THR A 9 -3.38 4.36 -14.58
C THR A 9 -4.78 3.83 -14.31
N ARG A 10 -5.78 4.57 -14.80
CA ARG A 10 -7.18 4.22 -14.62
C ARG A 10 -7.58 3.04 -15.51
N LEU A 11 -8.25 2.07 -14.90
CA LEU A 11 -8.61 0.80 -15.52
C LEU A 11 -10.06 0.82 -16.05
N LEU A 12 -10.37 -0.13 -16.94
CA LEU A 12 -11.69 -0.29 -17.56
C LEU A 12 -12.40 -1.53 -17.00
N ASN A 13 -11.76 -2.71 -17.06
CA ASN A 13 -12.24 -3.93 -16.40
C ASN A 13 -11.55 -4.05 -15.01
N PRO A 14 -12.29 -3.90 -13.90
CA PRO A 14 -11.69 -3.82 -12.57
C PRO A 14 -11.35 -5.22 -12.02
N LYS A 15 -10.05 -5.50 -11.91
CA LYS A 15 -9.52 -6.86 -11.71
C LYS A 15 -9.73 -7.33 -10.25
N PRO A 16 -10.46 -8.44 -10.02
CA PRO A 16 -10.82 -8.89 -8.67
C PRO A 16 -9.60 -9.41 -7.90
N VAL A 17 -9.62 -9.21 -6.59
CA VAL A 17 -8.53 -9.50 -5.64
C VAL A 17 -9.08 -9.76 -4.24
N ASP A 18 -8.46 -10.70 -3.53
CA ASP A 18 -8.29 -10.60 -2.08
C ASP A 18 -6.83 -10.92 -1.71
N PHE A 19 -6.51 -10.94 -0.42
CA PHE A 19 -5.25 -11.50 0.07
C PHE A 19 -5.38 -11.90 1.55
N ALA A 20 -4.41 -12.69 2.03
CA ALA A 20 -4.26 -13.08 3.43
C ALA A 20 -2.82 -12.82 3.89
N LEU A 21 -2.63 -11.95 4.90
CA LEU A 21 -1.34 -11.60 5.48
C LEU A 21 -1.43 -11.41 7.01
N GLU A 22 -0.29 -11.33 7.69
CA GLU A 22 -0.22 -11.17 9.15
C GLU A 22 0.03 -9.72 9.54
N GLY A 23 -0.44 -9.37 10.75
CA GLY A 23 -0.26 -8.08 11.42
C GLY A 23 -0.01 -8.27 12.92
N PRO A 24 0.22 -7.18 13.68
CA PRO A 24 0.64 -7.23 15.10
C PRO A 24 -0.53 -7.54 16.06
N GLN A 25 -1.49 -8.36 15.62
CA GLN A 25 -2.80 -8.53 16.26
C GLN A 25 -3.58 -9.75 15.73
N GLY A 26 -2.92 -10.65 14.99
CA GLY A 26 -3.57 -11.72 14.22
C GLY A 26 -3.53 -11.47 12.70
N PRO A 27 -4.11 -12.37 11.90
CA PRO A 27 -4.16 -12.28 10.44
C PRO A 27 -5.19 -11.24 9.98
N VAL A 28 -4.90 -10.59 8.85
CA VAL A 28 -5.79 -9.60 8.20
C VAL A 28 -5.98 -10.01 6.74
N ARG A 29 -7.21 -9.86 6.24
CA ARG A 29 -7.60 -10.17 4.86
C ARG A 29 -8.22 -8.95 4.18
N LEU A 30 -8.14 -8.86 2.84
CA LEU A 30 -8.88 -7.84 2.08
C LEU A 30 -10.41 -8.01 2.19
N SER A 31 -10.91 -9.20 2.55
CA SER A 31 -12.31 -9.41 2.97
C SER A 31 -12.72 -8.67 4.26
N GLN A 32 -11.80 -7.98 4.96
CA GLN A 32 -12.17 -7.02 6.01
C GLN A 32 -12.55 -5.64 5.43
N PHE A 33 -12.33 -5.39 4.13
CA PHE A 33 -12.43 -4.07 3.53
C PHE A 33 -12.94 -4.07 2.06
N GLN A 34 -13.61 -5.15 1.61
CA GLN A 34 -14.05 -5.31 0.21
C GLN A 34 -14.90 -4.14 -0.28
N ASP A 35 -16.18 -4.07 0.09
CA ASP A 35 -17.21 -3.09 -0.30
C ASP A 35 -16.86 -1.62 0.01
N LYS A 36 -15.74 -1.43 0.69
CA LYS A 36 -15.16 -0.14 1.06
C LYS A 36 -14.14 0.33 -0.01
N VAL A 37 -13.20 1.20 0.39
CA VAL A 37 -12.09 1.72 -0.43
C VAL A 37 -10.80 1.43 0.35
N VAL A 38 -9.79 0.90 -0.33
CA VAL A 38 -8.49 0.57 0.27
C VAL A 38 -7.34 0.91 -0.66
N LEU A 39 -6.27 1.43 -0.04
CA LEU A 39 -4.93 1.55 -0.60
C LEU A 39 -4.00 0.48 -0.05
N LEU A 40 -3.14 -0.01 -0.92
CA LEU A 40 -2.12 -1.03 -0.64
C LEU A 40 -0.77 -0.61 -1.23
N PHE A 41 0.29 -0.58 -0.42
CA PHE A 41 1.60 -0.07 -0.82
C PHE A 41 2.75 -0.98 -0.34
N PHE A 42 3.64 -1.35 -1.26
CA PHE A 42 4.70 -2.36 -1.05
C PHE A 42 6.07 -1.72 -0.76
N GLY A 43 6.56 -1.98 0.46
CA GLY A 43 7.69 -1.32 1.12
C GLY A 43 8.57 -2.22 2.01
N PHE A 44 9.52 -1.56 2.66
CA PHE A 44 10.47 -2.14 3.62
C PHE A 44 10.78 -1.09 4.68
N THR A 45 10.90 -1.45 5.98
CA THR A 45 11.11 -0.44 7.04
C THR A 45 12.39 0.34 6.81
N ARG A 46 13.51 -0.35 6.56
CA ARG A 46 14.78 0.26 6.13
C ARG A 46 14.85 0.44 4.60
N CYS A 47 13.80 1.00 4.00
CA CYS A 47 13.93 1.75 2.75
C CYS A 47 14.95 2.91 2.89
N PRO A 48 15.26 3.62 1.78
CA PRO A 48 15.68 5.00 1.83
C PRO A 48 14.41 5.83 2.12
N ASP A 49 14.22 6.91 1.38
CA ASP A 49 13.31 8.00 1.75
C ASP A 49 11.91 7.78 1.14
N VAL A 50 11.87 6.77 0.27
CA VAL A 50 10.76 6.34 -0.58
C VAL A 50 9.62 5.60 0.15
N CYS A 51 9.84 5.12 1.37
CA CYS A 51 8.72 4.90 2.31
C CYS A 51 8.21 6.19 2.99
N PRO A 52 9.05 6.93 3.75
CA PRO A 52 8.56 8.01 4.60
C PRO A 52 7.96 9.19 3.84
N THR A 53 8.54 9.59 2.70
CA THR A 53 8.04 10.71 1.88
C THR A 53 6.65 10.37 1.33
N THR A 54 6.53 9.22 0.66
CA THR A 54 5.27 8.74 0.07
C THR A 54 4.20 8.49 1.12
N LEU A 55 4.56 8.03 2.33
CA LEU A 55 3.62 7.93 3.45
C LEU A 55 3.13 9.31 3.91
N LEU A 56 3.97 10.34 3.91
CA LEU A 56 3.57 11.73 4.19
C LEU A 56 2.64 12.24 3.08
N ALA A 57 2.99 12.05 1.81
CA ALA A 57 2.19 12.49 0.67
C ALA A 57 0.83 11.79 0.58
N LEU A 58 0.77 10.47 0.79
CA LEU A 58 -0.49 9.74 0.77
C LEU A 58 -1.35 10.08 1.99
N LYS A 59 -0.76 10.26 3.18
CA LYS A 59 -1.52 10.66 4.37
C LYS A 59 -2.12 12.07 4.27
N ARG A 60 -1.49 13.00 3.54
CA ARG A 60 -2.12 14.29 3.20
C ARG A 60 -3.50 14.09 2.54
N ALA A 61 -3.63 13.10 1.64
CA ALA A 61 -4.87 12.85 0.90
C ALA A 61 -6.02 12.49 1.85
N TYR A 62 -5.77 11.56 2.78
CA TYR A 62 -6.72 11.15 3.83
C TYR A 62 -7.13 12.33 4.75
N GLU A 63 -6.18 13.24 5.05
CA GLU A 63 -6.44 14.46 5.83
C GLU A 63 -7.28 15.50 5.09
N LYS A 64 -7.42 15.39 3.75
CA LYS A 64 -8.09 16.40 2.90
C LYS A 64 -9.46 15.95 2.37
N LEU A 65 -9.68 14.65 2.13
CA LEU A 65 -11.02 14.11 1.92
C LEU A 65 -11.88 14.29 3.20
N PRO A 66 -13.21 14.48 3.08
CA PRO A 66 -14.05 14.83 4.23
C PRO A 66 -14.18 13.63 5.18
N PRO A 67 -14.61 13.85 6.44
CA PRO A 67 -14.84 12.78 7.40
C PRO A 67 -15.77 11.69 6.84
N LYS A 68 -16.72 12.04 5.96
CA LYS A 68 -17.71 11.08 5.43
C LYS A 68 -17.11 10.17 4.34
N ALA A 69 -16.01 10.58 3.71
CA ALA A 69 -15.19 9.75 2.84
C ALA A 69 -14.28 8.78 3.61
N GLN A 70 -13.60 9.21 4.68
CA GLN A 70 -12.66 8.33 5.40
C GLN A 70 -13.32 7.10 6.03
N GLU A 71 -14.61 7.15 6.36
CA GLU A 71 -15.47 5.98 6.67
C GLU A 71 -15.25 4.82 5.71
N ARG A 72 -15.06 5.14 4.43
CA ARG A 72 -14.77 4.19 3.37
C ARG A 72 -13.28 3.88 3.20
N VAL A 73 -12.35 4.79 3.51
CA VAL A 73 -10.95 4.78 3.03
C VAL A 73 -10.01 4.37 4.17
N GLN A 74 -9.42 3.17 4.08
CA GLN A 74 -8.36 2.73 4.98
C GLN A 74 -7.07 2.50 4.18
N VAL A 75 -5.92 2.63 4.84
CA VAL A 75 -4.60 2.47 4.23
C VAL A 75 -3.90 1.26 4.86
N ILE A 76 -3.43 0.37 3.99
CA ILE A 76 -2.53 -0.73 4.34
C ILE A 76 -1.16 -0.50 3.70
N PHE A 77 -0.12 -0.55 4.53
CA PHE A 77 1.28 -0.68 4.12
C PHE A 77 1.66 -2.16 4.24
N VAL A 78 2.36 -2.72 3.26
CA VAL A 78 2.81 -4.12 3.27
C VAL A 78 4.33 -4.20 3.16
N SER A 79 4.95 -4.95 4.07
CA SER A 79 6.39 -5.19 4.10
C SER A 79 6.83 -6.35 3.18
N VAL A 80 8.06 -6.27 2.68
CA VAL A 80 8.55 -7.14 1.58
C VAL A 80 9.84 -7.92 1.94
N ASP A 81 10.50 -7.62 3.07
CA ASP A 81 11.65 -8.39 3.56
C ASP A 81 11.28 -9.12 4.87
N PRO A 82 10.60 -10.29 4.81
CA PRO A 82 10.03 -10.93 6.00
C PRO A 82 11.10 -11.44 6.96
N GLU A 83 12.34 -11.71 6.50
CA GLU A 83 13.46 -12.06 7.38
C GLU A 83 13.91 -10.92 8.33
N ARG A 84 13.45 -9.67 8.11
CA ARG A 84 13.85 -8.52 8.95
C ARG A 84 12.74 -7.51 9.25
N ASP A 85 11.62 -7.47 8.52
CA ASP A 85 10.43 -6.65 8.81
C ASP A 85 9.39 -7.53 9.53
N PRO A 86 9.35 -7.57 10.88
CA PRO A 86 8.24 -8.18 11.61
C PRO A 86 7.09 -7.16 11.76
N PRO A 87 5.84 -7.62 11.95
CA PRO A 87 4.64 -6.80 11.79
C PRO A 87 4.54 -5.62 12.77
N GLU A 88 5.11 -5.71 13.97
CA GLU A 88 5.10 -4.62 14.96
C GLU A 88 6.01 -3.46 14.53
N VAL A 89 7.15 -3.77 13.92
CA VAL A 89 8.09 -2.77 13.38
C VAL A 89 7.56 -2.14 12.09
N ALA A 90 6.86 -2.93 11.25
CA ALA A 90 6.15 -2.41 10.07
C ALA A 90 4.99 -1.47 10.46
N ASP A 91 4.13 -1.89 11.39
CA ASP A 91 2.92 -1.15 11.78
C ASP A 91 3.24 0.16 12.50
N ARG A 92 4.22 0.15 13.43
CA ARG A 92 4.65 1.37 14.11
C ARG A 92 5.26 2.39 13.13
N TYR A 93 5.90 1.93 12.04
CA TYR A 93 6.46 2.79 11.00
C TYR A 93 5.38 3.46 10.14
N ALA A 94 4.33 2.73 9.79
CA ALA A 94 3.16 3.27 9.10
C ALA A 94 2.42 4.31 9.96
N LYS A 95 2.08 3.96 11.21
CA LYS A 95 1.38 4.86 12.11
C LYS A 95 2.20 6.05 12.63
N ALA A 96 3.54 6.01 12.57
CA ALA A 96 4.39 7.18 12.83
C ALA A 96 4.16 8.34 11.83
N PHE A 97 3.72 8.03 10.60
CA PHE A 97 3.23 9.03 9.64
C PHE A 97 1.78 9.39 9.87
N HIS A 98 0.91 8.41 10.13
CA HIS A 98 -0.49 8.68 10.37
C HIS A 98 -1.24 7.55 11.10
N PRO A 99 -1.88 7.80 12.27
CA PRO A 99 -2.49 6.76 13.10
C PRO A 99 -3.72 6.06 12.47
N SER A 100 -4.19 6.54 11.31
CA SER A 100 -5.21 5.88 10.49
C SER A 100 -4.74 4.59 9.79
N PHE A 101 -3.44 4.27 9.84
CA PHE A 101 -2.81 3.25 8.99
C PHE A 101 -2.61 1.90 9.72
N LEU A 102 -2.43 0.84 8.93
CA LEU A 102 -2.02 -0.49 9.37
C LEU A 102 -0.76 -0.93 8.59
N GLY A 103 0.25 -1.47 9.26
CA GLY A 103 1.36 -2.20 8.64
C GLY A 103 1.18 -3.70 8.77
N LEU A 104 1.26 -4.42 7.65
CA LEU A 104 1.21 -5.89 7.59
C LEU A 104 2.55 -6.47 7.10
N SER A 105 3.05 -7.45 7.85
CA SER A 105 4.17 -8.30 7.47
C SER A 105 3.93 -9.70 8.02
N GLY A 106 4.25 -10.74 7.25
CA GLY A 106 3.96 -12.11 7.67
C GLY A 106 4.85 -13.16 7.05
N SER A 107 4.41 -14.40 7.19
CA SER A 107 4.99 -15.58 6.58
C SER A 107 5.30 -15.39 5.07
N PRO A 108 6.41 -15.95 4.56
CA PRO A 108 6.83 -15.72 3.17
C PRO A 108 5.83 -16.28 2.16
N GLU A 109 5.03 -17.29 2.53
CA GLU A 109 3.90 -17.76 1.71
C GLU A 109 2.76 -16.73 1.68
N ALA A 110 2.37 -16.16 2.82
CA ALA A 110 1.39 -15.07 2.85
C ALA A 110 1.86 -13.82 2.08
N VAL A 111 3.11 -13.39 2.30
CA VAL A 111 3.70 -12.26 1.57
C VAL A 111 3.68 -12.50 0.05
N ARG A 112 4.11 -13.69 -0.41
CA ARG A 112 4.16 -13.98 -1.85
C ARG A 112 2.76 -14.13 -2.46
N GLU A 113 1.82 -14.78 -1.79
CA GLU A 113 0.41 -14.85 -2.26
C GLU A 113 -0.16 -13.45 -2.56
N ALA A 114 -0.01 -12.50 -1.63
CA ALA A 114 -0.52 -11.14 -1.79
C ALA A 114 0.19 -10.38 -2.93
N ALA A 115 1.52 -10.45 -2.98
CA ALA A 115 2.33 -9.78 -4.01
C ALA A 115 2.00 -10.29 -5.42
N GLN A 116 1.96 -11.61 -5.60
CA GLN A 116 1.58 -12.26 -6.87
C GLN A 116 0.20 -11.78 -7.36
N THR A 117 -0.76 -11.67 -6.44
CA THR A 117 -2.18 -11.43 -6.77
C THR A 117 -2.41 -10.04 -7.35
N PHE A 118 -1.68 -9.04 -6.86
CA PHE A 118 -1.55 -7.70 -7.46
C PHE A 118 -0.57 -7.59 -8.65
N GLY A 119 0.41 -8.50 -8.77
CA GLY A 119 1.48 -8.48 -9.79
C GLY A 119 2.82 -7.90 -9.31
N VAL A 120 3.03 -7.77 -8.00
CA VAL A 120 4.27 -7.28 -7.39
C VAL A 120 5.35 -8.38 -7.39
N PHE A 121 6.59 -7.95 -7.65
CA PHE A 121 7.79 -8.78 -7.59
C PHE A 121 8.92 -8.06 -6.84
N TYR A 122 9.77 -8.87 -6.21
CA TYR A 122 10.90 -8.44 -5.38
C TYR A 122 12.08 -9.41 -5.58
N GLN A 123 13.31 -8.91 -5.54
CA GLN A 123 14.50 -9.68 -5.91
C GLN A 123 15.63 -9.45 -4.91
N LYS A 124 16.22 -10.51 -4.36
CA LYS A 124 17.42 -10.38 -3.50
C LYS A 124 18.68 -10.68 -4.33
N SER A 125 19.60 -9.74 -4.43
CA SER A 125 20.71 -9.76 -5.40
C SER A 125 22.02 -9.19 -4.81
N GLN A 126 23.12 -9.24 -5.57
CA GLN A 126 24.49 -8.83 -5.18
C GLN A 126 25.05 -9.56 -3.94
N TYR A 127 24.43 -10.66 -3.52
CA TYR A 127 24.81 -11.40 -2.32
C TYR A 127 26.21 -12.03 -2.40
N ARG A 128 26.99 -11.85 -1.33
CA ARG A 128 28.30 -12.49 -1.14
C ARG A 128 28.58 -12.90 0.31
N GLY A 129 27.92 -12.29 1.30
CA GLY A 129 28.10 -12.61 2.72
C GLY A 129 26.84 -12.34 3.56
N PRO A 130 26.81 -12.80 4.83
CA PRO A 130 25.73 -12.46 5.75
C PRO A 130 25.80 -10.95 6.02
N GLY A 131 24.74 -10.22 5.65
CA GLY A 131 24.71 -8.75 5.73
C GLY A 131 25.39 -8.05 4.54
N GLU A 132 25.87 -8.79 3.55
CA GLU A 132 26.46 -8.27 2.31
C GLU A 132 25.68 -8.82 1.11
N TYR A 133 24.70 -8.02 0.68
CA TYR A 133 23.68 -8.24 -0.35
C TYR A 133 22.80 -6.98 -0.51
N LEU A 134 21.85 -6.98 -1.45
CA LEU A 134 20.76 -5.99 -1.52
C LEU A 134 19.41 -6.64 -1.82
N VAL A 135 18.32 -5.87 -1.65
CA VAL A 135 16.94 -6.26 -1.92
C VAL A 135 16.30 -5.18 -2.80
N ASP A 136 15.67 -5.62 -3.89
CA ASP A 136 14.78 -4.87 -4.76
C ASP A 136 13.32 -5.19 -4.39
N HIS A 137 12.43 -4.19 -4.44
CA HIS A 137 11.00 -4.41 -4.44
C HIS A 137 10.24 -3.42 -5.35
N THR A 138 9.19 -3.93 -6.02
CA THR A 138 8.30 -3.16 -6.89
C THR A 138 7.40 -2.23 -6.05
N ALA A 139 7.87 -1.01 -5.82
CA ALA A 139 7.23 0.05 -5.01
C ALA A 139 5.96 0.67 -5.66
N THR A 140 4.98 -0.20 -5.95
CA THR A 140 3.72 0.12 -6.62
C THR A 140 2.62 0.27 -5.58
N THR A 141 1.65 1.14 -5.89
CA THR A 141 0.50 1.44 -5.04
C THR A 141 -0.77 1.03 -5.79
N PHE A 142 -1.62 0.24 -5.12
CA PHE A 142 -2.80 -0.36 -5.72
C PHE A 142 -4.07 0.22 -5.08
N VAL A 143 -4.99 0.74 -5.90
CA VAL A 143 -6.27 1.32 -5.43
C VAL A 143 -7.40 0.35 -5.74
N VAL A 144 -8.09 -0.10 -4.68
CA VAL A 144 -9.24 -1.00 -4.77
C VAL A 144 -10.52 -0.42 -4.18
N LYS A 145 -11.64 -0.88 -4.74
CA LYS A 145 -13.02 -0.75 -4.25
C LYS A 145 -13.76 -2.07 -4.53
N GLU A 146 -14.60 -2.58 -3.62
CA GLU A 146 -15.39 -3.83 -3.74
C GLU A 146 -14.54 -5.12 -3.59
N GLY A 147 -13.21 -5.02 -3.46
CA GLY A 147 -12.29 -6.14 -3.67
C GLY A 147 -11.84 -6.29 -5.13
N ARG A 148 -11.82 -5.20 -5.90
CA ARG A 148 -11.28 -5.18 -7.26
C ARG A 148 -10.45 -3.92 -7.53
N LEU A 149 -9.42 -4.11 -8.33
CA LEU A 149 -8.42 -3.10 -8.69
C LEU A 149 -9.01 -2.19 -9.75
N VAL A 150 -9.21 -0.93 -9.38
CA VAL A 150 -9.74 0.13 -10.26
C VAL A 150 -8.66 1.12 -10.72
N LEU A 151 -7.49 1.16 -10.05
CA LEU A 151 -6.43 2.14 -10.33
C LEU A 151 -5.04 1.68 -9.84
N LEU A 152 -4.02 2.03 -10.62
CA LEU A 152 -2.60 1.86 -10.28
C LEU A 152 -1.89 3.21 -10.07
N TYR A 153 -0.87 3.16 -9.23
CA TYR A 153 -0.03 4.27 -8.76
C TYR A 153 1.37 3.77 -8.36
N SER A 154 2.27 4.70 -8.04
CA SER A 154 3.70 4.51 -7.69
C SER A 154 4.19 5.84 -7.07
N PRO A 155 5.38 5.97 -6.43
CA PRO A 155 5.79 7.22 -5.81
C PRO A 155 5.88 8.39 -6.81
N ASP A 156 6.47 8.18 -7.99
CA ASP A 156 6.55 9.16 -9.08
C ASP A 156 5.17 9.66 -9.62
N LYS A 157 4.08 9.04 -9.16
CA LYS A 157 2.71 9.53 -9.25
C LYS A 157 2.18 10.05 -7.90
N ALA A 158 2.28 9.26 -6.82
CA ALA A 158 1.59 9.44 -5.54
C ALA A 158 2.13 10.58 -4.68
N GLU A 159 3.43 10.91 -4.79
CA GLU A 159 4.06 12.04 -4.09
C GLU A 159 3.35 13.37 -4.45
N ALA A 160 2.73 13.45 -5.64
CA ALA A 160 1.77 14.50 -6.01
C ALA A 160 0.35 14.23 -5.47
N THR A 161 0.23 14.20 -4.13
CA THR A 161 -0.96 13.90 -3.29
C THR A 161 -2.29 14.21 -3.95
N ASP A 162 -2.39 15.42 -4.45
CA ASP A 162 -3.63 16.10 -4.78
C ASP A 162 -4.28 15.43 -6.00
N ARG A 163 -3.47 14.77 -6.84
CA ARG A 163 -3.92 13.84 -7.86
C ARG A 163 -4.44 12.50 -7.30
N VAL A 164 -3.87 11.98 -6.21
CA VAL A 164 -4.40 10.78 -5.51
C VAL A 164 -5.80 11.08 -4.97
N VAL A 165 -5.99 12.28 -4.40
CA VAL A 165 -7.31 12.79 -3.99
C VAL A 165 -8.25 12.86 -5.20
N ALA A 166 -7.87 13.56 -6.28
CA ALA A 166 -8.72 13.73 -7.46
C ALA A 166 -9.11 12.43 -8.19
N ASP A 167 -8.22 11.43 -8.24
CA ASP A 167 -8.57 10.10 -8.72
C ASP A 167 -9.58 9.42 -7.77
N LEU A 168 -9.36 9.46 -6.44
CA LEU A 168 -10.27 8.86 -5.46
C LEU A 168 -11.66 9.49 -5.45
N GLN A 169 -11.73 10.80 -5.71
CA GLN A 169 -12.96 11.58 -5.84
C GLN A 169 -13.85 11.05 -6.97
N ALA A 170 -13.27 10.56 -8.07
CA ALA A 170 -13.98 9.87 -9.15
C ALA A 170 -14.44 8.43 -8.83
N LEU A 171 -13.88 7.78 -7.79
CA LEU A 171 -14.11 6.36 -7.45
C LEU A 171 -15.14 6.15 -6.33
N LEU A 172 -15.63 7.22 -5.70
CA LEU A 172 -16.48 7.20 -4.49
C LEU A 172 -17.67 6.21 -4.52
N GLY A 1 -16.38 10.16 -7.79
CA GLY A 1 -17.30 11.10 -8.47
C GLY A 1 -16.81 11.48 -9.84
N ALA A 2 -17.55 12.33 -10.56
CA ALA A 2 -17.18 12.85 -11.88
C ALA A 2 -16.54 14.26 -11.78
N MET A 3 -16.29 14.92 -12.92
CA MET A 3 -15.74 16.29 -13.01
C MET A 3 -14.29 16.39 -12.51
N HIS A 4 -13.55 15.29 -12.58
CA HIS A 4 -12.13 15.19 -12.23
C HIS A 4 -11.41 14.42 -13.36
N THR A 5 -10.08 14.44 -13.34
CA THR A 5 -9.21 13.58 -14.13
C THR A 5 -8.12 13.04 -13.23
N PHE A 6 -7.62 11.85 -13.57
CA PHE A 6 -6.75 11.03 -12.73
C PHE A 6 -5.27 11.40 -12.88
N TYR A 7 -4.45 10.96 -11.92
CA TYR A 7 -2.99 11.13 -11.95
C TYR A 7 -2.21 9.82 -11.68
N GLY A 8 -2.90 8.75 -11.25
CA GLY A 8 -2.39 7.38 -11.37
C GLY A 8 -2.59 6.82 -12.78
N THR A 9 -2.45 5.51 -12.92
CA THR A 9 -2.69 4.77 -14.18
C THR A 9 -4.02 4.02 -14.06
N ARG A 10 -5.03 4.51 -14.78
CA ARG A 10 -6.37 3.96 -14.74
C ARG A 10 -6.54 2.78 -15.69
N LEU A 11 -7.08 1.69 -15.16
CA LEU A 11 -7.31 0.46 -15.91
C LEU A 11 -8.46 0.63 -16.92
N LEU A 12 -8.41 -0.15 -18.01
CA LEU A 12 -9.50 -0.24 -19.00
C LEU A 12 -10.74 -0.91 -18.39
N ASN A 13 -10.53 -1.91 -17.52
CA ASN A 13 -11.56 -2.52 -16.68
C ASN A 13 -10.96 -3.06 -15.37
N PRO A 14 -11.66 -2.91 -14.22
CA PRO A 14 -11.09 -3.17 -12.89
C PRO A 14 -10.96 -4.67 -12.57
N LYS A 15 -9.77 -5.08 -12.14
CA LYS A 15 -9.35 -6.49 -12.01
C LYS A 15 -9.56 -7.01 -10.56
N PRO A 16 -10.30 -8.12 -10.35
CA PRO A 16 -10.68 -8.60 -9.02
C PRO A 16 -9.45 -9.06 -8.20
N VAL A 17 -9.49 -8.84 -6.89
CA VAL A 17 -8.37 -9.02 -5.95
C VAL A 17 -8.85 -9.25 -4.52
N ASP A 18 -8.03 -9.94 -3.74
CA ASP A 18 -8.00 -9.98 -2.27
C ASP A 18 -6.50 -10.06 -1.87
N PHE A 19 -6.19 -10.20 -0.58
CA PHE A 19 -4.85 -10.54 -0.10
C PHE A 19 -4.94 -11.31 1.21
N ALA A 20 -3.82 -11.90 1.65
CA ALA A 20 -3.64 -12.39 3.01
C ALA A 20 -2.22 -12.08 3.49
N LEU A 21 -2.09 -11.22 4.51
CA LEU A 21 -0.86 -10.97 5.27
C LEU A 21 -1.14 -11.15 6.76
N GLU A 22 -0.10 -11.14 7.59
CA GLU A 22 -0.20 -11.10 9.05
C GLU A 22 0.03 -9.65 9.53
N GLY A 23 -0.64 -9.25 10.61
CA GLY A 23 -0.47 -7.94 11.26
C GLY A 23 -0.27 -8.06 12.77
N PRO A 24 -0.12 -6.94 13.51
CA PRO A 24 -0.08 -6.91 14.96
C PRO A 24 -1.50 -7.10 15.58
N GLN A 25 -2.31 -7.98 14.98
CA GLN A 25 -3.72 -8.21 15.31
C GLN A 25 -4.29 -9.53 14.73
N GLY A 26 -3.44 -10.42 14.20
CA GLY A 26 -3.87 -11.63 13.48
C GLY A 26 -3.73 -11.49 11.96
N PRO A 27 -4.13 -12.52 11.19
CA PRO A 27 -4.12 -12.49 9.72
C PRO A 27 -5.18 -11.54 9.16
N VAL A 28 -4.74 -10.62 8.30
CA VAL A 28 -5.54 -9.53 7.71
C VAL A 28 -5.72 -9.80 6.21
N ARG A 29 -6.96 -9.66 5.73
CA ARG A 29 -7.34 -9.78 4.32
C ARG A 29 -8.05 -8.51 3.82
N LEU A 30 -8.30 -8.42 2.51
CA LEU A 30 -9.12 -7.36 1.89
C LEU A 30 -10.61 -7.65 2.05
N SER A 31 -10.99 -8.91 1.91
CA SER A 31 -12.36 -9.43 2.06
C SER A 31 -13.04 -9.11 3.40
N GLN A 32 -12.30 -8.70 4.44
CA GLN A 32 -12.86 -8.34 5.74
C GLN A 32 -13.34 -6.87 5.84
N PHE A 33 -13.12 -6.05 4.80
CA PHE A 33 -13.52 -4.63 4.73
C PHE A 33 -13.66 -4.12 3.29
N GLN A 34 -14.14 -4.96 2.37
CA GLN A 34 -14.05 -4.72 0.91
C GLN A 34 -15.00 -3.64 0.34
N ASP A 35 -16.03 -3.20 1.08
CA ASP A 35 -16.81 -2.00 0.75
C ASP A 35 -15.93 -0.73 0.70
N LYS A 36 -14.93 -0.67 1.59
CA LYS A 36 -14.11 0.50 1.81
C LYS A 36 -13.18 0.79 0.62
N VAL A 37 -12.58 1.97 0.63
CA VAL A 37 -11.65 2.46 -0.39
C VAL A 37 -10.26 2.13 0.14
N VAL A 38 -9.80 0.93 -0.21
CA VAL A 38 -8.66 0.27 0.43
C VAL A 38 -7.40 0.56 -0.38
N LEU A 39 -6.42 1.17 0.30
CA LEU A 39 -5.19 1.66 -0.29
C LEU A 39 -4.00 0.81 0.17
N LEU A 40 -3.38 0.10 -0.77
CA LEU A 40 -2.22 -0.76 -0.56
C LEU A 40 -0.94 -0.08 -1.04
N PHE A 41 0.11 -0.13 -0.22
CA PHE A 41 1.45 0.31 -0.57
C PHE A 41 2.49 -0.70 -0.09
N PHE A 42 3.43 -1.05 -0.97
CA PHE A 42 4.45 -2.06 -0.73
C PHE A 42 5.82 -1.41 -0.52
N GLY A 43 6.34 -1.55 0.72
CA GLY A 43 7.57 -0.93 1.22
C GLY A 43 8.37 -1.82 2.17
N PHE A 44 9.46 -1.25 2.69
CA PHE A 44 10.37 -1.87 3.66
C PHE A 44 10.74 -0.82 4.70
N THR A 45 10.81 -1.15 6.00
CA THR A 45 11.18 -0.23 7.10
C THR A 45 12.62 0.26 7.05
N ARG A 46 13.46 -0.28 6.15
CA ARG A 46 14.63 0.43 5.59
C ARG A 46 14.28 1.88 5.23
N CYS A 47 13.08 2.13 4.72
CA CYS A 47 12.47 3.45 4.46
C CYS A 47 13.47 4.45 3.85
N PRO A 48 14.00 4.19 2.63
CA PRO A 48 15.09 4.96 2.08
C PRO A 48 14.66 6.38 1.72
N ASP A 49 13.56 6.53 0.97
CA ASP A 49 13.19 7.82 0.34
C ASP A 49 11.73 7.74 -0.13
N VAL A 50 11.47 6.78 -1.01
CA VAL A 50 10.13 6.42 -1.48
C VAL A 50 9.13 6.17 -0.34
N CYS A 51 9.50 5.43 0.72
CA CYS A 51 8.59 5.17 1.84
C CYS A 51 8.20 6.47 2.58
N PRO A 52 9.15 7.30 3.08
CA PRO A 52 8.80 8.49 3.82
C PRO A 52 8.05 9.54 3.00
N THR A 53 8.39 9.82 1.72
CA THR A 53 7.61 10.81 0.96
C THR A 53 6.22 10.30 0.62
N THR A 54 6.12 9.05 0.14
CA THR A 54 4.84 8.43 -0.24
C THR A 54 3.92 8.30 0.96
N LEU A 55 4.40 7.86 2.13
CA LEU A 55 3.57 7.81 3.34
C LEU A 55 3.17 9.21 3.83
N LEU A 56 4.01 10.23 3.62
CA LEU A 56 3.67 11.62 3.92
C LEU A 56 2.56 12.11 2.98
N ALA A 57 2.67 11.83 1.68
CA ALA A 57 1.67 12.22 0.69
C ALA A 57 0.34 11.48 0.89
N LEU A 58 0.38 10.15 1.08
CA LEU A 58 -0.77 9.31 1.44
C LEU A 58 -1.49 9.86 2.68
N LYS A 59 -0.77 10.11 3.78
CA LYS A 59 -1.39 10.66 5.00
C LYS A 59 -1.89 12.10 4.80
N ARG A 60 -1.17 12.95 4.04
CA ARG A 60 -1.61 14.31 3.73
C ARG A 60 -2.82 14.36 2.80
N ALA A 61 -3.02 13.34 1.96
CA ALA A 61 -4.25 13.19 1.18
C ALA A 61 -5.42 12.77 2.09
N TYR A 62 -5.20 11.77 2.97
CA TYR A 62 -6.22 11.34 3.95
C TYR A 62 -6.69 12.47 4.88
N GLU A 63 -5.75 13.30 5.36
CA GLU A 63 -6.00 14.42 6.27
C GLU A 63 -6.76 15.58 5.58
N LYS A 64 -6.79 15.63 4.24
CA LYS A 64 -7.59 16.58 3.48
C LYS A 64 -9.07 16.17 3.40
N LEU A 65 -9.37 14.86 3.38
CA LEU A 65 -10.73 14.36 3.17
C LEU A 65 -11.69 14.85 4.28
N PRO A 66 -12.94 15.26 3.95
CA PRO A 66 -13.94 15.60 4.95
C PRO A 66 -14.27 14.37 5.80
N PRO A 67 -14.82 14.56 7.02
CA PRO A 67 -15.15 13.48 7.94
C PRO A 67 -16.01 12.37 7.33
N LYS A 68 -16.77 12.65 6.25
CA LYS A 68 -17.58 11.62 5.62
C LYS A 68 -16.80 10.81 4.56
N ALA A 69 -15.84 11.42 3.85
CA ALA A 69 -14.92 10.69 2.97
C ALA A 69 -13.73 10.01 3.67
N GLN A 70 -13.18 10.54 4.77
CA GLN A 70 -12.09 9.83 5.46
C GLN A 70 -12.55 8.48 6.00
N GLU A 71 -13.76 8.39 6.56
CA GLU A 71 -14.51 7.20 6.91
C GLU A 71 -14.28 6.00 5.99
N ARG A 72 -14.43 6.20 4.68
CA ARG A 72 -14.30 5.11 3.72
C ARG A 72 -12.86 4.71 3.38
N VAL A 73 -11.84 5.45 3.83
CA VAL A 73 -10.43 5.22 3.45
C VAL A 73 -9.66 4.57 4.59
N GLN A 74 -8.88 3.54 4.28
CA GLN A 74 -7.92 2.90 5.19
C GLN A 74 -6.61 2.65 4.42
N VAL A 75 -5.47 3.04 4.98
CA VAL A 75 -4.15 2.86 4.33
C VAL A 75 -3.39 1.69 4.97
N ILE A 76 -3.08 0.69 4.14
CA ILE A 76 -2.37 -0.54 4.51
C ILE A 76 -0.95 -0.50 3.89
N PHE A 77 0.05 -0.52 4.78
CA PHE A 77 1.45 -0.64 4.42
C PHE A 77 1.86 -2.11 4.56
N VAL A 78 2.19 -2.75 3.44
CA VAL A 78 2.68 -4.13 3.43
C VAL A 78 4.20 -4.10 3.34
N SER A 79 4.84 -4.70 4.33
CA SER A 79 6.28 -4.93 4.33
C SER A 79 6.66 -6.08 3.40
N VAL A 80 7.75 -5.90 2.66
CA VAL A 80 8.17 -6.79 1.54
C VAL A 80 9.29 -7.76 1.93
N ASP A 81 9.95 -7.53 3.07
CA ASP A 81 10.97 -8.42 3.63
C ASP A 81 10.38 -9.15 4.86
N PRO A 82 10.07 -10.45 4.75
CA PRO A 82 9.46 -11.23 5.83
C PRO A 82 10.49 -11.70 6.88
N GLU A 83 11.78 -11.45 6.69
CA GLU A 83 12.86 -11.84 7.60
C GLU A 83 13.27 -10.63 8.46
N ARG A 84 13.58 -9.51 7.82
CA ARG A 84 14.04 -8.28 8.48
C ARG A 84 12.91 -7.34 8.91
N ASP A 85 11.72 -7.40 8.32
CA ASP A 85 10.63 -6.45 8.62
C ASP A 85 9.45 -7.16 9.33
N PRO A 86 9.45 -7.33 10.67
CA PRO A 86 8.36 -7.97 11.40
C PRO A 86 7.15 -7.01 11.57
N PRO A 87 5.91 -7.51 11.67
CA PRO A 87 4.70 -6.70 11.61
C PRO A 87 4.64 -5.64 12.73
N GLU A 88 5.21 -5.97 13.90
CA GLU A 88 5.31 -5.04 15.02
C GLU A 88 6.22 -3.83 14.74
N VAL A 89 7.31 -3.98 13.99
CA VAL A 89 8.16 -2.86 13.57
C VAL A 89 7.51 -2.08 12.41
N ALA A 90 6.97 -2.81 11.42
CA ALA A 90 6.26 -2.26 10.27
C ALA A 90 5.08 -1.36 10.66
N ASP A 91 4.25 -1.79 11.63
CA ASP A 91 3.10 -1.00 12.07
C ASP A 91 3.50 0.33 12.69
N ARG A 92 4.58 0.36 13.46
CA ARG A 92 5.11 1.58 14.10
C ARG A 92 5.43 2.64 13.06
N TYR A 93 6.11 2.24 11.98
CA TYR A 93 6.51 3.13 10.88
C TYR A 93 5.30 3.67 10.12
N ALA A 94 4.29 2.83 9.85
CA ALA A 94 3.02 3.26 9.26
C ALA A 94 2.26 4.24 10.19
N LYS A 95 2.12 3.90 11.46
CA LYS A 95 1.41 4.68 12.50
C LYS A 95 2.03 6.06 12.75
N ALA A 96 3.36 6.17 12.63
CA ALA A 96 4.12 7.41 12.83
C ALA A 96 3.72 8.50 11.83
N PHE A 97 3.30 8.12 10.62
CA PHE A 97 2.72 9.07 9.67
C PHE A 97 1.35 9.56 10.09
N HIS A 98 0.49 8.68 10.62
CA HIS A 98 -0.85 9.03 11.07
C HIS A 98 -1.48 7.85 11.85
N PRO A 99 -2.21 8.07 12.97
CA PRO A 99 -2.65 6.99 13.86
C PRO A 99 -3.59 5.95 13.22
N SER A 100 -4.45 6.33 12.27
CA SER A 100 -5.29 5.34 11.55
C SER A 100 -4.57 4.61 10.38
N PHE A 101 -3.24 4.47 10.44
CA PHE A 101 -2.45 3.64 9.50
C PHE A 101 -2.12 2.26 10.12
N LEU A 102 -1.98 1.25 9.25
CA LEU A 102 -1.74 -0.14 9.63
C LEU A 102 -0.53 -0.72 8.87
N GLY A 103 0.41 -1.35 9.57
CA GLY A 103 1.53 -2.10 8.97
C GLY A 103 1.33 -3.61 9.07
N LEU A 104 1.68 -4.35 8.01
CA LEU A 104 1.56 -5.81 7.92
C LEU A 104 2.87 -6.46 7.46
N SER A 105 3.25 -7.58 8.07
CA SER A 105 4.29 -8.48 7.53
C SER A 105 3.98 -9.92 7.94
N GLY A 106 4.13 -10.89 7.03
CA GLY A 106 3.86 -12.31 7.30
C GLY A 106 4.92 -13.24 6.74
N SER A 107 4.54 -14.49 6.44
CA SER A 107 5.46 -15.48 5.85
C SER A 107 5.77 -15.19 4.37
N PRO A 108 6.93 -15.65 3.84
CA PRO A 108 7.34 -15.37 2.46
C PRO A 108 6.31 -15.86 1.43
N GLU A 109 5.65 -16.99 1.63
CA GLU A 109 4.55 -17.46 0.77
C GLU A 109 3.38 -16.47 0.80
N ALA A 110 2.88 -16.10 1.99
CA ALA A 110 1.78 -15.13 2.13
C ALA A 110 2.12 -13.77 1.50
N VAL A 111 3.36 -13.29 1.71
CA VAL A 111 3.90 -12.10 1.05
C VAL A 111 3.94 -12.24 -0.48
N ARG A 112 4.19 -13.45 -1.03
CA ARG A 112 4.08 -13.71 -2.48
C ARG A 112 2.62 -13.73 -2.95
N GLU A 113 1.73 -14.46 -2.28
CA GLU A 113 0.32 -14.55 -2.67
C GLU A 113 -0.31 -13.17 -2.86
N ALA A 114 -0.14 -12.27 -1.88
CA ALA A 114 -0.59 -10.88 -1.98
C ALA A 114 0.12 -10.10 -3.10
N ALA A 115 1.45 -10.21 -3.21
CA ALA A 115 2.23 -9.43 -4.16
C ALA A 115 1.89 -9.77 -5.61
N GLN A 116 1.85 -11.07 -5.92
CA GLN A 116 1.56 -11.56 -7.25
C GLN A 116 0.10 -11.31 -7.65
N THR A 117 -0.83 -11.32 -6.67
CA THR A 117 -2.26 -11.01 -6.89
C THR A 117 -2.47 -9.54 -7.27
N PHE A 118 -1.74 -8.60 -6.64
CA PHE A 118 -1.73 -7.19 -7.01
C PHE A 118 -0.97 -6.89 -8.33
N GLY A 119 0.25 -7.41 -8.45
CA GLY A 119 1.14 -7.27 -9.63
C GLY A 119 2.57 -6.81 -9.32
N VAL A 120 2.99 -6.94 -8.06
CA VAL A 120 4.30 -6.52 -7.51
C VAL A 120 5.18 -7.76 -7.28
N PHE A 121 6.50 -7.56 -7.28
CA PHE A 121 7.51 -8.62 -7.33
C PHE A 121 8.82 -8.19 -6.67
N TYR A 122 9.56 -9.17 -6.15
CA TYR A 122 10.81 -8.96 -5.41
C TYR A 122 11.90 -9.94 -5.86
N GLN A 123 13.06 -9.42 -6.28
CA GLN A 123 14.30 -10.18 -6.51
C GLN A 123 15.24 -9.94 -5.31
N LYS A 124 16.44 -10.54 -5.26
CA LYS A 124 17.53 -9.99 -4.43
C LYS A 124 18.89 -10.12 -5.14
N SER A 125 19.68 -9.05 -5.13
CA SER A 125 20.95 -8.92 -5.82
C SER A 125 22.14 -9.07 -4.84
N GLN A 126 23.35 -9.25 -5.38
CA GLN A 126 24.58 -9.61 -4.66
C GLN A 126 24.46 -10.78 -3.66
N TYR A 127 23.54 -11.72 -3.87
CA TYR A 127 23.28 -12.76 -2.89
C TYR A 127 24.48 -13.68 -2.61
N ARG A 128 24.87 -13.77 -1.33
CA ARG A 128 25.98 -14.59 -0.82
C ARG A 128 25.59 -15.14 0.58
N GLY A 129 26.15 -14.58 1.65
CA GLY A 129 25.80 -14.84 3.05
C GLY A 129 24.66 -13.92 3.55
N PRO A 130 24.69 -13.51 4.83
CA PRO A 130 23.52 -12.97 5.53
C PRO A 130 23.38 -11.44 5.51
N GLY A 131 24.35 -10.67 4.99
CA GLY A 131 24.35 -9.19 5.15
C GLY A 131 24.96 -8.36 4.03
N GLU A 132 25.61 -9.00 3.06
CA GLU A 132 26.28 -8.38 1.92
C GLU A 132 25.40 -8.27 0.65
N TYR A 133 24.10 -8.59 0.77
CA TYR A 133 23.11 -8.57 -0.32
C TYR A 133 22.07 -7.45 -0.18
N LEU A 134 21.31 -7.20 -1.25
CA LEU A 134 20.20 -6.24 -1.29
C LEU A 134 18.96 -6.86 -1.90
N VAL A 135 17.78 -6.49 -1.41
CA VAL A 135 16.48 -6.96 -1.90
C VAL A 135 15.92 -5.92 -2.88
N ASP A 136 15.56 -6.38 -4.08
CA ASP A 136 15.15 -5.53 -5.19
C ASP A 136 13.62 -5.54 -5.30
N HIS A 137 12.95 -4.47 -4.83
CA HIS A 137 11.49 -4.46 -4.58
C HIS A 137 10.69 -3.40 -5.38
N THR A 138 9.60 -3.80 -6.04
CA THR A 138 8.73 -2.88 -6.82
C THR A 138 7.86 -2.07 -5.87
N ALA A 139 8.31 -0.84 -5.54
CA ALA A 139 7.66 0.07 -4.60
C ALA A 139 6.36 0.70 -5.15
N THR A 140 5.33 -0.15 -5.26
CA THR A 140 4.07 0.10 -5.98
C THR A 140 2.93 0.42 -5.02
N THR A 141 2.01 1.30 -5.44
CA THR A 141 0.74 1.58 -4.77
C THR A 141 -0.41 1.05 -5.62
N PHE A 142 -1.45 0.51 -4.97
CA PHE A 142 -2.62 -0.08 -5.62
C PHE A 142 -3.92 0.37 -4.93
N VAL A 143 -4.91 0.78 -5.71
CA VAL A 143 -6.21 1.23 -5.17
C VAL A 143 -7.30 0.21 -5.48
N VAL A 144 -7.99 -0.23 -4.43
CA VAL A 144 -9.07 -1.24 -4.49
C VAL A 144 -10.35 -0.72 -3.84
N LYS A 145 -11.47 -1.05 -4.49
CA LYS A 145 -12.85 -0.84 -4.05
C LYS A 145 -13.68 -2.08 -4.42
N GLU A 146 -14.68 -2.48 -3.61
CA GLU A 146 -15.67 -3.55 -3.87
C GLU A 146 -15.11 -4.98 -4.07
N GLY A 147 -13.79 -5.19 -3.94
CA GLY A 147 -13.09 -6.45 -4.24
C GLY A 147 -12.33 -6.46 -5.58
N ARG A 148 -12.16 -5.30 -6.24
CA ARG A 148 -11.40 -5.17 -7.49
C ARG A 148 -10.55 -3.91 -7.58
N LEU A 149 -9.40 -4.08 -8.21
CA LEU A 149 -8.32 -3.11 -8.37
C LEU A 149 -8.75 -2.12 -9.44
N VAL A 150 -8.93 -0.85 -9.07
CA VAL A 150 -9.43 0.22 -9.95
C VAL A 150 -8.32 1.11 -10.51
N LEU A 151 -7.15 1.19 -9.85
CA LEU A 151 -6.11 2.16 -10.18
C LEU A 151 -4.74 1.79 -9.60
N LEU A 152 -3.69 2.04 -10.39
CA LEU A 152 -2.29 1.82 -10.06
C LEU A 152 -1.59 3.16 -9.84
N TYR A 153 -0.58 3.17 -8.96
CA TYR A 153 0.25 4.33 -8.67
C TYR A 153 1.74 3.96 -8.55
N SER A 154 2.56 4.51 -9.44
CA SER A 154 4.01 4.63 -9.25
C SER A 154 4.33 5.63 -8.12
N PRO A 155 5.51 5.54 -7.47
CA PRO A 155 5.86 6.43 -6.37
C PRO A 155 5.99 7.88 -6.84
N ASP A 156 6.54 8.14 -8.03
CA ASP A 156 6.66 9.48 -8.60
C ASP A 156 5.30 10.13 -8.92
N LYS A 157 4.24 9.34 -8.96
CA LYS A 157 2.85 9.81 -8.99
C LYS A 157 2.32 9.98 -7.56
N ALA A 158 2.62 9.06 -6.64
CA ALA A 158 2.02 8.97 -5.30
C ALA A 158 2.42 10.10 -4.34
N GLU A 159 3.58 10.74 -4.54
CA GLU A 159 4.04 11.89 -3.76
C GLU A 159 3.11 13.12 -3.91
N ALA A 160 2.39 13.23 -5.03
CA ALA A 160 1.52 14.36 -5.34
C ALA A 160 0.18 14.28 -4.57
N THR A 161 0.19 14.79 -3.33
CA THR A 161 -0.93 14.82 -2.37
C THR A 161 -2.26 15.24 -3.02
N ASP A 162 -2.32 16.44 -3.58
CA ASP A 162 -3.51 17.03 -4.17
C ASP A 162 -4.07 16.21 -5.34
N ARG A 163 -3.17 15.63 -6.14
CA ARG A 163 -3.50 14.66 -7.17
C ARG A 163 -4.07 13.39 -6.56
N VAL A 164 -3.44 12.78 -5.54
CA VAL A 164 -3.97 11.59 -4.85
C VAL A 164 -5.35 11.87 -4.22
N VAL A 165 -5.55 13.08 -3.68
CA VAL A 165 -6.86 13.57 -3.21
C VAL A 165 -7.90 13.56 -4.34
N ALA A 166 -7.59 14.16 -5.50
CA ALA A 166 -8.52 14.28 -6.63
C ALA A 166 -8.83 12.94 -7.28
N ASP A 167 -7.83 12.06 -7.40
CA ASP A 167 -7.96 10.68 -7.85
C ASP A 167 -8.91 9.90 -6.93
N LEU A 168 -8.72 9.99 -5.61
CA LEU A 168 -9.62 9.37 -4.63
C LEU A 168 -11.04 9.98 -4.66
N GLN A 169 -11.15 11.29 -4.83
CA GLN A 169 -12.43 11.98 -5.02
C GLN A 169 -13.17 11.50 -6.28
N ALA A 170 -12.43 11.15 -7.35
CA ALA A 170 -12.97 10.53 -8.55
C ALA A 170 -13.41 9.07 -8.32
N LEU A 171 -12.72 8.34 -7.44
CA LEU A 171 -12.95 6.91 -7.18
C LEU A 171 -14.00 6.60 -6.12
N LEU A 172 -14.37 7.57 -5.26
CA LEU A 172 -15.28 7.48 -4.11
C LEU A 172 -16.41 6.45 -4.21
N GLY A 1 -16.36 9.47 -7.82
CA GLY A 1 -17.44 9.25 -8.79
C GLY A 1 -16.98 8.28 -9.87
N ALA A 2 -16.87 8.74 -11.13
CA ALA A 2 -16.22 7.99 -12.22
C ALA A 2 -15.40 8.84 -13.22
N MET A 3 -15.23 10.15 -12.96
CA MET A 3 -14.79 11.17 -13.94
C MET A 3 -13.88 12.22 -13.29
N HIS A 4 -13.05 12.90 -14.09
CA HIS A 4 -12.04 13.94 -13.75
C HIS A 4 -10.63 13.35 -13.52
N THR A 5 -10.60 12.07 -13.13
CA THR A 5 -9.44 11.16 -12.98
C THR A 5 -8.41 11.30 -14.11
N PHE A 6 -7.14 11.30 -13.72
CA PHE A 6 -5.99 11.83 -14.45
C PHE A 6 -4.67 11.54 -13.71
N TYR A 7 -3.52 11.73 -14.38
CA TYR A 7 -2.16 11.77 -13.82
C TYR A 7 -1.59 10.42 -13.33
N GLY A 8 -2.39 9.58 -12.66
CA GLY A 8 -2.10 8.17 -12.38
C GLY A 8 -2.57 7.25 -13.51
N THR A 9 -2.42 5.93 -13.32
CA THR A 9 -2.72 4.93 -14.35
C THR A 9 -4.07 4.27 -14.08
N ARG A 10 -5.12 4.78 -14.74
CA ARG A 10 -6.48 4.24 -14.59
C ARG A 10 -6.70 2.96 -15.37
N LEU A 11 -7.04 1.91 -14.63
CA LEU A 11 -7.41 0.61 -15.19
C LEU A 11 -8.87 0.68 -15.64
N LEU A 12 -9.10 0.68 -16.95
CA LEU A 12 -10.44 0.66 -17.56
C LEU A 12 -11.12 -0.72 -17.40
N ASN A 13 -10.32 -1.77 -17.26
CA ASN A 13 -10.75 -3.16 -17.06
C ASN A 13 -10.34 -3.67 -15.66
N PRO A 14 -10.94 -3.16 -14.56
CA PRO A 14 -10.50 -3.41 -13.19
C PRO A 14 -10.84 -4.83 -12.71
N LYS A 15 -9.78 -5.50 -12.28
CA LYS A 15 -9.84 -6.80 -11.62
C LYS A 15 -10.46 -6.70 -10.21
N PRO A 16 -11.37 -7.60 -9.79
CA PRO A 16 -11.58 -7.85 -8.37
C PRO A 16 -10.27 -8.44 -7.80
N VAL A 17 -9.94 -8.10 -6.55
CA VAL A 17 -8.64 -8.40 -5.91
C VAL A 17 -8.81 -8.55 -4.40
N ASP A 18 -7.88 -9.26 -3.76
CA ASP A 18 -7.87 -9.53 -2.32
C ASP A 18 -6.47 -9.93 -1.81
N PHE A 19 -6.23 -9.78 -0.50
CA PHE A 19 -5.00 -10.16 0.18
C PHE A 19 -5.30 -10.88 1.49
N ALA A 20 -4.30 -11.53 2.08
CA ALA A 20 -4.32 -11.98 3.48
C ALA A 20 -2.91 -11.82 4.09
N LEU A 21 -2.73 -10.86 5.00
CA LEU A 21 -1.46 -10.64 5.72
C LEU A 21 -1.72 -10.56 7.23
N GLU A 22 -0.64 -10.68 8.01
CA GLU A 22 -0.62 -10.71 9.46
C GLU A 22 -0.27 -9.34 10.05
N GLY A 23 -0.87 -9.01 11.20
CA GLY A 23 -0.57 -7.80 11.98
C GLY A 23 -0.16 -8.12 13.42
N PRO A 24 0.26 -7.14 14.23
CA PRO A 24 0.63 -7.33 15.64
C PRO A 24 -0.60 -7.48 16.56
N GLN A 25 -1.66 -8.16 16.08
CA GLN A 25 -2.96 -8.29 16.76
C GLN A 25 -3.89 -9.34 16.13
N GLY A 26 -3.68 -9.72 14.86
CA GLY A 26 -4.45 -10.72 14.12
C GLY A 26 -4.48 -10.42 12.60
N PRO A 27 -4.76 -11.43 11.75
CA PRO A 27 -4.63 -11.32 10.30
C PRO A 27 -5.81 -10.57 9.66
N VAL A 28 -5.50 -9.83 8.59
CA VAL A 28 -6.44 -8.93 7.89
C VAL A 28 -6.39 -9.19 6.39
N ARG A 29 -7.56 -9.05 5.74
CA ARG A 29 -7.75 -9.16 4.30
C ARG A 29 -8.25 -7.84 3.68
N LEU A 30 -8.15 -7.70 2.37
CA LEU A 30 -8.86 -6.65 1.61
C LEU A 30 -10.38 -6.81 1.74
N SER A 31 -10.83 -8.07 1.80
CA SER A 31 -12.22 -8.51 2.00
C SER A 31 -12.92 -7.83 3.18
N GLN A 32 -12.18 -7.36 4.20
CA GLN A 32 -12.74 -6.71 5.38
C GLN A 32 -13.23 -5.28 5.09
N PHE A 33 -12.90 -4.74 3.91
CA PHE A 33 -13.07 -3.34 3.51
C PHE A 33 -13.61 -3.21 2.06
N GLN A 34 -14.31 -4.25 1.54
CA GLN A 34 -14.64 -4.33 0.11
C GLN A 34 -15.68 -3.30 -0.37
N ASP A 35 -16.61 -2.88 0.49
CA ASP A 35 -17.47 -1.69 0.30
C ASP A 35 -16.68 -0.36 0.27
N LYS A 36 -15.54 -0.36 0.96
CA LYS A 36 -14.82 0.84 1.38
C LYS A 36 -13.76 1.25 0.34
N VAL A 37 -13.00 2.31 0.65
CA VAL A 37 -11.83 2.76 -0.12
C VAL A 37 -10.58 2.25 0.59
N VAL A 38 -9.82 1.41 -0.11
CA VAL A 38 -8.55 0.83 0.35
C VAL A 38 -7.41 1.29 -0.56
N LEU A 39 -6.34 1.76 0.08
CA LEU A 39 -5.01 1.90 -0.51
C LEU A 39 -4.09 0.78 0.01
N LEU A 40 -3.43 0.07 -0.91
CA LEU A 40 -2.27 -0.76 -0.62
C LEU A 40 -1.00 0.01 -1.00
N PHE A 41 0.00 -0.04 -0.13
CA PHE A 41 1.35 0.40 -0.42
C PHE A 41 2.36 -0.68 -0.01
N PHE A 42 3.15 -1.13 -0.98
CA PHE A 42 4.17 -2.16 -0.80
C PHE A 42 5.54 -1.51 -0.62
N GLY A 43 6.10 -1.60 0.59
CA GLY A 43 7.40 -1.05 0.96
C GLY A 43 8.22 -1.91 1.91
N PHE A 44 9.45 -1.45 2.15
CA PHE A 44 10.37 -1.95 3.17
C PHE A 44 10.51 -0.89 4.26
N THR A 45 10.46 -1.25 5.56
CA THR A 45 10.75 -0.27 6.63
C THR A 45 12.21 0.23 6.62
N ARG A 46 13.14 -0.53 6.04
CA ARG A 46 14.53 -0.14 5.79
C ARG A 46 14.78 0.33 4.34
N CYS A 47 13.79 0.94 3.68
CA CYS A 47 13.96 1.75 2.46
C CYS A 47 14.95 2.93 2.65
N PRO A 48 15.21 3.73 1.58
CA PRO A 48 15.69 5.10 1.71
C PRO A 48 14.47 5.97 2.06
N ASP A 49 14.29 7.11 1.38
CA ASP A 49 13.32 8.15 1.79
C ASP A 49 11.95 7.94 1.10
N VAL A 50 12.00 7.23 -0.02
CA VAL A 50 10.91 6.98 -0.95
C VAL A 50 9.76 6.14 -0.36
N CYS A 51 10.02 5.40 0.72
CA CYS A 51 8.96 4.82 1.56
C CYS A 51 8.27 5.88 2.44
N PRO A 52 8.98 6.56 3.39
CA PRO A 52 8.36 7.49 4.31
C PRO A 52 7.71 8.70 3.63
N THR A 53 8.30 9.30 2.59
CA THR A 53 7.74 10.50 1.93
C THR A 53 6.48 10.19 1.12
N THR A 54 6.43 9.07 0.38
CA THR A 54 5.20 8.52 -0.23
C THR A 54 4.11 8.28 0.79
N LEU A 55 4.44 7.68 1.94
CA LEU A 55 3.51 7.41 3.02
C LEU A 55 3.11 8.74 3.72
N LEU A 56 3.96 9.77 3.70
CA LEU A 56 3.61 11.13 4.12
C LEU A 56 2.54 11.71 3.18
N ALA A 57 2.74 11.65 1.86
CA ALA A 57 1.77 12.16 0.89
C ALA A 57 0.42 11.42 0.96
N LEU A 58 0.45 10.08 1.07
CA LEU A 58 -0.73 9.25 1.31
C LEU A 58 -1.50 9.69 2.56
N LYS A 59 -0.85 9.86 3.73
CA LYS A 59 -1.55 10.36 4.92
C LYS A 59 -2.01 11.83 4.80
N ARG A 60 -1.29 12.68 4.05
CA ARG A 60 -1.72 14.05 3.74
C ARG A 60 -3.06 14.06 2.96
N ALA A 61 -3.30 13.09 2.07
CA ALA A 61 -4.59 12.94 1.39
C ALA A 61 -5.73 12.61 2.37
N TYR A 62 -5.50 11.75 3.37
CA TYR A 62 -6.49 11.46 4.44
C TYR A 62 -6.77 12.70 5.33
N GLU A 63 -5.78 13.56 5.55
CA GLU A 63 -5.90 14.87 6.20
C GLU A 63 -6.68 15.90 5.35
N LYS A 64 -6.96 15.61 4.07
CA LYS A 64 -7.81 16.44 3.20
C LYS A 64 -9.30 16.04 3.23
N LEU A 65 -9.68 15.03 4.00
CA LEU A 65 -11.06 14.51 4.07
C LEU A 65 -11.78 14.95 5.36
N PRO A 66 -13.11 15.22 5.33
CA PRO A 66 -13.91 15.33 6.55
C PRO A 66 -14.06 13.96 7.20
N PRO A 67 -14.42 13.88 8.49
CA PRO A 67 -14.63 12.62 9.19
C PRO A 67 -15.63 11.70 8.47
N LYS A 68 -16.64 12.24 7.79
CA LYS A 68 -17.63 11.37 7.13
C LYS A 68 -17.14 10.78 5.79
N ALA A 69 -16.13 11.37 5.16
CA ALA A 69 -15.34 10.69 4.12
C ALA A 69 -14.23 9.76 4.69
N GLN A 70 -13.52 10.18 5.74
CA GLN A 70 -12.45 9.39 6.38
C GLN A 70 -12.98 8.01 6.80
N GLU A 71 -14.20 7.94 7.36
CA GLU A 71 -14.85 6.70 7.82
C GLU A 71 -14.92 5.56 6.80
N ARG A 72 -14.84 5.88 5.50
CA ARG A 72 -14.84 4.91 4.42
C ARG A 72 -13.48 4.76 3.72
N VAL A 73 -12.41 5.36 4.25
CA VAL A 73 -11.05 5.36 3.68
C VAL A 73 -10.06 4.77 4.70
N GLN A 74 -9.23 3.83 4.25
CA GLN A 74 -8.15 3.23 5.05
C GLN A 74 -6.86 3.16 4.20
N VAL A 75 -5.71 2.97 4.85
CA VAL A 75 -4.44 2.67 4.17
C VAL A 75 -3.79 1.47 4.85
N ILE A 76 -3.37 0.50 4.03
CA ILE A 76 -2.67 -0.71 4.44
C ILE A 76 -1.26 -0.72 3.82
N PHE A 77 -0.26 -0.77 4.71
CA PHE A 77 1.14 -0.91 4.35
C PHE A 77 1.51 -2.40 4.41
N VAL A 78 2.23 -2.87 3.41
CA VAL A 78 2.65 -4.28 3.29
C VAL A 78 4.17 -4.37 3.09
N SER A 79 4.80 -5.25 3.86
CA SER A 79 6.23 -5.57 3.79
C SER A 79 6.66 -6.19 2.44
N VAL A 80 7.80 -5.76 1.90
CA VAL A 80 8.42 -6.38 0.68
C VAL A 80 9.63 -7.29 0.99
N ASP A 81 10.02 -7.42 2.27
CA ASP A 81 11.08 -8.32 2.72
C ASP A 81 10.77 -8.89 4.13
N PRO A 82 9.86 -9.89 4.24
CA PRO A 82 9.46 -10.45 5.54
C PRO A 82 10.59 -11.20 6.26
N GLU A 83 11.71 -11.46 5.57
CA GLU A 83 12.99 -11.92 6.13
C GLU A 83 13.65 -10.90 7.09
N ARG A 84 13.11 -9.66 7.13
CA ARG A 84 13.67 -8.53 7.86
C ARG A 84 12.65 -7.47 8.29
N ASP A 85 11.42 -7.48 7.76
CA ASP A 85 10.35 -6.51 8.03
C ASP A 85 9.15 -7.15 8.77
N PRO A 86 9.27 -7.46 10.08
CA PRO A 86 8.26 -8.20 10.83
C PRO A 86 7.04 -7.32 11.17
N PRO A 87 5.84 -7.91 11.42
CA PRO A 87 4.57 -7.19 11.42
C PRO A 87 4.45 -6.12 12.50
N GLU A 88 5.15 -6.25 13.63
CA GLU A 88 5.21 -5.20 14.66
C GLU A 88 6.00 -3.96 14.18
N VAL A 89 7.10 -4.18 13.45
CA VAL A 89 7.94 -3.11 12.88
C VAL A 89 7.25 -2.43 11.69
N ALA A 90 6.59 -3.20 10.83
CA ALA A 90 5.80 -2.68 9.71
C ALA A 90 4.59 -1.85 10.20
N ASP A 91 3.86 -2.29 11.23
CA ASP A 91 2.71 -1.56 11.81
C ASP A 91 3.12 -0.33 12.63
N ARG A 92 4.15 -0.43 13.49
CA ARG A 92 4.67 0.70 14.26
C ARG A 92 5.28 1.79 13.37
N TYR A 93 5.60 1.46 12.11
CA TYR A 93 5.88 2.43 11.05
C TYR A 93 4.59 3.13 10.56
N ALA A 94 3.59 2.36 10.13
CA ALA A 94 2.32 2.89 9.59
C ALA A 94 1.60 3.85 10.57
N LYS A 95 1.45 3.46 11.84
CA LYS A 95 0.84 4.32 12.87
C LYS A 95 1.60 5.63 13.11
N ALA A 96 2.92 5.65 12.91
CA ALA A 96 3.75 6.82 13.21
C ALA A 96 3.47 8.00 12.26
N PHE A 97 2.95 7.70 11.07
CA PHE A 97 2.43 8.69 10.14
C PHE A 97 1.05 9.17 10.54
N HIS A 98 0.14 8.26 10.89
CA HIS A 98 -1.18 8.62 11.37
C HIS A 98 -1.82 7.40 12.08
N PRO A 99 -2.43 7.54 13.27
CA PRO A 99 -2.84 6.40 14.09
C PRO A 99 -3.95 5.53 13.46
N SER A 100 -4.68 6.04 12.47
CA SER A 100 -5.70 5.29 11.75
C SER A 100 -5.15 4.35 10.64
N PHE A 101 -3.83 4.12 10.60
CA PHE A 101 -3.15 3.29 9.59
C PHE A 101 -2.88 1.87 10.11
N LEU A 102 -2.66 0.93 9.18
CA LEU A 102 -2.35 -0.48 9.48
C LEU A 102 -1.14 -0.93 8.64
N GLY A 103 -0.18 -1.61 9.27
CA GLY A 103 0.97 -2.24 8.62
C GLY A 103 0.97 -3.75 8.83
N LEU A 104 1.28 -4.50 7.77
CA LEU A 104 1.14 -5.96 7.73
C LEU A 104 2.37 -6.64 7.10
N SER A 105 2.67 -7.82 7.61
CA SER A 105 3.76 -8.70 7.18
C SER A 105 3.27 -10.16 7.27
N GLY A 106 4.17 -11.15 7.15
CA GLY A 106 3.86 -12.51 7.58
C GLY A 106 4.80 -13.55 7.03
N SER A 107 4.28 -14.76 6.84
CA SER A 107 5.03 -15.84 6.21
C SER A 107 5.22 -15.57 4.71
N PRO A 108 6.31 -16.05 4.08
CA PRO A 108 6.66 -15.68 2.72
C PRO A 108 5.60 -16.11 1.69
N GLU A 109 4.85 -17.18 1.95
CA GLU A 109 3.70 -17.63 1.16
C GLU A 109 2.55 -16.62 1.25
N ALA A 110 2.13 -16.23 2.47
CA ALA A 110 1.08 -15.23 2.67
C ALA A 110 1.44 -13.88 2.03
N VAL A 111 2.69 -13.45 2.21
CA VAL A 111 3.21 -12.25 1.52
C VAL A 111 3.21 -12.42 -0.02
N ARG A 112 3.47 -13.63 -0.54
CA ARG A 112 3.45 -13.89 -1.98
C ARG A 112 2.03 -13.87 -2.57
N GLU A 113 1.04 -14.45 -1.88
CA GLU A 113 -0.37 -14.42 -2.30
C GLU A 113 -0.83 -12.98 -2.60
N ALA A 114 -0.61 -12.08 -1.65
CA ALA A 114 -0.92 -10.65 -1.80
C ALA A 114 -0.15 -10.00 -2.96
N ALA A 115 1.15 -10.25 -3.05
CA ALA A 115 2.00 -9.67 -4.10
C ALA A 115 1.57 -10.10 -5.52
N GLN A 116 1.27 -11.39 -5.72
CA GLN A 116 0.89 -11.94 -7.03
C GLN A 116 -0.45 -11.35 -7.53
N THR A 117 -1.35 -10.95 -6.64
CA THR A 117 -2.64 -10.33 -6.99
C THR A 117 -2.44 -8.97 -7.64
N PHE A 118 -1.65 -8.10 -7.02
CA PHE A 118 -1.33 -6.77 -7.51
C PHE A 118 -0.30 -6.75 -8.67
N GLY A 119 0.49 -7.83 -8.85
CA GLY A 119 1.60 -7.90 -9.80
C GLY A 119 2.95 -7.48 -9.21
N VAL A 120 3.04 -7.41 -7.87
CA VAL A 120 4.25 -7.02 -7.12
C VAL A 120 5.27 -8.16 -7.15
N PHE A 121 6.55 -7.79 -7.23
CA PHE A 121 7.66 -8.71 -7.05
C PHE A 121 8.78 -8.10 -6.19
N TYR A 122 9.34 -8.97 -5.36
CA TYR A 122 10.67 -8.83 -4.77
C TYR A 122 11.66 -9.81 -5.43
N GLN A 123 12.94 -9.43 -5.48
CA GLN A 123 14.08 -10.31 -5.73
C GLN A 123 15.17 -9.93 -4.74
N LYS A 124 16.31 -10.62 -4.75
CA LYS A 124 17.49 -10.22 -3.95
C LYS A 124 18.81 -10.52 -4.65
N SER A 125 19.85 -9.74 -4.34
CA SER A 125 21.07 -9.60 -5.14
C SER A 125 22.33 -9.51 -4.26
N GLN A 126 23.52 -9.77 -4.83
CA GLN A 126 24.79 -9.88 -4.09
C GLN A 126 24.75 -10.95 -2.97
N TYR A 127 23.88 -11.95 -3.09
CA TYR A 127 23.57 -13.00 -2.08
C TYR A 127 24.72 -13.96 -1.69
N ARG A 128 25.96 -13.56 -2.00
CA ARG A 128 27.21 -14.27 -1.70
C ARG A 128 28.35 -13.25 -1.49
N GLY A 129 28.02 -12.16 -0.79
CA GLY A 129 28.94 -11.13 -0.29
C GLY A 129 29.71 -11.58 0.96
N PRO A 130 30.21 -10.64 1.79
CA PRO A 130 30.99 -10.96 3.00
C PRO A 130 30.07 -11.42 4.14
N GLY A 131 29.14 -10.56 4.56
CA GLY A 131 28.05 -10.87 5.51
C GLY A 131 26.78 -10.06 5.21
N GLU A 132 26.61 -9.71 3.93
CA GLU A 132 25.72 -8.66 3.42
C GLU A 132 25.19 -9.05 2.03
N TYR A 133 24.04 -8.48 1.68
CA TYR A 133 23.31 -8.67 0.41
C TYR A 133 22.27 -7.54 0.20
N LEU A 134 21.70 -7.44 -1.00
CA LEU A 134 20.68 -6.47 -1.40
C LEU A 134 19.32 -7.16 -1.59
N VAL A 135 18.26 -6.37 -1.58
CA VAL A 135 16.87 -6.80 -1.79
C VAL A 135 16.14 -5.77 -2.65
N ASP A 136 15.52 -6.26 -3.72
CA ASP A 136 15.11 -5.49 -4.89
C ASP A 136 13.59 -5.55 -5.02
N HIS A 137 12.89 -4.42 -4.86
CA HIS A 137 11.47 -4.44 -4.49
C HIS A 137 10.59 -3.40 -5.20
N THR A 138 9.43 -3.87 -5.67
CA THR A 138 8.44 -3.11 -6.46
C THR A 138 7.65 -2.16 -5.57
N ALA A 139 8.22 -0.98 -5.32
CA ALA A 139 7.59 0.13 -4.60
C ALA A 139 6.41 0.71 -5.40
N THR A 140 5.20 0.17 -5.21
CA THR A 140 3.99 0.53 -5.97
C THR A 140 2.76 0.59 -5.06
N THR A 141 1.82 1.47 -5.43
CA THR A 141 0.56 1.72 -4.75
C THR A 141 -0.59 1.24 -5.63
N PHE A 142 -1.62 0.67 -5.01
CA PHE A 142 -2.78 0.08 -5.68
C PHE A 142 -4.08 0.59 -5.06
N VAL A 143 -4.96 1.17 -5.88
CA VAL A 143 -6.23 1.77 -5.44
C VAL A 143 -7.37 0.78 -5.66
N VAL A 144 -8.00 0.43 -4.55
CA VAL A 144 -9.07 -0.57 -4.49
C VAL A 144 -10.33 0.00 -3.84
N LYS A 145 -11.45 -0.17 -4.53
CA LYS A 145 -12.80 0.20 -4.12
C LYS A 145 -13.77 -0.87 -4.67
N GLU A 146 -14.86 -1.23 -3.99
CA GLU A 146 -15.82 -2.24 -4.50
C GLU A 146 -15.14 -3.63 -4.64
N GLY A 147 -14.06 -3.88 -3.88
CA GLY A 147 -13.23 -5.09 -3.96
C GLY A 147 -12.29 -5.16 -5.18
N ARG A 148 -12.22 -4.13 -6.03
CA ARG A 148 -11.50 -4.17 -7.33
C ARG A 148 -10.47 -3.05 -7.55
N LEU A 149 -9.37 -3.42 -8.20
CA LEU A 149 -8.21 -2.59 -8.48
C LEU A 149 -8.52 -1.67 -9.67
N VAL A 150 -8.72 -0.38 -9.39
CA VAL A 150 -9.10 0.64 -10.38
C VAL A 150 -7.93 1.54 -10.83
N LEU A 151 -6.85 1.64 -10.03
CA LEU A 151 -5.79 2.62 -10.29
C LEU A 151 -4.44 2.24 -9.66
N LEU A 152 -3.35 2.58 -10.35
CA LEU A 152 -1.95 2.38 -9.93
C LEU A 152 -1.25 3.73 -9.76
N TYR A 153 -0.47 3.87 -8.67
CA TYR A 153 0.46 4.99 -8.46
C TYR A 153 1.89 4.47 -8.20
N SER A 154 2.88 4.98 -8.96
CA SER A 154 4.27 5.06 -8.50
C SER A 154 4.39 5.87 -7.18
N PRO A 155 5.54 5.82 -6.48
CA PRO A 155 5.92 6.89 -5.55
C PRO A 155 5.94 8.25 -6.26
N ASP A 156 6.51 8.34 -7.47
CA ASP A 156 6.54 9.58 -8.27
C ASP A 156 5.16 10.09 -8.74
N LYS A 157 4.10 9.33 -8.47
CA LYS A 157 2.70 9.77 -8.55
C LYS A 157 2.14 10.06 -7.14
N ALA A 158 2.32 9.14 -6.19
CA ALA A 158 1.80 9.24 -4.82
C ALA A 158 2.24 10.53 -4.11
N GLU A 159 3.50 10.93 -4.29
CA GLU A 159 4.10 12.09 -3.63
C GLU A 159 3.46 13.43 -4.08
N ALA A 160 2.70 13.44 -5.19
CA ALA A 160 1.82 14.56 -5.56
C ALA A 160 0.46 14.47 -4.85
N THR A 161 0.47 14.72 -3.53
CA THR A 161 -0.68 14.69 -2.59
C THR A 161 -1.98 15.16 -3.25
N ASP A 162 -2.01 16.41 -3.72
CA ASP A 162 -3.26 17.06 -4.15
C ASP A 162 -3.83 16.44 -5.43
N ARG A 163 -2.98 15.96 -6.34
CA ARG A 163 -3.37 15.13 -7.48
C ARG A 163 -3.95 13.80 -7.01
N VAL A 164 -3.34 13.14 -6.01
CA VAL A 164 -3.89 11.92 -5.41
C VAL A 164 -5.25 12.19 -4.74
N VAL A 165 -5.41 13.30 -4.02
CA VAL A 165 -6.72 13.70 -3.44
C VAL A 165 -7.81 13.81 -4.53
N ALA A 166 -7.51 14.51 -5.63
CA ALA A 166 -8.46 14.76 -6.73
C ALA A 166 -8.77 13.50 -7.57
N ASP A 167 -7.77 12.65 -7.84
CA ASP A 167 -7.98 11.41 -8.60
C ASP A 167 -8.72 10.34 -7.76
N LEU A 168 -8.45 10.27 -6.45
CA LEU A 168 -9.28 9.52 -5.52
C LEU A 168 -10.71 10.07 -5.47
N GLN A 169 -10.91 11.40 -5.50
CA GLN A 169 -12.26 11.99 -5.57
C GLN A 169 -13.00 11.61 -6.86
N ALA A 170 -12.28 11.57 -7.98
CA ALA A 170 -12.82 11.11 -9.25
C ALA A 170 -13.32 9.67 -9.19
N LEU A 171 -12.74 8.81 -8.35
CA LEU A 171 -13.13 7.41 -8.12
C LEU A 171 -14.13 7.20 -6.97
N LEU A 172 -14.25 8.15 -6.03
CA LEU A 172 -14.96 7.93 -4.75
C LEU A 172 -16.45 7.54 -4.86
N GLY A 1 -13.34 25.78 -7.12
CA GLY A 1 -13.28 24.32 -6.90
C GLY A 1 -12.29 23.69 -7.86
N ALA A 2 -12.29 22.37 -7.99
CA ALA A 2 -11.46 21.62 -8.94
C ALA A 2 -12.21 20.38 -9.42
N MET A 3 -11.74 19.74 -10.49
CA MET A 3 -12.45 18.68 -11.20
C MET A 3 -11.86 17.29 -10.93
N HIS A 4 -12.71 16.30 -10.76
CA HIS A 4 -12.33 14.89 -10.53
C HIS A 4 -12.00 14.18 -11.85
N THR A 5 -11.04 14.72 -12.60
CA THR A 5 -10.63 14.24 -13.94
C THR A 5 -9.80 12.97 -13.92
N PHE A 6 -9.55 12.45 -12.72
CA PHE A 6 -8.62 11.40 -12.38
C PHE A 6 -7.15 11.81 -12.69
N TYR A 7 -6.22 10.91 -12.39
CA TYR A 7 -4.80 11.02 -12.77
C TYR A 7 -4.02 9.68 -12.72
N GLY A 8 -4.53 8.65 -12.03
CA GLY A 8 -3.88 7.33 -11.96
C GLY A 8 -4.23 6.47 -13.18
N THR A 9 -3.60 5.30 -13.24
CA THR A 9 -3.75 4.37 -14.37
C THR A 9 -4.99 3.52 -14.13
N ARG A 10 -6.10 4.02 -14.66
CA ARG A 10 -7.43 3.44 -14.44
C ARG A 10 -7.62 2.14 -15.22
N LEU A 11 -8.10 1.11 -14.52
CA LEU A 11 -8.24 -0.24 -15.04
C LEU A 11 -9.67 -0.47 -15.53
N LEU A 12 -9.83 -0.62 -16.85
CA LEU A 12 -11.12 -0.87 -17.52
C LEU A 12 -11.56 -2.34 -17.42
N ASN A 13 -10.64 -3.25 -17.09
CA ASN A 13 -10.91 -4.61 -16.64
C ASN A 13 -10.54 -4.73 -15.15
N PRO A 14 -11.40 -4.27 -14.21
CA PRO A 14 -11.06 -4.21 -12.80
C PRO A 14 -11.12 -5.58 -12.17
N LYS A 15 -9.92 -6.16 -12.01
CA LYS A 15 -9.75 -7.58 -11.67
C LYS A 15 -10.04 -7.84 -10.18
N PRO A 16 -10.82 -8.87 -9.83
CA PRO A 16 -11.04 -9.25 -8.43
C PRO A 16 -9.72 -9.75 -7.83
N VAL A 17 -9.47 -9.42 -6.56
CA VAL A 17 -8.19 -9.63 -5.86
C VAL A 17 -8.44 -9.87 -4.37
N ASP A 18 -7.66 -10.79 -3.79
CA ASP A 18 -7.50 -10.99 -2.33
C ASP A 18 -6.14 -11.63 -2.07
N PHE A 19 -5.60 -11.44 -0.86
CA PHE A 19 -4.29 -11.92 -0.45
C PHE A 19 -4.31 -12.31 1.03
N ALA A 20 -3.27 -13.01 1.49
CA ALA A 20 -3.00 -13.24 2.92
C ALA A 20 -1.59 -12.76 3.27
N LEU A 21 -1.47 -12.03 4.39
CA LEU A 21 -0.23 -11.61 5.06
C LEU A 21 -0.42 -11.66 6.59
N GLU A 22 0.66 -11.46 7.34
CA GLU A 22 0.61 -11.41 8.80
C GLU A 22 0.73 -9.99 9.38
N GLY A 23 0.21 -9.83 10.59
CA GLY A 23 0.08 -8.57 11.31
C GLY A 23 0.35 -8.71 12.81
N PRO A 24 0.44 -7.59 13.56
CA PRO A 24 0.71 -7.60 15.00
C PRO A 24 -0.50 -8.07 15.84
N GLN A 25 -1.72 -8.03 15.27
CA GLN A 25 -2.94 -8.52 15.92
C GLN A 25 -3.45 -9.84 15.29
N GLY A 26 -2.60 -10.57 14.55
CA GLY A 26 -2.96 -11.82 13.86
C GLY A 26 -2.85 -11.73 12.32
N PRO A 27 -3.17 -12.82 11.61
CA PRO A 27 -3.11 -12.90 10.16
C PRO A 27 -4.26 -12.12 9.51
N VAL A 28 -4.00 -11.52 8.34
CA VAL A 28 -4.83 -10.51 7.67
C VAL A 28 -5.09 -10.90 6.22
N ARG A 29 -6.29 -10.61 5.70
CA ARG A 29 -6.57 -10.66 4.26
C ARG A 29 -7.20 -9.33 3.80
N LEU A 30 -7.37 -9.13 2.49
CA LEU A 30 -8.17 -8.04 1.92
C LEU A 30 -9.67 -8.35 2.01
N SER A 31 -10.05 -9.63 1.96
CA SER A 31 -11.39 -10.21 2.20
C SER A 31 -11.95 -10.01 3.63
N GLN A 32 -11.52 -8.95 4.34
CA GLN A 32 -12.08 -8.51 5.61
C GLN A 32 -12.45 -7.02 5.64
N PHE A 33 -12.33 -6.31 4.50
CA PHE A 33 -12.60 -4.87 4.36
C PHE A 33 -12.67 -4.39 2.89
N GLN A 34 -13.12 -5.24 1.96
CA GLN A 34 -12.98 -5.04 0.51
C GLN A 34 -13.97 -4.02 -0.09
N ASP A 35 -15.11 -3.83 0.56
CA ASP A 35 -16.17 -2.86 0.30
C ASP A 35 -15.67 -1.40 0.32
N LYS A 36 -14.66 -1.15 1.16
CA LYS A 36 -14.12 0.18 1.47
C LYS A 36 -13.17 0.69 0.36
N VAL A 37 -12.38 1.73 0.61
CA VAL A 37 -11.45 2.30 -0.37
C VAL A 37 -10.05 2.04 0.18
N VAL A 38 -9.44 0.99 -0.35
CA VAL A 38 -8.18 0.43 0.18
C VAL A 38 -7.05 0.78 -0.77
N LEU A 39 -6.03 1.47 -0.23
CA LEU A 39 -4.77 1.74 -0.90
C LEU A 39 -3.72 0.78 -0.33
N LEU A 40 -3.20 -0.10 -1.17
CA LEU A 40 -2.26 -1.16 -0.82
C LEU A 40 -0.88 -0.85 -1.43
N PHE A 41 0.15 -0.68 -0.59
CA PHE A 41 1.48 -0.21 -1.00
C PHE A 41 2.55 -1.22 -0.63
N PHE A 42 3.47 -1.50 -1.57
CA PHE A 42 4.62 -2.38 -1.31
C PHE A 42 5.87 -1.54 -1.03
N GLY A 43 6.31 -1.58 0.24
CA GLY A 43 7.40 -0.79 0.81
C GLY A 43 8.22 -1.60 1.81
N PHE A 44 9.19 -0.93 2.42
CA PHE A 44 9.93 -1.44 3.58
C PHE A 44 10.44 -0.28 4.44
N THR A 45 10.49 -0.47 5.76
CA THR A 45 10.90 0.61 6.69
C THR A 45 12.30 1.12 6.40
N ARG A 46 13.19 0.24 5.91
CA ARG A 46 14.53 0.57 5.40
C ARG A 46 14.58 0.78 3.87
N CYS A 47 13.53 1.34 3.25
CA CYS A 47 13.53 1.81 1.86
C CYS A 47 14.73 2.75 1.51
N PRO A 48 14.97 3.03 0.22
CA PRO A 48 15.97 4.02 -0.20
C PRO A 48 15.56 5.42 0.29
N ASP A 49 14.40 5.92 -0.14
CA ASP A 49 13.69 7.04 0.50
C ASP A 49 12.23 6.61 0.65
N VAL A 50 11.55 6.48 -0.50
CA VAL A 50 10.12 6.49 -0.83
C VAL A 50 9.02 6.17 0.22
N CYS A 51 9.28 5.47 1.33
CA CYS A 51 8.24 5.21 2.35
C CYS A 51 7.77 6.51 3.05
N PRO A 52 8.63 7.30 3.73
CA PRO A 52 8.27 8.58 4.32
C PRO A 52 7.58 9.53 3.34
N THR A 53 8.18 9.83 2.18
CA THR A 53 7.62 10.74 1.16
C THR A 53 6.24 10.29 0.69
N THR A 54 6.08 9.03 0.29
CA THR A 54 4.78 8.48 -0.14
C THR A 54 3.76 8.48 0.99
N LEU A 55 4.10 8.03 2.21
CA LEU A 55 3.15 8.02 3.32
C LEU A 55 2.79 9.43 3.80
N LEU A 56 3.65 10.44 3.59
CA LEU A 56 3.32 11.85 3.76
C LEU A 56 2.24 12.25 2.76
N ALA A 57 2.43 11.97 1.46
CA ALA A 57 1.45 12.30 0.43
C ALA A 57 0.11 11.54 0.58
N LEU A 58 0.15 10.24 0.90
CA LEU A 58 -1.03 9.43 1.22
C LEU A 58 -1.80 10.02 2.41
N LYS A 59 -1.13 10.35 3.53
CA LYS A 59 -1.84 10.97 4.66
C LYS A 59 -2.32 12.40 4.35
N ARG A 60 -1.58 13.15 3.51
CA ARG A 60 -2.01 14.45 2.99
C ARG A 60 -3.27 14.39 2.14
N ALA A 61 -3.50 13.30 1.39
CA ALA A 61 -4.76 13.05 0.68
C ALA A 61 -5.91 12.73 1.65
N TYR A 62 -5.65 11.93 2.70
CA TYR A 62 -6.60 11.64 3.80
C TYR A 62 -7.02 12.89 4.59
N GLU A 63 -6.11 13.85 4.78
CA GLU A 63 -6.38 15.19 5.33
C GLU A 63 -7.18 16.11 4.36
N LYS A 64 -7.29 15.75 3.08
CA LYS A 64 -7.92 16.55 2.03
C LYS A 64 -9.27 16.05 1.50
N LEU A 65 -9.69 14.82 1.83
CA LEU A 65 -11.06 14.28 1.62
C LEU A 65 -12.02 14.86 2.68
N PRO A 66 -13.36 14.74 2.56
CA PRO A 66 -14.27 15.20 3.61
C PRO A 66 -14.16 14.26 4.81
N PRO A 67 -14.42 14.74 6.04
CA PRO A 67 -14.28 13.94 7.25
C PRO A 67 -15.15 12.67 7.23
N LYS A 68 -16.18 12.58 6.38
CA LYS A 68 -17.02 11.38 6.29
C LYS A 68 -16.47 10.28 5.38
N ALA A 69 -15.55 10.59 4.45
CA ALA A 69 -14.79 9.62 3.66
C ALA A 69 -13.64 8.92 4.42
N GLN A 70 -13.21 9.46 5.56
CA GLN A 70 -12.18 8.87 6.43
C GLN A 70 -12.42 7.37 6.68
N GLU A 71 -13.65 7.00 7.05
CA GLU A 71 -14.07 5.59 7.25
C GLU A 71 -13.82 4.69 6.03
N ARG A 72 -13.93 5.25 4.84
CA ARG A 72 -13.82 4.54 3.57
C ARG A 72 -12.36 4.41 3.16
N VAL A 73 -11.60 5.50 3.22
CA VAL A 73 -10.25 5.62 2.69
C VAL A 73 -9.22 5.20 3.73
N GLN A 74 -8.57 4.06 3.54
CA GLN A 74 -7.68 3.44 4.52
C GLN A 74 -6.42 2.86 3.85
N VAL A 75 -5.25 3.11 4.46
CA VAL A 75 -3.95 2.73 3.87
C VAL A 75 -3.41 1.46 4.54
N ILE A 76 -2.97 0.50 3.72
CA ILE A 76 -2.28 -0.71 4.14
C ILE A 76 -0.85 -0.72 3.55
N PHE A 77 0.14 -0.74 4.43
CA PHE A 77 1.56 -0.80 4.11
C PHE A 77 2.02 -2.26 4.17
N VAL A 78 2.62 -2.76 3.09
CA VAL A 78 3.07 -4.16 2.97
C VAL A 78 4.58 -4.19 2.86
N SER A 79 5.21 -4.73 3.90
CA SER A 79 6.66 -4.99 3.98
C SER A 79 7.10 -6.03 2.92
N VAL A 80 8.32 -5.94 2.39
CA VAL A 80 8.81 -6.83 1.28
C VAL A 80 10.01 -7.69 1.69
N ASP A 81 10.38 -7.62 2.96
CA ASP A 81 11.66 -8.00 3.54
C ASP A 81 11.45 -8.53 4.97
N PRO A 82 10.68 -9.62 5.13
CA PRO A 82 10.23 -10.10 6.43
C PRO A 82 11.35 -10.65 7.31
N GLU A 83 12.55 -10.87 6.76
CA GLU A 83 13.74 -11.23 7.53
C GLU A 83 14.35 -10.02 8.27
N ARG A 84 13.72 -8.83 8.17
CA ARG A 84 14.19 -7.60 8.82
C ARG A 84 13.10 -6.56 9.14
N ASP A 85 11.98 -6.52 8.43
CA ASP A 85 10.88 -5.59 8.72
C ASP A 85 9.70 -6.33 9.37
N PRO A 86 9.67 -6.58 10.70
CA PRO A 86 8.62 -7.36 11.34
C PRO A 86 7.34 -6.50 11.53
N PRO A 87 6.14 -7.13 11.58
CA PRO A 87 4.87 -6.42 11.50
C PRO A 87 4.71 -5.38 12.61
N GLU A 88 5.18 -5.70 13.82
CA GLU A 88 5.08 -4.86 15.01
C GLU A 88 5.99 -3.61 14.94
N VAL A 89 7.12 -3.66 14.23
CA VAL A 89 7.94 -2.48 13.85
C VAL A 89 7.29 -1.68 12.72
N ALA A 90 6.90 -2.37 11.64
CA ALA A 90 6.31 -1.76 10.44
C ALA A 90 5.05 -0.95 10.78
N ASP A 91 4.20 -1.42 11.69
CA ASP A 91 2.97 -0.71 12.09
C ASP A 91 3.24 0.66 12.72
N ARG A 92 4.22 0.77 13.63
CA ARG A 92 4.59 2.07 14.23
C ARG A 92 4.95 3.12 13.19
N TYR A 93 5.72 2.69 12.20
CA TYR A 93 6.15 3.50 11.07
C TYR A 93 4.97 3.98 10.20
N ALA A 94 3.98 3.12 9.97
CA ALA A 94 2.74 3.48 9.26
C ALA A 94 1.88 4.45 10.10
N LYS A 95 1.69 4.17 11.39
CA LYS A 95 0.98 5.00 12.37
C LYS A 95 1.61 6.39 12.56
N ALA A 96 2.93 6.54 12.32
CA ALA A 96 3.67 7.78 12.53
C ALA A 96 3.23 8.90 11.55
N PHE A 97 2.69 8.49 10.40
CA PHE A 97 2.04 9.42 9.48
C PHE A 97 0.63 9.78 9.90
N HIS A 98 -0.17 8.79 10.30
CA HIS A 98 -1.55 8.97 10.76
C HIS A 98 -2.08 7.66 11.39
N PRO A 99 -2.92 7.68 12.46
CA PRO A 99 -3.35 6.47 13.15
C PRO A 99 -4.23 5.51 12.32
N SER A 100 -4.92 6.01 11.29
CA SER A 100 -5.76 5.23 10.35
C SER A 100 -4.98 4.29 9.40
N PHE A 101 -3.66 4.18 9.59
CA PHE A 101 -2.74 3.37 8.78
C PHE A 101 -2.40 2.04 9.50
N LEU A 102 -2.22 0.97 8.73
CA LEU A 102 -1.78 -0.35 9.20
C LEU A 102 -0.46 -0.72 8.54
N GLY A 103 0.54 -1.20 9.30
CA GLY A 103 1.78 -1.79 8.77
C GLY A 103 1.84 -3.29 9.05
N LEU A 104 2.17 -4.09 8.03
CA LEU A 104 2.01 -5.54 8.08
C LEU A 104 3.19 -6.25 7.39
N SER A 105 3.65 -7.35 7.98
CA SER A 105 4.74 -8.19 7.49
C SER A 105 4.51 -9.64 7.93
N GLY A 106 4.85 -10.61 7.09
CA GLY A 106 4.58 -12.02 7.37
C GLY A 106 5.56 -12.98 6.72
N SER A 107 5.19 -14.24 6.69
CA SER A 107 5.95 -15.30 6.03
C SER A 107 6.26 -14.95 4.55
N PRO A 108 7.48 -15.24 4.05
CA PRO A 108 7.87 -14.93 2.68
C PRO A 108 6.97 -15.65 1.67
N GLU A 109 6.46 -16.84 2.03
CA GLU A 109 5.38 -17.55 1.36
C GLU A 109 4.15 -16.63 1.13
N ALA A 110 3.60 -16.04 2.19
CA ALA A 110 2.50 -15.09 2.10
C ALA A 110 2.86 -13.85 1.27
N VAL A 111 4.09 -13.33 1.43
CA VAL A 111 4.59 -12.17 0.63
C VAL A 111 4.61 -12.47 -0.88
N ARG A 112 4.85 -13.72 -1.32
CA ARG A 112 4.68 -14.10 -2.74
C ARG A 112 3.24 -13.90 -3.21
N GLU A 113 2.26 -14.45 -2.49
CA GLU A 113 0.88 -14.52 -2.96
C GLU A 113 0.26 -13.13 -3.14
N ALA A 114 0.52 -12.23 -2.18
CA ALA A 114 0.13 -10.83 -2.27
C ALA A 114 0.77 -10.14 -3.48
N ALA A 115 2.08 -10.30 -3.67
CA ALA A 115 2.79 -9.67 -4.77
C ALA A 115 2.26 -10.13 -6.14
N GLN A 116 2.06 -11.44 -6.34
CA GLN A 116 1.53 -12.00 -7.59
C GLN A 116 0.09 -11.54 -7.87
N THR A 117 -0.71 -11.33 -6.81
CA THR A 117 -2.10 -10.84 -6.90
C THR A 117 -2.15 -9.44 -7.48
N PHE A 118 -1.35 -8.52 -6.95
CA PHE A 118 -1.21 -7.14 -7.44
C PHE A 118 -0.35 -6.98 -8.72
N GLY A 119 0.50 -7.94 -9.08
CA GLY A 119 1.44 -7.84 -10.21
C GLY A 119 2.83 -7.28 -9.84
N VAL A 120 3.21 -7.41 -8.57
CA VAL A 120 4.48 -6.96 -8.00
C VAL A 120 5.57 -8.03 -8.16
N PHE A 121 6.78 -7.54 -8.43
CA PHE A 121 8.01 -8.29 -8.63
C PHE A 121 9.12 -7.67 -7.75
N TYR A 122 9.79 -8.51 -6.97
CA TYR A 122 10.82 -8.09 -6.02
C TYR A 122 11.99 -9.09 -6.01
N GLN A 123 13.23 -8.63 -5.89
CA GLN A 123 14.41 -9.50 -5.99
C GLN A 123 15.47 -9.10 -4.98
N LYS A 124 15.99 -10.08 -4.23
CA LYS A 124 17.16 -9.89 -3.37
C LYS A 124 18.44 -10.38 -4.07
N SER A 125 19.56 -9.69 -3.85
CA SER A 125 20.85 -9.93 -4.52
C SER A 125 22.04 -9.77 -3.55
N GLN A 126 23.17 -10.40 -3.87
CA GLN A 126 24.44 -10.34 -3.12
C GLN A 126 24.41 -11.06 -1.76
N TYR A 127 23.41 -11.92 -1.51
CA TYR A 127 23.34 -12.81 -0.36
C TYR A 127 24.63 -13.64 -0.19
N ARG A 128 25.30 -13.46 0.94
CA ARG A 128 26.69 -13.88 1.15
C ARG A 128 26.85 -15.24 1.89
N GLY A 129 25.76 -15.81 2.42
CA GLY A 129 25.81 -16.93 3.38
C GLY A 129 25.08 -16.58 4.68
N PRO A 130 25.57 -15.61 5.48
CA PRO A 130 24.80 -15.01 6.56
C PRO A 130 23.64 -14.17 6.00
N GLY A 131 22.71 -13.79 6.88
CA GLY A 131 21.44 -13.13 6.53
C GLY A 131 21.57 -11.63 6.27
N GLU A 132 22.44 -11.25 5.33
CA GLU A 132 22.60 -9.89 4.84
C GLU A 132 22.67 -9.88 3.30
N TYR A 133 22.10 -8.84 2.68
CA TYR A 133 21.85 -8.70 1.23
C TYR A 133 21.20 -7.35 0.84
N LEU A 134 21.13 -7.07 -0.47
CA LEU A 134 20.33 -5.97 -1.04
C LEU A 134 18.99 -6.55 -1.52
N VAL A 135 17.91 -5.77 -1.47
CA VAL A 135 16.58 -6.15 -2.00
C VAL A 135 15.89 -4.95 -2.65
N ASP A 136 15.20 -5.22 -3.76
CA ASP A 136 14.51 -4.21 -4.59
C ASP A 136 13.07 -4.66 -4.95
N HIS A 137 12.18 -3.70 -5.20
CA HIS A 137 10.72 -3.86 -5.28
C HIS A 137 10.02 -2.98 -6.34
N THR A 138 8.76 -3.31 -6.70
CA THR A 138 7.91 -2.53 -7.65
C THR A 138 7.45 -1.16 -7.12
N ALA A 139 7.62 -0.85 -5.83
CA ALA A 139 7.39 0.48 -5.22
C ALA A 139 5.99 1.13 -5.43
N THR A 140 5.02 0.38 -5.96
CA THR A 140 3.75 0.90 -6.51
C THR A 140 2.64 0.77 -5.47
N THR A 141 1.61 1.61 -5.57
CA THR A 141 0.37 1.55 -4.78
C THR A 141 -0.78 1.09 -5.67
N PHE A 142 -1.57 0.17 -5.16
CA PHE A 142 -2.62 -0.58 -5.84
C PHE A 142 -3.97 -0.24 -5.23
N VAL A 143 -4.93 0.27 -6.03
CA VAL A 143 -6.15 0.88 -5.51
C VAL A 143 -7.35 -0.04 -5.73
N VAL A 144 -7.97 -0.41 -4.62
CA VAL A 144 -9.08 -1.39 -4.57
C VAL A 144 -10.37 -0.75 -4.04
N LYS A 145 -11.46 -1.01 -4.77
CA LYS A 145 -12.86 -0.87 -4.36
C LYS A 145 -13.59 -2.20 -4.62
N GLU A 146 -14.46 -2.67 -3.72
CA GLU A 146 -15.34 -3.84 -3.90
C GLU A 146 -14.57 -5.19 -3.78
N GLY A 147 -13.25 -5.16 -3.60
CA GLY A 147 -12.34 -6.31 -3.76
C GLY A 147 -11.82 -6.49 -5.18
N ARG A 148 -12.01 -5.49 -6.06
CA ARG A 148 -11.38 -5.46 -7.39
C ARG A 148 -10.48 -4.24 -7.59
N LEU A 149 -9.41 -4.47 -8.36
CA LEU A 149 -8.33 -3.52 -8.60
C LEU A 149 -8.81 -2.51 -9.64
N VAL A 150 -9.07 -1.27 -9.22
CA VAL A 150 -9.69 -0.22 -10.05
C VAL A 150 -8.65 0.75 -10.65
N LEU A 151 -7.46 0.83 -10.06
CA LEU A 151 -6.47 1.88 -10.32
C LEU A 151 -5.07 1.53 -9.79
N LEU A 152 -4.05 2.05 -10.47
CA LEU A 152 -2.64 1.99 -10.05
C LEU A 152 -2.11 3.42 -9.87
N TYR A 153 -1.35 3.65 -8.80
CA TYR A 153 -0.54 4.85 -8.57
C TYR A 153 0.94 4.46 -8.43
N SER A 154 1.82 4.96 -9.30
CA SER A 154 3.27 4.97 -9.04
C SER A 154 3.57 5.85 -7.81
N PRO A 155 4.74 5.70 -7.14
CA PRO A 155 5.07 6.57 -6.00
C PRO A 155 5.32 8.01 -6.44
N ASP A 156 5.85 8.23 -7.65
CA ASP A 156 6.19 9.54 -8.21
C ASP A 156 4.95 10.23 -8.81
N LYS A 157 3.83 9.51 -8.82
CA LYS A 157 2.49 9.99 -9.05
C LYS A 157 1.79 10.25 -7.70
N ALA A 158 1.95 9.34 -6.72
CA ALA A 158 1.33 9.41 -5.40
C ALA A 158 1.67 10.70 -4.63
N GLU A 159 2.88 11.24 -4.79
CA GLU A 159 3.28 12.52 -4.17
C GLU A 159 2.32 13.69 -4.48
N ALA A 160 1.68 13.69 -5.66
CA ALA A 160 0.73 14.73 -6.08
C ALA A 160 -0.61 14.64 -5.31
N THR A 161 -0.60 15.04 -4.03
CA THR A 161 -1.72 15.06 -3.08
C THR A 161 -3.05 15.42 -3.75
N ASP A 162 -3.19 16.62 -4.28
CA ASP A 162 -4.49 17.09 -4.80
C ASP A 162 -4.94 16.38 -6.09
N ARG A 163 -4.00 15.78 -6.83
CA ARG A 163 -4.33 14.83 -7.91
C ARG A 163 -4.84 13.51 -7.36
N VAL A 164 -4.17 12.95 -6.35
CA VAL A 164 -4.57 11.72 -5.64
C VAL A 164 -5.96 11.92 -5.04
N VAL A 165 -6.18 13.03 -4.32
CA VAL A 165 -7.47 13.38 -3.74
C VAL A 165 -8.59 13.38 -4.78
N ALA A 166 -8.41 14.06 -5.91
CA ALA A 166 -9.43 14.20 -6.96
C ALA A 166 -9.72 12.92 -7.75
N ASP A 167 -8.81 11.94 -7.73
CA ASP A 167 -9.01 10.60 -8.26
C ASP A 167 -9.69 9.71 -7.19
N LEU A 168 -9.32 9.87 -5.91
CA LEU A 168 -10.00 9.28 -4.73
C LEU A 168 -11.47 9.70 -4.65
N GLN A 169 -11.78 10.94 -5.01
CA GLN A 169 -13.08 11.57 -4.81
C GLN A 169 -14.17 10.96 -5.71
N ALA A 170 -13.81 10.26 -6.79
CA ALA A 170 -14.69 9.35 -7.52
C ALA A 170 -14.89 7.96 -6.89
N LEU A 171 -13.98 7.53 -6.01
CA LEU A 171 -13.85 6.13 -5.54
C LEU A 171 -14.52 5.88 -4.18
N LEU A 172 -15.08 6.91 -3.54
CA LEU A 172 -15.73 6.87 -2.21
C LEU A 172 -17.07 6.07 -2.08
N GLY A 1 -18.90 24.04 -9.68
CA GLY A 1 -18.69 22.75 -10.38
C GLY A 1 -17.40 22.12 -9.89
N ALA A 2 -17.06 20.94 -10.39
CA ALA A 2 -15.85 20.19 -10.05
C ALA A 2 -15.60 19.12 -11.13
N MET A 3 -14.41 18.50 -11.12
CA MET A 3 -13.98 17.51 -12.11
C MET A 3 -13.09 16.45 -11.44
N HIS A 4 -13.10 15.22 -11.93
CA HIS A 4 -12.10 14.22 -11.54
C HIS A 4 -10.79 14.44 -12.32
N THR A 5 -10.00 15.43 -11.91
CA THR A 5 -8.71 15.81 -12.54
C THR A 5 -7.59 14.88 -12.10
N PHE A 6 -7.72 13.61 -12.46
CA PHE A 6 -6.98 12.48 -11.90
C PHE A 6 -5.52 12.35 -12.41
N TYR A 7 -4.77 11.32 -11.97
CA TYR A 7 -3.36 11.13 -12.41
C TYR A 7 -2.74 9.72 -12.22
N GLY A 8 -3.40 8.76 -11.57
CA GLY A 8 -2.93 7.37 -11.61
C GLY A 8 -3.36 6.65 -12.91
N THR A 9 -2.96 5.39 -13.05
CA THR A 9 -3.37 4.56 -14.19
C THR A 9 -4.77 4.01 -13.90
N ARG A 10 -5.79 4.54 -14.57
CA ARG A 10 -7.19 4.26 -14.26
C ARG A 10 -7.75 3.07 -15.01
N LEU A 11 -8.37 2.15 -14.26
CA LEU A 11 -8.66 0.78 -14.73
C LEU A 11 -10.13 0.60 -15.13
N LEU A 12 -10.34 0.30 -16.42
CA LEU A 12 -11.65 0.06 -17.03
C LEU A 12 -12.08 -1.42 -16.88
N ASN A 13 -11.13 -2.36 -16.79
CA ASN A 13 -11.34 -3.70 -16.29
C ASN A 13 -10.74 -3.81 -14.86
N PRO A 14 -11.49 -3.51 -13.80
CA PRO A 14 -10.96 -3.53 -12.44
C PRO A 14 -10.85 -4.97 -11.93
N LYS A 15 -9.62 -5.44 -11.79
CA LYS A 15 -9.31 -6.84 -11.50
C LYS A 15 -9.80 -7.22 -10.09
N PRO A 16 -10.57 -8.30 -9.91
CA PRO A 16 -10.97 -8.78 -8.59
C PRO A 16 -9.72 -9.36 -7.89
N VAL A 17 -9.59 -9.12 -6.58
CA VAL A 17 -8.37 -9.42 -5.79
C VAL A 17 -8.69 -9.64 -4.31
N ASP A 18 -7.85 -10.44 -3.65
CA ASP A 18 -7.72 -10.55 -2.19
C ASP A 18 -6.24 -10.80 -1.84
N PHE A 19 -5.94 -10.86 -0.55
CA PHE A 19 -4.70 -11.38 0.01
C PHE A 19 -4.91 -11.80 1.46
N ALA A 20 -4.02 -12.66 1.98
CA ALA A 20 -3.94 -13.01 3.39
C ALA A 20 -2.53 -12.75 3.93
N LEU A 21 -2.41 -11.90 4.95
CA LEU A 21 -1.16 -11.51 5.60
C LEU A 21 -1.29 -11.57 7.11
N GLU A 22 -0.16 -11.50 7.80
CA GLU A 22 -0.08 -11.46 9.26
C GLU A 22 0.28 -10.04 9.73
N GLY A 23 -0.21 -9.64 10.91
CA GLY A 23 -0.05 -8.29 11.48
C GLY A 23 0.18 -8.27 13.00
N PRO A 24 0.38 -7.08 13.62
CA PRO A 24 0.56 -6.89 15.06
C PRO A 24 -0.78 -6.97 15.84
N GLN A 25 -1.59 -7.97 15.53
CA GLN A 25 -2.98 -8.10 16.01
C GLN A 25 -3.56 -9.50 15.82
N GLY A 26 -3.11 -10.22 14.78
CA GLY A 26 -3.72 -11.41 14.20
C GLY A 26 -3.87 -11.24 12.68
N PRO A 27 -4.09 -12.32 11.90
CA PRO A 27 -3.99 -12.29 10.45
C PRO A 27 -5.14 -11.53 9.78
N VAL A 28 -4.78 -10.69 8.82
CA VAL A 28 -5.63 -9.70 8.12
C VAL A 28 -5.75 -10.08 6.64
N ARG A 29 -6.89 -9.77 6.02
CA ARG A 29 -7.14 -10.00 4.59
C ARG A 29 -7.76 -8.78 3.93
N LEU A 30 -7.59 -8.64 2.61
CA LEU A 30 -8.29 -7.62 1.81
C LEU A 30 -9.82 -7.82 1.91
N SER A 31 -10.27 -9.06 1.99
CA SER A 31 -11.69 -9.43 2.15
C SER A 31 -12.36 -8.93 3.45
N GLN A 32 -11.62 -8.36 4.41
CA GLN A 32 -12.25 -7.63 5.53
C GLN A 32 -12.45 -6.12 5.24
N PHE A 33 -12.00 -5.61 4.09
CA PHE A 33 -12.06 -4.21 3.70
C PHE A 33 -12.75 -4.01 2.33
N GLN A 34 -13.61 -4.94 1.88
CA GLN A 34 -14.30 -4.81 0.59
C GLN A 34 -15.36 -3.69 0.59
N ASP A 35 -16.05 -3.46 1.71
CA ASP A 35 -16.97 -2.33 1.96
C ASP A 35 -16.23 -1.00 2.22
N LYS A 36 -14.91 -1.00 1.99
CA LYS A 36 -13.98 0.11 2.16
C LYS A 36 -13.12 0.30 0.89
N VAL A 37 -12.38 1.40 0.89
CA VAL A 37 -11.28 1.68 -0.02
C VAL A 37 -10.00 1.38 0.75
N VAL A 38 -9.18 0.51 0.17
CA VAL A 38 -7.81 0.27 0.62
C VAL A 38 -6.85 0.90 -0.36
N LEU A 39 -5.92 1.68 0.18
CA LEU A 39 -4.67 2.05 -0.47
C LEU A 39 -3.57 1.11 0.05
N LEU A 40 -2.99 0.33 -0.86
CA LEU A 40 -2.07 -0.77 -0.58
C LEU A 40 -0.69 -0.43 -1.17
N PHE A 41 0.32 -0.35 -0.31
CA PHE A 41 1.69 0.01 -0.69
C PHE A 41 2.67 -1.09 -0.25
N PHE A 42 3.58 -1.46 -1.15
CA PHE A 42 4.60 -2.48 -0.92
C PHE A 42 5.96 -1.81 -0.61
N GLY A 43 6.50 -2.06 0.58
CA GLY A 43 7.85 -1.65 0.99
C GLY A 43 8.57 -2.69 1.87
N PHE A 44 9.81 -2.38 2.26
CA PHE A 44 10.63 -3.19 3.16
C PHE A 44 11.19 -2.38 4.34
N THR A 45 10.38 -1.42 4.86
CA THR A 45 10.65 -0.27 5.77
C THR A 45 11.83 0.61 5.42
N ARG A 46 13.01 0.04 5.18
CA ARG A 46 14.31 0.68 4.90
C ARG A 46 14.35 1.57 3.63
N CYS A 47 13.26 1.77 2.90
CA CYS A 47 13.22 2.54 1.63
C CYS A 47 13.55 4.04 1.88
N PRO A 48 14.76 4.52 1.56
CA PRO A 48 15.47 5.51 2.40
C PRO A 48 14.99 6.97 2.29
N ASP A 49 13.98 7.28 1.48
CA ASP A 49 13.46 8.63 1.28
C ASP A 49 11.97 8.53 0.93
N VAL A 50 11.69 7.72 -0.08
CA VAL A 50 10.36 7.29 -0.52
C VAL A 50 9.46 6.68 0.60
N CYS A 51 9.99 6.18 1.73
CA CYS A 51 9.14 5.89 2.89
C CYS A 51 8.64 7.19 3.57
N PRO A 52 9.51 8.03 4.17
CA PRO A 52 9.03 9.20 4.92
C PRO A 52 8.39 10.26 4.01
N THR A 53 8.95 10.53 2.83
CA THR A 53 8.42 11.49 1.86
C THR A 53 7.04 11.04 1.38
N THR A 54 6.93 9.86 0.75
CA THR A 54 5.68 9.40 0.14
C THR A 54 4.61 9.05 1.16
N LEU A 55 4.91 8.57 2.37
CA LEU A 55 3.87 8.41 3.40
C LEU A 55 3.31 9.76 3.89
N LEU A 56 4.10 10.84 3.90
CA LEU A 56 3.59 12.19 4.13
C LEU A 56 2.79 12.71 2.93
N ALA A 57 3.17 12.39 1.69
CA ALA A 57 2.42 12.75 0.48
C ALA A 57 1.07 12.03 0.40
N LEU A 58 1.07 10.70 0.57
CA LEU A 58 -0.10 9.85 0.68
C LEU A 58 -1.06 10.43 1.70
N LYS A 59 -0.66 10.58 2.96
CA LYS A 59 -1.53 11.11 4.01
C LYS A 59 -1.97 12.57 3.76
N ARG A 60 -1.15 13.40 3.10
CA ARG A 60 -1.54 14.77 2.70
C ARG A 60 -2.67 14.80 1.68
N ALA A 61 -2.80 13.79 0.81
CA ALA A 61 -4.01 13.54 0.03
C ALA A 61 -5.14 12.90 0.87
N TYR A 62 -4.86 11.76 1.51
CA TYR A 62 -5.87 10.88 2.12
C TYR A 62 -6.63 11.57 3.27
N GLU A 63 -5.88 12.12 4.23
CA GLU A 63 -6.43 12.75 5.42
C GLU A 63 -7.08 14.12 5.12
N LYS A 64 -6.86 14.66 3.92
CA LYS A 64 -7.60 15.83 3.41
C LYS A 64 -9.08 15.53 3.09
N LEU A 65 -9.51 14.25 3.04
CA LEU A 65 -10.87 13.86 2.70
C LEU A 65 -11.84 14.16 3.87
N PRO A 66 -13.11 14.51 3.61
CA PRO A 66 -14.07 14.87 4.66
C PRO A 66 -14.38 13.65 5.55
N PRO A 67 -14.86 13.88 6.79
CA PRO A 67 -15.15 12.82 7.75
C PRO A 67 -16.17 11.80 7.24
N LYS A 68 -16.95 12.09 6.18
CA LYS A 68 -17.90 11.13 5.60
C LYS A 68 -17.32 10.32 4.43
N ALA A 69 -16.24 10.80 3.79
CA ALA A 69 -15.38 9.96 2.97
C ALA A 69 -14.42 9.11 3.82
N GLN A 70 -13.84 9.66 4.90
CA GLN A 70 -12.86 8.98 5.79
C GLN A 70 -13.33 7.57 6.20
N GLU A 71 -14.61 7.43 6.58
CA GLU A 71 -15.30 6.19 6.95
C GLU A 71 -15.06 5.02 5.97
N ARG A 72 -14.78 5.35 4.71
CA ARG A 72 -14.49 4.43 3.62
C ARG A 72 -12.99 4.13 3.46
N VAL A 73 -12.08 5.06 3.76
CA VAL A 73 -10.66 5.02 3.34
C VAL A 73 -9.73 4.62 4.50
N GLN A 74 -8.93 3.55 4.33
CA GLN A 74 -7.94 3.11 5.31
C GLN A 74 -6.66 2.64 4.59
N VAL A 75 -5.46 2.88 5.14
CA VAL A 75 -4.18 2.61 4.43
C VAL A 75 -3.58 1.30 4.96
N ILE A 76 -3.01 0.48 4.08
CA ILE A 76 -2.32 -0.77 4.44
C ILE A 76 -0.90 -0.80 3.84
N PHE A 77 0.10 -0.98 4.69
CA PHE A 77 1.50 -1.19 4.30
C PHE A 77 1.79 -2.69 4.33
N VAL A 78 2.19 -3.24 3.18
CA VAL A 78 2.58 -4.64 3.04
C VAL A 78 4.10 -4.72 2.92
N SER A 79 4.68 -5.46 3.84
CA SER A 79 6.13 -5.68 3.99
C SER A 79 6.61 -6.76 3.01
N VAL A 80 7.64 -6.48 2.19
CA VAL A 80 8.18 -7.42 1.17
C VAL A 80 9.51 -8.10 1.54
N ASP A 81 10.08 -7.80 2.72
CA ASP A 81 11.18 -8.57 3.31
C ASP A 81 10.65 -9.43 4.48
N PRO A 82 10.40 -10.73 4.26
CA PRO A 82 9.85 -11.64 5.27
C PRO A 82 10.91 -12.11 6.27
N GLU A 83 12.19 -11.73 6.12
CA GLU A 83 13.29 -12.08 7.03
C GLU A 83 13.62 -10.90 7.97
N ARG A 84 13.30 -9.66 7.58
CA ARG A 84 13.82 -8.44 8.25
C ARG A 84 12.86 -7.25 8.30
N ASP A 85 11.66 -7.29 7.70
CA ASP A 85 10.61 -6.27 7.92
C ASP A 85 9.44 -6.86 8.73
N PRO A 86 9.61 -7.20 10.03
CA PRO A 86 8.61 -7.91 10.83
C PRO A 86 7.39 -7.01 11.11
N PRO A 87 6.18 -7.58 11.32
CA PRO A 87 4.92 -6.84 11.24
C PRO A 87 4.83 -5.71 12.27
N GLU A 88 5.49 -5.90 13.42
CA GLU A 88 5.57 -4.92 14.49
C GLU A 88 6.36 -3.69 14.05
N VAL A 89 7.51 -3.86 13.41
CA VAL A 89 8.40 -2.76 12.96
C VAL A 89 7.75 -2.02 11.78
N ALA A 90 7.19 -2.79 10.84
CA ALA A 90 6.44 -2.28 9.71
C ALA A 90 5.25 -1.42 10.16
N ASP A 91 4.48 -1.87 11.16
CA ASP A 91 3.38 -1.10 11.73
C ASP A 91 3.84 0.08 12.59
N ARG A 92 4.88 -0.05 13.42
CA ARG A 92 5.46 1.10 14.15
C ARG A 92 5.75 2.25 13.20
N TYR A 93 6.41 1.92 12.08
CA TYR A 93 6.72 2.87 11.01
C TYR A 93 5.46 3.47 10.36
N ALA A 94 4.55 2.62 9.86
CA ALA A 94 3.32 3.03 9.19
C ALA A 94 2.40 3.86 10.11
N LYS A 95 2.14 3.38 11.32
CA LYS A 95 1.31 4.03 12.32
C LYS A 95 1.91 5.35 12.86
N ALA A 96 3.24 5.55 12.80
CA ALA A 96 3.87 6.80 13.26
C ALA A 96 3.45 8.02 12.40
N PHE A 97 3.10 7.81 11.13
CA PHE A 97 2.47 8.83 10.30
C PHE A 97 1.07 9.22 10.74
N HIS A 98 0.25 8.23 11.12
CA HIS A 98 -1.16 8.36 11.44
C HIS A 98 -1.76 7.02 11.94
N PRO A 99 -2.82 7.02 12.76
CA PRO A 99 -3.50 5.79 13.18
C PRO A 99 -4.19 5.05 12.01
N SER A 100 -4.38 5.74 10.88
CA SER A 100 -5.08 5.34 9.64
C SER A 100 -4.40 4.20 8.85
N PHE A 101 -3.21 3.76 9.30
CA PHE A 101 -2.39 2.67 8.76
C PHE A 101 -2.53 1.34 9.53
N LEU A 102 -2.23 0.24 8.82
CA LEU A 102 -1.93 -1.09 9.37
C LEU A 102 -0.69 -1.64 8.63
N GLY A 103 0.32 -2.09 9.37
CA GLY A 103 1.53 -2.74 8.83
C GLY A 103 1.44 -4.25 8.94
N LEU A 104 1.76 -4.95 7.84
CA LEU A 104 1.58 -6.40 7.68
C LEU A 104 2.87 -7.08 7.18
N SER A 105 3.34 -8.12 7.86
CA SER A 105 4.44 -8.97 7.39
C SER A 105 4.27 -10.41 7.88
N GLY A 106 4.88 -11.40 7.21
CA GLY A 106 4.78 -12.78 7.66
C GLY A 106 5.50 -13.78 6.76
N SER A 107 5.01 -15.01 6.80
CA SER A 107 5.52 -16.15 6.06
C SER A 107 5.65 -15.88 4.55
N PRO A 108 6.79 -16.25 3.90
CA PRO A 108 7.08 -15.88 2.51
C PRO A 108 6.07 -16.40 1.49
N GLU A 109 5.39 -17.52 1.73
CA GLU A 109 4.25 -17.98 0.91
C GLU A 109 3.08 -16.99 0.99
N ALA A 110 2.67 -16.59 2.21
CA ALA A 110 1.62 -15.61 2.43
C ALA A 110 2.00 -14.21 1.90
N VAL A 111 3.24 -13.77 2.12
CA VAL A 111 3.77 -12.53 1.50
C VAL A 111 3.72 -12.63 -0.04
N ARG A 112 4.07 -13.80 -0.59
CA ARG A 112 4.00 -14.03 -2.04
C ARG A 112 2.56 -14.01 -2.59
N GLU A 113 1.56 -14.48 -1.85
CA GLU A 113 0.14 -14.32 -2.23
C GLU A 113 -0.21 -12.85 -2.49
N ALA A 114 0.08 -11.96 -1.54
CA ALA A 114 -0.21 -10.53 -1.70
C ALA A 114 0.52 -9.90 -2.88
N ALA A 115 1.80 -10.24 -3.08
CA ALA A 115 2.58 -9.73 -4.19
C ALA A 115 2.05 -10.21 -5.56
N GLN A 116 1.88 -11.53 -5.71
CA GLN A 116 1.61 -12.17 -7.01
C GLN A 116 0.25 -11.79 -7.57
N THR A 117 -0.74 -11.71 -6.69
CA THR A 117 -2.15 -11.44 -7.03
C THR A 117 -2.37 -10.02 -7.54
N PHE A 118 -1.65 -9.05 -6.98
CA PHE A 118 -1.59 -7.67 -7.44
C PHE A 118 -0.78 -7.53 -8.75
N GLY A 119 0.42 -8.14 -8.77
CA GLY A 119 1.42 -8.09 -9.87
C GLY A 119 2.79 -7.55 -9.44
N VAL A 120 3.14 -7.69 -8.17
CA VAL A 120 4.40 -7.27 -7.55
C VAL A 120 5.40 -8.43 -7.53
N PHE A 121 6.67 -8.06 -7.64
CA PHE A 121 7.85 -8.91 -7.71
C PHE A 121 8.99 -8.28 -6.87
N TYR A 122 9.82 -9.15 -6.28
CA TYR A 122 11.00 -8.76 -5.52
C TYR A 122 12.14 -9.78 -5.70
N GLN A 123 13.40 -9.36 -5.70
CA GLN A 123 14.54 -10.28 -5.81
C GLN A 123 15.76 -9.83 -4.98
N LYS A 124 16.29 -10.69 -4.10
CA LYS A 124 17.49 -10.37 -3.31
C LYS A 124 18.74 -10.89 -4.04
N SER A 125 19.53 -9.94 -4.53
CA SER A 125 20.30 -10.05 -5.77
C SER A 125 21.81 -9.77 -5.61
N GLN A 126 22.23 -9.22 -4.48
CA GLN A 126 23.51 -9.62 -3.89
C GLN A 126 23.20 -10.24 -2.54
N TYR A 127 23.16 -11.57 -2.45
CA TYR A 127 23.20 -12.25 -1.15
C TYR A 127 24.63 -12.17 -0.59
N ARG A 128 24.88 -11.22 0.31
CA ARG A 128 26.23 -10.93 0.80
C ARG A 128 26.76 -11.99 1.77
N GLY A 129 25.88 -12.86 2.28
CA GLY A 129 26.10 -13.76 3.41
C GLY A 129 25.04 -13.50 4.49
N PRO A 130 25.31 -13.79 5.77
CA PRO A 130 24.43 -13.38 6.85
C PRO A 130 24.44 -11.87 7.02
N GLY A 131 23.35 -11.31 7.54
CA GLY A 131 23.25 -9.92 7.96
C GLY A 131 22.61 -9.00 6.92
N GLU A 132 23.12 -8.96 5.68
CA GLU A 132 22.74 -7.97 4.68
C GLU A 132 22.69 -8.53 3.25
N TYR A 133 21.96 -7.83 2.38
CA TYR A 133 21.80 -8.15 0.96
C TYR A 133 21.27 -6.95 0.14
N LEU A 134 21.63 -6.91 -1.15
CA LEU A 134 21.17 -5.88 -2.08
C LEU A 134 19.96 -6.44 -2.84
N VAL A 135 18.86 -5.69 -2.90
CA VAL A 135 17.52 -6.23 -3.15
C VAL A 135 16.69 -5.30 -4.04
N ASP A 136 15.86 -5.91 -4.88
CA ASP A 136 14.84 -5.31 -5.74
C ASP A 136 13.43 -5.52 -5.15
N HIS A 137 12.55 -4.53 -5.27
CA HIS A 137 11.10 -4.75 -5.24
C HIS A 137 10.35 -3.79 -6.17
N THR A 138 9.12 -4.14 -6.56
CA THR A 138 8.18 -3.23 -7.24
C THR A 138 7.74 -2.13 -6.27
N ALA A 139 8.21 -0.91 -6.48
CA ALA A 139 7.81 0.28 -5.71
C ALA A 139 6.42 0.86 -6.12
N THR A 140 5.44 -0.01 -6.38
CA THR A 140 4.10 0.37 -6.85
C THR A 140 3.11 0.42 -5.68
N THR A 141 2.08 1.25 -5.86
CA THR A 141 0.96 1.48 -4.94
C THR A 141 -0.34 1.19 -5.71
N PHE A 142 -1.32 0.61 -5.02
CA PHE A 142 -2.51 0.00 -5.63
C PHE A 142 -3.79 0.40 -4.88
N VAL A 143 -4.83 0.81 -5.61
CA VAL A 143 -6.14 1.16 -5.01
C VAL A 143 -7.19 0.08 -5.29
N VAL A 144 -7.87 -0.34 -4.24
CA VAL A 144 -8.87 -1.43 -4.23
C VAL A 144 -10.13 -0.99 -3.48
N LYS A 145 -11.30 -1.23 -4.07
CA LYS A 145 -12.62 -1.09 -3.43
C LYS A 145 -13.57 -2.21 -3.93
N GLU A 146 -14.55 -2.66 -3.15
CA GLU A 146 -15.58 -3.63 -3.59
C GLU A 146 -14.94 -4.98 -4.03
N GLY A 147 -13.78 -5.33 -3.46
CA GLY A 147 -13.04 -6.56 -3.78
C GLY A 147 -12.22 -6.50 -5.08
N ARG A 148 -12.11 -5.33 -5.74
CA ARG A 148 -11.41 -5.17 -7.03
C ARG A 148 -10.53 -3.92 -7.12
N LEU A 149 -9.44 -4.08 -7.87
CA LEU A 149 -8.35 -3.13 -8.04
C LEU A 149 -8.74 -2.14 -9.14
N VAL A 150 -8.79 -0.85 -8.80
CA VAL A 150 -9.37 0.23 -9.63
C VAL A 150 -8.35 1.26 -10.14
N LEU A 151 -7.14 1.29 -9.58
CA LEU A 151 -6.13 2.30 -9.87
C LEU A 151 -4.70 1.91 -9.44
N LEU A 152 -3.72 2.22 -10.28
CA LEU A 152 -2.29 1.93 -10.10
C LEU A 152 -1.45 3.21 -10.04
N TYR A 153 -0.40 3.18 -9.22
CA TYR A 153 0.52 4.29 -8.96
C TYR A 153 1.98 3.82 -8.76
N SER A 154 2.92 4.67 -9.15
CA SER A 154 4.30 4.67 -8.63
C SER A 154 4.54 6.02 -7.93
N PRO A 155 5.57 6.20 -7.07
CA PRO A 155 5.81 7.45 -6.34
C PRO A 155 5.90 8.66 -7.26
N ASP A 156 6.45 8.49 -8.47
CA ASP A 156 6.59 9.53 -9.51
C ASP A 156 5.28 10.24 -9.87
N LYS A 157 4.16 9.59 -9.56
CA LYS A 157 2.79 10.07 -9.73
C LYS A 157 2.06 10.19 -8.38
N ALA A 158 2.32 9.32 -7.41
CA ALA A 158 1.67 9.32 -6.09
C ALA A 158 2.08 10.50 -5.19
N GLU A 159 3.24 11.11 -5.43
CA GLU A 159 3.68 12.36 -4.79
C GLU A 159 2.72 13.54 -5.09
N ALA A 160 2.01 13.50 -6.22
CA ALA A 160 1.04 14.52 -6.67
C ALA A 160 -0.24 14.57 -5.79
N THR A 161 -0.09 15.00 -4.54
CA THR A 161 -1.12 15.13 -3.48
C THR A 161 -2.50 15.49 -4.02
N ASP A 162 -2.68 16.69 -4.59
CA ASP A 162 -4.00 17.16 -5.05
C ASP A 162 -4.51 16.46 -6.32
N ARG A 163 -3.63 15.81 -7.11
CA ARG A 163 -4.07 14.80 -8.08
C ARG A 163 -4.64 13.58 -7.38
N VAL A 164 -3.93 13.04 -6.38
CA VAL A 164 -4.40 11.87 -5.60
C VAL A 164 -5.74 12.17 -4.90
N VAL A 165 -5.96 13.40 -4.40
CA VAL A 165 -7.28 13.84 -3.90
C VAL A 165 -8.39 13.64 -4.95
N ALA A 166 -8.23 14.14 -6.18
CA ALA A 166 -9.26 14.04 -7.22
C ALA A 166 -9.45 12.61 -7.78
N ASP A 167 -8.33 11.88 -7.86
CA ASP A 167 -8.26 10.50 -8.35
C ASP A 167 -8.94 9.52 -7.39
N LEU A 168 -8.77 9.74 -6.07
CA LEU A 168 -9.53 9.04 -5.01
C LEU A 168 -11.01 9.44 -5.00
N GLN A 169 -11.34 10.71 -5.21
CA GLN A 169 -12.73 11.18 -5.32
C GLN A 169 -13.49 10.48 -6.46
N ALA A 170 -12.81 10.15 -7.57
CA ALA A 170 -13.33 9.41 -8.72
C ALA A 170 -13.65 7.92 -8.48
N LEU A 171 -13.20 7.35 -7.37
CA LEU A 171 -13.31 5.92 -7.03
C LEU A 171 -13.96 5.64 -5.68
N LEU A 172 -14.34 6.69 -4.95
CA LEU A 172 -14.83 6.65 -3.54
C LEU A 172 -15.97 5.67 -3.23
N GLY A 1 -17.50 10.40 -21.90
CA GLY A 1 -17.92 9.63 -20.72
C GLY A 1 -17.38 10.30 -19.46
N ALA A 2 -17.18 9.55 -18.38
CA ALA A 2 -16.50 10.03 -17.17
C ALA A 2 -14.98 10.10 -17.39
N MET A 3 -14.51 11.15 -18.07
CA MET A 3 -13.12 11.29 -18.52
C MET A 3 -12.24 11.85 -17.40
N HIS A 4 -11.92 11.05 -16.37
CA HIS A 4 -11.32 11.56 -15.13
C HIS A 4 -10.13 10.72 -14.62
N THR A 5 -8.98 11.41 -14.46
CA THR A 5 -7.70 10.99 -13.87
C THR A 5 -6.98 12.25 -13.42
N PHE A 6 -6.50 12.33 -12.18
CA PHE A 6 -5.81 13.50 -11.66
C PHE A 6 -4.28 13.36 -11.69
N TYR A 7 -3.74 12.19 -11.31
CA TYR A 7 -2.35 11.78 -11.60
C TYR A 7 -2.06 10.27 -11.51
N GLY A 8 -3.04 9.43 -11.18
CA GLY A 8 -2.95 7.98 -11.35
C GLY A 8 -3.49 7.50 -12.70
N THR A 9 -3.28 6.22 -13.00
CA THR A 9 -3.80 5.54 -14.20
C THR A 9 -5.12 4.87 -13.83
N ARG A 10 -6.23 5.47 -14.25
CA ARG A 10 -7.54 4.92 -13.92
C ARG A 10 -7.89 3.71 -14.78
N LEU A 11 -8.25 2.61 -14.11
CA LEU A 11 -8.76 1.42 -14.76
C LEU A 11 -10.25 1.58 -15.06
N LEU A 12 -10.66 1.26 -16.29
CA LEU A 12 -12.07 1.28 -16.71
C LEU A 12 -12.78 -0.05 -16.43
N ASN A 13 -12.09 -1.17 -16.64
CA ASN A 13 -12.48 -2.51 -16.20
C ASN A 13 -11.79 -2.86 -14.87
N PRO A 14 -12.50 -2.82 -13.72
CA PRO A 14 -11.87 -2.99 -12.42
C PRO A 14 -11.80 -4.48 -12.03
N LYS A 15 -10.58 -5.00 -12.08
CA LYS A 15 -10.32 -6.42 -11.77
C LYS A 15 -10.50 -6.69 -10.26
N PRO A 16 -11.28 -7.70 -9.86
CA PRO A 16 -11.46 -8.05 -8.46
C PRO A 16 -10.15 -8.65 -7.91
N VAL A 17 -9.93 -8.51 -6.60
CA VAL A 17 -8.72 -8.89 -5.87
C VAL A 17 -9.04 -9.17 -4.39
N ASP A 18 -8.12 -9.84 -3.71
CA ASP A 18 -8.18 -10.21 -2.28
C ASP A 18 -6.74 -10.46 -1.76
N PHE A 19 -6.59 -10.81 -0.48
CA PHE A 19 -5.36 -11.42 0.06
C PHE A 19 -5.61 -12.13 1.38
N ALA A 20 -4.63 -12.94 1.81
CA ALA A 20 -4.40 -13.28 3.21
C ALA A 20 -2.97 -12.85 3.59
N LEU A 21 -2.85 -11.89 4.50
CA LEU A 21 -1.61 -11.39 5.11
C LEU A 21 -1.69 -11.59 6.63
N GLU A 22 -0.67 -11.17 7.36
CA GLU A 22 -0.67 -11.09 8.81
C GLU A 22 -0.23 -9.68 9.24
N GLY A 23 -0.68 -9.26 10.43
CA GLY A 23 -0.31 -8.01 11.11
C GLY A 23 0.09 -8.28 12.57
N PRO A 24 0.41 -7.25 13.38
CA PRO A 24 0.81 -7.38 14.79
C PRO A 24 -0.37 -7.71 15.73
N GLN A 25 -1.19 -8.68 15.32
CA GLN A 25 -2.46 -9.08 15.93
C GLN A 25 -3.06 -10.37 15.34
N GLY A 26 -2.40 -11.07 14.39
CA GLY A 26 -2.97 -12.23 13.70
C GLY A 26 -3.24 -11.99 12.21
N PRO A 27 -3.83 -12.97 11.51
CA PRO A 27 -4.08 -12.91 10.07
C PRO A 27 -5.13 -11.86 9.71
N VAL A 28 -4.92 -11.20 8.57
CA VAL A 28 -5.71 -10.08 8.04
C VAL A 28 -6.01 -10.38 6.56
N ARG A 29 -7.26 -10.17 6.14
CA ARG A 29 -7.67 -10.36 4.74
C ARG A 29 -8.13 -9.04 4.13
N LEU A 30 -7.91 -8.83 2.83
CA LEU A 30 -8.39 -7.62 2.14
C LEU A 30 -9.92 -7.52 2.22
N SER A 31 -10.61 -8.65 2.12
CA SER A 31 -12.07 -8.76 2.31
C SER A 31 -12.59 -8.37 3.72
N GLN A 32 -11.72 -8.00 4.69
CA GLN A 32 -12.15 -7.33 5.92
C GLN A 32 -12.61 -5.88 5.68
N PHE A 33 -12.19 -5.24 4.58
CA PHE A 33 -12.27 -3.78 4.40
C PHE A 33 -12.97 -3.34 3.10
N GLN A 34 -13.59 -4.27 2.37
CA GLN A 34 -13.75 -4.18 0.92
C GLN A 34 -14.64 -3.04 0.40
N ASP A 35 -15.63 -2.55 1.15
CA ASP A 35 -16.48 -1.42 0.73
C ASP A 35 -15.72 -0.06 0.69
N LYS A 36 -14.57 -0.02 1.35
CA LYS A 36 -13.78 1.21 1.56
C LYS A 36 -12.91 1.53 0.33
N VAL A 37 -12.26 2.69 0.38
CA VAL A 37 -11.25 3.14 -0.59
C VAL A 37 -9.91 2.76 0.03
N VAL A 38 -9.45 1.56 -0.33
CA VAL A 38 -8.33 0.89 0.35
C VAL A 38 -7.07 1.03 -0.49
N LEU A 39 -6.02 1.57 0.13
CA LEU A 39 -4.71 1.83 -0.48
C LEU A 39 -3.69 0.76 -0.07
N LEU A 40 -3.06 0.11 -1.04
CA LEU A 40 -1.88 -0.73 -0.83
C LEU A 40 -0.63 -0.02 -1.33
N PHE A 41 0.44 -0.16 -0.56
CA PHE A 41 1.78 0.29 -0.90
C PHE A 41 2.79 -0.79 -0.48
N PHE A 42 3.55 -1.32 -1.46
CA PHE A 42 4.46 -2.45 -1.27
C PHE A 42 5.91 -1.97 -1.15
N GLY A 43 6.47 -2.04 0.07
CA GLY A 43 7.85 -1.63 0.38
C GLY A 43 8.57 -2.49 1.43
N PHE A 44 9.83 -2.13 1.71
CA PHE A 44 10.61 -2.58 2.87
C PHE A 44 10.90 -1.39 3.78
N THR A 45 10.58 -1.45 5.09
CA THR A 45 10.87 -0.40 6.09
C THR A 45 12.33 0.09 6.14
N ARG A 46 13.28 -0.72 5.64
CA ARG A 46 14.70 -0.36 5.50
C ARG A 46 14.99 0.68 4.41
N CYS A 47 14.01 1.08 3.58
CA CYS A 47 14.19 2.11 2.56
C CYS A 47 14.38 3.50 3.19
N PRO A 48 15.32 4.33 2.68
CA PRO A 48 15.74 5.56 3.35
C PRO A 48 14.79 6.74 3.10
N ASP A 49 14.00 6.70 2.02
CA ASP A 49 13.29 7.84 1.46
C ASP A 49 11.85 7.44 1.17
N VAL A 50 11.68 6.38 0.39
CA VAL A 50 10.40 5.91 -0.14
C VAL A 50 9.46 5.33 0.91
N CYS A 51 9.99 4.89 2.07
CA CYS A 51 9.14 4.71 3.25
C CYS A 51 8.73 6.06 3.84
N PRO A 52 9.64 6.91 4.39
CA PRO A 52 9.21 8.06 5.17
C PRO A 52 8.55 9.18 4.34
N THR A 53 9.06 9.52 3.15
CA THR A 53 8.52 10.60 2.32
C THR A 53 7.17 10.20 1.73
N THR A 54 7.09 9.03 1.09
CA THR A 54 5.85 8.57 0.43
C THR A 54 4.76 8.29 1.46
N LEU A 55 5.05 7.67 2.61
CA LEU A 55 4.08 7.53 3.70
C LEU A 55 3.61 8.88 4.26
N LEU A 56 4.47 9.91 4.28
CA LEU A 56 4.04 11.27 4.65
C LEU A 56 3.11 11.86 3.58
N ALA A 57 3.44 11.73 2.29
CA ALA A 57 2.62 12.27 1.22
C ALA A 57 1.24 11.58 1.12
N LEU A 58 1.20 10.26 1.37
CA LEU A 58 -0.01 9.43 1.51
C LEU A 58 -0.88 9.91 2.68
N LYS A 59 -0.37 9.90 3.92
CA LYS A 59 -1.17 10.32 5.09
C LYS A 59 -1.66 11.78 4.98
N ARG A 60 -0.91 12.67 4.33
CA ARG A 60 -1.37 14.06 4.05
C ARG A 60 -2.62 14.14 3.14
N ALA A 61 -2.94 13.10 2.34
CA ALA A 61 -4.20 13.05 1.60
C ALA A 61 -5.40 12.77 2.52
N TYR A 62 -5.24 11.85 3.47
CA TYR A 62 -6.20 11.56 4.54
C TYR A 62 -6.45 12.77 5.46
N GLU A 63 -5.40 13.53 5.79
CA GLU A 63 -5.50 14.77 6.58
C GLU A 63 -6.24 15.90 5.84
N LYS A 64 -6.33 15.82 4.50
CA LYS A 64 -7.10 16.77 3.70
C LYS A 64 -8.62 16.51 3.76
N LEU A 65 -9.06 15.32 4.19
CA LEU A 65 -10.47 14.93 4.26
C LEU A 65 -11.09 15.34 5.60
N PRO A 66 -12.39 15.74 5.63
CA PRO A 66 -13.14 15.80 6.88
C PRO A 66 -13.30 14.40 7.45
N PRO A 67 -13.51 14.25 8.78
CA PRO A 67 -13.66 12.95 9.42
C PRO A 67 -14.79 12.10 8.79
N LYS A 68 -15.80 12.72 8.16
CA LYS A 68 -16.91 11.98 7.56
C LYS A 68 -16.51 11.33 6.22
N ALA A 69 -15.59 11.94 5.47
CA ALA A 69 -14.90 11.30 4.36
C ALA A 69 -13.79 10.34 4.82
N GLN A 70 -13.08 10.63 5.93
CA GLN A 70 -11.96 9.79 6.41
C GLN A 70 -12.39 8.32 6.62
N GLU A 71 -13.61 8.07 7.13
CA GLU A 71 -14.23 6.74 7.32
C GLU A 71 -13.98 5.79 6.16
N ARG A 72 -14.05 6.33 4.94
CA ARG A 72 -13.97 5.61 3.68
C ARG A 72 -12.54 5.28 3.28
N VAL A 73 -11.51 5.86 3.90
CA VAL A 73 -10.09 5.61 3.59
C VAL A 73 -9.45 4.81 4.71
N GLN A 74 -8.77 3.72 4.34
CA GLN A 74 -7.92 2.90 5.21
C GLN A 74 -6.69 2.52 4.38
N VAL A 75 -5.50 2.49 4.99
CA VAL A 75 -4.24 2.44 4.24
C VAL A 75 -3.40 1.28 4.76
N ILE A 76 -2.78 0.51 3.86
CA ILE A 76 -1.98 -0.67 4.20
C ILE A 76 -0.58 -0.55 3.60
N PHE A 77 0.43 -0.68 4.45
CA PHE A 77 1.81 -0.89 4.02
C PHE A 77 2.09 -2.39 4.08
N VAL A 78 2.40 -2.97 2.91
CA VAL A 78 2.69 -4.40 2.78
C VAL A 78 4.19 -4.58 2.68
N SER A 79 4.76 -5.38 3.57
CA SER A 79 6.19 -5.72 3.55
C SER A 79 6.60 -6.47 2.28
N VAL A 80 7.83 -6.26 1.78
CA VAL A 80 8.44 -7.04 0.68
C VAL A 80 9.65 -7.89 1.11
N ASP A 81 9.97 -7.93 2.42
CA ASP A 81 10.95 -8.88 2.96
C ASP A 81 10.48 -9.50 4.31
N PRO A 82 10.01 -10.76 4.30
CA PRO A 82 9.46 -11.41 5.50
C PRO A 82 10.54 -11.84 6.50
N GLU A 83 11.82 -11.92 6.09
CA GLU A 83 12.94 -12.27 6.99
C GLU A 83 13.31 -11.13 7.95
N ARG A 84 12.87 -9.90 7.63
CA ARG A 84 13.55 -8.66 8.04
C ARG A 84 12.61 -7.47 8.27
N ASP A 85 11.40 -7.47 7.70
CA ASP A 85 10.35 -6.48 7.99
C ASP A 85 9.22 -7.16 8.79
N PRO A 86 9.41 -7.46 10.09
CA PRO A 86 8.40 -8.15 10.90
C PRO A 86 7.18 -7.23 11.09
N PRO A 87 5.96 -7.78 11.22
CA PRO A 87 4.73 -7.00 11.11
C PRO A 87 4.62 -5.89 12.14
N GLU A 88 5.22 -6.07 13.32
CA GLU A 88 5.28 -5.03 14.35
C GLU A 88 6.10 -3.81 13.90
N VAL A 89 7.24 -4.01 13.23
CA VAL A 89 8.14 -2.93 12.77
C VAL A 89 7.52 -2.15 11.60
N ALA A 90 6.93 -2.87 10.65
CA ALA A 90 6.09 -2.31 9.59
C ALA A 90 4.95 -1.45 10.17
N ASP A 91 4.25 -1.94 11.20
CA ASP A 91 3.14 -1.23 11.84
C ASP A 91 3.61 -0.01 12.65
N ARG A 92 4.72 -0.10 13.41
CA ARG A 92 5.32 1.05 14.12
C ARG A 92 5.53 2.22 13.16
N TYR A 93 6.17 1.94 12.02
CA TYR A 93 6.49 2.96 11.01
C TYR A 93 5.21 3.56 10.38
N ALA A 94 4.28 2.71 9.94
CA ALA A 94 3.02 3.14 9.29
C ALA A 94 2.06 3.89 10.24
N LYS A 95 1.87 3.41 11.47
CA LYS A 95 1.04 4.07 12.49
C LYS A 95 1.60 5.43 12.93
N ALA A 96 2.93 5.60 12.95
CA ALA A 96 3.61 6.85 13.31
C ALA A 96 3.38 7.98 12.29
N PHE A 97 3.08 7.61 11.04
CA PHE A 97 2.49 8.54 10.09
C PHE A 97 1.06 8.89 10.44
N HIS A 98 0.21 7.87 10.63
CA HIS A 98 -1.18 8.04 11.04
C HIS A 98 -1.84 6.72 11.47
N PRO A 99 -2.84 6.72 12.38
CA PRO A 99 -3.42 5.50 12.94
C PRO A 99 -4.25 4.67 11.95
N SER A 100 -4.74 5.27 10.85
CA SER A 100 -5.47 4.58 9.77
C SER A 100 -4.54 3.82 8.79
N PHE A 101 -3.25 3.70 9.16
CA PHE A 101 -2.35 2.74 8.54
C PHE A 101 -2.37 1.42 9.31
N LEU A 102 -2.16 0.32 8.60
CA LEU A 102 -1.70 -0.97 9.12
C LEU A 102 -0.35 -1.27 8.47
N GLY A 103 0.58 -1.87 9.22
CA GLY A 103 1.73 -2.59 8.67
C GLY A 103 1.47 -4.09 8.70
N LEU A 104 1.57 -4.75 7.53
CA LEU A 104 1.32 -6.18 7.37
C LEU A 104 2.60 -6.88 6.86
N SER A 105 2.95 -7.98 7.53
CA SER A 105 4.01 -8.92 7.14
C SER A 105 3.66 -10.32 7.65
N GLY A 106 4.30 -11.37 7.15
CA GLY A 106 4.05 -12.73 7.59
C GLY A 106 4.99 -13.74 6.94
N SER A 107 4.46 -14.91 6.60
CA SER A 107 5.22 -15.94 5.90
C SER A 107 5.44 -15.59 4.41
N PRO A 108 6.52 -16.07 3.76
CA PRO A 108 6.86 -15.73 2.39
C PRO A 108 5.77 -16.11 1.38
N GLU A 109 5.05 -17.23 1.60
CA GLU A 109 3.87 -17.62 0.83
C GLU A 109 2.78 -16.56 0.97
N ALA A 110 2.38 -16.22 2.21
CA ALA A 110 1.31 -15.24 2.48
C ALA A 110 1.65 -13.87 1.89
N VAL A 111 2.86 -13.37 2.13
CA VAL A 111 3.32 -12.10 1.54
C VAL A 111 3.35 -12.16 0.00
N ARG A 112 3.78 -13.29 -0.58
CA ARG A 112 3.85 -13.45 -2.05
C ARG A 112 2.47 -13.57 -2.69
N GLU A 113 1.46 -14.16 -2.05
CA GLU A 113 0.10 -14.29 -2.58
C GLU A 113 -0.52 -12.92 -2.94
N ALA A 114 -0.46 -11.97 -1.99
CA ALA A 114 -0.91 -10.60 -2.21
C ALA A 114 -0.16 -9.91 -3.36
N ALA A 115 1.16 -10.12 -3.45
CA ALA A 115 1.98 -9.56 -4.51
C ALA A 115 1.60 -10.11 -5.89
N GLN A 116 1.46 -11.44 -6.02
CA GLN A 116 1.01 -12.08 -7.26
C GLN A 116 -0.38 -11.60 -7.68
N THR A 117 -1.27 -11.35 -6.71
CA THR A 117 -2.66 -10.92 -6.95
C THR A 117 -2.75 -9.48 -7.46
N PHE A 118 -2.03 -8.54 -6.82
CA PHE A 118 -1.97 -7.14 -7.23
C PHE A 118 -1.09 -6.88 -8.47
N GLY A 119 -0.07 -7.71 -8.72
CA GLY A 119 0.91 -7.54 -9.81
C GLY A 119 2.26 -6.99 -9.37
N VAL A 120 2.66 -7.27 -8.12
CA VAL A 120 3.95 -6.90 -7.53
C VAL A 120 4.93 -8.06 -7.59
N PHE A 121 6.21 -7.70 -7.75
CA PHE A 121 7.34 -8.61 -7.86
C PHE A 121 8.55 -8.08 -7.06
N TYR A 122 9.19 -9.00 -6.32
CA TYR A 122 10.48 -8.76 -5.65
C TYR A 122 11.38 -10.02 -5.66
N GLN A 123 12.71 -9.83 -5.69
CA GLN A 123 13.72 -10.89 -5.52
C GLN A 123 14.93 -10.34 -4.75
N LYS A 124 15.81 -11.21 -4.22
CA LYS A 124 17.02 -10.79 -3.50
C LYS A 124 18.23 -10.81 -4.46
N SER A 125 18.72 -9.63 -4.85
CA SER A 125 19.48 -9.50 -6.10
C SER A 125 21.00 -9.50 -5.94
N GLN A 126 21.48 -9.39 -4.70
CA GLN A 126 22.89 -9.40 -4.33
C GLN A 126 22.98 -9.53 -2.82
N TYR A 127 23.96 -10.30 -2.33
CA TYR A 127 24.22 -10.47 -0.89
C TYR A 127 24.61 -9.17 -0.17
N ARG A 128 25.17 -8.18 -0.90
CA ARG A 128 25.32 -6.74 -0.56
C ARG A 128 26.41 -6.48 0.50
N GLY A 129 26.41 -7.28 1.57
CA GLY A 129 27.39 -7.39 2.65
C GLY A 129 27.57 -8.87 3.03
N PRO A 130 27.84 -9.22 4.31
CA PRO A 130 28.11 -10.60 4.70
C PRO A 130 26.88 -11.50 4.67
N GLY A 131 25.68 -10.99 4.96
CA GLY A 131 24.46 -11.80 5.01
C GLY A 131 23.16 -11.00 5.15
N GLU A 132 23.11 -9.78 4.60
CA GLU A 132 22.00 -8.84 4.71
C GLU A 132 21.13 -8.75 3.46
N TYR A 133 21.74 -9.05 2.31
CA TYR A 133 21.19 -8.84 0.97
C TYR A 133 20.83 -7.36 0.67
N LEU A 134 20.30 -7.15 -0.54
CA LEU A 134 19.17 -6.26 -0.75
C LEU A 134 18.09 -7.04 -1.52
N VAL A 135 16.89 -6.47 -1.59
CA VAL A 135 15.76 -7.01 -2.35
C VAL A 135 15.13 -5.87 -3.13
N ASP A 136 15.04 -6.06 -4.44
CA ASP A 136 14.54 -5.03 -5.36
C ASP A 136 13.05 -5.28 -5.62
N HIS A 137 12.23 -4.25 -5.42
CA HIS A 137 10.78 -4.38 -5.39
C HIS A 137 10.10 -3.17 -6.07
N THR A 138 9.01 -3.42 -6.80
CA THR A 138 8.39 -2.44 -7.72
C THR A 138 7.81 -1.17 -7.08
N ALA A 139 7.82 -1.05 -5.74
CA ALA A 139 7.52 0.19 -4.99
C ALA A 139 6.17 0.87 -5.35
N THR A 140 5.21 0.11 -5.88
CA THR A 140 4.03 0.65 -6.58
C THR A 140 2.87 0.75 -5.60
N THR A 141 1.95 1.68 -5.87
CA THR A 141 0.77 2.00 -5.08
C THR A 141 -0.48 1.62 -5.86
N PHE A 142 -1.43 0.99 -5.18
CA PHE A 142 -2.62 0.41 -5.78
C PHE A 142 -3.88 0.85 -5.03
N VAL A 143 -4.87 1.41 -5.74
CA VAL A 143 -6.17 1.72 -5.14
C VAL A 143 -7.19 0.64 -5.50
N VAL A 144 -7.81 0.07 -4.47
CA VAL A 144 -9.03 -0.73 -4.60
C VAL A 144 -10.24 -0.03 -3.98
N LYS A 145 -11.41 -0.31 -4.56
CA LYS A 145 -12.74 0.04 -4.06
C LYS A 145 -13.67 -1.15 -4.34
N GLU A 146 -14.44 -1.62 -3.37
CA GLU A 146 -15.46 -2.66 -3.55
C GLU A 146 -14.84 -4.05 -3.89
N GLY A 147 -13.66 -4.33 -3.33
CA GLY A 147 -12.91 -5.58 -3.55
C GLY A 147 -12.19 -5.68 -4.90
N ARG A 148 -12.04 -4.59 -5.64
CA ARG A 148 -11.48 -4.58 -7.00
C ARG A 148 -10.57 -3.37 -7.29
N LEU A 149 -9.61 -3.54 -8.18
CA LEU A 149 -8.54 -2.60 -8.54
C LEU A 149 -9.13 -1.49 -9.43
N VAL A 150 -9.10 -0.24 -8.98
CA VAL A 150 -9.74 0.90 -9.68
C VAL A 150 -8.76 1.97 -10.18
N LEU A 151 -7.51 1.96 -9.67
CA LEU A 151 -6.51 3.00 -9.93
C LEU A 151 -5.09 2.55 -9.56
N LEU A 152 -4.13 2.87 -10.43
CA LEU A 152 -2.70 2.54 -10.29
C LEU A 152 -1.85 3.81 -10.16
N TYR A 153 -0.75 3.71 -9.40
CA TYR A 153 0.14 4.82 -9.06
C TYR A 153 1.60 4.33 -8.90
N SER A 154 2.56 4.93 -9.61
CA SER A 154 3.99 4.83 -9.23
C SER A 154 4.28 5.79 -8.06
N PRO A 155 5.33 5.56 -7.24
CA PRO A 155 5.60 6.37 -6.06
C PRO A 155 5.96 7.81 -6.44
N ASP A 156 6.70 8.00 -7.53
CA ASP A 156 7.06 9.30 -8.12
C ASP A 156 5.86 10.05 -8.75
N LYS A 157 4.66 9.48 -8.64
CA LYS A 157 3.37 10.15 -8.82
C LYS A 157 2.62 10.27 -7.47
N ALA A 158 2.65 9.23 -6.61
CA ALA A 158 1.96 9.16 -5.32
C ALA A 158 2.37 10.25 -4.33
N GLU A 159 3.60 10.79 -4.43
CA GLU A 159 4.03 11.88 -3.55
C GLU A 159 3.33 13.22 -3.83
N ALA A 160 2.63 13.36 -4.97
CA ALA A 160 1.75 14.48 -5.25
C ALA A 160 0.45 14.38 -4.41
N THR A 161 0.52 14.72 -3.12
CA THR A 161 -0.62 14.73 -2.16
C THR A 161 -1.93 15.19 -2.79
N ASP A 162 -2.02 16.42 -3.30
CA ASP A 162 -3.27 16.97 -3.85
C ASP A 162 -3.81 16.19 -5.07
N ARG A 163 -2.94 15.48 -5.80
CA ARG A 163 -3.35 14.52 -6.84
C ARG A 163 -3.95 13.24 -6.23
N VAL A 164 -3.32 12.68 -5.19
CA VAL A 164 -3.86 11.53 -4.45
C VAL A 164 -5.19 11.90 -3.77
N VAL A 165 -5.29 13.10 -3.19
CA VAL A 165 -6.57 13.66 -2.71
C VAL A 165 -7.64 13.59 -3.81
N ALA A 166 -7.38 14.16 -4.99
CA ALA A 166 -8.39 14.26 -6.05
C ALA A 166 -8.77 12.89 -6.66
N ASP A 167 -7.81 11.98 -6.87
CA ASP A 167 -8.09 10.63 -7.38
C ASP A 167 -8.84 9.75 -6.37
N LEU A 168 -8.59 9.91 -5.05
CA LEU A 168 -9.41 9.29 -4.00
C LEU A 168 -10.79 9.93 -3.88
N GLN A 169 -10.92 11.25 -4.11
CA GLN A 169 -12.19 11.98 -4.08
C GLN A 169 -13.19 11.45 -5.13
N ALA A 170 -12.70 10.89 -6.24
CA ALA A 170 -13.51 10.20 -7.24
C ALA A 170 -14.07 8.83 -6.80
N LEU A 171 -13.53 8.24 -5.73
CA LEU A 171 -13.76 6.85 -5.31
C LEU A 171 -14.48 6.73 -3.95
N LEU A 172 -14.95 7.86 -3.40
CA LEU A 172 -15.65 8.02 -2.11
C LEU A 172 -16.75 7.02 -1.73
N GLY A 1 -14.05 24.69 -5.24
CA GLY A 1 -14.30 24.10 -6.57
C GLY A 1 -13.05 23.39 -7.04
N ALA A 2 -13.17 22.49 -8.02
CA ALA A 2 -12.09 21.67 -8.56
C ALA A 2 -12.57 20.98 -9.85
N MET A 3 -11.66 20.32 -10.57
CA MET A 3 -11.98 19.46 -11.73
C MET A 3 -11.13 18.20 -11.61
N HIS A 4 -11.74 17.02 -11.69
CA HIS A 4 -11.04 15.76 -11.43
C HIS A 4 -10.15 15.35 -12.64
N THR A 5 -8.96 15.93 -12.70
CA THR A 5 -7.93 15.67 -13.72
C THR A 5 -6.79 14.87 -13.10
N PHE A 6 -6.62 13.66 -13.62
CA PHE A 6 -5.81 12.60 -13.01
C PHE A 6 -4.80 12.01 -14.01
N TYR A 7 -3.96 11.10 -13.52
CA TYR A 7 -2.85 10.49 -14.27
C TYR A 7 -2.41 9.10 -13.79
N GLY A 8 -3.18 8.48 -12.88
CA GLY A 8 -3.00 7.08 -12.50
C GLY A 8 -3.31 6.14 -13.68
N THR A 9 -2.93 4.87 -13.57
CA THR A 9 -3.24 3.87 -14.60
C THR A 9 -4.68 3.42 -14.41
N ARG A 10 -5.60 4.20 -14.99
CA ARG A 10 -7.03 4.03 -14.87
C ARG A 10 -7.48 2.76 -15.59
N LEU A 11 -8.19 1.91 -14.85
CA LEU A 11 -8.61 0.58 -15.31
C LEU A 11 -10.01 0.65 -15.91
N LEU A 12 -10.26 -0.17 -16.94
CA LEU A 12 -11.50 -0.18 -17.72
C LEU A 12 -12.56 -1.12 -17.13
N ASN A 13 -12.13 -2.25 -16.54
CA ASN A 13 -12.94 -3.13 -15.71
C ASN A 13 -12.23 -3.33 -14.36
N PRO A 14 -12.96 -3.43 -13.23
CA PRO A 14 -12.36 -3.66 -11.92
C PRO A 14 -11.93 -5.11 -11.78
N LYS A 15 -10.62 -5.32 -11.70
CA LYS A 15 -10.01 -6.63 -11.44
C LYS A 15 -10.34 -7.06 -10.00
N PRO A 16 -10.82 -8.29 -9.74
CA PRO A 16 -11.03 -8.76 -8.37
C PRO A 16 -9.66 -8.97 -7.72
N VAL A 17 -9.50 -8.58 -6.45
CA VAL A 17 -8.26 -8.81 -5.67
C VAL A 17 -8.53 -9.22 -4.22
N ASP A 18 -7.69 -10.11 -3.70
CA ASP A 18 -7.68 -10.58 -2.31
C ASP A 18 -6.30 -11.16 -1.93
N PHE A 19 -6.01 -11.22 -0.63
CA PHE A 19 -4.75 -11.74 -0.09
C PHE A 19 -4.93 -12.15 1.37
N ALA A 20 -3.93 -12.83 1.95
CA ALA A 20 -3.82 -13.15 3.37
C ALA A 20 -2.42 -12.77 3.90
N LEU A 21 -2.36 -11.86 4.86
CA LEU A 21 -1.14 -11.36 5.52
C LEU A 21 -1.38 -11.15 7.02
N GLU A 22 -0.30 -10.84 7.74
CA GLU A 22 -0.22 -10.86 9.20
C GLU A 22 0.26 -9.50 9.74
N GLY A 23 -0.21 -9.15 10.95
CA GLY A 23 0.10 -7.91 11.67
C GLY A 23 0.52 -8.18 13.12
N PRO A 24 0.79 -7.13 13.93
CA PRO A 24 1.15 -7.26 15.35
C PRO A 24 -0.09 -7.54 16.23
N GLN A 25 -1.04 -8.35 15.74
CA GLN A 25 -2.40 -8.45 16.29
C GLN A 25 -3.22 -9.66 15.83
N GLY A 26 -2.80 -10.39 14.79
CA GLY A 26 -3.61 -11.40 14.11
C GLY A 26 -3.88 -11.04 12.64
N PRO A 27 -4.22 -12.03 11.80
CA PRO A 27 -4.13 -11.91 10.35
C PRO A 27 -5.22 -11.03 9.73
N VAL A 28 -4.86 -10.38 8.62
CA VAL A 28 -5.68 -9.45 7.84
C VAL A 28 -5.74 -9.95 6.38
N ARG A 29 -6.97 -10.08 5.89
CA ARG A 29 -7.29 -10.39 4.50
C ARG A 29 -7.90 -9.16 3.80
N LEU A 30 -7.64 -8.98 2.50
CA LEU A 30 -8.21 -7.85 1.74
C LEU A 30 -9.75 -7.88 1.77
N SER A 31 -10.30 -9.08 1.65
CA SER A 31 -11.73 -9.41 1.78
C SER A 31 -12.38 -9.11 3.15
N GLN A 32 -11.69 -8.48 4.10
CA GLN A 32 -12.35 -7.84 5.25
C GLN A 32 -12.77 -6.39 4.95
N PHE A 33 -12.04 -5.65 4.10
CA PHE A 33 -12.27 -4.22 3.83
C PHE A 33 -13.18 -3.97 2.62
N GLN A 34 -13.77 -5.02 2.06
CA GLN A 34 -14.43 -4.99 0.74
C GLN A 34 -15.75 -4.20 0.73
N ASP A 35 -16.37 -4.01 1.89
CA ASP A 35 -17.45 -3.04 2.14
C ASP A 35 -17.00 -1.56 1.94
N LYS A 36 -15.68 -1.31 1.82
CA LYS A 36 -15.05 0.01 1.91
C LYS A 36 -14.03 0.30 0.75
N VAL A 37 -13.04 1.17 1.02
CA VAL A 37 -11.96 1.63 0.13
C VAL A 37 -10.62 1.50 0.88
N VAL A 38 -9.56 1.12 0.16
CA VAL A 38 -8.22 0.84 0.70
C VAL A 38 -7.14 1.37 -0.25
N LEU A 39 -6.12 2.04 0.31
CA LEU A 39 -4.86 2.36 -0.35
C LEU A 39 -3.75 1.40 0.11
N LEU A 40 -2.89 1.00 -0.83
CA LEU A 40 -1.85 -0.02 -0.61
C LEU A 40 -0.50 0.41 -1.19
N PHE A 41 0.59 0.12 -0.45
CA PHE A 41 1.96 0.34 -0.90
C PHE A 41 2.88 -0.82 -0.48
N PHE A 42 3.78 -1.23 -1.39
CA PHE A 42 4.76 -2.32 -1.19
C PHE A 42 6.18 -1.78 -1.02
N GLY A 43 6.73 -1.90 0.19
CA GLY A 43 8.12 -1.57 0.54
C GLY A 43 8.73 -2.49 1.59
N PHE A 44 9.97 -2.19 1.97
CA PHE A 44 10.51 -2.51 3.30
C PHE A 44 10.66 -1.21 4.09
N THR A 45 10.52 -1.23 5.42
CA THR A 45 10.50 -0.01 6.25
C THR A 45 11.72 0.88 5.98
N ARG A 46 11.45 2.19 5.90
CA ARG A 46 12.36 3.25 5.42
C ARG A 46 12.63 3.14 3.90
N CYS A 47 12.87 1.95 3.34
CA CYS A 47 13.12 1.68 1.92
C CYS A 47 14.49 2.30 1.49
N PRO A 48 14.77 2.52 0.19
CA PRO A 48 15.80 3.46 -0.26
C PRO A 48 15.55 4.90 0.23
N ASP A 49 14.29 5.30 0.45
CA ASP A 49 13.81 6.38 1.35
C ASP A 49 12.30 6.62 1.19
N VAL A 50 11.75 6.23 0.05
CA VAL A 50 10.35 6.38 -0.40
C VAL A 50 9.23 5.99 0.60
N CYS A 51 9.52 5.23 1.68
CA CYS A 51 8.50 4.96 2.71
C CYS A 51 7.94 6.26 3.34
N PRO A 52 8.73 7.11 4.02
CA PRO A 52 8.22 8.34 4.58
C PRO A 52 7.60 9.33 3.59
N THR A 53 8.04 9.40 2.32
CA THR A 53 7.48 10.32 1.32
C THR A 53 6.07 9.90 0.90
N THR A 54 5.91 8.68 0.38
CA THR A 54 4.62 8.14 -0.06
C THR A 54 3.65 7.98 1.11
N LEU A 55 4.08 7.55 2.30
CA LEU A 55 3.18 7.53 3.47
C LEU A 55 2.75 8.93 3.92
N LEU A 56 3.57 9.96 3.73
CA LEU A 56 3.15 11.35 3.98
C LEU A 56 2.12 11.80 2.95
N ALA A 57 2.28 11.49 1.67
CA ALA A 57 1.29 11.84 0.64
C ALA A 57 -0.05 11.09 0.80
N LEU A 58 0.01 9.78 1.11
CA LEU A 58 -1.15 8.96 1.45
C LEU A 58 -1.93 9.57 2.62
N LYS A 59 -1.26 9.96 3.72
CA LYS A 59 -1.96 10.63 4.82
C LYS A 59 -2.41 12.05 4.48
N ARG A 60 -1.69 12.79 3.62
CA ARG A 60 -2.13 14.11 3.13
C ARG A 60 -3.43 14.04 2.35
N ALA A 61 -3.65 13.00 1.53
CA ALA A 61 -4.92 12.77 0.83
C ALA A 61 -6.06 12.47 1.82
N TYR A 62 -5.80 11.65 2.85
CA TYR A 62 -6.75 11.37 3.93
C TYR A 62 -7.14 12.64 4.74
N GLU A 63 -6.18 13.54 5.01
CA GLU A 63 -6.40 14.83 5.68
C GLU A 63 -7.28 15.79 4.87
N LYS A 64 -7.31 15.63 3.54
CA LYS A 64 -7.99 16.58 2.64
C LYS A 64 -9.42 16.15 2.24
N LEU A 65 -9.84 14.93 2.53
CA LEU A 65 -11.22 14.43 2.32
C LEU A 65 -12.05 14.57 3.61
N PRO A 66 -13.37 14.81 3.52
CA PRO A 66 -14.18 15.16 4.68
C PRO A 66 -14.31 13.96 5.63
N PRO A 67 -14.73 14.18 6.89
CA PRO A 67 -15.00 13.11 7.84
C PRO A 67 -15.92 12.04 7.25
N LYS A 68 -16.89 12.42 6.40
CA LYS A 68 -17.88 11.48 5.86
C LYS A 68 -17.29 10.57 4.75
N ALA A 69 -16.20 10.99 4.12
CA ALA A 69 -15.41 10.09 3.28
C ALA A 69 -14.56 9.12 4.09
N GLN A 70 -13.81 9.58 5.11
CA GLN A 70 -12.81 8.72 5.76
C GLN A 70 -13.40 7.49 6.46
N GLU A 71 -14.69 7.52 6.86
CA GLU A 71 -15.50 6.37 7.33
C GLU A 71 -15.31 5.09 6.52
N ARG A 72 -15.03 5.25 5.21
CA ARG A 72 -14.79 4.18 4.26
C ARG A 72 -13.40 4.18 3.62
N VAL A 73 -12.43 4.95 4.11
CA VAL A 73 -11.03 4.94 3.64
C VAL A 73 -10.12 4.28 4.69
N GLN A 74 -9.20 3.43 4.25
CA GLN A 74 -8.17 2.79 5.08
C GLN A 74 -6.85 2.75 4.27
N VAL A 75 -5.70 2.51 4.92
CA VAL A 75 -4.37 2.53 4.30
C VAL A 75 -3.50 1.40 4.89
N ILE A 76 -2.88 0.61 4.00
CA ILE A 76 -2.00 -0.52 4.33
C ILE A 76 -0.59 -0.27 3.77
N PHE A 77 0.42 -0.44 4.62
CA PHE A 77 1.79 -0.67 4.20
C PHE A 77 2.10 -2.17 4.23
N VAL A 78 2.43 -2.75 3.08
CA VAL A 78 2.79 -4.18 2.96
C VAL A 78 4.31 -4.31 2.92
N SER A 79 4.85 -5.12 3.82
CA SER A 79 6.26 -5.49 3.86
C SER A 79 6.64 -6.42 2.70
N VAL A 80 7.86 -6.25 2.17
CA VAL A 80 8.44 -7.03 1.06
C VAL A 80 9.56 -7.97 1.54
N ASP A 81 10.20 -7.67 2.67
CA ASP A 81 11.30 -8.46 3.22
C ASP A 81 11.03 -8.86 4.68
N PRO A 82 10.52 -10.07 4.94
CA PRO A 82 10.24 -10.53 6.29
C PRO A 82 11.48 -11.02 7.04
N GLU A 83 12.67 -11.10 6.42
CA GLU A 83 13.92 -11.36 7.14
C GLU A 83 14.47 -10.09 7.82
N ARG A 84 13.80 -8.93 7.63
CA ARG A 84 14.28 -7.61 8.05
C ARG A 84 13.18 -6.67 8.54
N ASP A 85 11.98 -6.74 7.99
CA ASP A 85 10.85 -5.87 8.29
C ASP A 85 9.71 -6.66 8.99
N PRO A 86 9.79 -6.90 10.32
CA PRO A 86 8.79 -7.67 11.05
C PRO A 86 7.50 -6.87 11.26
N PRO A 87 6.33 -7.50 11.49
CA PRO A 87 5.03 -6.85 11.43
C PRO A 87 4.86 -5.70 12.43
N GLU A 88 5.52 -5.75 13.59
CA GLU A 88 5.50 -4.69 14.60
C GLU A 88 6.25 -3.43 14.13
N VAL A 89 7.33 -3.60 13.35
CA VAL A 89 8.09 -2.49 12.75
C VAL A 89 7.36 -1.89 11.55
N ALA A 90 6.83 -2.74 10.66
CA ALA A 90 5.99 -2.29 9.53
C ALA A 90 4.74 -1.52 10.02
N ASP A 91 4.03 -2.05 11.01
CA ASP A 91 2.80 -1.44 11.57
C ASP A 91 3.05 -0.14 12.32
N ARG A 92 4.10 -0.07 13.13
CA ARG A 92 4.43 1.18 13.81
C ARG A 92 4.88 2.28 12.83
N TYR A 93 5.53 1.93 11.72
CA TYR A 93 5.96 2.91 10.71
C TYR A 93 4.75 3.49 9.98
N ALA A 94 3.82 2.64 9.52
CA ALA A 94 2.54 3.06 8.93
C ALA A 94 1.73 3.95 9.89
N LYS A 95 1.47 3.47 11.10
CA LYS A 95 0.62 4.16 12.07
C LYS A 95 1.25 5.43 12.70
N ALA A 96 2.57 5.59 12.64
CA ALA A 96 3.24 6.85 13.01
C ALA A 96 2.82 8.04 12.15
N PHE A 97 2.33 7.80 10.92
CA PHE A 97 1.73 8.84 10.07
C PHE A 97 0.30 9.20 10.43
N HIS A 98 -0.50 8.26 10.93
CA HIS A 98 -1.93 8.45 11.16
C HIS A 98 -2.53 7.29 11.99
N PRO A 99 -3.29 7.55 13.08
CA PRO A 99 -3.68 6.55 14.09
C PRO A 99 -4.72 5.49 13.65
N SER A 100 -5.04 5.38 12.36
CA SER A 100 -5.98 4.35 11.81
C SER A 100 -5.35 3.57 10.64
N PHE A 101 -4.01 3.57 10.53
CA PHE A 101 -3.25 2.87 9.50
C PHE A 101 -2.71 1.52 10.02
N LEU A 102 -2.37 0.63 9.08
CA LEU A 102 -1.92 -0.73 9.34
C LEU A 102 -0.60 -1.02 8.61
N GLY A 103 0.26 -1.84 9.20
CA GLY A 103 1.40 -2.45 8.50
C GLY A 103 1.37 -3.98 8.62
N LEU A 104 1.67 -4.67 7.51
CA LEU A 104 1.54 -6.13 7.40
C LEU A 104 2.86 -6.79 6.97
N SER A 105 3.32 -7.79 7.71
CA SER A 105 4.47 -8.63 7.36
C SER A 105 4.25 -10.08 7.82
N GLY A 106 4.90 -11.06 7.18
CA GLY A 106 4.69 -12.48 7.50
C GLY A 106 5.59 -13.42 6.70
N SER A 107 5.26 -14.70 6.68
CA SER A 107 6.01 -15.72 5.93
C SER A 107 6.13 -15.41 4.41
N PRO A 108 7.27 -15.74 3.79
CA PRO A 108 7.66 -15.17 2.50
C PRO A 108 6.76 -15.62 1.34
N GLU A 109 6.16 -16.81 1.41
CA GLU A 109 5.11 -17.27 0.48
C GLU A 109 3.78 -16.52 0.66
N ALA A 110 3.36 -16.20 1.89
CA ALA A 110 2.23 -15.30 2.12
C ALA A 110 2.52 -13.87 1.62
N VAL A 111 3.76 -13.39 1.77
CA VAL A 111 4.23 -12.14 1.12
C VAL A 111 4.20 -12.27 -0.42
N ARG A 112 4.51 -13.45 -0.98
CA ARG A 112 4.34 -13.69 -2.43
C ARG A 112 2.89 -13.62 -2.85
N GLU A 113 1.98 -14.22 -2.10
CA GLU A 113 0.54 -14.13 -2.42
C GLU A 113 0.06 -12.67 -2.55
N ALA A 114 0.35 -11.82 -1.56
CA ALA A 114 0.02 -10.39 -1.62
C ALA A 114 0.64 -9.69 -2.84
N ALA A 115 1.88 -10.01 -3.19
CA ALA A 115 2.55 -9.46 -4.37
C ALA A 115 1.93 -9.93 -5.70
N GLN A 116 1.67 -11.24 -5.80
CA GLN A 116 1.17 -11.94 -6.98
C GLN A 116 -0.24 -11.47 -7.35
N THR A 117 -1.08 -11.23 -6.33
CA THR A 117 -2.46 -10.72 -6.50
C THR A 117 -2.49 -9.46 -7.36
N PHE A 118 -1.69 -8.45 -7.00
CA PHE A 118 -1.60 -7.21 -7.76
C PHE A 118 -0.79 -7.33 -9.06
N GLY A 119 0.36 -8.03 -9.02
CA GLY A 119 1.39 -8.08 -10.08
C GLY A 119 2.75 -7.50 -9.68
N VAL A 120 3.08 -7.46 -8.39
CA VAL A 120 4.39 -7.04 -7.85
C VAL A 120 5.38 -8.20 -7.97
N PHE A 121 6.62 -7.91 -8.39
CA PHE A 121 7.68 -8.92 -8.51
C PHE A 121 8.94 -8.50 -7.73
N TYR A 122 9.46 -9.45 -6.95
CA TYR A 122 10.63 -9.26 -6.09
C TYR A 122 11.53 -10.50 -5.97
N GLN A 123 12.84 -10.24 -5.86
CA GLN A 123 13.89 -11.22 -5.53
C GLN A 123 14.77 -10.62 -4.41
N LYS A 124 15.82 -11.33 -3.99
CA LYS A 124 16.95 -10.73 -3.28
C LYS A 124 18.29 -11.35 -3.71
N SER A 125 19.35 -10.55 -3.76
CA SER A 125 20.62 -10.87 -4.41
C SER A 125 21.83 -10.32 -3.63
N GLN A 126 23.05 -10.59 -4.13
CA GLN A 126 24.31 -10.04 -3.62
C GLN A 126 24.58 -10.37 -2.14
N TYR A 127 24.01 -11.47 -1.64
CA TYR A 127 24.14 -12.02 -0.26
C TYR A 127 25.55 -12.53 0.11
N ARG A 128 26.58 -11.98 -0.54
CA ARG A 128 27.99 -12.38 -0.47
C ARG A 128 28.75 -11.75 0.71
N GLY A 129 28.10 -10.95 1.56
CA GLY A 129 28.71 -10.32 2.75
C GLY A 129 28.78 -11.27 3.96
N PRO A 130 29.04 -10.74 5.17
CA PRO A 130 29.08 -11.52 6.41
C PRO A 130 27.68 -11.87 6.93
N GLY A 131 26.70 -10.98 6.70
CA GLY A 131 25.27 -11.16 6.98
C GLY A 131 24.41 -10.15 6.22
N GLU A 132 24.92 -9.75 5.04
CA GLU A 132 24.55 -8.58 4.26
C GLU A 132 24.18 -9.01 2.84
N TYR A 133 23.16 -8.36 2.28
CA TYR A 133 22.49 -8.67 1.01
C TYR A 133 21.65 -7.48 0.50
N LEU A 134 21.13 -7.54 -0.72
CA LEU A 134 20.21 -6.54 -1.29
C LEU A 134 18.87 -7.16 -1.72
N VAL A 135 17.81 -6.37 -1.68
CA VAL A 135 16.46 -6.74 -2.15
C VAL A 135 16.26 -6.19 -3.56
N ASP A 136 15.78 -7.03 -4.47
CA ASP A 136 15.53 -6.70 -5.88
C ASP A 136 14.03 -6.55 -6.12
N HIS A 137 13.42 -5.50 -5.56
CA HIS A 137 11.96 -5.38 -5.52
C HIS A 137 11.35 -4.28 -6.40
N THR A 138 10.20 -4.63 -6.96
CA THR A 138 9.18 -3.67 -7.39
C THR A 138 8.63 -2.96 -6.16
N ALA A 139 8.52 -1.63 -6.22
CA ALA A 139 7.75 -0.83 -5.28
C ALA A 139 6.58 -0.20 -6.07
N THR A 140 5.33 -0.50 -5.69
CA THR A 140 4.13 -0.01 -6.41
C THR A 140 3.00 0.29 -5.45
N THR A 141 2.13 1.20 -5.89
CA THR A 141 0.98 1.73 -5.16
C THR A 141 -0.29 1.22 -5.85
N PHE A 142 -1.32 0.90 -5.08
CA PHE A 142 -2.54 0.27 -5.61
C PHE A 142 -3.80 0.88 -4.99
N VAL A 143 -4.84 1.09 -5.81
CA VAL A 143 -6.13 1.61 -5.33
C VAL A 143 -7.19 0.54 -5.44
N VAL A 144 -7.69 0.17 -4.27
CA VAL A 144 -8.68 -0.89 -4.06
C VAL A 144 -9.98 -0.32 -3.47
N LYS A 145 -11.10 -0.71 -4.08
CA LYS A 145 -12.49 -0.31 -3.84
C LYS A 145 -13.33 -1.59 -4.00
N GLU A 146 -14.23 -1.91 -3.06
CA GLU A 146 -15.27 -2.94 -3.28
C GLU A 146 -14.75 -4.40 -3.20
N GLY A 147 -13.50 -4.61 -2.74
CA GLY A 147 -12.77 -5.89 -2.90
C GLY A 147 -12.06 -6.04 -4.26
N ARG A 148 -11.89 -4.93 -4.99
CA ARG A 148 -11.43 -4.94 -6.38
C ARG A 148 -10.45 -3.80 -6.67
N LEU A 149 -9.52 -4.06 -7.59
CA LEU A 149 -8.46 -3.14 -7.98
C LEU A 149 -9.00 -2.24 -9.09
N VAL A 150 -9.13 -0.96 -8.79
CA VAL A 150 -9.69 0.06 -9.71
C VAL A 150 -8.61 0.95 -10.35
N LEU A 151 -7.38 0.91 -9.84
CA LEU A 151 -6.29 1.78 -10.26
C LEU A 151 -4.91 1.30 -9.80
N LEU A 152 -3.91 1.47 -10.67
CA LEU A 152 -2.49 1.37 -10.33
C LEU A 152 -1.87 2.77 -10.20
N TYR A 153 -0.99 2.94 -9.22
CA TYR A 153 -0.14 4.10 -9.06
C TYR A 153 1.34 3.72 -8.92
N SER A 154 2.21 4.63 -9.31
CA SER A 154 3.64 4.61 -8.98
C SER A 154 3.85 5.59 -7.81
N PRO A 155 4.83 5.39 -6.90
CA PRO A 155 4.99 6.27 -5.73
C PRO A 155 5.20 7.73 -6.13
N ASP A 156 5.95 7.99 -7.21
CA ASP A 156 6.14 9.31 -7.82
C ASP A 156 4.81 10.02 -8.10
N LYS A 157 3.99 9.38 -8.92
CA LYS A 157 2.65 9.78 -9.27
C LYS A 157 1.73 9.89 -8.05
N ALA A 158 1.87 9.00 -7.06
CA ALA A 158 1.06 8.96 -5.84
C ALA A 158 1.36 10.15 -4.92
N GLU A 159 2.57 10.72 -5.00
CA GLU A 159 2.95 11.79 -4.06
C GLU A 159 2.22 13.11 -4.33
N ALA A 160 1.69 13.28 -5.55
CA ALA A 160 0.73 14.33 -5.89
C ALA A 160 -0.63 14.10 -5.20
N THR A 161 -0.73 14.56 -3.94
CA THR A 161 -1.93 14.57 -3.09
C THR A 161 -3.20 14.91 -3.86
N ASP A 162 -3.29 16.10 -4.45
CA ASP A 162 -4.49 16.58 -5.13
C ASP A 162 -4.80 15.81 -6.43
N ARG A 163 -3.79 15.21 -7.08
CA ARG A 163 -4.02 14.25 -8.17
C ARG A 163 -4.63 12.95 -7.64
N VAL A 164 -4.13 12.43 -6.51
CA VAL A 164 -4.69 11.24 -5.84
C VAL A 164 -6.10 11.52 -5.29
N VAL A 165 -6.34 12.69 -4.66
CA VAL A 165 -7.70 13.10 -4.27
C VAL A 165 -8.64 13.14 -5.48
N ALA A 166 -8.25 13.74 -6.60
CA ALA A 166 -9.10 13.79 -7.81
C ALA A 166 -9.42 12.41 -8.38
N ASP A 167 -8.42 11.54 -8.51
CA ASP A 167 -8.59 10.20 -9.07
C ASP A 167 -9.39 9.28 -8.13
N LEU A 168 -9.23 9.44 -6.80
CA LEU A 168 -10.10 8.84 -5.80
C LEU A 168 -11.53 9.37 -5.92
N GLN A 169 -11.72 10.68 -6.00
CA GLN A 169 -13.03 11.33 -6.12
C GLN A 169 -13.82 10.91 -7.37
N ALA A 170 -13.13 10.40 -8.41
CA ALA A 170 -13.70 9.72 -9.57
C ALA A 170 -14.15 8.25 -9.36
N LEU A 171 -13.74 7.59 -8.27
CA LEU A 171 -13.95 6.15 -7.98
C LEU A 171 -14.51 5.84 -6.58
N LEU A 172 -14.72 6.89 -5.78
CA LEU A 172 -15.30 6.90 -4.42
C LEU A 172 -16.83 6.71 -4.40
N GLY A 1 -16.91 16.86 -6.53
CA GLY A 1 -16.38 18.22 -6.78
C GLY A 1 -16.61 18.59 -8.23
N ALA A 2 -15.73 19.39 -8.82
CA ALA A 2 -15.72 19.68 -10.26
C ALA A 2 -14.54 18.98 -10.97
N MET A 3 -14.47 19.12 -12.30
CA MET A 3 -13.46 18.50 -13.18
C MET A 3 -13.59 16.96 -13.18
N HIS A 4 -12.50 16.24 -13.45
CA HIS A 4 -12.38 14.77 -13.59
C HIS A 4 -10.95 14.36 -14.00
N THR A 5 -9.93 15.13 -13.57
CA THR A 5 -8.54 14.88 -13.90
C THR A 5 -7.98 13.82 -12.97
N PHE A 6 -7.88 12.59 -13.46
CA PHE A 6 -7.15 11.52 -12.79
C PHE A 6 -5.64 11.67 -12.99
N TYR A 7 -4.83 10.77 -12.40
CA TYR A 7 -3.37 10.88 -12.46
C TYR A 7 -2.60 9.56 -12.32
N GLY A 8 -3.19 8.52 -11.71
CA GLY A 8 -2.61 7.19 -11.57
C GLY A 8 -2.59 6.45 -12.92
N THR A 9 -3.42 5.41 -13.04
CA THR A 9 -3.74 4.66 -14.27
C THR A 9 -5.15 4.12 -14.12
N ARG A 10 -6.14 4.83 -14.68
CA ARG A 10 -7.56 4.50 -14.51
C ARG A 10 -8.00 3.37 -15.43
N LEU A 11 -8.45 2.29 -14.79
CA LEU A 11 -8.65 0.97 -15.41
C LEU A 11 -10.01 0.85 -16.12
N LEU A 12 -10.27 -0.33 -16.70
CA LEU A 12 -11.51 -0.68 -17.41
C LEU A 12 -12.19 -1.92 -16.83
N ASN A 13 -11.44 -2.99 -16.55
CA ASN A 13 -11.94 -4.20 -15.89
C ASN A 13 -11.38 -4.32 -14.46
N PRO A 14 -12.05 -3.76 -13.43
CA PRO A 14 -11.56 -3.80 -12.07
C PRO A 14 -11.83 -5.17 -11.45
N LYS A 15 -10.76 -5.95 -11.35
CA LYS A 15 -10.83 -7.36 -11.02
C LYS A 15 -10.98 -7.59 -9.50
N PRO A 16 -11.84 -8.51 -9.03
CA PRO A 16 -11.88 -8.86 -7.61
C PRO A 16 -10.52 -9.42 -7.20
N VAL A 17 -10.09 -9.14 -5.96
CA VAL A 17 -8.78 -9.52 -5.42
C VAL A 17 -8.90 -9.89 -3.95
N ASP A 18 -7.94 -10.69 -3.49
CA ASP A 18 -7.66 -10.99 -2.09
C ASP A 18 -6.16 -11.28 -1.91
N PHE A 19 -5.74 -11.40 -0.66
CA PHE A 19 -4.49 -11.97 -0.20
C PHE A 19 -4.61 -12.30 1.27
N ALA A 20 -3.86 -13.29 1.76
CA ALA A 20 -3.59 -13.46 3.18
C ALA A 20 -2.25 -12.79 3.48
N LEU A 21 -2.13 -12.21 4.67
CA LEU A 21 -0.93 -11.66 5.30
C LEU A 21 -1.02 -11.92 6.82
N GLU A 22 -0.03 -11.48 7.58
CA GLU A 22 -0.17 -11.28 9.03
C GLU A 22 0.07 -9.81 9.42
N GLY A 23 -0.31 -9.45 10.64
CA GLY A 23 -0.02 -8.18 11.30
C GLY A 23 0.32 -8.40 12.78
N PRO A 24 0.60 -7.33 13.56
CA PRO A 24 1.12 -7.39 14.94
C PRO A 24 0.05 -7.78 15.98
N GLN A 25 -0.84 -8.71 15.64
CA GLN A 25 -1.98 -9.14 16.44
C GLN A 25 -2.59 -10.46 15.94
N GLY A 26 -2.46 -10.80 14.64
CA GLY A 26 -3.02 -12.02 14.06
C GLY A 26 -2.94 -12.04 12.51
N PRO A 27 -3.42 -13.11 11.87
CA PRO A 27 -3.50 -13.23 10.42
C PRO A 27 -4.66 -12.40 9.86
N VAL A 28 -4.47 -11.82 8.67
CA VAL A 28 -5.43 -10.88 8.05
C VAL A 28 -5.55 -11.19 6.56
N ARG A 29 -6.77 -11.25 6.04
CA ARG A 29 -7.06 -11.28 4.60
C ARG A 29 -7.50 -9.90 4.10
N LEU A 30 -7.14 -9.53 2.87
CA LEU A 30 -7.66 -8.33 2.20
C LEU A 30 -9.20 -8.37 2.15
N SER A 31 -9.80 -9.53 1.88
CA SER A 31 -11.27 -9.69 1.85
C SER A 31 -11.92 -9.75 3.25
N GLN A 32 -11.20 -9.44 4.35
CA GLN A 32 -11.83 -9.17 5.64
C GLN A 32 -12.44 -7.76 5.71
N PHE A 33 -12.14 -6.87 4.76
CA PHE A 33 -12.78 -5.55 4.68
C PHE A 33 -14.09 -5.59 3.87
N GLN A 34 -13.88 -5.88 2.59
CA GLN A 34 -14.86 -6.09 1.51
C GLN A 34 -16.12 -5.20 1.59
N ASP A 35 -15.87 -3.89 1.49
CA ASP A 35 -16.78 -2.79 1.80
C ASP A 35 -16.08 -1.48 1.43
N LYS A 36 -14.90 -1.27 2.02
CA LYS A 36 -14.29 0.06 2.09
C LYS A 36 -13.25 0.33 0.97
N VAL A 37 -12.40 1.33 1.18
CA VAL A 37 -11.29 1.68 0.28
C VAL A 37 -10.02 1.37 1.04
N VAL A 38 -9.05 0.77 0.36
CA VAL A 38 -7.69 0.64 0.90
C VAL A 38 -6.65 1.08 -0.12
N LEU A 39 -5.58 1.68 0.39
CA LEU A 39 -4.42 2.12 -0.37
C LEU A 39 -3.25 1.22 0.03
N LEU A 40 -2.80 0.42 -0.93
CA LEU A 40 -1.81 -0.64 -0.72
C LEU A 40 -0.45 -0.20 -1.25
N PHE A 41 0.60 -0.35 -0.44
CA PHE A 41 1.97 0.10 -0.74
C PHE A 41 2.99 -0.96 -0.30
N PHE A 42 3.95 -1.29 -1.15
CA PHE A 42 4.96 -2.34 -0.90
C PHE A 42 6.31 -1.73 -0.55
N GLY A 43 6.85 -2.08 0.63
CA GLY A 43 8.15 -1.62 1.12
C GLY A 43 8.98 -2.63 1.93
N PHE A 44 10.26 -2.25 2.07
CA PHE A 44 11.29 -2.91 2.90
C PHE A 44 11.84 -2.00 4.01
N THR A 45 11.25 -0.80 4.18
CA THR A 45 11.33 0.10 5.35
C THR A 45 12.67 0.86 5.46
N ARG A 46 13.77 0.13 5.20
CA ARG A 46 15.18 0.50 4.91
C ARG A 46 15.33 1.45 3.70
N CYS A 47 14.57 2.55 3.67
CA CYS A 47 14.58 3.55 2.61
C CYS A 47 15.47 4.77 2.98
N PRO A 48 15.73 5.68 2.02
CA PRO A 48 15.85 7.10 2.31
C PRO A 48 14.41 7.62 2.54
N ASP A 49 13.94 8.61 1.79
CA ASP A 49 12.79 9.43 2.25
C ASP A 49 11.45 8.92 1.70
N VAL A 50 11.57 7.92 0.87
CA VAL A 50 10.56 7.39 -0.04
C VAL A 50 9.46 6.61 0.68
N CYS A 51 9.70 6.16 1.92
CA CYS A 51 8.62 5.85 2.86
C CYS A 51 7.98 7.12 3.47
N PRO A 52 8.72 7.96 4.23
CA PRO A 52 8.11 9.03 5.01
C PRO A 52 7.44 10.11 4.17
N THR A 53 7.97 10.54 3.02
CA THR A 53 7.34 11.55 2.16
C THR A 53 6.11 11.00 1.44
N THR A 54 6.16 9.80 0.83
CA THR A 54 4.97 9.08 0.31
C THR A 54 3.90 8.94 1.39
N LEU A 55 4.26 8.49 2.60
CA LEU A 55 3.32 8.37 3.72
C LEU A 55 2.81 9.75 4.17
N LEU A 56 3.61 10.83 4.08
CA LEU A 56 3.17 12.19 4.38
C LEU A 56 2.20 12.72 3.30
N ALA A 57 2.37 12.37 2.03
CA ALA A 57 1.43 12.68 0.95
C ALA A 57 0.11 11.90 1.10
N LEU A 58 0.18 10.60 1.44
CA LEU A 58 -0.98 9.75 1.74
C LEU A 58 -1.76 10.31 2.95
N LYS A 59 -1.05 10.71 4.01
CA LYS A 59 -1.55 11.58 5.09
C LYS A 59 -2.26 12.84 4.55
N ARG A 60 -1.57 13.65 3.74
CA ARG A 60 -2.08 14.96 3.29
C ARG A 60 -3.33 14.79 2.42
N ALA A 61 -3.44 13.70 1.66
CA ALA A 61 -4.65 13.34 0.93
C ALA A 61 -5.78 12.96 1.90
N TYR A 62 -5.55 12.03 2.84
CA TYR A 62 -6.56 11.59 3.81
C TYR A 62 -7.09 12.73 4.68
N GLU A 63 -6.21 13.55 5.26
CA GLU A 63 -6.55 14.65 6.15
C GLU A 63 -7.25 15.80 5.38
N LYS A 64 -7.16 15.81 4.04
CA LYS A 64 -7.90 16.69 3.13
C LYS A 64 -9.22 16.10 2.59
N LEU A 65 -9.57 14.82 2.89
CA LEU A 65 -10.85 14.24 2.47
C LEU A 65 -12.02 14.74 3.34
N PRO A 66 -13.26 14.78 2.81
CA PRO A 66 -14.43 15.18 3.58
C PRO A 66 -14.77 14.12 4.65
N PRO A 67 -15.40 14.53 5.77
CA PRO A 67 -15.70 13.65 6.89
C PRO A 67 -16.74 12.56 6.58
N LYS A 68 -17.27 12.47 5.35
CA LYS A 68 -18.07 11.31 4.91
C LYS A 68 -17.25 10.31 4.07
N ALA A 69 -16.19 10.75 3.39
CA ALA A 69 -15.22 9.84 2.79
C ALA A 69 -14.23 9.23 3.79
N GLN A 70 -13.89 9.93 4.88
CA GLN A 70 -12.81 9.50 5.78
C GLN A 70 -12.98 8.12 6.42
N GLU A 71 -14.22 7.65 6.51
CA GLU A 71 -14.56 6.31 7.02
C GLU A 71 -14.13 5.23 6.02
N ARG A 72 -14.38 5.46 4.73
CA ARG A 72 -13.96 4.57 3.65
C ARG A 72 -12.59 4.98 3.13
N VAL A 73 -11.59 4.89 4.01
CA VAL A 73 -10.16 4.79 3.67
C VAL A 73 -9.34 4.25 4.85
N GLN A 74 -8.54 3.21 4.60
CA GLN A 74 -7.48 2.73 5.48
C GLN A 74 -6.21 2.53 4.64
N VAL A 75 -5.02 2.78 5.21
CA VAL A 75 -3.74 2.62 4.49
C VAL A 75 -3.04 1.34 4.95
N ILE A 76 -2.59 0.53 4.00
CA ILE A 76 -2.09 -0.83 4.23
C ILE A 76 -0.67 -0.92 3.68
N PHE A 77 0.32 -1.02 4.56
CA PHE A 77 1.72 -1.15 4.18
C PHE A 77 2.09 -2.63 4.18
N VAL A 78 2.54 -3.14 3.03
CA VAL A 78 2.96 -4.52 2.84
C VAL A 78 4.48 -4.59 2.94
N SER A 79 4.93 -5.28 3.98
CA SER A 79 6.34 -5.60 4.21
C SER A 79 6.80 -6.70 3.27
N VAL A 80 7.85 -6.46 2.48
CA VAL A 80 8.15 -7.35 1.31
C VAL A 80 8.93 -8.64 1.66
N ASP A 81 9.57 -8.69 2.83
CA ASP A 81 10.47 -9.76 3.26
C ASP A 81 10.35 -10.00 4.78
N PRO A 82 9.67 -11.07 5.21
CA PRO A 82 9.44 -11.34 6.63
C PRO A 82 10.67 -11.90 7.37
N GLU A 83 11.80 -12.13 6.68
CA GLU A 83 13.10 -12.32 7.33
C GLU A 83 13.62 -11.03 7.97
N ARG A 84 13.20 -9.87 7.44
CA ARG A 84 13.78 -8.57 7.76
C ARG A 84 12.80 -7.60 8.41
N ASP A 85 11.59 -7.48 7.87
CA ASP A 85 10.56 -6.55 8.33
C ASP A 85 9.48 -7.33 9.09
N PRO A 86 9.59 -7.51 10.42
CA PRO A 86 8.55 -8.15 11.22
C PRO A 86 7.37 -7.18 11.44
N PRO A 87 6.14 -7.69 11.63
CA PRO A 87 4.93 -6.88 11.52
C PRO A 87 4.87 -5.76 12.55
N GLU A 88 5.41 -5.97 13.75
CA GLU A 88 5.48 -4.96 14.80
C GLU A 88 6.31 -3.75 14.38
N VAL A 89 7.42 -3.97 13.65
CA VAL A 89 8.33 -2.92 13.16
C VAL A 89 7.70 -2.14 12.00
N ALA A 90 7.11 -2.86 11.04
CA ALA A 90 6.38 -2.27 9.92
C ALA A 90 5.19 -1.41 10.38
N ASP A 91 4.48 -1.84 11.43
CA ASP A 91 3.36 -1.10 12.02
C ASP A 91 3.82 0.18 12.70
N ARG A 92 5.04 0.22 13.29
CA ARG A 92 5.60 1.47 13.81
C ARG A 92 5.71 2.52 12.70
N TYR A 93 6.25 2.18 11.53
CA TYR A 93 6.40 3.14 10.43
C TYR A 93 5.05 3.55 9.82
N ALA A 94 4.09 2.64 9.72
CA ALA A 94 2.74 2.96 9.26
C ALA A 94 2.00 3.90 10.24
N LYS A 95 1.87 3.48 11.50
CA LYS A 95 1.14 4.20 12.56
C LYS A 95 1.78 5.54 12.96
N ALA A 96 3.07 5.77 12.64
CA ALA A 96 3.75 7.03 12.88
C ALA A 96 3.10 8.21 12.13
N PHE A 97 2.49 7.93 10.98
CA PHE A 97 1.79 8.95 10.19
C PHE A 97 0.35 9.17 10.63
N HIS A 98 -0.39 8.12 10.98
CA HIS A 98 -1.83 8.21 11.23
C HIS A 98 -2.40 6.89 11.80
N PRO A 99 -3.37 6.89 12.73
CA PRO A 99 -3.92 5.65 13.30
C PRO A 99 -4.69 4.76 12.31
N SER A 100 -5.29 5.28 11.23
CA SER A 100 -5.92 4.44 10.18
C SER A 100 -4.91 3.79 9.20
N PHE A 101 -3.63 3.74 9.59
CA PHE A 101 -2.56 3.05 8.86
C PHE A 101 -2.20 1.74 9.58
N LEU A 102 -1.79 0.73 8.81
CA LEU A 102 -1.59 -0.66 9.27
C LEU A 102 -0.29 -1.26 8.71
N GLY A 103 0.51 -1.94 9.55
CA GLY A 103 1.70 -2.69 9.13
C GLY A 103 1.40 -4.18 8.97
N LEU A 104 1.48 -4.66 7.73
CA LEU A 104 1.28 -6.06 7.38
C LEU A 104 2.65 -6.68 7.10
N SER A 105 3.02 -7.71 7.84
CA SER A 105 4.11 -8.62 7.51
C SER A 105 3.75 -10.01 8.00
N GLY A 106 4.03 -11.04 7.21
CA GLY A 106 3.65 -12.41 7.52
C GLY A 106 4.38 -13.45 6.68
N SER A 107 3.93 -14.69 6.79
CA SER A 107 4.40 -15.84 6.01
C SER A 107 4.76 -15.48 4.54
N PRO A 108 5.99 -15.82 4.06
CA PRO A 108 6.51 -15.30 2.80
C PRO A 108 5.71 -15.77 1.57
N GLU A 109 5.04 -16.92 1.68
CA GLU A 109 4.08 -17.44 0.71
C GLU A 109 2.84 -16.55 0.64
N ALA A 110 2.32 -16.09 1.79
CA ALA A 110 1.18 -15.17 1.89
C ALA A 110 1.56 -13.74 1.44
N VAL A 111 2.75 -13.25 1.85
CA VAL A 111 3.36 -12.05 1.23
C VAL A 111 3.46 -12.21 -0.30
N ARG A 112 3.78 -13.42 -0.80
CA ARG A 112 3.78 -13.69 -2.24
C ARG A 112 2.37 -13.77 -2.86
N GLU A 113 1.33 -14.23 -2.16
CA GLU A 113 -0.07 -14.13 -2.64
C GLU A 113 -0.43 -12.67 -2.95
N ALA A 114 -0.16 -11.77 -2.00
CA ALA A 114 -0.36 -10.33 -2.17
C ALA A 114 0.38 -9.78 -3.39
N ALA A 115 1.67 -10.11 -3.53
CA ALA A 115 2.48 -9.72 -4.67
C ALA A 115 1.93 -10.26 -6.00
N GLN A 116 1.69 -11.57 -6.11
CA GLN A 116 1.32 -12.23 -7.36
C GLN A 116 -0.05 -11.80 -7.86
N THR A 117 -1.00 -11.54 -6.96
CA THR A 117 -2.36 -11.10 -7.32
C THR A 117 -2.34 -9.68 -7.88
N PHE A 118 -1.66 -8.77 -7.18
CA PHE A 118 -1.56 -7.35 -7.55
C PHE A 118 -0.60 -7.11 -8.74
N GLY A 119 0.38 -7.99 -8.98
CA GLY A 119 1.39 -7.90 -10.06
C GLY A 119 2.76 -7.38 -9.61
N VAL A 120 3.08 -7.51 -8.33
CA VAL A 120 4.27 -6.95 -7.66
C VAL A 120 5.39 -7.99 -7.63
N PHE A 121 6.64 -7.51 -7.56
CA PHE A 121 7.85 -8.33 -7.61
C PHE A 121 9.00 -7.74 -6.80
N TYR A 122 9.62 -8.58 -5.99
CA TYR A 122 10.91 -8.32 -5.34
C TYR A 122 11.98 -9.26 -5.91
N GLN A 123 13.20 -8.75 -6.08
CA GLN A 123 14.34 -9.47 -6.65
C GLN A 123 15.50 -9.36 -5.65
N LYS A 124 16.37 -10.36 -5.52
CA LYS A 124 17.57 -10.22 -4.67
C LYS A 124 18.81 -10.97 -5.19
N SER A 125 19.95 -10.31 -5.17
CA SER A 125 21.28 -10.92 -5.37
C SER A 125 22.03 -11.03 -4.02
N GLN A 126 23.04 -11.90 -3.91
CA GLN A 126 23.87 -12.02 -2.71
C GLN A 126 23.10 -12.49 -1.46
N TYR A 127 21.97 -13.18 -1.61
CA TYR A 127 21.13 -13.65 -0.50
C TYR A 127 21.79 -14.81 0.27
N ARG A 128 22.69 -14.41 1.20
CA ARG A 128 23.61 -15.14 2.10
C ARG A 128 25.08 -14.62 2.02
N GLY A 129 25.27 -13.36 1.64
CA GLY A 129 26.54 -12.63 1.77
C GLY A 129 26.91 -12.31 3.24
N PRO A 130 27.97 -11.51 3.48
CA PRO A 130 28.60 -11.39 4.79
C PRO A 130 27.85 -10.50 5.80
N GLY A 131 26.91 -9.65 5.36
CA GLY A 131 26.21 -8.72 6.26
C GLY A 131 25.26 -7.74 5.56
N GLU A 132 24.63 -8.18 4.48
CA GLU A 132 23.82 -7.41 3.52
C GLU A 132 23.51 -8.34 2.34
N TYR A 133 22.32 -8.18 1.75
CA TYR A 133 21.91 -8.85 0.52
C TYR A 133 21.18 -7.87 -0.39
N LEU A 134 21.50 -7.87 -1.68
CA LEU A 134 21.24 -6.73 -2.56
C LEU A 134 19.87 -6.98 -3.16
N VAL A 135 18.87 -6.50 -2.41
CA VAL A 135 17.43 -6.65 -2.67
C VAL A 135 16.85 -5.40 -3.35
N ASP A 136 15.90 -5.67 -4.23
CA ASP A 136 15.12 -4.76 -5.08
C ASP A 136 13.62 -5.07 -4.97
N HIS A 137 12.76 -4.04 -5.08
CA HIS A 137 11.31 -4.17 -4.99
C HIS A 137 10.54 -3.12 -5.83
N THR A 138 9.42 -3.51 -6.45
CA THR A 138 8.48 -2.56 -7.09
C THR A 138 7.92 -1.63 -6.01
N ALA A 139 8.32 -0.35 -6.03
CA ALA A 139 7.86 0.70 -5.12
C ALA A 139 6.44 1.20 -5.46
N THR A 140 5.54 0.29 -5.83
CA THR A 140 4.26 0.62 -6.47
C THR A 140 3.14 0.66 -5.45
N THR A 141 2.15 1.50 -5.76
CA THR A 141 0.95 1.76 -4.97
C THR A 141 -0.27 1.33 -5.80
N PHE A 142 -1.27 0.77 -5.12
CA PHE A 142 -2.42 0.11 -5.74
C PHE A 142 -3.71 0.50 -5.01
N VAL A 143 -4.74 0.88 -5.77
CA VAL A 143 -6.07 1.25 -5.22
C VAL A 143 -7.07 0.11 -5.36
N VAL A 144 -7.80 -0.12 -4.28
CA VAL A 144 -8.94 -1.03 -4.19
C VAL A 144 -10.13 -0.30 -3.55
N LYS A 145 -11.27 -0.30 -4.24
CA LYS A 145 -12.61 -0.10 -3.64
C LYS A 145 -13.30 -1.49 -3.55
N GLU A 146 -14.14 -1.78 -2.54
CA GLU A 146 -15.02 -2.96 -2.44
C GLU A 146 -14.30 -4.30 -2.18
N GLY A 147 -13.02 -4.47 -2.56
CA GLY A 147 -12.37 -5.75 -2.80
C GLY A 147 -11.98 -6.02 -4.27
N ARG A 148 -12.07 -5.02 -5.17
CA ARG A 148 -11.55 -5.08 -6.54
C ARG A 148 -10.51 -4.00 -6.91
N LEU A 149 -9.54 -4.38 -7.74
CA LEU A 149 -8.37 -3.59 -8.13
C LEU A 149 -8.79 -2.52 -9.15
N VAL A 150 -8.86 -1.26 -8.71
CA VAL A 150 -9.56 -0.19 -9.45
C VAL A 150 -8.62 0.86 -10.09
N LEU A 151 -7.38 1.03 -9.56
CA LEU A 151 -6.44 2.04 -10.07
C LEU A 151 -4.98 1.75 -9.69
N LEU A 152 -4.06 1.89 -10.65
CA LEU A 152 -2.62 1.68 -10.45
C LEU A 152 -1.87 3.00 -10.29
N TYR A 153 -1.10 3.11 -9.21
CA TYR A 153 -0.26 4.25 -8.82
C TYR A 153 1.25 3.91 -8.93
N SER A 154 2.11 4.63 -8.23
CA SER A 154 3.60 4.67 -8.22
C SER A 154 4.00 5.96 -7.47
N PRO A 155 5.28 6.17 -7.05
CA PRO A 155 5.61 7.26 -6.14
C PRO A 155 5.37 8.63 -6.78
N ASP A 156 5.67 8.79 -8.07
CA ASP A 156 5.41 10.03 -8.83
C ASP A 156 3.93 10.46 -8.78
N LYS A 157 3.06 9.46 -8.70
CA LYS A 157 1.61 9.61 -8.59
C LYS A 157 1.16 9.83 -7.15
N ALA A 158 1.81 9.16 -6.20
CA ALA A 158 1.50 9.18 -4.78
C ALA A 158 1.96 10.47 -4.08
N GLU A 159 3.19 10.94 -4.34
CA GLU A 159 3.76 12.09 -3.63
C GLU A 159 3.13 13.41 -4.11
N ALA A 160 2.61 13.46 -5.33
CA ALA A 160 1.84 14.57 -5.89
C ALA A 160 0.44 14.66 -5.24
N THR A 161 0.37 14.98 -3.94
CA THR A 161 -0.84 15.01 -3.08
C THR A 161 -2.12 15.43 -3.81
N ASP A 162 -2.19 16.65 -4.34
CA ASP A 162 -3.42 17.16 -4.98
C ASP A 162 -3.74 16.47 -6.32
N ARG A 163 -2.76 15.83 -6.95
CA ARG A 163 -3.00 14.87 -8.03
C ARG A 163 -3.65 13.58 -7.50
N VAL A 164 -3.19 13.06 -6.35
CA VAL A 164 -3.86 11.93 -5.66
C VAL A 164 -5.33 12.30 -5.41
N VAL A 165 -5.57 13.42 -4.72
CA VAL A 165 -6.94 13.82 -4.31
C VAL A 165 -7.89 14.02 -5.51
N ALA A 166 -7.41 14.53 -6.64
CA ALA A 166 -8.22 14.65 -7.87
C ALA A 166 -8.51 13.31 -8.56
N ASP A 167 -7.55 12.38 -8.61
CA ASP A 167 -7.75 11.02 -9.09
C ASP A 167 -8.73 10.22 -8.21
N LEU A 168 -8.68 10.40 -6.89
CA LEU A 168 -9.70 9.90 -5.96
C LEU A 168 -11.08 10.52 -6.24
N GLN A 169 -11.17 11.77 -6.70
CA GLN A 169 -12.42 12.38 -7.16
C GLN A 169 -12.92 11.85 -8.51
N ALA A 170 -12.04 11.45 -9.43
CA ALA A 170 -12.40 10.70 -10.65
C ALA A 170 -12.80 9.23 -10.40
N LEU A 171 -12.43 8.68 -9.24
CA LEU A 171 -12.79 7.33 -8.78
C LEU A 171 -14.11 7.25 -8.00
N LEU A 172 -14.49 8.36 -7.33
CA LEU A 172 -15.05 8.38 -5.97
C LEU A 172 -15.73 7.10 -5.45
N GLY A 1 -17.00 22.47 -9.24
CA GLY A 1 -18.20 21.95 -8.58
C GLY A 1 -17.85 20.58 -8.06
N ALA A 2 -18.39 19.52 -8.67
CA ALA A 2 -17.53 18.37 -9.01
C ALA A 2 -16.38 18.84 -9.93
N MET A 3 -15.24 18.15 -9.90
CA MET A 3 -13.95 18.54 -10.53
C MET A 3 -12.80 17.61 -10.09
N HIS A 4 -12.70 16.41 -10.68
CA HIS A 4 -11.88 15.32 -10.14
C HIS A 4 -10.71 14.99 -11.10
N THR A 5 -9.52 15.53 -10.81
CA THR A 5 -8.38 15.58 -11.74
C THR A 5 -7.39 14.45 -11.51
N PHE A 6 -7.71 13.31 -12.13
CA PHE A 6 -6.91 12.07 -12.13
C PHE A 6 -5.44 12.28 -12.50
N TYR A 7 -4.60 11.36 -12.04
CA TYR A 7 -3.19 11.23 -12.42
C TYR A 7 -2.69 9.77 -12.44
N GLY A 8 -3.39 8.83 -11.78
CA GLY A 8 -3.06 7.40 -11.84
C GLY A 8 -3.31 6.82 -13.24
N THR A 9 -2.89 5.58 -13.44
CA THR A 9 -3.08 4.85 -14.70
C THR A 9 -4.41 4.12 -14.59
N ARG A 10 -5.40 4.57 -15.35
CA ARG A 10 -6.80 4.19 -15.15
C ARG A 10 -7.17 2.88 -15.86
N LEU A 11 -7.89 2.02 -15.14
CA LEU A 11 -8.39 0.74 -15.61
C LEU A 11 -9.79 0.90 -16.22
N LEU A 12 -10.17 -0.03 -17.11
CA LEU A 12 -11.49 -0.09 -17.75
C LEU A 12 -12.35 -1.18 -17.11
N ASN A 13 -11.93 -2.45 -17.24
CA ASN A 13 -12.56 -3.60 -16.58
C ASN A 13 -11.84 -3.88 -15.23
N PRO A 14 -12.46 -3.61 -14.07
CA PRO A 14 -11.76 -3.60 -12.77
C PRO A 14 -11.67 -5.01 -12.16
N LYS A 15 -10.46 -5.39 -11.76
CA LYS A 15 -10.14 -6.79 -11.42
C LYS A 15 -10.33 -7.09 -9.91
N PRO A 16 -11.15 -8.09 -9.53
CA PRO A 16 -11.42 -8.43 -8.13
C PRO A 16 -10.19 -9.06 -7.48
N VAL A 17 -9.99 -8.83 -6.19
CA VAL A 17 -8.76 -9.15 -5.44
C VAL A 17 -9.05 -9.46 -3.98
N ASP A 18 -8.26 -10.37 -3.43
CA ASP A 18 -8.07 -10.59 -1.99
C ASP A 18 -6.66 -11.13 -1.74
N PHE A 19 -6.20 -11.09 -0.49
CA PHE A 19 -4.93 -11.66 -0.02
C PHE A 19 -5.01 -12.08 1.44
N ALA A 20 -3.95 -12.72 1.95
CA ALA A 20 -3.74 -12.98 3.37
C ALA A 20 -2.32 -12.52 3.75
N LEU A 21 -2.24 -11.47 4.58
CA LEU A 21 -1.02 -10.94 5.17
C LEU A 21 -1.14 -10.95 6.71
N GLU A 22 -0.09 -10.51 7.41
CA GLU A 22 0.06 -10.62 8.85
C GLU A 22 0.40 -9.26 9.46
N GLY A 23 -0.32 -8.87 10.53
CA GLY A 23 -0.01 -7.69 11.35
C GLY A 23 0.40 -8.09 12.77
N PRO A 24 0.74 -7.13 13.65
CA PRO A 24 1.12 -7.37 15.05
C PRO A 24 -0.07 -7.78 15.96
N GLN A 25 -1.12 -8.36 15.38
CA GLN A 25 -2.33 -8.77 16.09
C GLN A 25 -2.99 -10.00 15.44
N GLY A 26 -2.25 -10.74 14.61
CA GLY A 26 -2.74 -11.88 13.82
C GLY A 26 -2.85 -11.57 12.32
N PRO A 27 -3.33 -12.55 11.52
CA PRO A 27 -3.50 -12.43 10.08
C PRO A 27 -4.68 -11.51 9.71
N VAL A 28 -4.55 -10.84 8.57
CA VAL A 28 -5.49 -9.85 8.01
C VAL A 28 -5.71 -10.18 6.52
N ARG A 29 -6.97 -10.14 6.07
CA ARG A 29 -7.32 -10.33 4.65
C ARG A 29 -7.91 -9.05 4.07
N LEU A 30 -7.71 -8.80 2.77
CA LEU A 30 -8.31 -7.66 2.06
C LEU A 30 -9.84 -7.76 1.99
N SER A 31 -10.40 -8.97 2.16
CA SER A 31 -11.83 -9.19 2.41
C SER A 31 -12.39 -8.36 3.58
N GLN A 32 -11.60 -8.03 4.62
CA GLN A 32 -12.02 -7.14 5.72
C GLN A 32 -12.33 -5.72 5.22
N PHE A 33 -11.87 -5.37 4.02
CA PHE A 33 -11.98 -4.04 3.41
C PHE A 33 -12.63 -4.09 2.02
N GLN A 34 -13.41 -5.14 1.69
CA GLN A 34 -13.99 -5.28 0.35
C GLN A 34 -15.23 -4.39 0.06
N ASP A 35 -15.63 -3.55 1.01
CA ASP A 35 -16.54 -2.38 0.80
C ASP A 35 -15.74 -1.08 0.58
N LYS A 36 -14.48 -1.09 1.01
CA LYS A 36 -13.80 0.10 1.54
C LYS A 36 -12.78 0.71 0.58
N VAL A 37 -12.19 1.85 0.95
CA VAL A 37 -11.14 2.50 0.17
C VAL A 37 -9.83 2.06 0.78
N VAL A 38 -9.01 1.38 -0.04
CA VAL A 38 -7.68 0.90 0.34
C VAL A 38 -6.65 1.34 -0.70
N LEU A 39 -5.57 1.94 -0.19
CA LEU A 39 -4.28 2.08 -0.87
C LEU A 39 -3.36 0.96 -0.39
N LEU A 40 -2.81 0.20 -1.33
CA LEU A 40 -1.81 -0.82 -1.05
C LEU A 40 -0.45 -0.36 -1.59
N PHE A 41 0.57 -0.42 -0.73
CA PHE A 41 1.96 -0.06 -1.07
C PHE A 41 2.91 -1.15 -0.61
N PHE A 42 3.81 -1.58 -1.51
CA PHE A 42 4.83 -2.60 -1.24
C PHE A 42 6.18 -1.91 -0.95
N GLY A 43 6.64 -2.04 0.30
CA GLY A 43 7.74 -1.26 0.86
C GLY A 43 8.65 -1.98 1.86
N PHE A 44 9.61 -1.23 2.39
CA PHE A 44 10.53 -1.61 3.46
C PHE A 44 10.66 -0.38 4.38
N THR A 45 10.50 -0.52 5.71
CA THR A 45 10.38 0.64 6.64
C THR A 45 11.56 1.60 6.68
N ARG A 46 12.70 1.23 6.06
CA ARG A 46 13.81 2.14 5.78
C ARG A 46 13.66 2.64 4.33
N CYS A 47 14.12 1.84 3.34
CA CYS A 47 14.33 2.31 1.95
C CYS A 47 15.40 3.45 1.95
N PRO A 48 15.58 4.26 0.89
CA PRO A 48 16.41 5.45 0.95
C PRO A 48 15.61 6.65 1.50
N ASP A 49 14.48 7.00 0.87
CA ASP A 49 13.71 8.23 1.18
C ASP A 49 12.28 8.15 0.62
N VAL A 50 12.17 7.67 -0.62
CA VAL A 50 10.92 7.34 -1.34
C VAL A 50 9.85 6.58 -0.53
N CYS A 51 10.21 5.82 0.50
CA CYS A 51 9.25 5.16 1.41
C CYS A 51 8.58 6.16 2.39
N PRO A 52 9.32 6.86 3.28
CA PRO A 52 8.73 7.87 4.17
C PRO A 52 8.07 9.04 3.44
N THR A 53 8.70 9.58 2.39
CA THR A 53 8.24 10.80 1.71
C THR A 53 6.91 10.55 0.98
N THR A 54 6.75 9.39 0.34
CA THR A 54 5.48 8.92 -0.23
C THR A 54 4.44 8.62 0.84
N LEU A 55 4.76 7.94 1.95
CA LEU A 55 3.79 7.75 3.05
C LEU A 55 3.32 9.09 3.64
N LEU A 56 4.15 10.14 3.62
CA LEU A 56 3.72 11.52 3.93
C LEU A 56 2.83 12.11 2.83
N ALA A 57 3.10 11.89 1.54
CA ALA A 57 2.20 12.34 0.48
C ALA A 57 0.83 11.66 0.56
N LEU A 58 0.82 10.34 0.73
CA LEU A 58 -0.38 9.55 0.99
C LEU A 58 -1.12 10.11 2.20
N LYS A 59 -0.52 10.29 3.37
CA LYS A 59 -1.27 10.80 4.53
C LYS A 59 -1.72 12.28 4.38
N ARG A 60 -1.00 13.11 3.63
CA ARG A 60 -1.45 14.48 3.28
C ARG A 60 -2.64 14.46 2.32
N ALA A 61 -2.71 13.50 1.41
CA ALA A 61 -3.84 13.31 0.50
C ALA A 61 -5.04 12.68 1.22
N TYR A 62 -4.84 11.48 1.75
CA TYR A 62 -5.88 10.55 2.15
C TYR A 62 -6.72 11.05 3.33
N GLU A 63 -6.05 11.64 4.32
CA GLU A 63 -6.71 12.24 5.48
C GLU A 63 -7.47 13.54 5.11
N LYS A 64 -7.21 14.14 3.93
CA LYS A 64 -7.94 15.30 3.42
C LYS A 64 -9.12 14.93 2.49
N LEU A 65 -9.51 13.64 2.43
CA LEU A 65 -10.78 13.18 1.84
C LEU A 65 -11.99 13.73 2.64
N PRO A 66 -13.23 13.71 2.10
CA PRO A 66 -14.41 14.11 2.85
C PRO A 66 -14.80 13.02 3.84
N PRO A 67 -15.57 13.37 4.89
CA PRO A 67 -16.04 12.42 5.88
C PRO A 67 -16.79 11.24 5.25
N LYS A 68 -17.49 11.45 4.13
CA LYS A 68 -18.30 10.40 3.49
C LYS A 68 -17.43 9.30 2.86
N ALA A 69 -16.24 9.66 2.37
CA ALA A 69 -15.18 8.71 2.03
C ALA A 69 -14.52 8.14 3.30
N GLN A 70 -14.18 8.99 4.27
CA GLN A 70 -13.35 8.61 5.43
C GLN A 70 -13.98 7.50 6.30
N GLU A 71 -15.32 7.40 6.36
CA GLU A 71 -16.04 6.25 6.97
C GLU A 71 -15.47 4.89 6.53
N ARG A 72 -14.92 4.85 5.31
CA ARG A 72 -14.32 3.67 4.71
C ARG A 72 -12.82 3.75 4.36
N VAL A 73 -11.99 4.59 4.98
CA VAL A 73 -10.53 4.66 4.63
C VAL A 73 -9.60 3.87 5.58
N GLN A 74 -8.67 3.08 5.02
CA GLN A 74 -7.37 2.77 5.65
C GLN A 74 -6.27 2.71 4.57
N VAL A 75 -5.02 3.03 4.93
CA VAL A 75 -3.84 2.77 4.07
C VAL A 75 -3.12 1.51 4.56
N ILE A 76 -2.86 0.56 3.66
CA ILE A 76 -2.25 -0.73 3.99
C ILE A 76 -0.83 -0.82 3.39
N PHE A 77 0.16 -1.02 4.26
CA PHE A 77 1.58 -1.07 3.93
C PHE A 77 2.07 -2.51 4.05
N VAL A 78 2.48 -3.14 2.95
CA VAL A 78 3.02 -4.51 2.97
C VAL A 78 4.56 -4.44 2.92
N SER A 79 5.21 -5.01 3.94
CA SER A 79 6.65 -5.08 4.03
C SER A 79 7.26 -6.22 3.17
N VAL A 80 8.41 -5.94 2.56
CA VAL A 80 8.97 -6.72 1.42
C VAL A 80 10.39 -7.24 1.68
N ASP A 81 10.85 -7.12 2.92
CA ASP A 81 12.05 -7.76 3.47
C ASP A 81 11.66 -8.44 4.82
N PRO A 82 10.71 -9.39 4.84
CA PRO A 82 9.85 -9.65 6.00
C PRO A 82 10.54 -10.33 7.18
N GLU A 83 11.59 -11.13 6.95
CA GLU A 83 12.41 -11.75 8.01
C GLU A 83 13.29 -10.73 8.77
N ARG A 84 13.28 -9.48 8.29
CA ARG A 84 14.07 -8.34 8.77
C ARG A 84 13.20 -7.13 9.12
N ASP A 85 12.04 -6.99 8.47
CA ASP A 85 11.06 -5.90 8.64
C ASP A 85 9.78 -6.45 9.35
N PRO A 86 9.85 -6.91 10.62
CA PRO A 86 8.81 -7.71 11.26
C PRO A 86 7.50 -6.94 11.50
N PRO A 87 6.36 -7.63 11.74
CA PRO A 87 5.02 -7.03 11.80
C PRO A 87 4.91 -5.82 12.72
N GLU A 88 5.53 -5.85 13.90
CA GLU A 88 5.60 -4.72 14.82
C GLU A 88 6.33 -3.51 14.22
N VAL A 89 7.46 -3.71 13.55
CA VAL A 89 8.21 -2.58 12.98
C VAL A 89 7.49 -2.03 11.74
N ALA A 90 6.95 -2.91 10.88
CA ALA A 90 6.12 -2.56 9.75
C ALA A 90 4.91 -1.72 10.17
N ASP A 91 4.16 -2.17 11.17
CA ASP A 91 2.98 -1.46 11.67
C ASP A 91 3.31 -0.15 12.37
N ARG A 92 4.17 -0.14 13.39
CA ARG A 92 4.51 1.09 14.13
C ARG A 92 5.03 2.18 13.21
N TYR A 93 5.78 1.77 12.19
CA TYR A 93 6.27 2.67 11.14
C TYR A 93 5.14 3.27 10.29
N ALA A 94 4.29 2.44 9.66
CA ALA A 94 3.13 2.93 8.89
C ALA A 94 2.23 3.84 9.75
N LYS A 95 2.04 3.45 11.00
CA LYS A 95 1.25 4.17 12.02
C LYS A 95 1.88 5.50 12.47
N ALA A 96 3.20 5.69 12.32
CA ALA A 96 3.88 6.94 12.68
C ALA A 96 3.48 8.11 11.77
N PHE A 97 3.06 7.83 10.53
CA PHE A 97 2.46 8.82 9.65
C PHE A 97 1.08 9.21 10.15
N HIS A 98 0.25 8.21 10.46
CA HIS A 98 -1.15 8.42 10.78
C HIS A 98 -1.83 7.19 11.42
N PRO A 99 -2.83 7.34 12.30
CA PRO A 99 -3.59 6.22 12.85
C PRO A 99 -4.50 5.48 11.85
N SER A 100 -4.76 6.03 10.65
CA SER A 100 -5.53 5.35 9.59
C SER A 100 -4.67 4.40 8.73
N PHE A 101 -3.38 4.24 9.09
CA PHE A 101 -2.40 3.43 8.39
C PHE A 101 -2.15 2.13 9.16
N LEU A 102 -1.90 1.03 8.45
CA LEU A 102 -1.73 -0.32 9.01
C LEU A 102 -0.57 -1.03 8.29
N GLY A 103 0.41 -1.53 9.03
CA GLY A 103 1.59 -2.23 8.46
C GLY A 103 1.54 -3.74 8.66
N LEU A 104 1.87 -4.47 7.61
CA LEU A 104 1.75 -5.92 7.51
C LEU A 104 3.09 -6.54 7.09
N SER A 105 3.63 -7.43 7.92
CA SER A 105 4.77 -8.30 7.62
C SER A 105 4.63 -9.63 8.36
N GLY A 106 5.12 -10.74 7.82
CA GLY A 106 4.98 -12.06 8.43
C GLY A 106 5.58 -13.17 7.59
N SER A 107 4.86 -14.29 7.49
CA SER A 107 5.34 -15.44 6.71
C SER A 107 5.58 -15.11 5.20
N PRO A 108 6.76 -15.46 4.63
CA PRO A 108 7.24 -14.89 3.36
C PRO A 108 6.50 -15.40 2.12
N GLU A 109 5.94 -16.61 2.17
CA GLU A 109 4.99 -17.11 1.15
C GLU A 109 3.63 -16.40 1.22
N ALA A 110 3.18 -16.01 2.42
CA ALA A 110 1.97 -15.18 2.57
C ALA A 110 2.18 -13.80 1.92
N VAL A 111 3.38 -13.21 2.09
CA VAL A 111 3.81 -12.01 1.34
C VAL A 111 3.81 -12.28 -0.19
N ARG A 112 4.29 -13.45 -0.63
CA ARG A 112 4.31 -13.85 -2.05
C ARG A 112 2.91 -13.95 -2.64
N GLU A 113 1.92 -14.51 -1.93
CA GLU A 113 0.55 -14.62 -2.45
C GLU A 113 -0.07 -13.26 -2.80
N ALA A 114 0.06 -12.29 -1.88
CA ALA A 114 -0.45 -10.93 -2.07
C ALA A 114 0.25 -10.21 -3.24
N ALA A 115 1.57 -10.31 -3.30
CA ALA A 115 2.37 -9.71 -4.36
C ALA A 115 1.99 -10.25 -5.75
N GLN A 116 2.04 -11.57 -5.94
CA GLN A 116 1.82 -12.17 -7.26
C GLN A 116 0.42 -11.90 -7.80
N THR A 117 -0.57 -11.94 -6.91
CA THR A 117 -1.99 -11.68 -7.24
C THR A 117 -2.20 -10.26 -7.80
N PHE A 118 -1.50 -9.29 -7.21
CA PHE A 118 -1.48 -7.89 -7.69
C PHE A 118 -0.59 -7.67 -8.93
N GLY A 119 0.38 -8.56 -9.21
CA GLY A 119 1.41 -8.41 -10.25
C GLY A 119 2.74 -7.84 -9.76
N VAL A 120 2.98 -7.83 -8.46
CA VAL A 120 4.23 -7.37 -7.82
C VAL A 120 5.27 -8.50 -7.77
N PHE A 121 6.51 -8.14 -8.10
CA PHE A 121 7.68 -9.01 -8.05
C PHE A 121 8.81 -8.35 -7.25
N TYR A 122 9.46 -9.16 -6.40
CA TYR A 122 10.53 -8.76 -5.48
C TYR A 122 11.60 -9.84 -5.36
N GLN A 123 12.87 -9.45 -5.32
CA GLN A 123 14.01 -10.34 -5.01
C GLN A 123 14.90 -9.67 -3.96
N LYS A 124 15.94 -10.36 -3.47
CA LYS A 124 17.04 -9.74 -2.71
C LYS A 124 18.39 -10.40 -3.03
N SER A 125 19.02 -9.97 -4.14
CA SER A 125 19.76 -10.91 -5.00
C SER A 125 21.27 -10.98 -4.77
N GLN A 126 21.79 -10.46 -3.65
CA GLN A 126 23.18 -10.66 -3.24
C GLN A 126 23.36 -12.02 -2.53
N TYR A 127 22.56 -12.29 -1.49
CA TYR A 127 22.27 -13.60 -0.89
C TYR A 127 23.43 -14.32 -0.15
N ARG A 128 24.69 -14.16 -0.60
CA ARG A 128 25.86 -14.92 -0.14
C ARG A 128 26.47 -14.48 1.21
N GLY A 129 25.67 -13.77 2.00
CA GLY A 129 25.93 -13.36 3.39
C GLY A 129 24.65 -12.96 4.12
N PRO A 130 24.46 -13.32 5.40
CA PRO A 130 23.21 -13.08 6.13
C PRO A 130 23.03 -11.58 6.39
N GLY A 131 21.87 -11.02 6.00
CA GLY A 131 21.60 -9.57 6.10
C GLY A 131 22.38 -8.71 5.10
N GLU A 132 23.38 -9.28 4.42
CA GLU A 132 24.37 -8.61 3.59
C GLU A 132 23.86 -8.48 2.15
N TYR A 133 22.76 -7.75 1.94
CA TYR A 133 22.07 -7.69 0.66
C TYR A 133 21.27 -6.41 0.41
N LEU A 134 21.01 -6.16 -0.89
CA LEU A 134 20.06 -5.18 -1.40
C LEU A 134 18.74 -5.90 -1.69
N VAL A 135 17.65 -5.13 -1.77
CA VAL A 135 16.29 -5.62 -2.01
C VAL A 135 15.82 -5.01 -3.33
N ASP A 136 15.33 -5.88 -4.20
CA ASP A 136 15.05 -5.62 -5.61
C ASP A 136 13.52 -5.58 -5.80
N HIS A 137 12.89 -4.61 -5.14
CA HIS A 137 11.44 -4.55 -4.93
C HIS A 137 10.68 -3.64 -5.92
N THR A 138 9.56 -4.14 -6.45
CA THR A 138 8.59 -3.35 -7.25
C THR A 138 7.79 -2.44 -6.31
N ALA A 139 8.29 -1.22 -6.08
CA ALA A 139 7.73 -0.26 -5.12
C ALA A 139 6.46 0.46 -5.64
N THR A 140 5.47 -0.32 -6.08
CA THR A 140 4.28 0.17 -6.80
C THR A 140 3.13 0.36 -5.82
N THR A 141 2.23 1.28 -6.18
CA THR A 141 1.03 1.64 -5.43
C THR A 141 -0.20 1.16 -6.21
N PHE A 142 -1.23 0.73 -5.50
CA PHE A 142 -2.45 0.17 -6.07
C PHE A 142 -3.68 0.70 -5.34
N VAL A 143 -4.71 1.15 -6.08
CA VAL A 143 -6.00 1.54 -5.48
C VAL A 143 -7.00 0.41 -5.63
N VAL A 144 -7.58 0.03 -4.49
CA VAL A 144 -8.66 -0.97 -4.37
C VAL A 144 -9.89 -0.33 -3.72
N LYS A 145 -11.06 -0.57 -4.32
CA LYS A 145 -12.38 -0.34 -3.71
C LYS A 145 -13.40 -1.41 -4.15
N GLU A 146 -14.41 -1.72 -3.33
CA GLU A 146 -15.42 -2.77 -3.60
C GLU A 146 -14.80 -4.18 -3.83
N GLY A 147 -13.64 -4.45 -3.21
CA GLY A 147 -12.91 -5.72 -3.40
C GLY A 147 -12.25 -5.87 -4.77
N ARG A 148 -12.19 -4.80 -5.59
CA ARG A 148 -11.55 -4.78 -6.90
C ARG A 148 -10.56 -3.63 -7.05
N LEU A 149 -9.50 -3.92 -7.80
CA LEU A 149 -8.43 -3.00 -8.14
C LEU A 149 -8.93 -2.12 -9.30
N VAL A 150 -8.83 -0.80 -9.12
CA VAL A 150 -9.54 0.20 -9.96
C VAL A 150 -8.62 1.26 -10.58
N LEU A 151 -7.42 1.46 -10.02
CA LEU A 151 -6.46 2.46 -10.47
C LEU A 151 -5.05 2.15 -9.97
N LEU A 152 -4.06 2.36 -10.84
CA LEU A 152 -2.64 2.09 -10.58
C LEU A 152 -1.85 3.38 -10.35
N TYR A 153 -0.87 3.31 -9.44
CA TYR A 153 -0.03 4.44 -9.05
C TYR A 153 1.45 4.03 -8.96
N SER A 154 2.29 4.90 -8.45
CA SER A 154 3.76 4.82 -8.38
C SER A 154 4.19 5.96 -7.42
N PRO A 155 5.33 5.88 -6.69
CA PRO A 155 5.69 6.91 -5.72
C PRO A 155 5.88 8.27 -6.38
N ASP A 156 6.53 8.29 -7.55
CA ASP A 156 6.67 9.42 -8.48
C ASP A 156 5.35 10.09 -8.90
N LYS A 157 4.25 9.35 -8.83
CA LYS A 157 2.91 9.88 -9.04
C LYS A 157 2.15 10.17 -7.73
N ALA A 158 2.41 9.40 -6.68
CA ALA A 158 1.77 9.51 -5.38
C ALA A 158 2.17 10.80 -4.67
N GLU A 159 3.41 11.25 -4.85
CA GLU A 159 3.88 12.50 -4.23
C GLU A 159 3.16 13.76 -4.74
N ALA A 160 2.48 13.69 -5.90
CA ALA A 160 1.43 14.64 -6.31
C ALA A 160 0.19 14.49 -5.40
N THR A 161 0.36 14.91 -4.16
CA THR A 161 -0.54 14.75 -3.01
C THR A 161 -1.99 15.06 -3.38
N ASP A 162 -2.27 16.29 -3.78
CA ASP A 162 -3.61 16.73 -4.11
C ASP A 162 -4.15 16.15 -5.44
N ARG A 163 -3.28 15.63 -6.33
CA ARG A 163 -3.74 14.71 -7.37
C ARG A 163 -4.31 13.42 -6.78
N VAL A 164 -3.64 12.81 -5.80
CA VAL A 164 -4.16 11.60 -5.13
C VAL A 164 -5.51 11.88 -4.43
N VAL A 165 -5.68 13.06 -3.81
CA VAL A 165 -7.00 13.47 -3.27
C VAL A 165 -8.11 13.38 -4.33
N ALA A 166 -7.93 14.07 -5.46
CA ALA A 166 -8.96 14.23 -6.50
C ALA A 166 -9.23 12.96 -7.33
N ASP A 167 -8.20 12.14 -7.50
CA ASP A 167 -8.25 10.85 -8.19
C ASP A 167 -9.08 9.84 -7.37
N LEU A 168 -8.80 9.75 -6.06
CA LEU A 168 -9.53 8.90 -5.11
C LEU A 168 -10.97 9.35 -4.85
N GLN A 169 -11.27 10.61 -5.12
CA GLN A 169 -12.62 11.17 -5.03
C GLN A 169 -13.57 10.62 -6.11
N ALA A 170 -13.07 10.07 -7.21
CA ALA A 170 -13.83 9.18 -8.09
C ALA A 170 -14.07 7.75 -7.57
N LEU A 171 -13.29 7.32 -6.57
CA LEU A 171 -13.10 5.93 -6.16
C LEU A 171 -13.56 5.67 -4.73
N LEU A 172 -14.45 6.52 -4.21
CA LEU A 172 -15.11 6.42 -2.90
C LEU A 172 -16.35 5.47 -2.89
N GLY A 1 -18.96 20.79 -5.57
CA GLY A 1 -18.28 20.12 -6.70
C GLY A 1 -16.79 20.28 -6.56
N ALA A 2 -15.98 19.52 -7.31
CA ALA A 2 -14.52 19.47 -7.20
C ALA A 2 -13.90 18.75 -8.41
N MET A 3 -12.56 18.63 -8.42
CA MET A 3 -11.80 17.86 -9.41
C MET A 3 -12.09 16.34 -9.31
N HIS A 4 -11.80 15.66 -10.41
CA HIS A 4 -12.25 14.31 -10.76
C HIS A 4 -11.28 13.75 -11.83
N THR A 5 -10.03 14.20 -11.74
CA THR A 5 -9.14 14.47 -12.87
C THR A 5 -7.71 14.57 -12.34
N PHE A 6 -6.79 13.89 -13.03
CA PHE A 6 -5.61 13.29 -12.42
C PHE A 6 -4.64 12.75 -13.49
N TYR A 7 -3.69 11.93 -13.06
CA TYR A 7 -2.71 11.22 -13.90
C TYR A 7 -2.39 9.81 -13.36
N GLY A 8 -3.29 9.29 -12.51
CA GLY A 8 -3.39 7.89 -12.13
C GLY A 8 -4.00 7.05 -13.25
N THR A 9 -3.75 5.75 -13.24
CA THR A 9 -4.03 4.84 -14.37
C THR A 9 -5.44 4.26 -14.22
N ARG A 10 -6.44 5.02 -14.69
CA ARG A 10 -7.86 4.65 -14.56
C ARG A 10 -8.23 3.49 -15.46
N LEU A 11 -8.66 2.40 -14.83
CA LEU A 11 -8.91 1.13 -15.52
C LEU A 11 -10.32 1.07 -16.13
N LEU A 12 -10.49 0.23 -17.16
CA LEU A 12 -11.79 -0.10 -17.76
C LEU A 12 -12.32 -1.41 -17.13
N ASN A 13 -11.60 -2.51 -17.34
CA ASN A 13 -11.87 -3.82 -16.74
C ASN A 13 -11.10 -3.97 -15.41
N PRO A 14 -11.73 -3.89 -14.23
CA PRO A 14 -11.03 -4.02 -12.95
C PRO A 14 -10.72 -5.48 -12.66
N LYS A 15 -9.43 -5.80 -12.58
CA LYS A 15 -8.96 -7.15 -12.32
C LYS A 15 -9.26 -7.57 -10.87
N PRO A 16 -9.87 -8.74 -10.63
CA PRO A 16 -10.15 -9.21 -9.28
C PRO A 16 -8.83 -9.49 -8.55
N VAL A 17 -8.83 -9.23 -7.24
CA VAL A 17 -7.69 -9.48 -6.35
C VAL A 17 -8.18 -9.87 -4.95
N ASP A 18 -7.54 -10.87 -4.34
CA ASP A 18 -7.71 -11.22 -2.94
C ASP A 18 -6.35 -11.61 -2.32
N PHE A 19 -6.25 -11.66 -0.99
CA PHE A 19 -5.06 -12.17 -0.29
C PHE A 19 -5.36 -12.58 1.15
N ALA A 20 -4.34 -13.17 1.81
CA ALA A 20 -4.15 -13.16 3.25
C ALA A 20 -2.79 -12.51 3.55
N LEU A 21 -2.75 -11.50 4.42
CA LEU A 21 -1.53 -10.98 5.03
C LEU A 21 -1.59 -11.11 6.55
N GLU A 22 -0.42 -11.03 7.16
CA GLU A 22 -0.19 -11.02 8.59
C GLU A 22 0.05 -9.56 9.06
N GLY A 23 -0.44 -9.23 10.26
CA GLY A 23 -0.33 -7.90 10.87
C GLY A 23 -0.09 -7.98 12.38
N PRO A 24 0.33 -6.88 13.03
CA PRO A 24 0.74 -6.87 14.44
C PRO A 24 -0.43 -7.01 15.43
N GLN A 25 -1.67 -6.75 15.00
CA GLN A 25 -2.88 -6.99 15.81
C GLN A 25 -3.62 -8.27 15.39
N GLY A 26 -2.99 -9.10 14.54
CA GLY A 26 -3.62 -10.23 13.85
C GLY A 26 -3.63 -10.05 12.31
N PRO A 27 -3.95 -11.13 11.56
CA PRO A 27 -3.93 -11.15 10.10
C PRO A 27 -5.17 -10.49 9.49
N VAL A 28 -5.07 -10.15 8.20
CA VAL A 28 -6.14 -9.54 7.39
C VAL A 28 -6.37 -10.32 6.09
N ARG A 29 -7.52 -10.08 5.45
CA ARG A 29 -7.80 -10.53 4.09
C ARG A 29 -8.22 -9.36 3.21
N LEU A 30 -7.65 -9.31 2.00
CA LEU A 30 -7.84 -8.22 1.03
C LEU A 30 -9.32 -7.95 0.76
N SER A 31 -10.17 -8.98 0.69
CA SER A 31 -11.62 -8.83 0.48
C SER A 31 -12.41 -8.23 1.65
N GLN A 32 -11.79 -7.91 2.80
CA GLN A 32 -12.40 -6.99 3.75
C GLN A 32 -12.38 -5.54 3.20
N PHE A 33 -11.52 -5.25 2.23
CA PHE A 33 -11.48 -4.00 1.45
C PHE A 33 -12.49 -4.06 0.28
N GLN A 34 -13.68 -4.56 0.62
CA GLN A 34 -14.90 -4.58 -0.18
C GLN A 34 -15.54 -3.18 -0.28
N ASP A 35 -16.33 -2.74 0.69
CA ASP A 35 -16.84 -1.35 0.74
C ASP A 35 -15.71 -0.35 1.06
N LYS A 36 -14.67 -0.83 1.73
CA LYS A 36 -13.55 -0.03 2.15
C LYS A 36 -12.57 0.08 0.98
N VAL A 37 -12.17 1.31 0.70
CA VAL A 37 -11.27 1.69 -0.39
C VAL A 37 -9.86 1.81 0.20
N VAL A 38 -9.03 0.80 -0.08
CA VAL A 38 -7.65 0.71 0.42
C VAL A 38 -6.65 1.08 -0.68
N LEU A 39 -5.65 1.87 -0.27
CA LEU A 39 -4.44 2.17 -1.02
C LEU A 39 -3.35 1.23 -0.50
N LEU A 40 -3.01 0.23 -1.31
CA LEU A 40 -2.05 -0.83 -0.99
C LEU A 40 -0.69 -0.49 -1.63
N PHE A 41 0.36 -0.38 -0.82
CA PHE A 41 1.69 0.05 -1.24
C PHE A 41 2.75 -0.97 -0.81
N PHE A 42 3.64 -1.32 -1.74
CA PHE A 42 4.73 -2.28 -1.53
C PHE A 42 6.07 -1.55 -1.35
N GLY A 43 6.65 -1.65 -0.14
CA GLY A 43 7.93 -1.01 0.23
C GLY A 43 8.80 -1.85 1.18
N PHE A 44 9.95 -1.29 1.56
CA PHE A 44 10.80 -1.76 2.66
C PHE A 44 10.97 -0.61 3.66
N THR A 45 11.12 -0.90 4.96
CA THR A 45 11.36 0.13 6.01
C THR A 45 12.55 0.99 5.66
N ARG A 46 13.67 0.35 5.31
CA ARG A 46 14.91 0.99 4.84
C ARG A 46 14.91 1.25 3.33
N CYS A 47 13.76 1.54 2.71
CA CYS A 47 13.73 2.33 1.47
C CYS A 47 14.39 3.72 1.69
N PRO A 48 14.65 4.50 0.62
CA PRO A 48 15.17 5.86 0.73
C PRO A 48 14.03 6.84 1.08
N ASP A 49 13.84 7.86 0.26
CA ASP A 49 12.83 8.93 0.37
C ASP A 49 11.42 8.41 0.08
N VAL A 50 11.35 7.49 -0.88
CA VAL A 50 10.14 6.95 -1.46
C VAL A 50 9.18 6.25 -0.50
N CYS A 51 9.63 5.80 0.69
CA CYS A 51 8.71 5.49 1.80
C CYS A 51 8.19 6.74 2.55
N PRO A 52 9.04 7.57 3.19
CA PRO A 52 8.58 8.67 4.03
C PRO A 52 7.89 9.81 3.26
N THR A 53 8.32 10.14 2.04
CA THR A 53 7.71 11.23 1.24
C THR A 53 6.30 10.85 0.84
N THR A 54 6.14 9.68 0.20
CA THR A 54 4.86 9.05 -0.10
C THR A 54 3.97 8.94 1.14
N LEU A 55 4.46 8.42 2.28
CA LEU A 55 3.62 8.29 3.47
C LEU A 55 3.18 9.65 4.04
N LEU A 56 4.02 10.70 3.99
CA LEU A 56 3.63 12.05 4.41
C LEU A 56 2.63 12.67 3.41
N ALA A 57 2.84 12.51 2.10
CA ALA A 57 1.92 12.96 1.06
C ALA A 57 0.54 12.30 1.18
N LEU A 58 0.51 11.00 1.48
CA LEU A 58 -0.71 10.22 1.75
C LEU A 58 -1.51 10.76 2.93
N LYS A 59 -0.86 11.29 3.99
CA LYS A 59 -1.57 11.92 5.11
C LYS A 59 -2.57 12.97 4.60
N ARG A 60 -2.09 13.89 3.76
CA ARG A 60 -2.82 15.07 3.33
C ARG A 60 -4.04 14.72 2.45
N ALA A 61 -4.09 13.52 1.86
CA ALA A 61 -5.31 13.01 1.21
C ALA A 61 -6.37 12.62 2.26
N TYR A 62 -5.95 11.90 3.31
CA TYR A 62 -6.79 11.47 4.43
C TYR A 62 -7.20 12.62 5.37
N GLU A 63 -6.32 13.59 5.63
CA GLU A 63 -6.54 14.79 6.45
C GLU A 63 -7.50 15.80 5.80
N LYS A 64 -7.72 15.71 4.47
CA LYS A 64 -8.54 16.67 3.72
C LYS A 64 -10.00 16.21 3.55
N LEU A 65 -10.28 14.90 3.57
CA LEU A 65 -11.65 14.36 3.46
C LEU A 65 -12.44 14.60 4.76
N PRO A 66 -13.79 14.62 4.74
CA PRO A 66 -14.56 14.84 5.95
C PRO A 66 -14.41 13.63 6.88
N PRO A 67 -14.56 13.81 8.20
CA PRO A 67 -14.38 12.75 9.17
C PRO A 67 -15.33 11.57 8.96
N LYS A 68 -16.42 11.72 8.19
CA LYS A 68 -17.25 10.58 7.83
C LYS A 68 -16.51 9.65 6.84
N ALA A 69 -15.99 10.23 5.75
CA ALA A 69 -15.38 9.51 4.63
C ALA A 69 -14.13 8.69 5.00
N GLN A 70 -13.49 8.96 6.14
CA GLN A 70 -12.50 8.06 6.75
C GLN A 70 -12.97 6.59 6.74
N GLU A 71 -14.26 6.36 7.02
CA GLU A 71 -14.91 5.05 7.09
C GLU A 71 -14.56 4.11 5.92
N ARG A 72 -14.38 4.66 4.71
CA ARG A 72 -13.97 3.91 3.54
C ARG A 72 -12.57 4.22 3.03
N VAL A 73 -11.77 5.16 3.57
CA VAL A 73 -10.45 5.49 3.01
C VAL A 73 -9.35 5.11 3.99
N GLN A 74 -8.49 4.16 3.62
CA GLN A 74 -7.37 3.75 4.48
C GLN A 74 -6.08 3.43 3.70
N VAL A 75 -4.91 3.67 4.29
CA VAL A 75 -3.59 3.33 3.72
C VAL A 75 -3.07 2.04 4.36
N ILE A 76 -2.58 1.12 3.54
CA ILE A 76 -2.00 -0.14 3.99
C ILE A 76 -0.64 -0.38 3.31
N PHE A 77 0.39 -0.51 4.14
CA PHE A 77 1.76 -0.76 3.73
C PHE A 77 2.06 -2.26 3.88
N VAL A 78 2.43 -2.91 2.77
CA VAL A 78 2.97 -4.28 2.81
C VAL A 78 4.49 -4.13 2.76
N SER A 79 5.18 -4.60 3.82
CA SER A 79 6.64 -4.57 3.81
C SER A 79 7.23 -5.84 3.18
N VAL A 80 8.21 -5.64 2.29
CA VAL A 80 8.64 -6.61 1.27
C VAL A 80 10.04 -7.12 1.65
N ASP A 81 10.09 -7.71 2.84
CA ASP A 81 11.23 -8.45 3.38
C ASP A 81 10.74 -9.32 4.55
N PRO A 82 10.38 -10.60 4.31
CA PRO A 82 9.93 -11.53 5.35
C PRO A 82 11.09 -12.13 6.16
N GLU A 83 12.34 -11.74 5.90
CA GLU A 83 13.53 -12.11 6.69
C GLU A 83 14.00 -10.97 7.60
N ARG A 84 13.36 -9.79 7.56
CA ARG A 84 13.89 -8.59 8.21
C ARG A 84 12.91 -7.44 8.49
N ASP A 85 11.76 -7.35 7.82
CA ASP A 85 10.75 -6.31 8.06
C ASP A 85 9.51 -6.94 8.74
N PRO A 86 9.49 -7.10 10.08
CA PRO A 86 8.39 -7.73 10.79
C PRO A 86 7.18 -6.78 10.91
N PRO A 87 5.95 -7.32 11.03
CA PRO A 87 4.70 -6.56 10.96
C PRO A 87 4.62 -5.37 11.91
N GLU A 88 5.15 -5.50 13.13
CA GLU A 88 5.24 -4.37 14.06
C GLU A 88 6.11 -3.23 13.52
N VAL A 89 7.31 -3.50 13.00
CA VAL A 89 8.27 -2.45 12.61
C VAL A 89 7.79 -1.74 11.33
N ALA A 90 7.21 -2.50 10.39
CA ALA A 90 6.47 -1.97 9.25
C ALA A 90 5.35 -1.00 9.68
N ASP A 91 4.56 -1.39 10.69
CA ASP A 91 3.44 -0.61 11.22
C ASP A 91 3.89 0.63 12.01
N ARG A 92 4.86 0.52 12.92
CA ARG A 92 5.42 1.63 13.71
C ARG A 92 5.84 2.79 12.79
N TYR A 93 6.48 2.45 11.68
CA TYR A 93 6.92 3.39 10.65
C TYR A 93 5.74 4.16 9.99
N ALA A 94 4.72 3.44 9.52
CA ALA A 94 3.52 4.04 8.93
C ALA A 94 2.73 4.88 9.97
N LYS A 95 2.63 4.39 11.20
CA LYS A 95 1.99 5.06 12.34
C LYS A 95 2.67 6.40 12.68
N ALA A 96 4.01 6.45 12.61
CA ALA A 96 4.82 7.65 12.84
C ALA A 96 4.59 8.74 11.78
N PHE A 97 4.13 8.37 10.58
CA PHE A 97 3.55 9.32 9.63
C PHE A 97 2.08 9.62 9.92
N HIS A 98 1.28 8.61 10.22
CA HIS A 98 -0.14 8.78 10.45
C HIS A 98 -0.79 7.61 11.24
N PRO A 99 -1.56 7.86 12.32
CA PRO A 99 -2.10 6.81 13.17
C PRO A 99 -3.10 5.91 12.43
N SER A 100 -3.79 6.44 11.42
CA SER A 100 -4.77 5.71 10.59
C SER A 100 -4.18 4.64 9.67
N PHE A 101 -2.85 4.53 9.58
CA PHE A 101 -2.16 3.66 8.62
C PHE A 101 -1.77 2.33 9.28
N LEU A 102 -1.83 1.24 8.51
CA LEU A 102 -1.49 -0.12 8.95
C LEU A 102 -0.28 -0.67 8.20
N GLY A 103 0.65 -1.32 8.91
CA GLY A 103 1.76 -2.11 8.35
C GLY A 103 1.53 -3.61 8.44
N LEU A 104 1.84 -4.34 7.36
CA LEU A 104 1.65 -5.79 7.19
C LEU A 104 2.93 -6.46 6.69
N SER A 105 3.45 -7.43 7.43
CA SER A 105 4.39 -8.45 6.95
C SER A 105 4.22 -9.70 7.82
N GLY A 106 4.98 -10.76 7.57
CA GLY A 106 4.86 -12.00 8.33
C GLY A 106 5.51 -13.18 7.66
N SER A 107 4.81 -14.32 7.67
CA SER A 107 5.21 -15.52 6.93
C SER A 107 5.47 -15.21 5.44
N PRO A 108 6.61 -15.66 4.85
CA PRO A 108 7.00 -15.34 3.48
C PRO A 108 5.98 -15.78 2.44
N GLU A 109 5.20 -16.82 2.75
CA GLU A 109 4.05 -17.28 1.99
C GLU A 109 3.01 -16.17 1.86
N ALA A 110 2.56 -15.60 2.98
CA ALA A 110 1.54 -14.55 3.00
C ALA A 110 2.00 -13.32 2.20
N VAL A 111 3.25 -12.90 2.38
CA VAL A 111 3.86 -11.81 1.59
C VAL A 111 3.85 -12.15 0.10
N ARG A 112 4.25 -13.36 -0.31
CA ARG A 112 4.33 -13.75 -1.72
C ARG A 112 2.97 -13.91 -2.39
N GLU A 113 1.98 -14.49 -1.71
CA GLU A 113 0.61 -14.65 -2.22
C GLU A 113 -0.02 -13.30 -2.62
N ALA A 114 0.09 -12.28 -1.77
CA ALA A 114 -0.39 -10.94 -2.06
C ALA A 114 0.33 -10.28 -3.23
N ALA A 115 1.67 -10.34 -3.23
CA ALA A 115 2.52 -9.72 -4.25
C ALA A 115 2.25 -10.30 -5.65
N GLN A 116 2.28 -11.63 -5.80
CA GLN A 116 2.10 -12.31 -7.07
C GLN A 116 0.73 -12.06 -7.70
N THR A 117 -0.30 -11.93 -6.86
CA THR A 117 -1.70 -11.68 -7.27
C THR A 117 -1.90 -10.32 -7.93
N PHE A 118 -1.20 -9.29 -7.44
CA PHE A 118 -1.04 -8.01 -8.13
C PHE A 118 -0.06 -8.02 -9.31
N GLY A 119 0.87 -8.99 -9.39
CA GLY A 119 2.00 -9.00 -10.33
C GLY A 119 3.27 -8.32 -9.82
N VAL A 120 3.37 -8.08 -8.50
CA VAL A 120 4.55 -7.47 -7.86
C VAL A 120 5.67 -8.50 -7.75
N PHE A 121 6.78 -8.21 -8.43
CA PHE A 121 7.98 -9.05 -8.48
C PHE A 121 9.13 -8.46 -7.64
N TYR A 122 9.89 -9.37 -7.03
CA TYR A 122 11.05 -9.10 -6.19
C TYR A 122 12.13 -10.18 -6.35
N GLN A 123 13.37 -9.82 -6.05
CA GLN A 123 14.46 -10.75 -5.77
C GLN A 123 15.01 -10.40 -4.37
N LYS A 124 15.93 -11.20 -3.81
CA LYS A 124 16.93 -10.68 -2.86
C LYS A 124 18.33 -11.01 -3.38
N SER A 125 19.30 -10.11 -3.26
CA SER A 125 20.63 -10.25 -3.84
C SER A 125 21.74 -10.37 -2.77
N GLN A 126 22.95 -10.72 -3.22
CA GLN A 126 24.16 -11.05 -2.45
C GLN A 126 24.06 -12.33 -1.62
N TYR A 127 23.00 -12.47 -0.82
CA TYR A 127 22.70 -13.54 0.13
C TYR A 127 23.88 -14.38 0.65
N ARG A 128 24.62 -13.77 1.59
CA ARG A 128 25.70 -14.37 2.38
C ARG A 128 25.30 -14.60 3.86
N GLY A 129 24.02 -14.43 4.22
CA GLY A 129 23.48 -14.80 5.55
C GLY A 129 23.98 -13.84 6.63
N PRO A 130 24.87 -14.26 7.56
CA PRO A 130 25.57 -13.35 8.47
C PRO A 130 26.47 -12.35 7.72
N GLY A 131 26.87 -12.65 6.47
CA GLY A 131 27.51 -11.70 5.55
C GLY A 131 26.53 -10.90 4.70
N GLU A 132 25.25 -10.85 5.11
CA GLU A 132 24.21 -9.91 4.68
C GLU A 132 23.64 -10.18 3.27
N TYR A 133 22.77 -9.26 2.84
CA TYR A 133 21.95 -9.26 1.63
C TYR A 133 21.25 -7.89 1.46
N LEU A 134 20.53 -7.71 0.36
CA LEU A 134 19.52 -6.67 0.19
C LEU A 134 18.34 -7.25 -0.59
N VAL A 135 17.16 -6.66 -0.45
CA VAL A 135 15.96 -7.08 -1.18
C VAL A 135 15.74 -6.13 -2.36
N ASP A 136 15.49 -6.71 -3.54
CA ASP A 136 15.41 -6.00 -4.81
C ASP A 136 13.95 -6.08 -5.30
N HIS A 137 13.09 -5.17 -4.83
CA HIS A 137 11.64 -5.25 -5.03
C HIS A 137 11.06 -4.10 -5.87
N THR A 138 9.88 -4.36 -6.46
CA THR A 138 9.07 -3.38 -7.20
C THR A 138 8.31 -2.48 -6.23
N ALA A 139 8.46 -1.16 -6.35
CA ALA A 139 7.69 -0.16 -5.59
C ALA A 139 6.52 0.37 -6.44
N THR A 140 5.29 -0.07 -6.15
CA THR A 140 4.06 0.34 -6.88
C THR A 140 2.88 0.45 -5.92
N THR A 141 1.84 1.21 -6.33
CA THR A 141 0.62 1.43 -5.55
C THR A 141 -0.57 0.88 -6.32
N PHE A 142 -1.44 0.17 -5.61
CA PHE A 142 -2.60 -0.52 -6.14
C PHE A 142 -3.85 -0.01 -5.41
N VAL A 143 -4.84 0.52 -6.14
CA VAL A 143 -6.05 1.08 -5.52
C VAL A 143 -7.19 0.08 -5.65
N VAL A 144 -7.77 -0.23 -4.50
CA VAL A 144 -8.66 -1.39 -4.30
C VAL A 144 -10.03 -0.96 -3.77
N LYS A 145 -11.07 -1.51 -4.42
CA LYS A 145 -12.47 -1.55 -3.96
C LYS A 145 -13.09 -2.91 -4.35
N GLU A 146 -14.08 -3.43 -3.62
CA GLU A 146 -14.85 -4.65 -3.93
C GLU A 146 -14.04 -5.97 -3.97
N GLY A 147 -12.74 -5.97 -3.66
CA GLY A 147 -11.86 -7.11 -3.96
C GLY A 147 -11.38 -7.12 -5.42
N ARG A 148 -11.25 -5.94 -6.04
CA ARG A 148 -10.63 -5.77 -7.35
C ARG A 148 -9.65 -4.58 -7.34
N LEU A 149 -8.64 -4.67 -8.20
CA LEU A 149 -7.81 -3.53 -8.58
C LEU A 149 -8.66 -2.62 -9.48
N VAL A 150 -8.94 -1.40 -9.03
CA VAL A 150 -9.73 -0.41 -9.79
C VAL A 150 -8.88 0.71 -10.40
N LEU A 151 -7.65 0.93 -9.89
CA LEU A 151 -6.76 1.99 -10.34
C LEU A 151 -5.30 1.74 -9.94
N LEU A 152 -4.36 2.11 -10.79
CA LEU A 152 -2.91 1.94 -10.57
C LEU A 152 -2.20 3.29 -10.38
N TYR A 153 -1.27 3.30 -9.41
CA TYR A 153 -0.42 4.43 -9.04
C TYR A 153 1.04 3.99 -8.78
N SER A 154 1.92 4.97 -8.61
CA SER A 154 3.32 4.84 -8.20
C SER A 154 3.76 6.22 -7.64
N PRO A 155 4.93 6.38 -6.97
CA PRO A 155 5.19 7.56 -6.16
C PRO A 155 5.18 8.83 -7.02
N ASP A 156 5.75 8.79 -8.23
CA ASP A 156 5.80 9.92 -9.16
C ASP A 156 4.42 10.46 -9.60
N LYS A 157 3.37 9.67 -9.40
CA LYS A 157 1.97 10.07 -9.57
C LYS A 157 1.29 10.39 -8.23
N ALA A 158 1.60 9.64 -7.17
CA ALA A 158 0.90 9.66 -5.87
C ALA A 158 1.35 10.80 -4.93
N GLU A 159 2.62 11.20 -4.96
CA GLU A 159 3.16 12.22 -4.04
C GLU A 159 2.55 13.61 -4.30
N ALA A 160 1.95 13.83 -5.48
CA ALA A 160 1.09 14.97 -5.78
C ALA A 160 -0.32 14.83 -5.16
N THR A 161 -0.40 14.79 -3.82
CA THR A 161 -1.61 14.51 -2.99
C THR A 161 -2.94 14.89 -3.61
N ASP A 162 -3.09 16.14 -4.05
CA ASP A 162 -4.39 16.70 -4.41
C ASP A 162 -5.00 16.03 -5.65
N ARG A 163 -4.19 15.37 -6.50
CA ARG A 163 -4.69 14.47 -7.52
C ARG A 163 -5.29 13.20 -6.92
N VAL A 164 -4.71 12.66 -5.84
CA VAL A 164 -5.16 11.40 -5.20
C VAL A 164 -6.57 11.54 -4.61
N VAL A 165 -6.94 12.67 -3.99
CA VAL A 165 -8.29 12.91 -3.50
C VAL A 165 -9.31 13.10 -4.62
N ALA A 166 -8.92 13.73 -5.71
CA ALA A 166 -9.77 13.95 -6.90
C ALA A 166 -10.00 12.66 -7.70
N ASP A 167 -8.98 11.81 -7.78
CA ASP A 167 -9.02 10.43 -8.29
C ASP A 167 -9.95 9.55 -7.43
N LEU A 168 -9.78 9.59 -6.10
CA LEU A 168 -10.67 8.90 -5.15
C LEU A 168 -12.12 9.39 -5.23
N GLN A 169 -12.36 10.68 -5.47
CA GLN A 169 -13.70 11.24 -5.68
C GLN A 169 -14.46 10.59 -6.85
N ALA A 170 -13.76 10.07 -7.87
CA ALA A 170 -14.33 9.21 -8.90
C ALA A 170 -14.58 7.74 -8.52
N LEU A 171 -13.91 7.25 -7.46
CA LEU A 171 -13.87 5.83 -7.07
C LEU A 171 -14.67 5.49 -5.80
N LEU A 172 -15.07 6.50 -5.03
CA LEU A 172 -15.57 6.38 -3.64
C LEU A 172 -16.79 5.47 -3.40
N GLY A 1 -11.87 23.18 -7.38
CA GLY A 1 -13.07 22.68 -6.68
C GLY A 1 -13.98 22.09 -7.72
N ALA A 2 -14.49 20.86 -7.52
CA ALA A 2 -14.66 19.90 -8.62
C ALA A 2 -13.34 19.82 -9.42
N MET A 3 -13.38 19.73 -10.76
CA MET A 3 -12.20 19.73 -11.65
C MET A 3 -11.12 18.72 -11.21
N HIS A 4 -11.55 17.52 -10.82
CA HIS A 4 -10.68 16.46 -10.32
C HIS A 4 -9.79 15.94 -11.47
N THR A 5 -8.49 16.29 -11.44
CA THR A 5 -7.52 15.99 -12.50
C THR A 5 -6.31 15.23 -11.94
N PHE A 6 -5.88 14.22 -12.68
CA PHE A 6 -5.12 13.06 -12.20
C PHE A 6 -4.35 12.38 -13.35
N TYR A 7 -3.46 11.44 -13.05
CA TYR A 7 -2.61 10.78 -14.07
C TYR A 7 -2.11 9.36 -13.69
N GLY A 8 -2.75 8.71 -12.71
CA GLY A 8 -2.53 7.30 -12.38
C GLY A 8 -3.16 6.39 -13.45
N THR A 9 -2.75 5.12 -13.47
CA THR A 9 -3.19 4.16 -14.50
C THR A 9 -4.61 3.72 -14.18
N ARG A 10 -5.58 4.47 -14.70
CA ARG A 10 -7.00 4.30 -14.40
C ARG A 10 -7.53 3.03 -15.07
N LEU A 11 -8.02 2.12 -14.24
CA LEU A 11 -8.38 0.76 -14.68
C LEU A 11 -9.84 0.67 -15.13
N LEU A 12 -10.08 -0.23 -16.08
CA LEU A 12 -11.40 -0.73 -16.47
C LEU A 12 -11.53 -2.19 -16.00
N ASN A 13 -12.72 -2.79 -16.15
CA ASN A 13 -13.01 -4.20 -15.81
C ASN A 13 -12.34 -4.68 -14.48
N PRO A 14 -12.59 -3.97 -13.36
CA PRO A 14 -11.74 -3.99 -12.17
C PRO A 14 -11.70 -5.36 -11.47
N LYS A 15 -10.49 -5.94 -11.42
CA LYS A 15 -10.26 -7.31 -10.95
C LYS A 15 -10.53 -7.43 -9.43
N PRO A 16 -11.46 -8.30 -8.98
CA PRO A 16 -11.79 -8.48 -7.57
C PRO A 16 -10.65 -9.25 -6.88
N VAL A 17 -10.40 -8.95 -5.61
CA VAL A 17 -9.18 -9.38 -4.89
C VAL A 17 -9.46 -9.66 -3.41
N ASP A 18 -8.91 -10.77 -2.94
CA ASP A 18 -8.64 -11.09 -1.54
C ASP A 18 -7.14 -11.43 -1.38
N PHE A 19 -6.63 -11.41 -0.16
CA PHE A 19 -5.29 -11.91 0.18
C PHE A 19 -5.35 -12.64 1.52
N ALA A 20 -4.24 -13.28 1.91
CA ALA A 20 -4.00 -13.65 3.31
C ALA A 20 -2.58 -13.22 3.71
N LEU A 21 -2.48 -12.54 4.85
CA LEU A 21 -1.24 -12.08 5.49
C LEU A 21 -1.39 -12.19 7.01
N GLU A 22 -0.27 -12.08 7.73
CA GLU A 22 -0.25 -11.91 9.18
C GLU A 22 -0.05 -10.44 9.59
N GLY A 23 -0.55 -10.14 10.78
CA GLY A 23 -0.43 -8.84 11.46
C GLY A 23 0.03 -9.00 12.91
N PRO A 24 0.28 -7.90 13.65
CA PRO A 24 0.84 -7.89 15.01
C PRO A 24 -0.04 -8.56 16.11
N GLN A 25 -1.17 -9.17 15.78
CA GLN A 25 -2.07 -9.79 16.76
C GLN A 25 -2.94 -10.93 16.17
N GLY A 26 -2.81 -11.25 14.87
CA GLY A 26 -3.62 -12.27 14.20
C GLY A 26 -3.51 -12.22 12.66
N PRO A 27 -4.17 -13.15 11.94
CA PRO A 27 -4.20 -13.18 10.48
C PRO A 27 -5.22 -12.18 9.93
N VAL A 28 -4.93 -11.62 8.75
CA VAL A 28 -5.72 -10.55 8.10
C VAL A 28 -5.85 -10.86 6.60
N ARG A 29 -6.98 -10.47 6.01
CA ARG A 29 -7.35 -10.69 4.62
C ARG A 29 -7.96 -9.43 4.00
N LEU A 30 -8.04 -9.33 2.67
CA LEU A 30 -8.83 -8.27 2.02
C LEU A 30 -10.35 -8.50 2.17
N SER A 31 -10.77 -9.73 2.47
CA SER A 31 -12.14 -10.06 2.89
C SER A 31 -12.61 -9.25 4.10
N GLN A 32 -11.70 -8.62 4.85
CA GLN A 32 -12.03 -7.76 5.98
C GLN A 32 -12.35 -6.30 5.55
N PHE A 33 -12.25 -5.98 4.25
CA PHE A 33 -12.43 -4.63 3.71
C PHE A 33 -13.15 -4.61 2.34
N GLN A 34 -13.91 -5.66 1.98
CA GLN A 34 -14.64 -5.79 0.70
C GLN A 34 -15.94 -4.96 0.68
N ASP A 35 -15.77 -3.65 0.83
CA ASP A 35 -16.79 -2.67 1.17
C ASP A 35 -16.20 -1.25 1.33
N LYS A 36 -14.94 -1.15 1.78
CA LYS A 36 -14.23 0.12 1.91
C LYS A 36 -13.36 0.48 0.67
N VAL A 37 -12.81 1.69 0.68
CA VAL A 37 -11.73 2.16 -0.19
C VAL A 37 -10.45 2.02 0.62
N VAL A 38 -9.42 1.42 0.00
CA VAL A 38 -8.15 1.09 0.67
C VAL A 38 -6.98 1.39 -0.27
N LEU A 39 -5.92 1.97 0.30
CA LEU A 39 -4.60 2.13 -0.29
C LEU A 39 -3.70 1.00 0.22
N LEU A 40 -3.04 0.33 -0.73
CA LEU A 40 -2.04 -0.70 -0.50
C LEU A 40 -0.67 -0.18 -0.95
N PHE A 41 0.34 -0.30 -0.10
CA PHE A 41 1.71 0.14 -0.39
C PHE A 41 2.76 -0.82 0.19
N PHE A 42 3.84 -1.05 -0.58
CA PHE A 42 4.86 -2.06 -0.30
C PHE A 42 6.22 -1.45 0.04
N GLY A 43 6.72 -1.72 1.25
CA GLY A 43 8.01 -1.26 1.77
C GLY A 43 8.74 -2.31 2.62
N PHE A 44 9.89 -1.92 3.16
CA PHE A 44 10.82 -2.80 3.89
C PHE A 44 11.36 -2.08 5.13
N THR A 45 10.43 -1.50 5.90
CA THR A 45 10.57 -0.25 6.67
C THR A 45 11.79 0.56 6.23
N ARG A 46 12.86 0.58 7.04
CA ARG A 46 14.18 1.18 6.79
C ARG A 46 14.14 2.68 6.44
N CYS A 47 13.62 3.01 5.26
CA CYS A 47 13.56 4.31 4.56
C CYS A 47 14.83 4.53 3.72
N PRO A 48 14.80 4.35 2.39
CA PRO A 48 15.87 4.81 1.50
C PRO A 48 15.71 6.31 1.29
N ASP A 49 14.53 6.76 0.80
CA ASP A 49 14.06 8.14 0.86
C ASP A 49 12.53 8.07 0.93
N VAL A 50 11.91 7.72 -0.20
CA VAL A 50 10.50 7.48 -0.57
C VAL A 50 9.50 6.99 0.51
N CYS A 51 9.94 6.40 1.62
CA CYS A 51 9.06 5.85 2.65
C CYS A 51 8.33 6.95 3.46
N PRO A 52 9.00 7.91 4.11
CA PRO A 52 8.35 9.12 4.63
C PRO A 52 7.79 9.99 3.51
N THR A 53 8.48 10.12 2.36
CA THR A 53 8.11 11.01 1.25
C THR A 53 6.72 10.68 0.70
N THR A 54 6.55 9.46 0.16
CA THR A 54 5.27 8.96 -0.34
C THR A 54 4.21 8.94 0.75
N LEU A 55 4.49 8.46 1.97
CA LEU A 55 3.43 8.44 2.99
C LEU A 55 2.95 9.83 3.40
N LEU A 56 3.81 10.85 3.42
CA LEU A 56 3.40 12.25 3.69
C LEU A 56 2.56 12.83 2.55
N ALA A 57 2.81 12.43 1.30
CA ALA A 57 1.94 12.75 0.17
C ALA A 57 0.61 11.99 0.24
N LEU A 58 0.63 10.66 0.37
CA LEU A 58 -0.55 9.80 0.49
C LEU A 58 -1.47 10.30 1.60
N LYS A 59 -0.97 10.49 2.83
CA LYS A 59 -1.77 11.03 3.92
C LYS A 59 -2.31 12.44 3.61
N ARG A 60 -1.57 13.31 2.93
CA ARG A 60 -2.06 14.64 2.52
C ARG A 60 -3.10 14.61 1.40
N ALA A 61 -3.18 13.54 0.60
CA ALA A 61 -4.33 13.27 -0.25
C ALA A 61 -5.53 12.78 0.56
N TYR A 62 -5.31 11.78 1.42
CA TYR A 62 -6.37 11.10 2.17
C TYR A 62 -7.06 11.99 3.19
N GLU A 63 -6.28 12.59 4.08
CA GLU A 63 -6.78 13.29 5.26
C GLU A 63 -7.55 14.57 4.86
N LYS A 64 -7.37 15.04 3.62
CA LYS A 64 -8.10 16.16 3.01
C LYS A 64 -9.57 15.83 2.69
N LEU A 65 -9.97 14.55 2.60
CA LEU A 65 -11.33 14.14 2.22
C LEU A 65 -12.40 14.66 3.20
N PRO A 66 -13.59 15.07 2.72
CA PRO A 66 -14.61 15.67 3.56
C PRO A 66 -15.14 14.67 4.59
N PRO A 67 -15.64 15.14 5.75
CA PRO A 67 -16.09 14.29 6.85
C PRO A 67 -17.26 13.36 6.48
N LYS A 68 -17.90 13.51 5.30
CA LYS A 68 -18.77 12.44 4.81
C LYS A 68 -17.92 11.30 4.21
N ALA A 69 -17.11 11.61 3.20
CA ALA A 69 -16.32 10.66 2.44
C ALA A 69 -15.37 9.80 3.32
N GLN A 70 -15.00 10.28 4.52
CA GLN A 70 -14.29 9.47 5.51
C GLN A 70 -14.97 8.12 5.79
N GLU A 71 -16.31 8.02 5.68
CA GLU A 71 -17.13 6.82 5.83
C GLU A 71 -16.63 5.57 5.06
N ARG A 72 -15.86 5.77 3.96
CA ARG A 72 -15.28 4.69 3.18
C ARG A 72 -13.75 4.52 3.30
N VAL A 73 -13.01 5.32 4.09
CA VAL A 73 -11.54 5.25 4.12
C VAL A 73 -11.00 4.14 5.05
N GLN A 74 -10.00 3.40 4.58
CA GLN A 74 -9.07 2.54 5.33
C GLN A 74 -7.69 2.60 4.65
N VAL A 75 -6.59 2.19 5.30
CA VAL A 75 -5.23 2.15 4.71
C VAL A 75 -4.46 0.91 5.18
N ILE A 76 -3.71 0.24 4.30
CA ILE A 76 -2.92 -0.97 4.63
C ILE A 76 -1.50 -0.85 4.06
N PHE A 77 -0.49 -1.09 4.91
CA PHE A 77 0.91 -1.25 4.52
C PHE A 77 1.27 -2.74 4.54
N VAL A 78 2.06 -3.20 3.58
CA VAL A 78 2.53 -4.60 3.51
C VAL A 78 4.04 -4.59 3.30
N SER A 79 4.76 -5.49 3.97
CA SER A 79 6.22 -5.58 3.79
C SER A 79 6.62 -6.26 2.47
N VAL A 80 7.89 -6.13 2.05
CA VAL A 80 8.43 -6.78 0.83
C VAL A 80 9.20 -8.07 1.21
N ASP A 81 9.51 -8.21 2.50
CA ASP A 81 10.73 -8.84 2.99
C ASP A 81 10.51 -9.44 4.39
N PRO A 82 9.90 -10.64 4.48
CA PRO A 82 9.79 -11.38 5.74
C PRO A 82 11.14 -11.88 6.29
N GLU A 83 12.26 -11.58 5.61
CA GLU A 83 13.64 -11.71 6.11
C GLU A 83 14.06 -10.53 7.03
N ARG A 84 13.33 -9.39 7.00
CA ARG A 84 13.85 -8.10 7.48
C ARG A 84 12.81 -7.10 8.04
N ASP A 85 11.55 -7.14 7.64
CA ASP A 85 10.51 -6.21 8.11
C ASP A 85 9.31 -7.00 8.71
N PRO A 86 9.29 -7.22 10.06
CA PRO A 86 8.25 -8.01 10.74
C PRO A 86 6.99 -7.17 11.02
N PRO A 87 5.81 -7.80 11.17
CA PRO A 87 4.51 -7.12 11.08
C PRO A 87 4.35 -5.98 12.08
N GLU A 88 4.91 -6.11 13.28
CA GLU A 88 4.81 -5.10 14.32
C GLU A 88 5.64 -3.84 14.01
N VAL A 89 6.84 -4.01 13.44
CA VAL A 89 7.76 -2.93 13.03
C VAL A 89 7.24 -2.23 11.77
N ALA A 90 6.76 -3.03 10.80
CA ALA A 90 6.00 -2.56 9.64
C ALA A 90 4.80 -1.71 10.05
N ASP A 91 4.10 -2.09 11.12
CA ASP A 91 3.00 -1.30 11.68
C ASP A 91 3.49 0.00 12.35
N ARG A 92 4.44 -0.02 13.30
CA ARG A 92 4.89 1.19 14.02
C ARG A 92 5.18 2.36 13.08
N TYR A 93 5.92 2.09 12.01
CA TYR A 93 6.23 3.03 10.92
C TYR A 93 4.97 3.66 10.32
N ALA A 94 4.09 2.82 9.77
CA ALA A 94 2.86 3.25 9.09
C ALA A 94 1.91 3.98 10.07
N LYS A 95 1.83 3.51 11.31
CA LYS A 95 1.02 4.10 12.38
C LYS A 95 1.51 5.50 12.81
N ALA A 96 2.81 5.78 12.69
CA ALA A 96 3.38 7.09 13.01
C ALA A 96 2.96 8.18 12.01
N PHE A 97 2.71 7.80 10.75
CA PHE A 97 2.08 8.69 9.77
C PHE A 97 0.64 9.04 10.11
N HIS A 98 -0.16 8.06 10.52
CA HIS A 98 -1.55 8.23 10.92
C HIS A 98 -2.15 6.94 11.54
N PRO A 99 -3.14 7.05 12.45
CA PRO A 99 -3.78 5.89 13.09
C PRO A 99 -4.57 5.01 12.12
N SER A 100 -4.92 5.50 10.92
CA SER A 100 -5.68 4.77 9.89
C SER A 100 -4.90 3.68 9.17
N PHE A 101 -3.64 3.42 9.55
CA PHE A 101 -2.81 2.36 8.98
C PHE A 101 -2.86 1.08 9.84
N LEU A 102 -2.77 -0.06 9.15
CA LEU A 102 -2.35 -1.34 9.69
C LEU A 102 -1.21 -1.87 8.81
N GLY A 103 -0.11 -2.32 9.43
CA GLY A 103 1.06 -2.94 8.79
C GLY A 103 1.01 -4.46 8.87
N LEU A 104 1.35 -5.14 7.77
CA LEU A 104 1.26 -6.59 7.60
C LEU A 104 2.57 -7.18 7.05
N SER A 105 3.10 -8.19 7.73
CA SER A 105 4.19 -9.04 7.23
C SER A 105 4.02 -10.45 7.83
N GLY A 106 4.55 -11.50 7.20
CA GLY A 106 4.25 -12.85 7.64
C GLY A 106 4.83 -13.97 6.80
N SER A 107 4.11 -15.08 6.75
CA SER A 107 4.53 -16.31 6.08
C SER A 107 4.89 -16.04 4.60
N PRO A 108 6.03 -16.55 4.08
CA PRO A 108 6.55 -16.16 2.78
C PRO A 108 5.62 -16.60 1.62
N GLU A 109 4.91 -17.72 1.77
CA GLU A 109 3.89 -18.15 0.81
C GLU A 109 2.63 -17.25 0.87
N ALA A 110 2.28 -16.71 2.04
CA ALA A 110 1.19 -15.75 2.20
C ALA A 110 1.55 -14.40 1.56
N VAL A 111 2.77 -13.91 1.84
CA VAL A 111 3.38 -12.77 1.12
C VAL A 111 3.44 -13.03 -0.40
N ARG A 112 3.69 -14.27 -0.84
CA ARG A 112 3.66 -14.66 -2.26
C ARG A 112 2.25 -14.52 -2.87
N GLU A 113 1.20 -15.05 -2.25
CA GLU A 113 -0.17 -14.91 -2.79
C GLU A 113 -0.65 -13.45 -2.85
N ALA A 114 -0.35 -12.65 -1.83
CA ALA A 114 -0.66 -11.22 -1.81
C ALA A 114 0.10 -10.47 -2.92
N ALA A 115 1.40 -10.72 -3.08
CA ALA A 115 2.23 -10.11 -4.12
C ALA A 115 1.73 -10.44 -5.52
N GLN A 116 1.40 -11.72 -5.78
CA GLN A 116 0.82 -12.19 -7.04
C GLN A 116 -0.51 -11.48 -7.35
N THR A 117 -1.34 -11.26 -6.33
CA THR A 117 -2.70 -10.73 -6.47
C THR A 117 -2.71 -9.25 -6.86
N PHE A 118 -1.88 -8.44 -6.20
CA PHE A 118 -1.67 -7.03 -6.54
C PHE A 118 -0.84 -6.83 -7.83
N GLY A 119 0.13 -7.71 -8.10
CA GLY A 119 1.13 -7.54 -9.17
C GLY A 119 2.45 -6.93 -8.67
N VAL A 120 2.90 -7.36 -7.49
CA VAL A 120 4.19 -7.00 -6.89
C VAL A 120 5.23 -8.08 -7.25
N PHE A 121 6.45 -7.63 -7.52
CA PHE A 121 7.60 -8.52 -7.72
C PHE A 121 8.85 -7.99 -7.02
N TYR A 122 9.71 -8.92 -6.61
CA TYR A 122 10.99 -8.64 -5.98
C TYR A 122 12.08 -9.63 -6.42
N GLN A 123 13.34 -9.23 -6.29
CA GLN A 123 14.52 -10.05 -6.59
C GLN A 123 15.58 -9.75 -5.52
N LYS A 124 16.61 -10.58 -5.40
CA LYS A 124 17.68 -10.43 -4.42
C LYS A 124 19.04 -10.77 -5.07
N SER A 125 20.13 -10.20 -4.58
CA SER A 125 21.48 -10.70 -4.85
C SER A 125 22.39 -10.63 -3.63
N GLN A 126 23.22 -11.66 -3.46
CA GLN A 126 23.87 -12.08 -2.23
C GLN A 126 22.90 -12.55 -1.14
N TYR A 127 23.39 -13.48 -0.35
CA TYR A 127 22.78 -13.82 0.93
C TYR A 127 23.25 -12.83 2.00
N ARG A 128 24.58 -12.62 2.10
CA ARG A 128 25.21 -11.79 3.12
C ARG A 128 26.68 -11.38 2.83
N GLY A 129 27.31 -11.92 1.78
CA GLY A 129 28.68 -11.63 1.30
C GLY A 129 29.66 -11.04 2.33
N PRO A 130 30.18 -9.81 2.11
CA PRO A 130 31.11 -9.12 2.99
C PRO A 130 30.42 -8.38 4.16
N GLY A 131 29.19 -8.80 4.54
CA GLY A 131 28.25 -8.04 5.35
C GLY A 131 27.15 -7.35 4.52
N GLU A 132 27.13 -7.59 3.22
CA GLU A 132 26.35 -6.88 2.20
C GLU A 132 25.48 -7.86 1.39
N TYR A 133 24.32 -7.35 0.95
CA TYR A 133 23.35 -7.99 0.06
C TYR A 133 22.33 -6.95 -0.42
N LEU A 134 21.77 -7.13 -1.61
CA LEU A 134 20.82 -6.21 -2.24
C LEU A 134 19.47 -6.89 -2.54
N VAL A 135 18.44 -6.07 -2.66
CA VAL A 135 17.04 -6.47 -2.90
C VAL A 135 16.36 -5.47 -3.84
N ASP A 136 15.74 -5.97 -4.91
CA ASP A 136 15.12 -5.19 -5.99
C ASP A 136 13.59 -5.24 -5.84
N HIS A 137 12.90 -4.10 -5.93
CA HIS A 137 11.49 -3.97 -5.54
C HIS A 137 10.68 -2.98 -6.39
N THR A 138 9.43 -3.32 -6.78
CA THR A 138 8.59 -2.52 -7.70
C THR A 138 8.16 -1.15 -7.16
N ALA A 139 8.08 -0.97 -5.83
CA ALA A 139 7.80 0.31 -5.15
C ALA A 139 6.38 0.89 -5.39
N THR A 140 5.39 0.06 -5.74
CA THR A 140 4.08 0.50 -6.27
C THR A 140 3.05 0.67 -5.16
N THR A 141 2.16 1.65 -5.37
CA THR A 141 0.88 1.84 -4.67
C THR A 141 -0.26 1.27 -5.52
N PHE A 142 -1.14 0.50 -4.87
CA PHE A 142 -2.32 -0.12 -5.46
C PHE A 142 -3.59 0.47 -4.83
N VAL A 143 -4.54 0.89 -5.66
CA VAL A 143 -5.84 1.39 -5.19
C VAL A 143 -6.89 0.32 -5.40
N VAL A 144 -7.54 -0.06 -4.29
CA VAL A 144 -8.74 -0.89 -4.30
C VAL A 144 -9.94 -0.14 -3.73
N LYS A 145 -11.10 -0.43 -4.33
CA LYS A 145 -12.44 0.00 -3.92
C LYS A 145 -13.33 -1.24 -3.85
N GLU A 146 -14.01 -1.50 -2.72
CA GLU A 146 -14.95 -2.62 -2.56
C GLU A 146 -14.24 -4.01 -2.68
N GLY A 147 -12.90 -4.06 -2.53
CA GLY A 147 -12.11 -5.27 -2.76
C GLY A 147 -11.89 -5.62 -4.24
N ARG A 148 -11.80 -4.64 -5.13
CA ARG A 148 -11.32 -4.82 -6.50
C ARG A 148 -10.31 -3.75 -6.90
N LEU A 149 -9.33 -4.15 -7.71
CA LEU A 149 -8.25 -3.32 -8.22
C LEU A 149 -8.82 -2.30 -9.21
N VAL A 150 -8.74 -1.02 -8.87
CA VAL A 150 -9.33 0.08 -9.67
C VAL A 150 -8.30 1.10 -10.17
N LEU A 151 -7.09 1.13 -9.58
CA LEU A 151 -6.01 2.03 -10.00
C LEU A 151 -4.61 1.61 -9.55
N LEU A 152 -3.61 2.00 -10.34
CA LEU A 152 -2.18 1.86 -10.05
C LEU A 152 -1.47 3.23 -10.03
N TYR A 153 -0.46 3.34 -9.16
CA TYR A 153 0.38 4.53 -8.95
C TYR A 153 1.82 4.13 -8.55
N SER A 154 2.82 4.46 -9.37
CA SER A 154 4.23 4.50 -8.95
C SER A 154 4.49 5.81 -8.14
N PRO A 155 5.54 5.88 -7.29
CA PRO A 155 5.70 6.99 -6.36
C PRO A 155 5.96 8.31 -7.09
N ASP A 156 6.74 8.28 -8.19
CA ASP A 156 7.02 9.43 -9.04
C ASP A 156 5.76 10.04 -9.71
N LYS A 157 4.65 9.32 -9.70
CA LYS A 157 3.31 9.82 -9.95
C LYS A 157 2.60 10.15 -8.62
N ALA A 158 2.56 9.21 -7.66
CA ALA A 158 1.75 9.27 -6.44
C ALA A 158 2.05 10.47 -5.53
N GLU A 159 3.30 10.93 -5.48
CA GLU A 159 3.68 12.03 -4.59
C GLU A 159 3.03 13.37 -4.98
N ALA A 160 2.51 13.47 -6.22
CA ALA A 160 1.60 14.54 -6.63
C ALA A 160 0.22 14.36 -5.95
N THR A 161 0.17 14.76 -4.67
CA THR A 161 -0.98 14.75 -3.75
C THR A 161 -2.32 14.93 -4.46
N ASP A 162 -2.53 16.04 -5.15
CA ASP A 162 -3.83 16.40 -5.71
C ASP A 162 -4.28 15.51 -6.88
N ARG A 163 -3.34 14.80 -7.54
CA ARG A 163 -3.66 13.71 -8.47
C ARG A 163 -4.28 12.52 -7.72
N VAL A 164 -3.68 12.14 -6.58
CA VAL A 164 -4.21 11.08 -5.70
C VAL A 164 -5.52 11.51 -5.02
N VAL A 165 -5.69 12.79 -4.65
CA VAL A 165 -7.00 13.32 -4.20
C VAL A 165 -8.09 13.09 -5.26
N ALA A 166 -7.83 13.48 -6.50
CA ALA A 166 -8.80 13.45 -7.61
C ALA A 166 -9.19 12.03 -8.06
N ASP A 167 -8.23 11.11 -8.12
CA ASP A 167 -8.51 9.69 -8.40
C ASP A 167 -9.31 9.02 -7.28
N LEU A 168 -8.99 9.30 -6.00
CA LEU A 168 -9.75 8.77 -4.85
C LEU A 168 -11.16 9.34 -4.78
N GLN A 169 -11.36 10.62 -5.11
CA GLN A 169 -12.67 11.26 -5.30
C GLN A 169 -13.52 10.48 -6.32
N ALA A 170 -12.93 10.12 -7.46
CA ALA A 170 -13.55 9.29 -8.49
C ALA A 170 -13.72 7.79 -8.13
N LEU A 171 -13.12 7.33 -7.03
CA LEU A 171 -13.18 5.96 -6.51
C LEU A 171 -13.79 5.88 -5.10
N LEU A 172 -14.56 6.89 -4.68
CA LEU A 172 -15.34 6.85 -3.43
C LEU A 172 -16.37 5.71 -3.40
N GLY A 1 -16.66 23.24 -6.79
CA GLY A 1 -16.60 22.13 -7.76
C GLY A 1 -15.16 21.71 -7.97
N ALA A 2 -14.91 20.72 -8.83
CA ALA A 2 -13.60 20.17 -9.17
C ALA A 2 -13.74 19.30 -10.43
N MET A 3 -12.61 18.93 -11.04
CA MET A 3 -12.54 18.01 -12.17
C MET A 3 -11.47 16.97 -11.87
N HIS A 4 -11.77 15.68 -12.05
CA HIS A 4 -10.88 14.60 -11.62
C HIS A 4 -9.91 14.15 -12.73
N THR A 5 -8.73 13.64 -12.35
CA THR A 5 -7.60 13.36 -13.25
C THR A 5 -6.81 12.14 -12.80
N PHE A 6 -6.72 11.13 -13.67
CA PHE A 6 -5.91 9.94 -13.47
C PHE A 6 -4.41 10.26 -13.63
N TYR A 7 -3.65 10.36 -12.54
CA TYR A 7 -2.19 10.51 -12.57
C TYR A 7 -1.44 9.19 -12.29
N GLY A 8 -2.16 8.16 -11.84
CA GLY A 8 -1.65 6.79 -11.70
C GLY A 8 -1.59 6.08 -13.06
N THR A 9 -2.06 4.83 -13.11
CA THR A 9 -2.26 4.10 -14.38
C THR A 9 -3.56 3.32 -14.27
N ARG A 10 -4.55 3.72 -15.07
CA ARG A 10 -5.91 3.19 -14.99
C ARG A 10 -6.06 1.88 -15.76
N LEU A 11 -6.74 0.91 -15.14
CA LEU A 11 -7.03 -0.38 -15.74
C LEU A 11 -8.24 -0.27 -16.69
N LEU A 12 -8.06 -0.68 -17.94
CA LEU A 12 -9.15 -0.87 -18.91
C LEU A 12 -10.08 -1.99 -18.44
N ASN A 13 -9.52 -3.09 -17.96
CA ASN A 13 -10.22 -4.14 -17.22
C ASN A 13 -9.95 -3.99 -15.70
N PRO A 14 -10.78 -3.22 -14.95
CA PRO A 14 -10.79 -3.27 -13.49
C PRO A 14 -11.32 -4.65 -13.07
N LYS A 15 -10.76 -5.21 -12.00
CA LYS A 15 -10.54 -6.66 -11.96
C LYS A 15 -10.40 -7.18 -10.52
N PRO A 16 -11.03 -8.32 -10.16
CA PRO A 16 -11.09 -8.81 -8.78
C PRO A 16 -9.71 -9.17 -8.25
N VAL A 17 -9.51 -8.97 -6.95
CA VAL A 17 -8.26 -9.21 -6.20
C VAL A 17 -8.58 -9.48 -4.73
N ASP A 18 -7.66 -10.17 -4.05
CA ASP A 18 -7.64 -10.41 -2.60
C ASP A 18 -6.23 -10.89 -2.22
N PHE A 19 -5.93 -10.87 -0.92
CA PHE A 19 -4.74 -11.46 -0.34
C PHE A 19 -4.99 -11.78 1.14
N ALA A 20 -4.22 -12.71 1.69
CA ALA A 20 -4.15 -12.95 3.14
C ALA A 20 -2.77 -12.54 3.67
N LEU A 21 -2.74 -11.74 4.75
CA LEU A 21 -1.54 -11.20 5.38
C LEU A 21 -1.68 -11.20 6.91
N GLU A 22 -0.66 -10.70 7.61
CA GLU A 22 -0.52 -10.81 9.05
C GLU A 22 -0.07 -9.48 9.65
N GLY A 23 -0.69 -9.07 10.76
CA GLY A 23 -0.39 -7.83 11.50
C GLY A 23 -0.21 -8.09 12.99
N PRO A 24 0.15 -7.05 13.79
CA PRO A 24 0.43 -7.19 15.21
C PRO A 24 -0.78 -7.56 16.09
N GLN A 25 -1.97 -7.76 15.52
CA GLN A 25 -3.16 -8.23 16.23
C GLN A 25 -3.73 -9.54 15.63
N GLY A 26 -3.03 -10.19 14.68
CA GLY A 26 -3.48 -11.42 14.01
C GLY A 26 -3.54 -11.32 12.47
N PRO A 27 -3.98 -12.39 11.80
CA PRO A 27 -4.10 -12.48 10.35
C PRO A 27 -5.32 -11.70 9.82
N VAL A 28 -5.20 -11.20 8.59
CA VAL A 28 -6.20 -10.43 7.86
C VAL A 28 -6.40 -10.97 6.44
N ARG A 29 -7.46 -10.51 5.77
CA ARG A 29 -7.58 -10.56 4.32
C ARG A 29 -7.98 -9.19 3.76
N LEU A 30 -7.65 -8.92 2.50
CA LEU A 30 -8.08 -7.71 1.77
C LEU A 30 -9.62 -7.56 1.85
N SER A 31 -10.32 -8.69 1.76
CA SER A 31 -11.77 -8.82 1.96
C SER A 31 -12.31 -8.51 3.38
N GLN A 32 -11.50 -8.00 4.32
CA GLN A 32 -12.03 -7.30 5.49
C GLN A 32 -12.52 -5.88 5.18
N PHE A 33 -12.12 -5.32 4.03
CA PHE A 33 -12.30 -3.92 3.66
C PHE A 33 -13.16 -3.78 2.38
N GLN A 34 -13.97 -4.79 2.06
CA GLN A 34 -14.78 -4.95 0.84
C GLN A 34 -15.58 -3.69 0.45
N ASP A 35 -16.56 -3.30 1.27
CA ASP A 35 -17.50 -2.19 1.02
C ASP A 35 -16.82 -0.79 1.02
N LYS A 36 -15.49 -0.77 1.13
CA LYS A 36 -14.69 0.38 1.53
C LYS A 36 -13.41 0.52 0.67
N VAL A 37 -12.61 1.55 0.94
CA VAL A 37 -11.51 2.03 0.09
C VAL A 37 -10.19 1.74 0.81
N VAL A 38 -9.29 1.06 0.10
CA VAL A 38 -7.94 0.73 0.58
C VAL A 38 -6.88 1.35 -0.33
N LEU A 39 -5.90 2.03 0.30
CA LEU A 39 -4.62 2.43 -0.29
C LEU A 39 -3.51 1.46 0.13
N LEU A 40 -2.97 0.70 -0.84
CA LEU A 40 -1.93 -0.31 -0.62
C LEU A 40 -0.54 0.26 -0.97
N PHE A 41 0.47 0.02 -0.13
CA PHE A 41 1.87 0.37 -0.40
C PHE A 41 2.86 -0.70 0.11
N PHE A 42 3.75 -1.13 -0.79
CA PHE A 42 4.79 -2.15 -0.56
C PHE A 42 6.15 -1.50 -0.32
N GLY A 43 6.71 -1.73 0.88
CA GLY A 43 8.04 -1.28 1.31
C GLY A 43 8.76 -2.27 2.23
N PHE A 44 9.95 -1.90 2.70
CA PHE A 44 10.56 -2.43 3.92
C PHE A 44 9.74 -1.94 5.13
N THR A 45 10.20 -0.86 5.78
CA THR A 45 9.40 0.15 6.50
C THR A 45 10.21 1.41 6.73
N ARG A 46 11.46 1.29 7.19
CA ARG A 46 12.43 2.39 7.16
C ARG A 46 13.00 2.60 5.74
N CYS A 47 12.14 2.67 4.72
CA CYS A 47 12.52 3.08 3.37
C CYS A 47 13.06 4.53 3.43
N PRO A 48 14.07 4.89 2.62
CA PRO A 48 14.90 6.06 2.88
C PRO A 48 14.16 7.38 2.69
N ASP A 49 13.45 7.57 1.58
CA ASP A 49 12.81 8.83 1.19
C ASP A 49 11.36 8.55 0.82
N VAL A 50 11.16 7.53 -0.02
CA VAL A 50 9.85 7.06 -0.48
C VAL A 50 8.82 6.83 0.62
N CYS A 51 9.24 6.38 1.81
CA CYS A 51 8.28 6.24 2.93
C CYS A 51 7.87 7.64 3.42
N PRO A 52 8.75 8.50 3.94
CA PRO A 52 8.30 9.78 4.46
C PRO A 52 7.73 10.73 3.39
N THR A 53 8.02 10.59 2.08
CA THR A 53 7.28 11.28 1.03
C THR A 53 5.89 10.68 0.77
N THR A 54 5.79 9.41 0.32
CA THR A 54 4.51 8.77 -0.03
C THR A 54 3.59 8.63 1.17
N LEU A 55 4.07 8.24 2.36
CA LEU A 55 3.23 8.14 3.55
C LEU A 55 2.70 9.50 3.99
N LEU A 56 3.48 10.58 3.82
CA LEU A 56 2.97 11.93 4.04
C LEU A 56 1.89 12.28 3.01
N ALA A 57 2.03 11.88 1.74
CA ALA A 57 1.00 12.14 0.74
C ALA A 57 -0.29 11.34 0.97
N LEU A 58 -0.19 10.04 1.30
CA LEU A 58 -1.35 9.21 1.61
C LEU A 58 -2.15 9.79 2.79
N LYS A 59 -1.46 10.18 3.87
CA LYS A 59 -2.14 10.86 4.99
C LYS A 59 -2.62 12.28 4.62
N ARG A 60 -1.90 13.04 3.80
CA ARG A 60 -2.34 14.37 3.31
C ARG A 60 -3.61 14.30 2.45
N ALA A 61 -3.85 13.20 1.74
CA ALA A 61 -5.13 12.97 1.06
C ALA A 61 -6.27 12.79 2.09
N TYR A 62 -6.04 11.99 3.12
CA TYR A 62 -6.98 11.76 4.23
C TYR A 62 -7.33 13.05 5.01
N GLU A 63 -6.39 14.00 5.12
CA GLU A 63 -6.61 15.32 5.74
C GLU A 63 -7.48 16.23 4.85
N LYS A 64 -7.41 16.08 3.52
CA LYS A 64 -8.19 16.91 2.60
C LYS A 64 -9.61 16.37 2.34
N LEU A 65 -9.79 15.04 2.17
CA LEU A 65 -11.13 14.46 2.04
C LEU A 65 -11.84 14.51 3.41
N PRO A 66 -13.09 15.00 3.51
CA PRO A 66 -13.70 15.40 4.78
C PRO A 66 -13.94 14.20 5.70
N PRO A 67 -14.11 14.39 7.02
CA PRO A 67 -14.35 13.30 7.96
C PRO A 67 -15.58 12.45 7.63
N LYS A 68 -16.52 12.94 6.81
CA LYS A 68 -17.65 12.10 6.36
C LYS A 68 -17.26 11.18 5.18
N ALA A 69 -16.29 11.58 4.36
CA ALA A 69 -15.60 10.71 3.40
C ALA A 69 -14.57 9.77 4.06
N GLN A 70 -13.88 10.19 5.12
CA GLN A 70 -12.81 9.41 5.77
C GLN A 70 -13.27 8.00 6.19
N GLU A 71 -14.54 7.85 6.61
CA GLU A 71 -15.13 6.59 7.06
C GLU A 71 -15.01 5.40 6.09
N ARG A 72 -14.88 5.64 4.78
CA ARG A 72 -14.60 4.57 3.82
C ARG A 72 -13.12 4.29 3.61
N VAL A 73 -12.20 5.17 4.02
CA VAL A 73 -10.78 5.12 3.64
C VAL A 73 -9.93 4.47 4.75
N GLN A 74 -9.00 3.60 4.34
CA GLN A 74 -7.97 2.98 5.18
C GLN A 74 -6.65 2.93 4.40
N VAL A 75 -5.51 3.11 5.08
CA VAL A 75 -4.19 2.91 4.46
C VAL A 75 -3.56 1.63 5.00
N ILE A 76 -2.95 0.84 4.12
CA ILE A 76 -2.37 -0.47 4.47
C ILE A 76 -0.97 -0.58 3.85
N PHE A 77 0.01 -0.64 4.75
CA PHE A 77 1.42 -0.78 4.41
C PHE A 77 1.80 -2.25 4.58
N VAL A 78 2.35 -2.86 3.53
CA VAL A 78 2.83 -4.26 3.53
C VAL A 78 4.36 -4.27 3.51
N SER A 79 4.97 -5.05 4.40
CA SER A 79 6.43 -5.28 4.34
C SER A 79 6.79 -6.38 3.34
N VAL A 80 7.89 -6.13 2.61
CA VAL A 80 8.39 -7.00 1.51
C VAL A 80 9.49 -7.96 1.97
N ASP A 81 9.98 -7.84 3.20
CA ASP A 81 11.18 -8.56 3.66
C ASP A 81 11.10 -8.88 5.17
N PRO A 82 10.32 -9.91 5.55
CA PRO A 82 10.18 -10.34 6.94
C PRO A 82 11.47 -10.92 7.55
N GLU A 83 12.59 -10.98 6.81
CA GLU A 83 13.92 -11.30 7.34
C GLU A 83 14.53 -10.13 8.16
N ARG A 84 13.83 -8.98 8.23
CA ARG A 84 14.21 -7.81 9.04
C ARG A 84 13.10 -6.78 9.27
N ASP A 85 12.02 -6.76 8.47
CA ASP A 85 10.88 -5.84 8.59
C ASP A 85 9.60 -6.57 9.09
N PRO A 86 9.51 -6.98 10.38
CA PRO A 86 8.37 -7.72 10.93
C PRO A 86 7.13 -6.82 11.11
N PRO A 87 5.91 -7.40 11.21
CA PRO A 87 4.65 -6.64 11.19
C PRO A 87 4.60 -5.53 12.22
N GLU A 88 4.97 -5.85 13.47
CA GLU A 88 4.88 -4.93 14.62
C GLU A 88 5.78 -3.69 14.45
N VAL A 89 6.93 -3.85 13.79
CA VAL A 89 7.84 -2.76 13.41
C VAL A 89 7.30 -1.97 12.19
N ALA A 90 6.79 -2.67 11.17
CA ALA A 90 6.20 -2.06 9.98
C ALA A 90 5.00 -1.16 10.31
N ASP A 91 4.19 -1.59 11.27
CA ASP A 91 3.01 -0.88 11.77
C ASP A 91 3.36 0.43 12.49
N ARG A 92 4.52 0.50 13.17
CA ARG A 92 4.98 1.73 13.82
C ARG A 92 5.12 2.90 12.83
N TYR A 93 5.97 2.74 11.81
CA TYR A 93 6.33 3.84 10.92
C TYR A 93 5.16 4.23 10.00
N ALA A 94 4.29 3.26 9.71
CA ALA A 94 2.99 3.47 9.09
C ALA A 94 2.07 4.34 9.96
N LYS A 95 1.78 3.96 11.22
CA LYS A 95 0.92 4.77 12.10
C LYS A 95 1.54 6.09 12.59
N ALA A 96 2.87 6.24 12.51
CA ALA A 96 3.59 7.47 12.85
C ALA A 96 3.14 8.67 11.99
N PHE A 97 2.66 8.42 10.77
CA PHE A 97 2.04 9.45 9.92
C PHE A 97 0.58 9.78 10.29
N HIS A 98 -0.20 8.79 10.70
CA HIS A 98 -1.63 8.91 11.03
C HIS A 98 -2.18 7.57 11.55
N PRO A 99 -3.15 7.52 12.49
CA PRO A 99 -3.71 6.25 13.01
C PRO A 99 -4.56 5.45 12.02
N SER A 100 -4.90 6.00 10.85
CA SER A 100 -5.69 5.32 9.78
C SER A 100 -4.87 4.33 8.94
N PHE A 101 -3.73 3.88 9.49
CA PHE A 101 -2.74 3.03 8.87
C PHE A 101 -2.67 1.68 9.62
N LEU A 102 -2.47 0.59 8.88
CA LEU A 102 -2.16 -0.74 9.40
C LEU A 102 -0.90 -1.27 8.69
N GLY A 103 0.06 -1.80 9.45
CA GLY A 103 1.28 -2.45 8.95
C GLY A 103 1.12 -3.97 8.95
N LEU A 104 1.49 -4.63 7.85
CA LEU A 104 1.29 -6.06 7.63
C LEU A 104 2.58 -6.72 7.13
N SER A 105 3.09 -7.70 7.87
CA SER A 105 4.05 -8.69 7.35
C SER A 105 3.85 -10.03 8.07
N GLY A 106 4.19 -11.14 7.44
CA GLY A 106 4.10 -12.47 8.05
C GLY A 106 5.17 -13.40 7.51
N SER A 107 4.78 -14.60 7.11
CA SER A 107 5.66 -15.41 6.28
C SER A 107 5.90 -14.76 4.89
N PRO A 108 7.10 -14.94 4.29
CA PRO A 108 7.39 -14.42 2.96
C PRO A 108 6.41 -14.98 1.92
N GLU A 109 5.86 -16.17 2.12
CA GLU A 109 4.84 -16.75 1.24
C GLU A 109 3.48 -16.04 1.36
N ALA A 110 3.09 -15.55 2.55
CA ALA A 110 1.93 -14.65 2.68
C ALA A 110 2.19 -13.31 1.98
N VAL A 111 3.37 -12.72 2.22
CA VAL A 111 3.82 -11.50 1.51
C VAL A 111 3.79 -11.70 -0.02
N ARG A 112 4.13 -12.90 -0.49
CA ARG A 112 4.12 -13.28 -1.90
C ARG A 112 2.71 -13.30 -2.51
N GLU A 113 1.68 -13.65 -1.75
CA GLU A 113 0.30 -13.62 -2.28
C GLU A 113 -0.20 -12.18 -2.49
N ALA A 114 0.07 -11.25 -1.56
CA ALA A 114 -0.21 -9.83 -1.78
C ALA A 114 0.55 -9.22 -2.95
N ALA A 115 1.76 -9.71 -3.21
CA ALA A 115 2.57 -9.29 -4.35
C ALA A 115 2.05 -9.82 -5.70
N GLN A 116 1.92 -11.16 -5.80
CA GLN A 116 1.66 -11.89 -7.03
C GLN A 116 0.33 -11.45 -7.66
N THR A 117 -0.70 -11.20 -6.85
CA THR A 117 -2.03 -10.84 -7.33
C THR A 117 -2.01 -9.53 -8.13
N PHE A 118 -1.31 -8.52 -7.64
CA PHE A 118 -1.08 -7.25 -8.33
C PHE A 118 -0.05 -7.30 -9.48
N GLY A 119 0.81 -8.33 -9.52
CA GLY A 119 2.01 -8.39 -10.36
C GLY A 119 3.25 -7.74 -9.74
N VAL A 120 3.26 -7.52 -8.43
CA VAL A 120 4.44 -7.06 -7.66
C VAL A 120 5.39 -8.24 -7.44
N PHE A 121 6.66 -7.93 -7.23
CA PHE A 121 7.75 -8.88 -7.04
C PHE A 121 8.74 -8.36 -5.99
N TYR A 122 9.37 -9.31 -5.30
CA TYR A 122 10.47 -9.08 -4.36
C TYR A 122 11.47 -10.23 -4.48
N GLN A 123 12.75 -9.97 -4.79
CA GLN A 123 13.74 -11.04 -4.95
C GLN A 123 15.13 -10.64 -4.44
N LYS A 124 15.90 -11.59 -3.91
CA LYS A 124 17.29 -11.37 -3.50
C LYS A 124 18.29 -11.84 -4.58
N SER A 125 19.30 -11.02 -4.85
CA SER A 125 20.26 -11.15 -5.95
C SER A 125 21.69 -10.73 -5.54
N GLN A 126 22.65 -10.81 -6.46
CA GLN A 126 23.98 -10.17 -6.34
C GLN A 126 24.76 -10.67 -5.11
N TYR A 127 24.54 -11.94 -4.73
CA TYR A 127 25.12 -12.52 -3.54
C TYR A 127 26.63 -12.79 -3.64
N ARG A 128 27.38 -12.26 -2.67
CA ARG A 128 28.76 -12.67 -2.35
C ARG A 128 28.79 -13.76 -1.28
N GLY A 129 27.82 -13.76 -0.36
CA GLY A 129 27.67 -14.74 0.71
C GLY A 129 26.43 -14.52 1.60
N PRO A 130 26.24 -15.34 2.65
CA PRO A 130 25.10 -15.23 3.54
C PRO A 130 25.12 -13.93 4.37
N GLY A 131 26.29 -13.29 4.53
CA GLY A 131 26.43 -11.99 5.18
C GLY A 131 26.59 -10.81 4.22
N GLU A 132 26.35 -11.00 2.91
CA GLU A 132 26.59 -9.99 1.88
C GLU A 132 25.90 -10.35 0.56
N TYR A 133 24.78 -9.67 0.28
CA TYR A 133 23.93 -9.80 -0.91
C TYR A 133 22.96 -8.61 -1.01
N LEU A 134 22.27 -8.42 -2.15
CA LEU A 134 21.28 -7.34 -2.33
C LEU A 134 19.87 -7.87 -2.56
N VAL A 135 18.88 -7.00 -2.36
CA VAL A 135 17.45 -7.34 -2.41
C VAL A 135 16.67 -6.22 -3.09
N ASP A 136 15.73 -6.62 -3.94
CA ASP A 136 14.86 -5.77 -4.75
C ASP A 136 13.38 -5.96 -4.37
N HIS A 137 12.58 -4.90 -4.48
CA HIS A 137 11.12 -4.99 -4.54
C HIS A 137 10.50 -3.91 -5.46
N THR A 138 9.30 -4.18 -6.01
CA THR A 138 8.51 -3.15 -6.70
C THR A 138 7.95 -2.16 -5.68
N ALA A 139 8.37 -0.90 -5.73
CA ALA A 139 7.94 0.17 -4.81
C ALA A 139 6.55 0.77 -5.13
N THR A 140 5.57 -0.06 -5.51
CA THR A 140 4.32 0.40 -6.17
C THR A 140 3.16 0.51 -5.18
N THR A 141 2.22 1.42 -5.52
CA THR A 141 0.99 1.75 -4.80
C THR A 141 -0.22 1.26 -5.60
N PHE A 142 -1.30 0.86 -4.92
CA PHE A 142 -2.46 0.20 -5.52
C PHE A 142 -3.76 0.71 -4.90
N VAL A 143 -4.80 0.89 -5.72
CA VAL A 143 -6.12 1.38 -5.28
C VAL A 143 -7.18 0.29 -5.47
N VAL A 144 -7.75 -0.13 -4.34
CA VAL A 144 -8.68 -1.27 -4.22
C VAL A 144 -9.97 -0.87 -3.49
N LYS A 145 -11.11 -1.25 -4.09
CA LYS A 145 -12.47 -1.15 -3.54
C LYS A 145 -13.32 -2.36 -3.97
N GLU A 146 -14.33 -2.80 -3.21
CA GLU A 146 -15.34 -3.81 -3.62
C GLU A 146 -14.73 -5.20 -3.98
N GLY A 147 -13.51 -5.49 -3.52
CA GLY A 147 -12.79 -6.73 -3.85
C GLY A 147 -12.10 -6.72 -5.22
N ARG A 148 -11.88 -5.54 -5.82
CA ARG A 148 -11.19 -5.38 -7.10
C ARG A 148 -10.18 -4.23 -7.13
N LEU A 149 -9.10 -4.43 -7.89
CA LEU A 149 -8.13 -3.41 -8.21
C LEU A 149 -8.73 -2.51 -9.29
N VAL A 150 -8.75 -1.20 -9.06
CA VAL A 150 -9.32 -0.20 -9.98
C VAL A 150 -8.28 0.78 -10.55
N LEU A 151 -7.08 0.83 -9.98
CA LEU A 151 -6.01 1.77 -10.35
C LEU A 151 -4.66 1.41 -9.73
N LEU A 152 -3.61 1.65 -10.51
CA LEU A 152 -2.20 1.57 -10.11
C LEU A 152 -1.68 2.99 -9.83
N TYR A 153 -0.66 3.13 -8.99
CA TYR A 153 0.07 4.38 -8.75
C TYR A 153 1.55 4.05 -8.48
N SER A 154 2.49 4.68 -9.17
CA SER A 154 3.89 4.75 -8.71
C SER A 154 3.99 5.69 -7.49
N PRO A 155 5.06 5.67 -6.68
CA PRO A 155 5.16 6.59 -5.53
C PRO A 155 5.23 8.04 -6.01
N ASP A 156 5.98 8.33 -7.07
CA ASP A 156 6.06 9.66 -7.69
C ASP A 156 4.76 10.06 -8.43
N LYS A 157 3.81 9.14 -8.58
CA LYS A 157 2.42 9.46 -8.89
C LYS A 157 1.60 9.71 -7.60
N ALA A 158 1.70 8.83 -6.60
CA ALA A 158 0.93 8.88 -5.34
C ALA A 158 1.22 10.14 -4.50
N GLU A 159 2.45 10.65 -4.59
CA GLU A 159 2.90 11.83 -3.86
C GLU A 159 2.18 13.12 -4.26
N ALA A 160 1.59 13.15 -5.47
CA ALA A 160 0.64 14.18 -5.88
C ALA A 160 -0.71 14.03 -5.15
N THR A 161 -0.75 14.48 -3.89
CA THR A 161 -1.93 14.49 -2.99
C THR A 161 -3.21 14.80 -3.75
N ASP A 162 -3.31 15.97 -4.36
CA ASP A 162 -4.52 16.46 -5.02
C ASP A 162 -4.97 15.61 -6.22
N ARG A 163 -4.03 14.91 -6.87
CA ARG A 163 -4.33 13.88 -7.87
C ARG A 163 -4.95 12.65 -7.21
N VAL A 164 -4.34 12.11 -6.15
CA VAL A 164 -4.91 10.98 -5.40
C VAL A 164 -6.27 11.34 -4.77
N VAL A 165 -6.41 12.54 -4.18
CA VAL A 165 -7.69 13.03 -3.63
C VAL A 165 -8.80 13.03 -4.69
N ALA A 166 -8.55 13.61 -5.87
CA ALA A 166 -9.54 13.72 -6.94
C ALA A 166 -9.87 12.36 -7.59
N ASP A 167 -8.87 11.51 -7.81
CA ASP A 167 -9.08 10.16 -8.33
C ASP A 167 -9.89 9.28 -7.34
N LEU A 168 -9.60 9.38 -6.03
CA LEU A 168 -10.42 8.74 -4.99
C LEU A 168 -11.82 9.34 -4.92
N GLN A 169 -11.99 10.66 -5.07
CA GLN A 169 -13.31 11.29 -5.17
C GLN A 169 -14.17 10.73 -6.32
N ALA A 170 -13.57 10.24 -7.41
CA ALA A 170 -14.28 9.51 -8.47
C ALA A 170 -14.68 8.05 -8.14
N LEU A 171 -14.02 7.44 -7.17
CA LEU A 171 -14.08 5.99 -6.90
C LEU A 171 -14.79 5.66 -5.59
N LEU A 172 -14.93 6.62 -4.68
CA LEU A 172 -15.15 6.39 -3.23
C LEU A 172 -16.49 5.81 -2.75
N GLY A 1 -13.36 20.61 -12.52
CA GLY A 1 -14.29 21.60 -13.11
C GLY A 1 -15.69 21.05 -12.99
N ALA A 2 -16.40 20.87 -14.11
CA ALA A 2 -17.45 19.84 -14.17
C ALA A 2 -16.77 18.47 -14.30
N MET A 3 -16.11 18.23 -15.45
CA MET A 3 -15.17 17.12 -15.63
C MET A 3 -13.94 17.25 -14.71
N HIS A 4 -13.32 16.12 -14.40
CA HIS A 4 -12.11 16.01 -13.58
C HIS A 4 -11.14 14.98 -14.19
N THR A 5 -9.86 15.04 -13.80
CA THR A 5 -8.76 14.31 -14.44
C THR A 5 -7.90 13.63 -13.38
N PHE A 6 -7.80 12.31 -13.48
CA PHE A 6 -6.93 11.50 -12.63
C PHE A 6 -5.45 11.61 -13.03
N TYR A 7 -4.56 10.88 -12.35
CA TYR A 7 -3.11 10.85 -12.55
C TYR A 7 -2.51 9.43 -12.52
N GLY A 8 -3.05 8.49 -11.73
CA GLY A 8 -2.54 7.11 -11.67
C GLY A 8 -2.95 6.23 -12.85
N THR A 9 -2.55 4.96 -12.80
CA THR A 9 -2.86 3.94 -13.82
C THR A 9 -4.29 3.47 -13.63
N ARG A 10 -5.25 4.15 -14.23
CA ARG A 10 -6.66 3.78 -14.10
C ARG A 10 -6.99 2.53 -14.92
N LEU A 11 -7.57 1.54 -14.26
CA LEU A 11 -8.11 0.36 -14.94
C LEU A 11 -9.42 0.69 -15.63
N LEU A 12 -9.65 0.11 -16.82
CA LEU A 12 -10.98 0.03 -17.45
C LEU A 12 -11.71 -1.28 -17.11
N ASN A 13 -10.94 -2.28 -16.67
CA ASN A 13 -11.31 -3.67 -16.42
C ASN A 13 -11.10 -4.05 -14.93
N PRO A 14 -11.87 -3.48 -13.99
CA PRO A 14 -11.59 -3.61 -12.56
C PRO A 14 -11.87 -5.01 -12.04
N LYS A 15 -10.77 -5.75 -11.86
CA LYS A 15 -10.76 -7.16 -11.53
C LYS A 15 -10.98 -7.39 -10.02
N PRO A 16 -11.73 -8.43 -9.58
CA PRO A 16 -11.81 -8.77 -8.16
C PRO A 16 -10.41 -9.20 -7.67
N VAL A 17 -10.08 -8.87 -6.42
CA VAL A 17 -8.77 -9.13 -5.80
C VAL A 17 -8.92 -9.45 -4.32
N ASP A 18 -8.04 -10.30 -3.80
CA ASP A 18 -7.91 -10.63 -2.37
C ASP A 18 -6.50 -11.14 -2.04
N PHE A 19 -6.15 -11.12 -0.76
CA PHE A 19 -4.87 -11.58 -0.23
C PHE A 19 -5.05 -12.12 1.19
N ALA A 20 -4.05 -12.85 1.69
CA ALA A 20 -3.95 -13.21 3.11
C ALA A 20 -2.55 -12.88 3.64
N LEU A 21 -2.47 -11.97 4.60
CA LEU A 21 -1.24 -11.48 5.25
C LEU A 21 -1.37 -11.56 6.78
N GLU A 22 -0.32 -11.15 7.48
CA GLU A 22 -0.16 -11.23 8.93
C GLU A 22 0.20 -9.85 9.50
N GLY A 23 -0.32 -9.51 10.69
CA GLY A 23 -0.05 -8.28 11.43
C GLY A 23 0.29 -8.57 12.91
N PRO A 24 0.58 -7.55 13.73
CA PRO A 24 1.07 -7.68 15.11
C PRO A 24 -0.04 -8.07 16.12
N GLN A 25 -0.96 -8.95 15.70
CA GLN A 25 -2.14 -9.37 16.44
C GLN A 25 -2.84 -10.61 15.84
N GLY A 26 -2.57 -10.97 14.57
CA GLY A 26 -3.20 -12.11 13.88
C GLY A 26 -3.15 -12.01 12.35
N PRO A 27 -3.72 -13.00 11.63
CA PRO A 27 -3.85 -12.99 10.18
C PRO A 27 -5.03 -12.14 9.71
N VAL A 28 -4.93 -11.56 8.50
CA VAL A 28 -5.92 -10.64 7.91
C VAL A 28 -6.08 -10.87 6.40
N ARG A 29 -7.21 -10.45 5.83
CA ARG A 29 -7.44 -10.46 4.37
C ARG A 29 -8.00 -9.12 3.86
N LEU A 30 -7.94 -8.89 2.55
CA LEU A 30 -8.75 -7.87 1.88
C LEU A 30 -10.25 -8.17 2.06
N SER A 31 -10.63 -9.44 1.93
CA SER A 31 -11.99 -9.97 2.11
C SER A 31 -12.57 -9.91 3.55
N GLN A 32 -11.97 -9.15 4.48
CA GLN A 32 -12.65 -8.73 5.71
C GLN A 32 -13.01 -7.22 5.72
N PHE A 33 -12.70 -6.46 4.66
CA PHE A 33 -12.99 -5.02 4.57
C PHE A 33 -13.10 -4.50 3.12
N GLN A 34 -13.64 -5.33 2.22
CA GLN A 34 -13.69 -5.08 0.77
C GLN A 34 -14.56 -3.88 0.35
N ASP A 35 -15.57 -3.54 1.15
CA ASP A 35 -16.47 -2.39 1.03
C ASP A 35 -15.72 -1.03 1.02
N LYS A 36 -14.49 -1.02 1.54
CA LYS A 36 -13.68 0.18 1.73
C LYS A 36 -12.97 0.64 0.44
N VAL A 37 -12.32 1.79 0.57
CA VAL A 37 -11.29 2.35 -0.29
C VAL A 37 -9.98 1.95 0.39
N VAL A 38 -9.40 0.84 -0.06
CA VAL A 38 -8.19 0.26 0.52
C VAL A 38 -7.00 0.68 -0.33
N LEU A 39 -6.04 1.34 0.31
CA LEU A 39 -4.74 1.71 -0.24
C LEU A 39 -3.72 0.69 0.26
N LEU A 40 -3.38 -0.28 -0.58
CA LEU A 40 -2.46 -1.37 -0.29
C LEU A 40 -1.08 -1.03 -0.87
N PHE A 41 -0.04 -0.91 -0.03
CA PHE A 41 1.25 -0.36 -0.44
C PHE A 41 2.40 -1.33 -0.11
N PHE A 42 3.27 -1.59 -1.10
CA PHE A 42 4.39 -2.52 -1.00
C PHE A 42 5.71 -1.77 -0.71
N GLY A 43 6.20 -1.91 0.53
CA GLY A 43 7.37 -1.24 1.10
C GLY A 43 8.19 -2.08 2.08
N PHE A 44 9.21 -1.46 2.69
CA PHE A 44 9.93 -1.94 3.88
C PHE A 44 10.68 -0.78 4.57
N THR A 45 11.02 -0.95 5.86
CA THR A 45 11.78 0.01 6.67
C THR A 45 13.25 -0.01 6.29
N ARG A 46 13.94 1.13 6.45
CA ARG A 46 15.32 1.40 6.01
C ARG A 46 15.43 1.77 4.52
N CYS A 47 14.33 1.71 3.73
CA CYS A 47 14.26 2.41 2.44
C CYS A 47 14.63 3.90 2.66
N PRO A 48 15.54 4.48 1.86
CA PRO A 48 16.36 5.62 2.29
C PRO A 48 15.61 6.95 2.39
N ASP A 49 14.52 7.15 1.64
CA ASP A 49 13.69 8.36 1.74
C ASP A 49 12.31 8.11 1.11
N VAL A 50 12.30 7.45 -0.04
CA VAL A 50 11.10 7.01 -0.80
C VAL A 50 9.97 6.38 0.05
N CYS A 51 10.29 5.71 1.16
CA CYS A 51 9.27 5.22 2.11
C CYS A 51 8.65 6.37 2.93
N PRO A 52 9.39 7.13 3.75
CA PRO A 52 8.84 8.25 4.50
C PRO A 52 8.25 9.37 3.62
N THR A 53 8.74 9.63 2.40
CA THR A 53 8.15 10.61 1.48
C THR A 53 6.76 10.18 1.00
N THR A 54 6.63 8.97 0.41
CA THR A 54 5.34 8.41 -0.03
C THR A 54 4.37 8.28 1.14
N LEU A 55 4.84 7.85 2.32
CA LEU A 55 4.00 7.80 3.52
C LEU A 55 3.54 9.18 3.99
N LEU A 56 4.38 10.22 3.88
CA LEU A 56 3.96 11.58 4.17
C LEU A 56 2.92 12.04 3.14
N ALA A 57 3.18 11.88 1.84
CA ALA A 57 2.26 12.33 0.78
C ALA A 57 0.89 11.65 0.87
N LEU A 58 0.86 10.33 1.13
CA LEU A 58 -0.39 9.57 1.21
C LEU A 58 -1.19 9.97 2.45
N LYS A 59 -0.54 10.10 3.62
CA LYS A 59 -1.24 10.59 4.81
C LYS A 59 -1.73 12.05 4.63
N ARG A 60 -0.99 12.90 3.90
CA ARG A 60 -1.48 14.25 3.54
C ARG A 60 -2.70 14.24 2.61
N ALA A 61 -2.93 13.19 1.82
CA ALA A 61 -4.18 12.99 1.06
C ALA A 61 -5.36 12.62 1.96
N TYR A 62 -5.16 11.72 2.94
CA TYR A 62 -6.17 11.39 3.95
C TYR A 62 -6.58 12.61 4.81
N GLU A 63 -5.62 13.48 5.14
CA GLU A 63 -5.81 14.75 5.87
C GLU A 63 -6.57 15.82 5.05
N LYS A 64 -6.76 15.59 3.74
CA LYS A 64 -7.62 16.42 2.89
C LYS A 64 -9.12 16.04 2.94
N LEU A 65 -9.49 14.93 3.58
CA LEU A 65 -10.81 14.31 3.41
C LEU A 65 -11.89 14.86 4.37
N PRO A 66 -13.18 14.93 3.95
CA PRO A 66 -14.28 15.17 4.87
C PRO A 66 -14.48 13.95 5.79
N PRO A 67 -15.11 14.13 6.97
CA PRO A 67 -15.31 13.06 7.95
C PRO A 67 -16.24 11.95 7.47
N LYS A 68 -16.93 12.09 6.32
CA LYS A 68 -17.73 11.01 5.72
C LYS A 68 -16.96 10.24 4.63
N ALA A 69 -15.85 10.79 4.13
CA ALA A 69 -14.85 10.05 3.38
C ALA A 69 -13.99 9.16 4.29
N GLN A 70 -13.39 9.69 5.36
CA GLN A 70 -12.38 8.96 6.16
C GLN A 70 -12.86 7.57 6.61
N GLU A 71 -14.14 7.45 7.02
CA GLU A 71 -14.82 6.22 7.45
C GLU A 71 -14.58 5.01 6.54
N ARG A 72 -14.44 5.29 5.24
CA ARG A 72 -14.21 4.31 4.19
C ARG A 72 -12.83 4.39 3.52
N VAL A 73 -11.91 5.25 3.95
CA VAL A 73 -10.51 5.29 3.42
C VAL A 73 -9.53 4.80 4.49
N GLN A 74 -8.83 3.68 4.25
CA GLN A 74 -7.83 3.14 5.17
C GLN A 74 -6.60 2.62 4.41
N VAL A 75 -5.43 2.64 5.05
CA VAL A 75 -4.14 2.32 4.41
C VAL A 75 -3.53 1.12 5.10
N ILE A 76 -3.19 0.11 4.30
CA ILE A 76 -2.52 -1.11 4.75
C ILE A 76 -1.13 -1.15 4.10
N PHE A 77 -0.09 -1.16 4.95
CA PHE A 77 1.30 -1.21 4.53
C PHE A 77 1.79 -2.66 4.57
N VAL A 78 2.28 -3.18 3.44
CA VAL A 78 2.77 -4.56 3.30
C VAL A 78 4.30 -4.57 3.20
N SER A 79 4.91 -5.47 3.97
CA SER A 79 6.36 -5.60 4.13
C SER A 79 6.98 -6.59 3.13
N VAL A 80 8.01 -6.15 2.40
CA VAL A 80 8.53 -6.87 1.22
C VAL A 80 9.81 -7.68 1.49
N ASP A 81 10.55 -7.35 2.57
CA ASP A 81 11.68 -8.13 3.08
C ASP A 81 11.30 -8.73 4.45
N PRO A 82 10.54 -9.83 4.51
CA PRO A 82 9.96 -10.33 5.75
C PRO A 82 11.01 -10.83 6.75
N GLU A 83 12.22 -11.22 6.31
CA GLU A 83 13.31 -11.57 7.22
C GLU A 83 13.95 -10.35 7.90
N ARG A 84 13.65 -9.12 7.47
CA ARG A 84 14.12 -7.87 8.11
C ARG A 84 12.97 -6.99 8.61
N ASP A 85 11.76 -7.15 8.11
CA ASP A 85 10.58 -6.34 8.44
C ASP A 85 9.46 -7.21 9.05
N PRO A 86 9.51 -7.53 10.37
CA PRO A 86 8.44 -8.21 11.08
C PRO A 86 7.27 -7.24 11.40
N PRO A 87 6.05 -7.76 11.64
CA PRO A 87 4.82 -6.97 11.55
C PRO A 87 4.71 -5.84 12.57
N GLU A 88 5.35 -5.94 13.75
CA GLU A 88 5.37 -4.87 14.75
C GLU A 88 6.24 -3.69 14.30
N VAL A 89 7.34 -3.98 13.58
CA VAL A 89 8.22 -2.98 12.96
C VAL A 89 7.56 -2.31 11.73
N ALA A 90 6.71 -3.04 11.02
CA ALA A 90 5.90 -2.50 9.93
C ALA A 90 4.81 -1.56 10.48
N ASP A 91 4.05 -2.02 11.48
CA ASP A 91 2.91 -1.30 12.05
C ASP A 91 3.33 -0.02 12.76
N ARG A 92 4.38 -0.07 13.58
CA ARG A 92 4.90 1.13 14.25
C ARG A 92 5.36 2.19 13.25
N TYR A 93 5.90 1.80 12.08
CA TYR A 93 6.34 2.74 11.04
C TYR A 93 5.18 3.38 10.28
N ALA A 94 4.20 2.60 9.79
CA ALA A 94 3.00 3.13 9.15
C ALA A 94 2.21 4.04 10.09
N LYS A 95 1.97 3.57 11.31
CA LYS A 95 1.20 4.26 12.33
C LYS A 95 1.90 5.49 12.93
N ALA A 96 3.22 5.66 12.77
CA ALA A 96 3.92 6.89 13.14
C ALA A 96 3.47 8.12 12.31
N PHE A 97 3.02 7.90 11.07
CA PHE A 97 2.52 8.97 10.20
C PHE A 97 1.08 9.42 10.53
N HIS A 98 0.26 8.51 11.06
CA HIS A 98 -1.17 8.69 11.27
C HIS A 98 -1.76 7.48 12.03
N PRO A 99 -2.51 7.68 13.14
CA PRO A 99 -2.87 6.63 14.09
C PRO A 99 -3.83 5.56 13.55
N SER A 100 -4.70 5.85 12.58
CA SER A 100 -5.65 4.86 12.03
C SER A 100 -5.10 4.12 10.79
N PHE A 101 -3.78 3.89 10.72
CA PHE A 101 -3.12 3.00 9.75
C PHE A 101 -2.71 1.64 10.36
N LEU A 102 -2.32 0.68 9.51
CA LEU A 102 -1.88 -0.67 9.90
C LEU A 102 -0.69 -1.14 9.06
N GLY A 103 0.29 -1.80 9.70
CA GLY A 103 1.39 -2.50 9.01
C GLY A 103 1.28 -4.02 9.12
N LEU A 104 1.69 -4.72 8.07
CA LEU A 104 1.60 -6.17 7.88
C LEU A 104 2.93 -6.76 7.39
N SER A 105 3.34 -7.86 8.00
CA SER A 105 4.34 -8.78 7.46
C SER A 105 4.02 -10.21 7.89
N GLY A 106 4.25 -11.20 7.01
CA GLY A 106 4.20 -12.63 7.31
C GLY A 106 5.23 -13.40 6.50
N SER A 107 5.23 -14.73 6.58
CA SER A 107 6.12 -15.58 5.79
C SER A 107 6.07 -15.26 4.28
N PRO A 108 7.22 -15.33 3.57
CA PRO A 108 7.31 -14.88 2.18
C PRO A 108 6.31 -15.56 1.25
N GLU A 109 5.84 -16.77 1.55
CA GLU A 109 4.71 -17.45 0.88
C GLU A 109 3.45 -16.58 0.84
N ALA A 110 3.03 -16.02 1.99
CA ALA A 110 1.90 -15.10 2.07
C ALA A 110 2.15 -13.81 1.28
N VAL A 111 3.41 -13.34 1.28
CA VAL A 111 3.83 -12.16 0.51
C VAL A 111 3.81 -12.46 -1.00
N ARG A 112 4.10 -13.70 -1.43
CA ARG A 112 3.89 -14.14 -2.83
C ARG A 112 2.42 -14.11 -3.20
N GLU A 113 1.51 -14.64 -2.37
CA GLU A 113 0.06 -14.58 -2.63
C GLU A 113 -0.40 -13.15 -2.97
N ALA A 114 -0.21 -12.21 -2.04
CA ALA A 114 -0.58 -10.80 -2.23
C ALA A 114 0.09 -10.18 -3.47
N ALA A 115 1.37 -10.46 -3.69
CA ALA A 115 2.10 -9.95 -4.85
C ALA A 115 1.55 -10.48 -6.18
N GLN A 116 1.20 -11.76 -6.28
CA GLN A 116 0.60 -12.35 -7.48
C GLN A 116 -0.79 -11.78 -7.76
N THR A 117 -1.56 -11.45 -6.71
CA THR A 117 -2.86 -10.76 -6.85
C THR A 117 -2.66 -9.39 -7.48
N PHE A 118 -1.81 -8.55 -6.87
CA PHE A 118 -1.57 -7.18 -7.31
C PHE A 118 -0.73 -7.01 -8.59
N GLY A 119 0.07 -8.02 -8.98
CA GLY A 119 1.02 -7.95 -10.11
C GLY A 119 2.40 -7.45 -9.71
N VAL A 120 2.75 -7.56 -8.43
CA VAL A 120 4.08 -7.21 -7.89
C VAL A 120 5.07 -8.34 -8.17
N PHE A 121 6.22 -7.95 -8.71
CA PHE A 121 7.41 -8.77 -8.83
C PHE A 121 8.46 -8.28 -7.82
N TYR A 122 8.96 -9.20 -7.00
CA TYR A 122 10.02 -8.94 -6.03
C TYR A 122 10.96 -10.16 -5.91
N GLN A 123 12.23 -9.89 -5.64
CA GLN A 123 13.31 -10.87 -5.49
C GLN A 123 14.22 -10.34 -4.36
N LYS A 124 15.25 -11.07 -3.97
CA LYS A 124 16.44 -10.44 -3.37
C LYS A 124 17.74 -10.99 -3.97
N SER A 125 18.68 -10.09 -4.20
CA SER A 125 19.89 -10.29 -4.98
C SER A 125 21.06 -9.48 -4.38
N GLN A 126 22.17 -9.31 -5.12
CA GLN A 126 23.36 -8.52 -4.72
C GLN A 126 24.11 -9.11 -3.50
N TYR A 127 23.75 -10.33 -3.08
CA TYR A 127 24.22 -10.96 -1.84
C TYR A 127 25.72 -11.29 -1.82
N ARG A 128 26.35 -11.04 -0.66
CA ARG A 128 27.63 -11.64 -0.25
C ARG A 128 27.72 -12.00 1.25
N GLY A 129 26.78 -11.57 2.09
CA GLY A 129 26.84 -11.79 3.55
C GLY A 129 25.50 -11.65 4.28
N PRO A 130 25.47 -11.80 5.62
CA PRO A 130 24.23 -11.93 6.40
C PRO A 130 23.35 -10.69 6.39
N GLY A 131 23.93 -9.48 6.41
CA GLY A 131 23.23 -8.22 6.14
C GLY A 131 23.56 -7.65 4.75
N GLU A 132 24.63 -8.14 4.13
CA GLU A 132 25.18 -7.68 2.86
C GLU A 132 24.42 -8.33 1.69
N TYR A 133 23.26 -7.76 1.37
CA TYR A 133 22.43 -8.04 0.19
C TYR A 133 21.44 -6.89 -0.06
N LEU A 134 20.74 -6.92 -1.19
CA LEU A 134 19.61 -6.01 -1.46
C LEU A 134 18.37 -6.81 -1.88
N VAL A 135 17.21 -6.25 -1.57
CA VAL A 135 15.91 -6.76 -2.01
C VAL A 135 15.51 -5.96 -3.24
N ASP A 136 15.04 -6.67 -4.27
CA ASP A 136 14.62 -6.12 -5.55
C ASP A 136 13.10 -6.01 -5.51
N HIS A 137 12.54 -4.80 -5.50
CA HIS A 137 11.14 -4.60 -5.12
C HIS A 137 10.37 -3.64 -6.03
N THR A 138 9.10 -3.98 -6.31
CA THR A 138 8.16 -3.11 -7.00
C THR A 138 7.49 -2.20 -5.98
N ALA A 139 8.00 -0.96 -5.85
CA ALA A 139 7.43 0.07 -4.98
C ALA A 139 6.14 0.64 -5.62
N THR A 140 4.99 0.03 -5.35
CA THR A 140 3.70 0.44 -5.95
C THR A 140 2.58 0.37 -4.91
N THR A 141 1.59 1.23 -5.10
CA THR A 141 0.33 1.33 -4.34
C THR A 141 -0.80 0.82 -5.22
N PHE A 142 -1.71 0.07 -4.63
CA PHE A 142 -2.83 -0.57 -5.30
C PHE A 142 -4.13 -0.14 -4.61
N VAL A 143 -4.97 0.58 -5.37
CA VAL A 143 -6.24 1.11 -4.86
C VAL A 143 -7.34 0.14 -5.26
N VAL A 144 -8.03 -0.32 -4.23
CA VAL A 144 -9.13 -1.28 -4.32
C VAL A 144 -10.39 -0.64 -3.72
N LYS A 145 -11.43 -0.51 -4.55
CA LYS A 145 -12.80 -0.22 -4.13
C LYS A 145 -13.66 -1.48 -4.34
N GLU A 146 -14.47 -1.88 -3.37
CA GLU A 146 -15.53 -2.90 -3.57
C GLU A 146 -14.93 -4.32 -3.72
N GLY A 147 -13.70 -4.53 -3.24
CA GLY A 147 -12.94 -5.78 -3.43
C GLY A 147 -12.35 -5.95 -4.82
N ARG A 148 -12.45 -4.95 -5.71
CA ARG A 148 -11.86 -4.96 -7.06
C ARG A 148 -10.83 -3.85 -7.28
N LEU A 149 -9.79 -4.16 -8.06
CA LEU A 149 -8.66 -3.28 -8.36
C LEU A 149 -9.18 -2.15 -9.24
N VAL A 150 -8.85 -0.90 -8.92
CA VAL A 150 -9.43 0.26 -9.63
C VAL A 150 -8.39 1.31 -10.10
N LEU A 151 -7.21 1.34 -9.48
CA LEU A 151 -6.14 2.31 -9.75
C LEU A 151 -4.79 1.89 -9.12
N LEU A 152 -3.69 2.16 -9.83
CA LEU A 152 -2.32 1.95 -9.35
C LEU A 152 -1.54 3.26 -9.27
N TYR A 153 -0.62 3.36 -8.30
CA TYR A 153 0.37 4.45 -8.21
C TYR A 153 1.80 3.92 -7.96
N SER A 154 2.73 4.23 -8.87
CA SER A 154 4.16 4.37 -8.53
C SER A 154 4.39 5.62 -7.65
N PRO A 155 5.55 5.79 -6.98
CA PRO A 155 5.81 6.98 -6.16
C PRO A 155 5.72 8.27 -6.98
N ASP A 156 6.20 8.30 -8.22
CA ASP A 156 6.13 9.52 -9.06
C ASP A 156 4.70 9.92 -9.47
N LYS A 157 3.72 9.05 -9.22
CA LYS A 157 2.28 9.39 -9.20
C LYS A 157 1.80 9.73 -7.77
N ALA A 158 2.14 8.89 -6.78
CA ALA A 158 1.64 8.95 -5.40
C ALA A 158 2.07 10.20 -4.62
N GLU A 159 3.31 10.66 -4.81
CA GLU A 159 3.88 11.74 -3.99
C GLU A 159 3.26 13.12 -4.31
N ALA A 160 2.48 13.23 -5.39
CA ALA A 160 1.63 14.39 -5.68
C ALA A 160 0.27 14.30 -4.94
N THR A 161 0.26 14.60 -3.64
CA THR A 161 -0.93 14.60 -2.75
C THR A 161 -2.18 15.16 -3.42
N ASP A 162 -2.15 16.43 -3.84
CA ASP A 162 -3.31 17.10 -4.45
C ASP A 162 -3.68 16.56 -5.85
N ARG A 163 -2.78 15.85 -6.56
CA ARG A 163 -3.20 14.97 -7.65
C ARG A 163 -3.95 13.75 -7.10
N VAL A 164 -3.35 13.01 -6.16
CA VAL A 164 -3.96 11.80 -5.58
C VAL A 164 -5.37 12.06 -5.05
N VAL A 165 -5.57 13.21 -4.39
CA VAL A 165 -6.89 13.66 -3.91
C VAL A 165 -7.95 13.63 -5.02
N ALA A 166 -7.65 14.10 -6.23
CA ALA A 166 -8.62 14.14 -7.32
C ALA A 166 -8.99 12.74 -7.84
N ASP A 167 -8.04 11.82 -8.03
CA ASP A 167 -8.38 10.46 -8.47
C ASP A 167 -9.14 9.71 -7.37
N LEU A 168 -8.73 9.90 -6.11
CA LEU A 168 -9.37 9.37 -4.90
C LEU A 168 -10.81 9.90 -4.75
N GLN A 169 -11.03 11.18 -5.08
CA GLN A 169 -12.36 11.79 -5.15
C GLN A 169 -13.21 11.25 -6.30
N ALA A 170 -12.62 10.87 -7.42
CA ALA A 170 -13.30 10.20 -8.53
C ALA A 170 -13.70 8.73 -8.25
N LEU A 171 -13.08 8.12 -7.23
CA LEU A 171 -13.33 6.75 -6.80
C LEU A 171 -14.22 6.67 -5.56
N LEU A 172 -14.21 7.73 -4.73
CA LEU A 172 -14.72 7.80 -3.35
C LEU A 172 -15.67 6.70 -2.90
N GLY A 1 -13.95 22.08 -8.43
CA GLY A 1 -12.69 21.32 -8.60
C GLY A 1 -12.57 20.84 -10.04
N ALA A 2 -11.43 20.27 -10.42
CA ALA A 2 -11.13 19.72 -11.74
C ALA A 2 -9.98 18.70 -11.61
N MET A 3 -9.64 17.98 -12.69
CA MET A 3 -8.56 16.96 -12.75
C MET A 3 -8.85 15.66 -11.98
N HIS A 4 -10.05 15.51 -11.43
CA HIS A 4 -10.66 14.27 -10.90
C HIS A 4 -10.81 13.11 -11.92
N THR A 5 -10.18 13.19 -13.09
CA THR A 5 -10.37 12.29 -14.24
C THR A 5 -9.52 11.02 -14.16
N PHE A 6 -9.37 10.49 -12.94
CA PHE A 6 -8.68 9.24 -12.62
C PHE A 6 -7.20 9.22 -13.03
N TYR A 7 -6.45 10.26 -12.64
CA TYR A 7 -5.14 10.60 -13.19
C TYR A 7 -4.00 9.59 -12.91
N GLY A 8 -4.22 8.56 -12.08
CA GLY A 8 -3.24 7.52 -11.77
C GLY A 8 -3.01 6.61 -12.97
N THR A 9 -3.79 5.55 -13.08
CA THR A 9 -4.00 4.70 -14.27
C THR A 9 -5.31 3.95 -14.08
N ARG A 10 -6.35 4.38 -14.81
CA ARG A 10 -7.71 3.86 -14.62
C ARG A 10 -7.90 2.50 -15.29
N LEU A 11 -8.38 1.55 -14.50
CA LEU A 11 -8.53 0.15 -14.95
C LEU A 11 -9.97 -0.09 -15.45
N LEU A 12 -10.10 -0.28 -16.77
CA LEU A 12 -11.40 -0.49 -17.44
C LEU A 12 -11.89 -1.95 -17.33
N ASN A 13 -10.97 -2.90 -17.23
CA ASN A 13 -11.24 -4.26 -16.76
C ASN A 13 -10.61 -4.42 -15.34
N PRO A 14 -11.30 -3.97 -14.28
CA PRO A 14 -10.74 -3.88 -12.94
C PRO A 14 -10.57 -5.27 -12.33
N LYS A 15 -9.32 -5.68 -12.13
CA LYS A 15 -8.98 -7.06 -11.79
C LYS A 15 -9.37 -7.39 -10.34
N PRO A 16 -10.24 -8.39 -10.10
CA PRO A 16 -10.66 -8.76 -8.76
C PRO A 16 -9.47 -9.37 -8.00
N VAL A 17 -9.42 -9.15 -6.68
CA VAL A 17 -8.25 -9.45 -5.84
C VAL A 17 -8.68 -9.69 -4.38
N ASP A 18 -8.08 -10.70 -3.74
CA ASP A 18 -8.04 -10.89 -2.29
C ASP A 18 -6.78 -11.69 -1.90
N PHE A 19 -6.33 -11.51 -0.66
CA PHE A 19 -5.17 -12.15 -0.06
C PHE A 19 -5.37 -12.34 1.44
N ALA A 20 -4.55 -13.17 2.08
CA ALA A 20 -4.45 -13.30 3.54
C ALA A 20 -3.02 -12.99 4.03
N LEU A 21 -2.92 -12.08 4.99
CA LEU A 21 -1.66 -11.64 5.61
C LEU A 21 -1.74 -11.69 7.14
N GLU A 22 -0.57 -11.60 7.77
CA GLU A 22 -0.41 -11.50 9.21
C GLU A 22 -0.19 -10.04 9.62
N GLY A 23 -0.88 -9.66 10.70
CA GLY A 23 -0.78 -8.36 11.36
C GLY A 23 -0.51 -8.50 12.85
N PRO A 24 -0.01 -7.44 13.52
CA PRO A 24 0.43 -7.47 14.93
C PRO A 24 -0.73 -7.54 15.96
N GLN A 25 -1.90 -8.05 15.55
CA GLN A 25 -3.11 -8.19 16.38
C GLN A 25 -4.11 -9.20 15.77
N GLY A 26 -3.65 -10.12 14.90
CA GLY A 26 -4.48 -11.09 14.18
C GLY A 26 -4.23 -11.09 12.66
N PRO A 27 -4.68 -12.13 11.93
CA PRO A 27 -4.56 -12.20 10.48
C PRO A 27 -5.62 -11.32 9.80
N VAL A 28 -5.30 -10.77 8.62
CA VAL A 28 -6.16 -9.79 7.93
C VAL A 28 -6.15 -10.05 6.42
N ARG A 29 -7.32 -9.91 5.78
CA ARG A 29 -7.47 -10.01 4.33
C ARG A 29 -7.77 -8.65 3.67
N LEU A 30 -7.69 -8.59 2.34
CA LEU A 30 -8.19 -7.46 1.55
C LEU A 30 -9.73 -7.47 1.43
N SER A 31 -10.34 -8.65 1.42
CA SER A 31 -11.80 -8.81 1.47
C SER A 31 -12.44 -8.23 2.74
N GLN A 32 -11.69 -8.02 3.83
CA GLN A 32 -12.19 -7.34 5.03
C GLN A 32 -12.54 -5.86 4.77
N PHE A 33 -12.05 -5.28 3.67
CA PHE A 33 -12.11 -3.85 3.39
C PHE A 33 -12.71 -3.55 2.00
N GLN A 34 -13.51 -4.45 1.41
CA GLN A 34 -14.03 -4.27 0.05
C GLN A 34 -14.94 -3.03 -0.18
N ASP A 35 -15.48 -2.40 0.88
CA ASP A 35 -16.18 -1.09 0.85
C ASP A 35 -15.23 0.10 0.57
N LYS A 36 -13.95 -0.10 0.87
CA LYS A 36 -12.97 0.95 1.02
C LYS A 36 -12.17 1.22 -0.26
N VAL A 37 -11.45 2.32 -0.24
CA VAL A 37 -10.53 2.81 -1.25
C VAL A 37 -9.15 2.50 -0.66
N VAL A 38 -8.73 1.25 -0.84
CA VAL A 38 -7.61 0.68 -0.08
C VAL A 38 -6.34 0.83 -0.91
N LEU A 39 -5.33 1.47 -0.30
CA LEU A 39 -4.02 1.69 -0.90
C LEU A 39 -3.05 0.63 -0.37
N LEU A 40 -2.68 -0.29 -1.25
CA LEU A 40 -1.77 -1.40 -0.98
C LEU A 40 -0.38 -1.05 -1.49
N PHE A 41 0.64 -1.13 -0.64
CA PHE A 41 2.01 -0.65 -0.91
C PHE A 41 3.03 -1.70 -0.46
N PHE A 42 3.89 -2.15 -1.37
CA PHE A 42 4.88 -3.22 -1.12
C PHE A 42 6.31 -2.67 -1.01
N GLY A 43 6.85 -2.67 0.21
CA GLY A 43 8.22 -2.26 0.51
C GLY A 43 8.89 -3.06 1.62
N PHE A 44 10.22 -2.92 1.68
CA PHE A 44 11.09 -3.33 2.78
C PHE A 44 11.27 -2.13 3.70
N THR A 45 11.13 -2.32 5.02
CA THR A 45 11.00 -1.22 5.96
C THR A 45 12.25 -0.34 5.91
N ARG A 46 12.04 0.96 6.15
CA ARG A 46 12.96 2.07 5.87
C ARG A 46 12.88 2.46 4.39
N CYS A 47 13.04 1.51 3.45
CA CYS A 47 13.13 1.75 1.99
C CYS A 47 14.39 2.58 1.65
N PRO A 48 14.59 3.02 0.38
CA PRO A 48 15.56 4.07 0.08
C PRO A 48 14.98 5.43 0.49
N ASP A 49 13.93 5.92 -0.18
CA ASP A 49 13.46 7.31 -0.05
C ASP A 49 11.96 7.45 -0.33
N VAL A 50 11.53 6.87 -1.45
CA VAL A 50 10.17 6.77 -1.98
C VAL A 50 9.08 6.42 -0.94
N CYS A 51 9.35 5.50 -0.01
CA CYS A 51 8.34 5.06 0.94
C CYS A 51 7.98 6.15 1.97
N PRO A 52 8.94 6.75 2.71
CA PRO A 52 8.62 7.85 3.62
C PRO A 52 8.07 9.09 2.91
N THR A 53 8.45 9.41 1.65
CA THR A 53 7.84 10.55 0.93
C THR A 53 6.39 10.25 0.53
N THR A 54 6.12 9.13 -0.13
CA THR A 54 4.75 8.62 -0.38
C THR A 54 3.91 8.57 0.89
N LEU A 55 4.39 8.01 1.99
CA LEU A 55 3.63 7.91 3.25
C LEU A 55 3.31 9.29 3.86
N LEU A 56 4.13 10.32 3.62
CA LEU A 56 3.84 11.71 3.97
C LEU A 56 2.70 12.25 3.10
N ALA A 57 2.74 12.04 1.77
CA ALA A 57 1.66 12.45 0.87
C ALA A 57 0.34 11.73 1.20
N LEU A 58 0.35 10.42 1.40
CA LEU A 58 -0.83 9.66 1.81
C LEU A 58 -1.42 10.21 3.11
N LYS A 59 -0.58 10.59 4.09
CA LYS A 59 -1.11 11.21 5.32
C LYS A 59 -1.74 12.59 5.05
N ARG A 60 -1.07 13.47 4.29
CA ARG A 60 -1.57 14.80 3.92
C ARG A 60 -2.81 14.79 3.01
N ALA A 61 -3.07 13.71 2.27
CA ALA A 61 -4.34 13.48 1.58
C ALA A 61 -5.45 13.14 2.58
N TYR A 62 -5.21 12.12 3.42
CA TYR A 62 -6.17 11.64 4.42
C TYR A 62 -6.56 12.68 5.48
N GLU A 63 -5.63 13.54 5.91
CA GLU A 63 -5.91 14.65 6.83
C GLU A 63 -6.88 15.67 6.23
N LYS A 64 -6.90 15.82 4.89
CA LYS A 64 -7.75 16.78 4.21
C LYS A 64 -9.21 16.30 4.05
N LEU A 65 -9.53 15.06 4.44
CA LEU A 65 -10.84 14.44 4.18
C LEU A 65 -11.88 14.81 5.26
N PRO A 66 -13.15 15.09 4.90
CA PRO A 66 -14.23 15.18 5.87
C PRO A 66 -14.44 13.84 6.57
N PRO A 67 -15.06 13.84 7.77
CA PRO A 67 -15.25 12.65 8.60
C PRO A 67 -16.14 11.57 7.96
N LYS A 68 -16.75 11.80 6.78
CA LYS A 68 -17.47 10.77 6.02
C LYS A 68 -16.66 10.22 4.82
N ALA A 69 -15.75 11.02 4.26
CA ALA A 69 -14.75 10.56 3.29
C ALA A 69 -13.59 9.78 3.94
N GLN A 70 -13.09 10.18 5.11
CA GLN A 70 -11.99 9.47 5.77
C GLN A 70 -12.27 7.97 5.92
N GLU A 71 -13.52 7.63 6.26
CA GLU A 71 -14.04 6.28 6.51
C GLU A 71 -13.81 5.32 5.36
N ARG A 72 -13.67 5.84 4.14
CA ARG A 72 -13.38 5.11 2.92
C ARG A 72 -11.90 4.81 2.71
N VAL A 73 -10.97 5.56 3.33
CA VAL A 73 -9.56 5.64 2.89
C VAL A 73 -8.64 5.09 3.98
N GLN A 74 -7.98 3.98 3.66
CA GLN A 74 -7.16 3.20 4.59
C GLN A 74 -5.92 2.71 3.84
N VAL A 75 -4.75 2.74 4.49
CA VAL A 75 -3.49 2.32 3.84
C VAL A 75 -2.96 1.05 4.49
N ILE A 76 -2.60 0.05 3.67
CA ILE A 76 -1.87 -1.13 4.13
C ILE A 76 -0.49 -1.10 3.47
N PHE A 77 0.54 -1.13 4.29
CA PHE A 77 1.91 -1.40 3.87
C PHE A 77 2.15 -2.90 4.11
N VAL A 78 2.55 -3.63 3.07
CA VAL A 78 2.95 -5.03 3.19
C VAL A 78 4.46 -5.09 3.00
N SER A 79 5.09 -5.93 3.81
CA SER A 79 6.51 -6.27 3.63
C SER A 79 6.79 -6.98 2.29
N VAL A 80 8.05 -7.18 1.98
CA VAL A 80 8.53 -8.09 0.92
C VAL A 80 9.64 -9.02 1.44
N ASP A 81 9.85 -9.05 2.76
CA ASP A 81 10.93 -9.79 3.40
C ASP A 81 10.48 -10.44 4.72
N PRO A 82 10.16 -11.74 4.72
CA PRO A 82 9.87 -12.49 5.94
C PRO A 82 11.16 -12.83 6.71
N GLU A 83 12.34 -12.71 6.09
CA GLU A 83 13.64 -13.03 6.68
C GLU A 83 14.29 -11.81 7.39
N ARG A 84 13.63 -10.65 7.39
CA ARG A 84 14.16 -9.40 7.97
C ARG A 84 13.09 -8.51 8.61
N ASP A 85 11.88 -8.43 8.05
CA ASP A 85 10.84 -7.49 8.48
C ASP A 85 9.69 -8.23 9.18
N PRO A 86 9.62 -8.24 10.52
CA PRO A 86 8.45 -8.75 11.25
C PRO A 86 7.31 -7.72 11.20
N PRO A 87 6.04 -8.17 11.35
CA PRO A 87 4.85 -7.32 11.15
C PRO A 87 4.91 -6.02 11.95
N GLU A 88 5.34 -6.09 13.22
CA GLU A 88 5.43 -4.92 14.11
C GLU A 88 6.40 -3.84 13.62
N VAL A 89 7.47 -4.21 12.89
CA VAL A 89 8.47 -3.26 12.38
C VAL A 89 7.92 -2.51 11.16
N ALA A 90 7.39 -3.25 10.19
CA ALA A 90 6.65 -2.68 9.05
C ALA A 90 5.49 -1.77 9.50
N ASP A 91 4.76 -2.21 10.52
CA ASP A 91 3.68 -1.49 11.18
C ASP A 91 4.15 -0.20 11.87
N ARG A 92 5.11 -0.30 12.80
CA ARG A 92 5.51 0.87 13.59
C ARG A 92 6.12 1.99 12.74
N TYR A 93 6.59 1.69 11.52
CA TYR A 93 6.95 2.68 10.50
C TYR A 93 5.74 3.37 9.85
N ALA A 94 4.79 2.62 9.32
CA ALA A 94 3.59 3.17 8.69
C ALA A 94 2.70 3.95 9.68
N LYS A 95 2.45 3.39 10.87
CA LYS A 95 1.61 4.04 11.88
C LYS A 95 2.24 5.29 12.50
N ALA A 96 3.57 5.47 12.36
CA ALA A 96 4.24 6.74 12.72
C ALA A 96 3.91 7.88 11.75
N PHE A 97 3.69 7.59 10.46
CA PHE A 97 3.17 8.58 9.51
C PHE A 97 1.70 8.92 9.75
N HIS A 98 0.84 7.91 9.97
CA HIS A 98 -0.58 8.16 10.24
C HIS A 98 -1.38 6.95 10.78
N PRO A 99 -2.35 7.16 11.70
CA PRO A 99 -3.30 6.13 12.14
C PRO A 99 -4.40 5.78 11.10
N SER A 100 -4.29 6.26 9.86
CA SER A 100 -5.02 5.71 8.70
C SER A 100 -4.36 4.41 8.16
N PHE A 101 -3.14 4.11 8.63
CA PHE A 101 -2.24 3.11 8.06
C PHE A 101 -2.08 1.89 9.00
N LEU A 102 -1.70 0.75 8.43
CA LEU A 102 -1.41 -0.53 9.08
C LEU A 102 -0.24 -1.24 8.38
N GLY A 103 0.59 -2.00 9.12
CA GLY A 103 1.67 -2.82 8.53
C GLY A 103 1.46 -4.33 8.67
N LEU A 104 1.75 -5.07 7.60
CA LEU A 104 1.58 -6.53 7.51
C LEU A 104 2.88 -7.21 7.03
N SER A 105 3.40 -8.16 7.81
CA SER A 105 4.43 -9.11 7.38
C SER A 105 4.20 -10.44 8.11
N GLY A 106 4.74 -11.54 7.62
CA GLY A 106 4.43 -12.85 8.20
C GLY A 106 5.11 -14.03 7.51
N SER A 107 4.38 -15.13 7.44
CA SER A 107 4.75 -16.33 6.71
C SER A 107 5.16 -16.05 5.23
N PRO A 108 6.12 -16.82 4.67
CA PRO A 108 6.55 -16.67 3.28
C PRO A 108 5.41 -17.00 2.30
N GLU A 109 4.51 -17.91 2.68
CA GLU A 109 3.25 -18.18 1.98
C GLU A 109 2.39 -16.92 1.91
N ALA A 110 2.07 -16.30 3.06
CA ALA A 110 1.22 -15.11 3.10
C ALA A 110 1.77 -13.94 2.29
N VAL A 111 3.06 -13.60 2.45
CA VAL A 111 3.65 -12.49 1.64
C VAL A 111 3.68 -12.83 0.14
N ARG A 112 3.78 -14.13 -0.22
CA ARG A 112 3.64 -14.58 -1.60
C ARG A 112 2.21 -14.48 -2.12
N GLU A 113 1.18 -14.84 -1.35
CA GLU A 113 -0.23 -14.78 -1.76
C GLU A 113 -0.56 -13.41 -2.37
N ALA A 114 -0.37 -12.34 -1.60
CA ALA A 114 -0.70 -10.97 -2.00
C ALA A 114 0.10 -10.51 -3.23
N ALA A 115 1.38 -10.87 -3.30
CA ALA A 115 2.27 -10.54 -4.41
C ALA A 115 1.86 -11.24 -5.71
N GLN A 116 1.38 -12.49 -5.61
CA GLN A 116 0.83 -13.25 -6.74
C GLN A 116 -0.51 -12.68 -7.21
N THR A 117 -1.33 -12.13 -6.28
CA THR A 117 -2.67 -11.57 -6.64
C THR A 117 -2.53 -10.32 -7.48
N PHE A 118 -1.70 -9.39 -7.02
CA PHE A 118 -1.44 -8.14 -7.72
C PHE A 118 -0.57 -8.31 -8.97
N GLY A 119 0.55 -9.04 -8.85
CA GLY A 119 1.68 -8.99 -9.79
C GLY A 119 2.83 -8.12 -9.28
N VAL A 120 3.25 -8.37 -8.03
CA VAL A 120 4.40 -7.72 -7.36
C VAL A 120 5.59 -8.69 -7.39
N PHE A 121 6.79 -8.11 -7.51
CA PHE A 121 8.05 -8.83 -7.60
C PHE A 121 9.14 -8.17 -6.75
N TYR A 122 9.89 -9.00 -6.03
CA TYR A 122 10.99 -8.58 -5.16
C TYR A 122 12.19 -9.53 -5.23
N GLN A 123 13.37 -9.08 -4.81
CA GLN A 123 14.60 -9.87 -4.76
C GLN A 123 15.45 -9.45 -3.55
N LYS A 124 16.57 -10.12 -3.28
CA LYS A 124 17.65 -9.55 -2.46
C LYS A 124 18.77 -9.01 -3.38
N SER A 125 19.29 -7.82 -3.07
CA SER A 125 20.13 -7.05 -4.01
C SER A 125 21.63 -7.29 -3.80
N GLN A 126 21.99 -7.69 -2.58
CA GLN A 126 23.28 -8.24 -2.21
C GLN A 126 23.01 -9.59 -1.55
N TYR A 127 22.63 -10.59 -2.36
CA TYR A 127 22.18 -11.91 -1.88
C TYR A 127 23.20 -12.61 -0.96
N ARG A 128 24.49 -12.25 -1.07
CA ARG A 128 25.49 -12.41 -0.01
C ARG A 128 26.22 -11.08 0.16
N GLY A 129 25.71 -10.23 1.04
CA GLY A 129 26.31 -8.93 1.41
C GLY A 129 27.41 -9.09 2.47
N PRO A 130 28.02 -7.97 2.92
CA PRO A 130 29.21 -7.98 3.77
C PRO A 130 28.91 -8.35 5.24
N GLY A 131 27.64 -8.37 5.66
CA GLY A 131 27.23 -8.73 7.03
C GLY A 131 25.74 -8.57 7.32
N GLU A 132 24.93 -8.53 6.26
CA GLU A 132 23.56 -8.03 6.14
C GLU A 132 23.23 -7.93 4.64
N TYR A 133 21.99 -7.59 4.29
CA TYR A 133 21.53 -7.42 2.91
C TYR A 133 20.36 -6.41 2.78
N LEU A 134 20.29 -5.75 1.62
CA LEU A 134 19.13 -4.96 1.19
C LEU A 134 18.32 -5.71 0.13
N VAL A 135 17.08 -5.28 -0.07
CA VAL A 135 16.05 -5.93 -0.89
C VAL A 135 15.61 -5.02 -2.04
N ASP A 136 15.30 -5.63 -3.18
CA ASP A 136 14.75 -4.98 -4.38
C ASP A 136 13.23 -5.19 -4.42
N HIS A 137 12.42 -4.15 -4.62
CA HIS A 137 10.95 -4.28 -4.73
C HIS A 137 10.29 -3.24 -5.64
N THR A 138 9.15 -3.58 -6.26
CA THR A 138 8.42 -2.74 -7.24
C THR A 138 8.00 -1.35 -6.72
N ALA A 139 7.63 -1.22 -5.44
CA ALA A 139 7.23 0.06 -4.79
C ALA A 139 5.95 0.70 -5.39
N THR A 140 5.00 -0.11 -5.86
CA THR A 140 3.75 0.37 -6.51
C THR A 140 2.66 0.51 -5.45
N THR A 141 1.80 1.53 -5.61
CA THR A 141 0.54 1.64 -4.85
C THR A 141 -0.63 1.16 -5.70
N PHE A 142 -1.34 0.16 -5.19
CA PHE A 142 -2.51 -0.48 -5.81
C PHE A 142 -3.78 0.06 -5.17
N VAL A 143 -4.74 0.55 -5.95
CA VAL A 143 -6.00 1.10 -5.43
C VAL A 143 -7.11 0.10 -5.68
N VAL A 144 -7.66 -0.37 -4.58
CA VAL A 144 -8.72 -1.39 -4.53
C VAL A 144 -10.01 -0.76 -4.01
N LYS A 145 -11.12 -0.96 -4.73
CA LYS A 145 -12.50 -0.80 -4.25
C LYS A 145 -13.37 -1.92 -4.85
N GLU A 146 -14.43 -2.38 -4.17
CA GLU A 146 -15.34 -3.45 -4.64
C GLU A 146 -14.67 -4.85 -4.69
N GLY A 147 -13.56 -5.04 -3.96
CA GLY A 147 -12.76 -6.28 -4.01
C GLY A 147 -11.92 -6.43 -5.29
N ARG A 148 -11.69 -5.35 -6.05
CA ARG A 148 -10.92 -5.36 -7.30
C ARG A 148 -10.04 -4.11 -7.46
N LEU A 149 -8.98 -4.21 -8.27
CA LEU A 149 -8.13 -3.09 -8.63
C LEU A 149 -8.93 -2.07 -9.46
N VAL A 150 -9.23 -0.93 -8.86
CA VAL A 150 -10.01 0.16 -9.47
C VAL A 150 -9.10 1.27 -10.04
N LEU A 151 -7.79 1.22 -9.72
CA LEU A 151 -6.76 2.20 -10.08
C LEU A 151 -5.36 1.74 -9.65
N LEU A 152 -4.34 2.21 -10.36
CA LEU A 152 -2.93 2.14 -9.93
C LEU A 152 -2.36 3.54 -9.75
N TYR A 153 -1.39 3.66 -8.84
CA TYR A 153 -0.52 4.82 -8.68
C TYR A 153 0.97 4.43 -8.70
N SER A 154 1.74 5.11 -9.54
CA SER A 154 3.17 5.34 -9.32
C SER A 154 3.38 6.33 -8.15
N PRO A 155 4.57 6.41 -7.54
CA PRO A 155 4.88 7.52 -6.64
C PRO A 155 4.69 8.88 -7.34
N ASP A 156 5.11 9.05 -8.59
CA ASP A 156 4.89 10.33 -9.31
C ASP A 156 3.41 10.69 -9.57
N LYS A 157 2.49 9.73 -9.38
CA LYS A 157 1.07 9.98 -9.26
C LYS A 157 0.71 10.27 -7.79
N ALA A 158 0.97 9.33 -6.87
CA ALA A 158 0.50 9.36 -5.48
C ALA A 158 1.00 10.55 -4.66
N GLU A 159 2.25 11.00 -4.87
CA GLU A 159 2.85 12.02 -4.02
C GLU A 159 2.21 13.42 -4.22
N ALA A 160 1.53 13.62 -5.36
CA ALA A 160 0.69 14.79 -5.61
C ALA A 160 -0.63 14.72 -4.80
N THR A 161 -0.50 14.87 -3.47
CA THR A 161 -1.59 14.89 -2.46
C THR A 161 -2.88 15.52 -2.99
N ASP A 162 -2.81 16.78 -3.37
CA ASP A 162 -3.97 17.58 -3.73
C ASP A 162 -4.58 17.17 -5.08
N ARG A 163 -3.82 16.45 -5.92
CA ARG A 163 -4.34 15.67 -7.05
C ARG A 163 -5.05 14.39 -6.57
N VAL A 164 -4.47 13.63 -5.62
CA VAL A 164 -5.11 12.40 -5.07
C VAL A 164 -6.52 12.68 -4.54
N VAL A 165 -6.75 13.80 -3.85
CA VAL A 165 -8.09 14.10 -3.28
C VAL A 165 -9.18 14.30 -4.35
N ALA A 166 -8.82 14.75 -5.56
CA ALA A 166 -9.74 14.82 -6.70
C ALA A 166 -10.07 13.43 -7.28
N ASP A 167 -9.13 12.48 -7.27
CA ASP A 167 -9.39 11.07 -7.59
C ASP A 167 -10.29 10.44 -6.51
N LEU A 168 -10.03 10.72 -5.21
CA LEU A 168 -10.85 10.26 -4.08
C LEU A 168 -12.29 10.79 -4.12
N GLN A 169 -12.48 11.97 -4.72
CA GLN A 169 -13.80 12.56 -4.99
C GLN A 169 -14.55 11.76 -6.05
N ALA A 170 -13.88 11.35 -7.13
CA ALA A 170 -14.40 10.44 -8.16
C ALA A 170 -14.51 8.96 -7.73
N LEU A 171 -13.82 8.57 -6.64
CA LEU A 171 -13.81 7.22 -6.03
C LEU A 171 -14.73 7.10 -4.80
N LEU A 172 -15.54 8.13 -4.48
CA LEU A 172 -16.66 8.05 -3.51
C LEU A 172 -17.56 6.82 -3.76
N GLY A 1 -22.24 20.72 -9.25
CA GLY A 1 -21.11 20.35 -10.12
C GLY A 1 -19.95 19.84 -9.26
N ALA A 2 -18.91 19.29 -9.87
CA ALA A 2 -17.75 18.66 -9.21
C ALA A 2 -16.62 18.44 -10.24
N MET A 3 -15.45 17.97 -9.80
CA MET A 3 -14.27 17.76 -10.65
C MET A 3 -13.44 16.55 -10.17
N HIS A 4 -13.86 15.36 -10.58
CA HIS A 4 -13.21 14.09 -10.24
C HIS A 4 -12.02 13.81 -11.19
N THR A 5 -11.00 14.68 -11.16
CA THR A 5 -9.87 14.65 -12.09
C THR A 5 -8.80 13.66 -11.61
N PHE A 6 -8.70 12.55 -12.35
CA PHE A 6 -7.66 11.54 -12.19
C PHE A 6 -6.24 12.08 -12.44
N TYR A 7 -5.27 11.46 -11.77
CA TYR A 7 -3.83 11.62 -12.00
C TYR A 7 -3.05 10.30 -11.87
N GLY A 8 -3.70 9.17 -11.56
CA GLY A 8 -3.12 7.83 -11.60
C GLY A 8 -3.29 7.13 -12.94
N THR A 9 -2.92 5.85 -13.02
CA THR A 9 -3.13 5.01 -14.22
C THR A 9 -4.51 4.38 -14.11
N ARG A 10 -5.49 5.11 -14.62
CA ARG A 10 -6.91 4.73 -14.50
C ARG A 10 -7.25 3.59 -15.43
N LEU A 11 -7.81 2.53 -14.85
CA LEU A 11 -8.07 1.25 -15.53
C LEU A 11 -9.53 1.15 -15.99
N LEU A 12 -9.77 0.47 -17.12
CA LEU A 12 -11.11 0.23 -17.66
C LEU A 12 -11.64 -1.17 -17.32
N ASN A 13 -10.77 -2.17 -17.36
CA ASN A 13 -11.07 -3.58 -17.12
C ASN A 13 -10.41 -4.02 -15.78
N PRO A 14 -11.06 -3.80 -14.62
CA PRO A 14 -10.43 -3.96 -13.31
C PRO A 14 -10.34 -5.42 -12.87
N LYS A 15 -9.15 -5.81 -12.41
CA LYS A 15 -8.90 -7.18 -11.95
C LYS A 15 -9.38 -7.36 -10.50
N PRO A 16 -10.26 -8.32 -10.20
CA PRO A 16 -10.71 -8.59 -8.86
C PRO A 16 -9.54 -9.19 -8.06
N VAL A 17 -9.53 -8.97 -6.74
CA VAL A 17 -8.44 -9.33 -5.83
C VAL A 17 -8.95 -9.47 -4.40
N ASP A 18 -8.21 -10.21 -3.59
CA ASP A 18 -8.22 -10.17 -2.13
C ASP A 18 -6.75 -10.32 -1.67
N PHE A 19 -6.51 -10.41 -0.37
CA PHE A 19 -5.29 -10.98 0.20
C PHE A 19 -5.59 -11.53 1.59
N ALA A 20 -4.73 -12.40 2.10
CA ALA A 20 -4.62 -12.70 3.52
C ALA A 20 -3.19 -12.42 3.98
N LEU A 21 -3.02 -11.44 4.88
CA LEU A 21 -1.73 -11.04 5.45
C LEU A 21 -1.78 -11.11 6.98
N GLU A 22 -0.61 -11.00 7.59
CA GLU A 22 -0.37 -11.00 9.02
C GLU A 22 -0.03 -9.57 9.46
N GLY A 23 -0.61 -9.13 10.58
CA GLY A 23 -0.28 -7.87 11.25
C GLY A 23 0.13 -8.12 12.71
N PRO A 24 0.57 -7.09 13.45
CA PRO A 24 1.19 -7.25 14.77
C PRO A 24 0.25 -7.69 15.91
N GLN A 25 -1.05 -7.91 15.63
CA GLN A 25 -2.02 -8.47 16.58
C GLN A 25 -2.86 -9.63 15.98
N GLY A 26 -2.55 -10.11 14.77
CA GLY A 26 -3.32 -11.15 14.08
C GLY A 26 -3.50 -10.90 12.57
N PRO A 27 -4.21 -11.79 11.86
CA PRO A 27 -4.37 -11.74 10.42
C PRO A 27 -5.38 -10.66 9.99
N VAL A 28 -5.17 -10.10 8.80
CA VAL A 28 -5.99 -9.05 8.16
C VAL A 28 -6.12 -9.40 6.66
N ARG A 29 -7.31 -9.20 6.09
CA ARG A 29 -7.57 -9.36 4.66
C ARG A 29 -7.79 -8.02 3.95
N LEU A 30 -7.64 -8.02 2.62
CA LEU A 30 -8.18 -6.96 1.76
C LEU A 30 -9.69 -6.88 1.91
N SER A 31 -10.37 -8.02 1.86
CA SER A 31 -11.83 -8.15 1.91
C SER A 31 -12.50 -7.61 3.19
N GLN A 32 -11.74 -7.28 4.24
CA GLN A 32 -12.23 -6.48 5.39
C GLN A 32 -12.74 -5.10 4.95
N PHE A 33 -12.31 -4.63 3.77
CA PHE A 33 -12.50 -3.29 3.25
C PHE A 33 -13.01 -3.32 1.78
N GLN A 34 -13.67 -4.41 1.37
CA GLN A 34 -13.96 -4.70 -0.04
C GLN A 34 -14.76 -3.60 -0.75
N ASP A 35 -15.78 -3.06 -0.09
CA ASP A 35 -16.65 -1.99 -0.60
C ASP A 35 -15.99 -0.59 -0.58
N LYS A 36 -14.83 -0.46 0.06
CA LYS A 36 -14.07 0.78 0.24
C LYS A 36 -13.01 0.94 -0.87
N VAL A 37 -12.11 1.92 -0.72
CA VAL A 37 -10.82 1.99 -1.39
C VAL A 37 -9.73 1.51 -0.41
N VAL A 38 -9.00 0.47 -0.81
CA VAL A 38 -7.73 0.08 -0.17
C VAL A 38 -6.58 0.51 -1.07
N LEU A 39 -5.56 1.11 -0.45
CA LEU A 39 -4.30 1.48 -1.09
C LEU A 39 -3.20 0.56 -0.53
N LEU A 40 -2.67 -0.32 -1.36
CA LEU A 40 -1.58 -1.23 -1.00
C LEU A 40 -0.25 -0.63 -1.45
N PHE A 41 0.79 -0.81 -0.64
CA PHE A 41 2.15 -0.31 -0.93
C PHE A 41 3.20 -1.35 -0.48
N PHE A 42 3.99 -1.85 -1.42
CA PHE A 42 4.96 -2.93 -1.18
C PHE A 42 6.36 -2.33 -0.96
N GLY A 43 6.95 -2.55 0.20
CA GLY A 43 8.33 -2.13 0.52
C GLY A 43 9.09 -3.04 1.47
N PHE A 44 10.33 -2.64 1.76
CA PHE A 44 11.07 -2.96 2.99
C PHE A 44 11.20 -1.67 3.82
N THR A 45 11.20 -1.72 5.15
CA THR A 45 11.23 -0.52 6.03
C THR A 45 12.33 0.48 5.67
N ARG A 46 13.55 0.02 5.39
CA ARG A 46 14.68 0.87 5.01
C ARG A 46 14.67 1.36 3.54
N CYS A 47 13.48 1.51 2.93
CA CYS A 47 13.29 2.26 1.68
C CYS A 47 14.09 3.59 1.66
N PRO A 48 14.59 4.04 0.49
CA PRO A 48 15.57 5.12 0.41
C PRO A 48 15.02 6.51 0.76
N ASP A 49 13.80 6.83 0.30
CA ASP A 49 13.13 8.14 0.54
C ASP A 49 11.66 8.08 0.09
N VAL A 50 11.46 7.54 -1.11
CA VAL A 50 10.15 7.30 -1.74
C VAL A 50 9.04 6.76 -0.82
N CYS A 51 9.38 5.91 0.16
CA CYS A 51 8.40 5.40 1.13
C CYS A 51 7.94 6.46 2.13
N PRO A 52 8.80 7.08 2.98
CA PRO A 52 8.38 8.15 3.87
C PRO A 52 7.72 9.33 3.14
N THR A 53 8.23 9.73 1.96
CA THR A 53 7.67 10.84 1.17
C THR A 53 6.25 10.54 0.71
N THR A 54 6.03 9.40 0.02
CA THR A 54 4.69 8.89 -0.35
C THR A 54 3.79 8.68 0.87
N LEU A 55 4.27 8.13 1.99
CA LEU A 55 3.46 7.98 3.21
C LEU A 55 3.01 9.33 3.80
N LEU A 56 3.82 10.38 3.65
CA LEU A 56 3.46 11.73 4.06
C LEU A 56 2.36 12.30 3.15
N ALA A 57 2.47 12.14 1.83
CA ALA A 57 1.43 12.56 0.89
C ALA A 57 0.12 11.77 1.07
N LEU A 58 0.21 10.44 1.18
CA LEU A 58 -0.91 9.55 1.47
C LEU A 58 -1.65 10.01 2.73
N LYS A 59 -0.93 10.29 3.82
CA LYS A 59 -1.59 10.75 5.05
C LYS A 59 -2.13 12.17 4.94
N ARG A 60 -1.47 13.07 4.19
CA ARG A 60 -1.99 14.42 3.91
C ARG A 60 -3.32 14.36 3.13
N ALA A 61 -3.49 13.39 2.21
CA ALA A 61 -4.76 13.16 1.52
C ALA A 61 -5.89 12.76 2.48
N TYR A 62 -5.63 11.86 3.45
CA TYR A 62 -6.57 11.48 4.50
C TYR A 62 -6.92 12.66 5.42
N GLU A 63 -5.93 13.46 5.87
CA GLU A 63 -6.16 14.66 6.69
C GLU A 63 -6.98 15.73 5.93
N LYS A 64 -7.06 15.65 4.60
CA LYS A 64 -7.81 16.57 3.74
C LYS A 64 -9.25 16.09 3.45
N LEU A 65 -9.72 15.00 4.08
CA LEU A 65 -11.08 14.45 3.92
C LEU A 65 -11.99 14.75 5.13
N PRO A 66 -13.31 14.90 4.92
CA PRO A 66 -14.29 14.82 5.99
C PRO A 66 -14.39 13.37 6.51
N PRO A 67 -14.88 13.17 7.75
CA PRO A 67 -15.00 11.83 8.34
C PRO A 67 -15.96 10.92 7.57
N LYS A 68 -16.84 11.44 6.70
CA LYS A 68 -17.71 10.59 5.87
C LYS A 68 -17.01 10.05 4.61
N ALA A 69 -16.03 10.78 4.07
CA ALA A 69 -15.12 10.26 3.05
C ALA A 69 -14.04 9.33 3.65
N GLN A 70 -13.59 9.53 4.90
CA GLN A 70 -12.49 8.75 5.48
C GLN A 70 -12.74 7.24 5.43
N GLU A 71 -14.01 6.81 5.61
CA GLU A 71 -14.48 5.42 5.56
C GLU A 71 -13.93 4.65 4.37
N ARG A 72 -13.77 5.39 3.27
CA ARG A 72 -13.42 4.87 1.97
C ARG A 72 -11.91 4.79 1.79
N VAL A 73 -11.06 5.47 2.55
CA VAL A 73 -9.59 5.33 2.45
C VAL A 73 -9.07 4.42 3.57
N GLN A 74 -8.38 3.35 3.19
CA GLN A 74 -7.59 2.49 4.07
C GLN A 74 -6.20 2.30 3.44
N VAL A 75 -5.13 2.47 4.22
CA VAL A 75 -3.74 2.44 3.71
C VAL A 75 -2.98 1.33 4.39
N ILE A 76 -2.55 0.36 3.59
CA ILE A 76 -1.82 -0.83 4.04
C ILE A 76 -0.42 -0.83 3.39
N PHE A 77 0.60 -0.90 4.23
CA PHE A 77 1.95 -1.19 3.80
C PHE A 77 2.17 -2.69 3.97
N VAL A 78 2.64 -3.36 2.91
CA VAL A 78 3.00 -4.78 2.92
C VAL A 78 4.52 -4.90 2.84
N SER A 79 5.10 -5.56 3.82
CA SER A 79 6.52 -5.88 3.85
C SER A 79 6.91 -6.96 2.85
N VAL A 80 8.07 -6.78 2.19
CA VAL A 80 8.62 -7.67 1.15
C VAL A 80 9.45 -8.80 1.76
N ASP A 81 10.32 -8.49 2.74
CA ASP A 81 11.25 -9.44 3.35
C ASP A 81 10.87 -9.70 4.83
N PRO A 82 9.87 -10.55 5.12
CA PRO A 82 9.55 -10.93 6.50
C PRO A 82 10.70 -11.68 7.18
N GLU A 83 11.70 -12.14 6.40
CA GLU A 83 13.03 -12.55 6.85
C GLU A 83 13.70 -11.56 7.82
N ARG A 84 13.32 -10.26 7.79
CA ARG A 84 13.84 -9.22 8.69
C ARG A 84 13.01 -7.93 8.80
N ASP A 85 11.83 -7.85 8.18
CA ASP A 85 10.91 -6.69 8.22
C ASP A 85 9.62 -6.99 9.06
N PRO A 86 9.70 -7.34 10.36
CA PRO A 86 8.58 -7.91 11.13
C PRO A 86 7.44 -6.91 11.35
N PRO A 87 6.19 -7.39 11.57
CA PRO A 87 4.98 -6.58 11.45
C PRO A 87 4.93 -5.38 12.38
N GLU A 88 5.47 -5.49 13.60
CA GLU A 88 5.63 -4.34 14.50
C GLU A 88 6.48 -3.23 13.85
N VAL A 89 7.64 -3.56 13.29
CA VAL A 89 8.62 -2.56 12.81
C VAL A 89 8.10 -1.86 11.55
N ALA A 90 7.49 -2.64 10.64
CA ALA A 90 6.81 -2.13 9.45
C ALA A 90 5.58 -1.25 9.78
N ASP A 91 4.82 -1.58 10.83
CA ASP A 91 3.70 -0.76 11.29
C ASP A 91 4.16 0.52 11.96
N ARG A 92 5.02 0.47 13.00
CA ARG A 92 5.44 1.66 13.77
C ARG A 92 5.90 2.79 12.86
N TYR A 93 6.62 2.43 11.79
CA TYR A 93 7.08 3.39 10.78
C TYR A 93 5.94 4.13 10.05
N ALA A 94 4.94 3.40 9.56
CA ALA A 94 3.73 3.99 8.94
C ALA A 94 2.87 4.75 9.96
N LYS A 95 2.76 4.23 11.18
CA LYS A 95 2.04 4.82 12.32
C LYS A 95 2.68 6.16 12.76
N ALA A 96 4.01 6.26 12.71
CA ALA A 96 4.76 7.49 12.97
C ALA A 96 4.50 8.59 11.92
N PHE A 97 4.22 8.22 10.65
CA PHE A 97 3.62 9.15 9.70
C PHE A 97 2.17 9.46 10.04
N HIS A 98 1.35 8.45 10.33
CA HIS A 98 -0.04 8.66 10.72
C HIS A 98 -0.69 7.46 11.44
N PRO A 99 -1.39 7.66 12.58
CA PRO A 99 -1.98 6.57 13.35
C PRO A 99 -3.12 5.85 12.62
N SER A 100 -3.70 6.45 11.57
CA SER A 100 -4.70 5.82 10.70
C SER A 100 -4.19 4.64 9.84
N PHE A 101 -2.87 4.37 9.80
CA PHE A 101 -2.25 3.44 8.85
C PHE A 101 -1.94 2.07 9.47
N LEU A 102 -1.64 1.08 8.62
CA LEU A 102 -1.37 -0.30 9.04
C LEU A 102 -0.17 -0.92 8.30
N GLY A 103 0.74 -1.54 9.05
CA GLY A 103 1.83 -2.37 8.52
C GLY A 103 1.51 -3.86 8.65
N LEU A 104 1.68 -4.62 7.56
CA LEU A 104 1.45 -6.06 7.48
C LEU A 104 2.74 -6.79 7.05
N SER A 105 3.19 -7.72 7.88
CA SER A 105 4.31 -8.63 7.62
C SER A 105 4.11 -9.96 8.37
N GLY A 106 4.63 -11.09 7.89
CA GLY A 106 4.50 -12.38 8.58
C GLY A 106 4.90 -13.57 7.73
N SER A 107 4.05 -14.60 7.67
CA SER A 107 4.28 -15.78 6.81
C SER A 107 4.76 -15.38 5.39
N PRO A 108 5.97 -15.83 4.96
CA PRO A 108 6.52 -15.53 3.63
C PRO A 108 5.68 -16.12 2.50
N GLU A 109 4.90 -17.17 2.79
CA GLU A 109 3.89 -17.74 1.90
C GLU A 109 2.71 -16.77 1.73
N ALA A 110 2.20 -16.20 2.83
CA ALA A 110 1.11 -15.22 2.85
C ALA A 110 1.53 -13.88 2.23
N VAL A 111 2.72 -13.38 2.60
CA VAL A 111 3.36 -12.23 1.93
C VAL A 111 3.50 -12.51 0.43
N ARG A 112 3.98 -13.71 0.06
CA ARG A 112 4.12 -14.07 -1.35
C ARG A 112 2.77 -14.21 -2.06
N GLU A 113 1.69 -14.67 -1.42
CA GLU A 113 0.33 -14.60 -1.99
C GLU A 113 0.00 -13.17 -2.43
N ALA A 114 0.00 -12.22 -1.50
CA ALA A 114 -0.36 -10.83 -1.81
C ALA A 114 0.51 -10.21 -2.92
N ALA A 115 1.80 -10.58 -2.98
CA ALA A 115 2.66 -10.18 -4.08
C ALA A 115 2.28 -10.84 -5.41
N GLN A 116 2.16 -12.17 -5.42
CA GLN A 116 1.90 -12.98 -6.61
C GLN A 116 0.55 -12.65 -7.25
N THR A 117 -0.48 -12.52 -6.42
CA THR A 117 -1.88 -12.34 -6.85
C THR A 117 -2.11 -10.97 -7.46
N PHE A 118 -1.38 -9.95 -6.98
CA PHE A 118 -1.26 -8.64 -7.63
C PHE A 118 -0.34 -8.62 -8.86
N GLY A 119 0.70 -9.47 -8.91
CA GLY A 119 1.78 -9.44 -9.91
C GLY A 119 3.04 -8.67 -9.48
N VAL A 120 3.23 -8.44 -8.17
CA VAL A 120 4.39 -7.79 -7.57
C VAL A 120 5.56 -8.77 -7.44
N PHE A 121 6.76 -8.23 -7.68
CA PHE A 121 8.02 -8.94 -7.82
C PHE A 121 9.12 -8.29 -6.98
N TYR A 122 10.03 -9.11 -6.47
CA TYR A 122 11.22 -8.72 -5.73
C TYR A 122 12.36 -9.69 -6.03
N GLN A 123 13.60 -9.20 -6.18
CA GLN A 123 14.77 -10.05 -6.43
C GLN A 123 15.94 -9.60 -5.55
N LYS A 124 16.61 -10.52 -4.87
CA LYS A 124 17.78 -10.23 -4.01
C LYS A 124 19.08 -10.86 -4.52
N SER A 125 20.23 -10.22 -4.26
CA SER A 125 21.58 -10.63 -4.66
C SER A 125 22.62 -10.34 -3.54
N GLN A 126 23.83 -10.92 -3.65
CA GLN A 126 24.96 -10.84 -2.69
C GLN A 126 24.83 -11.73 -1.43
N TYR A 127 23.68 -12.33 -1.16
CA TYR A 127 23.48 -13.24 -0.01
C TYR A 127 24.61 -14.29 0.13
N ARG A 128 25.40 -14.21 1.21
CA ARG A 128 26.58 -15.08 1.46
C ARG A 128 27.27 -14.87 2.81
N GLY A 129 27.19 -13.67 3.39
CA GLY A 129 27.67 -13.36 4.74
C GLY A 129 26.63 -13.66 5.82
N PRO A 130 26.89 -13.30 7.09
CA PRO A 130 26.00 -13.62 8.23
C PRO A 130 24.67 -12.86 8.26
N GLY A 131 24.47 -11.80 7.45
CA GLY A 131 23.21 -11.03 7.44
C GLY A 131 23.03 -9.98 6.35
N GLU A 132 23.77 -10.07 5.24
CA GLU A 132 23.86 -9.05 4.19
C GLU A 132 23.20 -9.54 2.88
N TYR A 133 22.54 -8.62 2.17
CA TYR A 133 22.11 -8.73 0.77
C TYR A 133 21.52 -7.42 0.23
N LEU A 134 21.47 -7.28 -1.10
CA LEU A 134 20.83 -6.16 -1.81
C LEU A 134 19.55 -6.69 -2.47
N VAL A 135 18.45 -5.93 -2.47
CA VAL A 135 17.13 -6.36 -2.94
C VAL A 135 16.38 -5.24 -3.66
N ASP A 136 15.71 -5.55 -4.77
CA ASP A 136 14.72 -4.68 -5.40
C ASP A 136 13.28 -5.13 -5.09
N HIS A 137 12.32 -4.23 -5.22
CA HIS A 137 10.89 -4.55 -5.20
C HIS A 137 10.09 -3.67 -6.16
N THR A 138 8.86 -4.10 -6.51
CA THR A 138 7.88 -3.26 -7.21
C THR A 138 7.49 -2.06 -6.32
N ALA A 139 8.21 -0.94 -6.45
CA ALA A 139 7.95 0.30 -5.73
C ALA A 139 6.72 1.04 -6.32
N THR A 140 5.52 0.52 -6.04
CA THR A 140 4.24 0.98 -6.62
C THR A 140 3.13 0.91 -5.58
N THR A 141 2.14 1.82 -5.68
CA THR A 141 0.89 1.76 -4.93
C THR A 141 -0.22 1.19 -5.82
N PHE A 142 -1.04 0.30 -5.27
CA PHE A 142 -2.13 -0.38 -5.98
C PHE A 142 -3.48 0.04 -5.36
N VAL A 143 -4.43 0.50 -6.18
CA VAL A 143 -5.68 1.11 -5.68
C VAL A 143 -6.88 0.22 -6.03
N VAL A 144 -7.45 -0.33 -4.97
CA VAL A 144 -8.47 -1.38 -5.01
C VAL A 144 -9.80 -0.86 -4.46
N LYS A 145 -10.79 -0.73 -5.34
CA LYS A 145 -12.16 -0.32 -5.04
C LYS A 145 -13.14 -1.45 -5.37
N GLU A 146 -14.03 -1.81 -4.45
CA GLU A 146 -15.12 -2.77 -4.71
C GLU A 146 -14.57 -4.20 -4.93
N GLY A 147 -13.55 -4.58 -4.17
CA GLY A 147 -12.88 -5.88 -4.24
C GLY A 147 -12.01 -6.07 -5.49
N ARG A 148 -11.74 -5.01 -6.26
CA ARG A 148 -10.98 -5.07 -7.51
C ARG A 148 -10.08 -3.86 -7.76
N LEU A 149 -8.99 -4.09 -8.49
CA LEU A 149 -7.96 -3.13 -8.83
C LEU A 149 -8.47 -2.20 -9.93
N VAL A 150 -8.75 -0.94 -9.59
CA VAL A 150 -9.27 0.08 -10.53
C VAL A 150 -8.22 1.11 -10.98
N LEU A 151 -7.05 1.11 -10.34
CA LEU A 151 -6.03 2.15 -10.46
C LEU A 151 -4.67 1.69 -9.92
N LEU A 152 -3.61 2.27 -10.49
CA LEU A 152 -2.25 2.24 -9.97
C LEU A 152 -1.78 3.68 -9.75
N TYR A 153 -0.99 3.91 -8.70
CA TYR A 153 -0.18 5.11 -8.56
C TYR A 153 1.32 4.75 -8.57
N SER A 154 2.04 5.33 -9.54
CA SER A 154 3.47 5.62 -9.40
C SER A 154 3.70 6.58 -8.19
N PRO A 155 4.89 6.62 -7.57
CA PRO A 155 5.17 7.55 -6.48
C PRO A 155 5.05 9.01 -6.95
N ASP A 156 5.56 9.36 -8.13
CA ASP A 156 5.44 10.70 -8.71
C ASP A 156 4.00 11.10 -9.11
N LYS A 157 3.04 10.15 -9.02
CA LYS A 157 1.60 10.41 -9.04
C LYS A 157 1.06 10.52 -7.59
N ALA A 158 1.35 9.54 -6.73
CA ALA A 158 0.92 9.44 -5.32
C ALA A 158 1.31 10.66 -4.47
N GLU A 159 2.49 11.24 -4.72
CA GLU A 159 3.02 12.34 -3.91
C GLU A 159 2.28 13.68 -4.16
N ALA A 160 1.48 13.77 -5.23
CA ALA A 160 0.64 14.93 -5.52
C ALA A 160 -0.71 14.87 -4.75
N THR A 161 -0.67 15.19 -3.45
CA THR A 161 -1.79 15.10 -2.49
C THR A 161 -3.15 15.44 -3.09
N ASP A 162 -3.37 16.67 -3.59
CA ASP A 162 -4.71 17.12 -4.00
C ASP A 162 -5.24 16.33 -5.19
N ARG A 163 -4.31 15.90 -6.05
CA ARG A 163 -4.59 15.10 -7.23
C ARG A 163 -4.96 13.67 -6.80
N VAL A 164 -4.27 13.10 -5.82
CA VAL A 164 -4.70 11.83 -5.18
C VAL A 164 -6.08 12.00 -4.53
N VAL A 165 -6.34 13.12 -3.82
CA VAL A 165 -7.69 13.39 -3.28
C VAL A 165 -8.75 13.42 -4.39
N ALA A 166 -8.48 14.09 -5.51
CA ALA A 166 -9.39 14.20 -6.67
C ALA A 166 -9.59 12.89 -7.46
N ASP A 167 -8.56 12.05 -7.56
CA ASP A 167 -8.58 10.75 -8.22
C ASP A 167 -9.37 9.75 -7.37
N LEU A 168 -9.17 9.77 -6.04
CA LEU A 168 -9.96 8.99 -5.07
C LEU A 168 -11.42 9.44 -4.99
N GLN A 169 -11.69 10.75 -5.15
CA GLN A 169 -13.05 11.30 -5.24
C GLN A 169 -13.89 10.75 -6.40
N ALA A 170 -13.28 10.15 -7.42
CA ALA A 170 -14.01 9.42 -8.45
C ALA A 170 -14.54 8.05 -8.03
N LEU A 171 -13.99 7.46 -6.97
CA LEU A 171 -14.13 6.03 -6.66
C LEU A 171 -15.06 5.78 -5.48
N LEU A 172 -15.13 6.75 -4.57
CA LEU A 172 -15.19 6.52 -3.10
C LEU A 172 -16.45 5.89 -2.49
N GLY A 1 -12.29 10.20 -22.84
CA GLY A 1 -11.95 8.82 -22.43
C GLY A 1 -11.80 8.78 -20.92
N ALA A 2 -11.89 7.60 -20.31
CA ALA A 2 -11.99 7.39 -18.86
C ALA A 2 -13.33 7.90 -18.29
N MET A 3 -13.48 7.88 -16.96
CA MET A 3 -14.66 8.31 -16.21
C MET A 3 -14.15 8.71 -14.82
N HIS A 4 -13.81 9.99 -14.70
CA HIS A 4 -12.79 10.52 -13.76
C HIS A 4 -11.37 9.97 -14.09
N THR A 5 -10.32 10.71 -13.72
CA THR A 5 -8.88 10.53 -14.09
C THR A 5 -8.08 11.81 -13.82
N PHE A 6 -8.26 12.33 -12.63
CA PHE A 6 -7.58 13.51 -12.11
C PHE A 6 -6.07 13.29 -11.91
N TYR A 7 -5.62 12.04 -11.67
CA TYR A 7 -4.26 11.55 -11.94
C TYR A 7 -4.09 10.05 -11.72
N GLY A 8 -3.07 9.46 -12.36
CA GLY A 8 -2.67 8.05 -12.29
C GLY A 8 -3.26 7.24 -13.46
N THR A 9 -3.05 5.92 -13.49
CA THR A 9 -3.66 5.07 -14.53
C THR A 9 -5.04 4.64 -14.07
N ARG A 10 -6.05 5.39 -14.51
CA ARG A 10 -7.45 5.15 -14.16
C ARG A 10 -7.94 3.84 -14.79
N LEU A 11 -8.47 2.96 -13.94
CA LEU A 11 -8.93 1.63 -14.34
C LEU A 11 -10.45 1.63 -14.60
N LEU A 12 -10.83 1.48 -15.87
CA LEU A 12 -12.23 1.44 -16.31
C LEU A 12 -12.89 0.07 -16.13
N ASN A 13 -12.11 -1.01 -16.17
CA ASN A 13 -12.50 -2.34 -15.71
C ASN A 13 -11.76 -2.66 -14.40
N PRO A 14 -12.29 -2.24 -13.23
CA PRO A 14 -11.63 -2.42 -11.96
C PRO A 14 -11.70 -3.88 -11.53
N LYS A 15 -10.57 -4.56 -11.68
CA LYS A 15 -10.45 -5.98 -11.38
C LYS A 15 -10.63 -6.24 -9.87
N PRO A 16 -11.46 -7.22 -9.46
CA PRO A 16 -11.59 -7.60 -8.05
C PRO A 16 -10.25 -8.17 -7.57
N VAL A 17 -9.89 -7.94 -6.30
CA VAL A 17 -8.56 -8.29 -5.74
C VAL A 17 -8.69 -8.62 -4.26
N ASP A 18 -7.81 -9.52 -3.78
CA ASP A 18 -7.69 -9.89 -2.37
C ASP A 18 -6.29 -10.45 -2.07
N PHE A 19 -6.04 -10.91 -0.83
CA PHE A 19 -4.83 -11.62 -0.43
C PHE A 19 -4.96 -12.27 0.95
N ALA A 20 -3.93 -13.04 1.35
CA ALA A 20 -3.63 -13.29 2.75
C ALA A 20 -2.23 -12.75 3.09
N LEU A 21 -2.10 -12.15 4.26
CA LEU A 21 -0.88 -11.62 4.88
C LEU A 21 -0.93 -11.92 6.38
N GLU A 22 0.14 -11.63 7.10
CA GLU A 22 0.10 -11.54 8.56
C GLU A 22 0.39 -10.12 9.03
N GLY A 23 -0.16 -9.81 10.20
CA GLY A 23 -0.01 -8.54 10.92
C GLY A 23 0.29 -8.74 12.41
N PRO A 24 0.49 -7.66 13.19
CA PRO A 24 0.95 -7.69 14.58
C PRO A 24 -0.14 -8.11 15.58
N GLN A 25 -0.95 -9.11 15.22
CA GLN A 25 -2.09 -9.61 16.00
C GLN A 25 -2.63 -10.95 15.48
N GLY A 26 -2.41 -11.29 14.21
CA GLY A 26 -2.99 -12.46 13.56
C GLY A 26 -2.92 -12.36 12.02
N PRO A 27 -3.46 -13.36 11.28
CA PRO A 27 -3.55 -13.33 9.83
C PRO A 27 -4.59 -12.30 9.36
N VAL A 28 -4.36 -11.71 8.20
CA VAL A 28 -5.16 -10.61 7.63
C VAL A 28 -5.43 -10.88 6.14
N ARG A 29 -6.67 -10.64 5.70
CA ARG A 29 -7.05 -10.61 4.29
C ARG A 29 -7.55 -9.23 3.87
N LEU A 30 -7.37 -8.86 2.61
CA LEU A 30 -7.88 -7.60 2.06
C LEU A 30 -9.42 -7.56 2.04
N SER A 31 -10.09 -8.73 2.03
CA SER A 31 -11.54 -8.84 2.25
C SER A 31 -12.01 -8.07 3.50
N GLN A 32 -11.17 -8.02 4.55
CA GLN A 32 -11.48 -7.32 5.81
C GLN A 32 -11.58 -5.80 5.64
N PHE A 33 -11.29 -5.26 4.45
CA PHE A 33 -11.38 -3.85 4.08
C PHE A 33 -12.00 -3.63 2.68
N GLN A 34 -12.66 -4.65 2.11
CA GLN A 34 -13.25 -4.60 0.76
C GLN A 34 -14.31 -3.50 0.61
N ASP A 35 -15.05 -3.24 1.69
CA ASP A 35 -16.16 -2.29 1.83
C ASP A 35 -15.70 -0.81 1.89
N LYS A 36 -14.39 -0.56 1.85
CA LYS A 36 -13.79 0.78 1.94
C LYS A 36 -13.19 1.24 0.60
N VAL A 37 -12.56 2.41 0.63
CA VAL A 37 -11.44 2.82 -0.23
C VAL A 37 -10.17 2.57 0.61
N VAL A 38 -9.15 1.91 0.06
CA VAL A 38 -7.88 1.70 0.77
C VAL A 38 -6.67 1.99 -0.13
N LEU A 39 -5.64 2.56 0.50
CA LEU A 39 -4.33 2.83 -0.08
C LEU A 39 -3.36 1.72 0.32
N LEU A 40 -3.04 0.85 -0.64
CA LEU A 40 -2.13 -0.28 -0.48
C LEU A 40 -0.76 0.07 -1.07
N PHE A 41 0.32 -0.14 -0.32
CA PHE A 41 1.67 0.23 -0.72
C PHE A 41 2.71 -0.81 -0.27
N PHE A 42 3.61 -1.18 -1.20
CA PHE A 42 4.63 -2.21 -1.02
C PHE A 42 6.01 -1.58 -0.73
N GLY A 43 6.45 -1.72 0.52
CA GLY A 43 7.58 -1.01 1.15
C GLY A 43 8.45 -1.87 2.06
N PHE A 44 9.39 -1.20 2.75
CA PHE A 44 10.23 -1.83 3.77
C PHE A 44 10.82 -0.76 4.70
N THR A 45 10.95 -1.06 5.99
CA THR A 45 11.43 -0.16 7.05
C THR A 45 12.89 0.24 6.84
N ARG A 46 13.72 -0.61 6.22
CA ARG A 46 15.09 -0.29 5.80
C ARG A 46 15.13 0.62 4.56
N CYS A 47 14.24 1.60 4.46
CA CYS A 47 14.09 2.52 3.33
C CYS A 47 15.19 3.61 3.30
N PRO A 48 15.33 4.30 2.15
CA PRO A 48 15.78 5.67 2.12
C PRO A 48 14.57 6.57 2.49
N ASP A 49 13.97 7.27 1.53
CA ASP A 49 13.22 8.51 1.75
C ASP A 49 11.82 8.44 1.14
N VAL A 50 11.78 8.02 -0.12
CA VAL A 50 10.63 7.66 -0.93
C VAL A 50 9.54 6.90 -0.16
N CYS A 51 9.89 5.91 0.66
CA CYS A 51 8.91 5.10 1.38
C CYS A 51 8.14 5.95 2.43
N PRO A 52 8.81 6.56 3.44
CA PRO A 52 8.13 7.40 4.41
C PRO A 52 7.55 8.67 3.79
N THR A 53 8.20 9.30 2.80
CA THR A 53 7.70 10.55 2.22
C THR A 53 6.45 10.35 1.35
N THR A 54 6.35 9.22 0.63
CA THR A 54 5.09 8.75 0.01
C THR A 54 3.98 8.62 1.04
N LEU A 55 4.17 7.90 2.15
CA LEU A 55 3.13 7.79 3.18
C LEU A 55 2.75 9.15 3.78
N LEU A 56 3.70 10.08 3.91
CA LEU A 56 3.44 11.45 4.36
C LEU A 56 2.51 12.17 3.37
N ALA A 57 2.84 12.16 2.08
CA ALA A 57 2.02 12.81 1.05
C ALA A 57 0.62 12.20 0.94
N LEU A 58 0.51 10.88 1.03
CA LEU A 58 -0.76 10.14 1.11
C LEU A 58 -1.57 10.58 2.33
N LYS A 59 -1.03 10.51 3.55
CA LYS A 59 -1.81 10.81 4.75
C LYS A 59 -2.28 12.29 4.82
N ARG A 60 -1.53 13.21 4.20
CA ARG A 60 -1.93 14.61 3.99
C ARG A 60 -3.22 14.75 3.17
N ALA A 61 -3.54 13.79 2.29
CA ALA A 61 -4.82 13.75 1.57
C ALA A 61 -5.98 13.41 2.52
N TYR A 62 -5.83 12.37 3.34
CA TYR A 62 -6.81 11.98 4.37
C TYR A 62 -7.12 13.12 5.36
N GLU A 63 -6.08 13.85 5.79
CA GLU A 63 -6.18 15.02 6.67
C GLU A 63 -6.97 16.18 6.04
N LYS A 64 -7.14 16.20 4.71
CA LYS A 64 -7.87 17.22 3.97
C LYS A 64 -9.33 16.81 3.66
N LEU A 65 -9.68 15.53 3.82
CA LEU A 65 -11.05 15.02 3.70
C LEU A 65 -11.84 15.33 4.97
N PRO A 66 -13.18 15.56 4.91
CA PRO A 66 -14.00 15.65 6.09
C PRO A 66 -14.06 14.29 6.78
N PRO A 67 -14.30 14.24 8.11
CA PRO A 67 -14.36 12.99 8.85
C PRO A 67 -15.41 12.02 8.28
N LYS A 68 -16.46 12.52 7.61
CA LYS A 68 -17.52 11.63 7.09
C LYS A 68 -17.10 10.90 5.80
N ALA A 69 -16.13 11.47 5.08
CA ALA A 69 -15.37 10.74 4.07
C ALA A 69 -14.29 9.81 4.68
N GLN A 70 -13.60 10.22 5.76
CA GLN A 70 -12.51 9.44 6.36
C GLN A 70 -12.95 8.02 6.76
N GLU A 71 -14.20 7.83 7.21
CA GLU A 71 -14.87 6.53 7.48
C GLU A 71 -14.75 5.51 6.34
N ARG A 72 -14.45 6.00 5.13
CA ARG A 72 -14.28 5.23 3.91
C ARG A 72 -12.81 4.96 3.58
N VAL A 73 -11.85 5.66 4.17
CA VAL A 73 -10.43 5.68 3.75
C VAL A 73 -9.52 5.13 4.84
N GLN A 74 -8.73 4.11 4.51
CA GLN A 74 -7.73 3.52 5.40
C GLN A 74 -6.44 3.20 4.63
N VAL A 75 -5.34 2.96 5.33
CA VAL A 75 -4.02 2.76 4.70
C VAL A 75 -3.43 1.42 5.16
N ILE A 76 -2.88 0.66 4.21
CA ILE A 76 -2.40 -0.71 4.46
C ILE A 76 -1.01 -0.82 3.84
N PHE A 77 -0.04 -0.98 4.73
CA PHE A 77 1.39 -0.98 4.40
C PHE A 77 1.89 -2.42 4.36
N VAL A 78 2.31 -2.89 3.19
CA VAL A 78 2.85 -4.23 2.99
C VAL A 78 4.36 -4.14 2.98
N SER A 79 5.00 -4.67 4.03
CA SER A 79 6.45 -4.75 4.13
C SER A 79 6.98 -6.05 3.53
N VAL A 80 7.95 -5.92 2.64
CA VAL A 80 8.14 -6.89 1.53
C VAL A 80 9.25 -7.93 1.76
N ASP A 81 10.12 -7.71 2.75
CA ASP A 81 11.10 -8.71 3.19
C ASP A 81 10.74 -9.19 4.61
N PRO A 82 9.99 -10.29 4.77
CA PRO A 82 9.63 -10.80 6.10
C PRO A 82 10.80 -11.46 6.84
N GLU A 83 11.95 -11.69 6.18
CA GLU A 83 13.17 -12.18 6.83
C GLU A 83 13.98 -11.02 7.45
N ARG A 84 13.39 -9.81 7.53
CA ARG A 84 14.05 -8.58 8.01
C ARG A 84 13.09 -7.50 8.53
N ASP A 85 11.88 -7.40 7.98
CA ASP A 85 10.93 -6.30 8.15
C ASP A 85 9.63 -6.75 8.89
N PRO A 86 9.72 -7.26 10.14
CA PRO A 86 8.62 -7.98 10.80
C PRO A 86 7.40 -7.09 11.07
N PRO A 87 6.19 -7.69 11.17
CA PRO A 87 4.92 -6.98 11.07
C PRO A 87 4.76 -5.87 12.09
N GLU A 88 5.26 -6.03 13.31
CA GLU A 88 5.26 -4.94 14.30
C GLU A 88 6.08 -3.73 13.85
N VAL A 89 7.29 -3.94 13.31
CA VAL A 89 8.22 -2.84 12.96
C VAL A 89 7.70 -2.08 11.73
N ALA A 90 7.13 -2.81 10.77
CA ALA A 90 6.35 -2.25 9.67
C ALA A 90 5.15 -1.43 10.19
N ASP A 91 4.37 -1.97 11.13
CA ASP A 91 3.19 -1.30 11.71
C ASP A 91 3.55 -0.03 12.50
N ARG A 92 4.66 -0.01 13.23
CA ARG A 92 5.09 1.18 13.99
C ARG A 92 5.45 2.34 13.05
N TYR A 93 6.18 2.06 11.98
CA TYR A 93 6.55 3.07 10.97
C TYR A 93 5.34 3.53 10.13
N ALA A 94 4.42 2.62 9.81
CA ALA A 94 3.11 2.93 9.24
C ALA A 94 2.28 3.86 10.16
N LYS A 95 2.17 3.52 11.44
CA LYS A 95 1.46 4.32 12.47
C LYS A 95 2.05 5.71 12.69
N ALA A 96 3.36 5.91 12.51
CA ALA A 96 4.05 7.18 12.70
C ALA A 96 3.48 8.32 11.83
N PHE A 97 2.79 7.95 10.74
CA PHE A 97 2.01 8.90 9.92
C PHE A 97 0.65 9.22 10.51
N HIS A 98 -0.05 8.24 11.08
CA HIS A 98 -1.47 8.28 11.40
C HIS A 98 -1.89 6.95 12.09
N PRO A 99 -2.77 6.95 13.12
CA PRO A 99 -3.11 5.72 13.84
C PRO A 99 -3.90 4.68 13.03
N SER A 100 -4.71 5.10 12.05
CA SER A 100 -5.54 4.21 11.20
C SER A 100 -4.77 3.52 10.05
N PHE A 101 -3.51 3.16 10.31
CA PHE A 101 -2.70 2.27 9.48
C PHE A 101 -2.69 0.83 10.02
N LEU A 102 -2.65 -0.14 9.11
CA LEU A 102 -2.18 -1.50 9.39
C LEU A 102 -0.82 -1.72 8.70
N GLY A 103 0.16 -2.23 9.44
CA GLY A 103 1.41 -2.77 8.89
C GLY A 103 1.35 -4.29 8.82
N LEU A 104 1.64 -4.83 7.64
CA LEU A 104 1.63 -6.25 7.33
C LEU A 104 3.01 -6.68 6.81
N SER A 105 3.61 -7.67 7.46
CA SER A 105 4.60 -8.54 6.84
C SER A 105 4.41 -9.92 7.45
N GLY A 106 4.18 -10.93 6.61
CA GLY A 106 3.95 -12.30 7.05
C GLY A 106 4.86 -13.28 6.35
N SER A 107 4.58 -14.55 6.49
CA SER A 107 5.24 -15.63 5.74
C SER A 107 5.48 -15.25 4.25
N PRO A 108 6.65 -15.58 3.67
CA PRO A 108 7.02 -15.14 2.34
C PRO A 108 6.08 -15.68 1.25
N GLU A 109 5.41 -16.80 1.48
CA GLU A 109 4.34 -17.29 0.60
C GLU A 109 3.05 -16.46 0.72
N ALA A 110 2.65 -15.98 1.91
CA ALA A 110 1.55 -15.03 2.04
C ALA A 110 1.89 -13.67 1.37
N VAL A 111 3.08 -13.13 1.65
CA VAL A 111 3.60 -11.92 0.95
C VAL A 111 3.63 -12.11 -0.59
N ARG A 112 3.93 -13.33 -1.07
CA ARG A 112 3.85 -13.69 -2.49
C ARG A 112 2.44 -13.50 -3.06
N GLU A 113 1.40 -14.06 -2.45
CA GLU A 113 0.07 -14.05 -3.08
C GLU A 113 -0.57 -12.65 -3.19
N ALA A 114 -0.26 -11.74 -2.24
CA ALA A 114 -0.57 -10.32 -2.40
C ALA A 114 0.13 -9.72 -3.63
N ALA A 115 1.44 -9.93 -3.75
CA ALA A 115 2.22 -9.38 -4.86
C ALA A 115 1.74 -9.88 -6.23
N GLN A 116 1.50 -11.20 -6.37
CA GLN A 116 1.01 -11.79 -7.61
C GLN A 116 -0.33 -11.20 -8.05
N THR A 117 -1.21 -10.87 -7.10
CA THR A 117 -2.56 -10.39 -7.40
C THR A 117 -2.56 -9.00 -8.01
N PHE A 118 -1.73 -8.09 -7.48
CA PHE A 118 -1.50 -6.75 -8.05
C PHE A 118 -0.60 -6.71 -9.29
N GLY A 119 0.18 -7.76 -9.57
CA GLY A 119 1.22 -7.75 -10.61
C GLY A 119 2.55 -7.17 -10.13
N VAL A 120 2.82 -7.25 -8.83
CA VAL A 120 4.03 -6.78 -8.14
C VAL A 120 5.09 -7.88 -8.18
N PHE A 121 6.34 -7.49 -8.45
CA PHE A 121 7.50 -8.38 -8.56
C PHE A 121 8.73 -7.85 -7.79
N TYR A 122 9.56 -8.79 -7.33
CA TYR A 122 10.70 -8.56 -6.44
C TYR A 122 11.91 -9.44 -6.75
N GLN A 123 13.11 -9.05 -6.28
CA GLN A 123 14.33 -9.83 -6.41
C GLN A 123 15.16 -9.70 -5.11
N LYS A 124 15.62 -10.80 -4.50
CA LYS A 124 16.54 -10.70 -3.35
C LYS A 124 17.98 -10.82 -3.89
N SER A 125 18.81 -9.81 -3.64
CA SER A 125 20.11 -9.62 -4.30
C SER A 125 21.28 -9.80 -3.32
N GLN A 126 22.42 -10.32 -3.83
CA GLN A 126 23.62 -10.69 -3.07
C GLN A 126 23.42 -11.81 -2.04
N TYR A 127 22.17 -12.27 -1.84
CA TYR A 127 21.62 -13.07 -0.73
C TYR A 127 22.51 -14.19 -0.13
N ARG A 128 23.38 -14.83 -0.92
CA ARG A 128 24.49 -15.67 -0.43
C ARG A 128 25.68 -14.79 0.02
N GLY A 129 25.37 -13.79 0.83
CA GLY A 129 26.21 -12.64 1.15
C GLY A 129 27.07 -12.82 2.40
N PRO A 130 27.89 -11.81 2.77
CA PRO A 130 28.80 -11.86 3.91
C PRO A 130 28.05 -11.54 5.22
N GLY A 131 26.97 -12.29 5.52
CA GLY A 131 26.10 -12.02 6.68
C GLY A 131 25.12 -10.86 6.46
N GLU A 132 25.02 -10.37 5.23
CA GLU A 132 24.25 -9.18 4.86
C GLU A 132 23.93 -9.23 3.35
N TYR A 133 22.84 -8.57 2.95
CA TYR A 133 22.22 -8.63 1.61
C TYR A 133 21.23 -7.46 1.37
N LEU A 134 20.63 -7.38 0.19
CA LEU A 134 19.58 -6.38 -0.12
C LEU A 134 18.44 -6.97 -0.96
N VAL A 135 17.38 -6.18 -1.19
CA VAL A 135 16.17 -6.60 -1.90
C VAL A 135 15.74 -5.47 -2.84
N ASP A 136 15.39 -5.85 -4.06
CA ASP A 136 14.75 -5.02 -5.08
C ASP A 136 13.24 -5.31 -5.11
N HIS A 137 12.44 -4.26 -5.24
CA HIS A 137 11.00 -4.27 -5.13
C HIS A 137 10.27 -3.35 -6.12
N THR A 138 9.14 -3.83 -6.64
CA THR A 138 8.11 -3.00 -7.30
C THR A 138 7.44 -2.11 -6.26
N ALA A 139 8.02 -0.93 -6.05
CA ALA A 139 7.60 0.09 -5.06
C ALA A 139 6.34 0.87 -5.49
N THR A 140 5.29 0.18 -5.93
CA THR A 140 4.10 0.77 -6.56
C THR A 140 2.98 0.97 -5.54
N THR A 141 2.20 2.04 -5.72
CA THR A 141 1.00 2.37 -4.93
C THR A 141 -0.24 1.95 -5.70
N PHE A 142 -1.17 1.31 -4.99
CA PHE A 142 -2.38 0.68 -5.54
C PHE A 142 -3.62 1.21 -4.81
N VAL A 143 -4.58 1.76 -5.56
CA VAL A 143 -5.86 2.22 -4.99
C VAL A 143 -6.93 1.16 -5.24
N VAL A 144 -7.57 0.73 -4.17
CA VAL A 144 -8.62 -0.31 -4.16
C VAL A 144 -9.89 0.28 -3.52
N LYS A 145 -11.05 0.16 -4.19
CA LYS A 145 -12.37 0.31 -3.55
C LYS A 145 -13.26 -0.91 -3.84
N GLU A 146 -14.21 -1.27 -2.96
CA GLU A 146 -15.34 -2.15 -3.35
C GLU A 146 -14.91 -3.62 -3.63
N GLY A 147 -13.76 -4.02 -3.06
CA GLY A 147 -13.09 -5.30 -3.31
C GLY A 147 -12.30 -5.35 -4.62
N ARG A 148 -12.06 -4.21 -5.29
CA ARG A 148 -11.44 -4.12 -6.63
C ARG A 148 -10.47 -2.96 -6.82
N LEU A 149 -9.43 -3.21 -7.62
CA LEU A 149 -8.37 -2.24 -7.92
C LEU A 149 -8.92 -1.18 -8.87
N VAL A 150 -8.85 0.10 -8.49
CA VAL A 150 -9.55 1.21 -9.16
C VAL A 150 -8.61 2.27 -9.74
N LEU A 151 -7.32 2.29 -9.34
CA LEU A 151 -6.30 3.23 -9.81
C LEU A 151 -4.88 2.72 -9.51
N LEU A 152 -3.97 2.86 -10.48
CA LEU A 152 -2.53 2.65 -10.31
C LEU A 152 -1.79 3.99 -10.14
N TYR A 153 -0.97 4.08 -9.11
CA TYR A 153 -0.02 5.16 -8.86
C TYR A 153 1.43 4.60 -8.84
N SER A 154 2.28 5.13 -7.96
CA SER A 154 3.76 5.10 -7.91
C SER A 154 4.17 6.26 -6.97
N PRO A 155 5.36 6.25 -6.35
CA PRO A 155 5.76 7.31 -5.42
C PRO A 155 5.74 8.67 -6.11
N ASP A 156 6.39 8.78 -7.27
CA ASP A 156 6.47 10.00 -8.07
C ASP A 156 5.15 10.44 -8.73
N LYS A 157 4.04 9.75 -8.42
CA LYS A 157 2.67 10.15 -8.74
C LYS A 157 1.80 10.36 -7.50
N ALA A 158 1.99 9.56 -6.44
CA ALA A 158 1.28 9.63 -5.17
C ALA A 158 1.76 10.83 -4.31
N GLU A 159 3.05 11.15 -4.38
CA GLU A 159 3.65 12.31 -3.71
C GLU A 159 3.07 13.65 -4.20
N ALA A 160 2.35 13.67 -5.33
CA ALA A 160 1.40 14.74 -5.64
C ALA A 160 0.10 14.57 -4.82
N THR A 161 0.15 14.84 -3.49
CA THR A 161 -0.99 14.75 -2.54
C THR A 161 -2.31 15.16 -3.18
N ASP A 162 -2.39 16.41 -3.64
CA ASP A 162 -3.64 17.01 -4.11
C ASP A 162 -4.15 16.40 -5.44
N ARG A 163 -3.32 15.67 -6.20
CA ARG A 163 -3.80 14.76 -7.24
C ARG A 163 -4.56 13.58 -6.65
N VAL A 164 -3.97 12.93 -5.63
CA VAL A 164 -4.58 11.81 -4.91
C VAL A 164 -5.87 12.27 -4.21
N VAL A 165 -5.89 13.47 -3.61
CA VAL A 165 -7.11 14.09 -3.05
C VAL A 165 -8.24 14.14 -4.09
N ALA A 166 -7.96 14.58 -5.33
CA ALA A 166 -8.99 14.73 -6.36
C ALA A 166 -9.55 13.40 -6.87
N ASP A 167 -8.73 12.38 -7.14
CA ASP A 167 -9.30 11.08 -7.60
C ASP A 167 -9.94 10.30 -6.45
N LEU A 168 -9.47 10.45 -5.19
CA LEU A 168 -10.21 9.96 -4.03
C LEU A 168 -11.58 10.64 -3.92
N GLN A 169 -11.65 11.97 -4.09
CA GLN A 169 -12.92 12.72 -4.15
C GLN A 169 -13.81 12.24 -5.30
N ALA A 170 -13.23 11.90 -6.45
CA ALA A 170 -13.91 11.36 -7.62
C ALA A 170 -14.40 9.90 -7.49
N LEU A 171 -13.90 9.15 -6.50
CA LEU A 171 -14.18 7.74 -6.23
C LEU A 171 -14.83 7.52 -4.84
N LEU A 172 -15.24 8.58 -4.14
CA LEU A 172 -15.69 8.58 -2.73
C LEU A 172 -16.61 7.43 -2.28
N GLY A 1 -14.75 25.35 -10.15
CA GLY A 1 -15.01 25.80 -8.77
C GLY A 1 -13.82 25.36 -7.96
N ALA A 2 -14.01 24.36 -7.10
CA ALA A 2 -13.00 23.30 -6.98
C ALA A 2 -12.84 22.55 -8.32
N MET A 3 -11.92 21.58 -8.36
CA MET A 3 -11.60 20.75 -9.53
C MET A 3 -10.88 19.48 -9.08
N HIS A 4 -11.02 18.39 -9.84
CA HIS A 4 -10.33 17.13 -9.62
C HIS A 4 -9.68 16.69 -10.95
N THR A 5 -8.41 16.28 -10.90
CA THR A 5 -7.64 15.86 -12.09
C THR A 5 -6.54 14.90 -11.65
N PHE A 6 -6.54 13.74 -12.27
CA PHE A 6 -5.72 12.57 -11.92
C PHE A 6 -4.71 12.21 -13.03
N TYR A 7 -3.75 11.33 -12.74
CA TYR A 7 -2.77 10.79 -13.71
C TYR A 7 -2.17 9.43 -13.34
N GLY A 8 -2.87 8.67 -12.47
CA GLY A 8 -2.53 7.29 -12.13
C GLY A 8 -2.87 6.33 -13.28
N THR A 9 -2.35 5.10 -13.22
CA THR A 9 -2.55 4.06 -14.25
C THR A 9 -3.91 3.42 -14.04
N ARG A 10 -4.93 4.15 -14.46
CA ARG A 10 -6.34 3.81 -14.27
C ARG A 10 -6.74 2.67 -15.19
N LEU A 11 -7.56 1.75 -14.66
CA LEU A 11 -7.84 0.49 -15.34
C LEU A 11 -8.88 0.64 -16.46
N LEU A 12 -8.75 -0.20 -17.49
CA LEU A 12 -9.75 -0.41 -18.55
C LEU A 12 -10.97 -1.19 -18.03
N ASN A 13 -10.74 -2.14 -17.13
CA ASN A 13 -11.75 -2.93 -16.41
C ASN A 13 -11.16 -3.44 -15.08
N PRO A 14 -11.97 -3.56 -14.01
CA PRO A 14 -11.49 -3.88 -12.66
C PRO A 14 -11.17 -5.38 -12.51
N LYS A 15 -10.15 -5.67 -11.71
CA LYS A 15 -9.75 -7.03 -11.36
C LYS A 15 -9.96 -7.27 -9.86
N PRO A 16 -10.62 -8.36 -9.43
CA PRO A 16 -10.83 -8.63 -8.02
C PRO A 16 -9.49 -9.02 -7.36
N VAL A 17 -9.37 -8.81 -6.04
CA VAL A 17 -8.14 -9.06 -5.25
C VAL A 17 -8.50 -9.39 -3.80
N ASP A 18 -7.79 -10.35 -3.22
CA ASP A 18 -7.84 -10.73 -1.80
C ASP A 18 -6.63 -11.62 -1.44
N PHE A 19 -6.14 -11.53 -0.21
CA PHE A 19 -4.85 -12.07 0.22
C PHE A 19 -4.85 -12.47 1.71
N ALA A 20 -3.70 -12.91 2.25
CA ALA A 20 -3.50 -13.13 3.69
C ALA A 20 -2.09 -12.69 4.09
N LEU A 21 -1.98 -11.81 5.10
CA LEU A 21 -0.75 -11.27 5.68
C LEU A 21 -0.88 -11.17 7.21
N GLU A 22 0.16 -10.67 7.88
CA GLU A 22 0.45 -10.91 9.29
C GLU A 22 0.85 -9.59 9.97
N GLY A 23 0.23 -9.26 11.10
CA GLY A 23 0.45 -8.03 11.86
C GLY A 23 0.91 -8.30 13.31
N PRO A 24 1.19 -7.27 14.13
CA PRO A 24 1.69 -7.38 15.50
C PRO A 24 0.60 -7.80 16.52
N GLN A 25 -0.28 -8.72 16.10
CA GLN A 25 -1.45 -9.17 16.86
C GLN A 25 -2.09 -10.45 16.26
N GLY A 26 -1.89 -10.74 14.97
CA GLY A 26 -2.50 -11.89 14.29
C GLY A 26 -2.53 -11.72 12.76
N PRO A 27 -3.11 -12.70 12.03
CA PRO A 27 -3.29 -12.65 10.58
C PRO A 27 -4.44 -11.72 10.18
N VAL A 28 -4.34 -11.10 9.01
CA VAL A 28 -5.31 -10.15 8.42
C VAL A 28 -5.49 -10.46 6.92
N ARG A 29 -6.72 -10.37 6.43
CA ARG A 29 -7.07 -10.51 5.01
C ARG A 29 -7.70 -9.23 4.46
N LEU A 30 -7.58 -8.99 3.15
CA LEU A 30 -8.29 -7.90 2.47
C LEU A 30 -9.82 -8.10 2.56
N SER A 31 -10.27 -9.35 2.65
CA SER A 31 -11.67 -9.71 2.96
C SER A 31 -12.22 -9.18 4.30
N GLN A 32 -11.41 -8.55 5.16
CA GLN A 32 -11.87 -7.81 6.35
C GLN A 32 -12.26 -6.36 6.03
N PHE A 33 -11.81 -5.81 4.89
CA PHE A 33 -12.00 -4.40 4.49
C PHE A 33 -12.64 -4.27 3.09
N GLN A 34 -13.11 -5.39 2.54
CA GLN A 34 -13.65 -5.50 1.17
C GLN A 34 -15.01 -4.81 0.99
N ASP A 35 -15.65 -4.39 2.06
CA ASP A 35 -16.81 -3.47 2.05
C ASP A 35 -16.43 -2.05 1.58
N LYS A 36 -15.14 -1.70 1.57
CA LYS A 36 -14.64 -0.31 1.50
C LYS A 36 -13.56 -0.08 0.41
N VAL A 37 -12.86 1.05 0.48
CA VAL A 37 -11.69 1.42 -0.32
C VAL A 37 -10.46 1.09 0.52
N VAL A 38 -9.41 0.55 -0.10
CA VAL A 38 -8.11 0.30 0.56
C VAL A 38 -6.97 0.72 -0.37
N LEU A 39 -5.96 1.34 0.22
CA LEU A 39 -4.67 1.67 -0.37
C LEU A 39 -3.62 0.65 0.12
N LEU A 40 -2.99 -0.06 -0.81
CA LEU A 40 -1.99 -1.10 -0.57
C LEU A 40 -0.61 -0.63 -1.04
N PHE A 41 0.40 -0.65 -0.17
CA PHE A 41 1.75 -0.18 -0.51
C PHE A 41 2.87 -1.00 0.15
N PHE A 42 3.91 -1.28 -0.65
CA PHE A 42 5.02 -2.18 -0.32
C PHE A 42 6.27 -1.40 0.11
N GLY A 43 6.80 -1.73 1.28
CA GLY A 43 7.99 -1.12 1.90
C GLY A 43 8.87 -2.16 2.61
N PHE A 44 9.88 -1.66 3.33
CA PHE A 44 10.87 -2.48 4.04
C PHE A 44 11.51 -1.71 5.21
N THR A 45 10.72 -0.80 5.81
CA THR A 45 11.03 0.19 6.87
C THR A 45 12.30 1.01 6.66
N ARG A 46 13.49 0.40 6.62
CA ARG A 46 14.79 0.98 6.23
C ARG A 46 14.87 1.42 4.74
N CYS A 47 13.74 1.74 4.11
CA CYS A 47 13.66 2.43 2.82
C CYS A 47 14.41 3.78 2.81
N PRO A 48 14.78 4.32 1.62
CA PRO A 48 15.60 5.53 1.52
C PRO A 48 14.80 6.81 1.80
N ASP A 49 13.66 7.03 1.12
CA ASP A 49 12.80 8.23 1.29
C ASP A 49 11.47 8.03 0.53
N VAL A 50 11.57 7.51 -0.69
CA VAL A 50 10.46 7.20 -1.61
C VAL A 50 9.19 6.59 -0.98
N CYS A 51 9.34 5.73 0.04
CA CYS A 51 8.21 5.19 0.81
C CYS A 51 7.60 6.22 1.79
N PRO A 52 8.34 6.85 2.74
CA PRO A 52 7.78 7.85 3.65
C PRO A 52 7.26 9.11 2.95
N THR A 53 7.85 9.60 1.84
CA THR A 53 7.22 10.68 1.04
C THR A 53 5.86 10.25 0.50
N THR A 54 5.79 9.04 -0.08
CA THR A 54 4.54 8.45 -0.58
C THR A 54 3.53 8.20 0.54
N LEU A 55 3.92 7.74 1.74
CA LEU A 55 3.00 7.66 2.88
C LEU A 55 2.56 9.04 3.38
N LEU A 56 3.41 10.08 3.29
CA LEU A 56 3.02 11.45 3.61
C LEU A 56 1.97 11.95 2.62
N ALA A 57 2.14 11.71 1.32
CA ALA A 57 1.18 12.06 0.28
C ALA A 57 -0.13 11.28 0.41
N LEU A 58 -0.06 9.96 0.61
CA LEU A 58 -1.22 9.08 0.86
C LEU A 58 -2.03 9.56 2.07
N LYS A 59 -1.38 9.82 3.22
CA LYS A 59 -2.08 10.38 4.38
C LYS A 59 -2.59 11.81 4.10
N ARG A 60 -1.88 12.63 3.31
CA ARG A 60 -2.30 14.00 2.94
C ARG A 60 -3.52 14.02 2.02
N ALA A 61 -3.75 12.97 1.22
CA ALA A 61 -4.98 12.82 0.45
C ALA A 61 -6.18 12.67 1.39
N TYR A 62 -6.12 11.72 2.34
CA TYR A 62 -7.13 11.50 3.38
C TYR A 62 -7.39 12.74 4.26
N GLU A 63 -6.34 13.49 4.64
CA GLU A 63 -6.47 14.76 5.38
C GLU A 63 -7.16 15.86 4.55
N LYS A 64 -7.23 15.70 3.23
CA LYS A 64 -7.89 16.63 2.30
C LYS A 64 -9.23 16.07 1.74
N LEU A 65 -9.62 14.84 2.10
CA LEU A 65 -10.91 14.25 1.71
C LEU A 65 -12.04 14.76 2.62
N PRO A 66 -13.27 14.95 2.08
CA PRO A 66 -14.45 15.26 2.88
C PRO A 66 -14.88 14.03 3.70
N PRO A 67 -15.72 14.22 4.73
CA PRO A 67 -16.21 13.10 5.53
C PRO A 67 -16.99 12.07 4.70
N LYS A 68 -17.64 12.45 3.60
CA LYS A 68 -18.39 11.47 2.78
C LYS A 68 -17.51 10.59 1.89
N ALA A 69 -16.28 11.03 1.60
CA ALA A 69 -15.20 10.15 1.18
C ALA A 69 -14.63 9.35 2.37
N GLN A 70 -14.31 9.96 3.51
CA GLN A 70 -13.57 9.27 4.58
C GLN A 70 -14.28 8.01 5.11
N GLU A 71 -15.62 7.96 5.11
CA GLU A 71 -16.44 6.79 5.51
C GLU A 71 -15.93 5.47 4.94
N ARG A 72 -15.41 5.53 3.70
CA ARG A 72 -14.94 4.35 2.98
C ARG A 72 -13.42 4.16 2.94
N VAL A 73 -12.60 4.95 3.65
CA VAL A 73 -11.13 4.90 3.52
C VAL A 73 -10.49 4.01 4.59
N GLN A 74 -9.83 2.94 4.15
CA GLN A 74 -8.80 2.22 4.89
C GLN A 74 -7.44 2.38 4.19
N VAL A 75 -6.34 2.14 4.91
CA VAL A 75 -4.99 2.02 4.33
C VAL A 75 -4.28 0.84 5.01
N ILE A 76 -3.69 -0.03 4.20
CA ILE A 76 -2.96 -1.22 4.66
C ILE A 76 -1.58 -1.24 3.99
N PHE A 77 -0.54 -1.17 4.82
CA PHE A 77 0.85 -1.20 4.41
C PHE A 77 1.37 -2.63 4.54
N VAL A 78 2.29 -3.02 3.67
CA VAL A 78 2.94 -4.33 3.71
C VAL A 78 4.46 -4.15 3.59
N SER A 79 5.20 -4.97 4.31
CA SER A 79 6.62 -5.16 4.03
C SER A 79 6.88 -6.10 2.83
N VAL A 80 8.14 -6.41 2.56
CA VAL A 80 8.59 -7.26 1.44
C VAL A 80 9.85 -8.08 1.75
N ASP A 81 10.68 -7.70 2.74
CA ASP A 81 11.75 -8.55 3.26
C ASP A 81 11.40 -9.10 4.66
N PRO A 82 10.84 -10.32 4.76
CA PRO A 82 10.43 -10.91 6.03
C PRO A 82 11.61 -11.49 6.82
N GLU A 83 12.77 -11.71 6.21
CA GLU A 83 14.01 -12.11 6.90
C GLU A 83 14.63 -10.93 7.70
N ARG A 84 13.95 -9.77 7.76
CA ARG A 84 14.57 -8.53 8.24
C ARG A 84 13.61 -7.45 8.76
N ASP A 85 12.41 -7.29 8.20
CA ASP A 85 11.41 -6.31 8.64
C ASP A 85 10.22 -7.02 9.33
N PRO A 86 10.19 -7.15 10.67
CA PRO A 86 9.13 -7.88 11.37
C PRO A 86 7.84 -7.04 11.48
N PRO A 87 6.66 -7.68 11.67
CA PRO A 87 5.35 -7.00 11.63
C PRO A 87 5.22 -5.82 12.59
N GLU A 88 5.91 -5.88 13.73
CA GLU A 88 6.02 -4.77 14.68
C GLU A 88 6.64 -3.51 14.06
N VAL A 89 7.80 -3.63 13.42
CA VAL A 89 8.52 -2.44 12.91
C VAL A 89 7.77 -1.87 11.70
N ALA A 90 7.21 -2.73 10.85
CA ALA A 90 6.34 -2.37 9.74
C ALA A 90 5.03 -1.65 10.15
N ASP A 91 4.31 -2.11 11.19
CA ASP A 91 3.10 -1.44 11.69
C ASP A 91 3.38 -0.12 12.41
N ARG A 92 4.41 -0.06 13.25
CA ARG A 92 4.83 1.16 13.96
C ARG A 92 5.17 2.30 13.00
N TYR A 93 5.84 1.92 11.93
CA TYR A 93 6.13 2.78 10.78
C TYR A 93 4.87 3.34 10.12
N ALA A 94 3.95 2.47 9.71
CA ALA A 94 2.65 2.86 9.13
C ALA A 94 1.89 3.86 10.04
N LYS A 95 1.89 3.59 11.35
CA LYS A 95 1.24 4.42 12.39
C LYS A 95 1.81 5.83 12.51
N ALA A 96 3.12 6.02 12.29
CA ALA A 96 3.81 7.29 12.50
C ALA A 96 3.28 8.39 11.55
N PHE A 97 2.74 7.99 10.41
CA PHE A 97 2.06 8.86 9.47
C PHE A 97 0.66 9.32 9.92
N HIS A 98 -0.11 8.43 10.55
CA HIS A 98 -1.51 8.65 10.94
C HIS A 98 -2.04 7.43 11.71
N PRO A 99 -2.74 7.58 12.86
CA PRO A 99 -3.01 6.47 13.76
C PRO A 99 -4.01 5.43 13.23
N SER A 100 -4.89 5.76 12.30
CA SER A 100 -5.84 4.79 11.71
C SER A 100 -5.21 3.84 10.66
N PHE A 101 -3.88 3.67 10.64
CA PHE A 101 -3.16 2.82 9.68
C PHE A 101 -2.89 1.42 10.27
N LEU A 102 -2.70 0.44 9.39
CA LEU A 102 -2.20 -0.90 9.71
C LEU A 102 -1.00 -1.23 8.81
N GLY A 103 0.08 -1.77 9.38
CA GLY A 103 1.21 -2.38 8.65
C GLY A 103 1.33 -3.88 8.93
N LEU A 104 1.75 -4.63 7.92
CA LEU A 104 1.80 -6.09 7.95
C LEU A 104 3.15 -6.61 7.42
N SER A 105 3.77 -7.56 8.12
CA SER A 105 4.88 -8.35 7.60
C SER A 105 4.77 -9.77 8.15
N GLY A 106 4.98 -10.79 7.32
CA GLY A 106 4.69 -12.17 7.69
C GLY A 106 5.53 -13.21 6.99
N SER A 107 5.07 -14.45 7.03
CA SER A 107 5.76 -15.55 6.35
C SER A 107 6.03 -15.23 4.85
N PRO A 108 7.17 -15.66 4.27
CA PRO A 108 7.52 -15.34 2.89
C PRO A 108 6.48 -15.90 1.90
N GLU A 109 5.82 -17.01 2.24
CA GLU A 109 4.70 -17.55 1.46
C GLU A 109 3.49 -16.59 1.48
N ALA A 110 3.14 -16.05 2.65
CA ALA A 110 2.11 -15.02 2.78
C ALA A 110 2.50 -13.75 1.99
N VAL A 111 3.75 -13.29 2.11
CA VAL A 111 4.27 -12.14 1.34
C VAL A 111 4.07 -12.37 -0.17
N ARG A 112 4.41 -13.55 -0.71
CA ARG A 112 4.22 -13.84 -2.14
C ARG A 112 2.77 -13.96 -2.57
N GLU A 113 1.90 -14.56 -1.76
CA GLU A 113 0.46 -14.65 -2.05
C GLU A 113 -0.19 -13.28 -2.24
N ALA A 114 0.08 -12.32 -1.34
CA ALA A 114 -0.39 -10.95 -1.51
C ALA A 114 0.23 -10.29 -2.76
N ALA A 115 1.56 -10.28 -2.84
CA ALA A 115 2.33 -9.64 -3.90
C ALA A 115 1.88 -10.10 -5.30
N GLN A 116 1.81 -11.40 -5.56
CA GLN A 116 1.47 -11.95 -6.86
C GLN A 116 0.02 -11.62 -7.25
N THR A 117 -0.91 -11.55 -6.28
CA THR A 117 -2.33 -11.18 -6.50
C THR A 117 -2.47 -9.75 -7.03
N PHE A 118 -1.64 -8.84 -6.53
CA PHE A 118 -1.45 -7.48 -7.04
C PHE A 118 -0.62 -7.36 -8.33
N GLY A 119 0.21 -8.36 -8.66
CA GLY A 119 1.19 -8.31 -9.77
C GLY A 119 2.57 -7.79 -9.35
N VAL A 120 2.85 -7.71 -8.05
CA VAL A 120 4.18 -7.34 -7.53
C VAL A 120 5.19 -8.44 -7.84
N PHE A 121 6.21 -8.03 -8.59
CA PHE A 121 7.48 -8.72 -8.74
C PHE A 121 8.52 -8.07 -7.82
N TYR A 122 9.23 -8.91 -7.07
CA TYR A 122 10.44 -8.57 -6.34
C TYR A 122 11.43 -9.75 -6.39
N GLN A 123 12.72 -9.44 -6.40
CA GLN A 123 13.80 -10.44 -6.32
C GLN A 123 14.76 -10.00 -5.21
N LYS A 124 15.79 -10.79 -4.88
CA LYS A 124 16.89 -10.28 -4.05
C LYS A 124 18.28 -10.59 -4.61
N SER A 125 19.16 -9.61 -4.44
CA SER A 125 20.36 -9.37 -5.24
C SER A 125 21.52 -8.87 -4.35
N GLN A 126 22.71 -8.66 -4.91
CA GLN A 126 23.86 -8.07 -4.19
C GLN A 126 24.26 -8.89 -2.95
N TYR A 127 24.26 -10.23 -3.06
CA TYR A 127 24.48 -11.15 -1.93
C TYR A 127 25.84 -10.94 -1.23
N ARG A 128 25.80 -10.15 -0.15
CA ARG A 128 26.90 -9.69 0.68
C ARG A 128 27.24 -10.71 1.79
N GLY A 129 26.30 -11.60 2.13
CA GLY A 129 26.49 -12.74 3.04
C GLY A 129 25.15 -13.35 3.45
N PRO A 130 25.15 -14.41 4.29
CA PRO A 130 23.92 -14.96 4.84
C PRO A 130 23.23 -13.88 5.69
N GLY A 131 22.01 -13.49 5.30
CA GLY A 131 21.28 -12.39 5.94
C GLY A 131 21.74 -10.98 5.54
N GLU A 132 22.60 -10.84 4.53
CA GLU A 132 23.11 -9.56 4.02
C GLU A 132 23.04 -9.48 2.49
N TYR A 133 22.34 -8.47 1.97
CA TYR A 133 21.92 -8.33 0.56
C TYR A 133 21.16 -7.01 0.29
N LEU A 134 20.72 -6.80 -0.95
CA LEU A 134 19.68 -5.82 -1.37
C LEU A 134 18.51 -6.60 -2.00
N VAL A 135 17.32 -5.99 -2.11
CA VAL A 135 16.17 -6.60 -2.83
C VAL A 135 15.67 -5.61 -3.87
N ASP A 136 15.21 -6.14 -5.00
CA ASP A 136 14.82 -5.37 -6.18
C ASP A 136 13.28 -5.24 -6.20
N HIS A 137 12.73 -4.02 -6.22
CA HIS A 137 11.29 -3.78 -6.00
C HIS A 137 10.59 -3.08 -7.18
N THR A 138 9.32 -3.45 -7.46
CA THR A 138 8.43 -2.69 -8.38
C THR A 138 7.85 -1.39 -7.78
N ALA A 139 7.88 -1.24 -6.45
CA ALA A 139 7.65 0.02 -5.70
C ALA A 139 6.25 0.66 -5.88
N THR A 140 5.25 -0.12 -6.32
CA THR A 140 3.94 0.40 -6.75
C THR A 140 2.94 0.35 -5.59
N THR A 141 1.96 1.26 -5.65
CA THR A 141 0.77 1.32 -4.81
C THR A 141 -0.42 0.78 -5.61
N PHE A 142 -1.28 0.02 -4.94
CA PHE A 142 -2.44 -0.63 -5.52
C PHE A 142 -3.70 -0.02 -4.92
N VAL A 143 -4.59 0.53 -5.76
CA VAL A 143 -5.84 1.14 -5.28
C VAL A 143 -6.97 0.16 -5.56
N VAL A 144 -7.67 -0.20 -4.49
CA VAL A 144 -8.82 -1.11 -4.49
C VAL A 144 -10.06 -0.45 -3.88
N LYS A 145 -11.24 -0.81 -4.38
CA LYS A 145 -12.54 -0.56 -3.75
C LYS A 145 -13.50 -1.75 -3.94
N GLU A 146 -14.24 -2.14 -2.89
CA GLU A 146 -15.26 -3.19 -2.93
C GLU A 146 -14.63 -4.55 -3.34
N GLY A 147 -13.49 -4.90 -2.72
CA GLY A 147 -12.77 -6.17 -2.94
C GLY A 147 -12.07 -6.30 -4.30
N ARG A 148 -11.94 -5.21 -5.07
CA ARG A 148 -11.29 -5.24 -6.37
C ARG A 148 -10.42 -4.02 -6.65
N LEU A 149 -9.38 -4.26 -7.41
CA LEU A 149 -8.41 -3.29 -7.91
C LEU A 149 -9.12 -2.37 -8.89
N VAL A 150 -8.84 -1.08 -8.77
CA VAL A 150 -9.47 0.03 -9.50
C VAL A 150 -8.42 0.92 -10.21
N LEU A 151 -7.16 0.87 -9.74
CA LEU A 151 -6.05 1.76 -10.12
C LEU A 151 -4.68 1.22 -9.66
N LEU A 152 -3.63 1.55 -10.42
CA LEU A 152 -2.23 1.41 -10.04
C LEU A 152 -1.55 2.79 -9.94
N TYR A 153 -0.69 2.96 -8.94
CA TYR A 153 0.01 4.22 -8.65
C TYR A 153 1.51 3.97 -8.41
N SER A 154 2.33 4.33 -9.40
CA SER A 154 3.79 4.51 -9.21
C SER A 154 4.07 5.64 -8.20
N PRO A 155 5.22 5.64 -7.47
CA PRO A 155 5.50 6.64 -6.45
C PRO A 155 5.65 8.04 -7.07
N ASP A 156 6.21 8.12 -8.28
CA ASP A 156 6.34 9.34 -9.07
C ASP A 156 5.00 9.87 -9.63
N LYS A 157 3.90 9.13 -9.43
CA LYS A 157 2.52 9.64 -9.45
C LYS A 157 2.02 9.94 -8.02
N ALA A 158 2.26 9.04 -7.06
CA ALA A 158 1.62 9.04 -5.75
C ALA A 158 1.94 10.26 -4.88
N GLU A 159 3.14 10.83 -4.97
CA GLU A 159 3.53 12.04 -4.21
C GLU A 159 2.61 13.24 -4.49
N ALA A 160 2.05 13.32 -5.71
CA ALA A 160 1.17 14.40 -6.14
C ALA A 160 -0.24 14.28 -5.52
N THR A 161 -0.34 14.60 -4.22
CA THR A 161 -1.53 14.54 -3.34
C THR A 161 -2.84 14.76 -4.07
N ASP A 162 -3.03 15.92 -4.70
CA ASP A 162 -4.30 16.28 -5.36
C ASP A 162 -4.70 15.37 -6.53
N ARG A 163 -3.77 14.61 -7.11
CA ARG A 163 -4.07 13.52 -8.05
C ARG A 163 -4.69 12.32 -7.33
N VAL A 164 -4.12 11.94 -6.17
CA VAL A 164 -4.66 10.88 -5.30
C VAL A 164 -6.00 11.29 -4.67
N VAL A 165 -6.14 12.56 -4.24
CA VAL A 165 -7.45 13.14 -3.86
C VAL A 165 -8.45 13.01 -5.01
N ALA A 166 -8.11 13.47 -6.21
CA ALA A 166 -9.02 13.47 -7.36
C ALA A 166 -9.51 12.08 -7.75
N ASP A 167 -8.64 11.08 -7.84
CA ASP A 167 -9.05 9.70 -8.14
C ASP A 167 -9.95 9.13 -7.05
N LEU A 168 -9.56 9.28 -5.78
CA LEU A 168 -10.37 8.81 -4.64
C LEU A 168 -11.72 9.53 -4.57
N GLN A 169 -11.78 10.80 -4.96
CA GLN A 169 -13.01 11.59 -5.05
C GLN A 169 -13.94 11.14 -6.19
N ALA A 170 -13.38 10.80 -7.34
CA ALA A 170 -14.10 10.32 -8.51
C ALA A 170 -14.57 8.85 -8.46
N LEU A 171 -13.90 8.00 -7.66
CA LEU A 171 -13.99 6.54 -7.72
C LEU A 171 -14.33 5.89 -6.36
N LEU A 172 -14.68 6.71 -5.37
CA LEU A 172 -15.16 6.30 -4.03
C LEU A 172 -16.40 5.40 -4.00
#